data_8RT8
#
_entry.id   8RT8
#
_cell.length_a   1.00
_cell.length_b   1.00
_cell.length_c   1.00
_cell.angle_alpha   90.00
_cell.angle_beta   90.00
_cell.angle_gamma   90.00
#
_symmetry.space_group_name_H-M   'P 1'
#
loop_
_entity.id
_entity.type
_entity.pdbx_description
1 polymer 'TrwE protein'
2 polymer 'TrwF protein'
3 polymer 'TrwH protein'
#
loop_
_entity_poly.entity_id
_entity_poly.type
_entity_poly.pdbx_seq_one_letter_code
_entity_poly.pdbx_strand_id
1 'polypeptide(L)'
;MFGRKKGDVIDAGAELERAEQERIEGEYGASELASERRPHTPGARTLLMVLLCVIAVVLVTLSYKAYKVRGVVEDDDAQP
QQVVRQVIPGYTPRPIRPEPENVPEPPQPTTSVPAIQPAPVTQPVRPQPTGPREKTPYELARERMLRSGLTAGSGGGEDL
PRPQGGDVPAGGLMGGGGGGGELAEKLQPMRLSGSSAGRLGNRDMLITQGTQLDCVLETRLVTTQPGMTTCHLTRDVYST
SGRVVLLDRGSKVVGFYQGGLRQGQARIFVQWSRIETPSGVVINLDSPGTGPLGEAGLGGWIDRHFWERFGGAIMISLIG
DLGDWASRQGSRQGDNSIQFSNTANGVESAAAEALRNSINIPPTLYKNQGERVNILVARDLDFSDVYSLESIPTK
;
A,D,G,J,M,P,S,V,Y,b,e,h,k,n,u,y
2 'polypeptide(L)'
;MKKLAIVALLASLHAVPALALDVPSSSRYDHRIRYVTYNPADVVQVDTVLGVATHIMLEEGEQYLTHAFGDSEAYAFARK
GRHIFIKPQAELANTNLIVVTDRRSYKFRLQMRNDRNGAMYELAFRYPDTQARQTREANARAAVEAAFEQRVGAYYNLKY
MMSGDKDIAPVNAWDDGRFTYFKFSANADLPSIYFVDAEGNESLVPRTTVGSSNNIIAVHKVNPKWMIRLGNRALAIFNE
AYDPNGVPNDTGTASPAVRRVNKGGN
;
B,E,H,K,N,Q,T,W,Z,c,f,i,l,o,v,z
3 'polypeptide(L)' MKTIIFAILMTGLLSACASAPKPKQPSDFNREPVNKTVPVEIQRGAL C,F,I,L,O,R,U,X,a,d,g,j,m,p
#
# COMPACT_ATOMS: atom_id res chain seq x y z
N LYS A 135 14.44 20.84 80.37
CA LYS A 135 13.67 19.91 79.54
C LYS A 135 13.53 18.56 80.24
N THR A 136 12.63 18.48 81.21
CA THR A 136 12.47 17.26 81.99
C THR A 136 11.95 16.12 81.11
N PRO A 137 12.31 14.88 81.41
CA PRO A 137 11.82 13.77 80.59
C PRO A 137 10.30 13.67 80.54
N TYR A 138 9.60 14.08 81.61
CA TYR A 138 8.14 14.04 81.58
C TYR A 138 7.57 14.99 80.54
N GLU A 139 8.05 16.24 80.53
CA GLU A 139 7.60 17.18 79.51
C GLU A 139 8.00 16.72 78.11
N LEU A 140 9.18 16.11 78.00
CA LEU A 140 9.62 15.58 76.72
C LEU A 140 8.65 14.51 76.24
N ALA A 141 8.24 13.61 77.12
CA ALA A 141 7.28 12.58 76.76
C ALA A 141 5.95 13.19 76.39
N ARG A 142 5.53 14.21 77.12
CA ARG A 142 4.25 14.86 76.81
C ARG A 142 4.27 15.48 75.43
N GLU A 143 5.31 16.23 75.09
CA GLU A 143 5.34 16.88 73.79
C GLU A 143 5.51 15.83 72.68
N ARG A 144 6.28 14.78 72.95
CA ARG A 144 6.44 13.71 71.97
C ARG A 144 5.12 13.02 71.69
N MET A 145 4.35 12.74 72.75
CA MET A 145 3.04 12.13 72.58
C MET A 145 2.10 13.06 71.82
N LEU A 146 2.17 14.36 72.12
CA LEU A 146 1.27 15.30 71.47
C LEU A 146 1.56 15.39 69.98
N ARG A 147 2.84 15.41 69.60
CA ARG A 147 3.17 15.57 68.18
C ARG A 147 2.98 14.28 67.41
N SER A 148 2.76 13.18 68.12
CA SER A 148 2.72 11.87 67.48
C SER A 148 1.45 11.69 66.66
N GLY A 149 1.58 10.95 65.57
CA GLY A 149 0.45 10.55 64.75
C GLY A 149 -0.07 9.17 65.12
N LEU A 150 -0.95 8.66 64.25
CA LEU A 150 -1.57 7.37 64.52
C LEU A 150 -0.71 6.21 64.01
N THR A 151 -0.31 6.26 62.75
CA THR A 151 0.50 5.21 62.16
C THR A 151 1.79 5.81 61.63
N ALA A 152 2.92 5.26 62.06
CA ALA A 152 4.21 5.68 61.55
C ALA A 152 4.49 4.95 60.23
N GLY A 153 4.11 5.58 59.12
CA GLY A 153 4.28 4.98 57.82
C GLY A 153 2.97 4.70 57.13
N GLY A 177 26.93 -29.68 7.82
CA GLY A 177 25.92 -29.23 6.89
C GLY A 177 24.56 -29.86 7.11
N GLY A 178 23.57 -29.39 6.37
CA GLY A 178 22.21 -29.90 6.50
C GLY A 178 21.57 -30.27 5.18
N GLY A 179 22.40 -30.57 4.18
CA GLY A 179 21.91 -30.97 2.88
C GLY A 179 21.21 -32.31 2.93
N GLY A 180 20.62 -32.69 1.80
CA GLY A 180 19.77 -33.85 1.78
C GLY A 180 18.58 -33.66 2.70
N GLY A 181 17.92 -32.51 2.54
CA GLY A 181 16.94 -32.09 3.52
C GLY A 181 15.87 -33.13 3.77
N GLU A 182 15.50 -33.89 2.74
CA GLU A 182 14.44 -34.88 2.91
C GLU A 182 14.81 -35.91 3.96
N LEU A 183 15.84 -36.71 3.70
CA LEU A 183 16.22 -37.71 4.69
C LEU A 183 16.79 -37.05 5.93
N ALA A 184 17.24 -35.80 5.81
CA ALA A 184 17.61 -35.06 7.01
C ALA A 184 16.44 -34.94 7.97
N GLU A 185 15.36 -34.30 7.54
CA GLU A 185 14.22 -34.08 8.42
C GLU A 185 13.47 -35.36 8.76
N LYS A 186 13.41 -36.34 7.87
CA LYS A 186 12.80 -37.59 8.27
C LYS A 186 13.57 -38.29 9.38
N LEU A 187 14.83 -37.91 9.59
CA LEU A 187 15.62 -38.42 10.70
C LEU A 187 15.55 -37.52 11.92
N GLN A 188 14.85 -36.40 11.82
CA GLN A 188 14.70 -35.52 12.97
C GLN A 188 14.08 -36.28 14.13
N PRO A 189 14.80 -36.48 15.23
CA PRO A 189 14.25 -37.29 16.32
C PRO A 189 13.04 -36.63 16.95
N MET A 190 12.26 -37.46 17.64
CA MET A 190 11.05 -37.04 18.33
C MET A 190 11.18 -37.46 19.79
N ARG A 191 11.27 -36.49 20.69
CA ARG A 191 11.57 -36.74 22.10
C ARG A 191 10.29 -36.55 22.91
N LEU A 192 9.97 -37.55 23.73
CA LEU A 192 8.82 -37.49 24.62
C LEU A 192 9.31 -37.30 26.05
N SER A 193 8.77 -36.30 26.72
CA SER A 193 9.25 -35.94 28.05
C SER A 193 8.98 -37.06 29.03
N GLY A 194 9.53 -36.92 30.23
CA GLY A 194 9.34 -37.91 31.26
C GLY A 194 8.03 -37.73 32.00
N SER A 195 7.82 -38.60 32.98
CA SER A 195 6.64 -38.57 33.82
C SER A 195 6.98 -39.11 35.20
N SER A 196 6.33 -38.56 36.21
CA SER A 196 6.54 -38.95 37.60
C SER A 196 5.20 -39.34 38.21
N ALA A 197 5.23 -40.36 39.06
CA ALA A 197 4.00 -40.80 39.69
C ALA A 197 3.65 -39.92 40.88
N GLY A 198 2.40 -39.44 40.91
CA GLY A 198 1.87 -38.77 42.07
C GLY A 198 0.97 -39.69 42.88
N ARG A 199 0.39 -39.13 43.93
CA ARG A 199 -0.56 -39.87 44.75
C ARG A 199 -1.78 -38.99 44.99
N LEU A 200 -2.92 -39.64 45.22
CA LEU A 200 -4.17 -38.91 45.40
C LEU A 200 -4.28 -38.38 46.83
N GLY A 201 -5.12 -37.37 47.01
CA GLY A 201 -5.26 -36.75 48.31
C GLY A 201 -5.90 -37.64 49.35
N ASN A 202 -7.18 -37.93 49.18
CA ASN A 202 -7.93 -38.77 50.12
C ASN A 202 -8.91 -39.61 49.32
N ARG A 203 -8.59 -40.88 49.13
CA ARG A 203 -9.37 -41.75 48.27
C ARG A 203 -10.81 -41.92 48.74
N ASP A 204 -11.09 -41.78 50.03
CA ASP A 204 -12.43 -41.98 50.52
C ASP A 204 -13.40 -40.89 50.07
N MET A 205 -12.90 -39.78 49.56
CA MET A 205 -13.76 -38.64 49.24
C MET A 205 -13.34 -38.02 47.92
N LEU A 206 -13.06 -38.87 46.92
CA LEU A 206 -12.78 -38.39 45.57
C LEU A 206 -13.46 -39.30 44.55
N ILE A 207 -13.78 -38.73 43.40
CA ILE A 207 -14.25 -39.48 42.25
C ILE A 207 -13.29 -39.22 41.11
N THR A 208 -12.65 -40.28 40.63
CA THR A 208 -11.63 -40.16 39.60
C THR A 208 -12.26 -40.10 38.22
N GLN A 209 -11.49 -39.59 37.26
CA GLN A 209 -11.89 -39.66 35.88
C GLN A 209 -12.22 -41.09 35.50
N GLY A 210 -13.18 -41.25 34.59
CA GLY A 210 -13.53 -42.56 34.11
C GLY A 210 -14.39 -43.39 35.04
N THR A 211 -14.96 -42.79 36.08
CA THR A 211 -15.90 -43.50 36.93
C THR A 211 -17.29 -43.34 36.32
N GLN A 212 -18.15 -44.33 36.54
CA GLN A 212 -19.39 -44.45 35.79
C GLN A 212 -20.57 -43.87 36.57
N LEU A 213 -21.24 -42.89 35.96
CA LEU A 213 -22.52 -42.39 36.44
C LEU A 213 -23.59 -43.00 35.55
N ASP A 214 -24.57 -43.66 36.15
CA ASP A 214 -25.61 -44.34 35.39
C ASP A 214 -26.96 -43.72 35.72
N CYS A 215 -27.36 -42.73 34.94
CA CYS A 215 -28.61 -42.01 35.17
C CYS A 215 -29.61 -42.39 34.10
N VAL A 216 -30.89 -42.33 34.46
CA VAL A 216 -32.00 -42.59 33.54
C VAL A 216 -32.52 -41.26 33.03
N LEU A 217 -32.64 -41.15 31.72
CA LEU A 217 -33.03 -39.89 31.11
C LEU A 217 -34.47 -39.57 31.47
N GLU A 218 -34.74 -38.30 31.78
CA GLU A 218 -36.11 -37.87 31.98
C GLU A 218 -36.71 -37.28 30.71
N THR A 219 -36.13 -36.19 30.21
CA THR A 219 -36.72 -35.54 29.06
C THR A 219 -36.47 -36.33 27.79
N ARG A 220 -37.53 -36.49 27.01
CA ARG A 220 -37.42 -37.01 25.67
C ARG A 220 -36.56 -36.05 24.87
N LEU A 221 -35.90 -36.56 23.84
CA LEU A 221 -34.82 -35.82 23.19
C LEU A 221 -35.10 -35.67 21.71
N VAL A 222 -35.08 -34.42 21.23
CA VAL A 222 -35.19 -34.12 19.82
C VAL A 222 -34.09 -33.11 19.49
N THR A 223 -33.40 -33.33 18.38
CA THR A 223 -32.23 -32.56 18.03
C THR A 223 -32.52 -31.46 17.03
N THR A 224 -33.79 -31.14 16.80
CA THR A 224 -34.12 -30.15 15.79
C THR A 224 -33.74 -28.75 16.25
N GLN A 225 -33.86 -28.49 17.53
CA GLN A 225 -33.44 -27.21 18.07
C GLN A 225 -32.58 -27.42 19.31
N PRO A 226 -31.57 -26.59 19.52
CA PRO A 226 -30.73 -26.76 20.70
C PRO A 226 -31.53 -26.55 21.97
N GLY A 227 -31.37 -27.46 22.91
CA GLY A 227 -32.16 -27.39 24.13
C GLY A 227 -31.33 -27.86 25.31
N MET A 228 -32.01 -28.45 26.28
CA MET A 228 -31.34 -29.00 27.45
C MET A 228 -31.92 -30.38 27.75
N THR A 229 -31.19 -31.14 28.56
CA THR A 229 -31.63 -32.46 28.97
C THR A 229 -31.77 -32.51 30.48
N THR A 230 -32.10 -33.69 30.99
CA THR A 230 -32.27 -33.90 32.42
C THR A 230 -32.33 -35.38 32.71
N CYS A 231 -31.53 -35.85 33.66
CA CYS A 231 -31.58 -37.25 34.01
C CYS A 231 -31.29 -37.43 35.49
N HIS A 232 -31.85 -38.48 36.06
CA HIS A 232 -31.72 -38.80 37.47
C HIS A 232 -30.85 -40.03 37.63
N LEU A 233 -29.85 -39.95 38.49
CA LEU A 233 -29.01 -41.11 38.77
C LEU A 233 -29.87 -42.24 39.31
N THR A 234 -29.41 -43.46 39.15
CA THR A 234 -30.17 -44.60 39.62
C THR A 234 -29.42 -45.44 40.64
N ARG A 235 -28.23 -45.03 41.04
CA ARG A 235 -27.44 -45.79 42.00
C ARG A 235 -26.60 -44.85 42.83
N ASP A 236 -26.39 -45.23 44.08
CA ASP A 236 -25.39 -44.55 44.90
C ASP A 236 -24.02 -44.72 44.27
N VAL A 237 -23.45 -43.60 43.83
CA VAL A 237 -22.14 -43.59 43.18
C VAL A 237 -21.10 -43.50 44.27
N TYR A 238 -20.47 -44.62 44.60
CA TYR A 238 -19.57 -44.66 45.73
C TYR A 238 -18.26 -43.95 45.39
N SER A 239 -17.41 -43.83 46.39
CA SER A 239 -16.13 -43.15 46.23
C SER A 239 -15.14 -44.08 45.55
N THR A 240 -14.02 -43.49 45.10
CA THR A 240 -12.99 -44.28 44.44
C THR A 240 -12.48 -45.38 45.34
N SER A 241 -12.43 -45.15 46.65
CA SER A 241 -12.08 -46.21 47.56
C SER A 241 -13.21 -47.22 47.73
N GLY A 242 -14.39 -46.89 47.21
CA GLY A 242 -15.54 -47.76 47.40
C GLY A 242 -16.00 -47.87 48.83
N ARG A 243 -16.06 -46.75 49.55
CA ARG A 243 -16.47 -46.77 50.95
C ARG A 243 -17.48 -45.70 51.32
N VAL A 244 -17.57 -44.60 50.59
CA VAL A 244 -18.44 -43.50 50.97
C VAL A 244 -19.36 -43.20 49.80
N VAL A 245 -20.63 -42.93 50.10
CA VAL A 245 -21.61 -42.62 49.07
C VAL A 245 -21.52 -41.13 48.76
N LEU A 246 -21.05 -40.79 47.57
CA LEU A 246 -20.80 -39.39 47.28
C LEU A 246 -21.91 -38.74 46.46
N LEU A 247 -22.78 -39.52 45.83
CA LEU A 247 -23.91 -39.00 45.10
C LEU A 247 -25.07 -39.96 45.26
N ASP A 248 -26.10 -39.53 45.97
CA ASP A 248 -27.21 -40.42 46.30
C ASP A 248 -28.05 -40.70 45.07
N ARG A 249 -28.65 -41.89 45.05
CA ARG A 249 -29.55 -42.22 43.96
C ARG A 249 -30.72 -41.27 43.96
N GLY A 250 -31.23 -40.98 42.78
CA GLY A 250 -32.24 -39.95 42.66
C GLY A 250 -31.67 -38.57 42.53
N SER A 251 -30.36 -38.42 42.57
CA SER A 251 -29.74 -37.14 42.29
C SER A 251 -30.19 -36.66 40.92
N LYS A 252 -30.03 -35.37 40.66
CA LYS A 252 -30.58 -34.78 39.45
C LYS A 252 -29.48 -34.09 38.68
N VAL A 253 -29.39 -34.37 37.38
CA VAL A 253 -28.30 -33.92 36.54
C VAL A 253 -28.86 -33.14 35.35
N VAL A 254 -28.31 -31.95 35.12
CA VAL A 254 -28.72 -31.10 34.01
C VAL A 254 -27.64 -31.14 32.96
N GLY A 255 -28.05 -31.29 31.70
CA GLY A 255 -27.09 -31.25 30.62
C GLY A 255 -27.66 -30.71 29.32
N PHE A 256 -26.80 -30.36 28.38
CA PHE A 256 -27.28 -29.76 27.15
C PHE A 256 -26.45 -30.25 25.98
N TYR A 257 -26.96 -29.98 24.79
CA TYR A 257 -26.27 -30.22 23.54
C TYR A 257 -26.46 -29.00 22.64
N GLN A 258 -26.03 -29.12 21.39
CA GLN A 258 -26.24 -28.04 20.44
C GLN A 258 -25.87 -28.50 19.05
N GLY A 259 -25.96 -27.58 18.11
CA GLY A 259 -25.41 -27.76 16.79
C GLY A 259 -26.14 -28.74 15.90
N GLY A 260 -26.95 -29.62 16.44
CA GLY A 260 -27.59 -30.59 15.60
C GLY A 260 -26.62 -31.64 15.10
N LEU A 261 -27.02 -32.28 14.00
CA LEU A 261 -26.27 -33.40 13.44
C LEU A 261 -25.63 -33.02 12.11
N ARG A 262 -24.87 -33.97 11.57
CA ARG A 262 -24.36 -33.93 10.22
C ARG A 262 -24.61 -35.28 9.56
N GLN A 263 -24.71 -35.26 8.23
CA GLN A 263 -25.22 -36.42 7.50
C GLN A 263 -24.46 -37.69 7.88
N GLY A 264 -25.20 -38.79 7.95
CA GLY A 264 -24.63 -40.05 8.34
C GLY A 264 -24.49 -40.26 9.82
N GLN A 265 -24.28 -39.20 10.59
CA GLN A 265 -24.14 -39.33 12.04
C GLN A 265 -25.44 -39.82 12.63
N ALA A 266 -25.34 -40.83 13.49
CA ALA A 266 -26.52 -41.36 14.18
C ALA A 266 -26.42 -41.19 15.70
N ARG A 267 -25.58 -40.27 16.17
CA ARG A 267 -25.46 -39.99 17.58
C ARG A 267 -25.22 -38.51 17.76
N ILE A 268 -25.51 -37.99 18.94
CA ILE A 268 -25.35 -36.58 19.24
C ILE A 268 -24.64 -36.44 20.59
N PHE A 269 -23.71 -35.51 20.66
CA PHE A 269 -22.83 -35.38 21.81
C PHE A 269 -23.43 -34.41 22.82
N VAL A 270 -23.73 -34.90 24.01
CA VAL A 270 -24.40 -34.12 25.04
C VAL A 270 -23.48 -34.03 26.24
N GLN A 271 -23.53 -32.89 26.93
CA GLN A 271 -22.58 -32.54 27.97
C GLN A 271 -23.33 -32.13 29.23
N TRP A 272 -23.01 -32.76 30.34
CA TRP A 272 -23.78 -32.57 31.57
C TRP A 272 -23.13 -31.54 32.48
N SER A 273 -23.64 -30.32 32.44
CA SER A 273 -23.05 -29.20 33.17
C SER A 273 -23.06 -29.37 34.68
N ARG A 274 -24.15 -29.84 35.27
CA ARG A 274 -24.24 -29.78 36.72
C ARG A 274 -25.08 -30.93 37.25
N ILE A 275 -24.61 -31.52 38.33
CA ILE A 275 -25.35 -32.52 39.10
C ILE A 275 -25.83 -31.83 40.36
N GLU A 276 -26.88 -32.38 40.96
CA GLU A 276 -27.46 -31.83 42.18
C GLU A 276 -27.99 -33.01 43.00
N THR A 277 -27.74 -32.98 44.29
CA THR A 277 -28.05 -34.14 45.10
C THR A 277 -29.34 -33.93 45.90
N PRO A 278 -29.94 -35.00 46.42
CA PRO A 278 -31.08 -34.82 47.32
C PRO A 278 -30.75 -33.98 48.54
N SER A 279 -29.57 -34.12 49.10
CA SER A 279 -29.23 -33.44 50.34
C SER A 279 -28.70 -32.04 50.13
N GLY A 280 -28.61 -31.58 48.89
CA GLY A 280 -28.15 -30.24 48.61
C GLY A 280 -26.69 -30.11 48.23
N VAL A 281 -25.99 -31.21 48.03
CA VAL A 281 -24.63 -31.16 47.53
C VAL A 281 -24.67 -30.88 46.03
N VAL A 282 -23.91 -29.88 45.60
CA VAL A 282 -23.83 -29.52 44.20
C VAL A 282 -22.36 -29.50 43.80
N ILE A 283 -21.99 -30.34 42.84
CA ILE A 283 -20.64 -30.38 42.32
C ILE A 283 -20.70 -30.26 40.81
N ASN A 284 -19.76 -29.53 40.25
CA ASN A 284 -19.86 -29.08 38.87
C ASN A 284 -18.91 -29.92 38.02
N LEU A 285 -19.47 -30.91 37.32
CA LEU A 285 -18.70 -31.76 36.43
C LEU A 285 -19.05 -31.40 34.99
N ASP A 286 -18.10 -31.59 34.08
CA ASP A 286 -18.30 -31.32 32.66
C ASP A 286 -17.91 -32.58 31.91
N SER A 287 -18.84 -33.52 31.79
CA SER A 287 -18.48 -34.81 31.26
C SER A 287 -19.31 -35.15 30.03
N PRO A 288 -18.78 -35.98 29.14
CA PRO A 288 -19.54 -36.38 27.97
C PRO A 288 -20.68 -37.31 28.36
N GLY A 289 -21.72 -37.33 27.52
CA GLY A 289 -22.82 -38.25 27.71
C GLY A 289 -22.69 -39.43 26.76
N THR A 290 -23.10 -40.60 27.25
CA THR A 290 -22.89 -41.83 26.52
C THR A 290 -24.18 -42.63 26.50
N GLY A 291 -24.22 -43.61 25.61
CA GLY A 291 -25.31 -44.57 25.61
C GLY A 291 -25.18 -45.55 26.74
N PRO A 292 -26.00 -46.59 26.69
CA PRO A 292 -26.00 -47.56 27.79
C PRO A 292 -24.67 -48.25 27.98
N LEU A 293 -23.81 -48.23 26.96
CA LEU A 293 -22.54 -48.95 27.00
C LEU A 293 -21.34 -48.04 26.77
N GLY A 294 -21.47 -46.75 27.06
CA GLY A 294 -20.31 -45.89 27.09
C GLY A 294 -19.90 -45.27 25.77
N GLU A 295 -20.54 -45.63 24.67
CA GLU A 295 -20.15 -45.05 23.39
C GLU A 295 -20.48 -43.57 23.37
N ALA A 296 -19.75 -42.82 22.55
CA ALA A 296 -19.88 -41.37 22.55
C ALA A 296 -21.29 -40.95 22.15
N GLY A 297 -21.85 -40.03 22.91
CA GLY A 297 -23.09 -39.38 22.55
C GLY A 297 -24.31 -40.28 22.70
N LEU A 298 -25.46 -39.63 22.82
CA LEU A 298 -26.74 -40.33 22.87
C LEU A 298 -27.24 -40.54 21.46
N GLY A 299 -27.92 -41.67 21.25
CA GLY A 299 -28.47 -41.99 19.96
C GLY A 299 -29.70 -42.86 20.07
N GLY A 300 -30.57 -42.74 19.07
CA GLY A 300 -31.77 -43.55 19.00
C GLY A 300 -32.27 -43.59 17.59
N TRP A 301 -33.57 -43.81 17.42
CA TRP A 301 -34.18 -43.87 16.11
C TRP A 301 -34.00 -42.53 15.40
N ILE A 302 -33.94 -42.56 14.07
CA ILE A 302 -33.58 -41.39 13.27
C ILE A 302 -34.65 -41.15 12.21
N ASP A 303 -34.82 -39.89 11.85
CA ASP A 303 -35.54 -39.51 10.64
C ASP A 303 -34.52 -38.94 9.67
N ARG A 304 -34.49 -39.48 8.46
CA ARG A 304 -33.60 -38.99 7.43
C ARG A 304 -34.29 -38.00 6.49
N HIS A 305 -35.58 -37.74 6.70
CA HIS A 305 -36.32 -36.77 5.91
C HIS A 305 -36.24 -37.09 4.42
N PHE A 306 -36.39 -38.37 4.10
CA PHE A 306 -36.24 -38.82 2.73
C PHE A 306 -37.17 -38.06 1.78
N TRP A 307 -38.44 -37.94 2.15
CA TRP A 307 -39.40 -37.35 1.23
C TRP A 307 -39.11 -35.87 1.00
N GLU A 308 -39.17 -35.05 2.03
CA GLU A 308 -38.92 -33.63 1.79
C GLU A 308 -37.49 -33.36 1.33
N ARG A 309 -36.68 -34.40 1.12
CA ARG A 309 -35.43 -34.25 0.41
C ARG A 309 -35.53 -34.57 -1.08
N PHE A 310 -36.24 -35.63 -1.48
CA PHE A 310 -36.26 -36.01 -2.90
C PHE A 310 -37.59 -35.78 -3.61
N GLY A 311 -38.61 -35.31 -2.90
CA GLY A 311 -39.91 -35.15 -3.51
C GLY A 311 -39.90 -34.14 -4.64
N GLY A 312 -39.11 -33.08 -4.50
CA GLY A 312 -39.04 -32.10 -5.57
C GLY A 312 -38.61 -32.73 -6.87
N ALA A 313 -37.49 -33.45 -6.86
CA ALA A 313 -37.01 -34.08 -8.07
C ALA A 313 -38.00 -35.14 -8.57
N ILE A 314 -38.55 -35.94 -7.66
CA ILE A 314 -39.45 -37.00 -8.10
C ILE A 314 -40.68 -36.42 -8.80
N MET A 315 -41.33 -35.45 -8.15
CA MET A 315 -42.52 -34.84 -8.74
C MET A 315 -42.19 -34.16 -10.05
N ILE A 316 -41.12 -33.37 -10.10
CA ILE A 316 -40.81 -32.66 -11.34
C ILE A 316 -40.56 -33.63 -12.47
N SER A 317 -39.75 -34.67 -12.22
CA SER A 317 -39.45 -35.62 -13.28
C SER A 317 -40.70 -36.34 -13.75
N LEU A 318 -41.50 -36.87 -12.82
CA LEU A 318 -42.65 -37.64 -13.21
C LEU A 318 -43.68 -36.80 -13.94
N ILE A 319 -43.94 -35.58 -13.45
CA ILE A 319 -44.94 -34.73 -14.10
C ILE A 319 -44.46 -34.30 -15.48
N GLY A 320 -43.17 -33.94 -15.60
CA GLY A 320 -42.66 -33.60 -16.92
C GLY A 320 -42.77 -34.76 -17.89
N ASP A 321 -42.45 -35.97 -17.44
CA ASP A 321 -42.54 -37.13 -18.32
C ASP A 321 -43.97 -37.41 -18.73
N LEU A 322 -44.92 -37.31 -17.79
CA LEU A 322 -46.32 -37.52 -18.14
C LEU A 322 -46.80 -36.47 -19.13
N GLY A 323 -46.38 -35.21 -18.94
CA GLY A 323 -46.75 -34.19 -19.90
C GLY A 323 -46.21 -34.45 -21.28
N ASP A 324 -44.94 -34.87 -21.36
CA ASP A 324 -44.35 -35.20 -22.66
C ASP A 324 -45.06 -36.37 -23.31
N TRP A 325 -45.41 -37.38 -22.52
CA TRP A 325 -46.18 -38.51 -23.03
C TRP A 325 -47.52 -38.06 -23.58
N ALA A 326 -48.19 -37.17 -22.86
CA ALA A 326 -49.47 -36.66 -23.32
C ALA A 326 -49.31 -35.87 -24.62
N SER A 327 -48.27 -35.05 -24.72
CA SER A 327 -48.04 -34.31 -25.95
C SER A 327 -47.79 -35.25 -27.12
N ARG A 328 -47.01 -36.30 -26.90
CA ARG A 328 -46.76 -37.28 -27.95
C ARG A 328 -48.02 -38.07 -28.29
N GLN A 329 -48.95 -38.15 -27.36
CA GLN A 329 -50.19 -38.92 -27.48
C GLN A 329 -51.25 -38.19 -28.34
N GLY A 330 -50.87 -37.13 -29.05
CA GLY A 330 -51.86 -36.40 -29.85
C GLY A 330 -52.37 -37.20 -31.03
N SER A 331 -51.50 -37.98 -31.66
CA SER A 331 -51.84 -38.71 -32.88
C SER A 331 -52.97 -39.72 -32.68
N SER A 349 -31.64 -28.73 -15.71
CA SER A 349 -32.99 -29.29 -15.64
C SER A 349 -33.65 -28.97 -14.31
N ALA A 350 -34.98 -28.89 -14.33
CA ALA A 350 -35.72 -28.48 -13.16
C ALA A 350 -35.51 -29.44 -11.99
N ALA A 351 -35.51 -30.74 -12.28
CA ALA A 351 -35.29 -31.71 -11.21
C ALA A 351 -33.92 -31.53 -10.58
N ALA A 352 -32.90 -31.28 -11.41
CA ALA A 352 -31.58 -31.01 -10.87
C ALA A 352 -31.60 -29.76 -9.99
N GLU A 353 -32.25 -28.70 -10.47
CA GLU A 353 -32.26 -27.46 -9.71
C GLU A 353 -32.95 -27.65 -8.37
N ALA A 354 -34.04 -28.41 -8.34
CA ALA A 354 -34.73 -28.66 -7.09
C ALA A 354 -33.88 -29.47 -6.14
N LEU A 355 -33.33 -30.59 -6.62
CA LEU A 355 -32.60 -31.47 -5.71
C LEU A 355 -31.34 -30.78 -5.18
N ARG A 356 -30.77 -29.87 -5.99
CA ARG A 356 -29.61 -29.11 -5.54
C ARG A 356 -29.87 -28.40 -4.22
N ASN A 357 -31.08 -27.89 -4.03
CA ASN A 357 -31.40 -27.17 -2.80
C ASN A 357 -32.06 -28.05 -1.77
N SER A 358 -32.69 -29.15 -2.18
CA SER A 358 -33.41 -30.01 -1.26
C SER A 358 -32.61 -31.20 -0.77
N ILE A 359 -31.33 -31.31 -1.14
CA ILE A 359 -30.62 -32.55 -0.81
C ILE A 359 -30.00 -32.51 0.58
N ASN A 360 -29.39 -31.39 0.97
CA ASN A 360 -28.61 -31.35 2.21
C ASN A 360 -29.48 -30.80 3.34
N ILE A 361 -30.37 -31.64 3.83
CA ILE A 361 -31.18 -31.36 5.01
C ILE A 361 -30.70 -32.28 6.13
N PRO A 362 -30.09 -31.75 7.18
CA PRO A 362 -29.46 -32.62 8.17
C PRO A 362 -30.48 -33.54 8.80
N PRO A 363 -30.09 -34.77 9.10
CA PRO A 363 -31.01 -35.70 9.76
C PRO A 363 -31.29 -35.27 11.19
N THR A 364 -32.42 -35.74 11.70
CA THR A 364 -32.94 -35.35 13.00
C THR A 364 -33.06 -36.57 13.89
N LEU A 365 -32.66 -36.43 15.15
CA LEU A 365 -32.62 -37.55 16.08
C LEU A 365 -33.75 -37.45 17.09
N TYR A 366 -34.44 -38.58 17.30
CA TYR A 366 -35.51 -38.68 18.28
C TYR A 366 -35.12 -39.75 19.27
N LYS A 367 -34.94 -39.37 20.53
CA LYS A 367 -34.60 -40.35 21.55
C LYS A 367 -35.80 -40.59 22.44
N ASN A 368 -36.22 -41.84 22.54
CA ASN A 368 -37.31 -42.20 23.43
C ASN A 368 -36.96 -41.86 24.88
N GLN A 369 -37.90 -41.22 25.57
CA GLN A 369 -37.67 -40.86 26.96
C GLN A 369 -37.64 -42.10 27.84
N GLY A 370 -36.96 -41.98 28.97
CA GLY A 370 -36.86 -43.10 29.88
C GLY A 370 -35.80 -44.11 29.55
N GLU A 371 -34.97 -43.85 28.53
CA GLU A 371 -33.88 -44.76 28.22
C GLU A 371 -32.67 -44.49 29.10
N ARG A 372 -32.01 -45.58 29.50
CA ARG A 372 -30.83 -45.49 30.33
C ARG A 372 -29.70 -44.83 29.58
N VAL A 373 -28.92 -44.01 30.28
CA VAL A 373 -27.71 -43.42 29.73
C VAL A 373 -26.64 -43.43 30.81
N ASN A 374 -25.41 -43.10 30.40
CA ASN A 374 -24.28 -43.08 31.31
C ASN A 374 -23.47 -41.82 31.11
N ILE A 375 -22.84 -41.37 32.19
CA ILE A 375 -22.02 -40.18 32.19
C ILE A 375 -20.60 -40.60 32.54
N LEU A 376 -19.67 -40.30 31.64
CA LEU A 376 -18.26 -40.63 31.82
C LEU A 376 -17.58 -39.47 32.53
N VAL A 377 -17.30 -39.62 33.82
CA VAL A 377 -16.82 -38.49 34.60
C VAL A 377 -15.51 -38.01 34.01
N ALA A 378 -15.51 -36.83 33.42
CA ALA A 378 -14.39 -36.37 32.61
C ALA A 378 -13.36 -35.58 33.40
N ARG A 379 -13.62 -35.29 34.66
CA ARG A 379 -12.64 -34.59 35.48
C ARG A 379 -12.88 -35.02 36.92
N ASP A 380 -11.79 -35.13 37.67
CA ASP A 380 -11.87 -35.68 39.00
C ASP A 380 -12.74 -34.80 39.90
N LEU A 381 -13.49 -35.44 40.80
CA LEU A 381 -14.44 -34.77 41.66
C LEU A 381 -13.93 -34.78 43.08
N ASP A 382 -13.98 -33.62 43.74
CA ASP A 382 -13.53 -33.47 45.11
C ASP A 382 -14.71 -33.09 45.99
N PHE A 383 -14.83 -33.77 47.14
CA PHE A 383 -15.87 -33.49 48.10
C PHE A 383 -15.32 -33.19 49.49
N SER A 384 -14.07 -32.71 49.57
CA SER A 384 -13.49 -32.45 50.89
C SER A 384 -14.19 -31.31 51.61
N ASP A 385 -15.01 -30.54 50.90
CA ASP A 385 -15.65 -29.38 51.48
C ASP A 385 -17.05 -29.64 52.02
N VAL A 386 -17.61 -30.82 51.77
CA VAL A 386 -19.02 -31.04 52.05
C VAL A 386 -19.30 -32.32 52.84
N TYR A 387 -18.31 -33.14 53.13
CA TYR A 387 -18.57 -34.38 53.85
C TYR A 387 -17.45 -34.68 54.84
N SER A 388 -17.83 -35.37 55.90
CA SER A 388 -16.87 -35.92 56.84
C SER A 388 -17.51 -37.12 57.53
N LEU A 389 -16.68 -38.01 58.05
CA LEU A 389 -17.12 -39.27 58.58
C LEU A 389 -16.87 -39.34 60.08
N GLU A 390 -17.76 -40.03 60.79
CA GLU A 390 -17.61 -40.22 62.22
C GLU A 390 -18.06 -41.63 62.58
N SER A 391 -17.51 -42.16 63.67
CA SER A 391 -17.94 -43.45 64.16
C SER A 391 -19.32 -43.34 64.81
N ILE A 392 -20.00 -44.47 64.92
CA ILE A 392 -21.30 -44.53 65.56
C ILE A 392 -21.12 -45.42 66.79
N PRO A 393 -21.83 -45.19 67.89
CA PRO A 393 -21.63 -46.03 69.07
C PRO A 393 -22.09 -47.47 68.83
N THR A 394 -21.44 -48.39 69.53
CA THR A 394 -21.79 -49.81 69.43
C THR A 394 -23.07 -50.10 70.22
N LYS A 395 -24.03 -50.74 69.56
CA LYS A 395 -25.30 -51.12 70.16
C LYS A 395 -26.03 -49.92 70.78
N LEU B 21 -26.93 13.51 76.41
CA LEU B 21 -25.52 13.14 76.42
C LEU B 21 -25.33 11.71 76.91
N ASP B 22 -25.25 10.77 75.97
CA ASP B 22 -25.09 9.36 76.31
C ASP B 22 -23.72 9.12 76.91
N VAL B 23 -23.68 8.42 78.04
CA VAL B 23 -22.42 8.07 78.71
C VAL B 23 -22.10 6.61 78.36
N PRO B 24 -20.96 6.34 77.75
CA PRO B 24 -20.59 4.94 77.47
C PRO B 24 -20.45 4.15 78.76
N SER B 25 -20.89 2.89 78.71
CA SER B 25 -20.89 2.01 79.87
C SER B 25 -19.89 0.89 79.65
N SER B 26 -19.03 0.67 80.65
CA SER B 26 -17.90 -0.22 80.48
C SER B 26 -18.29 -1.69 80.64
N SER B 27 -17.44 -2.56 80.10
CA SER B 27 -17.60 -3.99 80.28
C SER B 27 -17.13 -4.40 81.68
N ARG B 28 -17.49 -5.61 82.07
CA ARG B 28 -17.22 -6.07 83.43
C ARG B 28 -15.82 -6.66 83.58
N TYR B 29 -15.07 -6.81 82.49
CA TYR B 29 -13.68 -7.20 82.63
C TYR B 29 -12.77 -5.99 82.81
N ASP B 30 -12.90 -5.00 81.94
CA ASP B 30 -12.12 -3.77 82.05
C ASP B 30 -13.01 -2.57 81.79
N HIS B 31 -12.65 -1.45 82.39
CA HIS B 31 -13.34 -0.19 82.15
C HIS B 31 -12.96 0.44 80.81
N ARG B 32 -11.94 -0.09 80.13
CA ARG B 32 -11.45 0.50 78.90
C ARG B 32 -12.26 0.08 77.67
N ILE B 33 -13.24 -0.81 77.85
CA ILE B 33 -14.13 -1.21 76.78
C ILE B 33 -15.54 -0.81 77.18
N ARG B 34 -16.17 0.05 76.39
CA ARG B 34 -17.46 0.60 76.74
C ARG B 34 -18.44 0.40 75.59
N TYR B 35 -19.71 0.22 75.94
CA TYR B 35 -20.78 0.04 74.97
C TYR B 35 -21.78 1.18 75.09
N VAL B 36 -22.30 1.63 73.96
CA VAL B 36 -23.32 2.67 73.94
C VAL B 36 -24.37 2.29 72.89
N THR B 37 -25.64 2.48 73.26
CA THR B 37 -26.74 2.24 72.33
C THR B 37 -27.01 3.52 71.56
N TYR B 38 -27.22 3.39 70.25
CA TYR B 38 -27.36 4.57 69.41
C TYR B 38 -28.59 5.37 69.77
N ASN B 39 -28.55 6.67 69.49
CA ASN B 39 -29.71 7.54 69.57
C ASN B 39 -29.60 8.59 68.47
N PRO B 40 -30.66 8.83 67.69
CA PRO B 40 -30.58 9.88 66.67
C PRO B 40 -30.60 11.28 67.23
N ALA B 41 -31.07 11.46 68.46
CA ALA B 41 -31.25 12.79 69.05
C ALA B 41 -30.38 13.00 70.29
N ASP B 42 -29.19 12.41 70.32
CA ASP B 42 -28.29 12.60 71.44
C ASP B 42 -26.85 12.48 70.97
N VAL B 43 -25.97 13.26 71.58
CA VAL B 43 -24.56 13.26 71.26
C VAL B 43 -23.84 12.39 72.28
N VAL B 44 -22.67 11.88 71.88
CA VAL B 44 -21.91 10.92 72.67
C VAL B 44 -20.78 11.65 73.37
N GLN B 45 -20.67 11.47 74.68
CA GLN B 45 -19.59 12.05 75.47
C GLN B 45 -18.42 11.08 75.42
N VAL B 46 -17.26 11.57 74.98
CA VAL B 46 -16.03 10.80 74.99
C VAL B 46 -14.98 11.62 75.71
N ASP B 47 -14.48 11.09 76.83
CA ASP B 47 -13.41 11.75 77.59
C ASP B 47 -12.08 11.14 77.16
N THR B 48 -11.49 11.71 76.11
CA THR B 48 -10.22 11.25 75.57
C THR B 48 -9.11 11.59 76.56
N VAL B 49 -8.36 10.58 76.98
CA VAL B 49 -7.20 10.78 77.79
C VAL B 49 -5.98 10.87 76.89
N LEU B 50 -4.94 11.56 77.35
CA LEU B 50 -3.76 11.77 76.53
C LEU B 50 -3.01 10.46 76.30
N GLY B 51 -2.46 10.30 75.11
CA GLY B 51 -1.59 9.19 74.82
C GLY B 51 -2.27 7.91 74.42
N VAL B 52 -3.58 7.92 74.16
CA VAL B 52 -4.29 6.71 73.80
C VAL B 52 -4.96 6.91 72.44
N ALA B 53 -5.16 5.78 71.76
CA ALA B 53 -5.94 5.73 70.53
C ALA B 53 -7.30 5.16 70.86
N THR B 54 -8.35 5.78 70.32
CA THR B 54 -9.71 5.35 70.56
C THR B 54 -10.30 4.77 69.28
N HIS B 55 -10.87 3.58 69.38
CA HIS B 55 -11.41 2.90 68.21
C HIS B 55 -12.93 3.09 68.19
N ILE B 56 -13.43 3.66 67.10
CA ILE B 56 -14.85 3.82 66.87
C ILE B 56 -15.23 2.89 65.72
N MET B 57 -16.21 2.02 65.97
CA MET B 57 -16.57 0.97 65.03
C MET B 57 -18.00 1.20 64.56
N LEU B 58 -18.19 1.20 63.25
CA LEU B 58 -19.47 1.56 62.66
C LEU B 58 -20.35 0.32 62.47
N GLU B 59 -21.45 0.48 61.75
CA GLU B 59 -22.25 -0.66 61.36
C GLU B 59 -21.52 -1.47 60.30
N GLU B 60 -21.78 -2.78 60.31
CA GLU B 60 -21.22 -3.66 59.30
C GLU B 60 -21.69 -3.19 57.92
N GLY B 61 -20.72 -2.85 57.07
CA GLY B 61 -21.07 -2.29 55.79
C GLY B 61 -21.62 -0.87 55.84
N GLU B 62 -21.32 -0.10 56.87
CA GLU B 62 -21.64 1.32 56.88
C GLU B 62 -20.74 2.01 55.88
N GLN B 63 -21.31 2.86 55.03
CA GLN B 63 -20.57 3.50 53.95
C GLN B 63 -20.22 4.93 54.34
N TYR B 64 -18.93 5.21 54.41
CA TYR B 64 -18.42 6.47 54.94
C TYR B 64 -18.65 7.61 53.97
N LEU B 65 -19.18 8.73 54.46
CA LEU B 65 -19.36 9.88 53.59
C LEU B 65 -18.40 11.03 53.91
N THR B 66 -18.44 11.54 55.15
CA THR B 66 -17.72 12.76 55.51
C THR B 66 -17.65 12.83 57.03
N HIS B 67 -16.68 13.59 57.52
CA HIS B 67 -16.58 13.90 58.95
C HIS B 67 -16.59 15.40 59.12
N ALA B 68 -16.38 15.83 60.37
CA ALA B 68 -16.23 17.24 60.68
C ALA B 68 -15.64 17.34 62.08
N PHE B 69 -14.54 18.05 62.23
CA PHE B 69 -13.92 18.20 63.53
C PHE B 69 -14.06 19.63 64.02
N GLY B 70 -14.33 19.77 65.32
CA GLY B 70 -14.24 21.08 65.94
C GLY B 70 -12.83 21.64 65.88
N ASP B 71 -11.83 20.75 65.90
CA ASP B 71 -10.44 21.11 65.65
C ASP B 71 -9.78 20.00 64.85
N SER B 72 -9.48 20.28 63.57
CA SER B 72 -8.78 19.31 62.74
C SER B 72 -7.45 18.90 63.36
N GLU B 73 -6.84 19.78 64.14
CA GLU B 73 -5.48 19.61 64.62
C GLU B 73 -5.40 19.24 66.09
N ALA B 74 -6.52 19.28 66.82
CA ALA B 74 -6.48 18.81 68.20
C ALA B 74 -6.55 17.29 68.26
N TYR B 75 -6.93 16.65 67.16
CA TYR B 75 -7.15 15.22 67.13
C TYR B 75 -6.68 14.67 65.79
N ALA B 76 -6.19 13.44 65.81
CA ALA B 76 -5.67 12.78 64.62
C ALA B 76 -6.65 11.71 64.19
N PHE B 77 -7.01 11.72 62.90
CA PHE B 77 -8.06 10.87 62.37
C PHE B 77 -7.49 9.90 61.35
N ALA B 78 -7.94 8.66 61.41
CA ALA B 78 -7.64 7.66 60.39
C ALA B 78 -8.81 6.69 60.30
N ARG B 79 -9.15 6.29 59.08
CA ARG B 79 -10.31 5.44 58.86
C ARG B 79 -9.95 4.31 57.91
N LYS B 80 -10.60 3.16 58.11
CA LYS B 80 -10.52 2.04 57.17
C LYS B 80 -11.88 1.32 57.23
N GLY B 81 -12.64 1.45 56.15
CA GLY B 81 -13.95 0.83 56.09
C GLY B 81 -14.87 1.41 57.14
N ARG B 82 -15.18 0.63 58.18
CA ARG B 82 -16.01 1.07 59.28
C ARG B 82 -15.20 1.25 60.56
N HIS B 83 -13.89 1.46 60.46
CA HIS B 83 -13.01 1.61 61.61
C HIS B 83 -12.49 3.03 61.66
N ILE B 84 -12.44 3.60 62.86
CA ILE B 84 -11.96 4.95 63.10
C ILE B 84 -10.98 4.90 64.26
N PHE B 85 -9.91 5.68 64.18
CA PHE B 85 -8.97 5.85 65.28
C PHE B 85 -8.82 7.33 65.58
N ILE B 86 -8.98 7.69 66.84
CA ILE B 86 -8.86 9.08 67.27
C ILE B 86 -7.85 9.15 68.40
N LYS B 87 -7.12 10.26 68.44
CA LYS B 87 -6.02 10.46 69.37
C LYS B 87 -5.82 11.94 69.67
N PRO B 88 -5.65 12.31 70.94
CA PRO B 88 -5.28 13.71 71.25
C PRO B 88 -3.90 14.02 70.71
N GLN B 89 -3.76 15.21 70.13
CA GLN B 89 -2.49 15.65 69.58
C GLN B 89 -2.22 17.12 69.86
N ALA B 90 -3.06 17.77 70.66
CA ALA B 90 -2.86 19.17 70.99
C ALA B 90 -3.41 19.43 72.38
N GLU B 91 -2.94 20.51 72.99
CA GLU B 91 -3.41 20.87 74.32
C GLU B 91 -4.83 21.40 74.26
N LEU B 92 -5.60 21.09 75.30
CA LEU B 92 -7.00 21.48 75.42
C LEU B 92 -7.80 20.99 74.20
N ALA B 93 -7.87 19.67 74.07
CA ALA B 93 -8.62 19.03 72.99
C ALA B 93 -10.07 18.88 73.43
N ASN B 94 -10.84 19.95 73.26
CA ASN B 94 -12.24 19.97 73.63
C ASN B 94 -13.07 20.46 72.45
N THR B 95 -13.46 19.53 71.57
CA THR B 95 -14.25 19.87 70.39
C THR B 95 -15.25 18.76 70.13
N ASN B 96 -15.86 18.80 68.95
CA ASN B 96 -16.93 17.90 68.59
C ASN B 96 -16.65 17.25 67.24
N LEU B 97 -17.15 16.03 67.09
CA LEU B 97 -17.07 15.29 65.84
C LEU B 97 -18.47 15.01 65.34
N ILE B 98 -18.73 15.29 64.07
CA ILE B 98 -19.98 14.95 63.41
C ILE B 98 -19.61 14.11 62.21
N VAL B 99 -19.53 12.80 62.40
CA VAL B 99 -19.21 11.86 61.33
C VAL B 99 -20.52 11.34 60.74
N VAL B 100 -20.68 11.50 59.44
CA VAL B 100 -21.92 11.16 58.76
C VAL B 100 -21.65 10.05 57.75
N THR B 101 -22.46 9.01 57.81
CA THR B 101 -22.48 7.96 56.81
C THR B 101 -23.80 8.04 56.07
N ASP B 102 -24.04 7.05 55.21
CA ASP B 102 -25.29 7.03 54.44
C ASP B 102 -26.50 6.95 55.37
N ARG B 103 -26.40 6.20 56.46
CA ARG B 103 -27.56 5.82 57.24
C ARG B 103 -27.93 6.84 58.32
N ARG B 104 -26.92 7.44 58.97
CA ARG B 104 -27.21 8.27 60.13
C ARG B 104 -26.17 9.38 60.23
N SER B 105 -26.11 10.01 61.40
CA SER B 105 -25.12 11.02 61.72
C SER B 105 -24.75 10.91 63.19
N TYR B 106 -23.57 10.37 63.46
CA TYR B 106 -23.05 10.26 64.81
C TYR B 106 -22.61 11.64 65.29
N LYS B 107 -22.67 11.87 66.60
CA LYS B 107 -22.23 13.12 67.20
C LYS B 107 -21.43 12.82 68.45
N PHE B 108 -20.17 13.24 68.46
CA PHE B 108 -19.27 12.98 69.57
C PHE B 108 -18.75 14.27 70.17
N ARG B 109 -18.77 14.34 71.50
CA ARG B 109 -18.29 15.48 72.26
C ARG B 109 -16.92 15.09 72.83
N LEU B 110 -15.87 15.51 72.13
CA LEU B 110 -14.52 15.10 72.48
C LEU B 110 -13.96 16.04 73.54
N GLN B 111 -13.91 15.56 74.78
CA GLN B 111 -13.38 16.31 75.90
C GLN B 111 -12.11 15.62 76.37
N MET B 112 -10.99 16.32 76.30
CA MET B 112 -9.72 15.72 76.70
C MET B 112 -9.62 15.66 78.22
N ARG B 113 -9.31 14.48 78.74
CA ARG B 113 -9.12 14.29 80.17
C ARG B 113 -7.68 14.65 80.54
N ASN B 114 -7.51 15.23 81.72
CA ASN B 114 -6.22 15.80 82.10
C ASN B 114 -5.33 14.82 82.86
N ASP B 115 -5.88 13.98 83.73
CA ASP B 115 -5.07 13.13 84.58
C ASP B 115 -4.79 11.75 83.98
N ARG B 116 -5.11 11.56 82.70
CA ARG B 116 -4.76 10.33 81.97
C ARG B 116 -5.23 9.08 82.72
N ASN B 117 -6.48 9.08 83.13
CA ASN B 117 -7.08 7.93 83.78
C ASN B 117 -8.50 7.75 83.26
N GLY B 118 -8.93 6.49 83.20
CA GLY B 118 -10.23 6.17 82.65
C GLY B 118 -10.27 6.21 81.15
N ALA B 119 -9.33 5.52 80.51
CA ALA B 119 -9.26 5.48 79.06
C ALA B 119 -10.34 4.55 78.49
N MET B 120 -10.73 4.82 77.24
CA MET B 120 -11.52 3.88 76.46
C MET B 120 -10.65 3.46 75.29
N TYR B 121 -10.71 2.19 74.92
CA TYR B 121 -9.90 1.69 73.82
C TYR B 121 -10.73 1.30 72.62
N GLU B 122 -11.97 0.85 72.83
CA GLU B 122 -12.95 0.73 71.75
C GLU B 122 -14.30 1.21 72.27
N LEU B 123 -15.12 1.72 71.36
CA LEU B 123 -16.50 2.09 71.66
C LEU B 123 -17.41 1.32 70.72
N ALA B 124 -18.50 0.79 71.25
CA ALA B 124 -19.39 -0.10 70.50
C ALA B 124 -20.77 0.52 70.41
N PHE B 125 -21.39 0.41 69.23
CA PHE B 125 -22.74 0.92 69.01
C PHE B 125 -23.68 -0.25 68.74
N ARG B 126 -24.24 -0.81 69.81
CA ARG B 126 -25.32 -1.77 69.63
C ARG B 126 -26.57 -1.05 69.19
N TYR B 127 -27.22 -1.58 68.16
CA TYR B 127 -28.43 -0.99 67.62
C TYR B 127 -29.61 -1.85 68.02
N PRO B 128 -30.45 -1.39 68.95
CA PRO B 128 -31.52 -2.28 69.46
C PRO B 128 -32.46 -2.77 68.38
N ASP B 129 -32.68 -1.98 67.33
CA ASP B 129 -33.53 -2.42 66.22
C ASP B 129 -32.94 -3.64 65.54
N THR B 130 -31.64 -3.59 65.23
CA THR B 130 -31.03 -4.70 64.51
C THR B 130 -30.94 -5.94 65.38
N GLN B 131 -30.63 -5.77 66.68
CA GLN B 131 -30.63 -6.91 67.59
C GLN B 131 -32.03 -7.51 67.69
N ALA B 132 -33.05 -6.67 67.77
CA ALA B 132 -34.42 -7.15 67.81
C ALA B 132 -34.73 -7.97 66.57
N ARG B 133 -34.32 -7.48 65.40
CA ARG B 133 -34.47 -8.27 64.19
C ARG B 133 -33.78 -9.62 64.32
N GLN B 134 -32.47 -9.60 64.58
CA GLN B 134 -31.69 -10.84 64.58
C GLN B 134 -32.29 -11.88 65.52
N THR B 135 -32.79 -11.44 66.68
CA THR B 135 -33.44 -12.39 67.58
C THR B 135 -34.67 -12.99 66.91
N ARG B 136 -35.41 -12.19 66.15
CA ARG B 136 -36.72 -12.60 65.66
C ARG B 136 -36.61 -13.77 64.67
N GLU B 137 -35.79 -13.64 63.64
CA GLU B 137 -35.79 -14.65 62.59
C GLU B 137 -35.22 -15.97 63.09
N ALA B 138 -34.34 -15.93 64.09
CA ALA B 138 -33.82 -17.17 64.65
C ALA B 138 -34.93 -17.97 65.32
N ASN B 139 -35.71 -17.32 66.19
CA ASN B 139 -36.87 -17.99 66.79
C ASN B 139 -37.84 -18.44 65.72
N ALA B 140 -38.05 -17.61 64.70
CA ALA B 140 -38.97 -17.97 63.64
C ALA B 140 -38.51 -19.22 62.91
N ARG B 141 -37.21 -19.31 62.60
CA ARG B 141 -36.69 -20.48 61.91
C ARG B 141 -36.83 -21.73 62.77
N ALA B 142 -36.53 -21.61 64.08
CA ALA B 142 -36.70 -22.75 64.96
C ALA B 142 -38.15 -23.22 64.96
N ALA B 143 -39.09 -22.27 65.03
CA ALA B 143 -40.50 -22.62 65.02
C ALA B 143 -40.90 -23.28 63.70
N VAL B 144 -40.39 -22.76 62.58
CA VAL B 144 -40.74 -23.32 61.28
C VAL B 144 -40.25 -24.76 61.17
N GLU B 145 -39.01 -25.00 61.56
CA GLU B 145 -38.49 -26.36 61.48
C GLU B 145 -39.26 -27.29 62.39
N ALA B 146 -39.58 -26.83 63.60
CA ALA B 146 -40.38 -27.65 64.50
C ALA B 146 -41.75 -27.96 63.90
N ALA B 147 -42.39 -26.96 63.29
CA ALA B 147 -43.69 -27.18 62.68
C ALA B 147 -43.61 -28.20 61.56
N PHE B 148 -42.56 -28.11 60.74
CA PHE B 148 -42.40 -29.07 59.66
C PHE B 148 -42.22 -30.48 60.19
N GLU B 149 -41.40 -30.64 61.23
CA GLU B 149 -41.19 -31.98 61.75
C GLU B 149 -42.39 -32.50 62.53
N GLN B 150 -43.31 -31.61 62.93
CA GLN B 150 -44.52 -32.07 63.61
C GLN B 150 -45.28 -33.08 62.76
N ARG B 151 -45.62 -32.68 61.53
CA ARG B 151 -46.25 -33.55 60.55
C ARG B 151 -47.39 -34.37 61.14
N VAL B 152 -48.46 -33.69 61.57
CA VAL B 152 -49.59 -34.39 62.18
C VAL B 152 -50.87 -33.91 61.51
N GLY B 153 -51.91 -34.73 61.57
CA GLY B 153 -53.19 -34.35 61.02
C GLY B 153 -53.32 -34.54 59.52
N ALA B 154 -53.17 -35.77 59.05
CA ALA B 154 -53.26 -36.07 57.62
C ALA B 154 -53.92 -37.43 57.42
N TYR B 155 -54.49 -37.63 56.25
CA TYR B 155 -55.04 -38.91 55.84
C TYR B 155 -54.15 -39.50 54.75
N TYR B 156 -54.14 -40.82 54.63
CA TYR B 156 -53.26 -41.50 53.70
C TYR B 156 -54.04 -42.50 52.87
N ASN B 157 -53.83 -42.46 51.56
CA ASN B 157 -54.51 -43.32 50.61
C ASN B 157 -53.61 -44.51 50.28
N LEU B 158 -54.21 -45.67 50.08
CA LEU B 158 -53.48 -46.86 49.68
C LEU B 158 -54.20 -47.65 48.60
N LYS B 159 -55.24 -47.09 48.00
CA LYS B 159 -55.99 -47.78 46.96
C LYS B 159 -55.27 -47.58 45.63
N TYR B 160 -54.19 -48.34 45.44
CA TYR B 160 -53.35 -48.22 44.26
C TYR B 160 -53.14 -49.58 43.62
N MET B 161 -53.31 -49.65 42.32
CA MET B 161 -53.04 -50.86 41.57
C MET B 161 -52.01 -50.59 40.48
N MET B 162 -51.32 -51.65 40.08
CA MET B 162 -50.22 -51.55 39.14
C MET B 162 -50.40 -52.60 38.05
N SER B 163 -49.89 -52.30 36.87
CA SER B 163 -50.08 -53.17 35.71
C SER B 163 -48.87 -53.12 34.81
N GLY B 164 -48.45 -54.29 34.34
CA GLY B 164 -47.35 -54.38 33.40
C GLY B 164 -46.10 -55.00 33.96
N ASP B 165 -44.97 -54.29 33.83
CA ASP B 165 -43.68 -54.77 34.29
C ASP B 165 -43.66 -54.73 35.82
N LYS B 166 -43.39 -55.87 36.44
CA LYS B 166 -43.24 -55.87 37.90
C LYS B 166 -41.78 -55.85 38.33
N ASP B 167 -40.83 -55.79 37.41
CA ASP B 167 -39.44 -55.76 37.84
C ASP B 167 -39.00 -54.35 38.20
N ILE B 168 -39.80 -53.34 37.88
CA ILE B 168 -39.59 -51.99 38.36
C ILE B 168 -40.59 -51.67 39.46
N ALA B 169 -41.17 -52.69 40.07
CA ALA B 169 -42.26 -52.51 41.00
C ALA B 169 -41.78 -51.79 42.27
N PRO B 170 -42.37 -50.64 42.57
CA PRO B 170 -42.17 -50.05 43.89
C PRO B 170 -42.75 -50.96 44.97
N VAL B 171 -42.16 -50.88 46.15
CA VAL B 171 -42.64 -51.73 47.23
C VAL B 171 -43.87 -51.14 47.92
N ASN B 172 -44.04 -49.82 47.88
CA ASN B 172 -45.21 -49.18 48.43
C ASN B 172 -45.46 -47.87 47.68
N ALA B 173 -46.74 -47.51 47.56
CA ALA B 173 -47.14 -46.25 46.95
C ALA B 173 -48.37 -45.74 47.66
N TRP B 174 -48.44 -44.41 47.83
CA TRP B 174 -49.50 -43.79 48.60
C TRP B 174 -49.50 -42.30 48.29
N ASP B 175 -50.46 -41.60 48.90
CA ASP B 175 -50.56 -40.16 48.73
C ASP B 175 -51.19 -39.56 49.98
N ASP B 176 -50.74 -38.36 50.31
CA ASP B 176 -51.24 -37.63 51.47
C ASP B 176 -52.21 -36.53 51.08
N GLY B 177 -52.74 -36.57 49.87
CA GLY B 177 -53.68 -35.58 49.41
C GLY B 177 -53.05 -34.41 48.69
N ARG B 178 -51.75 -34.21 48.86
CA ARG B 178 -51.03 -33.16 48.13
C ARG B 178 -49.83 -33.71 47.37
N PHE B 179 -49.13 -34.68 47.95
CA PHE B 179 -48.03 -35.37 47.29
C PHE B 179 -48.37 -36.84 47.10
N THR B 180 -47.71 -37.44 46.12
CA THR B 180 -47.80 -38.87 45.88
C THR B 180 -46.41 -39.46 46.09
N TYR B 181 -46.36 -40.59 46.79
CA TYR B 181 -45.09 -41.19 47.19
C TYR B 181 -44.94 -42.57 46.56
N PHE B 182 -43.73 -42.89 46.14
CA PHE B 182 -43.36 -44.25 45.76
C PHE B 182 -42.16 -44.67 46.60
N LYS B 183 -42.13 -45.93 46.99
CA LYS B 183 -41.00 -46.48 47.73
C LYS B 183 -40.42 -47.65 46.98
N PHE B 184 -39.11 -47.65 46.79
CA PHE B 184 -38.39 -48.74 46.15
C PHE B 184 -37.45 -49.40 47.13
N SER B 185 -37.26 -50.69 46.97
CA SER B 185 -36.37 -51.41 47.87
C SER B 185 -34.92 -50.99 47.63
N ALA B 186 -34.01 -51.59 48.39
CA ALA B 186 -32.62 -51.14 48.36
C ALA B 186 -31.93 -51.56 47.07
N ASN B 187 -32.35 -52.67 46.46
CA ASN B 187 -31.61 -53.26 45.37
C ASN B 187 -32.07 -52.82 44.00
N ALA B 188 -33.08 -51.97 43.89
CA ALA B 188 -33.61 -51.59 42.59
C ALA B 188 -33.11 -50.21 42.18
N ASP B 189 -33.16 -49.95 40.89
CA ASP B 189 -32.80 -48.63 40.39
C ASP B 189 -34.00 -47.71 40.43
N LEU B 190 -33.76 -46.44 40.68
CA LEU B 190 -34.84 -45.47 40.77
C LEU B 190 -35.28 -45.07 39.37
N PRO B 191 -36.47 -45.41 38.94
CA PRO B 191 -36.90 -45.11 37.57
C PRO B 191 -37.27 -43.64 37.40
N SER B 192 -37.80 -43.32 36.23
CA SER B 192 -38.40 -42.01 36.00
C SER B 192 -39.91 -42.12 36.14
N ILE B 193 -40.53 -41.05 36.64
CA ILE B 193 -41.96 -41.03 36.94
C ILE B 193 -42.63 -40.09 35.95
N TYR B 194 -43.75 -40.51 35.39
CA TYR B 194 -44.41 -39.72 34.36
C TYR B 194 -45.89 -39.57 34.63
N PHE B 195 -46.41 -38.41 34.24
CA PHE B 195 -47.79 -38.02 34.49
C PHE B 195 -48.63 -38.34 33.27
N VAL B 196 -49.77 -38.98 33.47
CA VAL B 196 -50.69 -39.34 32.40
C VAL B 196 -51.91 -38.48 32.52
N ASP B 197 -52.29 -37.82 31.43
CA ASP B 197 -53.53 -37.07 31.41
C ASP B 197 -54.69 -38.02 31.16
N ALA B 198 -55.91 -37.49 31.02
CA ALA B 198 -57.05 -38.35 30.77
C ALA B 198 -56.95 -39.03 29.42
N GLU B 199 -56.40 -38.34 28.43
CA GLU B 199 -56.35 -38.85 27.07
C GLU B 199 -55.42 -40.05 26.91
N GLY B 200 -54.30 -40.07 27.62
CA GLY B 200 -53.32 -41.12 27.47
C GLY B 200 -51.91 -40.65 27.19
N ASN B 201 -51.72 -39.40 26.80
CA ASN B 201 -50.39 -38.86 26.60
C ASN B 201 -49.70 -38.69 27.94
N GLU B 202 -48.37 -38.71 27.92
CA GLU B 202 -47.59 -38.54 29.13
C GLU B 202 -46.98 -37.15 29.17
N SER B 203 -46.51 -36.75 30.34
CA SER B 203 -45.88 -35.44 30.50
C SER B 203 -45.05 -35.44 31.77
N LEU B 204 -44.36 -34.32 31.99
CA LEU B 204 -43.42 -34.21 33.08
C LEU B 204 -44.08 -33.67 34.34
N VAL B 205 -43.61 -34.12 35.49
CA VAL B 205 -43.92 -33.48 36.76
C VAL B 205 -42.62 -33.30 37.53
N PRO B 206 -42.48 -32.24 38.29
CA PRO B 206 -41.31 -32.12 39.16
C PRO B 206 -41.32 -33.26 40.17
N ARG B 207 -40.13 -33.71 40.53
CA ARG B 207 -40.01 -34.75 41.54
C ARG B 207 -38.93 -34.35 42.53
N THR B 208 -39.07 -34.85 43.74
CA THR B 208 -38.06 -34.71 44.77
C THR B 208 -37.90 -36.04 45.48
N THR B 209 -36.70 -36.26 46.02
CA THR B 209 -36.40 -37.51 46.70
C THR B 209 -36.26 -37.22 48.19
N VAL B 210 -36.85 -38.09 49.01
CA VAL B 210 -36.85 -37.89 50.44
C VAL B 210 -36.66 -39.24 51.11
N GLY B 211 -36.19 -39.23 52.34
CA GLY B 211 -36.03 -40.46 53.09
C GLY B 211 -34.64 -40.62 53.66
N SER B 212 -34.53 -41.51 54.64
CA SER B 212 -33.22 -41.81 55.22
C SER B 212 -32.28 -42.39 54.17
N SER B 213 -32.79 -43.27 53.32
CA SER B 213 -31.98 -43.95 52.33
C SER B 213 -32.36 -43.57 50.90
N ASN B 214 -32.95 -42.40 50.73
CA ASN B 214 -33.29 -41.86 49.41
C ASN B 214 -34.12 -42.85 48.60
N ASN B 215 -34.83 -43.73 49.29
CA ASN B 215 -35.64 -44.74 48.63
C ASN B 215 -37.11 -44.36 48.52
N ILE B 216 -37.45 -43.09 48.65
CA ILE B 216 -38.78 -42.59 48.34
C ILE B 216 -38.65 -41.45 47.34
N ILE B 217 -39.35 -41.57 46.22
CA ILE B 217 -39.44 -40.51 45.23
C ILE B 217 -40.84 -39.92 45.33
N ALA B 218 -40.93 -38.61 45.48
CA ALA B 218 -42.20 -37.93 45.70
C ALA B 218 -42.48 -36.99 44.53
N VAL B 219 -43.69 -37.03 44.02
CA VAL B 219 -44.11 -36.16 42.93
C VAL B 219 -45.08 -35.13 43.46
N HIS B 220 -45.17 -34.00 42.76
CA HIS B 220 -45.97 -32.87 43.20
C HIS B 220 -47.37 -32.87 42.63
N LYS B 221 -48.11 -33.96 42.80
CA LYS B 221 -49.49 -34.09 42.35
C LYS B 221 -50.06 -35.40 42.83
N VAL B 222 -51.38 -35.48 42.88
CA VAL B 222 -52.11 -36.73 42.97
C VAL B 222 -52.96 -36.84 41.71
N ASN B 223 -52.81 -37.95 41.00
CA ASN B 223 -53.44 -38.12 39.70
C ASN B 223 -53.93 -39.55 39.57
N PRO B 224 -55.00 -39.78 38.79
CA PRO B 224 -55.51 -41.15 38.67
C PRO B 224 -54.55 -42.15 38.06
N LYS B 225 -53.68 -41.74 37.15
CA LYS B 225 -52.87 -42.71 36.42
C LYS B 225 -51.41 -42.26 36.35
N TRP B 226 -50.52 -43.08 36.91
CA TRP B 226 -49.10 -42.84 36.87
C TRP B 226 -48.44 -43.86 35.96
N MET B 227 -47.39 -43.42 35.26
CA MET B 227 -46.60 -44.28 34.39
C MET B 227 -45.14 -44.27 34.83
N ILE B 228 -44.55 -45.44 34.93
CA ILE B 228 -43.16 -45.61 35.35
C ILE B 228 -42.41 -46.27 34.21
N ARG B 229 -41.26 -45.70 33.85
CA ARG B 229 -40.47 -46.22 32.75
C ARG B 229 -39.01 -46.33 33.14
N LEU B 230 -38.33 -47.30 32.54
CA LEU B 230 -36.90 -47.48 32.70
C LEU B 230 -36.39 -48.25 31.48
N GLY B 231 -35.76 -47.54 30.55
CA GLY B 231 -35.33 -48.18 29.31
C GLY B 231 -36.51 -48.60 28.46
N ASN B 232 -36.62 -49.90 28.17
CA ASN B 232 -37.74 -50.43 27.41
C ASN B 232 -38.65 -51.27 28.27
N ARG B 233 -38.70 -50.99 29.56
CA ARG B 233 -39.69 -51.57 30.45
C ARG B 233 -40.59 -50.45 30.97
N ALA B 234 -41.89 -50.62 30.79
CA ALA B 234 -42.85 -49.61 31.19
C ALA B 234 -43.83 -50.20 32.19
N LEU B 235 -44.10 -49.45 33.24
CA LEU B 235 -45.03 -49.87 34.28
C LEU B 235 -46.05 -48.76 34.49
N ALA B 236 -47.32 -49.15 34.64
CA ALA B 236 -48.38 -48.20 34.86
C ALA B 236 -48.94 -48.36 36.27
N ILE B 237 -49.23 -47.23 36.91
CA ILE B 237 -49.82 -47.21 38.24
C ILE B 237 -51.19 -46.55 38.14
N PHE B 238 -52.21 -47.24 38.66
CA PHE B 238 -53.56 -46.71 38.72
C PHE B 238 -53.83 -46.19 40.12
N ASN B 239 -54.22 -44.92 40.22
CA ASN B 239 -54.74 -44.37 41.47
C ASN B 239 -56.23 -44.61 41.47
N GLU B 240 -56.68 -45.56 42.27
CA GLU B 240 -58.05 -46.03 42.18
C GLU B 240 -58.96 -45.36 43.21
N ALA B 241 -58.45 -44.42 43.99
CA ALA B 241 -59.24 -43.65 44.92
C ALA B 241 -59.04 -42.17 44.68
N TYR B 242 -59.15 -41.77 43.41
CA TYR B 242 -58.86 -40.40 43.02
C TYR B 242 -59.83 -39.44 43.69
N ASP B 243 -59.30 -38.34 44.20
CA ASP B 243 -60.11 -37.33 44.86
C ASP B 243 -60.06 -36.06 44.03
N PRO B 244 -61.07 -35.78 43.20
CA PRO B 244 -61.05 -34.54 42.43
C PRO B 244 -61.02 -33.31 43.33
N ASN B 245 -61.63 -33.42 44.51
CA ASN B 245 -61.70 -32.27 45.41
C ASN B 245 -60.33 -31.94 45.97
N GLY B 246 -59.70 -32.89 46.65
CA GLY B 246 -58.43 -32.63 47.27
C GLY B 246 -58.57 -31.59 48.38
N VAL B 247 -57.45 -31.36 49.07
CA VAL B 247 -57.37 -30.38 50.15
C VAL B 247 -56.69 -29.13 49.62
N PRO B 248 -57.37 -27.99 49.57
CA PRO B 248 -56.72 -26.76 49.09
C PRO B 248 -55.57 -26.37 50.00
N ASN B 249 -54.55 -25.78 49.38
CA ASN B 249 -53.33 -25.40 50.09
C ASN B 249 -53.34 -23.89 50.29
N ASP B 250 -53.98 -23.45 51.35
CA ASP B 250 -54.01 -22.03 51.68
C ASP B 250 -52.73 -21.55 52.33
N THR B 251 -52.05 -22.41 53.09
CA THR B 251 -50.89 -22.01 53.87
C THR B 251 -49.67 -21.69 53.02
N GLY B 252 -49.68 -22.02 51.74
CA GLY B 252 -48.58 -21.70 50.86
C GLY B 252 -47.34 -22.55 51.04
N THR B 253 -47.41 -23.64 51.79
CA THR B 253 -46.28 -24.54 51.95
C THR B 253 -46.73 -25.98 51.72
N ALA B 254 -45.81 -26.90 51.99
CA ALA B 254 -46.14 -28.31 51.89
C ALA B 254 -46.86 -28.83 53.12
N SER B 255 -46.86 -28.06 54.20
CA SER B 255 -47.57 -28.48 55.39
C SER B 255 -48.49 -27.37 55.87
N PRO B 256 -49.69 -27.71 56.35
CA PRO B 256 -50.65 -26.68 56.76
C PRO B 256 -50.26 -25.92 58.02
N ALA B 257 -49.08 -26.17 58.58
CA ALA B 257 -48.68 -25.56 59.83
C ALA B 257 -47.90 -24.26 59.65
N VAL B 258 -47.51 -23.91 58.43
CA VAL B 258 -46.62 -22.78 58.19
C VAL B 258 -47.20 -21.90 57.09
N ARG B 259 -47.24 -20.59 57.34
CA ARG B 259 -47.63 -19.65 56.30
C ARG B 259 -46.42 -19.20 55.50
N ARG B 260 -46.69 -18.38 54.50
CA ARG B 260 -45.65 -17.78 53.68
C ARG B 260 -45.95 -16.30 53.50
N VAL B 261 -45.20 -15.46 54.20
CA VAL B 261 -45.51 -14.02 54.24
C VAL B 261 -44.56 -13.29 53.31
N ASN B 262 -45.02 -12.13 52.83
CA ASN B 262 -44.29 -11.34 51.85
C ASN B 262 -43.32 -10.40 52.54
N LYS B 263 -42.04 -10.75 52.52
CA LYS B 263 -41.02 -9.82 53.03
C LYS B 263 -40.86 -8.60 52.14
N GLY B 264 -40.96 -8.79 50.82
CA GLY B 264 -40.59 -7.74 49.89
C GLY B 264 -41.34 -6.44 50.07
N GLY B 265 -42.54 -6.49 50.64
CA GLY B 265 -43.32 -5.29 50.87
C GLY B 265 -43.68 -4.56 49.60
N ASN B 266 -43.31 -3.28 49.54
CA ASN B 266 -43.53 -2.45 48.36
C ASN B 266 -45.00 -2.42 47.93
N CYS C 17 -44.08 -41.05 5.93
CA CYS C 17 -44.82 -42.30 6.04
C CYS C 17 -44.39 -43.09 7.28
N ALA C 18 -43.18 -42.80 7.76
CA ALA C 18 -42.63 -43.43 8.95
C ALA C 18 -42.19 -42.36 9.92
N SER C 19 -42.55 -42.53 11.20
CA SER C 19 -42.27 -41.54 12.21
C SER C 19 -41.73 -42.22 13.47
N ALA C 20 -41.53 -41.42 14.50
CA ALA C 20 -40.84 -41.88 15.69
C ALA C 20 -41.60 -43.02 16.34
N PRO C 21 -40.91 -44.06 16.83
CA PRO C 21 -41.62 -45.15 17.50
C PRO C 21 -42.14 -44.71 18.84
N LYS C 22 -43.35 -45.13 19.14
CA LYS C 22 -43.89 -44.80 20.44
C LYS C 22 -43.26 -45.71 21.51
N PRO C 23 -43.03 -45.18 22.69
CA PRO C 23 -42.49 -46.01 23.77
C PRO C 23 -43.39 -47.20 24.06
N LYS C 24 -42.81 -48.20 24.70
CA LYS C 24 -43.56 -49.41 24.99
C LYS C 24 -44.77 -49.10 25.86
N GLN C 25 -45.93 -49.55 25.43
CA GLN C 25 -47.14 -49.38 26.21
C GLN C 25 -47.38 -50.61 27.07
N PRO C 26 -47.39 -50.47 28.40
CA PRO C 26 -47.40 -51.65 29.25
C PRO C 26 -48.68 -52.44 29.08
N SER C 27 -48.57 -53.74 29.32
CA SER C 27 -49.73 -54.61 29.27
C SER C 27 -50.72 -54.21 30.36
N ASP C 28 -52.00 -54.40 30.09
CA ASP C 28 -53.06 -53.96 30.99
C ASP C 28 -53.83 -55.13 31.58
N PHE C 29 -53.17 -56.27 31.77
CA PHE C 29 -53.80 -57.47 32.31
C PHE C 29 -53.42 -57.73 33.76
N ASN C 30 -52.13 -57.76 34.06
CA ASN C 30 -51.66 -58.02 35.41
C ASN C 30 -51.85 -56.78 36.30
N ARG C 31 -53.09 -56.61 36.74
CA ARG C 31 -53.44 -55.49 37.61
C ARG C 31 -53.56 -55.99 39.04
N GLU C 32 -52.62 -55.60 39.88
CA GLU C 32 -52.61 -56.01 41.28
C GLU C 32 -52.39 -54.80 42.17
N PRO C 33 -52.83 -54.85 43.42
CA PRO C 33 -52.51 -53.78 44.36
C PRO C 33 -51.02 -53.71 44.59
N VAL C 34 -50.52 -52.49 44.79
CA VAL C 34 -49.08 -52.31 44.88
C VAL C 34 -48.59 -52.55 46.30
N ASN C 35 -49.39 -52.18 47.29
CA ASN C 35 -48.98 -52.31 48.69
C ASN C 35 -49.38 -53.69 49.18
N LYS C 36 -48.47 -54.66 49.06
CA LYS C 36 -48.69 -55.93 49.72
C LYS C 36 -48.75 -55.77 51.23
N THR C 37 -48.03 -54.77 51.76
CA THR C 37 -47.98 -54.51 53.19
C THR C 37 -48.14 -53.03 53.43
N VAL C 38 -48.54 -52.68 54.64
CA VAL C 38 -48.70 -51.26 55.02
C VAL C 38 -47.33 -50.59 55.00
N PRO C 39 -47.18 -49.42 54.39
CA PRO C 39 -45.89 -48.74 54.39
C PRO C 39 -45.51 -48.28 55.78
N VAL C 40 -44.20 -48.14 56.00
CA VAL C 40 -43.70 -47.93 57.34
C VAL C 40 -43.75 -46.48 57.79
N GLU C 41 -43.42 -45.53 56.91
CA GLU C 41 -43.22 -44.15 57.38
C GLU C 41 -44.54 -43.53 57.84
N ILE C 42 -45.66 -44.17 57.53
CA ILE C 42 -46.97 -43.76 58.03
C ILE C 42 -47.04 -44.07 59.53
N GLN C 43 -45.96 -44.64 60.06
CA GLN C 43 -45.92 -45.14 61.43
C GLN C 43 -46.91 -46.28 61.61
N ARG C 44 -47.19 -46.98 60.51
CA ARG C 44 -48.11 -48.10 60.49
C ARG C 44 -47.50 -49.26 59.71
N LYS D 135 46.04 5.16 72.78
CA LYS D 135 45.46 4.11 71.95
C LYS D 135 46.38 2.91 71.83
N THR D 136 46.19 1.94 72.73
CA THR D 136 46.93 0.70 72.65
C THR D 136 46.46 -0.12 71.45
N PRO D 137 47.33 -0.94 70.87
CA PRO D 137 46.89 -1.76 69.73
C PRO D 137 45.75 -2.71 70.05
N TYR D 138 45.60 -3.12 71.31
CA TYR D 138 44.43 -3.89 71.70
C TYR D 138 43.15 -3.08 71.50
N GLU D 139 43.18 -1.80 71.86
CA GLU D 139 42.02 -0.94 71.63
C GLU D 139 41.72 -0.84 70.14
N LEU D 140 42.76 -0.72 69.31
CA LEU D 140 42.55 -0.67 67.87
C LEU D 140 41.96 -2.00 67.38
N ALA D 141 42.38 -3.11 67.98
CA ALA D 141 41.78 -4.39 67.64
C ALA D 141 40.31 -4.40 67.97
N ARG D 142 39.95 -3.87 69.14
CA ARG D 142 38.54 -3.80 69.49
C ARG D 142 37.76 -2.91 68.54
N GLU D 143 38.35 -1.78 68.12
CA GLU D 143 37.68 -0.91 67.17
C GLU D 143 37.46 -1.61 65.83
N ARG D 144 38.52 -2.18 65.26
CA ARG D 144 38.41 -2.85 63.99
C ARG D 144 37.44 -4.02 64.07
N MET D 145 37.37 -4.64 65.25
CA MET D 145 36.54 -5.82 65.41
C MET D 145 35.07 -5.43 65.57
N LEU D 146 34.82 -4.27 66.19
CA LEU D 146 33.46 -3.74 66.23
C LEU D 146 32.99 -3.32 64.85
N ARG D 147 33.80 -2.55 64.12
CA ARG D 147 33.32 -2.05 62.84
C ARG D 147 33.29 -3.16 61.79
N SER D 148 33.95 -4.29 62.07
CA SER D 148 33.98 -5.39 61.13
C SER D 148 32.58 -5.95 60.91
N GLY D 149 32.31 -6.35 59.67
CA GLY D 149 31.10 -7.07 59.35
C GLY D 149 31.33 -8.57 59.37
N LEU D 150 30.40 -9.28 58.73
CA LEU D 150 30.59 -10.72 58.55
C LEU D 150 31.34 -11.03 57.26
N THR D 151 31.09 -10.26 56.21
CA THR D 151 31.65 -10.54 54.88
C THR D 151 32.42 -9.33 54.39
N ALA D 152 33.39 -9.58 53.50
CA ALA D 152 34.14 -8.51 52.87
C ALA D 152 33.70 -8.37 51.42
N GLY D 153 33.35 -7.14 51.03
CA GLY D 153 32.89 -6.87 49.69
C GLY D 153 31.43 -7.25 49.45
N GLY D 177 34.26 -19.72 -7.60
CA GLY D 177 32.86 -19.68 -7.96
C GLY D 177 32.06 -20.84 -7.40
N GLY D 178 30.77 -20.61 -7.17
CA GLY D 178 29.91 -21.64 -6.62
C GLY D 178 29.07 -22.33 -7.68
N GLY D 179 29.59 -22.42 -8.89
CA GLY D 179 28.88 -23.01 -10.00
C GLY D 179 28.63 -24.50 -9.80
N GLY D 180 28.08 -25.11 -10.84
CA GLY D 180 27.66 -26.50 -10.73
C GLY D 180 26.58 -26.65 -9.68
N GLY D 181 25.59 -25.75 -9.74
CA GLY D 181 24.62 -25.65 -8.66
C GLY D 181 23.93 -26.97 -8.36
N GLU D 182 23.38 -27.62 -9.39
CA GLU D 182 22.66 -28.86 -9.15
C GLU D 182 23.60 -29.93 -8.63
N LEU D 183 24.77 -30.08 -9.27
CA LEU D 183 25.70 -31.07 -8.78
C LEU D 183 26.15 -30.74 -7.36
N ALA D 184 26.51 -29.49 -7.09
CA ALA D 184 26.99 -29.15 -5.76
C ALA D 184 25.98 -29.49 -4.69
N GLU D 185 24.74 -29.04 -4.84
CA GLU D 185 23.72 -29.33 -3.85
C GLU D 185 23.36 -30.80 -3.80
N LYS D 186 23.71 -31.58 -4.83
CA LYS D 186 23.58 -33.02 -4.67
C LYS D 186 24.81 -33.66 -4.06
N LEU D 187 25.80 -32.87 -3.66
CA LEU D 187 26.94 -33.35 -2.89
C LEU D 187 26.97 -32.82 -1.47
N GLN D 188 26.20 -31.78 -1.17
CA GLN D 188 26.33 -31.14 0.13
C GLN D 188 26.09 -32.16 1.23
N PRO D 189 27.05 -32.38 2.12
CA PRO D 189 27.00 -33.57 2.97
C PRO D 189 25.89 -33.51 4.00
N MET D 190 25.56 -34.66 4.54
CA MET D 190 24.66 -34.80 5.67
C MET D 190 25.52 -35.14 6.88
N ARG D 191 25.69 -34.18 7.77
CA ARG D 191 26.46 -34.39 8.99
C ARG D 191 25.49 -34.68 10.11
N LEU D 192 25.49 -35.93 10.57
CA LEU D 192 24.64 -36.35 11.68
C LEU D 192 25.48 -36.41 12.94
N SER D 193 25.13 -35.59 13.92
CA SER D 193 25.90 -35.53 15.15
C SER D 193 25.91 -36.87 15.85
N GLY D 194 27.05 -37.20 16.45
CA GLY D 194 27.15 -38.41 17.22
C GLY D 194 26.33 -38.33 18.49
N SER D 195 26.26 -39.45 19.19
CA SER D 195 25.48 -39.55 20.40
C SER D 195 26.25 -40.34 21.44
N SER D 196 25.94 -40.09 22.70
CA SER D 196 26.67 -40.69 23.81
C SER D 196 25.74 -41.61 24.59
N ALA D 197 26.31 -42.67 25.15
CA ALA D 197 25.52 -43.58 25.94
C ALA D 197 25.17 -42.94 27.28
N GLY D 198 24.17 -43.49 27.96
CA GLY D 198 23.81 -43.10 29.29
C GLY D 198 23.47 -44.29 30.16
N ARG D 199 22.74 -44.02 31.24
CA ARG D 199 22.26 -45.09 32.09
C ARG D 199 20.96 -44.68 32.76
N LEU D 200 20.12 -45.67 33.05
CA LEU D 200 18.86 -45.42 33.71
C LEU D 200 19.07 -45.16 35.19
N GLY D 201 18.18 -44.37 35.78
CA GLY D 201 18.29 -44.05 37.19
C GLY D 201 18.18 -45.26 38.10
N ASN D 202 16.99 -45.86 38.15
CA ASN D 202 16.77 -47.07 38.94
C ASN D 202 15.87 -47.99 38.14
N ARG D 203 16.41 -49.13 37.71
CA ARG D 203 15.65 -50.08 36.91
C ARG D 203 14.51 -50.73 37.67
N ASP D 204 14.48 -50.60 38.99
CA ASP D 204 13.42 -51.26 39.75
C ASP D 204 12.18 -50.41 39.90
N MET D 205 12.27 -49.10 39.71
CA MET D 205 11.13 -48.22 39.90
C MET D 205 10.90 -47.36 38.67
N LEU D 206 11.02 -47.96 37.49
CA LEU D 206 10.94 -47.21 36.25
C LEU D 206 10.34 -48.09 35.16
N ILE D 207 9.63 -47.46 34.23
CA ILE D 207 9.03 -48.17 33.10
C ILE D 207 9.50 -47.48 31.82
N THR D 208 10.28 -48.21 31.03
CA THR D 208 10.88 -47.66 29.83
C THR D 208 9.86 -47.59 28.71
N GLN D 209 10.00 -46.57 27.87
CA GLN D 209 9.10 -46.42 26.75
C GLN D 209 9.18 -47.65 25.85
N GLY D 210 8.01 -48.09 25.39
CA GLY D 210 7.92 -49.28 24.60
C GLY D 210 7.40 -50.50 25.34
N THR D 211 7.26 -50.44 26.65
CA THR D 211 6.67 -51.54 27.40
C THR D 211 5.19 -51.66 27.04
N GLN D 212 4.68 -52.88 27.05
CA GLN D 212 3.35 -53.17 26.52
C GLN D 212 2.40 -53.52 27.66
N LEU D 213 1.28 -52.81 27.72
CA LEU D 213 0.29 -52.96 28.79
C LEU D 213 -1.00 -53.49 28.18
N ASP D 214 -1.43 -54.65 28.64
CA ASP D 214 -2.59 -55.33 28.07
C ASP D 214 -3.82 -55.11 28.95
N CYS D 215 -4.71 -54.24 28.50
CA CYS D 215 -5.93 -53.92 29.23
C CYS D 215 -7.14 -54.30 28.39
N VAL D 216 -8.22 -54.66 29.07
CA VAL D 216 -9.47 -55.04 28.44
C VAL D 216 -10.35 -53.80 28.33
N LEU D 217 -10.86 -53.54 27.14
CA LEU D 217 -11.66 -52.35 26.93
C LEU D 217 -12.99 -52.49 27.65
N GLU D 218 -13.34 -51.50 28.45
CA GLU D 218 -14.58 -51.51 29.22
C GLU D 218 -15.71 -50.85 28.45
N THR D 219 -15.47 -49.69 27.87
CA THR D 219 -16.52 -48.97 27.17
C THR D 219 -16.55 -49.33 25.70
N ARG D 220 -17.66 -49.94 25.28
CA ARG D 220 -17.93 -50.11 23.86
C ARG D 220 -17.72 -48.77 23.16
N LEU D 221 -17.24 -48.82 21.93
CA LEU D 221 -16.75 -47.62 21.26
C LEU D 221 -17.47 -47.43 19.93
N VAL D 222 -17.92 -46.20 19.69
CA VAL D 222 -18.43 -45.77 18.40
C VAL D 222 -17.83 -44.42 18.12
N THR D 223 -17.30 -44.24 16.91
CA THR D 223 -16.54 -43.04 16.60
C THR D 223 -17.34 -41.99 15.87
N THR D 224 -18.67 -42.04 15.96
CA THR D 224 -19.46 -41.03 15.25
C THR D 224 -19.27 -39.65 15.87
N GLN D 225 -19.04 -39.60 17.17
CA GLN D 225 -18.79 -38.35 17.86
C GLN D 225 -17.54 -38.48 18.73
N PRO D 226 -16.80 -37.40 18.94
CA PRO D 226 -15.67 -37.47 19.87
C PRO D 226 -16.14 -37.90 21.24
N GLY D 227 -15.37 -38.79 21.87
CA GLY D 227 -15.82 -39.36 23.12
C GLY D 227 -14.66 -39.59 24.05
N MET D 228 -14.83 -40.58 24.92
CA MET D 228 -13.80 -40.99 25.87
C MET D 228 -13.88 -42.50 26.05
N THR D 229 -12.82 -43.08 26.59
CA THR D 229 -12.70 -44.52 26.74
C THR D 229 -12.21 -44.87 28.14
N THR D 230 -12.22 -46.16 28.44
CA THR D 230 -11.84 -46.63 29.76
C THR D 230 -11.56 -48.12 29.70
N CYS D 231 -10.43 -48.54 30.25
CA CYS D 231 -10.08 -49.95 30.23
C CYS D 231 -9.37 -50.33 31.52
N HIS D 232 -9.43 -51.61 31.85
CA HIS D 232 -8.79 -52.16 33.03
C HIS D 232 -7.63 -53.04 32.63
N LEU D 233 -6.48 -52.84 33.28
CA LEU D 233 -5.32 -53.70 33.01
C LEU D 233 -5.62 -55.11 33.48
N THR D 234 -5.55 -56.06 32.56
CA THR D 234 -5.81 -57.45 32.91
C THR D 234 -4.61 -58.14 33.53
N ARG D 235 -3.44 -57.52 33.49
CA ARG D 235 -2.24 -58.10 34.06
C ARG D 235 -1.41 -57.02 34.72
N ASP D 236 -0.82 -57.37 35.85
CA ASP D 236 0.13 -56.47 36.50
C ASP D 236 1.36 -56.27 35.63
N VAL D 237 1.89 -55.06 35.66
CA VAL D 237 3.02 -54.68 34.83
C VAL D 237 4.23 -54.46 35.73
N TYR D 238 5.25 -55.27 35.55
CA TYR D 238 6.42 -55.19 36.41
C TYR D 238 7.35 -54.09 35.92
N SER D 239 8.38 -53.82 36.72
CA SER D 239 9.37 -52.83 36.34
C SER D 239 10.33 -53.42 35.32
N THR D 240 11.06 -52.54 34.64
CA THR D 240 11.96 -53.00 33.58
C THR D 240 12.96 -54.02 34.09
N SER D 241 13.37 -53.90 35.35
CA SER D 241 14.22 -54.93 35.93
C SER D 241 13.44 -56.21 36.19
N GLY D 242 12.13 -56.18 36.05
CA GLY D 242 11.34 -57.37 36.28
C GLY D 242 11.39 -57.88 37.69
N ARG D 243 11.25 -57.00 38.67
CA ARG D 243 11.25 -57.42 40.06
C ARG D 243 10.12 -56.83 40.89
N VAL D 244 9.60 -55.66 40.55
CA VAL D 244 8.62 -54.96 41.37
C VAL D 244 7.36 -54.72 40.55
N VAL D 245 6.20 -54.97 41.15
CA VAL D 245 4.94 -54.63 40.52
C VAL D 245 4.78 -53.12 40.61
N LEU D 246 4.44 -52.48 39.50
CA LEU D 246 4.27 -51.04 39.54
C LEU D 246 2.84 -50.60 39.32
N LEU D 247 2.12 -51.23 38.41
CA LEU D 247 0.71 -50.93 38.20
C LEU D 247 -0.08 -52.19 38.50
N ASP D 248 -0.75 -52.20 39.64
CA ASP D 248 -1.46 -53.39 40.07
C ASP D 248 -2.54 -53.75 39.06
N ARG D 249 -2.72 -55.04 38.84
CA ARG D 249 -3.69 -55.50 37.87
C ARG D 249 -5.09 -55.09 38.30
N GLY D 250 -5.93 -54.82 37.32
CA GLY D 250 -7.24 -54.28 37.60
C GLY D 250 -7.27 -52.78 37.76
N SER D 251 -6.16 -52.11 37.52
CA SER D 251 -6.16 -50.65 37.57
C SER D 251 -7.01 -50.11 36.44
N LYS D 252 -7.33 -48.83 36.52
CA LYS D 252 -8.20 -48.19 35.55
C LYS D 252 -7.40 -47.19 34.74
N VAL D 253 -7.72 -47.09 33.45
CA VAL D 253 -7.02 -46.20 32.54
C VAL D 253 -8.06 -45.45 31.73
N VAL D 254 -7.91 -44.14 31.62
CA VAL D 254 -8.87 -43.31 30.92
C VAL D 254 -8.16 -42.59 29.79
N GLY D 255 -8.82 -42.50 28.65
CA GLY D 255 -8.23 -41.80 27.53
C GLY D 255 -9.23 -41.46 26.44
N PHE D 256 -8.87 -40.51 25.58
CA PHE D 256 -9.85 -39.97 24.64
C PHE D 256 -9.36 -40.20 23.23
N TYR D 257 -10.23 -39.87 22.28
CA TYR D 257 -9.88 -39.80 20.87
C TYR D 257 -10.71 -38.69 20.24
N GLN D 258 -10.53 -38.49 18.94
CA GLN D 258 -11.24 -37.40 18.27
C GLN D 258 -11.06 -37.51 16.77
N GLY D 259 -11.85 -36.73 16.06
CA GLY D 259 -11.67 -36.54 14.64
C GLY D 259 -12.38 -37.54 13.75
N GLY D 260 -12.68 -38.72 14.25
CA GLY D 260 -13.25 -39.72 13.38
C GLY D 260 -12.23 -40.25 12.39
N LEU D 261 -12.76 -40.79 11.30
CA LEU D 261 -11.96 -41.40 10.26
C LEU D 261 -11.99 -40.58 8.99
N ARG D 262 -11.35 -41.10 7.97
CA ARG D 262 -11.53 -40.67 6.59
C ARG D 262 -11.71 -41.88 5.71
N GLN D 263 -12.13 -41.67 4.48
CA GLN D 263 -12.46 -42.77 3.59
C GLN D 263 -11.30 -43.75 3.52
N GLY D 264 -11.61 -45.03 3.58
CA GLY D 264 -10.61 -46.06 3.47
C GLY D 264 -9.98 -46.50 4.77
N GLN D 265 -9.70 -45.59 5.69
CA GLN D 265 -9.10 -45.95 6.97
C GLN D 265 -9.98 -46.96 7.67
N ALA D 266 -9.36 -47.83 8.48
CA ALA D 266 -10.08 -48.88 9.17
C ALA D 266 -9.73 -48.95 10.64
N ARG D 267 -8.92 -48.03 11.14
CA ARG D 267 -8.58 -47.99 12.55
C ARG D 267 -8.65 -46.55 13.02
N ILE D 268 -8.81 -46.36 14.32
CA ILE D 268 -8.92 -45.04 14.92
C ILE D 268 -7.82 -44.88 15.96
N PHE D 269 -7.22 -43.70 16.00
CA PHE D 269 -6.07 -43.44 16.85
C PHE D 269 -6.50 -42.90 18.19
N VAL D 270 -6.51 -43.74 19.21
CA VAL D 270 -6.93 -43.36 20.55
C VAL D 270 -5.71 -43.21 21.43
N GLN D 271 -5.59 -42.05 22.06
CA GLN D 271 -4.54 -41.76 23.02
C GLN D 271 -5.04 -42.18 24.38
N TRP D 272 -4.17 -42.30 25.36
CA TRP D 272 -4.59 -42.50 26.73
C TRP D 272 -3.90 -41.47 27.61
N SER D 273 -4.54 -41.10 28.72
CA SER D 273 -4.03 -40.02 29.54
C SER D 273 -3.61 -40.43 30.92
N ARG D 274 -4.45 -41.12 31.68
CA ARG D 274 -4.11 -41.34 33.08
C ARG D 274 -4.38 -42.78 33.45
N ILE D 275 -3.68 -43.24 34.48
CA ILE D 275 -3.88 -44.58 35.03
C ILE D 275 -3.96 -44.45 36.54
N GLU D 276 -4.90 -45.19 37.13
CA GLU D 276 -5.14 -45.15 38.57
C GLU D 276 -4.98 -46.55 39.12
N THR D 277 -4.03 -46.71 40.01
CA THR D 277 -3.89 -47.97 40.70
C THR D 277 -5.03 -48.14 41.71
N PRO D 278 -5.27 -49.38 42.17
CA PRO D 278 -6.19 -49.55 43.28
C PRO D 278 -5.78 -48.80 44.53
N SER D 279 -4.48 -48.71 44.81
CA SER D 279 -4.01 -48.09 46.03
C SER D 279 -3.71 -46.61 45.87
N GLY D 280 -4.18 -45.99 44.79
CA GLY D 280 -4.16 -44.54 44.68
C GLY D 280 -2.98 -43.94 43.98
N VAL D 281 -2.17 -44.73 43.30
CA VAL D 281 -1.06 -44.16 42.54
C VAL D 281 -1.58 -43.69 41.19
N VAL D 282 -1.32 -42.43 40.87
CA VAL D 282 -1.72 -41.84 39.60
C VAL D 282 -0.49 -41.35 38.88
N ILE D 283 -0.30 -41.81 37.65
CA ILE D 283 0.76 -41.30 36.78
C ILE D 283 0.19 -41.18 35.38
N ASN D 284 0.46 -40.05 34.74
CA ASN D 284 -0.25 -39.72 33.50
C ASN D 284 0.61 -40.04 32.28
N LEU D 285 0.66 -41.32 31.94
CA LEU D 285 1.30 -41.77 30.71
C LEU D 285 0.48 -41.27 29.54
N ASP D 286 1.15 -40.90 28.45
CA ASP D 286 0.46 -40.42 27.26
C ASP D 286 0.94 -41.25 26.08
N SER D 287 0.32 -42.40 25.89
CA SER D 287 0.84 -43.35 24.93
C SER D 287 -0.27 -43.88 24.04
N PRO D 288 -0.06 -43.93 22.74
CA PRO D 288 -1.10 -44.39 21.83
C PRO D 288 -1.50 -45.82 22.13
N GLY D 289 -2.76 -46.13 21.84
CA GLY D 289 -3.30 -47.44 22.11
C GLY D 289 -3.22 -48.33 20.88
N THR D 290 -3.20 -49.63 21.12
CA THR D 290 -2.92 -50.59 20.07
C THR D 290 -3.87 -51.78 20.20
N GLY D 291 -4.12 -52.43 19.06
CA GLY D 291 -4.92 -53.63 19.05
C GLY D 291 -4.25 -54.76 19.78
N PRO D 292 -4.84 -55.95 19.67
CA PRO D 292 -4.32 -57.09 20.43
C PRO D 292 -2.89 -57.45 20.09
N LEU D 293 -2.43 -57.07 18.90
CA LEU D 293 -1.07 -57.37 18.48
C LEU D 293 -0.25 -56.12 18.21
N GLY D 294 -0.54 -55.03 18.91
CA GLY D 294 0.33 -53.88 18.89
C GLY D 294 0.19 -52.96 17.70
N GLU D 295 -0.68 -53.27 16.75
CA GLU D 295 -0.85 -52.39 15.61
C GLU D 295 -1.42 -51.06 16.08
N ALA D 296 -1.06 -49.99 15.38
CA ALA D 296 -1.38 -48.67 15.86
C ALA D 296 -2.87 -48.38 15.72
N GLY D 297 -3.50 -48.01 16.83
CA GLY D 297 -4.88 -47.59 16.83
C GLY D 297 -5.86 -48.74 16.75
N LEU D 298 -6.96 -48.59 17.49
CA LEU D 298 -7.99 -49.61 17.55
C LEU D 298 -8.83 -49.63 16.29
N GLY D 299 -9.39 -50.79 16.00
CA GLY D 299 -10.35 -50.94 14.92
C GLY D 299 -11.10 -52.24 15.05
N GLY D 300 -12.24 -52.30 14.40
CA GLY D 300 -13.09 -53.49 14.41
C GLY D 300 -14.01 -53.49 13.22
N TRP D 301 -15.24 -53.93 13.43
CA TRP D 301 -16.24 -53.89 12.37
C TRP D 301 -16.46 -52.45 11.94
N ILE D 302 -16.73 -52.25 10.66
CA ILE D 302 -16.87 -50.93 10.08
C ILE D 302 -18.19 -50.86 9.34
N ASP D 303 -18.85 -49.70 9.42
CA ASP D 303 -19.93 -49.36 8.52
C ASP D 303 -19.34 -48.44 7.47
N ARG D 304 -19.69 -48.67 6.22
CA ARG D 304 -19.23 -47.83 5.14
C ARG D 304 -20.30 -46.87 4.65
N HIS D 305 -21.50 -46.95 5.23
CA HIS D 305 -22.63 -46.13 4.80
C HIS D 305 -22.81 -46.21 3.28
N PHE D 306 -23.09 -47.42 2.80
CA PHE D 306 -23.29 -47.60 1.37
C PHE D 306 -24.59 -46.95 0.93
N TRP D 307 -25.71 -47.40 1.49
CA TRP D 307 -27.01 -46.90 1.06
C TRP D 307 -27.10 -45.40 1.27
N GLU D 308 -26.69 -44.92 2.44
CA GLU D 308 -26.82 -43.50 2.74
C GLU D 308 -26.00 -42.64 1.80
N ARG D 309 -25.07 -43.25 1.05
CA ARG D 309 -24.26 -42.52 0.10
C ARG D 309 -24.75 -42.63 -1.33
N PHE D 310 -25.18 -43.81 -1.77
CA PHE D 310 -25.52 -44.01 -3.17
C PHE D 310 -27.01 -44.09 -3.46
N GLY D 311 -27.86 -44.19 -2.44
CA GLY D 311 -29.28 -44.36 -2.68
C GLY D 311 -29.89 -43.20 -3.43
N GLY D 312 -29.42 -41.99 -3.15
CA GLY D 312 -29.92 -40.84 -3.89
C GLY D 312 -29.77 -41.01 -5.38
N ALA D 313 -28.54 -41.25 -5.83
CA ALA D 313 -28.29 -41.39 -7.25
C ALA D 313 -29.04 -42.59 -7.81
N ILE D 314 -29.03 -43.71 -7.09
CA ILE D 314 -29.69 -44.91 -7.61
C ILE D 314 -31.17 -44.65 -7.84
N MET D 315 -31.85 -44.12 -6.82
CA MET D 315 -33.28 -43.87 -6.93
C MET D 315 -33.58 -42.86 -8.02
N ILE D 316 -32.83 -41.77 -8.09
CA ILE D 316 -33.13 -40.75 -9.09
C ILE D 316 -32.96 -41.33 -10.50
N SER D 317 -31.86 -42.06 -10.73
CA SER D 317 -31.64 -42.61 -12.06
C SER D 317 -32.71 -43.63 -12.44
N LEU D 318 -33.04 -44.53 -11.51
CA LEU D 318 -34.06 -45.53 -11.82
C LEU D 318 -35.40 -44.88 -12.08
N ILE D 319 -35.78 -43.89 -11.28
CA ILE D 319 -37.07 -43.23 -11.47
C ILE D 319 -37.10 -42.51 -12.81
N GLY D 320 -36.01 -41.82 -13.18
CA GLY D 320 -35.96 -41.18 -14.48
C GLY D 320 -36.15 -42.17 -15.62
N ASP D 321 -35.44 -43.30 -15.56
CA ASP D 321 -35.57 -44.30 -16.63
C ASP D 321 -36.97 -44.90 -16.65
N LEU D 322 -37.54 -45.18 -15.48
CA LEU D 322 -38.89 -45.72 -15.43
C LEU D 322 -39.88 -44.75 -16.04
N GLY D 323 -39.77 -43.46 -15.71
CA GLY D 323 -40.66 -42.49 -16.28
C GLY D 323 -40.52 -42.37 -17.77
N ASP D 324 -39.28 -42.40 -18.27
CA ASP D 324 -39.09 -42.32 -19.71
C ASP D 324 -39.68 -43.52 -20.41
N TRP D 325 -39.53 -44.71 -19.83
CA TRP D 325 -40.13 -45.91 -20.39
C TRP D 325 -41.65 -45.80 -20.42
N ALA D 326 -42.24 -45.29 -19.33
CA ALA D 326 -43.69 -45.12 -19.29
C ALA D 326 -44.16 -44.16 -20.36
N SER D 327 -43.42 -43.06 -20.56
CA SER D 327 -43.76 -42.13 -21.63
C SER D 327 -43.66 -42.80 -22.99
N ARG D 328 -42.63 -43.60 -23.20
CA ARG D 328 -42.48 -44.31 -24.46
C ARG D 328 -43.62 -45.30 -24.69
N GLN D 329 -44.21 -45.80 -23.62
CA GLN D 329 -45.25 -46.82 -23.76
C GLN D 329 -46.60 -46.23 -24.25
N GLY D 330 -46.64 -44.98 -24.71
CA GLY D 330 -47.92 -44.38 -25.07
C GLY D 330 -48.62 -45.11 -26.19
N SER D 331 -47.91 -45.41 -27.27
CA SER D 331 -48.51 -46.06 -28.43
C SER D 331 -47.80 -47.37 -28.75
N SER D 349 -27.00 -33.01 -14.50
CA SER D 349 -27.87 -34.17 -14.35
C SER D 349 -28.22 -34.45 -12.89
N ALA D 350 -29.43 -34.93 -12.67
CA ALA D 350 -29.94 -35.08 -11.32
C ALA D 350 -29.13 -36.11 -10.52
N ALA D 351 -28.83 -37.25 -11.15
CA ALA D 351 -28.09 -38.28 -10.42
C ALA D 351 -26.72 -37.77 -9.99
N ALA D 352 -26.02 -37.09 -10.89
CA ALA D 352 -24.72 -36.53 -10.54
C ALA D 352 -24.86 -35.50 -9.44
N GLU D 353 -25.89 -34.66 -9.51
CA GLU D 353 -26.05 -33.63 -8.50
C GLU D 353 -26.30 -34.23 -7.13
N ALA D 354 -27.09 -35.30 -7.06
CA ALA D 354 -27.32 -35.98 -5.79
C ALA D 354 -26.05 -36.64 -5.28
N LEU D 355 -25.31 -37.30 -6.16
CA LEU D 355 -24.15 -38.07 -5.72
C LEU D 355 -23.04 -37.15 -5.24
N ARG D 356 -22.89 -35.99 -5.89
CA ARG D 356 -21.88 -35.03 -5.45
C ARG D 356 -22.09 -34.62 -4.01
N ASN D 357 -23.34 -34.49 -3.57
CA ASN D 357 -23.63 -34.07 -2.21
C ASN D 357 -23.65 -35.23 -1.23
N SER D 358 -23.96 -36.43 -1.69
CA SER D 358 -24.14 -37.56 -0.79
C SER D 358 -22.99 -38.55 -0.81
N ILE D 359 -21.87 -38.22 -1.48
CA ILE D 359 -20.82 -39.22 -1.60
C ILE D 359 -19.80 -39.11 -0.47
N ASN D 360 -19.62 -37.93 0.11
CA ASN D 360 -18.58 -37.72 1.11
C ASN D 360 -19.16 -37.86 2.50
N ILE D 361 -19.19 -39.09 2.99
CA ILE D 361 -19.56 -39.41 4.35
C ILE D 361 -18.47 -40.28 4.95
N PRO D 362 -17.67 -39.78 5.89
CA PRO D 362 -16.64 -40.60 6.48
C PRO D 362 -17.26 -41.81 7.15
N PRO D 363 -16.63 -42.98 7.03
CA PRO D 363 -17.21 -44.18 7.63
C PRO D 363 -17.22 -44.12 9.14
N THR D 364 -17.72 -45.18 9.74
CA THR D 364 -17.98 -45.26 11.16
C THR D 364 -17.47 -46.59 11.69
N LEU D 365 -16.87 -46.56 12.87
CA LEU D 365 -16.35 -47.77 13.50
C LEU D 365 -17.29 -48.24 14.58
N TYR D 366 -17.28 -49.54 14.84
CA TYR D 366 -18.00 -50.14 15.96
C TYR D 366 -17.13 -51.23 16.55
N LYS D 367 -16.61 -51.00 17.74
CA LYS D 367 -15.81 -52.00 18.42
C LYS D 367 -16.59 -52.50 19.62
N ASN D 368 -17.12 -53.71 19.51
CA ASN D 368 -17.88 -54.27 20.61
C ASN D 368 -17.05 -54.32 21.87
N GLN D 369 -17.67 -53.95 22.99
CA GLN D 369 -16.99 -53.95 24.28
C GLN D 369 -16.48 -55.35 24.62
N GLY D 370 -15.60 -55.40 25.61
CA GLY D 370 -15.03 -56.66 26.05
C GLY D 370 -13.80 -57.10 25.30
N GLU D 371 -13.39 -56.38 24.28
CA GLU D 371 -12.20 -56.73 23.51
C GLU D 371 -10.94 -56.57 24.34
N ARG D 372 -9.83 -56.98 23.76
CA ARG D 372 -8.52 -56.73 24.35
C ARG D 372 -7.80 -55.65 23.56
N VAL D 373 -7.10 -54.77 24.28
CA VAL D 373 -6.27 -53.76 23.63
C VAL D 373 -4.97 -53.63 24.42
N ASN D 374 -3.98 -53.04 23.77
CA ASN D 374 -2.67 -52.88 24.37
C ASN D 374 -2.24 -51.43 24.29
N ILE D 375 -1.76 -50.91 25.41
CA ILE D 375 -1.20 -49.58 25.49
C ILE D 375 0.31 -49.69 25.47
N LEU D 376 0.92 -49.03 24.51
CA LEU D 376 2.36 -49.09 24.30
C LEU D 376 2.99 -47.85 24.93
N VAL D 377 3.54 -48.01 26.14
CA VAL D 377 4.01 -46.87 26.91
C VAL D 377 5.02 -46.10 26.08
N ALA D 378 4.83 -44.79 25.98
CA ALA D 378 5.65 -43.98 25.10
C ALA D 378 6.50 -42.96 25.83
N ARG D 379 6.63 -43.06 27.15
CA ARG D 379 7.48 -42.14 27.89
C ARG D 379 7.85 -42.80 29.21
N ASP D 380 8.99 -42.41 29.76
CA ASP D 380 9.46 -43.00 31.00
C ASP D 380 8.50 -42.67 32.13
N LEU D 381 8.11 -43.70 32.88
CA LEU D 381 7.25 -43.56 34.04
C LEU D 381 8.08 -43.80 35.29
N ASP D 382 8.34 -42.74 36.05
CA ASP D 382 9.16 -42.82 37.24
C ASP D 382 8.27 -43.13 38.43
N PHE D 383 8.69 -44.07 39.26
CA PHE D 383 7.99 -44.40 40.49
C PHE D 383 8.89 -44.36 41.71
N SER D 384 9.92 -43.51 41.69
CA SER D 384 10.73 -43.35 42.88
C SER D 384 9.97 -42.61 43.97
N ASP D 385 9.02 -41.76 43.57
CA ASP D 385 8.38 -40.84 44.50
C ASP D 385 7.16 -41.42 45.21
N VAL D 386 6.76 -42.65 44.88
CA VAL D 386 5.57 -43.23 45.49
C VAL D 386 5.81 -44.62 46.05
N TYR D 387 6.94 -45.25 45.78
CA TYR D 387 7.19 -46.61 46.23
C TYR D 387 8.59 -46.73 46.80
N SER D 388 8.75 -47.69 47.71
CA SER D 388 10.06 -48.07 48.18
C SER D 388 9.99 -49.53 48.62
N LEU D 389 11.16 -50.17 48.68
CA LEU D 389 11.24 -51.59 48.97
C LEU D 389 11.75 -51.80 50.39
N GLU D 390 11.65 -53.05 50.85
CA GLU D 390 12.24 -53.44 52.12
C GLU D 390 12.20 -54.97 52.23
N SER D 391 12.99 -55.51 53.15
CA SER D 391 13.18 -56.95 53.25
C SER D 391 12.29 -57.54 54.35
N ILE D 392 11.62 -58.63 54.01
CA ILE D 392 10.76 -59.34 54.95
C ILE D 392 11.61 -60.28 55.79
N PRO D 393 11.67 -60.09 57.10
CA PRO D 393 12.36 -61.07 57.96
C PRO D 393 11.69 -62.44 57.86
N THR D 394 12.52 -63.48 57.93
CA THR D 394 12.02 -64.84 57.83
C THR D 394 11.53 -65.34 59.19
N LYS D 395 10.81 -66.46 59.16
CA LYS D 395 10.28 -67.09 60.36
C LYS D 395 9.43 -66.14 61.19
N LEU E 21 -8.55 -5.82 82.39
CA LEU E 21 -7.22 -6.16 81.89
C LEU E 21 -7.01 -7.68 81.86
N ASP E 22 -6.42 -8.17 80.78
CA ASP E 22 -6.07 -9.57 80.70
C ASP E 22 -4.56 -9.73 80.81
N VAL E 23 -4.09 -10.27 81.93
CA VAL E 23 -2.67 -10.40 82.22
C VAL E 23 -2.28 -11.85 81.93
N PRO E 24 -1.35 -12.09 80.99
CA PRO E 24 -1.05 -13.47 80.59
C PRO E 24 -0.34 -14.25 81.68
N SER E 25 -0.16 -15.54 81.43
CA SER E 25 0.56 -16.44 82.32
C SER E 25 1.85 -16.87 81.65
N SER E 26 2.95 -16.83 82.40
CA SER E 26 4.24 -17.26 81.88
C SER E 26 4.27 -18.77 81.71
N SER E 27 5.04 -19.22 80.73
CA SER E 27 5.26 -20.64 80.56
C SER E 27 6.03 -21.19 81.76
N ARG E 28 5.72 -22.41 82.15
CA ARG E 28 6.49 -23.05 83.20
C ARG E 28 7.95 -23.22 82.79
N TYR E 29 8.19 -23.33 81.49
CA TYR E 29 9.55 -23.43 80.96
C TYR E 29 10.31 -22.12 81.14
N ASP E 30 9.69 -21.01 80.75
CA ASP E 30 10.30 -19.68 80.83
C ASP E 30 9.24 -18.62 81.06
N HIS E 31 9.64 -17.55 81.75
CA HIS E 31 8.79 -16.40 81.99
C HIS E 31 8.67 -15.48 80.77
N ARG E 32 9.62 -15.54 79.85
CA ARG E 32 9.63 -14.66 78.68
C ARG E 32 8.56 -15.02 77.66
N ILE E 33 7.95 -16.21 77.77
CA ILE E 33 6.89 -16.64 76.89
C ILE E 33 5.61 -16.73 77.72
N ARG E 34 4.58 -16.02 77.28
CA ARG E 34 3.34 -15.93 78.05
C ARG E 34 2.14 -16.19 77.16
N TYR E 35 1.12 -16.80 77.76
CA TYR E 35 -0.11 -17.16 77.08
C TYR E 35 -1.31 -16.53 77.79
N VAL E 36 -2.27 -16.06 77.01
CA VAL E 36 -3.55 -15.60 77.54
C VAL E 36 -4.63 -15.88 76.50
N THR E 37 -5.78 -16.34 76.98
CA THR E 37 -6.87 -16.73 76.10
C THR E 37 -7.58 -15.49 75.60
N TYR E 38 -7.69 -15.36 74.28
CA TYR E 38 -8.25 -14.16 73.68
C TYR E 38 -9.68 -13.94 74.15
N ASN E 39 -9.97 -12.71 74.56
CA ASN E 39 -11.33 -12.30 74.92
C ASN E 39 -11.57 -10.94 74.28
N PRO E 40 -12.54 -10.82 73.37
CA PRO E 40 -12.77 -9.53 72.72
C PRO E 40 -13.11 -8.40 73.68
N ALA E 41 -13.65 -8.72 74.86
CA ALA E 41 -14.17 -7.72 75.78
C ALA E 41 -13.19 -7.38 76.89
N ASP E 42 -11.89 -7.36 76.58
CA ASP E 42 -10.90 -7.01 77.57
C ASP E 42 -9.62 -6.57 76.86
N VAL E 43 -8.75 -5.89 77.60
CA VAL E 43 -7.47 -5.43 77.09
C VAL E 43 -6.38 -6.37 77.58
N VAL E 44 -5.25 -6.35 76.89
CA VAL E 44 -4.12 -7.23 77.18
C VAL E 44 -3.02 -6.40 77.82
N GLN E 45 -2.74 -6.69 79.09
CA GLN E 45 -1.67 -6.00 79.82
C GLN E 45 -0.33 -6.55 79.36
N VAL E 46 0.34 -5.80 78.51
CA VAL E 46 1.64 -6.18 77.96
C VAL E 46 2.71 -5.29 78.58
N ASP E 47 3.69 -5.92 79.22
CA ASP E 47 4.76 -5.23 79.94
C ASP E 47 6.05 -5.41 79.15
N THR E 48 6.33 -4.47 78.24
CA THR E 48 7.57 -4.51 77.47
C THR E 48 8.68 -3.88 78.29
N VAL E 49 9.92 -4.24 77.96
CA VAL E 49 11.07 -3.64 78.59
C VAL E 49 12.00 -3.09 77.52
N LEU E 50 13.09 -2.48 77.94
CA LEU E 50 14.04 -1.89 77.00
C LEU E 50 14.89 -2.97 76.36
N GLY E 51 15.16 -2.81 75.06
CA GLY E 51 16.13 -3.64 74.39
C GLY E 51 15.74 -5.08 74.19
N VAL E 52 14.45 -5.41 74.14
CA VAL E 52 14.02 -6.77 73.86
C VAL E 52 12.98 -6.74 72.76
N ALA E 53 12.75 -7.91 72.17
CA ALA E 53 11.85 -8.07 71.03
C ALA E 53 10.55 -8.72 71.47
N THR E 54 9.44 -8.24 70.91
CA THR E 54 8.12 -8.79 71.20
C THR E 54 7.51 -9.34 69.92
N HIS E 55 7.08 -10.60 69.99
CA HIS E 55 6.46 -11.27 68.84
C HIS E 55 4.98 -11.49 69.12
N ILE E 56 4.13 -11.05 68.20
CA ILE E 56 2.69 -11.24 68.29
C ILE E 56 2.27 -12.09 67.11
N MET E 57 1.56 -13.18 67.38
CA MET E 57 1.10 -14.10 66.35
C MET E 57 -0.41 -14.01 66.25
N LEU E 58 -0.90 -13.77 65.03
CA LEU E 58 -2.32 -13.78 64.77
C LEU E 58 -2.80 -15.22 64.58
N GLU E 59 -4.11 -15.40 64.55
CA GLU E 59 -4.68 -16.66 64.10
C GLU E 59 -4.31 -16.88 62.62
N GLU E 60 -4.12 -18.14 62.26
CA GLU E 60 -3.67 -18.49 60.92
C GLU E 60 -4.57 -17.87 59.86
N GLY E 61 -3.95 -17.28 58.84
CA GLY E 61 -4.70 -16.66 57.77
C GLY E 61 -5.38 -15.36 58.11
N GLU E 62 -4.95 -14.68 59.17
CA GLU E 62 -5.57 -13.41 59.57
C GLU E 62 -5.06 -12.28 58.70
N GLN E 63 -5.95 -11.73 57.88
CA GLN E 63 -5.61 -10.62 57.00
C GLN E 63 -5.57 -9.35 57.83
N TYR E 64 -4.42 -8.69 57.85
CA TYR E 64 -4.26 -7.44 58.58
C TYR E 64 -5.09 -6.34 57.91
N LEU E 65 -5.89 -5.63 58.70
CA LEU E 65 -6.57 -4.46 58.17
C LEU E 65 -5.80 -3.18 58.48
N THR E 66 -5.71 -2.82 59.76
CA THR E 66 -5.02 -1.62 60.21
C THR E 66 -4.60 -1.82 61.66
N HIS E 67 -3.75 -0.90 62.12
CA HIS E 67 -3.36 -0.81 63.51
C HIS E 67 -3.30 0.66 63.88
N ALA E 68 -3.04 0.93 65.16
CA ALA E 68 -2.96 2.31 65.63
C ALA E 68 -2.12 2.34 66.89
N PHE E 69 -1.45 3.46 67.12
CA PHE E 69 -0.60 3.61 68.29
C PHE E 69 -1.02 4.82 69.11
N GLY E 70 -0.86 4.69 70.42
CA GLY E 70 -0.88 5.88 71.26
C GLY E 70 0.31 6.77 71.00
N ASP E 71 1.35 6.23 70.36
CA ASP E 71 2.51 6.98 69.91
C ASP E 71 3.08 6.30 68.68
N SER E 72 3.03 6.98 67.53
CA SER E 72 3.63 6.42 66.32
C SER E 72 5.14 6.30 66.44
N GLU E 73 5.75 7.05 67.33
CA GLU E 73 7.19 7.19 67.43
C GLU E 73 7.79 6.47 68.63
N ALA E 74 6.99 6.20 69.67
CA ALA E 74 7.54 5.57 70.86
C ALA E 74 7.96 4.14 70.60
N TYR E 75 7.22 3.41 69.77
CA TYR E 75 7.53 2.04 69.44
C TYR E 75 7.76 1.92 67.94
N ALA E 76 8.18 0.74 67.51
CA ALA E 76 8.41 0.45 66.10
C ALA E 76 7.63 -0.80 65.72
N PHE E 77 7.06 -0.79 64.52
CA PHE E 77 6.04 -1.76 64.12
C PHE E 77 6.54 -2.52 62.89
N ALA E 78 6.52 -3.85 62.96
CA ALA E 78 6.94 -4.70 61.86
C ALA E 78 5.96 -5.85 61.70
N ARG E 79 5.43 -6.01 60.50
CA ARG E 79 4.48 -7.08 60.21
C ARG E 79 4.88 -7.83 58.96
N LYS E 80 4.95 -9.15 59.07
CA LYS E 80 5.03 -10.05 57.92
C LYS E 80 3.84 -11.00 58.04
N GLY E 81 2.74 -10.65 57.37
CA GLY E 81 1.54 -11.46 57.44
C GLY E 81 0.91 -11.41 58.81
N ARG E 82 1.00 -12.52 59.54
CA ARG E 82 0.40 -12.63 60.87
C ARG E 82 1.42 -12.59 61.99
N HIS E 83 2.63 -12.11 61.71
CA HIS E 83 3.66 -11.92 62.73
C HIS E 83 3.86 -10.44 62.97
N ILE E 84 3.69 -10.00 64.22
CA ILE E 84 3.76 -8.59 64.58
C ILE E 84 4.93 -8.40 65.51
N PHE E 85 5.64 -7.29 65.36
CA PHE E 85 6.89 -7.04 66.06
C PHE E 85 6.94 -5.61 66.59
N ILE E 86 7.02 -5.48 67.92
CA ILE E 86 6.98 -4.18 68.58
C ILE E 86 8.11 -4.07 69.59
N LYS E 87 8.93 -3.03 69.41
CA LYS E 87 10.03 -2.69 70.30
C LYS E 87 9.96 -1.23 70.74
N PRO E 88 10.36 -0.92 71.97
CA PRO E 88 10.49 0.49 72.36
C PRO E 88 11.60 1.16 71.57
N GLN E 89 11.39 2.42 71.23
CA GLN E 89 12.42 3.25 70.60
C GLN E 89 12.44 4.66 71.15
N ALA E 90 11.78 4.88 72.28
CA ALA E 90 11.87 6.12 73.03
C ALA E 90 11.50 5.83 74.48
N GLU E 91 11.97 6.69 75.38
CA GLU E 91 11.68 6.49 76.78
C GLU E 91 10.27 6.94 77.10
N LEU E 92 9.72 6.38 78.18
CA LEU E 92 8.34 6.66 78.61
C LEU E 92 7.35 6.32 77.50
N ALA E 93 7.50 5.11 76.97
CA ALA E 93 6.64 4.62 75.90
C ALA E 93 5.55 3.76 76.52
N ASN E 94 4.58 4.43 77.13
CA ASN E 94 3.43 3.77 77.75
C ASN E 94 2.19 4.18 76.98
N THR E 95 1.87 3.42 75.93
CA THR E 95 0.75 3.74 75.06
C THR E 95 -0.03 2.47 74.80
N ASN E 96 -0.95 2.53 73.85
CA ASN E 96 -1.85 1.43 73.57
C ASN E 96 -1.77 1.04 72.10
N LEU E 97 -1.92 -0.24 71.83
CA LEU E 97 -1.90 -0.77 70.48
C LEU E 97 -3.26 -1.35 70.16
N ILE E 98 -3.84 -0.94 69.04
CA ILE E 98 -5.12 -1.46 68.57
C ILE E 98 -4.89 -1.92 67.14
N VAL E 99 -4.58 -3.21 66.97
CA VAL E 99 -4.49 -3.82 65.66
C VAL E 99 -5.81 -4.54 65.38
N VAL E 100 -6.53 -4.08 64.36
CA VAL E 100 -7.78 -4.69 63.95
C VAL E 100 -7.54 -5.44 62.65
N THR E 101 -8.06 -6.65 62.57
CA THR E 101 -7.94 -7.48 61.39
C THR E 101 -9.34 -7.87 60.93
N ASP E 102 -9.38 -8.72 59.91
CA ASP E 102 -10.66 -9.19 59.39
C ASP E 102 -11.43 -9.97 60.45
N ARG E 103 -10.72 -10.78 61.23
CA ARG E 103 -11.41 -11.73 62.11
C ARG E 103 -11.73 -11.16 63.48
N ARG E 104 -10.90 -10.25 64.01
CA ARG E 104 -11.12 -9.75 65.35
C ARG E 104 -10.33 -8.46 65.57
N SER E 105 -10.28 -8.04 66.83
CA SER E 105 -9.59 -6.82 67.25
C SER E 105 -8.75 -7.12 68.48
N TYR E 106 -7.64 -6.42 68.63
CA TYR E 106 -6.71 -6.63 69.73
C TYR E 106 -6.42 -5.31 70.44
N LYS E 107 -6.33 -5.38 71.76
CA LYS E 107 -6.06 -4.21 72.59
C LYS E 107 -4.92 -4.52 73.55
N PHE E 108 -3.79 -3.88 73.33
CA PHE E 108 -2.61 -4.06 74.17
C PHE E 108 -2.30 -2.76 74.91
N ARG E 109 -2.02 -2.90 76.21
CA ARG E 109 -1.65 -1.76 77.04
C ARG E 109 -0.13 -1.82 77.21
N LEU E 110 0.58 -1.21 76.26
CA LEU E 110 2.04 -1.27 76.23
C LEU E 110 2.60 -0.45 77.39
N GLN E 111 2.98 -1.12 78.47
CA GLN E 111 3.53 -0.46 79.65
C GLN E 111 4.99 -0.86 79.78
N MET E 112 5.87 0.13 79.78
CA MET E 112 7.31 -0.14 79.74
C MET E 112 7.83 -0.34 81.16
N ARG E 113 8.61 -1.40 81.35
CA ARG E 113 9.17 -1.75 82.65
C ARG E 113 10.63 -1.33 82.72
N ASN E 114 10.95 -0.46 83.67
CA ASN E 114 12.21 0.27 83.67
C ASN E 114 13.37 -0.51 84.27
N ASP E 115 13.12 -1.63 84.94
CA ASP E 115 14.18 -2.36 85.63
C ASP E 115 14.87 -3.39 84.75
N ARG E 116 14.54 -3.46 83.46
CA ARG E 116 15.12 -4.45 82.55
C ARG E 116 14.88 -5.87 83.07
N ASN E 117 13.66 -6.14 83.50
CA ASN E 117 13.28 -7.45 84.02
C ASN E 117 11.84 -7.74 83.66
N GLY E 118 11.48 -9.03 83.74
CA GLY E 118 10.16 -9.47 83.35
C GLY E 118 9.91 -9.30 81.87
N ALA E 119 10.95 -9.51 81.07
CA ALA E 119 10.85 -9.36 79.63
C ALA E 119 9.98 -10.47 79.04
N MET E 120 9.34 -10.14 77.92
CA MET E 120 8.50 -11.09 77.19
C MET E 120 8.99 -11.16 75.75
N TYR E 121 8.90 -12.35 75.15
CA TYR E 121 9.40 -12.55 73.80
C TYR E 121 8.28 -12.85 72.80
N GLU E 122 7.27 -13.63 73.19
CA GLU E 122 6.14 -13.92 72.31
C GLU E 122 4.85 -13.91 73.12
N LEU E 123 3.78 -13.41 72.49
CA LEU E 123 2.43 -13.59 72.98
C LEU E 123 1.60 -14.26 71.90
N ALA E 124 1.00 -15.40 72.23
CA ALA E 124 0.11 -16.12 71.32
C ALA E 124 -1.20 -16.36 72.05
N PHE E 125 -2.29 -15.88 71.48
CA PHE E 125 -3.60 -15.96 72.13
C PHE E 125 -4.22 -17.33 71.90
N ARG E 126 -5.14 -17.69 72.80
CA ARG E 126 -5.91 -18.93 72.67
C ARG E 126 -7.23 -18.60 72.00
N TYR E 127 -7.49 -19.20 70.86
CA TYR E 127 -8.80 -19.12 70.23
C TYR E 127 -9.53 -20.41 70.55
N PRO E 128 -10.33 -20.44 71.62
CA PRO E 128 -10.83 -21.73 72.12
C PRO E 128 -11.62 -22.54 71.10
N ASP E 129 -12.43 -21.88 70.28
CA ASP E 129 -13.27 -22.60 69.34
C ASP E 129 -12.44 -23.36 68.31
N THR E 130 -11.44 -22.71 67.73
CA THR E 130 -10.70 -23.33 66.64
C THR E 130 -9.91 -24.54 67.13
N GLN E 131 -9.15 -24.37 68.20
CA GLN E 131 -8.40 -25.49 68.75
C GLN E 131 -9.34 -26.59 69.23
N ALA E 132 -10.49 -26.20 69.81
CA ALA E 132 -11.46 -27.20 70.25
C ALA E 132 -11.93 -28.06 69.09
N ARG E 133 -12.29 -27.42 67.97
CA ARG E 133 -12.71 -28.20 66.80
C ARG E 133 -11.57 -29.08 66.31
N GLN E 134 -10.34 -28.56 66.28
CA GLN E 134 -9.23 -29.33 65.75
C GLN E 134 -8.93 -30.55 66.61
N THR E 135 -9.21 -30.46 67.91
CA THR E 135 -8.98 -31.60 68.80
C THR E 135 -9.90 -32.77 68.45
N ARG E 136 -11.15 -32.47 68.14
CA ARG E 136 -12.16 -33.52 67.98
C ARG E 136 -11.99 -34.27 66.67
N GLU E 137 -11.59 -33.57 65.61
CA GLU E 137 -11.54 -34.19 64.28
C GLU E 137 -10.58 -35.36 64.24
N ALA E 138 -9.44 -35.24 64.93
CA ALA E 138 -8.50 -36.35 65.01
C ALA E 138 -9.15 -37.56 65.68
N ASN E 139 -9.93 -37.32 66.74
CA ASN E 139 -10.64 -38.40 67.39
C ASN E 139 -11.59 -39.08 66.41
N ALA E 140 -12.33 -38.29 65.64
CA ALA E 140 -13.27 -38.86 64.68
C ALA E 140 -12.54 -39.71 63.64
N ARG E 141 -11.44 -39.18 63.10
CA ARG E 141 -10.69 -39.92 62.09
C ARG E 141 -10.16 -41.23 62.64
N ALA E 142 -9.60 -41.19 63.85
CA ALA E 142 -9.07 -42.41 64.46
C ALA E 142 -10.16 -43.44 64.65
N ALA E 143 -11.33 -43.01 65.15
CA ALA E 143 -12.42 -43.95 65.36
C ALA E 143 -12.90 -44.54 64.03
N VAL E 144 -13.00 -43.71 62.99
CA VAL E 144 -13.46 -44.19 61.70
C VAL E 144 -12.50 -45.24 61.15
N GLU E 145 -11.20 -44.98 61.24
CA GLU E 145 -10.22 -45.86 60.64
C GLU E 145 -10.11 -47.19 61.38
N ALA E 146 -11.00 -47.42 62.34
CA ALA E 146 -11.15 -48.73 62.96
C ALA E 146 -12.56 -49.27 62.76
N ALA E 147 -13.55 -48.38 62.70
CA ALA E 147 -14.92 -48.83 62.47
C ALA E 147 -15.05 -49.53 61.13
N PHE E 148 -14.42 -49.00 60.09
CA PHE E 148 -14.41 -49.67 58.80
C PHE E 148 -13.85 -51.07 58.91
N GLU E 149 -12.75 -51.22 59.64
CA GLU E 149 -12.09 -52.51 59.74
C GLU E 149 -12.87 -53.47 60.61
N GLN E 150 -13.79 -52.96 61.42
CA GLN E 150 -14.65 -53.84 62.22
C GLN E 150 -15.38 -54.81 61.31
N ARG E 151 -16.27 -54.30 60.47
CA ARG E 151 -16.91 -55.07 59.40
C ARG E 151 -17.43 -56.40 59.91
N VAL E 152 -18.44 -56.36 60.77
CA VAL E 152 -19.05 -57.59 61.27
C VAL E 152 -20.56 -57.49 61.07
N GLY E 153 -21.23 -58.63 61.06
CA GLY E 153 -22.68 -58.64 61.00
C GLY E 153 -23.26 -58.38 59.62
N ALA E 154 -22.81 -59.14 58.63
CA ALA E 154 -23.35 -59.07 57.28
C ALA E 154 -23.73 -60.47 56.84
N TYR E 155 -24.74 -60.58 55.98
CA TYR E 155 -25.16 -61.86 55.44
C TYR E 155 -24.47 -62.11 54.11
N TYR E 156 -23.89 -63.29 53.97
CA TYR E 156 -23.16 -63.68 52.78
C TYR E 156 -23.94 -64.73 52.00
N ASN E 157 -24.28 -64.42 50.75
CA ASN E 157 -24.89 -65.37 49.84
C ASN E 157 -23.79 -66.14 49.14
N LEU E 158 -24.09 -67.37 48.74
CA LEU E 158 -23.14 -68.18 47.97
C LEU E 158 -23.81 -68.95 46.85
N LYS E 159 -25.10 -68.74 46.62
CA LYS E 159 -25.82 -69.43 45.55
C LYS E 159 -25.56 -68.69 44.25
N TYR E 160 -24.63 -69.23 43.45
CA TYR E 160 -24.29 -68.63 42.17
C TYR E 160 -24.05 -69.70 41.13
N MET E 161 -24.75 -69.61 40.01
CA MET E 161 -24.52 -70.46 38.85
C MET E 161 -23.67 -69.71 37.83
N MET E 162 -23.00 -70.49 36.98
CA MET E 162 -22.24 -69.93 35.88
C MET E 162 -22.51 -70.76 34.63
N SER E 163 -22.36 -70.13 33.47
CA SER E 163 -22.52 -70.81 32.20
C SER E 163 -21.86 -69.99 31.11
N GLY E 164 -21.25 -70.68 30.14
CA GLY E 164 -20.59 -70.03 29.04
C GLY E 164 -19.15 -70.47 28.84
N ASP E 165 -18.25 -69.50 28.67
CA ASP E 165 -16.83 -69.78 28.47
C ASP E 165 -16.19 -69.97 29.83
N LYS E 166 -16.11 -71.22 30.29
CA LYS E 166 -15.74 -71.50 31.67
C LYS E 166 -14.28 -71.22 32.00
N ASP E 167 -13.43 -70.97 31.00
CA ASP E 167 -12.02 -70.74 31.31
C ASP E 167 -11.80 -69.51 32.15
N ILE E 168 -12.68 -68.51 32.03
CA ILE E 168 -12.51 -67.23 32.69
C ILE E 168 -13.07 -67.26 34.11
N ALA E 169 -13.77 -68.34 34.46
CA ALA E 169 -14.64 -68.40 35.62
C ALA E 169 -13.88 -68.09 36.91
N PRO E 170 -14.38 -67.13 37.68
CA PRO E 170 -13.78 -66.84 38.99
C PRO E 170 -13.91 -68.04 39.92
N VAL E 171 -12.95 -68.16 40.84
CA VAL E 171 -12.93 -69.32 41.70
C VAL E 171 -13.99 -69.25 42.79
N ASN E 172 -14.39 -68.05 43.21
CA ASN E 172 -15.42 -67.89 44.21
C ASN E 172 -16.13 -66.57 44.00
N ALA E 173 -17.45 -66.60 44.05
CA ALA E 173 -18.26 -65.40 43.87
C ALA E 173 -19.32 -65.36 44.96
N TRP E 174 -19.56 -64.18 45.51
CA TRP E 174 -20.54 -64.03 46.57
C TRP E 174 -20.92 -62.56 46.68
N ASP E 175 -21.94 -62.30 47.49
CA ASP E 175 -22.46 -60.95 47.69
C ASP E 175 -22.76 -60.73 49.17
N ASP E 176 -22.67 -59.47 49.58
CA ASP E 176 -22.92 -59.08 50.97
C ASP E 176 -24.28 -58.41 51.15
N GLY E 177 -25.03 -58.24 50.07
CA GLY E 177 -26.24 -57.47 50.08
C GLY E 177 -26.09 -56.07 49.54
N ARG E 178 -24.87 -55.54 49.53
CA ARG E 178 -24.58 -54.24 48.97
C ARG E 178 -23.56 -54.32 47.85
N PHE E 179 -22.55 -55.17 48.01
CA PHE E 179 -21.49 -55.36 47.03
C PHE E 179 -21.42 -56.82 46.64
N THR E 180 -21.15 -57.06 45.36
CA THR E 180 -20.99 -58.42 44.86
C THR E 180 -19.53 -58.63 44.52
N TYR E 181 -18.95 -59.71 45.04
CA TYR E 181 -17.53 -59.97 44.92
C TYR E 181 -17.27 -61.09 43.93
N PHE E 182 -16.22 -60.93 43.14
CA PHE E 182 -15.68 -62.00 42.30
C PHE E 182 -14.21 -62.18 42.63
N LYS E 183 -13.80 -63.42 42.83
CA LYS E 183 -12.41 -63.75 43.12
C LYS E 183 -11.84 -64.56 41.98
N PHE E 184 -10.79 -64.03 41.35
CA PHE E 184 -10.08 -64.74 40.30
C PHE E 184 -8.75 -65.25 40.85
N SER E 185 -8.31 -66.38 40.30
CA SER E 185 -7.04 -66.94 40.72
C SER E 185 -5.90 -66.03 40.27
N ALA E 186 -4.71 -66.30 40.79
CA ALA E 186 -3.57 -65.44 40.50
C ALA E 186 -3.12 -65.56 39.05
N ASN E 187 -3.49 -66.66 38.39
CA ASN E 187 -2.99 -66.97 37.06
C ASN E 187 -3.89 -66.45 35.93
N ALA E 188 -4.96 -65.74 36.25
CA ALA E 188 -5.95 -65.38 35.24
C ALA E 188 -6.02 -63.87 35.07
N ASP E 189 -6.37 -63.45 33.86
CA ASP E 189 -6.60 -62.04 33.59
C ASP E 189 -7.83 -61.55 34.34
N LEU E 190 -7.84 -60.27 34.65
CA LEU E 190 -9.01 -59.66 35.28
C LEU E 190 -9.96 -59.17 34.20
N PRO E 191 -11.02 -59.88 33.90
CA PRO E 191 -11.86 -59.52 32.76
C PRO E 191 -12.70 -58.28 33.05
N SER E 192 -13.57 -57.94 32.12
CA SER E 192 -14.52 -56.86 32.32
C SER E 192 -15.88 -57.45 32.69
N ILE E 193 -16.52 -56.86 33.70
CA ILE E 193 -17.74 -57.38 34.29
C ILE E 193 -18.87 -56.42 33.98
N TYR E 194 -19.99 -56.96 33.51
CA TYR E 194 -21.07 -56.13 32.99
C TYR E 194 -22.39 -56.44 33.68
N PHE E 195 -23.19 -55.40 33.86
CA PHE E 195 -24.49 -55.50 34.48
C PHE E 195 -25.54 -55.73 33.40
N VAL E 196 -26.47 -56.65 33.66
CA VAL E 196 -27.49 -57.02 32.70
C VAL E 196 -28.84 -56.55 33.21
N ASP E 197 -29.66 -56.03 32.30
CA ASP E 197 -31.03 -55.69 32.62
C ASP E 197 -31.94 -56.88 32.34
N ALA E 198 -33.26 -56.66 32.34
CA ALA E 198 -34.18 -57.78 32.17
C ALA E 198 -34.15 -58.33 30.76
N GLU E 199 -34.22 -57.46 29.76
CA GLU E 199 -34.33 -57.91 28.38
C GLU E 199 -33.04 -58.53 27.84
N GLY E 200 -31.94 -58.43 28.59
CA GLY E 200 -30.67 -58.95 28.14
C GLY E 200 -29.68 -57.91 27.67
N ASN E 201 -30.05 -56.62 27.69
CA ASN E 201 -29.10 -55.57 27.36
C ASN E 201 -28.01 -55.52 28.41
N GLU E 202 -26.79 -55.23 27.96
CA GLU E 202 -25.66 -55.14 28.87
C GLU E 202 -25.34 -53.68 29.15
N SER E 203 -25.00 -53.39 30.39
CA SER E 203 -24.72 -52.02 30.80
C SER E 203 -23.59 -52.00 31.81
N LEU E 204 -22.91 -50.87 31.88
CA LEU E 204 -21.74 -50.75 32.74
C LEU E 204 -22.14 -50.67 34.20
N VAL E 205 -21.28 -51.19 35.06
CA VAL E 205 -21.41 -51.01 36.49
C VAL E 205 -20.04 -50.58 37.02
N PRO E 206 -19.96 -49.54 37.85
CA PRO E 206 -18.67 -49.19 38.43
C PRO E 206 -18.11 -50.36 39.22
N ARG E 207 -16.79 -50.54 39.11
CA ARG E 207 -16.13 -51.64 39.78
C ARG E 207 -14.90 -51.13 40.50
N THR E 208 -14.55 -51.83 41.57
CA THR E 208 -13.35 -51.53 42.33
C THR E 208 -12.63 -52.82 42.64
N THR E 209 -11.31 -52.80 42.51
CA THR E 209 -10.47 -53.95 42.78
C THR E 209 -10.04 -53.88 44.24
N VAL E 210 -10.18 -55.00 44.95
CA VAL E 210 -9.86 -55.05 46.36
C VAL E 210 -9.16 -56.36 46.66
N GLY E 211 -8.81 -56.57 47.91
CA GLY E 211 -8.12 -57.77 48.33
C GLY E 211 -6.63 -57.53 48.50
N SER E 212 -5.99 -58.46 49.19
CA SER E 212 -4.56 -58.33 49.44
C SER E 212 -3.78 -58.33 48.13
N SER E 213 -4.10 -59.24 47.22
CA SER E 213 -3.34 -59.42 46.00
C SER E 213 -4.11 -58.96 44.77
N ASN E 214 -5.12 -58.11 44.95
CA ASN E 214 -5.90 -57.59 43.83
C ASN E 214 -6.55 -58.71 43.03
N ASN E 215 -6.83 -59.83 43.70
CA ASN E 215 -7.48 -60.97 43.07
C ASN E 215 -8.98 -60.96 43.26
N ILE E 216 -9.55 -59.91 43.85
CA ILE E 216 -10.99 -59.79 44.06
C ILE E 216 -11.47 -58.50 43.42
N ILE E 217 -12.42 -58.63 42.51
CA ILE E 217 -13.04 -57.48 41.87
C ILE E 217 -14.45 -57.33 42.44
N ALA E 218 -14.79 -56.10 42.84
CA ALA E 218 -16.03 -55.82 43.53
C ALA E 218 -16.85 -54.85 42.70
N VAL E 219 -18.15 -55.11 42.60
CA VAL E 219 -19.07 -54.25 41.86
C VAL E 219 -20.02 -53.59 42.85
N HIS E 220 -20.49 -52.40 42.48
CA HIS E 220 -21.34 -51.58 43.33
C HIS E 220 -22.82 -51.84 43.10
N LYS E 221 -23.26 -53.09 43.19
CA LYS E 221 -24.65 -53.46 42.93
C LYS E 221 -24.80 -54.94 43.24
N VAL E 222 -26.04 -55.39 43.39
CA VAL E 222 -26.39 -56.81 43.40
C VAL E 222 -27.49 -57.00 42.37
N ASN E 223 -27.40 -58.08 41.60
CA ASN E 223 -28.32 -58.27 40.49
C ASN E 223 -28.49 -59.76 40.21
N PRO E 224 -29.58 -60.14 39.56
CA PRO E 224 -29.74 -61.56 39.20
C PRO E 224 -28.74 -62.06 38.18
N LYS E 225 -28.41 -61.28 37.14
CA LYS E 225 -27.60 -61.81 36.07
C LYS E 225 -26.42 -60.91 35.77
N TRP E 226 -25.21 -61.47 35.92
CA TRP E 226 -23.97 -60.80 35.59
C TRP E 226 -23.36 -61.42 34.33
N MET E 227 -22.85 -60.57 33.46
CA MET E 227 -22.16 -61.01 32.27
C MET E 227 -20.69 -60.65 32.38
N ILE E 228 -19.82 -61.65 32.25
CA ILE E 228 -18.37 -61.48 32.35
C ILE E 228 -17.80 -61.67 30.95
N ARG E 229 -17.09 -60.65 30.45
CA ARG E 229 -16.49 -60.74 29.14
C ARG E 229 -15.01 -60.42 29.22
N LEU E 230 -14.24 -61.04 28.31
CA LEU E 230 -12.82 -60.77 28.14
C LEU E 230 -12.45 -61.13 26.70
N GLY E 231 -11.88 -60.19 25.98
CA GLY E 231 -11.51 -60.46 24.62
C GLY E 231 -12.73 -60.84 23.81
N ASN E 232 -12.83 -62.12 23.45
CA ASN E 232 -13.97 -62.61 22.68
C ASN E 232 -14.56 -63.86 23.31
N ARG E 233 -14.19 -64.17 24.54
CA ARG E 233 -14.81 -65.23 25.30
C ARG E 233 -15.62 -64.61 26.42
N ALA E 234 -16.90 -64.99 26.49
CA ALA E 234 -17.83 -64.38 27.43
C ALA E 234 -18.42 -65.45 28.34
N LEU E 235 -18.53 -65.12 29.62
CA LEU E 235 -19.13 -66.01 30.61
C LEU E 235 -20.30 -65.29 31.26
N ALA E 236 -21.39 -66.01 31.48
CA ALA E 236 -22.58 -65.45 32.10
C ALA E 236 -22.71 -65.95 33.53
N ILE E 237 -23.05 -65.04 34.44
CA ILE E 237 -23.27 -65.36 35.84
C ILE E 237 -24.74 -65.13 36.16
N PHE E 238 -25.40 -66.15 36.69
CA PHE E 238 -26.77 -66.06 37.16
C PHE E 238 -26.79 -66.11 38.67
N ASN E 239 -27.50 -65.19 39.29
CA ASN E 239 -27.73 -65.22 40.74
C ASN E 239 -29.02 -65.99 40.99
N GLU E 240 -28.97 -66.94 41.92
CA GLU E 240 -30.12 -67.79 42.15
C GLU E 240 -30.92 -67.43 43.39
N ALA E 241 -30.43 -66.52 44.22
CA ALA E 241 -31.15 -66.09 45.42
C ALA E 241 -31.18 -64.59 45.51
N TYR E 242 -31.52 -63.95 44.39
CA TYR E 242 -31.60 -62.50 44.35
C TYR E 242 -32.71 -62.00 45.26
N ASP E 243 -32.39 -61.03 46.10
CA ASP E 243 -33.35 -60.46 47.03
C ASP E 243 -33.74 -59.07 46.56
N PRO E 244 -35.01 -58.82 46.23
CA PRO E 244 -35.40 -57.45 45.90
C PRO E 244 -35.26 -56.48 47.06
N ASN E 245 -35.60 -56.91 48.27
CA ASN E 245 -35.63 -55.98 49.40
C ASN E 245 -34.24 -55.49 49.75
N GLY E 246 -33.30 -56.40 49.93
CA GLY E 246 -31.96 -55.99 50.28
C GLY E 246 -31.90 -55.39 51.69
N VAL E 247 -30.81 -54.67 51.93
CA VAL E 247 -30.59 -53.98 53.20
C VAL E 247 -30.55 -52.47 52.91
N PRO E 248 -31.30 -51.65 53.62
CA PRO E 248 -31.33 -50.22 53.30
C PRO E 248 -30.02 -49.53 53.61
N ASN E 249 -29.75 -48.47 52.86
CA ASN E 249 -28.54 -47.66 53.04
C ASN E 249 -28.92 -46.41 53.81
N ASP E 250 -29.07 -46.55 55.12
CA ASP E 250 -29.41 -45.40 55.95
C ASP E 250 -28.19 -44.73 56.56
N THR E 251 -27.03 -45.39 56.55
CA THR E 251 -25.81 -44.80 57.08
C THR E 251 -25.06 -43.96 56.07
N GLY E 252 -25.29 -44.17 54.77
CA GLY E 252 -24.65 -43.39 53.74
C GLY E 252 -23.24 -43.79 53.41
N THR E 253 -22.74 -44.89 53.96
CA THR E 253 -21.39 -45.35 53.69
C THR E 253 -21.41 -46.85 53.41
N ALA E 254 -20.22 -47.40 53.22
CA ALA E 254 -20.09 -48.84 53.07
C ALA E 254 -20.35 -49.59 54.36
N SER E 255 -20.50 -48.88 55.47
CA SER E 255 -20.64 -49.55 56.75
C SER E 255 -21.94 -49.16 57.43
N PRO E 256 -22.53 -50.09 58.19
CA PRO E 256 -23.60 -49.72 59.13
C PRO E 256 -23.11 -49.04 60.39
N ALA E 257 -21.81 -48.74 60.48
CA ALA E 257 -21.23 -48.17 61.68
C ALA E 257 -20.50 -46.87 61.43
N VAL E 258 -20.59 -46.29 60.24
CA VAL E 258 -19.99 -45.01 59.94
C VAL E 258 -21.03 -44.15 59.22
N ARG E 259 -21.24 -42.94 59.72
CA ARG E 259 -22.22 -42.05 59.12
C ARG E 259 -21.54 -40.95 58.31
N ARG E 260 -22.32 -40.30 57.48
CA ARG E 260 -21.84 -39.23 56.62
C ARG E 260 -22.63 -37.96 56.92
N VAL E 261 -21.95 -36.90 57.31
CA VAL E 261 -22.60 -35.66 57.72
C VAL E 261 -22.29 -34.55 56.74
N ASN E 262 -23.20 -33.59 56.67
CA ASN E 262 -23.12 -32.49 55.72
C ASN E 262 -22.32 -31.36 56.37
N LYS E 263 -21.01 -31.54 56.51
CA LYS E 263 -20.21 -30.53 57.19
C LYS E 263 -20.24 -29.20 56.45
N GLY E 264 -20.58 -29.22 55.16
CA GLY E 264 -20.61 -27.99 54.39
C GLY E 264 -21.54 -26.95 54.95
N GLY E 265 -22.52 -27.37 55.77
CA GLY E 265 -23.38 -26.44 56.47
C GLY E 265 -24.08 -25.46 55.56
N ASN E 266 -23.68 -24.19 55.65
CA ASN E 266 -24.16 -23.14 54.76
C ASN E 266 -25.68 -22.98 54.85
N CYS F 17 -28.56 -53.18 5.10
CA CYS F 17 -28.84 -54.60 5.12
C CYS F 17 -27.96 -55.31 6.14
N ALA F 18 -26.98 -54.59 6.67
CA ALA F 18 -26.07 -55.12 7.68
C ALA F 18 -25.79 -54.04 8.71
N SER F 19 -25.77 -54.42 9.98
CA SER F 19 -25.53 -53.49 11.07
C SER F 19 -24.28 -53.91 11.83
N ALA F 20 -24.05 -53.23 12.93
CA ALA F 20 -22.90 -53.57 13.77
C ALA F 20 -23.14 -54.90 14.45
N PRO F 21 -22.26 -55.88 14.29
CA PRO F 21 -22.50 -57.20 14.86
C PRO F 21 -22.50 -57.18 16.38
N LYS F 22 -23.21 -58.11 16.96
CA LYS F 22 -23.28 -58.23 18.41
C LYS F 22 -22.18 -59.18 18.90
N PRO F 23 -21.68 -58.95 20.10
CA PRO F 23 -20.70 -59.88 20.68
C PRO F 23 -21.36 -61.22 20.98
N LYS F 24 -20.53 -62.19 21.34
CA LYS F 24 -21.03 -63.55 21.48
C LYS F 24 -21.91 -63.68 22.73
N GLN F 25 -23.02 -64.38 22.57
CA GLN F 25 -23.86 -64.74 23.72
C GLN F 25 -23.44 -66.10 24.25
N PRO F 26 -23.10 -66.21 25.53
CA PRO F 26 -22.70 -67.49 26.07
C PRO F 26 -23.84 -68.49 26.04
N SER F 27 -23.48 -69.76 26.00
CA SER F 27 -24.48 -70.83 26.01
C SER F 27 -25.34 -70.77 27.26
N ASP F 28 -26.47 -71.46 27.22
CA ASP F 28 -27.38 -71.55 28.36
C ASP F 28 -27.51 -72.99 28.85
N PHE F 29 -26.77 -73.91 28.23
CA PHE F 29 -26.92 -75.34 28.47
C PHE F 29 -26.25 -75.79 29.75
N ASN F 30 -24.92 -75.64 29.83
CA ASN F 30 -24.15 -76.11 30.98
C ASN F 30 -24.09 -75.06 32.09
N ARG F 31 -25.01 -75.24 33.04
CA ARG F 31 -25.09 -74.36 34.19
C ARG F 31 -24.63 -75.12 35.43
N GLU F 32 -23.58 -74.61 36.07
CA GLU F 32 -22.97 -75.27 37.22
C GLU F 32 -22.56 -74.24 38.25
N PRO F 33 -22.47 -74.63 39.52
CA PRO F 33 -22.15 -73.66 40.58
C PRO F 33 -20.75 -73.10 40.43
N VAL F 34 -20.55 -71.90 40.97
CA VAL F 34 -19.21 -71.31 40.97
C VAL F 34 -18.42 -71.79 42.18
N ASN F 35 -18.91 -71.52 43.38
CA ASN F 35 -18.13 -71.74 44.60
C ASN F 35 -18.10 -73.23 44.90
N LYS F 36 -17.08 -73.93 44.41
CA LYS F 36 -16.90 -75.33 44.78
C LYS F 36 -16.61 -75.49 46.26
N THR F 37 -15.94 -74.51 46.87
CA THR F 37 -15.71 -74.49 48.30
C THR F 37 -15.87 -73.07 48.80
N VAL F 38 -16.09 -72.95 50.10
CA VAL F 38 -16.33 -71.62 50.69
C VAL F 38 -15.10 -70.75 50.50
N PRO F 39 -15.27 -69.49 50.11
CA PRO F 39 -14.10 -68.61 50.02
C PRO F 39 -13.52 -68.34 51.39
N VAL F 40 -12.22 -68.06 51.43
CA VAL F 40 -11.57 -67.77 52.70
C VAL F 40 -11.87 -66.35 53.18
N GLU F 41 -12.23 -65.46 52.27
CA GLU F 41 -12.50 -64.07 52.65
C GLU F 41 -13.82 -63.95 53.40
N ILE F 42 -14.60 -65.03 53.44
CA ILE F 42 -15.80 -65.10 54.25
C ILE F 42 -15.35 -65.54 55.64
N GLN F 43 -14.03 -65.53 55.86
CA GLN F 43 -13.42 -66.02 57.09
C GLN F 43 -13.72 -67.50 57.29
N ARG F 44 -13.75 -68.24 56.18
CA ARG F 44 -14.03 -69.67 56.21
C ARG F 44 -12.96 -70.45 55.44
N LYS G 135 1.52 33.97 76.67
CA LYS G 135 0.75 33.06 75.84
C LYS G 135 0.43 31.78 76.59
N THR G 136 -0.40 31.87 77.64
CA THR G 136 -0.74 30.69 78.42
C THR G 136 -1.63 29.77 77.58
N PRO G 137 -1.58 28.45 77.82
CA PRO G 137 -2.26 27.50 76.93
C PRO G 137 -3.72 27.83 76.60
N TYR G 138 -4.39 28.65 77.39
CA TYR G 138 -5.81 28.92 77.11
C TYR G 138 -5.98 29.64 75.77
N GLU G 139 -5.41 30.84 75.64
CA GLU G 139 -5.59 31.58 74.40
C GLU G 139 -4.83 30.92 73.25
N LEU G 140 -3.73 30.22 73.55
CA LEU G 140 -3.09 29.42 72.51
C LEU G 140 -4.08 28.42 71.92
N ALA G 141 -4.78 27.70 72.80
CA ALA G 141 -5.85 26.82 72.36
C ALA G 141 -6.90 27.60 71.57
N ARG G 142 -7.19 28.82 72.01
CA ARG G 142 -8.20 29.62 71.31
C ARG G 142 -7.80 29.91 69.87
N GLU G 143 -6.56 30.37 69.66
CA GLU G 143 -6.13 30.66 68.29
C GLU G 143 -6.02 29.38 67.47
N ARG G 144 -5.56 28.29 68.10
CA ARG G 144 -5.52 27.00 67.40
C ARG G 144 -6.90 26.63 66.90
N MET G 145 -7.89 26.66 67.80
CA MET G 145 -9.27 26.40 67.44
C MET G 145 -9.70 27.31 66.30
N LEU G 146 -9.32 28.59 66.39
CA LEU G 146 -9.86 29.60 65.49
C LEU G 146 -9.29 29.43 64.08
N ARG G 147 -8.07 28.92 63.98
CA ARG G 147 -7.45 28.78 62.66
C ARG G 147 -7.84 27.47 61.99
N SER G 148 -8.48 26.58 62.73
CA SER G 148 -8.68 25.21 62.27
C SER G 148 -9.63 25.14 61.08
N GLY G 149 -9.36 24.18 60.19
CA GLY G 149 -10.27 23.84 59.13
C GLY G 149 -11.22 22.73 59.54
N LEU G 150 -12.21 22.49 58.68
CA LEU G 150 -13.25 21.53 59.02
C LEU G 150 -12.71 20.12 59.15
N THR G 151 -11.91 19.68 58.19
CA THR G 151 -11.37 18.32 58.18
C THR G 151 -9.86 18.37 58.07
N ALA G 152 -9.21 17.36 58.61
CA ALA G 152 -7.77 17.21 58.42
C ALA G 152 -7.50 16.82 56.98
N GLY G 153 -6.60 17.54 56.33
CA GLY G 153 -6.31 17.32 54.93
C GLY G 153 -7.18 18.16 54.02
N GLY G 177 34.65 -7.22 -18.03
CA GLY G 177 33.75 -7.78 -19.03
C GLY G 177 33.32 -9.20 -18.72
N GLY G 178 32.02 -9.38 -18.52
CA GLY G 178 31.48 -10.69 -18.18
C GLY G 178 30.28 -11.07 -19.01
N GLY G 179 30.20 -10.54 -20.23
CA GLY G 179 29.12 -10.84 -21.14
C GLY G 179 29.17 -12.28 -21.61
N GLY G 180 28.33 -12.58 -22.60
CA GLY G 180 28.19 -13.95 -23.05
C GLY G 180 27.65 -14.82 -21.94
N GLY G 181 26.61 -14.33 -21.27
CA GLY G 181 26.20 -14.91 -20.00
C GLY G 181 26.01 -16.42 -20.06
N GLU G 182 25.37 -16.91 -21.11
CA GLU G 182 25.09 -18.34 -21.22
C GLU G 182 26.38 -19.15 -21.11
N LEU G 183 27.28 -18.97 -22.07
CA LEU G 183 28.55 -19.68 -22.00
C LEU G 183 29.32 -19.29 -20.74
N ALA G 184 29.31 -18.01 -20.39
CA ALA G 184 30.07 -17.58 -19.23
C ALA G 184 29.62 -18.29 -17.96
N GLU G 185 28.31 -18.43 -17.75
CA GLU G 185 27.87 -19.12 -16.54
C GLU G 185 28.02 -20.63 -16.66
N LYS G 186 27.97 -21.19 -17.86
CA LYS G 186 28.27 -22.61 -17.95
C LYS G 186 29.74 -22.91 -17.69
N LEU G 187 30.59 -21.89 -17.64
CA LEU G 187 32.02 -22.05 -17.39
C LEU G 187 32.40 -21.78 -15.95
N GLN G 188 31.43 -21.62 -15.05
CA GLN G 188 31.77 -21.39 -13.66
C GLN G 188 32.49 -22.60 -13.11
N PRO G 189 33.62 -22.43 -12.42
CA PRO G 189 34.27 -23.56 -11.79
C PRO G 189 33.49 -24.02 -10.57
N MET G 190 33.65 -25.30 -10.26
CA MET G 190 32.99 -25.91 -9.12
C MET G 190 34.09 -26.46 -8.22
N ARG G 191 34.47 -25.69 -7.20
CA ARG G 191 35.62 -25.99 -6.36
C ARG G 191 35.14 -26.68 -5.10
N LEU G 192 35.67 -27.87 -4.84
CA LEU G 192 35.34 -28.62 -3.64
C LEU G 192 36.50 -28.56 -2.67
N SER G 193 36.21 -28.27 -1.41
CA SER G 193 37.26 -28.22 -0.41
C SER G 193 37.82 -29.61 -0.16
N GLY G 194 39.07 -29.65 0.29
CA GLY G 194 39.69 -30.91 0.61
C GLY G 194 39.22 -31.47 1.93
N SER G 195 39.86 -32.55 2.35
CA SER G 195 39.50 -33.21 3.59
C SER G 195 40.74 -33.83 4.22
N SER G 196 40.81 -33.77 5.54
CA SER G 196 41.98 -34.21 6.29
C SER G 196 41.59 -35.37 7.18
N ALA G 197 42.27 -36.51 7.00
CA ALA G 197 41.87 -37.72 7.68
C ALA G 197 42.02 -37.58 9.18
N GLY G 198 41.00 -38.04 9.91
CA GLY G 198 41.05 -38.13 11.34
C GLY G 198 41.38 -39.53 11.81
N ARG G 199 41.05 -39.79 13.07
CA ARG G 199 41.27 -41.09 13.66
C ARG G 199 40.29 -41.28 14.80
N LEU G 200 39.60 -42.41 14.80
CA LEU G 200 38.61 -42.66 15.85
C LEU G 200 39.31 -42.73 17.20
N GLY G 201 38.63 -42.21 18.22
CA GLY G 201 39.25 -42.12 19.54
C GLY G 201 39.59 -43.46 20.14
N ASN G 202 38.58 -44.25 20.48
CA ASN G 202 38.78 -45.60 20.99
C ASN G 202 37.81 -46.51 20.24
N ARG G 203 38.34 -47.55 19.63
CA ARG G 203 37.52 -48.45 18.83
C ARG G 203 36.98 -49.62 19.61
N ASP G 204 37.23 -49.69 20.92
CA ASP G 204 36.66 -50.74 21.73
C ASP G 204 35.29 -50.39 22.28
N MET G 205 34.99 -49.11 22.48
CA MET G 205 33.70 -48.64 22.98
C MET G 205 33.00 -47.76 21.97
N LEU G 206 32.99 -48.17 20.71
CA LEU G 206 32.41 -47.31 19.69
C LEU G 206 31.60 -48.15 18.72
N ILE G 207 30.54 -47.56 18.17
CA ILE G 207 29.77 -48.15 17.09
C ILE G 207 29.74 -47.16 15.95
N THR G 208 30.23 -47.58 14.79
CA THR G 208 30.41 -46.68 13.67
C THR G 208 29.20 -46.71 12.75
N GLN G 209 29.11 -45.68 11.90
CA GLN G 209 28.01 -45.62 10.95
C GLN G 209 27.97 -46.88 10.11
N GLY G 210 26.78 -47.18 9.59
CA GLY G 210 26.65 -48.30 8.68
C GLY G 210 26.70 -49.67 9.33
N THR G 211 26.69 -49.76 10.65
CA THR G 211 26.65 -51.05 11.30
C THR G 211 25.22 -51.57 11.37
N GLN G 212 25.03 -52.83 11.02
CA GLN G 212 23.71 -53.41 10.86
C GLN G 212 23.28 -54.12 12.14
N LEU G 213 21.98 -54.11 12.41
CA LEU G 213 21.41 -54.69 13.61
C LEU G 213 20.48 -55.82 13.21
N ASP G 214 20.40 -56.86 14.04
CA ASP G 214 19.53 -57.99 13.78
C ASP G 214 18.46 -58.08 14.87
N CYS G 215 17.33 -57.44 14.62
CA CYS G 215 16.25 -57.43 15.59
C CYS G 215 14.97 -57.92 14.94
N VAL G 216 14.24 -58.74 15.70
CA VAL G 216 13.00 -59.35 15.25
C VAL G 216 11.85 -58.47 15.71
N LEU G 217 10.88 -58.26 14.83
CA LEU G 217 9.82 -57.30 15.11
C LEU G 217 8.81 -57.90 16.08
N GLU G 218 8.55 -57.18 17.17
CA GLU G 218 7.60 -57.64 18.17
C GLU G 218 6.18 -57.22 17.84
N THR G 219 5.97 -55.94 17.59
CA THR G 219 4.65 -55.45 17.26
C THR G 219 4.34 -55.66 15.78
N ARG G 220 3.12 -56.11 15.53
CA ARG G 220 2.56 -56.08 14.19
C ARG G 220 2.47 -54.62 13.76
N LEU G 221 2.46 -54.39 12.46
CA LEU G 221 2.51 -53.03 11.94
C LEU G 221 1.39 -52.84 10.93
N VAL G 222 0.61 -51.78 11.11
CA VAL G 222 -0.39 -51.34 10.15
C VAL G 222 -0.27 -49.83 10.08
N THR G 223 -0.25 -49.28 8.87
CA THR G 223 0.07 -47.87 8.72
C THR G 223 -1.14 -46.99 8.41
N THR G 224 -2.34 -47.45 8.75
CA THR G 224 -3.49 -46.56 8.63
C THR G 224 -3.37 -45.40 9.61
N GLN G 225 -3.00 -45.69 10.85
CA GLN G 225 -2.82 -44.65 11.85
C GLN G 225 -1.38 -44.63 12.34
N PRO G 226 -0.79 -43.45 12.48
CA PRO G 226 0.58 -43.37 12.99
C PRO G 226 0.67 -43.96 14.39
N GLY G 227 1.77 -44.66 14.65
CA GLY G 227 1.97 -45.26 15.96
C GLY G 227 3.44 -45.43 16.24
N MET G 228 3.73 -46.33 17.16
CA MET G 228 5.10 -46.67 17.51
C MET G 228 5.31 -48.16 17.36
N THR G 229 6.57 -48.56 17.23
CA THR G 229 6.93 -49.96 17.05
C THR G 229 8.00 -50.36 18.04
N THR G 230 8.33 -51.65 18.03
CA THR G 230 9.24 -52.21 19.03
C THR G 230 9.80 -53.53 18.52
N CYS G 231 11.12 -53.65 18.56
CA CYS G 231 11.76 -54.90 18.18
C CYS G 231 12.84 -55.25 19.20
N HIS G 232 13.19 -56.53 19.24
CA HIS G 232 14.21 -57.03 20.13
C HIS G 232 15.39 -57.55 19.32
N LEU G 233 16.59 -57.10 19.68
CA LEU G 233 17.79 -57.56 19.00
C LEU G 233 17.98 -59.05 19.23
N THR G 234 18.36 -59.77 18.17
CA THR G 234 18.48 -61.21 18.25
C THR G 234 19.91 -61.69 18.36
N ARG G 235 20.88 -60.83 18.05
CA ARG G 235 22.28 -61.20 18.13
C ARG G 235 23.04 -60.10 18.85
N ASP G 236 24.01 -60.52 19.66
CA ASP G 236 24.89 -59.56 20.29
C ASP G 236 25.57 -58.73 19.21
N VAL G 237 25.72 -57.44 19.48
CA VAL G 237 26.34 -56.52 18.53
C VAL G 237 27.68 -56.09 19.10
N TYR G 238 28.75 -56.44 18.41
CA TYR G 238 30.09 -56.15 18.88
C TYR G 238 30.52 -54.77 18.44
N SER G 239 31.44 -54.19 19.21
CA SER G 239 32.02 -52.91 18.85
C SER G 239 32.83 -53.04 17.58
N THR G 240 33.10 -51.91 16.94
CA THR G 240 33.78 -51.92 15.65
C THR G 240 35.09 -52.67 15.71
N SER G 241 35.77 -52.65 16.85
CA SER G 241 36.96 -53.48 17.01
C SER G 241 36.64 -54.96 16.91
N GLY G 242 35.38 -55.34 17.05
CA GLY G 242 35.04 -56.74 17.07
C GLY G 242 35.55 -57.47 18.28
N ARG G 243 35.55 -56.83 19.44
CA ARG G 243 36.02 -57.47 20.66
C ARG G 243 35.07 -57.36 21.84
N VAL G 244 34.28 -56.29 21.95
CA VAL G 244 33.51 -56.02 23.16
C VAL G 244 32.04 -55.97 22.81
N VAL G 245 31.23 -56.75 23.52
CA VAL G 245 29.79 -56.78 23.32
C VAL G 245 29.21 -55.51 23.90
N LEU G 246 28.51 -54.73 23.08
CA LEU G 246 27.93 -53.49 23.57
C LEU G 246 26.44 -53.62 23.87
N LEU G 247 25.64 -54.01 22.89
CA LEU G 247 24.20 -54.15 23.07
C LEU G 247 23.88 -55.62 23.13
N ASP G 248 23.63 -56.12 24.34
CA ASP G 248 23.41 -57.54 24.55
C ASP G 248 22.18 -58.01 23.79
N ARG G 249 22.22 -59.27 23.37
CA ARG G 249 21.07 -59.84 22.69
C ARG G 249 19.90 -59.93 23.67
N GLY G 250 18.70 -59.83 23.14
CA GLY G 250 17.54 -59.64 23.97
C GLY G 250 17.31 -58.20 24.36
N SER G 251 18.00 -57.27 23.74
CA SER G 251 17.76 -55.86 24.01
C SER G 251 16.39 -55.45 23.49
N LYS G 252 16.08 -54.17 23.67
CA LYS G 252 14.80 -53.62 23.27
C LYS G 252 15.04 -52.32 22.53
N VAL G 253 14.21 -52.04 21.53
CA VAL G 253 14.29 -50.81 20.76
C VAL G 253 12.87 -50.30 20.56
N VAL G 254 12.69 -48.98 20.63
CA VAL G 254 11.40 -48.36 20.38
C VAL G 254 11.58 -47.31 19.30
N GLY G 255 10.62 -47.25 18.37
CA GLY G 255 10.71 -46.30 17.29
C GLY G 255 9.38 -46.12 16.60
N PHE G 256 9.27 -45.10 15.75
CA PHE G 256 7.95 -44.72 15.24
C PHE G 256 8.03 -44.42 13.76
N TYR G 257 6.86 -44.42 13.14
CA TYR G 257 6.68 -43.98 11.77
C TYR G 257 5.62 -42.91 11.74
N GLN G 258 5.27 -42.47 10.54
CA GLN G 258 4.18 -41.50 10.37
C GLN G 258 3.96 -41.24 8.90
N GLY G 259 2.91 -40.48 8.61
CA GLY G 259 2.66 -39.98 7.29
C GLY G 259 1.98 -40.97 6.36
N GLY G 260 1.95 -42.24 6.72
CA GLY G 260 1.36 -43.22 5.83
C GLY G 260 2.17 -43.38 4.56
N LEU G 261 1.54 -44.05 3.60
CA LEU G 261 2.12 -44.28 2.30
C LEU G 261 1.66 -43.22 1.32
N ARG G 262 1.98 -43.44 0.06
CA ARG G 262 1.34 -42.75 -1.05
C ARG G 262 1.10 -43.74 -2.17
N GLN G 263 0.24 -43.36 -3.10
CA GLN G 263 -0.11 -44.26 -4.18
C GLN G 263 1.15 -44.67 -4.92
N GLY G 264 1.33 -45.96 -5.13
CA GLY G 264 2.52 -46.48 -5.75
C GLY G 264 3.56 -47.07 -4.81
N GLN G 265 3.82 -46.43 -3.68
CA GLN G 265 4.88 -46.89 -2.78
C GLN G 265 4.49 -48.23 -2.19
N ALA G 266 5.48 -48.93 -1.65
CA ALA G 266 5.24 -50.22 -1.01
C ALA G 266 6.05 -50.39 0.26
N ARG G 267 6.73 -49.35 0.73
CA ARG G 267 7.55 -49.42 1.93
C ARG G 267 7.37 -48.16 2.73
N ILE G 268 7.46 -48.28 4.06
CA ILE G 268 7.21 -47.16 4.96
C ILE G 268 8.43 -46.92 5.82
N PHE G 269 8.72 -45.65 6.09
CA PHE G 269 9.97 -45.23 6.70
C PHE G 269 9.87 -45.24 8.21
N VAL G 270 10.73 -45.99 8.88
CA VAL G 270 10.63 -46.24 10.31
C VAL G 270 11.90 -45.75 10.99
N GLN G 271 11.76 -44.67 11.76
CA GLN G 271 12.88 -44.05 12.47
C GLN G 271 12.98 -44.63 13.87
N TRP G 272 13.74 -45.69 14.03
CA TRP G 272 13.98 -46.24 15.36
C TRP G 272 14.73 -45.19 16.15
N SER G 273 14.39 -45.05 17.43
CA SER G 273 14.83 -43.86 18.15
C SER G 273 15.57 -44.14 19.44
N ARG G 274 15.27 -45.23 20.14
CA ARG G 274 15.96 -45.43 21.41
C ARG G 274 16.07 -46.92 21.69
N ILE G 275 17.14 -47.29 22.39
CA ILE G 275 17.49 -48.68 22.62
C ILE G 275 17.75 -48.87 24.10
N GLU G 276 17.59 -50.10 24.58
CA GLU G 276 17.76 -50.42 26.00
C GLU G 276 18.51 -51.73 26.11
N THR G 277 19.48 -51.76 26.99
CA THR G 277 20.14 -53.02 27.26
C THR G 277 19.46 -53.73 28.41
N PRO G 278 19.63 -55.05 28.52
CA PRO G 278 19.12 -55.76 29.69
C PRO G 278 19.72 -55.27 30.98
N SER G 279 20.93 -54.72 30.96
CA SER G 279 21.56 -54.21 32.17
C SER G 279 21.43 -52.69 32.30
N GLY G 280 20.61 -52.06 31.46
CA GLY G 280 20.21 -50.69 31.68
C GLY G 280 20.93 -49.63 30.89
N VAL G 281 21.80 -50.01 29.98
CA VAL G 281 22.46 -49.00 29.15
C VAL G 281 21.46 -48.51 28.11
N VAL G 282 21.32 -47.19 28.02
CA VAL G 282 20.38 -46.57 27.10
C VAL G 282 21.11 -45.53 26.28
N ILE G 283 20.89 -45.52 24.98
CA ILE G 283 21.44 -44.51 24.09
C ILE G 283 20.48 -44.26 22.95
N ASN G 284 20.25 -42.99 22.64
CA ASN G 284 19.25 -42.61 21.65
C ASN G 284 19.91 -42.57 20.28
N LEU G 285 19.79 -43.67 19.54
CA LEU G 285 20.25 -43.74 18.16
C LEU G 285 19.07 -43.37 17.26
N ASP G 286 19.33 -42.54 16.26
CA ASP G 286 18.26 -42.00 15.44
C ASP G 286 18.55 -42.36 13.99
N SER G 287 18.15 -43.56 13.60
CA SER G 287 18.60 -44.14 12.34
C SER G 287 17.46 -44.86 11.65
N PRO G 288 17.39 -44.77 10.33
CA PRO G 288 16.29 -45.39 9.59
C PRO G 288 16.27 -46.90 9.76
N GLY G 289 15.08 -47.47 9.68
CA GLY G 289 14.92 -48.90 9.75
C GLY G 289 14.94 -49.51 8.37
N THR G 290 15.14 -50.81 8.30
CA THR G 290 15.39 -51.50 7.05
C THR G 290 14.79 -52.90 7.09
N GLY G 291 14.54 -53.45 5.91
CA GLY G 291 14.17 -54.84 5.79
C GLY G 291 15.35 -55.75 5.99
N PRO G 292 15.15 -57.02 5.64
CA PRO G 292 16.21 -58.02 5.93
C PRO G 292 17.51 -57.73 5.23
N LEU G 293 17.51 -56.96 4.15
CA LEU G 293 18.72 -56.71 3.38
C LEU G 293 19.04 -55.22 3.23
N GLY G 294 18.62 -54.40 4.19
CA GLY G 294 19.05 -53.02 4.22
C GLY G 294 18.27 -52.07 3.36
N GLU G 295 17.30 -52.55 2.59
CA GLU G 295 16.51 -51.65 1.76
C GLU G 295 15.77 -50.64 2.63
N ALA G 296 15.53 -49.46 2.07
CA ALA G 296 15.03 -48.35 2.86
C ALA G 296 13.62 -48.62 3.35
N GLY G 297 13.42 -48.44 4.65
CA GLY G 297 12.09 -48.52 5.23
C GLY G 297 11.63 -49.93 5.49
N LEU G 298 10.40 -50.05 5.96
CA LEU G 298 9.76 -51.35 6.12
C LEU G 298 8.65 -51.54 5.12
N GLY G 299 8.47 -52.79 4.71
CA GLY G 299 7.40 -53.14 3.79
C GLY G 299 6.85 -54.51 4.15
N GLY G 300 5.84 -54.92 3.39
CA GLY G 300 5.22 -56.22 3.56
C GLY G 300 4.10 -56.38 2.60
N TRP G 301 3.10 -57.16 2.97
CA TRP G 301 1.90 -57.30 2.16
C TRP G 301 1.18 -55.96 2.11
N ILE G 302 0.84 -55.52 0.91
CA ILE G 302 0.21 -54.22 0.70
C ILE G 302 -1.26 -54.48 0.38
N ASP G 303 -2.09 -53.46 0.58
CA ASP G 303 -3.50 -53.54 0.24
C ASP G 303 -3.84 -52.25 -0.52
N ARG G 304 -4.43 -52.40 -1.70
CA ARG G 304 -4.65 -51.26 -2.57
C ARG G 304 -6.04 -50.66 -2.46
N HIS G 305 -6.93 -51.31 -1.72
CA HIS G 305 -8.33 -50.90 -1.67
C HIS G 305 -8.90 -50.72 -3.07
N PHE G 306 -8.91 -51.81 -3.83
CA PHE G 306 -9.53 -51.79 -5.16
C PHE G 306 -11.00 -51.47 -5.07
N TRP G 307 -11.73 -52.24 -4.26
CA TRP G 307 -13.18 -52.07 -4.18
C TRP G 307 -13.53 -50.69 -3.66
N GLU G 308 -12.97 -50.32 -2.51
CA GLU G 308 -13.24 -49.03 -1.90
C GLU G 308 -13.03 -47.86 -2.86
N ARG G 309 -12.28 -48.08 -3.94
CA ARG G 309 -11.96 -47.00 -4.86
C ARG G 309 -12.73 -47.05 -6.16
N PHE G 310 -13.17 -48.23 -6.61
CA PHE G 310 -13.82 -48.34 -7.90
C PHE G 310 -15.24 -48.87 -7.87
N GLY G 311 -15.70 -49.41 -6.73
CA GLY G 311 -17.05 -49.93 -6.67
C GLY G 311 -18.09 -48.87 -6.95
N GLY G 312 -17.88 -47.66 -6.42
CA GLY G 312 -18.81 -46.58 -6.70
C GLY G 312 -19.05 -46.40 -8.18
N ALA G 313 -18.00 -46.05 -8.92
CA ALA G 313 -18.17 -45.76 -10.34
C ALA G 313 -18.66 -46.98 -11.11
N ILE G 314 -18.15 -48.17 -10.79
CA ILE G 314 -18.54 -49.34 -11.56
C ILE G 314 -20.03 -49.63 -11.37
N MET G 315 -20.52 -49.55 -10.13
CA MET G 315 -21.92 -49.84 -9.89
C MET G 315 -22.83 -48.75 -10.44
N ILE G 316 -22.40 -47.49 -10.37
CA ILE G 316 -23.21 -46.44 -10.99
C ILE G 316 -23.35 -46.70 -12.48
N SER G 317 -22.26 -47.04 -13.16
CA SER G 317 -22.36 -47.28 -14.59
C SER G 317 -23.22 -48.50 -14.89
N LEU G 318 -23.04 -49.57 -14.12
CA LEU G 318 -23.86 -50.77 -14.34
C LEU G 318 -25.35 -50.47 -14.15
N ILE G 319 -25.71 -49.78 -13.07
CA ILE G 319 -27.12 -49.50 -12.82
C ILE G 319 -27.67 -48.59 -13.90
N GLY G 320 -26.91 -47.58 -14.31
CA GLY G 320 -27.37 -46.71 -15.38
C GLY G 320 -27.64 -47.48 -16.66
N ASP G 321 -26.72 -48.35 -17.06
CA ASP G 321 -26.92 -49.11 -18.29
C ASP G 321 -28.06 -50.11 -18.15
N LEU G 322 -28.22 -50.71 -16.96
CA LEU G 322 -29.33 -51.64 -16.76
C LEU G 322 -30.66 -50.93 -16.89
N GLY G 323 -30.78 -49.76 -16.26
CA GLY G 323 -32.00 -48.99 -16.41
C GLY G 323 -32.26 -48.58 -17.83
N ASP G 324 -31.20 -48.18 -18.55
CA ASP G 324 -31.38 -47.79 -19.95
C ASP G 324 -31.83 -48.96 -20.79
N TRP G 325 -31.28 -50.15 -20.54
CA TRP G 325 -31.70 -51.33 -21.28
C TRP G 325 -33.15 -51.68 -20.98
N ALA G 326 -33.55 -51.58 -19.71
CA ALA G 326 -34.95 -51.83 -19.37
C ALA G 326 -35.87 -50.84 -20.08
N SER G 327 -35.48 -49.56 -20.13
CA SER G 327 -36.28 -48.57 -20.83
C SER G 327 -36.36 -48.89 -22.32
N ARG G 328 -35.24 -49.29 -22.91
CA ARG G 328 -35.24 -49.62 -24.34
C ARG G 328 -36.10 -50.84 -24.62
N GLN G 329 -36.25 -51.72 -23.64
CA GLN G 329 -37.02 -52.94 -23.85
C GLN G 329 -38.53 -52.69 -23.91
N GLY G 330 -38.99 -51.44 -24.01
CA GLY G 330 -40.41 -51.18 -23.92
C GLY G 330 -41.21 -51.87 -25.01
N SER G 331 -40.77 -51.76 -26.25
CA SER G 331 -41.49 -52.38 -27.36
C SER G 331 -40.72 -53.56 -27.91
N SER G 349 -21.36 -36.69 -15.76
CA SER G 349 -21.72 -38.09 -15.64
C SER G 349 -21.51 -38.60 -14.22
N ALA G 350 -22.47 -39.42 -13.76
CA ALA G 350 -22.49 -39.82 -12.36
C ALA G 350 -21.28 -40.67 -12.00
N ALA G 351 -20.91 -41.61 -12.86
CA ALA G 351 -19.76 -42.46 -12.57
C ALA G 351 -18.50 -41.63 -12.39
N ALA G 352 -18.27 -40.69 -13.31
CA ALA G 352 -17.10 -39.82 -13.18
C ALA G 352 -17.19 -39.00 -11.92
N GLU G 353 -18.37 -38.49 -11.58
CA GLU G 353 -18.49 -37.64 -10.40
C GLU G 353 -18.19 -38.42 -9.13
N ALA G 354 -18.54 -39.71 -9.11
CA ALA G 354 -18.21 -40.53 -7.95
C ALA G 354 -16.71 -40.83 -7.91
N LEU G 355 -16.14 -41.16 -9.06
CA LEU G 355 -14.76 -41.62 -9.07
C LEU G 355 -13.79 -40.47 -8.78
N ARG G 356 -14.14 -39.27 -9.24
CA ARG G 356 -13.32 -38.09 -8.96
C ARG G 356 -13.22 -37.84 -7.46
N ASN G 357 -14.17 -38.34 -6.68
CA ASN G 357 -14.10 -38.21 -5.23
C ASN G 357 -13.48 -39.42 -4.57
N SER G 358 -13.65 -40.60 -5.14
CA SER G 358 -13.23 -41.83 -4.47
C SER G 358 -12.04 -42.52 -5.11
N ILE G 359 -11.22 -41.81 -5.89
CA ILE G 359 -10.05 -42.46 -6.46
C ILE G 359 -8.82 -42.30 -5.57
N ASN G 360 -8.70 -41.17 -4.86
CA ASN G 360 -7.47 -40.84 -4.18
C ASN G 360 -7.50 -41.40 -2.76
N ILE G 361 -7.31 -42.71 -2.65
CA ILE G 361 -7.21 -43.39 -1.36
C ILE G 361 -5.80 -43.92 -1.21
N PRO G 362 -4.97 -43.31 -0.37
CA PRO G 362 -3.63 -43.85 -0.15
C PRO G 362 -3.70 -45.27 0.36
N PRO G 363 -2.92 -46.18 -0.22
CA PRO G 363 -2.99 -47.59 0.21
C PRO G 363 -2.32 -47.79 1.56
N THR G 364 -2.62 -48.94 2.15
CA THR G 364 -2.19 -49.25 3.51
C THR G 364 -1.32 -50.49 3.49
N LEU G 365 -0.40 -50.56 4.45
CA LEU G 365 0.55 -51.66 4.57
C LEU G 365 0.17 -52.54 5.75
N TYR G 366 0.51 -53.83 5.66
CA TYR G 366 0.34 -54.76 6.76
C TYR G 366 1.59 -55.62 6.83
N LYS G 367 2.31 -55.53 7.94
CA LYS G 367 3.49 -56.35 8.14
C LYS G 367 3.24 -57.29 9.31
N ASN G 368 3.38 -58.57 9.06
CA ASN G 368 3.12 -59.55 10.09
C ASN G 368 4.08 -59.37 11.26
N GLN G 369 3.62 -59.79 12.43
CA GLN G 369 4.50 -59.80 13.59
C GLN G 369 5.47 -60.97 13.50
N GLY G 370 6.64 -60.79 14.10
CA GLY G 370 7.68 -61.79 14.03
C GLY G 370 8.58 -61.71 12.82
N GLU G 371 8.46 -60.66 12.01
CA GLU G 371 9.35 -60.48 10.86
C GLU G 371 10.75 -60.13 11.33
N ARG G 372 11.67 -60.04 10.38
CA ARG G 372 13.03 -59.63 10.67
C ARG G 372 13.29 -58.23 10.12
N VAL G 373 13.92 -57.38 10.92
CA VAL G 373 14.24 -56.03 10.48
C VAL G 373 15.63 -55.67 10.98
N ASN G 374 16.26 -54.72 10.28
CA ASN G 374 17.61 -54.29 10.58
C ASN G 374 17.68 -52.79 10.77
N ILE G 375 18.51 -52.38 11.72
CA ILE G 375 18.69 -50.98 12.07
C ILE G 375 20.04 -50.55 11.53
N LEU G 376 20.03 -49.56 10.64
CA LEU G 376 21.25 -49.07 10.03
C LEU G 376 21.71 -47.83 10.78
N VAL G 377 22.69 -47.99 11.66
CA VAL G 377 23.06 -46.92 12.59
C VAL G 377 23.61 -45.74 11.81
N ALA G 378 22.85 -44.65 11.77
CA ALA G 378 23.23 -43.48 10.99
C ALA G 378 23.97 -42.43 11.78
N ARG G 379 24.43 -42.74 13.00
CA ARG G 379 25.21 -41.80 13.78
C ARG G 379 26.13 -42.57 14.69
N ASP G 380 27.31 -42.02 14.92
CA ASP G 380 28.30 -42.69 15.75
C ASP G 380 27.81 -42.82 17.18
N LEU G 381 27.95 -44.00 17.75
CA LEU G 381 27.52 -44.28 19.11
C LEU G 381 28.73 -44.51 19.99
N ASP G 382 28.84 -43.71 21.05
CA ASP G 382 29.94 -43.84 22.00
C ASP G 382 29.43 -44.65 23.18
N PHE G 383 30.31 -45.45 23.76
CA PHE G 383 30.03 -46.21 24.97
C PHE G 383 31.14 -46.05 26.00
N SER G 384 32.05 -45.11 25.78
CA SER G 384 33.17 -44.93 26.70
C SER G 384 32.71 -44.37 28.04
N ASP G 385 31.45 -43.94 28.14
CA ASP G 385 30.96 -43.33 29.37
C ASP G 385 30.28 -44.31 30.30
N VAL G 386 30.06 -45.55 29.87
CA VAL G 386 29.40 -46.54 30.72
C VAL G 386 30.24 -47.80 30.94
N TYR G 387 31.11 -48.15 30.02
CA TYR G 387 31.84 -49.41 30.09
C TYR G 387 33.33 -49.15 30.29
N SER G 388 34.01 -50.18 30.79
CA SER G 388 35.45 -50.23 30.81
C SER G 388 35.86 -51.69 30.91
N LEU G 389 37.09 -51.99 30.54
CA LEU G 389 37.57 -53.35 30.47
C LEU G 389 38.44 -53.68 31.68
N GLU G 390 38.52 -54.97 31.99
CA GLU G 390 39.34 -55.46 33.09
C GLU G 390 39.84 -56.85 32.75
N SER G 391 41.10 -57.11 33.04
CA SER G 391 41.66 -58.42 32.80
C SER G 391 41.17 -59.42 33.85
N ILE G 392 40.90 -60.64 33.40
CA ILE G 392 40.48 -61.70 34.30
C ILE G 392 41.71 -62.48 34.75
N PRO G 393 41.97 -62.56 36.05
CA PRO G 393 43.05 -63.45 36.52
C PRO G 393 42.80 -64.88 36.06
N THR G 394 43.85 -65.53 35.59
CA THR G 394 43.72 -66.88 35.06
C THR G 394 43.53 -67.89 36.17
N LYS G 395 42.67 -68.88 35.91
CA LYS G 395 42.42 -70.00 36.82
C LYS G 395 42.11 -69.53 38.24
N LEU H 21 39.22 -28.67 69.08
CA LEU H 21 40.34 -28.04 68.40
C LEU H 21 41.18 -29.04 67.62
N ASP H 22 41.17 -28.90 66.30
CA ASP H 22 42.01 -29.74 65.46
C ASP H 22 43.31 -29.01 65.13
N VAL H 23 44.43 -29.56 65.58
CA VAL H 23 45.76 -29.10 65.18
C VAL H 23 46.28 -30.06 64.12
N PRO H 24 46.54 -29.61 62.90
CA PRO H 24 46.84 -30.55 61.82
C PRO H 24 48.23 -31.15 61.96
N SER H 25 48.44 -32.25 61.24
CA SER H 25 49.70 -32.98 61.27
C SER H 25 50.50 -32.67 60.02
N SER H 26 51.74 -32.21 60.20
CA SER H 26 52.57 -31.79 59.09
C SER H 26 53.01 -33.00 58.26
N SER H 27 53.48 -32.71 57.05
CA SER H 27 54.06 -33.74 56.20
C SER H 27 55.46 -34.08 56.68
N ARG H 28 55.97 -35.21 56.19
CA ARG H 28 57.30 -35.66 56.55
C ARG H 28 58.40 -34.90 55.85
N TYR H 29 58.06 -34.07 54.86
CA TYR H 29 59.07 -33.37 54.09
C TYR H 29 59.19 -31.91 54.51
N ASP H 30 58.05 -31.21 54.59
CA ASP H 30 58.01 -29.84 55.08
C ASP H 30 56.87 -29.67 56.06
N HIS H 31 57.13 -28.91 57.12
CA HIS H 31 56.12 -28.60 58.11
C HIS H 31 55.05 -27.64 57.59
N ARG H 32 55.32 -26.92 56.50
CA ARG H 32 54.35 -25.98 55.96
C ARG H 32 53.07 -26.64 55.50
N ILE H 33 53.11 -27.90 55.10
CA ILE H 33 51.94 -28.60 54.60
C ILE H 33 51.51 -29.60 55.66
N ARG H 34 50.32 -29.39 56.21
CA ARG H 34 49.80 -30.25 57.26
C ARG H 34 48.54 -30.96 56.77
N TYR H 35 48.20 -32.04 57.48
CA TYR H 35 47.07 -32.90 57.13
C TYR H 35 46.13 -32.96 58.32
N VAL H 36 44.84 -33.14 58.05
CA VAL H 36 43.85 -33.28 59.11
C VAL H 36 42.59 -33.91 58.53
N THR H 37 41.95 -34.77 59.32
CA THR H 37 40.68 -35.38 58.96
C THR H 37 39.53 -34.52 59.48
N TYR H 38 38.67 -34.08 58.58
CA TYR H 38 37.55 -33.22 58.95
C TYR H 38 36.66 -33.89 59.99
N ASN H 39 36.26 -33.12 60.99
CA ASN H 39 35.31 -33.58 62.00
C ASN H 39 34.15 -32.60 62.03
N PRO H 40 32.93 -33.04 61.76
CA PRO H 40 31.79 -32.11 61.72
C PRO H 40 31.50 -31.43 63.04
N ALA H 41 31.90 -32.02 64.17
CA ALA H 41 31.58 -31.46 65.47
C ALA H 41 32.80 -30.86 66.16
N ASP H 42 33.77 -30.38 65.38
CA ASP H 42 34.93 -29.73 65.95
C ASP H 42 35.38 -28.62 65.02
N VAL H 43 36.19 -27.71 65.56
CA VAL H 43 36.75 -26.62 64.79
C VAL H 43 38.18 -26.99 64.44
N VAL H 44 38.74 -26.27 63.47
CA VAL H 44 40.09 -26.50 62.98
C VAL H 44 40.97 -25.35 63.45
N GLN H 45 42.05 -25.68 64.15
CA GLN H 45 42.98 -24.67 64.65
C GLN H 45 44.09 -24.51 63.62
N VAL H 46 44.18 -23.32 63.03
CA VAL H 46 45.15 -23.02 61.97
C VAL H 46 45.99 -21.84 62.43
N ASP H 47 47.31 -21.96 62.27
CA ASP H 47 48.24 -20.91 62.69
C ASP H 47 48.63 -20.13 61.43
N THR H 48 48.11 -18.91 61.32
CA THR H 48 48.42 -18.04 60.20
C THR H 48 49.46 -17.02 60.65
N VAL H 49 50.62 -17.03 60.00
CA VAL H 49 51.65 -16.07 60.29
C VAL H 49 51.48 -14.87 59.37
N LEU H 50 52.11 -13.76 59.73
CA LEU H 50 51.87 -12.51 59.02
C LEU H 50 52.38 -12.60 57.59
N GLY H 51 51.53 -12.19 56.65
CA GLY H 51 51.96 -11.98 55.28
C GLY H 51 52.24 -13.22 54.47
N VAL H 52 51.67 -14.36 54.82
CA VAL H 52 51.76 -15.55 53.99
C VAL H 52 50.35 -15.95 53.58
N ALA H 53 50.26 -16.59 52.42
CA ALA H 53 48.98 -17.01 51.86
C ALA H 53 48.76 -18.49 52.17
N THR H 54 47.75 -18.77 52.98
CA THR H 54 47.42 -20.13 53.36
C THR H 54 46.38 -20.67 52.39
N HIS H 55 46.67 -21.80 51.77
CA HIS H 55 45.83 -22.37 50.72
C HIS H 55 44.88 -23.39 51.32
N ILE H 56 43.59 -23.22 51.06
CA ILE H 56 42.56 -24.14 51.48
C ILE H 56 41.88 -24.69 50.23
N MET H 57 41.85 -26.01 50.10
CA MET H 57 41.13 -26.67 49.02
C MET H 57 39.96 -27.44 49.60
N LEU H 58 38.76 -27.15 49.13
CA LEU H 58 37.60 -27.92 49.48
C LEU H 58 37.58 -29.19 48.63
N GLU H 59 36.74 -30.15 49.02
CA GLU H 59 36.72 -31.43 48.34
C GLU H 59 36.12 -31.27 46.94
N GLU H 60 36.54 -32.14 46.03
CA GLU H 60 36.08 -32.07 44.65
C GLU H 60 34.62 -32.47 44.57
N GLY H 61 33.82 -31.66 43.89
CA GLY H 61 32.38 -31.86 43.91
C GLY H 61 31.69 -31.25 45.10
N GLU H 62 32.39 -30.45 45.90
CA GLU H 62 31.80 -29.74 47.01
C GLU H 62 31.52 -28.30 46.58
N GLN H 63 30.31 -27.82 46.84
CA GLN H 63 29.89 -26.50 46.40
C GLN H 63 29.97 -25.52 47.55
N TYR H 64 30.89 -24.57 47.45
CA TYR H 64 30.97 -23.46 48.38
C TYR H 64 29.64 -22.71 48.43
N LEU H 65 29.08 -22.55 49.62
CA LEU H 65 27.92 -21.69 49.73
C LEU H 65 28.31 -20.27 50.14
N THR H 66 28.85 -20.12 51.36
CA THR H 66 29.24 -18.82 51.88
C THR H 66 30.40 -18.99 52.84
N HIS H 67 31.00 -17.86 53.21
CA HIS H 67 32.08 -17.81 54.18
C HIS H 67 31.81 -16.70 55.17
N ALA H 68 32.22 -16.91 56.42
CA ALA H 68 31.92 -15.95 57.48
C ALA H 68 33.19 -15.66 58.26
N PHE H 69 33.54 -14.38 58.36
CA PHE H 69 34.68 -13.94 59.14
C PHE H 69 34.29 -13.64 60.58
N GLY H 70 35.20 -13.92 61.50
CA GLY H 70 35.13 -13.30 62.81
C GLY H 70 35.34 -11.81 62.73
N ASP H 71 36.23 -11.38 61.83
CA ASP H 71 36.42 -9.97 61.49
C ASP H 71 36.63 -9.86 59.99
N SER H 72 35.76 -9.11 59.31
CA SER H 72 35.83 -9.03 57.86
C SER H 72 37.16 -8.47 57.37
N GLU H 73 37.63 -7.38 57.96
CA GLU H 73 38.86 -6.75 57.53
C GLU H 73 40.10 -7.52 57.96
N ALA H 74 40.02 -8.33 59.01
CA ALA H 74 41.22 -8.96 59.56
C ALA H 74 41.89 -9.89 58.56
N TYR H 75 41.13 -10.69 57.83
CA TYR H 75 41.65 -11.60 56.83
C TYR H 75 40.99 -11.29 55.48
N ALA H 76 41.78 -11.37 54.42
CA ALA H 76 41.31 -11.12 53.07
C ALA H 76 40.93 -12.45 52.43
N PHE H 77 39.90 -12.42 51.58
CA PHE H 77 39.28 -13.64 51.07
C PHE H 77 39.36 -13.65 49.55
N ALA H 78 40.02 -14.69 49.01
CA ALA H 78 40.02 -14.96 47.58
C ALA H 78 39.58 -16.40 47.37
N ARG H 79 38.55 -16.58 46.56
CA ARG H 79 37.97 -17.90 46.35
C ARG H 79 37.82 -18.18 44.87
N LYS H 80 38.31 -19.34 44.44
CA LYS H 80 38.15 -19.83 43.07
C LYS H 80 37.76 -21.30 43.15
N GLY H 81 36.47 -21.56 42.95
CA GLY H 81 35.96 -22.92 43.03
C GLY H 81 36.04 -23.49 44.43
N ARG H 82 36.65 -24.67 44.55
CA ARG H 82 36.85 -25.31 45.85
C ARG H 82 38.14 -24.87 46.51
N HIS H 83 38.84 -23.91 45.92
CA HIS H 83 40.13 -23.46 46.43
C HIS H 83 39.96 -22.08 47.04
N ILE H 84 40.21 -21.97 48.34
CA ILE H 84 40.06 -20.71 49.06
C ILE H 84 41.42 -20.21 49.47
N PHE H 85 41.65 -18.91 49.29
CA PHE H 85 42.84 -18.23 49.77
C PHE H 85 42.45 -17.33 50.93
N ILE H 86 43.28 -17.32 51.97
CA ILE H 86 43.10 -16.44 53.11
C ILE H 86 44.43 -15.76 53.41
N LYS H 87 44.34 -14.61 54.05
CA LYS H 87 45.55 -13.85 54.38
C LYS H 87 45.27 -12.82 55.45
N PRO H 88 46.01 -12.85 56.56
CA PRO H 88 45.86 -11.80 57.57
C PRO H 88 46.40 -10.48 57.05
N GLN H 89 45.74 -9.39 57.43
CA GLN H 89 46.18 -8.05 57.07
C GLN H 89 46.08 -7.09 58.25
N ALA H 90 45.86 -7.60 59.45
CA ALA H 90 45.75 -6.76 60.64
C ALA H 90 46.41 -7.49 61.80
N GLU H 91 46.93 -6.71 62.74
CA GLU H 91 47.72 -7.25 63.84
C GLU H 91 46.84 -8.03 64.82
N LEU H 92 47.30 -9.21 65.20
CA LEU H 92 46.67 -10.02 66.23
C LEU H 92 45.21 -10.35 65.88
N ALA H 93 45.02 -10.88 64.67
CA ALA H 93 43.68 -11.19 64.18
C ALA H 93 43.29 -12.59 64.66
N ASN H 94 42.85 -12.65 65.91
CA ASN H 94 42.43 -13.90 66.54
C ASN H 94 40.92 -13.98 66.46
N THR H 95 40.42 -14.49 65.33
CA THR H 95 38.98 -14.64 65.08
C THR H 95 38.80 -15.98 64.39
N ASN H 96 37.63 -16.19 63.78
CA ASN H 96 37.32 -17.47 63.18
C ASN H 96 36.81 -17.29 61.75
N LEU H 97 36.90 -18.38 61.00
CA LEU H 97 36.29 -18.51 59.68
C LEU H 97 35.23 -19.59 59.73
N ILE H 98 34.04 -19.29 59.22
CA ILE H 98 32.96 -20.26 59.08
C ILE H 98 32.57 -20.26 57.60
N VAL H 99 33.01 -21.29 56.88
CA VAL H 99 32.65 -21.47 55.48
C VAL H 99 31.75 -22.69 55.39
N VAL H 100 30.60 -22.54 54.73
CA VAL H 100 29.60 -23.59 54.61
C VAL H 100 29.55 -24.04 53.15
N THR H 101 29.28 -25.33 52.95
CA THR H 101 29.21 -25.90 51.61
C THR H 101 27.96 -26.77 51.53
N ASP H 102 27.77 -27.37 50.35
CA ASP H 102 26.58 -28.19 50.11
C ASP H 102 26.53 -29.39 51.04
N ARG H 103 27.67 -30.08 51.22
CA ARG H 103 27.69 -31.28 52.03
C ARG H 103 27.91 -30.96 53.51
N ARG H 104 28.80 -30.03 53.80
CA ARG H 104 29.24 -29.79 55.16
C ARG H 104 29.64 -28.33 55.30
N SER H 105 29.85 -27.91 56.55
CA SER H 105 30.35 -26.58 56.87
C SER H 105 31.69 -26.75 57.57
N TYR H 106 32.56 -25.77 57.40
CA TYR H 106 33.92 -25.85 57.94
C TYR H 106 34.14 -24.76 58.97
N LYS H 107 34.80 -25.14 60.06
CA LYS H 107 34.93 -24.30 61.24
C LYS H 107 36.42 -24.15 61.56
N PHE H 108 36.95 -22.95 61.35
CA PHE H 108 38.37 -22.71 61.53
C PHE H 108 38.62 -21.73 62.67
N ARG H 109 39.71 -21.95 63.38
CA ARG H 109 40.16 -21.07 64.47
C ARG H 109 41.40 -20.34 63.97
N LEU H 110 41.20 -19.10 63.54
CA LEU H 110 42.28 -18.29 62.98
C LEU H 110 42.96 -17.51 64.10
N GLN H 111 44.18 -17.91 64.45
CA GLN H 111 44.97 -17.19 65.44
C GLN H 111 46.18 -16.62 64.73
N MET H 112 46.31 -15.29 64.74
CA MET H 112 47.48 -14.66 64.13
C MET H 112 48.71 -15.01 64.94
N ARG H 113 49.75 -15.50 64.26
CA ARG H 113 50.97 -15.92 64.93
C ARG H 113 52.06 -14.87 64.72
N ASN H 114 52.68 -14.46 65.81
CA ASN H 114 53.43 -13.21 65.86
C ASN H 114 54.94 -13.38 65.76
N ASP H 115 55.45 -14.55 65.43
CA ASP H 115 56.89 -14.77 65.32
C ASP H 115 57.35 -15.09 63.91
N ARG H 116 56.43 -15.33 62.97
CA ARG H 116 56.76 -15.60 61.57
C ARG H 116 57.57 -16.89 61.42
N ASN H 117 57.07 -17.96 62.02
CA ASN H 117 57.70 -19.27 61.95
C ASN H 117 56.63 -20.35 61.98
N GLY H 118 56.99 -21.53 61.48
CA GLY H 118 56.04 -22.64 61.41
C GLY H 118 54.80 -22.30 60.61
N ALA H 119 54.99 -21.72 59.43
CA ALA H 119 53.91 -21.16 58.65
C ALA H 119 52.97 -22.27 58.14
N MET H 120 51.89 -21.82 57.52
CA MET H 120 50.87 -22.69 56.91
C MET H 120 50.68 -22.31 55.46
N TYR H 121 51.23 -23.12 54.55
CA TYR H 121 51.05 -22.90 53.12
C TYR H 121 49.79 -23.54 52.57
N GLU H 122 49.44 -24.74 53.02
CA GLU H 122 48.24 -25.40 52.53
C GLU H 122 47.87 -26.53 53.48
N LEU H 123 46.57 -26.72 53.70
CA LEU H 123 46.05 -27.74 54.59
C LEU H 123 45.18 -28.70 53.80
N ALA H 124 45.41 -30.01 53.99
CA ALA H 124 44.72 -31.05 53.24
C ALA H 124 43.75 -31.79 54.15
N PHE H 125 42.59 -32.15 53.61
CA PHE H 125 41.50 -32.72 54.38
C PHE H 125 41.25 -34.17 53.98
N ARG H 126 40.96 -35.01 54.98
CA ARG H 126 40.65 -36.43 54.77
C ARG H 126 39.27 -36.71 55.36
N TYR H 127 38.29 -36.89 54.49
CA TYR H 127 36.90 -37.06 54.86
C TYR H 127 36.59 -38.52 55.14
N PRO H 128 36.21 -38.88 56.36
CA PRO H 128 35.69 -40.23 56.58
C PRO H 128 34.17 -40.28 56.57
N ASP H 129 33.54 -39.12 56.59
CA ASP H 129 32.08 -39.07 56.66
C ASP H 129 31.44 -39.58 55.37
N THR H 130 32.04 -39.24 54.23
CA THR H 130 31.52 -39.74 52.97
C THR H 130 31.62 -41.26 52.91
N GLN H 131 32.73 -41.81 53.39
CA GLN H 131 32.88 -43.26 53.44
C GLN H 131 31.82 -43.88 54.33
N ALA H 132 31.61 -43.29 55.51
CA ALA H 132 30.61 -43.81 56.43
C ALA H 132 29.22 -43.80 55.81
N ARG H 133 28.88 -42.73 55.09
CA ARG H 133 27.56 -42.67 54.48
C ARG H 133 27.41 -43.68 53.34
N GLN H 134 28.42 -43.78 52.47
CA GLN H 134 28.29 -44.65 51.31
C GLN H 134 28.23 -46.11 51.74
N THR H 135 28.96 -46.46 52.80
CA THR H 135 28.94 -47.85 53.27
C THR H 135 27.55 -48.24 53.76
N ARG H 136 26.83 -47.30 54.37
CA ARG H 136 25.49 -47.59 54.84
C ARG H 136 24.54 -47.92 53.70
N GLU H 137 24.48 -47.06 52.69
CA GLU H 137 23.58 -47.31 51.57
C GLU H 137 23.99 -48.56 50.80
N ALA H 138 25.29 -48.80 50.67
CA ALA H 138 25.75 -50.04 50.08
C ALA H 138 25.21 -51.24 50.84
N ASN H 139 25.24 -51.17 52.18
CA ASN H 139 24.71 -52.25 52.99
C ASN H 139 23.21 -52.42 52.76
N ALA H 140 22.47 -51.32 52.68
CA ALA H 140 21.03 -51.43 52.47
C ALA H 140 20.72 -52.08 51.13
N ARG H 141 21.36 -51.61 50.07
CA ARG H 141 21.13 -52.20 48.76
C ARG H 141 21.56 -53.66 48.75
N ALA H 142 22.68 -53.97 49.39
CA ALA H 142 23.13 -55.36 49.46
C ALA H 142 22.09 -56.22 50.15
N ALA H 143 21.47 -55.71 51.20
CA ALA H 143 20.39 -56.45 51.86
C ALA H 143 19.22 -56.66 50.90
N VAL H 144 18.88 -55.64 50.12
CA VAL H 144 17.75 -55.77 49.19
C VAL H 144 18.01 -56.89 48.19
N GLU H 145 19.15 -56.84 47.50
CA GLU H 145 19.42 -57.89 46.51
C GLU H 145 19.73 -59.22 47.17
N ALA H 146 20.19 -59.21 48.42
CA ALA H 146 20.32 -60.46 49.16
C ALA H 146 18.97 -61.12 49.30
N ALA H 147 17.96 -60.34 49.69
CA ALA H 147 16.61 -60.85 49.81
C ALA H 147 16.10 -61.34 48.47
N PHE H 148 16.41 -60.61 47.40
CA PHE H 148 15.98 -61.04 46.08
C PHE H 148 16.56 -62.40 45.72
N GLU H 149 17.88 -62.54 45.83
CA GLU H 149 18.55 -63.73 45.30
C GLU H 149 18.49 -64.92 46.25
N GLN H 150 18.10 -64.70 47.51
CA GLN H 150 18.00 -65.84 48.41
C GLN H 150 16.76 -66.69 48.10
N ARG H 151 16.01 -66.31 47.07
CA ARG H 151 14.79 -67.00 46.65
C ARG H 151 14.93 -68.50 46.75
N VAL H 152 14.07 -69.14 47.53
CA VAL H 152 14.13 -70.57 47.77
C VAL H 152 12.71 -71.04 48.07
N GLY H 153 12.51 -72.34 48.13
CA GLY H 153 11.19 -72.88 48.41
C GLY H 153 10.19 -72.55 47.33
N ALA H 154 10.64 -72.46 46.09
CA ALA H 154 9.78 -72.15 44.96
C ALA H 154 9.45 -73.43 44.24
N TYR H 155 8.34 -73.42 43.52
CA TYR H 155 7.82 -74.60 42.83
C TYR H 155 8.21 -74.53 41.36
N TYR H 156 8.94 -75.54 40.90
CA TYR H 156 9.46 -75.58 39.54
C TYR H 156 8.69 -76.61 38.73
N ASN H 157 8.07 -76.16 37.64
CA ASN H 157 7.29 -77.02 36.76
C ASN H 157 7.95 -77.04 35.40
N LEU H 158 8.25 -78.23 34.89
CA LEU H 158 9.05 -78.41 33.70
C LEU H 158 8.27 -78.97 32.52
N LYS H 159 7.09 -79.53 32.75
CA LYS H 159 6.41 -80.32 31.73
C LYS H 159 5.93 -79.38 30.64
N TYR H 160 6.74 -79.26 29.58
CA TYR H 160 6.42 -78.42 28.45
C TYR H 160 6.53 -79.22 27.17
N MET H 161 5.96 -78.72 26.09
CA MET H 161 5.99 -79.38 24.81
C MET H 161 6.20 -78.35 23.71
N MET H 162 6.68 -78.82 22.56
CA MET H 162 6.81 -77.95 21.41
C MET H 162 6.31 -78.67 20.17
N SER H 163 5.98 -77.89 19.15
CA SER H 163 5.63 -78.41 17.84
C SER H 163 5.72 -77.28 16.83
N GLY H 164 6.18 -77.62 15.63
CA GLY H 164 6.41 -76.60 14.61
C GLY H 164 7.82 -76.64 14.07
N ASP H 165 8.48 -75.49 14.04
CA ASP H 165 9.82 -75.38 13.45
C ASP H 165 10.85 -75.62 14.56
N LYS H 166 11.49 -76.78 14.52
CA LYS H 166 12.43 -77.17 15.58
C LYS H 166 13.71 -76.35 15.57
N ASP H 167 13.97 -75.58 14.52
CA ASP H 167 15.23 -74.85 14.44
C ASP H 167 15.30 -73.69 15.42
N ILE H 168 14.17 -73.22 15.93
CA ILE H 168 14.14 -72.11 16.86
C ILE H 168 13.94 -72.61 18.28
N ALA H 169 13.98 -73.92 18.48
CA ALA H 169 13.61 -74.51 19.74
C ALA H 169 14.58 -74.11 20.85
N PRO H 170 14.07 -73.58 21.95
CA PRO H 170 14.89 -73.39 23.14
C PRO H 170 15.40 -74.72 23.66
N VAL H 171 16.62 -74.69 24.17
CA VAL H 171 17.17 -75.90 24.77
C VAL H 171 16.52 -76.20 26.11
N ASN H 172 15.87 -75.23 26.72
CA ASN H 172 15.17 -75.44 27.99
C ASN H 172 14.08 -74.40 28.17
N ALA H 173 12.98 -74.83 28.77
CA ALA H 173 11.89 -73.94 29.13
C ALA H 173 11.31 -74.41 30.46
N TRP H 174 10.90 -73.46 31.30
CA TRP H 174 10.43 -73.82 32.63
C TRP H 174 9.74 -72.61 33.25
N ASP H 175 9.15 -72.84 34.43
CA ASP H 175 8.37 -71.84 35.13
C ASP H 175 8.55 -71.99 36.62
N ASP H 176 8.33 -70.90 37.36
CA ASP H 176 8.43 -70.90 38.80
C ASP H 176 7.07 -70.81 39.48
N GLY H 177 6.01 -70.69 38.70
CA GLY H 177 4.69 -70.39 39.21
C GLY H 177 4.20 -69.00 38.88
N ARG H 178 5.11 -68.02 38.82
CA ARG H 178 4.76 -66.66 38.44
C ARG H 178 5.31 -66.28 37.08
N PHE H 179 6.54 -66.68 36.78
CA PHE H 179 7.15 -66.42 35.50
C PHE H 179 7.46 -67.71 34.77
N THR H 180 7.40 -67.65 33.45
CA THR H 180 7.81 -68.74 32.58
C THR H 180 9.08 -68.33 31.85
N TYR H 181 10.07 -69.20 31.85
CA TYR H 181 11.39 -68.90 31.28
C TYR H 181 11.65 -69.80 30.08
N PHE H 182 12.38 -69.27 29.11
CA PHE H 182 12.93 -70.06 28.01
C PHE H 182 14.44 -69.90 28.00
N LYS H 183 15.16 -71.01 27.85
CA LYS H 183 16.59 -70.99 27.65
C LYS H 183 16.91 -71.26 26.18
N PHE H 184 17.43 -70.25 25.49
CA PHE H 184 17.91 -70.41 24.14
C PHE H 184 19.41 -70.63 24.18
N SER H 185 19.89 -71.53 23.33
CA SER H 185 21.31 -71.82 23.28
C SER H 185 22.08 -70.60 22.78
N ALA H 186 23.40 -70.61 23.03
CA ALA H 186 24.20 -69.43 22.72
C ALA H 186 24.16 -69.10 21.24
N ASN H 187 24.26 -70.10 20.37
CA ASN H 187 24.38 -69.88 18.94
C ASN H 187 23.07 -69.48 18.28
N ALA H 188 21.95 -69.59 18.99
CA ALA H 188 20.65 -69.30 18.39
C ALA H 188 20.28 -67.84 18.62
N ASP H 189 19.50 -67.30 17.69
CA ASP H 189 18.97 -65.95 17.85
C ASP H 189 17.89 -65.95 18.91
N LEU H 190 17.62 -64.78 19.48
CA LEU H 190 16.52 -64.64 20.42
C LEU H 190 15.27 -64.20 19.67
N PRO H 191 14.25 -65.02 19.59
CA PRO H 191 13.08 -64.67 18.78
C PRO H 191 12.13 -63.75 19.52
N SER H 192 11.00 -63.43 18.88
CA SER H 192 9.92 -62.70 19.53
C SER H 192 8.88 -63.70 19.99
N ILE H 193 8.39 -63.52 21.22
CA ILE H 193 7.48 -64.44 21.86
C ILE H 193 6.10 -63.80 21.87
N TYR H 194 5.05 -64.62 21.89
CA TYR H 194 3.69 -64.12 21.94
C TYR H 194 2.83 -64.99 22.82
N PHE H 195 1.82 -64.35 23.42
CA PHE H 195 0.88 -65.02 24.31
C PHE H 195 -0.33 -65.46 23.51
N VAL H 196 -0.82 -66.66 23.80
CA VAL H 196 -1.95 -67.24 23.09
C VAL H 196 -3.09 -67.43 24.09
N ASP H 197 -4.27 -66.96 23.71
CA ASP H 197 -5.48 -67.15 24.52
C ASP H 197 -6.04 -68.55 24.27
N ALA H 198 -7.25 -68.81 24.76
CA ALA H 198 -7.86 -70.10 24.51
C ALA H 198 -8.40 -70.18 23.08
N GLU H 199 -8.88 -69.07 22.54
CA GLU H 199 -9.44 -69.08 21.19
C GLU H 199 -8.40 -69.22 20.10
N GLY H 200 -7.12 -69.09 20.42
CA GLY H 200 -6.08 -69.23 19.43
C GLY H 200 -5.56 -67.93 18.85
N ASN H 201 -5.92 -66.79 19.42
CA ASN H 201 -5.34 -65.53 18.98
C ASN H 201 -4.05 -65.26 19.74
N GLU H 202 -3.11 -64.61 19.07
CA GLU H 202 -1.83 -64.29 19.65
C GLU H 202 -1.86 -62.87 20.20
N SER H 203 -1.17 -62.66 21.31
CA SER H 203 -1.19 -61.34 21.93
C SER H 203 0.18 -61.04 22.52
N LEU H 204 0.43 -59.75 22.72
CA LEU H 204 1.69 -59.30 23.27
C LEU H 204 1.84 -59.71 24.72
N VAL H 205 3.07 -59.63 25.22
CA VAL H 205 3.38 -59.88 26.62
C VAL H 205 4.74 -59.28 26.92
N PRO H 206 4.88 -58.48 27.96
CA PRO H 206 6.19 -57.91 28.28
C PRO H 206 7.20 -59.00 28.57
N ARG H 207 8.44 -58.74 28.16
CA ARG H 207 9.51 -59.71 28.29
C ARG H 207 10.74 -59.03 28.86
N THR H 208 11.48 -59.77 29.69
CA THR H 208 12.77 -59.32 30.19
C THR H 208 13.75 -60.47 30.07
N THR H 209 15.03 -60.13 29.98
CA THR H 209 16.08 -61.12 29.76
C THR H 209 16.97 -61.18 30.98
N VAL H 210 17.16 -62.38 31.52
CA VAL H 210 17.95 -62.56 32.71
C VAL H 210 18.96 -63.66 32.42
N GLY H 211 19.86 -63.92 33.34
CA GLY H 211 20.88 -64.93 33.16
C GLY H 211 22.26 -64.34 32.98
N SER H 212 23.28 -65.18 33.24
CA SER H 212 24.65 -64.72 33.11
C SER H 212 24.98 -64.31 31.68
N SER H 213 24.55 -65.10 30.71
CA SER H 213 24.93 -64.93 29.32
C SER H 213 23.77 -64.44 28.45
N ASN H 214 22.72 -63.92 29.07
CA ASN H 214 21.54 -63.48 28.34
C ASN H 214 20.97 -64.60 27.48
N ASN H 215 21.07 -65.82 27.98
CA ASN H 215 20.50 -66.97 27.30
C ASN H 215 19.13 -67.34 27.85
N ILE H 216 18.58 -66.53 28.75
CA ILE H 216 17.28 -66.78 29.36
C ILE H 216 16.37 -65.61 29.01
N ILE H 217 15.25 -65.90 28.35
CA ILE H 217 14.22 -64.91 28.09
C ILE H 217 13.07 -65.17 29.04
N ALA H 218 12.61 -64.12 29.71
CA ALA H 218 11.60 -64.24 30.75
C ALA H 218 10.34 -63.50 30.33
N VAL H 219 9.20 -64.15 30.48
CA VAL H 219 7.90 -63.53 30.24
C VAL H 219 7.15 -63.48 31.57
N HIS H 220 6.18 -62.57 31.64
CA HIS H 220 5.53 -62.21 32.90
C HIS H 220 4.16 -62.82 33.07
N LYS H 221 3.93 -64.05 32.63
CA LYS H 221 2.64 -64.69 32.80
C LYS H 221 2.75 -66.17 32.48
N VAL H 222 2.14 -66.99 33.32
CA VAL H 222 2.05 -68.43 33.10
C VAL H 222 0.83 -68.68 32.23
N ASN H 223 0.96 -69.59 31.28
CA ASN H 223 -0.12 -69.86 30.34
C ASN H 223 -0.01 -71.29 29.82
N PRO H 224 -1.11 -71.86 29.34
CA PRO H 224 -1.01 -73.19 28.73
C PRO H 224 -0.35 -73.19 27.36
N LYS H 225 -0.64 -72.23 26.48
CA LYS H 225 -0.13 -72.32 25.12
C LYS H 225 0.65 -71.06 24.76
N TRP H 226 1.90 -71.27 24.31
CA TRP H 226 2.82 -70.21 23.94
C TRP H 226 3.19 -70.32 22.47
N MET H 227 3.49 -69.17 21.86
CA MET H 227 3.91 -69.10 20.47
C MET H 227 5.28 -68.46 20.37
N ILE H 228 6.14 -69.04 19.53
CA ILE H 228 7.47 -68.52 19.26
C ILE H 228 7.56 -68.21 17.77
N ARG H 229 7.85 -66.96 17.43
CA ARG H 229 7.93 -66.55 16.04
C ARG H 229 9.25 -65.85 15.79
N LEU H 230 9.76 -66.00 14.57
CA LEU H 230 11.04 -65.44 14.15
C LEU H 230 11.08 -65.42 12.64
N GLY H 231 11.23 -64.23 12.05
CA GLY H 231 11.29 -64.15 10.61
C GLY H 231 9.99 -64.62 9.99
N ASN H 232 10.01 -65.81 9.41
CA ASN H 232 8.82 -66.43 8.86
C ASN H 232 8.70 -67.89 9.29
N ARG H 233 9.18 -68.22 10.49
CA ARG H 233 9.03 -69.54 11.05
C ARG H 233 8.39 -69.41 12.43
N ALA H 234 7.60 -70.42 12.81
CA ALA H 234 6.87 -70.36 14.06
C ALA H 234 7.05 -71.66 14.83
N LEU H 235 7.11 -71.53 16.15
CA LEU H 235 7.16 -72.67 17.05
C LEU H 235 6.15 -72.46 18.15
N ALA H 236 5.34 -73.48 18.42
CA ALA H 236 4.31 -73.40 19.43
C ALA H 236 4.71 -74.21 20.65
N ILE H 237 4.42 -73.67 21.83
CA ILE H 237 4.77 -74.30 23.09
C ILE H 237 3.51 -74.50 23.92
N PHE H 238 3.20 -75.75 24.25
CA PHE H 238 2.06 -76.07 25.10
C PHE H 238 2.57 -76.36 26.50
N ASN H 239 1.92 -75.78 27.50
CA ASN H 239 2.15 -76.18 28.88
C ASN H 239 1.34 -77.44 29.13
N GLU H 240 2.02 -78.54 29.42
CA GLU H 240 1.35 -79.80 29.67
C GLU H 240 0.64 -79.82 31.01
N ALA H 241 1.08 -79.03 31.99
CA ALA H 241 0.59 -79.12 33.35
C ALA H 241 0.22 -77.74 33.88
N TYR H 242 -0.54 -76.98 33.10
CA TYR H 242 -0.98 -75.67 33.56
C TYR H 242 -1.86 -75.80 34.79
N ASP H 243 -1.58 -74.97 35.79
CA ASP H 243 -2.30 -75.01 37.05
C ASP H 243 -2.93 -73.65 37.28
N PRO H 244 -4.25 -73.51 37.10
CA PRO H 244 -4.87 -72.17 37.22
C PRO H 244 -4.71 -71.56 38.58
N ASN H 245 -4.46 -72.35 39.61
CA ASN H 245 -4.39 -71.81 40.96
C ASN H 245 -3.22 -70.85 41.12
N GLY H 246 -2.00 -71.35 40.93
CA GLY H 246 -0.84 -70.49 41.07
C GLY H 246 -0.64 -70.05 42.51
N VAL H 247 0.17 -69.00 42.68
CA VAL H 247 0.44 -68.40 43.98
C VAL H 247 0.21 -66.90 43.84
N PRO H 248 -0.50 -66.26 44.76
CA PRO H 248 -0.75 -64.82 44.64
C PRO H 248 0.53 -64.02 44.88
N ASN H 249 0.55 -62.82 44.30
CA ASN H 249 1.66 -61.89 44.45
C ASN H 249 1.31 -60.91 45.56
N ASP H 250 1.16 -61.43 46.76
CA ASP H 250 0.67 -60.65 47.88
C ASP H 250 1.66 -59.58 48.36
N THR H 251 2.90 -59.59 47.87
CA THR H 251 3.89 -58.61 48.31
C THR H 251 4.25 -57.58 47.25
N GLY H 252 3.70 -57.70 46.04
CA GLY H 252 3.93 -56.70 45.03
C GLY H 252 5.27 -56.75 44.34
N THR H 253 6.06 -57.79 44.57
CA THR H 253 7.34 -57.95 43.89
C THR H 253 7.52 -59.38 43.42
N ALA H 254 8.64 -59.62 42.77
CA ALA H 254 8.97 -60.97 42.32
C ALA H 254 9.30 -61.90 43.48
N SER H 255 9.46 -61.38 44.68
CA SER H 255 9.87 -62.23 45.78
C SER H 255 8.73 -62.44 46.77
N PRO H 256 8.66 -63.62 47.39
CA PRO H 256 7.82 -63.79 48.57
C PRO H 256 8.47 -63.31 49.86
N ALA H 257 9.57 -62.57 49.77
CA ALA H 257 10.26 -62.06 50.95
C ALA H 257 10.63 -60.60 50.83
N VAL H 258 10.06 -59.87 49.87
CA VAL H 258 10.29 -58.44 49.73
C VAL H 258 8.93 -57.76 49.62
N ARG H 259 8.70 -56.76 50.45
CA ARG H 259 7.47 -55.98 50.35
C ARG H 259 7.73 -54.65 49.65
N ARG H 260 6.76 -54.25 48.84
CA ARG H 260 6.70 -52.89 48.31
C ARG H 260 5.79 -52.08 49.22
N VAL H 261 6.28 -50.93 49.67
CA VAL H 261 5.52 -50.11 50.62
C VAL H 261 5.38 -48.71 50.05
N ASN H 262 4.28 -48.05 50.44
CA ASN H 262 3.97 -46.72 49.95
C ASN H 262 4.77 -45.70 50.75
N LYS H 263 5.82 -45.15 50.13
CA LYS H 263 6.50 -44.04 50.78
C LYS H 263 5.80 -42.73 50.48
N GLY H 264 4.82 -42.76 49.58
CA GLY H 264 4.10 -41.54 49.25
C GLY H 264 3.34 -40.96 50.42
N GLY H 265 2.75 -41.80 51.26
CA GLY H 265 1.91 -41.31 52.33
C GLY H 265 0.74 -40.52 51.78
N ASN H 266 0.58 -39.29 52.24
CA ASN H 266 -0.40 -38.36 51.70
C ASN H 266 -1.81 -38.93 51.70
N CYS I 17 -12.68 -59.19 -0.68
CA CYS I 17 -12.36 -60.20 -1.68
C CYS I 17 -10.96 -60.76 -1.46
N ALA I 18 -10.09 -59.96 -0.88
CA ALA I 18 -8.75 -60.38 -0.49
C ALA I 18 -8.43 -59.78 0.87
N SER I 19 -7.76 -60.55 1.72
CA SER I 19 -7.48 -60.15 3.09
C SER I 19 -5.99 -60.29 3.38
N ALA I 20 -5.55 -59.58 4.41
CA ALA I 20 -4.14 -59.62 4.78
C ALA I 20 -3.73 -61.03 5.18
N PRO I 21 -2.64 -61.56 4.65
CA PRO I 21 -2.27 -62.95 4.95
C PRO I 21 -2.00 -63.13 6.43
N LYS I 22 -2.42 -64.27 6.93
CA LYS I 22 -2.10 -64.60 8.30
C LYS I 22 -0.66 -65.07 8.41
N PRO I 23 -0.03 -64.90 9.56
CA PRO I 23 1.28 -65.51 9.77
C PRO I 23 1.18 -67.03 9.73
N LYS I 24 2.32 -67.66 9.49
CA LYS I 24 2.34 -69.11 9.36
C LYS I 24 1.90 -69.77 10.65
N GLN I 25 0.98 -70.69 10.55
CA GLN I 25 0.51 -71.45 11.69
C GLN I 25 1.34 -72.72 11.83
N PRO I 26 1.96 -72.94 12.98
CA PRO I 26 2.79 -74.14 13.13
C PRO I 26 1.97 -75.41 13.07
N SER I 27 2.59 -76.46 12.54
CA SER I 27 1.96 -77.77 12.52
C SER I 27 2.02 -78.40 13.90
N ASP I 28 1.09 -79.31 14.17
CA ASP I 28 1.03 -80.00 15.45
C ASP I 28 1.31 -81.49 15.32
N PHE I 29 2.10 -81.89 14.33
CA PHE I 29 2.43 -83.29 14.13
C PHE I 29 3.53 -83.76 15.07
N ASN I 30 4.72 -83.18 14.96
CA ASN I 30 5.85 -83.57 15.80
C ASN I 30 5.79 -82.82 17.13
N ARG I 31 5.29 -83.54 18.13
CA ARG I 31 5.14 -83.01 19.48
C ARG I 31 6.08 -83.76 20.42
N GLU I 32 7.04 -83.06 20.99
CA GLU I 32 8.07 -83.68 21.81
C GLU I 32 8.37 -82.79 23.01
N PRO I 33 8.86 -83.37 24.10
CA PRO I 33 9.21 -82.56 25.28
C PRO I 33 10.28 -81.54 24.95
N VAL I 34 10.14 -80.36 25.55
CA VAL I 34 11.11 -79.30 25.34
C VAL I 34 12.40 -79.60 26.09
N ASN I 35 12.29 -80.09 27.31
CA ASN I 35 13.43 -80.20 28.21
C ASN I 35 13.90 -81.65 28.24
N LYS I 36 14.83 -82.00 27.36
CA LYS I 36 15.49 -83.29 27.47
C LYS I 36 16.19 -83.44 28.81
N THR I 37 16.85 -82.40 29.28
CA THR I 37 17.68 -82.48 30.47
C THR I 37 17.31 -81.36 31.43
N VAL I 38 17.63 -81.59 32.70
CA VAL I 38 17.34 -80.60 33.75
C VAL I 38 18.25 -79.40 33.58
N PRO I 39 17.71 -78.19 33.44
CA PRO I 39 18.57 -77.01 33.31
C PRO I 39 19.38 -76.79 34.57
N VAL I 40 20.57 -76.21 34.40
CA VAL I 40 21.46 -75.98 35.53
C VAL I 40 20.92 -74.94 36.51
N GLU I 41 20.24 -73.91 36.01
CA GLU I 41 19.75 -72.83 36.88
C GLU I 41 18.70 -73.33 37.86
N ILE I 42 18.16 -74.53 37.63
CA ILE I 42 17.23 -75.15 38.56
C ILE I 42 18.04 -75.73 39.70
N GLN I 43 19.36 -75.54 39.65
CA GLN I 43 20.27 -76.04 40.67
C GLN I 43 20.18 -77.55 40.78
N ARG I 44 19.88 -78.20 39.65
CA ARG I 44 19.78 -79.64 39.59
C ARG I 44 20.50 -80.16 38.36
N LYS J 135 61.07 5.98 60.80
CA LYS J 135 60.38 4.95 60.02
C LYS J 135 61.37 3.98 59.39
N THR J 136 61.75 2.95 60.15
CA THR J 136 62.72 1.98 59.65
C THR J 136 62.11 1.18 58.50
N PRO J 137 62.92 0.71 57.56
CA PRO J 137 62.38 -0.07 56.45
C PRO J 137 61.66 -1.34 56.88
N TYR J 138 61.99 -1.90 58.04
CA TYR J 138 61.23 -3.04 58.54
C TYR J 138 59.79 -2.66 58.85
N GLU J 139 59.59 -1.48 59.44
CA GLU J 139 58.24 -0.99 59.70
C GLU J 139 57.47 -0.81 58.39
N LEU J 140 58.12 -0.23 57.39
CA LEU J 140 57.50 -0.12 56.08
C LEU J 140 57.18 -1.48 55.49
N ALA J 141 58.08 -2.44 55.68
CA ALA J 141 57.82 -3.80 55.23
C ALA J 141 56.57 -4.36 55.86
N ARG J 142 56.43 -4.20 57.19
CA ARG J 142 55.27 -4.75 57.87
C ARG J 142 53.98 -4.09 57.39
N GLU J 143 53.95 -2.75 57.35
CA GLU J 143 52.72 -2.08 56.92
C GLU J 143 52.37 -2.45 55.48
N ARG J 144 53.33 -2.30 54.58
CA ARG J 144 53.14 -2.67 53.18
C ARG J 144 52.64 -4.10 53.05
N MET J 145 53.20 -5.00 53.85
CA MET J 145 52.90 -6.42 53.73
C MET J 145 51.52 -6.73 54.28
N LEU J 146 51.05 -5.95 55.25
CA LEU J 146 49.65 -6.03 55.65
C LEU J 146 48.74 -5.51 54.55
N ARG J 147 49.16 -4.46 53.84
CA ARG J 147 48.27 -3.78 52.92
C ARG J 147 47.78 -4.69 51.79
N SER J 148 48.71 -5.40 51.13
CA SER J 148 48.46 -5.95 49.81
C SER J 148 47.35 -6.99 49.83
N GLY J 149 46.62 -7.05 48.71
CA GLY J 149 45.66 -8.11 48.48
C GLY J 149 46.34 -9.38 47.98
N LEU J 150 45.52 -10.41 47.74
CA LEU J 150 46.07 -11.69 47.33
C LEU J 150 46.49 -11.68 45.87
N THR J 151 45.89 -10.81 45.07
CA THR J 151 46.17 -10.74 43.64
C THR J 151 46.52 -9.31 43.26
N ALA J 152 47.37 -9.16 42.26
CA ALA J 152 47.67 -7.85 41.70
C ALA J 152 46.77 -7.58 40.49
N GLY J 153 45.97 -6.52 40.57
CA GLY J 153 45.06 -6.18 39.51
C GLY J 153 43.61 -6.08 39.97
N GLY J 177 27.91 7.44 -26.51
CA GLY J 177 26.90 6.77 -27.30
C GLY J 177 26.91 5.27 -27.11
N GLY J 178 25.73 4.66 -27.17
CA GLY J 178 25.61 3.23 -26.99
C GLY J 178 24.59 2.60 -27.91
N GLY J 179 24.35 3.24 -29.05
CA GLY J 179 23.35 2.77 -30.00
C GLY J 179 23.65 1.39 -30.52
N GLY J 180 22.73 0.90 -31.35
CA GLY J 180 22.80 -0.46 -31.84
C GLY J 180 22.67 -1.45 -30.71
N GLY J 181 21.68 -1.21 -29.84
CA GLY J 181 21.57 -1.97 -28.61
C GLY J 181 21.60 -3.47 -28.82
N GLU J 182 21.25 -3.92 -30.02
CA GLU J 182 21.38 -5.34 -30.34
C GLU J 182 22.82 -5.71 -30.64
N LEU J 183 23.37 -5.13 -31.71
CA LEU J 183 24.72 -5.47 -32.12
C LEU J 183 25.74 -5.15 -31.05
N ALA J 184 25.85 -3.87 -30.67
CA ALA J 184 26.87 -3.47 -29.71
C ALA J 184 26.74 -4.20 -28.39
N GLU J 185 25.66 -4.96 -28.20
CA GLU J 185 25.60 -5.88 -27.09
C GLU J 185 26.09 -7.27 -27.47
N LYS J 186 25.78 -7.75 -28.66
CA LYS J 186 26.29 -9.06 -29.03
C LYS J 186 27.81 -9.08 -29.19
N LEU J 187 28.44 -7.92 -29.35
CA LEU J 187 29.88 -7.83 -29.37
C LEU J 187 30.47 -7.58 -27.99
N GLN J 188 29.76 -7.97 -26.94
CA GLN J 188 30.29 -7.78 -25.60
C GLN J 188 31.44 -8.75 -25.38
N PRO J 189 32.65 -8.27 -25.10
CA PRO J 189 33.77 -9.17 -24.90
C PRO J 189 33.56 -10.03 -23.68
N MET J 190 34.11 -11.23 -23.72
CA MET J 190 34.03 -12.17 -22.62
C MET J 190 35.45 -12.63 -22.30
N ARG J 191 36.03 -12.05 -21.27
CA ARG J 191 37.40 -12.34 -20.85
C ARG J 191 37.34 -13.37 -19.74
N LEU J 192 38.24 -14.33 -19.76
CA LEU J 192 38.32 -15.35 -18.74
C LEU J 192 39.66 -15.26 -18.05
N SER J 193 39.62 -15.28 -16.71
CA SER J 193 40.85 -15.15 -15.95
C SER J 193 41.77 -16.34 -16.18
N GLY J 194 43.04 -16.05 -16.37
CA GLY J 194 44.02 -17.11 -16.50
C GLY J 194 44.30 -17.78 -15.19
N SER J 195 45.02 -18.90 -15.26
CA SER J 195 45.35 -19.68 -14.07
C SER J 195 46.85 -19.92 -14.01
N SER J 196 47.31 -20.34 -12.84
CA SER J 196 48.72 -20.63 -12.61
C SER J 196 48.85 -22.00 -11.99
N ALA J 197 49.82 -22.77 -12.45
CA ALA J 197 49.98 -24.14 -11.98
C ALA J 197 50.50 -24.16 -10.55
N GLY J 198 50.20 -25.25 -9.85
CA GLY J 198 50.73 -25.50 -8.53
C GLY J 198 51.38 -26.86 -8.43
N ARG J 199 51.66 -27.25 -7.20
CA ARG J 199 52.29 -28.55 -6.96
C ARG J 199 51.73 -29.16 -5.69
N LEU J 200 51.29 -30.41 -5.80
CA LEU J 200 50.78 -31.11 -4.63
C LEU J 200 51.86 -31.23 -3.58
N GLY J 201 51.47 -31.18 -2.32
CA GLY J 201 52.44 -31.21 -1.24
C GLY J 201 53.21 -32.50 -1.17
N ASN J 202 52.54 -33.59 -0.85
CA ASN J 202 53.18 -34.88 -0.61
C ASN J 202 52.43 -35.95 -1.37
N ARG J 203 52.84 -36.22 -2.60
CA ARG J 203 52.14 -37.17 -3.45
C ARG J 203 52.18 -38.59 -2.92
N ASP J 204 52.84 -38.85 -1.81
CA ASP J 204 52.88 -40.19 -1.24
C ASP J 204 51.75 -40.45 -0.26
N MET J 205 50.95 -39.42 0.06
CA MET J 205 50.04 -39.47 1.20
C MET J 205 48.71 -38.82 0.85
N LEU J 206 48.30 -38.88 -0.41
CA LEU J 206 47.19 -38.06 -0.86
C LEU J 206 46.42 -38.76 -1.97
N ILE J 207 45.14 -38.43 -2.10
CA ILE J 207 44.28 -38.94 -3.17
C ILE J 207 43.64 -37.73 -3.84
N THR J 208 43.47 -37.79 -5.15
CA THR J 208 42.95 -36.65 -5.89
C THR J 208 41.62 -36.97 -6.54
N GLN J 209 41.05 -35.97 -7.21
CA GLN J 209 39.87 -36.21 -8.01
C GLN J 209 40.11 -37.31 -9.03
N GLY J 210 39.09 -38.13 -9.24
CA GLY J 210 39.13 -39.10 -10.31
C GLY J 210 39.70 -40.45 -9.96
N THR J 211 40.28 -40.61 -8.78
CA THR J 211 40.77 -41.92 -8.40
C THR J 211 39.61 -42.85 -8.12
N GLN J 212 39.24 -43.62 -9.12
CA GLN J 212 38.03 -44.43 -9.07
C GLN J 212 38.22 -45.58 -8.08
N LEU J 213 37.46 -45.55 -7.00
CA LEU J 213 37.44 -46.63 -6.02
C LEU J 213 36.56 -47.73 -6.56
N ASP J 214 36.54 -48.87 -5.89
CA ASP J 214 35.67 -49.98 -6.26
C ASP J 214 35.22 -50.74 -5.02
N CYS J 215 33.92 -50.83 -4.81
CA CYS J 215 33.40 -51.53 -3.64
C CYS J 215 32.17 -52.34 -4.01
N VAL J 216 31.95 -53.39 -3.23
CA VAL J 216 30.83 -54.30 -3.40
C VAL J 216 29.67 -53.80 -2.54
N LEU J 217 28.49 -53.74 -3.13
CA LEU J 217 27.34 -53.16 -2.46
C LEU J 217 26.72 -54.17 -1.50
N GLU J 218 26.47 -53.73 -0.28
CA GLU J 218 25.92 -54.61 0.75
C GLU J 218 24.41 -54.48 0.88
N THR J 219 23.91 -53.24 0.88
CA THR J 219 22.50 -53.00 1.16
C THR J 219 21.69 -52.95 -0.13
N ARG J 220 20.94 -54.03 -0.36
CA ARG J 220 20.06 -54.11 -1.51
C ARG J 220 19.22 -52.84 -1.61
N LEU J 221 19.44 -52.08 -2.69
CA LEU J 221 18.91 -50.74 -2.81
C LEU J 221 17.48 -50.80 -3.35
N VAL J 222 16.57 -50.13 -2.66
CA VAL J 222 15.21 -49.90 -3.15
C VAL J 222 14.90 -48.43 -2.88
N THR J 223 14.35 -47.75 -3.87
CA THR J 223 14.35 -46.31 -3.87
C THR J 223 13.01 -45.67 -3.53
N THR J 224 12.08 -46.42 -2.94
CA THR J 224 10.80 -45.81 -2.60
C THR J 224 10.97 -44.78 -1.50
N GLN J 225 11.39 -45.22 -0.33
CA GLN J 225 11.68 -44.25 0.70
C GLN J 225 13.14 -43.89 0.67
N PRO J 226 13.50 -42.66 1.03
CA PRO J 226 14.91 -42.34 1.20
C PRO J 226 15.51 -43.18 2.32
N GLY J 227 16.74 -43.65 2.09
CA GLY J 227 17.39 -44.53 3.04
C GLY J 227 18.88 -44.31 3.02
N MET J 228 19.61 -45.35 3.43
CA MET J 228 21.06 -45.30 3.46
C MET J 228 21.63 -46.51 2.74
N THR J 229 22.93 -46.47 2.47
CA THR J 229 23.63 -47.49 1.72
C THR J 229 24.97 -47.81 2.37
N THR J 230 25.51 -48.97 2.02
CA THR J 230 26.75 -49.44 2.61
C THR J 230 27.49 -50.29 1.60
N CYS J 231 28.77 -50.04 1.42
CA CYS J 231 29.58 -50.90 0.58
C CYS J 231 30.97 -51.06 1.18
N HIS J 232 31.57 -52.22 0.92
CA HIS J 232 32.89 -52.54 1.40
C HIS J 232 33.88 -52.49 0.25
N LEU J 233 34.98 -51.78 0.45
CA LEU J 233 36.01 -51.69 -0.58
C LEU J 233 36.62 -53.05 -0.85
N THR J 234 36.77 -53.40 -2.12
CA THR J 234 37.31 -54.70 -2.48
C THR J 234 38.81 -54.65 -2.76
N ARG J 235 39.29 -53.62 -3.44
CA ARG J 235 40.68 -53.54 -3.86
C ARG J 235 41.38 -52.47 -3.05
N ASP J 236 42.52 -52.84 -2.49
CA ASP J 236 43.35 -51.86 -1.80
C ASP J 236 43.66 -50.71 -2.74
N VAL J 237 43.47 -49.49 -2.26
CA VAL J 237 43.66 -48.29 -3.05
C VAL J 237 44.99 -47.68 -2.66
N TYR J 238 45.81 -47.36 -3.65
CA TYR J 238 47.10 -46.76 -3.39
C TYR J 238 47.04 -45.25 -3.61
N SER J 239 48.01 -44.55 -3.04
CA SER J 239 48.10 -43.11 -3.20
C SER J 239 48.39 -42.77 -4.66
N THR J 240 48.41 -41.47 -4.95
CA THR J 240 48.72 -41.05 -6.31
C THR J 240 50.11 -41.49 -6.73
N SER J 241 51.06 -41.53 -5.80
CA SER J 241 52.39 -41.99 -6.13
C SER J 241 52.40 -43.48 -6.45
N GLY J 242 51.33 -44.19 -6.16
CA GLY J 242 51.33 -45.62 -6.36
C GLY J 242 52.36 -46.32 -5.51
N ARG J 243 52.49 -45.93 -4.25
CA ARG J 243 53.48 -46.52 -3.37
C ARG J 243 52.95 -46.96 -2.02
N VAL J 244 51.87 -46.38 -1.52
CA VAL J 244 51.41 -46.63 -0.17
C VAL J 244 49.93 -46.99 -0.22
N VAL J 245 49.54 -47.98 0.57
CA VAL J 245 48.13 -48.33 0.71
C VAL J 245 47.51 -47.36 1.71
N LEU J 246 46.54 -46.57 1.24
CA LEU J 246 45.86 -45.63 2.11
C LEU J 246 44.62 -46.24 2.76
N LEU J 247 43.71 -46.75 1.95
CA LEU J 247 42.44 -47.27 2.43
C LEU J 247 42.45 -48.78 2.21
N ASP J 248 42.65 -49.52 3.28
CA ASP J 248 42.72 -50.97 3.18
C ASP J 248 41.42 -51.53 2.61
N ARG J 249 41.57 -52.62 1.85
CA ARG J 249 40.40 -53.34 1.40
C ARG J 249 39.66 -53.91 2.60
N GLY J 250 38.36 -54.09 2.44
CA GLY J 250 37.53 -54.40 3.57
C GLY J 250 37.11 -53.18 4.38
N SER J 251 37.42 -51.98 3.88
CA SER J 251 36.92 -50.78 4.50
C SER J 251 35.40 -50.70 4.35
N LYS J 252 34.77 -49.94 5.23
CA LYS J 252 33.33 -49.78 5.22
C LYS J 252 33.02 -48.38 4.70
N VAL J 253 31.88 -48.24 4.03
CA VAL J 253 31.44 -46.94 3.54
C VAL J 253 30.05 -46.71 4.09
N VAL J 254 29.66 -45.45 4.21
CA VAL J 254 28.28 -45.10 4.51
C VAL J 254 27.84 -44.02 3.53
N GLY J 255 26.73 -44.25 2.86
CA GLY J 255 26.24 -43.29 1.91
C GLY J 255 24.73 -43.25 1.84
N PHE J 256 24.19 -42.09 1.47
CA PHE J 256 22.76 -41.88 1.50
C PHE J 256 22.29 -41.52 0.10
N TYR J 257 20.98 -41.52 -0.07
CA TYR J 257 20.35 -41.04 -1.29
C TYR J 257 18.94 -40.60 -0.95
N GLN J 258 18.40 -39.72 -1.78
CA GLN J 258 17.09 -39.17 -1.49
C GLN J 258 16.52 -38.51 -2.73
N GLY J 259 15.20 -38.40 -2.76
CA GLY J 259 14.50 -37.70 -3.80
C GLY J 259 13.68 -38.58 -4.72
N GLY J 260 13.90 -39.88 -4.74
CA GLY J 260 13.18 -40.70 -5.67
C GLY J 260 13.59 -40.38 -7.10
N LEU J 261 12.71 -40.73 -8.02
CA LEU J 261 13.00 -40.56 -9.44
C LEU J 261 12.00 -39.63 -10.09
N ARG J 262 12.19 -39.41 -11.38
CA ARG J 262 11.24 -38.73 -12.24
C ARG J 262 10.93 -39.64 -13.42
N GLN J 263 9.77 -39.44 -14.03
CA GLN J 263 9.39 -40.26 -15.17
C GLN J 263 10.46 -40.19 -16.26
N GLY J 264 10.86 -41.34 -16.77
CA GLY J 264 11.84 -41.41 -17.82
C GLY J 264 13.28 -41.54 -17.37
N GLN J 265 13.55 -41.49 -16.07
CA GLN J 265 14.88 -41.73 -15.56
C GLN J 265 15.08 -43.22 -15.34
N ALA J 266 16.35 -43.63 -15.20
CA ALA J 266 16.67 -45.03 -14.99
C ALA J 266 17.75 -45.24 -13.95
N ARG J 267 18.34 -44.16 -13.43
CA ARG J 267 19.39 -44.27 -12.44
C ARG J 267 19.14 -43.29 -11.31
N ILE J 268 19.22 -43.77 -10.08
CA ILE J 268 19.12 -42.93 -8.90
C ILE J 268 20.48 -42.36 -8.59
N PHE J 269 20.53 -41.07 -8.32
CA PHE J 269 21.76 -40.47 -7.82
C PHE J 269 22.03 -41.02 -6.43
N VAL J 270 23.29 -41.21 -6.11
CA VAL J 270 23.72 -41.60 -4.77
C VAL J 270 24.85 -40.69 -4.38
N GLN J 271 24.96 -40.39 -3.10
CA GLN J 271 26.08 -39.64 -2.55
C GLN J 271 26.66 -40.47 -1.44
N TRP J 272 27.97 -40.70 -1.48
CA TRP J 272 28.62 -41.47 -0.43
C TRP J 272 29.31 -40.47 0.50
N SER J 273 29.29 -40.74 1.80
CA SER J 273 29.72 -39.73 2.75
C SER J 273 30.96 -40.09 3.54
N ARG J 274 30.99 -41.25 4.20
CA ARG J 274 32.10 -41.48 5.11
C ARG J 274 32.72 -42.82 4.84
N ILE J 275 34.04 -42.86 4.95
CA ILE J 275 34.85 -44.06 4.74
C ILE J 275 35.59 -44.38 6.02
N GLU J 276 35.62 -45.65 6.37
CA GLU J 276 36.32 -46.10 7.56
C GLU J 276 37.26 -47.24 7.19
N THR J 277 38.52 -47.06 7.50
CA THR J 277 39.47 -48.13 7.32
C THR J 277 39.29 -49.17 8.41
N PRO J 278 39.70 -50.41 8.16
CA PRO J 278 39.67 -51.41 9.23
C PRO J 278 40.49 -51.04 10.43
N SER J 279 41.52 -50.21 10.27
CA SER J 279 42.37 -49.86 11.39
C SER J 279 41.97 -48.56 12.06
N GLY J 280 40.91 -47.92 11.62
CA GLY J 280 40.36 -46.79 12.33
C GLY J 280 40.49 -45.43 11.69
N VAL J 281 40.92 -45.35 10.45
CA VAL J 281 41.04 -44.07 9.78
C VAL J 281 39.72 -43.72 9.13
N VAL J 282 39.24 -42.50 9.36
CA VAL J 282 37.99 -42.03 8.79
C VAL J 282 38.27 -40.73 8.05
N ILE J 283 37.61 -40.54 6.91
CA ILE J 283 37.69 -39.28 6.19
C ILE J 283 36.39 -39.06 5.42
N ASN J 284 35.95 -37.80 5.40
CA ASN J 284 34.68 -37.41 4.82
C ASN J 284 34.89 -37.16 3.33
N LEU J 285 34.66 -38.19 2.52
CA LEU J 285 34.70 -38.03 1.08
C LEU J 285 33.28 -37.80 0.59
N ASP J 286 33.07 -36.70 -0.13
CA ASP J 286 31.75 -36.33 -0.61
C ASP J 286 31.77 -36.43 -2.13
N SER J 287 31.38 -37.58 -2.63
CA SER J 287 31.63 -37.83 -4.04
C SER J 287 30.54 -38.69 -4.65
N PRO J 288 30.06 -38.33 -5.83
CA PRO J 288 28.95 -39.06 -6.44
C PRO J 288 29.28 -40.51 -6.65
N GLY J 289 28.29 -41.37 -6.47
CA GLY J 289 28.46 -42.79 -6.62
C GLY J 289 28.19 -43.21 -8.06
N THR J 290 28.82 -44.29 -8.46
CA THR J 290 28.80 -44.73 -9.84
C THR J 290 28.67 -46.25 -9.90
N GLY J 291 28.15 -46.73 -11.02
CA GLY J 291 28.07 -48.15 -11.26
C GLY J 291 29.44 -48.73 -11.56
N PRO J 292 29.44 -49.80 -12.35
CA PRO J 292 30.72 -50.41 -12.70
C PRO J 292 31.60 -49.51 -13.53
N LEU J 293 31.07 -48.89 -14.58
CA LEU J 293 31.90 -48.16 -15.54
C LEU J 293 31.94 -46.67 -15.26
N GLY J 294 31.63 -46.25 -14.05
CA GLY J 294 31.77 -44.86 -13.67
C GLY J 294 30.62 -43.95 -14.04
N GLU J 295 29.58 -44.47 -14.69
CA GLU J 295 28.44 -43.64 -15.04
C GLU J 295 27.78 -43.09 -13.78
N ALA J 296 27.22 -41.89 -13.90
CA ALA J 296 26.73 -41.18 -12.74
C ALA J 296 25.49 -41.85 -12.16
N GLY J 297 25.53 -42.17 -10.88
CA GLY J 297 24.38 -42.69 -10.19
C GLY J 297 24.17 -44.18 -10.45
N LEU J 298 23.81 -44.87 -9.37
CA LEU J 298 23.56 -46.31 -9.43
C LEU J 298 22.36 -46.58 -10.31
N GLY J 299 22.31 -47.79 -10.85
CA GLY J 299 21.19 -48.21 -11.67
C GLY J 299 21.03 -49.71 -11.62
N GLY J 300 19.83 -50.16 -11.97
CA GLY J 300 19.52 -51.59 -12.00
C GLY J 300 18.20 -51.83 -12.67
N TRP J 301 17.45 -52.81 -12.18
CA TRP J 301 16.16 -53.13 -12.75
C TRP J 301 15.13 -52.11 -12.31
N ILE J 302 14.17 -51.85 -13.18
CA ILE J 302 13.14 -50.85 -12.93
C ILE J 302 11.79 -51.54 -12.92
N ASP J 303 10.91 -51.07 -12.06
CA ASP J 303 9.47 -51.32 -12.17
C ASP J 303 8.85 -50.00 -12.60
N ARG J 304 7.90 -50.07 -13.53
CA ARG J 304 7.28 -48.85 -14.03
C ARG J 304 5.85 -48.68 -13.52
N HIS J 305 5.35 -49.65 -12.76
CA HIS J 305 3.97 -49.64 -12.29
C HIS J 305 2.99 -49.41 -13.44
N PHE J 306 3.17 -50.16 -14.52
CA PHE J 306 2.28 -49.98 -15.67
C PHE J 306 0.84 -50.28 -15.28
N TRP J 307 0.61 -51.39 -14.58
CA TRP J 307 -0.74 -51.69 -14.15
C TRP J 307 -1.24 -50.68 -13.13
N GLU J 308 -0.46 -50.40 -12.09
CA GLU J 308 -0.94 -49.49 -11.07
C GLU J 308 -1.08 -48.07 -11.58
N ARG J 309 -0.80 -47.83 -12.86
CA ARG J 309 -1.04 -46.54 -13.48
C ARG J 309 -2.13 -46.56 -14.53
N PHE J 310 -2.31 -47.67 -15.24
CA PHE J 310 -3.27 -47.71 -16.33
C PHE J 310 -4.45 -48.65 -16.10
N GLY J 311 -4.39 -49.54 -15.11
CA GLY J 311 -5.46 -50.50 -14.91
C GLY J 311 -6.77 -49.84 -14.60
N GLY J 312 -6.73 -48.70 -13.89
CA GLY J 312 -7.94 -47.96 -13.66
C GLY J 312 -8.67 -47.63 -14.96
N ALA J 313 -8.00 -46.87 -15.83
CA ALA J 313 -8.65 -46.45 -17.07
C ALA J 313 -9.01 -47.64 -17.93
N ILE J 314 -8.14 -48.65 -17.99
CA ILE J 314 -8.41 -49.81 -18.83
C ILE J 314 -9.66 -50.53 -18.35
N MET J 315 -9.73 -50.82 -17.05
CA MET J 315 -10.88 -51.54 -16.51
C MET J 315 -12.15 -50.73 -16.67
N ILE J 316 -12.07 -49.42 -16.46
CA ILE J 316 -13.29 -48.61 -16.55
C ILE J 316 -13.79 -48.56 -17.98
N SER J 317 -12.89 -48.35 -18.95
CA SER J 317 -13.33 -48.33 -20.34
C SER J 317 -13.90 -49.68 -20.75
N LEU J 318 -13.25 -50.77 -20.34
CA LEU J 318 -13.74 -52.09 -20.70
C LEU J 318 -15.11 -52.35 -20.09
N ILE J 319 -15.30 -52.01 -18.81
CA ILE J 319 -16.59 -52.24 -18.16
C ILE J 319 -17.67 -51.38 -18.79
N GLY J 320 -17.36 -50.13 -19.11
CA GLY J 320 -18.34 -49.28 -19.77
C GLY J 320 -18.76 -49.83 -21.12
N ASP J 321 -17.80 -50.28 -21.92
CA ASP J 321 -18.15 -50.84 -23.22
C ASP J 321 -18.95 -52.13 -23.06
N LEU J 322 -18.59 -52.96 -22.08
CA LEU J 322 -19.33 -54.19 -21.84
C LEU J 322 -20.77 -53.87 -21.44
N GLY J 323 -20.96 -52.87 -20.58
CA GLY J 323 -22.30 -52.46 -20.22
C GLY J 323 -23.10 -51.96 -21.41
N ASP J 324 -22.45 -51.18 -22.29
CA ASP J 324 -23.12 -50.73 -23.50
C ASP J 324 -23.54 -51.91 -24.35
N TRP J 325 -22.68 -52.91 -24.49
CA TRP J 325 -23.04 -54.08 -25.27
C TRP J 325 -24.21 -54.82 -24.63
N ALA J 326 -24.20 -54.95 -23.32
CA ALA J 326 -25.30 -55.61 -22.63
C ALA J 326 -26.61 -54.87 -22.85
N SER J 327 -26.55 -53.53 -22.85
CA SER J 327 -27.73 -52.74 -23.16
C SER J 327 -28.20 -53.01 -24.59
N ARG J 328 -27.26 -53.11 -25.53
CA ARG J 328 -27.63 -53.43 -26.90
C ARG J 328 -28.25 -54.82 -27.00
N GLN J 329 -27.87 -55.73 -26.10
CA GLN J 329 -28.24 -57.14 -26.18
C GLN J 329 -29.75 -57.38 -26.14
N GLY J 330 -30.58 -56.37 -25.90
CA GLY J 330 -32.02 -56.60 -25.81
C GLY J 330 -32.63 -57.11 -27.10
N SER J 331 -32.30 -56.48 -28.21
CA SER J 331 -32.85 -56.89 -29.50
C SER J 331 -31.88 -57.84 -30.19
N SER J 349 -14.84 -38.11 -18.87
CA SER J 349 -15.30 -39.48 -18.69
C SER J 349 -14.59 -40.17 -17.54
N ALA J 350 -15.16 -41.30 -17.12
CA ALA J 350 -14.64 -42.00 -15.95
C ALA J 350 -13.22 -42.49 -16.18
N ALA J 351 -12.94 -43.01 -17.38
CA ALA J 351 -11.58 -43.44 -17.69
C ALA J 351 -10.61 -42.28 -17.63
N ALA J 352 -10.99 -41.14 -18.21
CA ALA J 352 -10.13 -39.97 -18.16
C ALA J 352 -9.84 -39.56 -16.73
N GLU J 353 -10.86 -39.58 -15.87
CA GLU J 353 -10.66 -39.09 -14.51
C GLU J 353 -9.82 -40.06 -13.70
N ALA J 354 -10.00 -41.37 -13.90
CA ALA J 354 -9.12 -42.31 -13.24
C ALA J 354 -7.68 -42.12 -13.70
N LEU J 355 -7.48 -41.96 -15.00
CA LEU J 355 -6.14 -41.83 -15.54
C LEU J 355 -5.45 -40.59 -15.00
N ARG J 356 -6.15 -39.46 -14.98
CA ARG J 356 -5.49 -38.20 -14.63
C ARG J 356 -5.10 -38.17 -13.16
N ASN J 357 -5.79 -38.91 -12.31
CA ASN J 357 -5.41 -38.93 -10.90
C ASN J 357 -4.50 -40.09 -10.55
N SER J 358 -4.38 -41.09 -11.43
CA SER J 358 -3.47 -42.19 -11.16
C SER J 358 -2.45 -42.42 -12.26
N ILE J 359 -1.98 -41.36 -12.92
CA ILE J 359 -0.95 -41.55 -13.94
C ILE J 359 0.42 -41.12 -13.43
N ASN J 360 0.50 -40.08 -12.61
CA ASN J 360 1.80 -39.59 -12.16
C ASN J 360 2.26 -40.45 -10.99
N ILE J 361 3.05 -41.46 -11.31
CA ILE J 361 3.64 -42.35 -10.32
C ILE J 361 5.14 -42.42 -10.57
N PRO J 362 5.97 -42.14 -9.57
CA PRO J 362 7.40 -42.33 -9.77
C PRO J 362 7.73 -43.79 -9.94
N PRO J 363 8.54 -44.14 -10.94
CA PRO J 363 9.03 -45.52 -11.03
C PRO J 363 10.02 -45.80 -9.91
N THR J 364 10.08 -47.06 -9.51
CA THR J 364 10.88 -47.46 -8.36
C THR J 364 11.96 -48.44 -8.81
N LEU J 365 13.21 -48.03 -8.67
CA LEU J 365 14.38 -48.81 -9.01
C LEU J 365 14.59 -49.92 -8.00
N TYR J 366 15.18 -51.02 -8.45
CA TYR J 366 15.62 -52.10 -7.58
C TYR J 366 17.04 -52.48 -8.00
N LYS J 367 17.88 -52.77 -7.02
CA LYS J 367 19.24 -53.22 -7.26
C LYS J 367 19.53 -54.40 -6.36
N ASN J 368 19.82 -55.56 -6.96
CA ASN J 368 20.18 -56.70 -6.14
C ASN J 368 21.38 -56.37 -5.27
N GLN J 369 21.49 -57.09 -4.17
CA GLN J 369 22.64 -56.93 -3.29
C GLN J 369 23.86 -57.63 -3.88
N GLY J 370 25.04 -57.09 -3.59
CA GLY J 370 26.25 -57.67 -4.08
C GLY J 370 26.70 -57.22 -5.46
N GLU J 371 26.11 -56.16 -6.00
CA GLU J 371 26.61 -55.59 -7.24
C GLU J 371 27.94 -54.91 -6.99
N ARG J 372 28.58 -54.48 -8.07
CA ARG J 372 29.81 -53.72 -7.95
C ARG J 372 29.56 -52.25 -8.26
N VAL J 373 30.03 -51.36 -7.38
CA VAL J 373 29.84 -49.93 -7.54
C VAL J 373 31.16 -49.22 -7.27
N ASN J 374 31.30 -48.04 -7.87
CA ASN J 374 32.53 -47.26 -7.79
C ASN J 374 32.24 -45.87 -7.26
N ILE J 375 33.25 -45.28 -6.64
CA ILE J 375 33.12 -44.01 -5.95
C ILE J 375 34.12 -43.04 -6.57
N LEU J 376 33.65 -42.22 -7.50
CA LEU J 376 34.53 -41.28 -8.17
C LEU J 376 34.87 -40.17 -7.18
N VAL J 377 35.98 -40.31 -6.49
CA VAL J 377 36.37 -39.38 -5.43
C VAL J 377 36.37 -37.97 -5.99
N ALA J 378 35.74 -37.05 -5.28
CA ALA J 378 35.46 -35.73 -5.81
C ALA J 378 36.30 -34.63 -5.19
N ARG J 379 36.90 -34.85 -4.03
CA ARG J 379 37.64 -33.81 -3.35
C ARG J 379 39.00 -34.34 -2.94
N ASP J 380 39.98 -33.45 -2.87
CA ASP J 380 41.33 -33.84 -2.49
C ASP J 380 41.32 -34.46 -1.09
N LEU J 381 41.60 -35.76 -1.03
CA LEU J 381 41.74 -36.45 0.24
C LEU J 381 43.20 -36.37 0.68
N ASP J 382 43.42 -35.86 1.88
CA ASP J 382 44.76 -35.78 2.44
C ASP J 382 44.88 -36.81 3.56
N PHE J 383 46.10 -37.25 3.83
CA PHE J 383 46.35 -38.22 4.88
C PHE J 383 47.62 -37.89 5.66
N SER J 384 48.12 -36.67 5.54
CA SER J 384 49.38 -36.33 6.20
C SER J 384 49.27 -36.41 7.71
N ASP J 385 48.06 -36.26 8.26
CA ASP J 385 47.90 -36.07 9.69
C ASP J 385 47.77 -37.37 10.47
N VAL J 386 47.70 -38.51 9.80
CA VAL J 386 47.49 -39.77 10.50
C VAL J 386 48.52 -40.83 10.14
N TYR J 387 49.14 -40.77 8.97
CA TYR J 387 49.97 -41.87 8.49
C TYR J 387 51.39 -41.39 8.38
N SER J 388 52.35 -42.32 8.53
CA SER J 388 53.75 -41.95 8.36
C SER J 388 54.52 -43.17 7.90
N LEU J 389 55.54 -42.93 7.08
CA LEU J 389 56.28 -43.96 6.40
C LEU J 389 57.61 -44.21 7.09
N GLU J 390 57.97 -45.47 7.24
CA GLU J 390 59.24 -45.84 7.85
C GLU J 390 59.89 -46.94 7.04
N SER J 391 61.21 -46.94 7.04
CA SER J 391 61.97 -48.02 6.42
C SER J 391 62.20 -49.14 7.43
N ILE J 392 61.98 -50.36 6.99
CA ILE J 392 62.19 -51.53 7.84
C ILE J 392 63.70 -51.61 8.07
N PRO J 393 64.18 -52.27 9.13
CA PRO J 393 65.62 -52.44 9.26
C PRO J 393 66.12 -53.57 8.38
N THR J 394 67.11 -53.25 7.55
CA THR J 394 67.59 -54.19 6.55
C THR J 394 68.16 -55.43 7.23
N LYS J 395 68.05 -56.56 6.53
CA LYS J 395 68.47 -57.87 7.04
C LYS J 395 67.69 -58.24 8.30
N LEU K 21 61.64 -28.39 52.51
CA LEU K 21 62.03 -27.41 51.51
C LEU K 21 62.83 -28.06 50.39
N ASP K 22 62.37 -27.88 49.16
CA ASP K 22 63.15 -28.32 48.01
C ASP K 22 63.97 -27.16 47.49
N VAL K 23 65.27 -27.36 47.33
CA VAL K 23 66.14 -26.38 46.69
C VAL K 23 66.55 -26.93 45.34
N PRO K 24 66.42 -26.16 44.26
CA PRO K 24 66.75 -26.71 42.94
C PRO K 24 68.25 -26.75 42.73
N SER K 25 68.69 -27.74 41.95
CA SER K 25 70.09 -27.90 41.60
C SER K 25 70.30 -27.29 40.22
N SER K 26 71.38 -26.52 40.07
CA SER K 26 71.61 -25.78 38.85
C SER K 26 72.02 -26.72 37.71
N SER K 27 71.96 -26.18 36.50
CA SER K 27 72.52 -26.89 35.37
C SER K 27 74.04 -26.83 35.42
N ARG K 28 74.67 -27.82 34.79
CA ARG K 28 76.12 -27.91 34.82
C ARG K 28 76.81 -26.76 34.12
N TYR K 29 76.17 -26.14 33.12
CA TYR K 29 76.80 -25.07 32.37
C TYR K 29 76.69 -23.75 33.13
N ASP K 30 75.49 -23.40 33.56
CA ASP K 30 75.22 -22.17 34.27
C ASP K 30 74.60 -22.45 35.62
N HIS K 31 75.04 -21.72 36.64
CA HIS K 31 74.46 -21.86 37.98
C HIS K 31 73.12 -21.15 38.11
N ARG K 32 72.68 -20.44 37.08
CA ARG K 32 71.42 -19.73 37.11
C ARG K 32 70.23 -20.60 36.72
N ILE K 33 70.45 -21.61 35.90
CA ILE K 33 69.40 -22.47 35.40
C ILE K 33 69.35 -23.71 36.27
N ARG K 34 68.27 -23.86 37.03
CA ARG K 34 68.16 -24.93 38.01
C ARG K 34 66.94 -25.79 37.74
N TYR K 35 67.12 -27.09 37.91
CA TYR K 35 66.10 -28.09 37.62
C TYR K 35 65.69 -28.74 38.92
N VAL K 36 64.40 -29.04 39.06
CA VAL K 36 63.87 -29.54 40.32
C VAL K 36 62.63 -30.39 40.05
N THR K 37 62.41 -31.38 40.91
CA THR K 37 61.28 -32.30 40.79
C THR K 37 60.13 -31.80 41.66
N TYR K 38 58.95 -31.69 41.06
CA TYR K 38 57.76 -31.27 41.79
C TYR K 38 57.35 -32.34 42.79
N ASN K 39 56.82 -31.90 43.93
CA ASN K 39 56.28 -32.80 44.95
C ASN K 39 55.19 -32.07 45.72
N PRO K 40 54.00 -32.65 45.87
CA PRO K 40 52.93 -31.95 46.61
C PRO K 40 53.15 -31.92 48.11
N ALA K 41 54.15 -32.63 48.63
CA ALA K 41 54.36 -32.72 50.07
C ALA K 41 55.49 -31.81 50.56
N ASP K 42 55.95 -30.90 49.69
CA ASP K 42 56.99 -29.96 50.04
C ASP K 42 56.93 -28.77 49.09
N VAL K 43 57.52 -27.67 49.53
CA VAL K 43 57.43 -26.40 48.81
C VAL K 43 58.80 -26.03 48.26
N VAL K 44 58.81 -25.59 47.00
CA VAL K 44 60.02 -25.21 46.29
C VAL K 44 60.60 -23.98 46.96
N GLN K 45 61.93 -23.98 47.13
CA GLN K 45 62.66 -22.80 47.59
C GLN K 45 63.13 -22.03 46.36
N VAL K 46 62.80 -20.74 46.29
CA VAL K 46 63.24 -19.87 45.21
C VAL K 46 64.03 -18.72 45.84
N ASP K 47 65.26 -18.54 45.37
CA ASP K 47 66.17 -17.55 45.95
C ASP K 47 66.36 -16.43 44.93
N THR K 48 65.53 -15.40 45.03
CA THR K 48 65.49 -14.32 44.04
C THR K 48 66.38 -13.18 44.48
N VAL K 49 67.10 -12.60 43.54
CA VAL K 49 67.88 -11.41 43.78
C VAL K 49 67.23 -10.24 43.04
N LEU K 50 67.68 -9.03 43.36
CA LEU K 50 67.08 -7.85 42.77
C LEU K 50 67.65 -7.59 41.38
N GLY K 51 66.76 -7.34 40.42
CA GLY K 51 67.19 -7.10 39.06
C GLY K 51 67.14 -8.29 38.13
N VAL K 52 66.51 -9.38 38.54
CA VAL K 52 66.34 -10.54 37.68
C VAL K 52 64.86 -10.89 37.61
N ALA K 53 64.47 -11.43 36.45
CA ALA K 53 63.12 -11.92 36.24
C ALA K 53 63.19 -13.43 36.08
N THR K 54 62.43 -14.15 36.89
CA THR K 54 62.48 -15.60 36.92
C THR K 54 61.42 -16.17 35.99
N HIS K 55 61.82 -17.15 35.19
CA HIS K 55 60.92 -17.80 34.24
C HIS K 55 60.49 -19.14 34.84
N ILE K 56 59.18 -19.34 34.97
CA ILE K 56 58.62 -20.57 35.51
C ILE K 56 57.83 -21.24 34.41
N MET K 57 58.04 -22.55 34.24
CA MET K 57 57.40 -23.30 33.18
C MET K 57 56.46 -24.32 33.82
N LEU K 58 55.18 -24.24 33.49
CA LEU K 58 54.24 -25.24 33.96
C LEU K 58 54.29 -26.47 33.06
N GLU K 59 53.66 -27.55 33.51
CA GLU K 59 53.57 -28.74 32.69
C GLU K 59 52.77 -28.44 31.42
N GLU K 60 53.17 -29.07 30.33
CA GLU K 60 52.51 -28.84 29.05
C GLU K 60 51.03 -29.21 29.14
N GLY K 61 50.19 -28.31 28.64
CA GLY K 61 48.76 -28.51 28.69
C GLY K 61 48.12 -28.29 30.04
N GLU K 62 48.88 -27.82 31.03
CA GLU K 62 48.33 -27.54 32.34
C GLU K 62 47.49 -26.29 32.28
N GLN K 63 46.41 -26.25 33.05
CA GLN K 63 45.48 -25.13 33.02
C GLN K 63 45.53 -24.39 34.36
N TYR K 64 46.17 -23.24 34.36
CA TYR K 64 46.24 -22.34 35.52
C TYR K 64 44.86 -21.83 35.91
N LEU K 65 44.54 -21.88 37.21
CA LEU K 65 43.36 -21.19 37.70
C LEU K 65 43.68 -19.82 38.31
N THR K 66 44.39 -19.82 39.43
CA THR K 66 44.59 -18.61 40.23
C THR K 66 45.88 -18.77 41.02
N HIS K 67 46.26 -17.70 41.71
CA HIS K 67 47.53 -17.65 42.44
C HIS K 67 47.35 -16.80 43.68
N ALA K 68 48.40 -16.74 44.49
CA ALA K 68 48.37 -15.95 45.72
C ALA K 68 49.79 -15.60 46.13
N PHE K 69 50.01 -14.33 46.43
CA PHE K 69 51.23 -13.90 47.08
C PHE K 69 50.98 -13.61 48.55
N GLY K 70 52.07 -13.54 49.31
CA GLY K 70 52.03 -12.84 50.57
C GLY K 70 51.83 -11.35 50.37
N ASP K 71 52.49 -10.80 49.36
CA ASP K 71 52.33 -9.40 48.97
C ASP K 71 52.17 -9.31 47.47
N SER K 72 50.95 -8.99 47.03
CA SER K 72 50.71 -8.79 45.61
C SER K 72 51.60 -7.70 45.03
N GLU K 73 51.94 -6.69 45.82
CA GLU K 73 52.84 -5.63 45.41
C GLU K 73 54.30 -6.04 45.38
N ALA K 74 54.71 -6.99 46.23
CA ALA K 74 56.13 -7.33 46.33
C ALA K 74 56.68 -7.90 45.04
N TYR K 75 55.90 -8.75 44.37
CA TYR K 75 56.30 -9.36 43.12
C TYR K 75 55.24 -9.11 42.06
N ALA K 76 55.67 -8.89 40.82
CA ALA K 76 54.76 -8.78 39.70
C ALA K 76 54.60 -10.15 39.07
N PHE K 77 53.37 -10.50 38.71
CA PHE K 77 53.06 -11.78 38.12
C PHE K 77 52.36 -11.55 36.79
N ALA K 78 53.08 -11.79 35.70
CA ALA K 78 52.51 -11.75 34.36
C ALA K 78 52.54 -13.15 33.79
N ARG K 79 51.38 -13.61 33.31
CA ARG K 79 51.21 -15.00 32.92
C ARG K 79 50.46 -15.09 31.61
N LYS K 80 50.99 -15.88 30.68
CA LYS K 80 50.32 -16.20 29.42
C LYS K 80 50.59 -17.67 29.14
N GLY K 81 49.51 -18.46 29.12
CA GLY K 81 49.64 -19.88 28.86
C GLY K 81 50.11 -20.67 30.07
N ARG K 82 51.32 -21.22 29.98
CA ARG K 82 51.90 -21.98 31.08
C ARG K 82 53.18 -21.35 31.60
N HIS K 83 53.35 -20.04 31.43
CA HIS K 83 54.60 -19.37 31.75
C HIS K 83 54.36 -18.32 32.82
N ILE K 84 55.22 -18.31 33.84
CA ILE K 84 55.05 -17.48 35.02
C ILE K 84 56.27 -16.58 35.15
N PHE K 85 56.05 -15.30 35.30
CA PHE K 85 57.10 -14.29 35.32
C PHE K 85 57.01 -13.50 36.63
N ILE K 86 58.11 -13.43 37.37
CA ILE K 86 58.14 -12.78 38.66
C ILE K 86 59.38 -11.90 38.77
N LYS K 87 59.27 -10.88 39.64
CA LYS K 87 60.38 -9.98 39.97
C LYS K 87 59.98 -9.13 41.18
N PRO K 88 60.87 -9.00 42.16
CA PRO K 88 60.53 -8.21 43.35
C PRO K 88 60.65 -6.71 43.09
N GLN K 89 59.66 -5.95 43.56
CA GLN K 89 59.65 -4.50 43.44
C GLN K 89 59.97 -3.80 44.74
N ALA K 90 60.00 -4.52 45.86
CA ALA K 90 60.24 -3.89 47.14
C ALA K 90 61.28 -4.71 47.92
N GLU K 91 62.00 -4.03 48.80
CA GLU K 91 62.97 -4.69 49.64
C GLU K 91 62.29 -5.70 50.56
N LEU K 92 63.10 -6.60 51.11
CA LEU K 92 62.61 -7.59 52.06
C LEU K 92 61.45 -8.38 51.47
N ALA K 93 61.60 -8.74 50.19
CA ALA K 93 60.57 -9.50 49.48
C ALA K 93 60.60 -10.93 50.00
N ASN K 94 59.87 -11.16 51.08
CA ASN K 94 59.84 -12.44 51.78
C ASN K 94 58.39 -12.84 51.96
N THR K 95 57.85 -13.57 51.00
CA THR K 95 56.45 -14.00 51.01
C THR K 95 56.38 -15.37 50.37
N ASN K 96 55.17 -15.79 50.00
CA ASN K 96 54.93 -17.09 49.42
C ASN K 96 54.19 -16.95 48.11
N LEU K 97 54.31 -17.97 47.26
CA LEU K 97 53.53 -18.08 46.04
C LEU K 97 52.76 -19.38 46.11
N ILE K 98 51.45 -19.31 45.95
CA ILE K 98 50.60 -20.50 45.87
C ILE K 98 49.76 -20.34 44.61
N VAL K 99 50.21 -20.94 43.52
CA VAL K 99 49.47 -20.93 42.25
C VAL K 99 48.78 -22.28 42.12
N VAL K 100 47.50 -22.25 41.76
CA VAL K 100 46.70 -23.46 41.62
C VAL K 100 46.42 -23.69 40.14
N THR K 101 46.42 -24.94 39.73
CA THR K 101 46.07 -25.34 38.39
C THR K 101 45.04 -26.45 38.45
N ASP K 102 44.54 -26.85 37.29
CA ASP K 102 43.50 -27.89 37.25
C ASP K 102 44.03 -29.21 37.78
N ARG K 103 45.24 -29.60 37.37
CA ARG K 103 45.78 -30.90 37.73
C ARG K 103 46.42 -30.90 39.10
N ARG K 104 47.08 -29.80 39.48
CA ARG K 104 47.75 -29.71 40.76
C ARG K 104 47.82 -28.23 41.16
N SER K 105 48.63 -27.95 42.17
CA SER K 105 48.97 -26.59 42.56
C SER K 105 50.45 -26.53 42.87
N TYR K 106 51.11 -25.46 42.45
CA TYR K 106 52.52 -25.26 42.73
C TYR K 106 52.67 -24.31 43.90
N LYS K 107 53.74 -24.49 44.67
CA LYS K 107 54.01 -23.71 45.86
C LYS K 107 55.46 -23.25 45.83
N PHE K 108 55.69 -21.98 46.16
CA PHE K 108 57.03 -21.41 46.14
C PHE K 108 57.27 -20.60 47.40
N ARG K 109 58.54 -20.50 47.78
CA ARG K 109 59.00 -19.64 48.87
C ARG K 109 59.97 -18.63 48.27
N LEU K 110 59.43 -17.48 47.87
CA LEU K 110 60.25 -16.41 47.30
C LEU K 110 61.00 -15.72 48.44
N GLN K 111 62.32 -15.84 48.43
CA GLN K 111 63.16 -15.26 49.47
C GLN K 111 64.07 -14.23 48.82
N MET K 112 64.03 -13.00 49.33
CA MET K 112 64.87 -11.94 48.79
C MET K 112 66.32 -12.15 49.21
N ARG K 113 67.23 -11.96 48.28
CA ARG K 113 68.66 -12.09 48.54
C ARG K 113 69.33 -10.72 48.41
N ASN K 114 69.93 -10.26 49.50
CA ASN K 114 70.45 -8.90 49.57
C ASN K 114 71.78 -8.71 48.88
N ASP K 115 72.45 -9.79 48.49
CA ASP K 115 73.79 -9.69 47.91
C ASP K 115 73.78 -9.61 46.39
N ARG K 116 72.61 -9.75 45.76
CA ARG K 116 72.49 -9.69 44.30
C ARG K 116 73.47 -10.65 43.63
N ASN K 117 73.55 -11.86 44.17
CA ASN K 117 74.46 -12.89 43.67
C ASN K 117 73.74 -14.22 43.68
N GLY K 118 74.05 -15.05 42.69
CA GLY K 118 73.40 -16.34 42.56
C GLY K 118 71.96 -16.24 42.12
N ALA K 119 71.74 -15.78 40.90
CA ALA K 119 70.40 -15.48 40.41
C ALA K 119 69.62 -16.76 40.10
N MET K 120 68.31 -16.59 39.94
CA MET K 120 67.39 -17.64 39.49
C MET K 120 66.75 -17.18 38.19
N TYR K 121 67.39 -17.45 37.07
CA TYR K 121 66.87 -17.02 35.78
C TYR K 121 65.67 -17.82 35.33
N GLU K 122 65.44 -18.99 35.90
CA GLU K 122 64.41 -19.90 35.41
C GLU K 122 64.18 -21.00 36.44
N LEU K 123 63.17 -21.82 36.19
CA LEU K 123 62.91 -23.02 36.98
C LEU K 123 62.02 -23.97 36.18
N ALA K 124 62.50 -25.18 35.95
CA ALA K 124 61.77 -26.17 35.16
C ALA K 124 61.52 -27.41 36.01
N PHE K 125 60.32 -27.96 35.89
CA PHE K 125 59.88 -29.06 36.74
C PHE K 125 60.02 -30.40 36.02
N ARG K 126 60.45 -31.40 36.76
CA ARG K 126 60.51 -32.79 36.29
C ARG K 126 59.44 -33.56 37.04
N TYR K 127 58.28 -33.71 36.43
CA TYR K 127 57.10 -34.24 37.11
C TYR K 127 57.20 -35.76 37.25
N PRO K 128 57.15 -36.30 38.44
CA PRO K 128 57.07 -37.75 38.58
C PRO K 128 55.63 -38.25 38.53
N ASP K 129 54.69 -37.39 38.91
CA ASP K 129 53.31 -37.84 39.05
C ASP K 129 52.69 -38.19 37.69
N THR K 130 52.88 -37.33 36.69
CA THR K 130 52.19 -37.54 35.42
C THR K 130 52.75 -38.77 34.69
N GLN K 131 54.07 -38.89 34.61
CA GLN K 131 54.64 -40.07 33.96
C GLN K 131 54.39 -41.31 34.79
N ALA K 132 54.35 -41.17 36.12
CA ALA K 132 54.07 -42.30 36.98
C ALA K 132 52.66 -42.84 36.73
N ARG K 133 51.69 -41.94 36.59
CA ARG K 133 50.34 -42.38 36.28
C ARG K 133 50.25 -42.91 34.86
N GLN K 134 51.00 -42.32 33.93
CA GLN K 134 50.99 -42.80 32.55
C GLN K 134 51.48 -44.24 32.47
N THR K 135 52.57 -44.55 33.16
CA THR K 135 53.11 -45.91 33.11
C THR K 135 52.08 -46.93 33.58
N ARG K 136 51.32 -46.58 34.62
CA ARG K 136 50.30 -47.49 35.11
C ARG K 136 49.21 -47.72 34.07
N GLU K 137 48.76 -46.66 33.41
CA GLU K 137 47.71 -46.81 32.40
C GLU K 137 48.21 -47.60 31.21
N ALA K 138 49.45 -47.34 30.78
CA ALA K 138 50.04 -48.14 29.71
C ALA K 138 50.16 -49.60 30.12
N ASN K 139 50.52 -49.86 31.38
CA ASN K 139 50.58 -51.23 31.85
C ASN K 139 49.22 -51.89 31.81
N ALA K 140 48.17 -51.18 32.23
CA ALA K 140 46.83 -51.74 32.20
C ALA K 140 46.39 -52.05 30.77
N ARG K 141 46.64 -51.12 29.85
CA ARG K 141 46.27 -51.37 28.46
C ARG K 141 47.07 -52.53 27.89
N ALA K 142 48.34 -52.65 28.29
CA ALA K 142 49.14 -53.79 27.83
C ALA K 142 48.58 -55.10 28.33
N ALA K 143 48.16 -55.13 29.60
CA ALA K 143 47.53 -56.34 30.13
C ALA K 143 46.26 -56.68 29.37
N VAL K 144 45.45 -55.66 29.07
CA VAL K 144 44.22 -55.87 28.31
C VAL K 144 44.53 -56.46 26.95
N GLU K 145 45.47 -55.85 26.23
CA GLU K 145 45.79 -56.31 24.88
C GLU K 145 46.36 -57.71 24.91
N ALA K 146 47.21 -58.01 25.89
CA ALA K 146 47.75 -59.35 26.03
C ALA K 146 46.62 -60.35 26.27
N ALA K 147 45.64 -59.96 27.09
CA ALA K 147 44.52 -60.84 27.34
C ALA K 147 43.74 -61.11 26.06
N PHE K 148 43.51 -60.10 25.24
CA PHE K 148 42.83 -60.33 23.97
C PHE K 148 43.64 -61.25 23.07
N GLU K 149 44.92 -60.93 22.85
CA GLU K 149 45.67 -61.63 21.82
C GLU K 149 46.02 -63.05 22.25
N GLN K 150 46.14 -63.30 23.55
CA GLN K 150 46.60 -64.60 24.01
C GLN K 150 45.65 -65.71 23.54
N ARG K 151 44.34 -65.48 23.64
CA ARG K 151 43.34 -66.31 22.99
C ARG K 151 43.56 -67.80 23.24
N VAL K 152 43.41 -68.23 24.49
CA VAL K 152 43.61 -69.62 24.85
C VAL K 152 42.25 -70.24 25.11
N GLY K 153 42.22 -71.57 25.27
CA GLY K 153 40.97 -72.27 25.47
C GLY K 153 40.05 -72.16 24.28
N ALA K 154 40.63 -72.09 23.08
CA ALA K 154 39.87 -71.94 21.85
C ALA K 154 39.90 -73.26 21.10
N TYR K 155 38.72 -73.75 20.73
CA TYR K 155 38.60 -74.91 19.85
C TYR K 155 38.24 -74.42 18.46
N TYR K 156 38.68 -75.17 17.46
CA TYR K 156 38.57 -74.75 16.08
C TYR K 156 37.80 -75.80 15.28
N ASN K 157 36.95 -75.32 14.38
CA ASN K 157 36.20 -76.18 13.48
C ASN K 157 36.59 -75.83 12.06
N LEU K 158 36.86 -76.85 11.25
CA LEU K 158 37.35 -76.67 9.89
C LEU K 158 36.47 -77.34 8.86
N LYS K 159 35.50 -78.14 9.29
CA LYS K 159 34.66 -78.88 8.36
C LYS K 159 33.74 -77.87 7.69
N TYR K 160 34.20 -77.34 6.56
CA TYR K 160 33.45 -76.37 5.79
C TYR K 160 33.43 -76.83 4.35
N MET K 161 32.47 -76.33 3.59
CA MET K 161 32.14 -76.98 2.34
C MET K 161 31.70 -75.86 1.40
N MET K 162 31.87 -76.04 0.09
CA MET K 162 31.33 -75.00 -0.79
C MET K 162 30.63 -75.62 -1.98
N SER K 163 29.94 -74.76 -2.72
CA SER K 163 29.32 -75.10 -3.99
C SER K 163 28.95 -73.81 -4.70
N GLY K 164 29.28 -73.73 -5.99
CA GLY K 164 28.94 -72.55 -6.77
C GLY K 164 30.09 -71.98 -7.57
N ASP K 165 30.11 -70.65 -7.71
CA ASP K 165 31.11 -69.96 -8.52
C ASP K 165 32.42 -69.92 -7.75
N LYS K 166 33.25 -70.96 -7.92
CA LYS K 166 34.46 -71.12 -7.14
C LYS K 166 35.47 -70.00 -7.35
N ASP K 167 35.35 -69.22 -8.43
CA ASP K 167 36.43 -68.31 -8.80
C ASP K 167 36.72 -67.26 -7.74
N ILE K 168 35.75 -66.93 -6.88
CA ILE K 168 35.96 -65.95 -5.83
C ILE K 168 35.88 -66.57 -4.44
N ALA K 169 36.02 -67.88 -4.36
CA ALA K 169 35.93 -68.57 -3.09
C ALA K 169 37.09 -68.17 -2.18
N PRO K 170 36.92 -68.27 -0.88
CA PRO K 170 38.04 -68.02 0.04
C PRO K 170 39.03 -69.16 0.00
N VAL K 171 40.28 -68.84 0.33
CA VAL K 171 41.29 -69.87 0.43
C VAL K 171 41.07 -70.74 1.67
N ASN K 172 40.51 -70.18 2.73
CA ASN K 172 40.29 -70.95 3.95
C ASN K 172 39.12 -70.36 4.73
N ALA K 173 38.48 -71.22 5.51
CA ALA K 173 37.36 -70.80 6.36
C ALA K 173 37.35 -71.66 7.62
N TRP K 174 37.01 -71.05 8.74
CA TRP K 174 36.91 -71.79 9.99
C TRP K 174 36.18 -70.93 11.01
N ASP K 175 35.79 -71.57 12.10
CA ASP K 175 35.12 -70.89 13.21
C ASP K 175 35.81 -71.28 14.51
N ASP K 176 35.82 -70.33 15.44
CA ASP K 176 36.38 -70.54 16.76
C ASP K 176 35.35 -71.00 17.77
N GLY K 177 34.13 -71.25 17.32
CA GLY K 177 33.00 -71.49 18.19
C GLY K 177 32.14 -70.27 18.43
N ARG K 178 32.67 -69.08 18.17
CA ARG K 178 31.93 -67.83 18.29
C ARG K 178 31.84 -67.08 16.97
N PHE K 179 32.96 -66.90 16.29
CA PHE K 179 33.02 -66.14 15.05
C PHE K 179 33.39 -67.07 13.91
N THR K 180 33.00 -66.67 12.69
CA THR K 180 33.36 -67.40 11.49
C THR K 180 34.29 -66.54 10.66
N TYR K 181 35.40 -67.14 10.23
CA TYR K 181 36.42 -66.42 9.47
C TYR K 181 36.49 -66.94 8.05
N PHE K 182 36.88 -66.07 7.13
CA PHE K 182 37.22 -66.45 5.76
C PHE K 182 38.49 -65.73 5.36
N LYS K 183 39.46 -66.48 4.86
CA LYS K 183 40.71 -65.91 4.36
C LYS K 183 40.71 -65.97 2.85
N PHE K 184 41.09 -64.87 2.22
CA PHE K 184 41.10 -64.75 0.77
C PHE K 184 42.50 -64.51 0.26
N SER K 185 42.80 -65.09 -0.89
CA SER K 185 44.08 -64.88 -1.53
C SER K 185 44.30 -63.40 -1.81
N ALA K 186 45.53 -62.95 -1.58
CA ALA K 186 45.82 -61.52 -1.58
C ALA K 186 45.55 -60.88 -2.93
N ASN K 187 45.46 -61.68 -3.99
CA ASN K 187 45.15 -61.11 -5.30
C ASN K 187 43.66 -61.02 -5.58
N ALA K 188 42.83 -61.69 -4.78
CA ALA K 188 41.41 -61.75 -5.05
C ALA K 188 40.68 -60.57 -4.43
N ASP K 189 39.57 -60.18 -5.03
CA ASP K 189 38.74 -59.13 -4.47
C ASP K 189 38.10 -59.60 -3.16
N LEU K 190 37.83 -58.66 -2.28
CA LEU K 190 37.10 -58.99 -1.06
C LEU K 190 35.61 -59.03 -1.35
N PRO K 191 34.95 -60.16 -1.18
CA PRO K 191 33.53 -60.22 -1.52
C PRO K 191 32.64 -59.83 -0.36
N SER K 192 31.34 -59.76 -0.60
CA SER K 192 30.35 -59.51 0.44
C SER K 192 29.78 -60.83 0.93
N ILE K 193 29.62 -60.95 2.23
CA ILE K 193 29.15 -62.19 2.86
C ILE K 193 27.80 -61.93 3.49
N TYR K 194 26.84 -62.83 3.22
CA TYR K 194 25.50 -62.69 3.73
C TYR K 194 25.13 -63.90 4.59
N PHE K 195 24.19 -63.68 5.50
CA PHE K 195 23.68 -64.72 6.37
C PHE K 195 22.55 -65.44 5.66
N VAL K 196 22.44 -66.75 5.90
CA VAL K 196 21.42 -67.57 5.28
C VAL K 196 20.59 -68.22 6.38
N ASP K 197 19.28 -68.13 6.25
CA ASP K 197 18.36 -68.74 7.20
C ASP K 197 18.10 -70.19 6.81
N ALA K 198 17.33 -70.91 7.62
CA ALA K 198 16.97 -72.27 7.27
C ALA K 198 15.96 -72.29 6.13
N GLU K 199 15.28 -71.18 5.91
CA GLU K 199 14.26 -71.11 4.87
C GLU K 199 14.82 -70.79 3.50
N GLY K 200 15.84 -69.94 3.40
CA GLY K 200 16.34 -69.48 2.13
C GLY K 200 16.31 -67.99 1.92
N ASN K 201 16.09 -67.21 2.98
CA ASN K 201 16.18 -65.77 2.88
C ASN K 201 17.57 -65.30 3.24
N GLU K 202 17.87 -64.04 2.93
CA GLU K 202 19.21 -63.53 3.12
C GLU K 202 19.16 -62.33 4.04
N SER K 203 20.17 -62.21 4.90
CA SER K 203 20.16 -61.14 5.90
C SER K 203 21.58 -60.61 6.10
N LEU K 204 21.68 -59.29 6.17
CA LEU K 204 22.96 -58.66 6.43
C LEU K 204 23.51 -59.11 7.77
N VAL K 205 24.83 -59.21 7.85
CA VAL K 205 25.48 -59.56 9.10
C VAL K 205 26.69 -58.63 9.28
N PRO K 206 27.02 -58.22 10.49
CA PRO K 206 28.19 -57.36 10.66
C PRO K 206 29.48 -58.13 10.45
N ARG K 207 30.42 -57.47 9.78
CA ARG K 207 31.70 -58.07 9.44
C ARG K 207 32.82 -57.15 9.89
N THR K 208 33.86 -57.74 10.44
CA THR K 208 35.08 -57.02 10.77
C THR K 208 36.25 -57.74 10.12
N THR K 209 37.16 -56.96 9.54
CA THR K 209 38.29 -57.51 8.80
C THR K 209 39.49 -57.53 9.72
N VAL K 210 40.03 -58.72 9.96
CA VAL K 210 41.17 -58.86 10.86
C VAL K 210 42.33 -59.49 10.10
N GLY K 211 43.45 -59.65 10.78
CA GLY K 211 44.62 -60.25 10.18
C GLY K 211 45.70 -59.22 9.89
N SER K 212 46.91 -59.74 9.64
CA SER K 212 48.05 -58.87 9.37
C SER K 212 47.84 -58.05 8.10
N SER K 213 47.32 -58.68 7.05
CA SER K 213 47.31 -58.08 5.73
C SER K 213 45.90 -57.77 5.25
N ASN K 214 44.93 -57.76 6.15
CA ASN K 214 43.52 -57.55 5.80
C ASN K 214 43.08 -58.54 4.73
N ASN K 215 43.48 -59.80 4.90
CA ASN K 215 43.00 -60.87 4.05
C ASN K 215 42.11 -61.86 4.78
N ILE K 216 41.73 -61.55 6.02
CA ILE K 216 40.86 -62.40 6.82
C ILE K 216 39.63 -61.59 7.20
N ILE K 217 38.48 -62.04 6.72
CA ILE K 217 37.20 -61.38 7.01
C ILE K 217 36.50 -62.20 8.08
N ALA K 218 35.96 -61.51 9.08
CA ALA K 218 35.32 -62.16 10.22
C ALA K 218 33.87 -61.73 10.28
N VAL K 219 32.96 -62.69 10.34
CA VAL K 219 31.56 -62.43 10.57
C VAL K 219 31.22 -62.90 11.96
N HIS K 220 30.16 -62.33 12.53
CA HIS K 220 29.87 -62.47 13.95
C HIS K 220 28.75 -63.45 14.25
N LYS K 221 28.69 -64.57 13.55
CA LYS K 221 27.70 -65.58 13.86
C LYS K 221 28.14 -66.92 13.31
N VAL K 222 28.04 -67.95 14.12
CA VAL K 222 28.29 -69.32 13.70
C VAL K 222 26.97 -69.88 13.20
N ASN K 223 26.94 -70.26 11.93
CA ASN K 223 25.68 -70.62 11.30
C ASN K 223 25.87 -71.81 10.38
N PRO K 224 24.83 -72.62 10.19
CA PRO K 224 24.96 -73.74 9.25
C PRO K 224 25.22 -73.33 7.82
N LYS K 225 24.72 -72.19 7.35
CA LYS K 225 24.79 -71.88 5.94
C LYS K 225 25.25 -70.44 5.72
N TRP K 226 25.98 -70.22 4.62
CA TRP K 226 26.46 -68.91 4.24
C TRP K 226 26.43 -68.75 2.73
N MET K 227 26.10 -67.54 2.29
CA MET K 227 26.16 -67.17 0.89
C MET K 227 27.15 -66.04 0.73
N ILE K 228 28.04 -66.16 -0.26
CA ILE K 228 29.02 -65.13 -0.59
C ILE K 228 28.70 -64.63 -1.98
N ARG K 229 28.63 -63.31 -2.14
CA ARG K 229 28.19 -62.71 -3.39
C ARG K 229 29.16 -61.64 -3.84
N LEU K 230 29.28 -61.49 -5.16
CA LEU K 230 30.06 -60.43 -5.78
C LEU K 230 29.64 -60.34 -7.24
N GLY K 231 29.43 -59.12 -7.72
CA GLY K 231 29.02 -58.92 -9.09
C GLY K 231 27.78 -59.70 -9.45
N ASN K 232 27.93 -60.67 -10.34
CA ASN K 232 26.84 -61.54 -10.75
C ASN K 232 27.12 -62.98 -10.29
N ARG K 233 28.20 -63.16 -9.55
CA ARG K 233 28.68 -64.48 -9.18
C ARG K 233 28.43 -64.71 -7.71
N ALA K 234 27.98 -65.91 -7.37
CA ALA K 234 27.63 -66.24 -6.01
C ALA K 234 28.26 -67.58 -5.63
N LEU K 235 28.45 -67.76 -4.34
CA LEU K 235 28.98 -69.02 -3.81
C LEU K 235 28.37 -69.26 -2.44
N ALA K 236 27.84 -70.45 -2.24
CA ALA K 236 27.21 -70.81 -0.98
C ALA K 236 28.16 -71.67 -0.16
N ILE K 237 28.41 -71.24 1.08
CA ILE K 237 29.31 -71.94 1.99
C ILE K 237 28.46 -72.76 2.94
N PHE K 238 28.80 -74.03 3.08
CA PHE K 238 28.01 -74.96 3.89
C PHE K 238 28.84 -75.37 5.09
N ASN K 239 28.24 -75.32 6.27
CA ASN K 239 28.87 -75.87 7.46
C ASN K 239 28.36 -77.29 7.66
N GLU K 240 29.28 -78.23 7.84
CA GLU K 240 28.91 -79.63 8.03
C GLU K 240 28.88 -80.04 9.49
N ALA K 241 29.30 -79.18 10.39
CA ALA K 241 29.34 -79.52 11.81
C ALA K 241 28.83 -78.36 12.66
N TYR K 242 27.73 -77.75 12.24
CA TYR K 242 27.13 -76.70 13.04
C TYR K 242 26.75 -77.23 14.42
N ASP K 243 27.33 -76.65 15.46
CA ASP K 243 27.07 -77.11 16.81
C ASP K 243 26.19 -76.09 17.52
N PRO K 244 24.91 -76.37 17.73
CA PRO K 244 24.01 -75.36 18.31
C PRO K 244 24.42 -74.87 19.68
N ASN K 245 25.01 -75.75 20.50
CA ASN K 245 25.34 -75.36 21.87
C ASN K 245 26.31 -74.18 21.90
N GLY K 246 27.43 -74.32 21.20
CA GLY K 246 28.40 -73.24 21.24
C GLY K 246 28.99 -73.07 22.64
N VAL K 247 29.57 -71.90 22.84
CA VAL K 247 30.17 -71.52 24.11
C VAL K 247 29.48 -70.26 24.61
N PRO K 248 28.98 -70.23 25.84
CA PRO K 248 28.33 -69.02 26.35
C PRO K 248 29.31 -67.86 26.42
N ASN K 249 28.81 -66.69 26.03
CA ASN K 249 29.61 -65.45 26.06
C ASN K 249 29.26 -64.72 27.35
N ASP K 250 29.68 -65.27 28.47
CA ASP K 250 29.27 -64.74 29.77
C ASP K 250 30.13 -63.59 30.26
N THR K 251 31.23 -63.29 29.58
CA THR K 251 32.08 -62.18 29.99
C THR K 251 31.84 -60.91 29.21
N GLY K 252 30.88 -60.91 28.29
CA GLY K 252 30.49 -59.70 27.61
C GLY K 252 31.48 -59.16 26.60
N THR K 253 32.48 -59.94 26.23
CA THR K 253 33.43 -59.52 25.21
C THR K 253 34.00 -60.74 24.51
N ALA K 254 34.68 -60.50 23.39
CA ALA K 254 35.18 -61.60 22.58
C ALA K 254 36.10 -62.52 23.34
N SER K 255 36.77 -62.04 24.38
CA SER K 255 37.68 -62.87 25.13
C SER K 255 36.96 -63.61 26.24
N PRO K 256 37.42 -64.81 26.59
CA PRO K 256 37.00 -65.43 27.85
C PRO K 256 37.75 -64.91 29.07
N ALA K 257 38.83 -64.16 28.87
CA ALA K 257 39.64 -63.66 29.97
C ALA K 257 39.56 -62.15 30.14
N VAL K 258 38.57 -61.50 29.56
CA VAL K 258 38.31 -60.09 29.77
C VAL K 258 36.84 -59.93 30.16
N ARG K 259 36.58 -59.16 31.19
CA ARG K 259 35.20 -58.83 31.52
C ARG K 259 34.83 -57.47 30.95
N ARG K 260 33.56 -57.13 31.11
CA ARG K 260 33.06 -55.80 30.81
C ARG K 260 32.30 -55.31 32.03
N VAL K 261 32.76 -54.21 32.62
CA VAL K 261 32.18 -53.75 33.88
C VAL K 261 31.40 -52.47 33.63
N ASN K 262 30.34 -52.29 34.42
CA ASN K 262 29.48 -51.13 34.33
C ASN K 262 30.04 -50.04 35.22
N LYS K 263 30.88 -49.18 34.64
CA LYS K 263 31.56 -48.19 35.49
C LYS K 263 30.63 -47.05 35.85
N GLY K 264 29.60 -46.81 35.05
CA GLY K 264 28.73 -45.67 35.28
C GLY K 264 27.99 -45.70 36.59
N GLY K 265 27.96 -46.85 37.25
CA GLY K 265 27.29 -46.99 38.54
C GLY K 265 25.79 -46.78 38.45
N ASN K 266 25.29 -45.84 39.24
CA ASN K 266 23.88 -45.47 39.27
C ASN K 266 22.97 -46.67 39.50
N CYS L 17 2.37 -58.43 -12.99
CA CYS L 17 2.92 -59.43 -13.89
C CYS L 17 4.44 -59.46 -13.81
N ALA L 18 5.03 -58.41 -13.22
CA ALA L 18 6.47 -58.26 -13.17
C ALA L 18 6.94 -58.20 -11.73
N SER L 19 8.07 -58.85 -11.47
CA SER L 19 8.69 -58.85 -10.15
C SER L 19 10.13 -58.39 -10.28
N ALA L 20 10.70 -57.93 -9.17
CA ALA L 20 12.10 -57.58 -9.17
C ALA L 20 12.94 -58.85 -9.30
N PRO L 21 13.84 -58.93 -10.28
CA PRO L 21 14.58 -60.16 -10.50
C PRO L 21 15.38 -60.57 -9.27
N LYS L 22 15.46 -61.85 -9.05
CA LYS L 22 16.16 -62.34 -7.89
C LYS L 22 17.65 -62.49 -8.19
N PRO L 23 18.49 -62.44 -7.16
CA PRO L 23 19.92 -62.73 -7.37
C PRO L 23 20.12 -64.18 -7.74
N LYS L 24 21.25 -64.44 -8.39
CA LYS L 24 21.49 -65.77 -8.94
C LYS L 24 21.70 -66.77 -7.81
N GLN L 25 20.98 -67.86 -7.87
CA GLN L 25 21.10 -68.89 -6.85
C GLN L 25 22.24 -69.82 -7.20
N PRO L 26 23.21 -70.00 -6.31
CA PRO L 26 24.33 -70.89 -6.62
C PRO L 26 23.88 -72.33 -6.78
N SER L 27 24.55 -73.04 -7.68
CA SER L 27 24.22 -74.44 -7.93
C SER L 27 24.76 -75.31 -6.80
N ASP L 28 24.32 -76.58 -6.79
CA ASP L 28 24.71 -77.52 -5.74
C ASP L 28 25.38 -78.75 -6.35
N PHE L 29 26.34 -78.56 -7.25
CA PHE L 29 27.07 -79.67 -7.85
C PHE L 29 28.53 -79.71 -7.42
N ASN L 30 29.26 -78.62 -7.63
CA ASN L 30 30.69 -78.59 -7.36
C ASN L 30 30.96 -78.53 -5.85
N ARG L 31 30.58 -79.62 -5.20
CA ARG L 31 30.73 -79.78 -3.76
C ARG L 31 32.16 -80.21 -3.44
N GLU L 32 32.96 -79.31 -2.89
CA GLU L 32 34.32 -79.64 -2.53
C GLU L 32 34.73 -78.86 -1.30
N PRO L 33 35.48 -79.49 -0.39
CA PRO L 33 35.77 -78.85 0.91
C PRO L 33 36.55 -77.56 0.75
N VAL L 34 36.22 -76.58 1.58
CA VAL L 34 36.82 -75.25 1.45
C VAL L 34 38.27 -75.28 1.88
N ASN L 35 38.57 -75.87 3.03
CA ASN L 35 39.90 -75.83 3.60
C ASN L 35 40.71 -77.01 3.08
N LYS L 36 41.51 -76.76 2.04
CA LYS L 36 42.45 -77.78 1.56
C LYS L 36 43.51 -78.10 2.60
N THR L 37 44.04 -77.09 3.28
CA THR L 37 45.11 -77.27 4.24
C THR L 37 44.88 -76.34 5.42
N VAL L 38 45.19 -76.82 6.61
CA VAL L 38 45.00 -76.05 7.83
C VAL L 38 45.74 -74.73 7.72
N PRO L 39 45.09 -73.60 7.94
CA PRO L 39 45.77 -72.31 7.80
C PRO L 39 46.76 -72.09 8.92
N VAL L 40 47.64 -71.10 8.72
CA VAL L 40 48.65 -70.80 9.72
C VAL L 40 48.09 -70.04 10.91
N GLU L 41 46.97 -69.35 10.74
CA GLU L 41 46.42 -68.54 11.82
C GLU L 41 45.85 -69.39 12.95
N ILE L 42 45.73 -70.69 12.73
CA ILE L 42 45.30 -71.62 13.76
C ILE L 42 46.53 -71.98 14.60
N GLN L 43 47.64 -71.29 14.33
CA GLN L 43 48.94 -71.64 14.90
C GLN L 43 49.30 -73.08 14.58
N ARG L 44 48.97 -73.49 13.36
CA ARG L 44 49.22 -74.85 12.91
C ARG L 44 49.81 -74.84 11.49
N LYS M 135 71.48 11.19 47.28
CA LYS M 135 70.98 10.30 46.24
C LYS M 135 72.11 9.84 45.33
N THR M 136 72.88 8.88 45.79
CA THR M 136 73.99 8.37 45.00
C THR M 136 73.43 7.61 43.80
N PRO M 137 74.13 7.61 42.66
CA PRO M 137 73.56 7.01 41.45
C PRO M 137 73.27 5.52 41.59
N TYR M 138 74.02 4.81 42.45
CA TYR M 138 73.68 3.42 42.69
C TYR M 138 72.28 3.30 43.27
N GLU M 139 71.94 4.19 44.20
CA GLU M 139 70.57 4.22 44.72
C GLU M 139 69.57 4.58 43.63
N LEU M 140 69.95 5.48 42.72
CA LEU M 140 69.07 5.76 41.58
C LEU M 140 68.78 4.49 40.81
N ALA M 141 69.82 3.71 40.52
CA ALA M 141 69.64 2.45 39.80
C ALA M 141 68.76 1.50 40.60
N ARG M 142 68.99 1.39 41.90
CA ARG M 142 68.20 0.48 42.71
C ARG M 142 66.73 0.85 42.71
N GLU M 143 66.42 2.13 42.91
CA GLU M 143 65.01 2.52 42.97
C GLU M 143 64.35 2.41 41.61
N ARG M 144 65.05 2.79 40.54
CA ARG M 144 64.48 2.62 39.20
C ARG M 144 64.22 1.15 38.91
N MET M 145 65.14 0.28 39.31
CA MET M 145 64.94 -1.15 39.20
C MET M 145 63.70 -1.59 39.96
N LEU M 146 63.55 -1.13 41.20
CA LEU M 146 62.43 -1.56 42.03
C LEU M 146 61.11 -1.16 41.43
N ARG M 147 60.95 0.12 41.09
CA ARG M 147 59.65 0.62 40.64
C ARG M 147 59.32 0.11 39.24
N SER M 148 60.34 -0.24 38.45
CA SER M 148 60.09 -0.71 37.10
C SER M 148 59.37 -2.05 37.12
N GLY M 149 58.63 -2.31 36.04
CA GLY M 149 57.85 -3.52 35.94
C GLY M 149 58.52 -4.61 35.13
N LEU M 150 57.75 -5.66 34.86
CA LEU M 150 58.24 -6.78 34.08
C LEU M 150 58.46 -6.40 32.63
N THR M 151 57.47 -5.76 32.01
CA THR M 151 57.54 -5.35 30.62
C THR M 151 57.14 -3.89 30.52
N ALA M 152 57.83 -3.15 29.64
CA ALA M 152 57.50 -1.75 29.43
C ALA M 152 56.35 -1.63 28.45
N GLY M 153 55.16 -1.29 28.96
CA GLY M 153 53.98 -1.19 28.14
C GLY M 153 52.95 -2.26 28.42
N GLY M 177 15.13 20.48 -30.60
CA GLY M 177 14.34 19.47 -29.92
C GLY M 177 14.96 18.09 -30.00
N GLY M 178 14.14 17.06 -29.78
CA GLY M 178 14.61 15.70 -29.84
C GLY M 178 13.66 14.79 -30.58
N GLY M 179 12.94 15.36 -31.55
CA GLY M 179 11.91 14.63 -32.27
C GLY M 179 12.50 13.59 -33.21
N GLY M 180 11.64 13.10 -34.10
CA GLY M 180 12.03 12.03 -34.99
C GLY M 180 12.36 10.78 -34.22
N GLY M 181 11.50 10.44 -33.26
CA GLY M 181 11.81 9.36 -32.34
C GLY M 181 12.03 8.03 -33.03
N GLU M 182 11.59 7.92 -34.28
CA GLU M 182 11.92 6.74 -35.06
C GLU M 182 13.28 6.89 -35.75
N LEU M 183 13.38 7.86 -36.65
CA LEU M 183 14.63 8.03 -37.38
C LEU M 183 15.78 8.38 -36.47
N ALA M 184 15.69 9.51 -35.77
CA ALA M 184 16.82 9.98 -34.95
C ALA M 184 17.18 8.98 -33.86
N GLU M 185 16.35 7.96 -33.66
CA GLU M 185 16.74 6.84 -32.83
C GLU M 185 17.46 5.76 -33.61
N LYS M 186 17.04 5.50 -34.85
CA LYS M 186 17.77 4.54 -35.67
C LYS M 186 19.15 5.02 -36.05
N LEU M 187 19.41 6.33 -36.04
CA LEU M 187 20.70 6.87 -36.42
C LEU M 187 21.62 7.08 -35.23
N GLN M 188 21.21 6.68 -34.05
CA GLN M 188 22.07 6.86 -32.89
C GLN M 188 23.31 6.00 -33.06
N PRO M 189 24.49 6.59 -33.11
CA PRO M 189 25.68 5.83 -33.50
C PRO M 189 26.11 4.87 -32.42
N MET M 190 26.90 3.89 -32.82
CA MET M 190 27.66 3.08 -31.88
C MET M 190 29.12 3.45 -32.10
N ARG M 191 29.86 3.62 -31.02
CA ARG M 191 31.29 3.85 -31.10
C ARG M 191 31.95 2.73 -30.32
N LEU M 192 32.97 2.12 -30.92
CA LEU M 192 33.61 0.96 -30.34
C LEU M 192 34.99 1.35 -29.85
N SER M 193 35.31 0.98 -28.61
CA SER M 193 36.60 1.31 -28.05
C SER M 193 37.70 0.59 -28.80
N GLY M 194 38.82 1.28 -28.99
CA GLY M 194 39.95 0.67 -29.67
C GLY M 194 40.62 -0.40 -28.81
N SER M 195 41.64 -1.01 -29.38
CA SER M 195 42.42 -2.02 -28.69
C SER M 195 43.90 -1.84 -29.01
N SER M 196 44.74 -2.24 -28.07
CA SER M 196 46.18 -2.08 -28.20
C SER M 196 46.84 -3.43 -28.04
N ALA M 197 47.92 -3.65 -28.76
CA ALA M 197 48.57 -4.95 -28.74
C ALA M 197 49.33 -5.15 -27.45
N GLY M 198 49.47 -6.41 -27.05
CA GLY M 198 50.33 -6.79 -25.95
C GLY M 198 51.39 -7.78 -26.40
N ARG M 199 51.99 -8.43 -25.42
CA ARG M 199 52.97 -9.47 -25.70
C ARG M 199 52.96 -10.48 -24.56
N LEU M 200 52.94 -11.76 -24.92
CA LEU M 200 52.92 -12.79 -23.90
C LEU M 200 54.20 -12.75 -23.07
N GLY M 201 54.10 -13.22 -21.84
CA GLY M 201 55.24 -13.14 -20.94
C GLY M 201 56.38 -14.05 -21.32
N ASN M 202 56.17 -15.36 -21.20
CA ASN M 202 57.21 -16.34 -21.47
C ASN M 202 56.62 -17.44 -22.32
N ARG M 203 56.75 -17.30 -23.65
CA ARG M 203 56.11 -18.21 -24.59
C ARG M 203 56.57 -19.64 -24.44
N ASP M 204 57.57 -19.90 -23.61
CA ASP M 204 58.09 -21.25 -23.45
C ASP M 204 57.51 -21.96 -22.24
N MET M 205 56.55 -21.35 -21.55
CA MET M 205 56.00 -21.94 -20.33
C MET M 205 54.50 -21.70 -20.24
N LEU M 206 53.86 -21.52 -21.39
CA LEU M 206 52.49 -21.01 -21.45
C LEU M 206 51.69 -21.81 -22.46
N ILE M 207 50.43 -22.06 -22.14
CA ILE M 207 49.48 -22.65 -23.09
C ILE M 207 48.38 -21.61 -23.31
N THR M 208 48.21 -21.20 -24.56
CA THR M 208 47.27 -20.13 -24.84
C THR M 208 45.88 -20.68 -25.09
N GLN M 209 44.90 -19.77 -25.09
CA GLN M 209 43.54 -20.16 -25.40
C GLN M 209 43.48 -20.79 -26.78
N GLY M 210 42.63 -21.79 -26.93
CA GLY M 210 42.50 -22.43 -28.21
C GLY M 210 43.57 -23.44 -28.52
N THR M 211 44.19 -24.04 -27.51
CA THR M 211 45.08 -25.16 -27.75
C THR M 211 44.37 -26.46 -27.40
N GLN M 212 44.05 -27.24 -28.41
CA GLN M 212 43.23 -28.43 -28.24
C GLN M 212 44.05 -29.54 -27.65
N LEU M 213 43.56 -30.13 -26.58
CA LEU M 213 44.16 -31.30 -25.96
C LEU M 213 43.38 -32.52 -26.41
N ASP M 214 44.07 -33.64 -26.57
CA ASP M 214 43.42 -34.88 -26.98
C ASP M 214 43.53 -35.87 -25.83
N CYS M 215 42.39 -36.25 -25.24
CA CYS M 215 42.39 -37.21 -24.16
C CYS M 215 41.35 -38.28 -24.44
N VAL M 216 41.52 -39.43 -23.79
CA VAL M 216 40.67 -40.59 -23.98
C VAL M 216 39.73 -40.69 -22.79
N LEU M 217 38.44 -40.85 -23.07
CA LEU M 217 37.44 -40.78 -22.02
C LEU M 217 37.42 -42.08 -21.24
N GLU M 218 37.85 -42.02 -19.98
CA GLU M 218 38.01 -43.23 -19.19
C GLU M 218 36.68 -43.78 -18.70
N THR M 219 35.73 -42.91 -18.37
CA THR M 219 34.49 -43.38 -17.78
C THR M 219 33.33 -43.30 -18.77
N ARG M 220 32.48 -44.33 -18.72
CA ARG M 220 31.27 -44.34 -19.52
C ARG M 220 30.33 -43.27 -19.00
N LEU M 221 29.76 -42.50 -19.92
CA LEU M 221 28.99 -41.32 -19.57
C LEU M 221 27.51 -41.57 -19.84
N VAL M 222 26.69 -41.45 -18.80
CA VAL M 222 25.24 -41.54 -18.92
C VAL M 222 24.67 -40.27 -18.30
N THR M 223 23.81 -39.58 -19.06
CA THR M 223 23.41 -38.22 -18.73
C THR M 223 22.16 -38.14 -17.88
N THR M 224 21.63 -39.28 -17.41
CA THR M 224 20.39 -39.23 -16.65
C THR M 224 20.57 -38.51 -15.33
N GLN M 225 21.70 -38.71 -14.68
CA GLN M 225 21.98 -38.06 -13.42
C GLN M 225 23.25 -37.23 -13.51
N PRO M 226 23.27 -36.06 -12.89
CA PRO M 226 24.49 -35.25 -12.92
C PRO M 226 25.59 -35.89 -12.10
N GLY M 227 26.75 -36.03 -12.72
CA GLY M 227 27.93 -36.61 -12.10
C GLY M 227 29.16 -36.13 -12.84
N MET M 228 30.32 -36.58 -12.38
CA MET M 228 31.58 -36.11 -12.94
C MET M 228 32.29 -37.23 -13.69
N THR M 229 33.17 -36.84 -14.61
CA THR M 229 33.84 -37.73 -15.53
C THR M 229 35.35 -37.59 -15.43
N THR M 230 36.06 -38.45 -16.15
CA THR M 230 37.50 -38.57 -16.02
C THR M 230 38.10 -39.04 -17.33
N CYS M 231 39.09 -38.30 -17.84
CA CYS M 231 39.80 -38.71 -19.03
C CYS M 231 41.29 -38.54 -18.82
N HIS M 232 42.07 -39.28 -19.61
CA HIS M 232 43.51 -39.23 -19.56
C HIS M 232 44.07 -38.68 -20.86
N LEU M 233 44.98 -37.72 -20.75
CA LEU M 233 45.69 -37.25 -21.94
C LEU M 233 46.40 -38.42 -22.60
N THR M 234 46.28 -38.50 -23.92
CA THR M 234 46.97 -39.54 -24.66
C THR M 234 48.33 -39.09 -25.17
N ARG M 235 48.50 -37.80 -25.42
CA ARG M 235 49.72 -37.28 -26.02
C ARG M 235 50.22 -36.10 -25.18
N ASP M 236 51.54 -35.96 -25.12
CA ASP M 236 52.11 -34.79 -24.48
C ASP M 236 51.66 -33.54 -25.21
N VAL M 237 51.50 -32.46 -24.47
CA VAL M 237 51.09 -31.18 -25.03
C VAL M 237 52.20 -30.18 -24.78
N TYR M 238 52.64 -29.50 -25.83
CA TYR M 238 53.76 -28.60 -25.72
C TYR M 238 53.27 -27.17 -25.54
N SER M 239 54.21 -26.27 -25.26
CA SER M 239 53.89 -24.87 -25.08
C SER M 239 53.53 -24.23 -26.41
N THR M 240 53.07 -22.98 -26.33
CA THR M 240 52.78 -22.25 -27.57
C THR M 240 54.02 -22.12 -28.43
N SER M 241 55.17 -21.80 -27.83
CA SER M 241 56.41 -21.82 -28.59
C SER M 241 56.79 -23.21 -29.04
N GLY M 242 56.22 -24.24 -28.43
CA GLY M 242 56.50 -25.59 -28.86
C GLY M 242 57.89 -26.07 -28.58
N ARG M 243 58.35 -25.96 -27.34
CA ARG M 243 59.65 -26.50 -26.97
C ARG M 243 59.66 -27.31 -25.69
N VAL M 244 58.70 -27.13 -24.80
CA VAL M 244 58.71 -27.76 -23.49
C VAL M 244 57.44 -28.58 -23.33
N VAL M 245 57.57 -29.79 -22.80
CA VAL M 245 56.42 -30.61 -22.43
C VAL M 245 55.93 -30.11 -21.08
N LEU M 246 54.75 -29.48 -21.06
CA LEU M 246 54.19 -29.06 -19.79
C LEU M 246 53.22 -30.07 -19.22
N LEU M 247 52.38 -30.66 -20.05
CA LEU M 247 51.35 -31.60 -19.61
C LEU M 247 51.73 -32.98 -20.09
N ASP M 248 52.29 -33.78 -19.20
CA ASP M 248 52.77 -35.09 -19.56
C ASP M 248 51.62 -36.00 -19.96
N ARG M 249 51.86 -36.83 -20.98
CA ARG M 249 50.85 -37.79 -21.39
C ARG M 249 50.59 -38.79 -20.28
N GLY M 250 49.38 -39.31 -20.23
CA GLY M 250 48.96 -40.11 -19.11
C GLY M 250 48.50 -39.32 -17.92
N SER M 251 48.44 -38.00 -18.04
CA SER M 251 47.88 -37.18 -16.98
C SER M 251 46.41 -37.51 -16.78
N LYS M 252 45.84 -37.02 -15.69
CA LYS M 252 44.44 -37.27 -15.38
C LYS M 252 43.66 -35.97 -15.42
N VAL M 253 42.44 -36.03 -15.96
CA VAL M 253 41.52 -34.90 -16.01
C VAL M 253 40.26 -35.28 -15.28
N VAL M 254 39.62 -34.30 -14.65
CA VAL M 254 38.38 -34.51 -13.92
C VAL M 254 37.41 -33.39 -14.26
N GLY M 255 36.18 -33.74 -14.59
CA GLY M 255 35.18 -32.76 -14.94
C GLY M 255 33.76 -33.29 -14.80
N PHE M 256 32.80 -32.39 -14.82
CA PHE M 256 31.42 -32.73 -14.49
C PHE M 256 30.49 -32.23 -15.57
N TYR M 257 29.24 -32.67 -15.48
CA TYR M 257 28.18 -32.28 -16.42
C TYR M 257 26.87 -32.24 -15.67
N GLN M 258 26.07 -31.24 -15.95
CA GLN M 258 24.84 -31.05 -15.20
C GLN M 258 23.75 -30.57 -16.13
N GLY M 259 22.54 -30.51 -15.61
CA GLY M 259 21.40 -29.98 -16.32
C GLY M 259 20.74 -30.97 -17.25
N GLY M 260 21.37 -32.11 -17.51
CA GLY M 260 20.82 -33.05 -18.45
C GLY M 260 20.67 -32.43 -19.82
N LEU M 261 20.02 -33.18 -20.69
CA LEU M 261 19.76 -32.72 -22.04
C LEU M 261 18.45 -31.97 -22.09
N ARG M 262 18.07 -31.57 -23.30
CA ARG M 262 16.75 -31.05 -23.59
C ARG M 262 16.22 -31.76 -24.83
N GLN M 263 14.90 -31.77 -24.96
CA GLN M 263 14.29 -32.40 -26.11
C GLN M 263 14.83 -31.76 -27.39
N GLY M 264 15.20 -32.59 -28.35
CA GLY M 264 15.74 -32.10 -29.60
C GLY M 264 17.22 -31.81 -29.60
N GLN M 265 17.90 -31.99 -28.48
CA GLN M 265 19.35 -31.84 -28.39
C GLN M 265 19.99 -33.21 -28.55
N ALA M 266 21.29 -33.20 -28.85
CA ALA M 266 22.00 -34.45 -29.06
C ALA M 266 23.40 -34.46 -28.44
N ARG M 267 23.81 -33.38 -27.79
CA ARG M 267 25.13 -33.30 -27.20
C ARG M 267 25.05 -32.61 -25.86
N ILE M 268 25.50 -33.28 -24.81
CA ILE M 268 25.54 -32.71 -23.48
C ILE M 268 26.75 -31.81 -23.38
N PHE M 269 26.68 -30.81 -22.50
CA PHE M 269 27.80 -29.91 -22.28
C PHE M 269 28.60 -30.37 -21.07
N VAL M 270 29.91 -30.52 -21.24
CA VAL M 270 30.79 -31.00 -20.18
C VAL M 270 31.79 -29.90 -19.87
N GLN M 271 32.08 -29.72 -18.59
CA GLN M 271 33.08 -28.77 -18.15
C GLN M 271 34.18 -29.53 -17.43
N TRP M 272 35.38 -29.53 -17.99
CA TRP M 272 36.54 -30.12 -17.33
C TRP M 272 37.14 -29.06 -16.41
N SER M 273 37.43 -29.45 -15.19
CA SER M 273 37.86 -28.49 -14.18
C SER M 273 39.34 -28.56 -13.86
N ARG M 274 39.89 -29.74 -13.62
CA ARG M 274 41.26 -29.81 -13.15
C ARG M 274 41.96 -30.95 -13.86
N ILE M 275 43.27 -30.77 -14.09
CA ILE M 275 44.10 -31.81 -14.67
C ILE M 275 45.31 -32.00 -13.78
N GLU M 276 45.90 -33.19 -13.83
CA GLU M 276 46.99 -33.54 -12.95
C GLU M 276 48.04 -34.34 -13.71
N THR M 277 49.28 -33.90 -13.62
CA THR M 277 50.42 -34.57 -14.22
C THR M 277 51.02 -35.57 -13.24
N PRO M 278 51.44 -36.74 -13.73
CA PRO M 278 52.04 -37.73 -12.83
C PRO M 278 53.25 -37.21 -12.08
N SER M 279 53.85 -36.12 -12.54
CA SER M 279 54.96 -35.50 -11.83
C SER M 279 54.48 -34.59 -10.72
N GLY M 280 53.17 -34.42 -10.55
CA GLY M 280 52.63 -33.60 -9.48
C GLY M 280 52.17 -32.22 -9.87
N VAL M 281 52.20 -31.88 -11.14
CA VAL M 281 51.70 -30.59 -11.58
C VAL M 281 50.19 -30.59 -11.49
N VAL M 282 49.61 -29.50 -11.00
CA VAL M 282 48.17 -29.33 -10.89
C VAL M 282 47.83 -27.93 -11.36
N ILE M 283 46.77 -27.83 -12.17
CA ILE M 283 46.33 -26.55 -12.68
C ILE M 283 44.83 -26.58 -12.88
N ASN M 284 44.18 -25.44 -12.68
CA ASN M 284 42.72 -25.34 -12.74
C ASN M 284 42.34 -24.75 -14.08
N LEU M 285 42.07 -25.62 -15.05
CA LEU M 285 41.60 -25.17 -16.35
C LEU M 285 40.10 -25.41 -16.45
N ASP M 286 39.36 -24.36 -16.77
CA ASP M 286 37.91 -24.42 -16.87
C ASP M 286 37.56 -24.33 -18.34
N SER M 287 37.43 -25.48 -18.99
CA SER M 287 37.27 -25.33 -20.42
C SER M 287 36.25 -26.30 -20.98
N PRO M 288 35.47 -25.86 -21.95
CA PRO M 288 34.41 -26.70 -22.49
C PRO M 288 34.97 -27.85 -23.31
N GLY M 289 34.81 -29.06 -22.77
CA GLY M 289 35.20 -30.25 -23.49
C GLY M 289 34.36 -30.40 -24.75
N THR M 290 34.91 -31.14 -25.71
CA THR M 290 34.34 -31.24 -27.04
C THR M 290 34.57 -32.63 -27.59
N GLY M 291 34.06 -32.86 -28.79
CA GLY M 291 34.25 -34.13 -29.47
C GLY M 291 35.60 -34.20 -30.14
N PRO M 292 35.79 -35.25 -30.95
CA PRO M 292 37.08 -35.43 -31.62
C PRO M 292 37.50 -34.25 -32.46
N LEU M 293 36.58 -33.62 -33.18
CA LEU M 293 36.91 -32.47 -34.01
C LEU M 293 36.63 -31.16 -33.31
N GLY M 294 36.39 -31.20 -32.01
CA GLY M 294 36.22 -30.00 -31.23
C GLY M 294 34.83 -29.41 -31.23
N GLU M 295 33.84 -30.10 -31.77
CA GLU M 295 32.48 -29.59 -31.75
C GLU M 295 31.97 -29.54 -30.31
N ALA M 296 31.22 -28.49 -30.00
CA ALA M 296 30.84 -28.22 -28.61
C ALA M 296 30.13 -29.42 -28.00
N GLY M 297 30.55 -29.79 -26.79
CA GLY M 297 29.90 -30.81 -26.02
C GLY M 297 30.15 -32.21 -26.57
N LEU M 298 30.14 -33.17 -25.66
CA LEU M 298 30.33 -34.57 -26.03
C LEU M 298 29.11 -35.06 -26.79
N GLY M 299 29.29 -36.12 -27.56
CA GLY M 299 28.22 -36.69 -28.33
C GLY M 299 28.37 -38.19 -28.48
N GLY M 300 27.25 -38.88 -28.37
CA GLY M 300 27.23 -40.34 -28.46
C GLY M 300 25.91 -40.81 -28.96
N TRP M 301 25.46 -41.96 -28.45
CA TRP M 301 24.17 -42.51 -28.85
C TRP M 301 23.05 -41.84 -28.07
N ILE M 302 21.92 -41.63 -28.74
CA ILE M 302 20.75 -41.03 -28.12
C ILE M 302 19.77 -42.14 -27.79
N ASP M 303 19.06 -41.98 -26.68
CA ASP M 303 17.86 -42.76 -26.39
C ASP M 303 16.73 -41.77 -26.19
N ARG M 304 15.62 -41.96 -26.88
CA ARG M 304 14.55 -40.99 -26.85
C ARG M 304 13.32 -41.46 -26.10
N HIS M 305 13.32 -42.69 -25.58
CA HIS M 305 12.21 -43.20 -24.78
C HIS M 305 10.89 -43.12 -25.54
N PHE M 306 10.87 -43.61 -26.78
CA PHE M 306 9.67 -43.44 -27.59
C PHE M 306 8.49 -44.18 -26.99
N TRP M 307 8.66 -45.46 -26.67
CA TRP M 307 7.60 -46.18 -25.99
C TRP M 307 7.24 -45.53 -24.67
N GLU M 308 8.23 -45.22 -23.83
CA GLU M 308 7.88 -44.70 -22.52
C GLU M 308 7.23 -43.33 -22.62
N ARG M 309 7.24 -42.72 -23.81
CA ARG M 309 6.50 -41.49 -24.04
C ARG M 309 5.12 -41.70 -24.63
N PHE M 310 4.95 -42.69 -25.50
CA PHE M 310 3.70 -42.81 -26.27
C PHE M 310 2.90 -44.07 -25.98
N GLY M 311 3.37 -44.94 -25.09
CA GLY M 311 2.68 -46.19 -24.85
C GLY M 311 1.30 -45.96 -24.26
N GLY M 312 1.17 -44.94 -23.41
CA GLY M 312 -0.14 -44.63 -22.88
C GLY M 312 -1.14 -44.31 -23.97
N ALA M 313 -0.80 -43.38 -24.84
CA ALA M 313 -1.71 -42.99 -25.91
C ALA M 313 -2.03 -44.17 -26.81
N ILE M 314 -1.00 -44.91 -27.24
CA ILE M 314 -1.23 -45.98 -28.20
C ILE M 314 -2.07 -47.08 -27.56
N MET M 315 -1.71 -47.50 -26.35
CA MET M 315 -2.43 -48.59 -25.68
C MET M 315 -3.87 -48.19 -25.41
N ILE M 316 -4.10 -46.97 -24.94
CA ILE M 316 -5.46 -46.55 -24.62
C ILE M 316 -6.30 -46.49 -25.89
N SER M 317 -5.77 -45.89 -26.96
CA SER M 317 -6.56 -45.81 -28.19
C SER M 317 -6.85 -47.19 -28.74
N LEU M 318 -5.86 -48.09 -28.70
CA LEU M 318 -6.10 -49.44 -29.19
C LEU M 318 -7.14 -50.16 -28.35
N ILE M 319 -7.07 -50.04 -27.03
CA ILE M 319 -8.03 -50.75 -26.19
C ILE M 319 -9.42 -50.18 -26.38
N GLY M 320 -9.52 -48.86 -26.60
CA GLY M 320 -10.82 -48.26 -26.84
C GLY M 320 -11.42 -48.73 -28.15
N ASP M 321 -10.63 -48.77 -29.21
CA ASP M 321 -11.14 -49.27 -30.48
C ASP M 321 -11.51 -50.75 -30.38
N LEU M 322 -10.73 -51.54 -29.64
CA LEU M 322 -11.06 -52.95 -29.48
C LEU M 322 -12.38 -53.11 -28.73
N GLY M 323 -12.57 -52.33 -27.68
CA GLY M 323 -13.84 -52.39 -26.95
C GLY M 323 -15.01 -51.96 -27.81
N ASP M 324 -14.82 -50.92 -28.63
CA ASP M 324 -15.88 -50.50 -29.54
C ASP M 324 -16.22 -51.61 -30.52
N TRP M 325 -15.21 -52.28 -31.06
CA TRP M 325 -15.47 -53.40 -31.97
C TRP M 325 -16.24 -54.51 -31.25
N ALA M 326 -15.84 -54.81 -30.02
CA ALA M 326 -16.51 -55.87 -29.27
C ALA M 326 -17.97 -55.53 -29.03
N SER M 327 -18.26 -54.27 -28.68
CA SER M 327 -19.64 -53.86 -28.49
C SER M 327 -20.43 -53.93 -29.79
N ARG M 328 -19.84 -53.47 -30.89
CA ARG M 328 -20.58 -53.40 -32.14
C ARG M 328 -20.83 -54.79 -32.72
N GLN M 329 -19.98 -55.75 -32.37
CA GLN M 329 -20.11 -57.11 -32.89
C GLN M 329 -21.40 -57.83 -32.39
N GLY M 330 -22.13 -57.24 -31.44
CA GLY M 330 -23.15 -57.98 -30.71
C GLY M 330 -24.18 -58.65 -31.59
N SER M 331 -24.69 -57.94 -32.58
CA SER M 331 -25.68 -58.53 -33.47
C SER M 331 -25.03 -59.44 -34.51
N SER M 349 -10.01 -36.49 -24.16
CA SER M 349 -10.09 -37.94 -24.15
C SER M 349 -8.97 -38.57 -23.32
N ALA M 350 -9.12 -39.87 -23.04
CA ALA M 350 -8.13 -40.56 -22.22
C ALA M 350 -6.75 -40.54 -22.88
N ALA M 351 -6.71 -40.77 -24.19
CA ALA M 351 -5.45 -40.72 -24.90
C ALA M 351 -4.80 -39.35 -24.75
N ALA M 352 -5.60 -38.29 -24.90
CA ALA M 352 -5.05 -36.95 -24.76
C ALA M 352 -4.50 -36.73 -23.37
N GLU M 353 -5.20 -37.20 -22.33
CA GLU M 353 -4.70 -37.02 -20.99
C GLU M 353 -3.38 -37.76 -20.78
N ALA M 354 -3.30 -39.00 -21.23
CA ALA M 354 -2.06 -39.76 -21.03
C ALA M 354 -0.90 -39.11 -21.76
N LEU M 355 -1.13 -38.69 -23.00
CA LEU M 355 -0.07 -38.14 -23.81
C LEU M 355 0.39 -36.79 -23.29
N ARG M 356 -0.56 -35.91 -22.96
CA ARG M 356 -0.21 -34.60 -22.43
C ARG M 356 0.63 -34.71 -21.17
N ASN M 357 0.47 -35.79 -20.43
CA ASN M 357 1.25 -35.96 -19.21
C ASN M 357 2.62 -36.57 -19.48
N SER M 358 2.70 -37.61 -20.30
CA SER M 358 3.96 -38.31 -20.50
C SER M 358 4.62 -38.00 -21.83
N ILE M 359 4.42 -36.81 -22.39
CA ILE M 359 5.09 -36.48 -23.64
C ILE M 359 6.45 -35.81 -23.38
N ASN M 360 6.58 -35.04 -22.31
CA ASN M 360 7.78 -34.26 -22.09
C ASN M 360 8.73 -35.05 -21.19
N ILE M 361 9.52 -35.90 -21.81
CA ILE M 361 10.56 -36.67 -21.15
C ILE M 361 11.88 -36.30 -21.80
N PRO M 362 12.90 -35.88 -21.03
CA PRO M 362 14.17 -35.52 -21.65
C PRO M 362 14.84 -36.74 -22.24
N PRO M 363 15.39 -36.63 -23.43
CA PRO M 363 16.15 -37.74 -24.01
C PRO M 363 17.39 -38.04 -23.18
N THR M 364 17.72 -39.33 -23.11
CA THR M 364 18.87 -39.80 -22.35
C THR M 364 19.99 -40.11 -23.33
N LEU M 365 21.20 -39.66 -23.00
CA LEU M 365 22.35 -39.80 -23.87
C LEU M 365 23.34 -40.79 -23.29
N TYR M 366 23.73 -41.77 -24.09
CA TYR M 366 24.68 -42.79 -23.68
C TYR M 366 25.97 -42.58 -24.46
N LYS M 367 27.09 -42.76 -23.79
CA LYS M 367 28.41 -42.58 -24.39
C LYS M 367 29.29 -43.74 -24.02
N ASN M 368 29.88 -44.38 -25.03
CA ASN M 368 30.74 -45.52 -24.79
C ASN M 368 32.02 -45.07 -24.09
N GLN M 369 32.59 -45.97 -23.31
CA GLN M 369 33.87 -45.69 -22.69
C GLN M 369 34.99 -45.83 -23.72
N GLY M 370 36.05 -45.06 -23.51
CA GLY M 370 37.19 -45.12 -24.39
C GLY M 370 37.07 -44.35 -25.69
N GLU M 371 36.03 -43.55 -25.84
CA GLU M 371 35.96 -42.66 -27.00
C GLU M 371 37.01 -41.57 -26.88
N ARG M 372 37.33 -40.97 -28.01
CA ARG M 372 38.18 -39.78 -27.99
C ARG M 372 37.35 -38.56 -27.66
N VAL M 373 37.84 -37.76 -26.72
CA VAL M 373 37.26 -36.46 -26.42
C VAL M 373 38.39 -35.45 -26.38
N ASN M 374 38.03 -34.19 -26.58
CA ASN M 374 39.03 -33.14 -26.74
C ASN M 374 38.64 -31.98 -25.84
N ILE M 375 39.65 -31.26 -25.36
CA ILE M 375 39.47 -30.13 -24.47
C ILE M 375 39.98 -28.89 -25.18
N LEU M 376 39.19 -27.83 -25.15
CA LEU M 376 39.60 -26.57 -25.77
C LEU M 376 39.91 -25.58 -24.65
N VAL M 377 41.19 -25.45 -24.31
CA VAL M 377 41.60 -24.64 -23.17
C VAL M 377 41.08 -23.22 -23.37
N ALA M 378 40.19 -22.78 -22.47
CA ALA M 378 39.52 -21.50 -22.62
C ALA M 378 40.26 -20.36 -21.95
N ARG M 379 41.26 -20.65 -21.13
CA ARG M 379 41.98 -19.61 -20.41
C ARG M 379 43.47 -19.88 -20.51
N ASP M 380 44.26 -18.81 -20.59
CA ASP M 380 45.70 -18.94 -20.64
C ASP M 380 46.20 -19.67 -19.41
N LEU M 381 47.12 -20.61 -19.61
CA LEU M 381 47.66 -21.41 -18.53
C LEU M 381 49.13 -21.08 -18.35
N ASP M 382 49.51 -20.66 -17.14
CA ASP M 382 50.88 -20.31 -16.83
C ASP M 382 51.54 -21.44 -16.06
N PHE M 383 52.84 -21.62 -16.27
CA PHE M 383 53.61 -22.62 -15.56
C PHE M 383 54.93 -22.07 -15.05
N SER M 384 55.12 -20.75 -15.13
CA SER M 384 56.40 -20.17 -14.78
C SER M 384 56.81 -20.49 -13.36
N ASP M 385 55.86 -20.77 -12.48
CA ASP M 385 56.16 -20.96 -11.06
C ASP M 385 56.42 -22.40 -10.69
N VAL M 386 56.24 -23.34 -11.61
CA VAL M 386 56.38 -24.76 -11.27
C VAL M 386 57.44 -25.47 -12.09
N TYR M 387 57.92 -24.88 -13.18
CA TYR M 387 58.83 -25.57 -14.08
C TYR M 387 60.05 -24.70 -14.31
N SER M 388 61.16 -25.33 -14.70
CA SER M 388 62.35 -24.58 -15.07
C SER M 388 63.21 -25.41 -16.00
N LEU M 389 63.90 -24.71 -16.91
CA LEU M 389 64.73 -25.33 -17.91
C LEU M 389 66.21 -25.16 -17.57
N GLU M 390 66.93 -26.26 -17.54
CA GLU M 390 68.38 -26.23 -17.42
C GLU M 390 68.97 -26.99 -18.59
N SER M 391 70.10 -26.52 -19.10
CA SER M 391 70.73 -27.17 -20.22
C SER M 391 71.42 -28.46 -19.76
N ILE M 392 71.30 -29.50 -20.58
CA ILE M 392 72.03 -30.73 -20.35
C ILE M 392 73.47 -30.51 -20.79
N PRO M 393 74.45 -30.73 -19.92
CA PRO M 393 75.85 -30.54 -20.33
C PRO M 393 76.22 -31.51 -21.45
N THR M 394 76.98 -31.02 -22.41
CA THR M 394 77.45 -31.87 -23.50
C THR M 394 78.56 -32.77 -23.01
N LYS M 395 78.46 -34.06 -23.34
CA LYS M 395 79.45 -35.06 -22.94
C LYS M 395 79.67 -35.08 -21.44
N LEU N 21 77.94 -19.55 30.69
CA LEU N 21 77.75 -18.18 30.23
C LEU N 21 78.49 -17.97 28.92
N ASP N 22 77.87 -18.40 27.82
CA ASP N 22 78.53 -18.31 26.53
C ASP N 22 78.72 -16.85 26.13
N VAL N 23 79.95 -16.50 25.80
CA VAL N 23 80.26 -15.22 25.16
C VAL N 23 80.23 -15.44 23.65
N PRO N 24 79.43 -14.69 22.90
CA PRO N 24 79.31 -14.96 21.47
C PRO N 24 80.63 -14.74 20.74
N SER N 25 80.85 -15.56 19.71
CA SER N 25 82.10 -15.57 18.98
C SER N 25 82.13 -14.41 18.00
N SER N 26 83.24 -13.67 17.98
CA SER N 26 83.34 -12.49 17.13
C SER N 26 83.34 -12.88 15.67
N SER N 27 82.63 -12.09 14.86
CA SER N 27 82.74 -12.21 13.43
C SER N 27 84.15 -11.80 13.00
N ARG N 28 84.69 -12.52 12.01
CA ARG N 28 86.08 -12.30 11.64
C ARG N 28 86.33 -10.92 11.08
N TYR N 29 85.38 -10.36 10.32
CA TYR N 29 85.56 -8.99 9.85
C TYR N 29 85.56 -8.00 11.01
N ASP N 30 84.57 -8.10 11.90
CA ASP N 30 84.44 -7.18 13.01
C ASP N 30 83.95 -7.91 14.25
N HIS N 31 84.56 -7.59 15.39
CA HIS N 31 84.12 -8.14 16.67
C HIS N 31 82.77 -7.61 17.10
N ARG N 32 82.30 -6.52 16.49
CA ARG N 32 81.04 -5.91 16.84
C ARG N 32 79.84 -6.73 16.38
N ILE N 33 80.07 -7.74 15.55
CA ILE N 33 79.05 -8.71 15.17
C ILE N 33 79.48 -10.05 15.75
N ARG N 34 78.61 -10.67 16.52
CA ARG N 34 78.98 -11.87 17.25
C ARG N 34 77.96 -12.98 17.04
N TYR N 35 78.47 -14.18 16.80
CA TYR N 35 77.67 -15.38 16.70
C TYR N 35 77.86 -16.22 17.96
N VAL N 36 76.81 -16.91 18.38
CA VAL N 36 76.87 -17.74 19.57
C VAL N 36 76.10 -19.02 19.30
N THR N 37 76.54 -20.11 19.92
CA THR N 37 75.89 -21.41 19.77
C THR N 37 74.80 -21.55 20.82
N TYR N 38 73.56 -21.74 20.36
CA TYR N 38 72.42 -21.80 21.27
C TYR N 38 72.54 -23.01 22.18
N ASN N 39 71.89 -22.92 23.35
CA ASN N 39 71.82 -24.03 24.29
C ASN N 39 70.65 -23.78 25.24
N PRO N 40 69.76 -24.75 25.44
CA PRO N 40 68.66 -24.55 26.40
C PRO N 40 69.10 -24.63 27.85
N ALA N 41 70.39 -24.84 28.12
CA ALA N 41 70.89 -25.02 29.48
C ALA N 41 71.94 -24.00 29.86
N ASP N 42 72.15 -22.98 29.03
CA ASP N 42 73.12 -21.93 29.33
C ASP N 42 72.50 -20.58 29.02
N VAL N 43 73.01 -19.56 29.69
CA VAL N 43 72.58 -18.19 29.50
C VAL N 43 73.70 -17.41 28.85
N VAL N 44 73.37 -16.67 27.81
CA VAL N 44 74.35 -15.96 27.00
C VAL N 44 74.55 -14.57 27.58
N GLN N 45 75.81 -14.15 27.70
CA GLN N 45 76.15 -12.84 28.22
C GLN N 45 76.02 -11.82 27.10
N VAL N 46 75.43 -10.67 27.42
CA VAL N 46 75.22 -9.60 26.45
C VAL N 46 75.98 -8.38 26.92
N ASP N 47 76.90 -7.89 26.11
CA ASP N 47 77.69 -6.70 26.42
C ASP N 47 77.10 -5.53 25.64
N THR N 48 76.62 -4.53 26.37
CA THR N 48 75.99 -3.37 25.77
C THR N 48 76.71 -2.10 26.22
N VAL N 49 77.05 -1.25 25.28
CA VAL N 49 77.70 0.01 25.56
C VAL N 49 76.66 1.13 25.47
N LEU N 50 77.04 2.32 25.90
CA LEU N 50 76.07 3.40 26.00
C LEU N 50 75.72 3.92 24.61
N GLY N 51 74.44 3.81 24.25
CA GLY N 51 73.92 4.49 23.09
C GLY N 51 74.05 3.78 21.77
N VAL N 52 74.18 2.45 21.77
CA VAL N 52 74.17 1.69 20.53
C VAL N 52 72.92 0.82 20.52
N ALA N 53 72.51 0.46 19.31
CA ALA N 53 71.32 -0.36 19.11
C ALA N 53 71.74 -1.82 18.98
N THR N 54 71.28 -2.64 19.90
CA THR N 54 71.62 -4.07 19.92
C THR N 54 70.58 -4.83 19.11
N HIS N 55 71.06 -5.57 18.11
CA HIS N 55 70.18 -6.27 17.17
C HIS N 55 70.19 -7.75 17.52
N ILE N 56 69.00 -8.31 17.72
CA ILE N 56 68.83 -9.75 17.90
C ILE N 56 68.05 -10.27 16.71
N MET N 57 68.58 -11.28 16.05
CA MET N 57 67.92 -11.94 14.93
C MET N 57 67.49 -13.32 15.38
N LEU N 58 66.18 -13.57 15.35
CA LEU N 58 65.69 -14.91 15.64
C LEU N 58 65.68 -15.75 14.37
N GLU N 59 65.78 -17.06 14.54
CA GLU N 59 65.73 -17.95 13.39
C GLU N 59 64.34 -17.92 12.78
N GLU N 60 64.28 -18.22 11.48
CA GLU N 60 63.04 -18.11 10.74
C GLU N 60 61.94 -18.97 11.33
N GLY N 61 60.75 -18.40 11.45
CA GLY N 61 59.61 -19.16 11.89
C GLY N 61 59.45 -19.30 13.39
N GLU N 62 60.09 -18.43 14.18
CA GLU N 62 59.84 -18.39 15.61
C GLU N 62 58.65 -17.48 15.89
N GLN N 63 57.66 -18.00 16.59
CA GLN N 63 56.48 -17.22 16.97
C GLN N 63 56.70 -16.62 18.34
N TYR N 64 56.81 -15.31 18.40
CA TYR N 64 57.18 -14.63 19.63
C TYR N 64 56.00 -14.61 20.59
N LEU N 65 56.23 -15.02 21.84
CA LEU N 65 55.18 -14.99 22.85
C LEU N 65 55.23 -13.72 23.68
N THR N 66 56.31 -13.53 24.42
CA THR N 66 56.48 -12.40 25.33
C THR N 66 57.91 -12.44 25.85
N HIS N 67 58.30 -11.36 26.53
CA HIS N 67 59.61 -11.29 27.15
C HIS N 67 59.46 -10.72 28.56
N ALA N 68 60.59 -10.50 29.21
CA ALA N 68 60.63 -9.95 30.56
C ALA N 68 61.97 -9.30 30.78
N PHE N 69 61.98 -8.16 31.45
CA PHE N 69 63.23 -7.49 31.77
C PHE N 69 63.54 -7.64 33.26
N GLY N 70 64.76 -7.26 33.63
CA GLY N 70 65.03 -6.99 35.02
C GLY N 70 64.65 -5.57 35.40
N ASP N 71 64.58 -4.69 34.41
CA ASP N 71 64.19 -3.29 34.59
C ASP N 71 63.57 -2.82 33.28
N SER N 72 62.24 -2.74 33.24
CA SER N 72 61.55 -2.33 32.03
C SER N 72 61.99 -0.95 31.54
N GLU N 73 62.42 -0.08 32.45
CA GLU N 73 62.85 1.26 32.07
C GLU N 73 64.33 1.33 31.73
N ALA N 74 65.11 0.30 32.04
CA ALA N 74 66.54 0.33 31.75
C ALA N 74 66.83 0.20 30.27
N TYR N 75 66.18 -0.74 29.59
CA TYR N 75 66.49 -1.06 28.21
C TYR N 75 65.28 -0.82 27.33
N ALA N 76 65.55 -0.32 26.13
CA ALA N 76 64.52 0.00 25.15
C ALA N 76 64.29 -1.20 24.25
N PHE N 77 63.03 -1.58 24.09
CA PHE N 77 62.67 -2.84 23.43
C PHE N 77 61.74 -2.54 22.25
N ALA N 78 62.12 -3.04 21.07
CA ALA N 78 61.27 -2.97 19.89
C ALA N 78 61.38 -4.28 19.13
N ARG N 79 60.23 -4.81 18.72
CA ARG N 79 60.18 -6.11 18.07
C ARG N 79 59.11 -6.11 16.99
N LYS N 80 59.43 -6.75 15.86
CA LYS N 80 58.42 -7.09 14.85
C LYS N 80 58.84 -8.44 14.27
N GLY N 81 58.16 -9.49 14.67
CA GLY N 81 58.44 -10.81 14.17
C GLY N 81 59.65 -11.46 14.81
N ARG N 82 60.63 -11.83 13.99
CA ARG N 82 61.82 -12.52 14.45
C ARG N 82 62.98 -11.57 14.72
N HIS N 83 62.73 -10.26 14.72
CA HIS N 83 63.77 -9.27 14.95
C HIS N 83 63.51 -8.58 16.28
N ILE N 84 64.52 -8.57 17.14
CA ILE N 84 64.44 -7.94 18.46
C ILE N 84 65.52 -6.89 18.54
N PHE N 85 65.16 -5.69 18.99
CA PHE N 85 66.09 -4.58 19.15
C PHE N 85 66.18 -4.23 20.63
N ILE N 86 67.40 -4.19 21.14
CA ILE N 86 67.63 -3.88 22.55
C ILE N 86 68.51 -2.65 22.63
N LYS N 87 68.17 -1.76 23.56
CA LYS N 87 68.98 -0.57 23.74
C LYS N 87 68.89 -0.07 25.17
N PRO N 88 70.03 0.10 25.84
CA PRO N 88 70.01 0.67 27.19
C PRO N 88 69.66 2.15 27.13
N GLN N 89 68.75 2.57 28.01
CA GLN N 89 68.35 3.96 28.09
C GLN N 89 68.44 4.51 29.50
N ALA N 90 68.91 3.71 30.44
CA ALA N 90 69.11 4.17 31.81
C ALA N 90 70.49 3.72 32.27
N GLU N 91 71.18 4.62 32.96
CA GLU N 91 72.55 4.37 33.38
C GLU N 91 72.60 3.19 34.35
N LEU N 92 73.74 2.49 34.33
CA LEU N 92 74.01 1.37 35.24
C LEU N 92 72.91 0.32 35.14
N ALA N 93 72.80 -0.30 33.97
CA ALA N 93 71.74 -1.27 33.70
C ALA N 93 72.33 -2.68 33.72
N ASN N 94 72.13 -3.36 34.83
CA ASN N 94 72.57 -4.74 35.01
C ASN N 94 71.34 -5.59 35.30
N THR N 95 70.69 -6.07 34.25
CA THR N 95 69.46 -6.84 34.38
C THR N 95 69.58 -8.04 33.45
N ASN N 96 68.46 -8.73 33.22
CA ASN N 96 68.45 -9.91 32.37
C ASN N 96 67.16 -9.96 31.58
N LEU N 97 67.19 -10.73 30.49
CA LEU N 97 66.03 -10.91 29.62
C LEU N 97 65.65 -12.38 29.54
N ILE N 98 64.35 -12.64 29.56
CA ILE N 98 63.80 -13.97 29.32
C ILE N 98 62.76 -13.79 28.23
N VAL N 99 63.09 -14.19 27.01
CA VAL N 99 62.16 -14.14 25.89
C VAL N 99 61.71 -15.55 25.58
N VAL N 100 60.40 -15.72 25.36
CA VAL N 100 59.81 -17.03 25.13
C VAL N 100 59.11 -17.02 23.79
N THR N 101 59.26 -18.12 23.05
CA THR N 101 58.58 -18.34 21.79
C THR N 101 57.90 -19.71 21.85
N ASP N 102 57.18 -20.04 20.78
CA ASP N 102 56.47 -21.31 20.74
C ASP N 102 57.42 -22.48 20.86
N ARG N 103 58.61 -22.37 20.29
CA ARG N 103 59.57 -23.47 20.34
C ARG N 103 60.41 -23.46 21.61
N ARG N 104 61.14 -22.37 21.84
CA ARG N 104 62.12 -22.35 22.91
C ARG N 104 62.02 -21.04 23.67
N SER N 105 62.92 -20.85 24.63
CA SER N 105 63.03 -19.63 25.40
C SER N 105 64.49 -19.25 25.55
N TYR N 106 64.85 -18.07 25.08
CA TYR N 106 66.22 -17.60 25.10
C TYR N 106 66.47 -16.83 26.38
N LYS N 107 67.66 -16.98 26.95
CA LYS N 107 68.03 -16.36 28.21
C LYS N 107 69.28 -15.53 28.03
N PHE N 108 69.31 -14.34 28.63
CA PHE N 108 70.44 -13.44 28.51
C PHE N 108 70.80 -12.83 29.85
N ARG N 109 72.10 -12.57 30.02
CA ARG N 109 72.65 -11.92 31.22
C ARG N 109 73.28 -10.60 30.77
N LEU N 110 72.56 -9.51 30.99
CA LEU N 110 72.97 -8.21 30.48
C LEU N 110 73.92 -7.54 31.47
N GLN N 111 75.08 -7.13 31.00
CA GLN N 111 76.00 -6.29 31.75
C GLN N 111 76.20 -4.99 30.97
N MET N 112 75.97 -3.87 31.64
CA MET N 112 76.18 -2.59 30.99
C MET N 112 77.68 -2.33 30.89
N ARG N 113 78.15 -2.00 29.69
CA ARG N 113 79.56 -1.69 29.50
C ARG N 113 79.83 -0.24 29.86
N ASN N 114 80.86 -0.03 30.67
CA ASN N 114 81.12 1.27 31.27
C ASN N 114 82.07 2.15 30.47
N ASP N 115 82.77 1.59 29.47
CA ASP N 115 83.79 2.35 28.75
C ASP N 115 83.45 2.59 27.29
N ARG N 116 82.25 2.19 26.84
CA ARG N 116 81.85 2.36 25.44
C ARG N 116 82.86 1.71 24.49
N ASN N 117 83.38 0.56 24.89
CA ASN N 117 84.30 -0.20 24.07
C ASN N 117 83.95 -1.68 24.16
N GLY N 118 84.34 -2.42 23.13
CA GLY N 118 83.91 -3.79 23.00
C GLY N 118 82.42 -3.89 22.74
N ALA N 119 81.92 -2.97 21.92
CA ALA N 119 80.51 -2.94 21.60
C ALA N 119 80.13 -4.15 20.73
N MET N 120 78.93 -4.65 20.94
CA MET N 120 78.39 -5.76 20.16
C MET N 120 77.13 -5.24 19.48
N TYR N 121 77.15 -5.20 18.15
CA TYR N 121 76.07 -4.62 17.38
C TYR N 121 74.92 -5.58 17.16
N GLU N 122 75.21 -6.86 16.97
CA GLU N 122 74.17 -7.83 16.64
C GLU N 122 74.60 -9.20 17.16
N LEU N 123 73.62 -10.02 17.53
CA LEU N 123 73.86 -11.39 17.96
C LEU N 123 73.05 -12.31 17.07
N ALA N 124 73.64 -13.44 16.69
CA ALA N 124 72.96 -14.44 15.89
C ALA N 124 73.16 -15.81 16.53
N PHE N 125 72.12 -16.62 16.47
CA PHE N 125 72.12 -17.92 17.14
C PHE N 125 72.35 -19.05 16.13
N ARG N 126 73.13 -20.04 16.55
CA ARG N 126 73.31 -21.29 15.83
C ARG N 126 72.54 -22.36 16.58
N TYR N 127 71.72 -23.11 15.86
CA TYR N 127 70.88 -24.06 16.56
C TYR N 127 71.29 -25.49 16.20
N PRO N 128 72.09 -26.15 17.02
CA PRO N 128 72.48 -27.53 16.71
C PRO N 128 71.32 -28.50 16.83
N ASP N 129 70.30 -28.12 17.61
CA ASP N 129 69.14 -28.99 17.78
C ASP N 129 68.34 -29.12 16.49
N THR N 130 68.10 -27.99 15.81
CA THR N 130 67.37 -28.04 14.55
C THR N 130 68.18 -28.79 13.48
N GLN N 131 69.49 -28.54 13.42
CA GLN N 131 70.34 -29.27 12.49
C GLN N 131 70.28 -30.76 12.76
N ALA N 132 70.38 -31.15 14.03
CA ALA N 132 70.33 -32.57 14.38
C ALA N 132 68.99 -33.18 13.99
N ARG N 133 67.90 -32.46 14.25
CA ARG N 133 66.59 -32.98 13.86
C ARG N 133 66.49 -33.15 12.35
N GLN N 134 66.78 -32.09 11.59
CA GLN N 134 66.53 -32.13 10.16
C GLN N 134 67.47 -33.11 9.45
N THR N 135 68.71 -33.20 9.90
CA THR N 135 69.64 -34.16 9.32
C THR N 135 69.14 -35.58 9.53
N ARG N 136 68.59 -35.86 10.70
CA ARG N 136 68.05 -37.19 10.97
C ARG N 136 66.90 -37.53 10.04
N GLU N 137 65.95 -36.60 9.90
CA GLU N 137 64.79 -36.85 9.04
C GLU N 137 65.14 -36.77 7.56
N ALA N 138 66.18 -36.02 7.22
CA ALA N 138 66.72 -36.12 5.87
C ALA N 138 67.20 -37.54 5.58
N ASN N 139 67.93 -38.13 6.52
CA ASN N 139 68.30 -39.53 6.39
C ASN N 139 67.06 -40.42 6.36
N ALA N 140 65.98 -39.98 7.01
CA ALA N 140 64.76 -40.75 6.97
C ALA N 140 64.24 -40.89 5.54
N ARG N 141 64.09 -39.77 4.82
CA ARG N 141 63.71 -39.93 3.41
C ARG N 141 64.79 -40.64 2.61
N ALA N 142 66.05 -40.47 2.98
CA ALA N 142 67.09 -41.21 2.25
C ALA N 142 66.81 -42.70 2.29
N ALA N 143 66.57 -43.24 3.49
CA ALA N 143 66.27 -44.65 3.64
C ALA N 143 64.97 -45.01 2.94
N VAL N 144 63.94 -44.17 3.05
CA VAL N 144 62.66 -44.47 2.42
C VAL N 144 62.82 -44.59 0.91
N GLU N 145 63.46 -43.60 0.30
CA GLU N 145 63.62 -43.61 -1.15
C GLU N 145 64.50 -44.77 -1.60
N ALA N 146 65.57 -45.05 -0.85
CA ALA N 146 66.42 -46.18 -1.22
C ALA N 146 65.65 -47.48 -1.15
N ALA N 147 64.84 -47.67 -0.10
CA ALA N 147 64.04 -48.88 0.01
C ALA N 147 63.04 -48.99 -1.12
N PHE N 148 62.39 -47.87 -1.47
CA PHE N 148 61.43 -47.89 -2.56
C PHE N 148 62.09 -48.31 -3.87
N GLU N 149 63.18 -47.65 -4.23
CA GLU N 149 63.79 -47.88 -5.54
C GLU N 149 64.46 -49.24 -5.61
N GLN N 150 64.99 -49.73 -4.48
CA GLN N 150 65.83 -50.92 -4.52
C GLN N 150 65.07 -52.13 -5.06
N ARG N 151 63.82 -52.31 -4.62
CA ARG N 151 62.88 -53.32 -5.13
C ARG N 151 63.51 -54.69 -5.38
N VAL N 152 64.50 -55.08 -4.57
CA VAL N 152 65.10 -56.40 -4.73
C VAL N 152 64.27 -57.41 -3.93
N GLY N 153 64.33 -58.67 -4.33
CA GLY N 153 63.45 -59.68 -3.80
C GLY N 153 62.05 -59.63 -4.39
N ALA N 154 61.94 -59.24 -5.65
CA ALA N 154 60.68 -59.20 -6.37
C ALA N 154 60.83 -59.99 -7.66
N TYR N 155 59.78 -60.71 -8.03
CA TYR N 155 59.80 -61.56 -9.22
C TYR N 155 58.90 -60.97 -10.30
N TYR N 156 59.24 -61.29 -11.55
CA TYR N 156 58.55 -60.73 -12.70
C TYR N 156 58.02 -61.86 -13.56
N ASN N 157 56.78 -61.75 -14.00
CA ASN N 157 56.15 -62.74 -14.87
C ASN N 157 55.79 -62.07 -16.19
N LEU N 158 56.12 -62.73 -17.29
CA LEU N 158 56.06 -62.12 -18.61
C LEU N 158 55.10 -62.81 -19.57
N LYS N 159 54.47 -63.90 -19.16
CA LYS N 159 53.64 -64.69 -20.07
C LYS N 159 52.35 -63.95 -20.31
N TYR N 160 52.24 -63.28 -21.45
CA TYR N 160 51.05 -62.52 -21.77
C TYR N 160 50.71 -62.67 -23.25
N MET N 161 49.47 -63.01 -23.54
CA MET N 161 48.95 -63.08 -24.90
C MET N 161 48.26 -61.78 -25.25
N MET N 162 47.79 -61.70 -26.50
CA MET N 162 47.20 -60.48 -27.00
C MET N 162 46.35 -60.80 -28.22
N SER N 163 45.29 -60.01 -28.42
CA SER N 163 44.42 -60.16 -29.59
C SER N 163 43.56 -58.93 -29.73
N GLY N 164 43.20 -58.62 -30.98
CA GLY N 164 42.38 -57.47 -31.27
C GLY N 164 43.02 -56.48 -32.23
N ASP N 165 42.75 -55.20 -32.03
CA ASP N 165 43.29 -54.15 -32.89
C ASP N 165 44.76 -53.98 -32.54
N LYS N 166 45.64 -54.57 -33.35
CA LYS N 166 47.05 -54.63 -33.02
C LYS N 166 47.74 -53.26 -33.05
N ASP N 167 47.13 -52.26 -33.68
CA ASP N 167 47.81 -50.98 -33.84
C ASP N 167 48.06 -50.28 -32.52
N ILE N 168 47.22 -50.51 -31.51
CA ILE N 168 47.37 -49.87 -30.22
C ILE N 168 48.02 -50.82 -29.21
N ALA N 169 48.71 -51.82 -29.69
CA ALA N 169 49.32 -52.79 -28.80
C ALA N 169 50.37 -52.14 -27.92
N PRO N 170 50.45 -52.55 -26.66
CA PRO N 170 51.57 -52.15 -25.81
C PRO N 170 52.81 -52.94 -26.16
N VAL N 171 53.93 -52.22 -26.27
CA VAL N 171 55.16 -52.86 -26.70
C VAL N 171 55.61 -53.94 -25.73
N ASN N 172 55.30 -53.79 -24.45
CA ASN N 172 55.63 -54.82 -23.47
C ASN N 172 54.64 -54.77 -22.33
N ALA N 173 54.41 -55.92 -21.70
CA ALA N 173 53.54 -56.02 -20.54
C ALA N 173 54.15 -57.02 -19.57
N TRP N 174 54.08 -56.68 -18.28
CA TRP N 174 54.55 -57.60 -17.25
C TRP N 174 53.94 -57.22 -15.92
N ASP N 175 54.07 -58.12 -14.96
CA ASP N 175 53.52 -57.95 -13.63
C ASP N 175 54.57 -58.30 -12.60
N ASP N 176 54.49 -57.67 -11.43
CA ASP N 176 55.41 -57.92 -10.35
C ASP N 176 54.77 -58.67 -9.19
N GLY N 177 53.61 -59.28 -9.42
CA GLY N 177 52.88 -59.95 -8.37
C GLY N 177 51.97 -59.04 -7.57
N ARG N 178 52.17 -57.72 -7.69
CA ARG N 178 51.31 -56.73 -7.06
C ARG N 178 50.65 -55.82 -8.08
N PHE N 179 51.42 -55.30 -9.02
CA PHE N 179 50.90 -54.43 -10.07
C PHE N 179 51.01 -55.13 -11.42
N THR N 180 50.63 -54.41 -12.46
CA THR N 180 50.84 -54.84 -13.83
C THR N 180 51.23 -53.64 -14.67
N TYR N 181 52.37 -53.73 -15.35
CA TYR N 181 52.92 -52.61 -16.10
C TYR N 181 52.72 -52.84 -17.59
N PHE N 182 52.24 -51.81 -18.27
CA PHE N 182 52.13 -51.79 -19.72
C PHE N 182 53.01 -50.65 -20.21
N LYS N 183 53.70 -50.87 -21.33
CA LYS N 183 54.52 -49.81 -21.90
C LYS N 183 54.22 -49.65 -23.38
N PHE N 184 54.47 -48.46 -23.89
CA PHE N 184 54.14 -48.10 -25.26
C PHE N 184 55.29 -47.33 -25.88
N SER N 185 55.37 -47.40 -27.20
CA SER N 185 56.41 -46.68 -27.91
C SER N 185 56.18 -45.18 -27.82
N ALA N 186 57.25 -44.41 -28.03
CA ALA N 186 57.18 -42.97 -27.86
C ALA N 186 56.18 -42.34 -28.82
N ASN N 187 55.88 -43.02 -29.92
CA ASN N 187 54.88 -42.54 -30.85
C ASN N 187 53.50 -43.12 -30.61
N ALA N 188 53.36 -44.00 -29.62
CA ALA N 188 52.10 -44.68 -29.36
C ALA N 188 51.22 -43.81 -28.47
N ASP N 189 49.97 -43.65 -28.89
CA ASP N 189 49.00 -42.92 -28.08
C ASP N 189 48.64 -43.73 -26.85
N LEU N 190 48.69 -43.07 -25.70
CA LEU N 190 48.41 -43.77 -24.45
C LEU N 190 46.93 -44.15 -24.40
N PRO N 191 46.60 -45.43 -24.38
CA PRO N 191 45.20 -45.83 -24.38
C PRO N 191 44.62 -45.90 -22.99
N SER N 192 43.40 -46.40 -22.86
CA SER N 192 42.80 -46.67 -21.57
C SER N 192 42.80 -48.16 -21.31
N ILE N 193 42.78 -48.53 -20.04
CA ILE N 193 42.72 -49.93 -19.63
C ILE N 193 41.47 -50.13 -18.80
N TYR N 194 40.76 -51.23 -19.06
CA TYR N 194 39.60 -51.60 -18.28
C TYR N 194 39.77 -53.01 -17.74
N PHE N 195 39.48 -53.15 -16.46
CA PHE N 195 39.65 -54.42 -15.76
C PHE N 195 38.45 -55.31 -16.05
N VAL N 196 38.72 -56.54 -16.49
CA VAL N 196 37.71 -57.46 -16.98
C VAL N 196 37.46 -58.51 -15.93
N ASP N 197 36.19 -58.80 -15.65
CA ASP N 197 35.82 -59.83 -14.70
C ASP N 197 35.81 -61.19 -15.38
N ALA N 198 35.31 -62.20 -14.68
CA ALA N 198 35.21 -63.52 -15.29
C ALA N 198 34.09 -63.58 -16.33
N GLU N 199 33.04 -62.78 -16.14
CA GLU N 199 31.87 -62.87 -17.00
C GLU N 199 31.96 -62.02 -18.25
N GLY N 200 33.00 -61.19 -18.39
CA GLY N 200 33.09 -60.27 -19.50
C GLY N 200 32.62 -58.87 -19.21
N ASN N 201 32.37 -58.54 -17.95
CA ASN N 201 31.96 -57.20 -17.59
C ASN N 201 33.17 -56.34 -17.31
N GLU N 202 33.23 -55.19 -17.96
CA GLU N 202 34.33 -54.24 -17.79
C GLU N 202 34.07 -53.33 -16.60
N SER N 203 35.13 -53.01 -15.86
CA SER N 203 35.01 -52.10 -14.73
C SER N 203 36.32 -51.37 -14.55
N LEU N 204 36.25 -50.23 -13.87
CA LEU N 204 37.40 -49.37 -13.72
C LEU N 204 38.48 -50.00 -12.86
N VAL N 205 39.71 -49.57 -13.07
CA VAL N 205 40.85 -49.95 -12.25
C VAL N 205 41.76 -48.74 -12.17
N PRO N 206 42.26 -48.39 -10.99
CA PRO N 206 43.11 -47.20 -10.88
C PRO N 206 44.44 -47.41 -11.56
N ARG N 207 44.83 -46.43 -12.36
CA ARG N 207 46.10 -46.48 -13.08
C ARG N 207 46.99 -45.37 -12.60
N THR N 208 48.26 -45.68 -12.42
CA THR N 208 49.28 -44.69 -12.15
C THR N 208 50.29 -44.72 -13.28
N THR N 209 50.88 -43.58 -13.56
CA THR N 209 51.83 -43.46 -14.65
C THR N 209 53.23 -43.25 -14.10
N VAL N 210 54.15 -44.13 -14.47
CA VAL N 210 55.55 -44.04 -14.08
C VAL N 210 56.38 -44.16 -15.34
N GLY N 211 57.70 -44.21 -15.18
CA GLY N 211 58.57 -44.42 -16.32
C GLY N 211 59.30 -43.16 -16.72
N SER N 212 60.37 -43.34 -17.49
CA SER N 212 61.24 -42.24 -17.84
C SER N 212 60.50 -41.17 -18.63
N SER N 213 59.76 -41.57 -19.65
CA SER N 213 59.12 -40.64 -20.57
C SER N 213 57.60 -40.78 -20.56
N ASN N 214 57.04 -41.21 -19.44
CA ASN N 214 55.61 -41.47 -19.34
C ASN N 214 55.18 -42.50 -20.36
N ASN N 215 56.03 -43.50 -20.56
CA ASN N 215 55.71 -44.63 -21.42
C ASN N 215 55.35 -45.88 -20.64
N ILE N 216 55.21 -45.77 -19.32
CA ILE N 216 54.82 -46.88 -18.47
C ILE N 216 53.50 -46.50 -17.81
N ILE N 217 52.48 -47.31 -18.02
CA ILE N 217 51.25 -47.19 -17.25
C ILE N 217 51.10 -48.44 -16.42
N ALA N 218 50.89 -48.26 -15.12
CA ALA N 218 50.80 -49.36 -14.17
C ALA N 218 49.38 -49.39 -13.62
N VAL N 219 48.77 -50.55 -13.67
CA VAL N 219 47.46 -50.74 -13.08
C VAL N 219 47.64 -51.44 -11.74
N HIS N 220 46.73 -51.16 -10.81
CA HIS N 220 46.91 -51.52 -9.41
C HIS N 220 46.32 -52.88 -9.08
N LYS N 221 46.28 -53.80 -10.03
CA LYS N 221 45.67 -55.09 -9.82
C LYS N 221 46.32 -56.09 -10.75
N VAL N 222 46.31 -57.35 -10.35
CA VAL N 222 46.69 -58.46 -11.22
C VAL N 222 45.43 -59.27 -11.52
N ASN N 223 45.17 -59.49 -12.80
CA ASN N 223 43.93 -60.14 -13.20
C ASN N 223 44.20 -61.08 -14.37
N PRO N 224 43.54 -62.23 -14.40
CA PRO N 224 43.73 -63.14 -15.54
C PRO N 224 43.22 -62.58 -16.85
N LYS N 225 42.70 -61.36 -16.88
CA LYS N 225 42.28 -60.72 -18.11
C LYS N 225 42.48 -59.23 -18.00
N TRP N 226 42.58 -58.57 -19.15
CA TRP N 226 42.58 -57.12 -19.26
C TRP N 226 42.06 -56.75 -20.64
N MET N 227 41.59 -55.53 -20.79
CA MET N 227 41.16 -55.06 -22.10
C MET N 227 41.54 -53.61 -22.28
N ILE N 228 41.99 -53.28 -23.49
CA ILE N 228 42.52 -51.97 -23.83
C ILE N 228 41.68 -51.40 -24.96
N ARG N 229 41.23 -50.15 -24.80
CA ARG N 229 40.38 -49.51 -25.78
C ARG N 229 40.94 -48.15 -26.14
N LEU N 230 40.63 -47.71 -27.36
CA LEU N 230 40.88 -46.35 -27.80
C LEU N 230 40.00 -46.11 -29.02
N GLY N 231 39.22 -45.04 -29.00
CA GLY N 231 38.27 -44.77 -30.06
C GLY N 231 37.36 -45.96 -30.29
N ASN N 232 37.06 -46.27 -31.55
CA ASN N 232 36.39 -47.52 -31.87
C ASN N 232 37.44 -48.57 -32.24
N ARG N 233 38.37 -48.84 -31.33
CA ARG N 233 39.30 -49.94 -31.46
C ARG N 233 39.47 -50.59 -30.09
N ALA N 234 39.68 -51.90 -30.09
CA ALA N 234 39.77 -52.65 -28.85
C ALA N 234 40.93 -53.64 -28.91
N LEU N 235 41.17 -54.29 -27.79
CA LEU N 235 42.28 -55.23 -27.65
C LEU N 235 42.14 -55.94 -26.32
N ALA N 236 42.48 -57.22 -26.29
CA ALA N 236 42.39 -58.01 -25.08
C ALA N 236 43.77 -58.50 -24.68
N ILE N 237 43.99 -58.63 -23.37
CA ILE N 237 45.24 -59.11 -22.80
C ILE N 237 44.93 -60.30 -21.90
N PHE N 238 45.69 -61.38 -22.08
CA PHE N 238 45.48 -62.59 -21.29
C PHE N 238 46.70 -62.80 -20.41
N ASN N 239 46.47 -63.13 -19.15
CA ASN N 239 47.54 -63.54 -18.25
C ASN N 239 47.59 -65.06 -18.25
N GLU N 240 48.51 -65.63 -19.02
CA GLU N 240 48.60 -67.06 -19.18
C GLU N 240 48.97 -67.79 -17.90
N ALA N 241 49.52 -67.09 -16.91
CA ALA N 241 49.94 -67.69 -15.66
C ALA N 241 49.45 -66.88 -14.48
N TYR N 242 48.17 -66.53 -14.49
CA TYR N 242 47.59 -65.80 -13.37
C TYR N 242 47.77 -66.59 -12.09
N ASP N 243 48.51 -66.02 -11.14
CA ASP N 243 48.72 -66.65 -9.86
C ASP N 243 47.78 -66.05 -8.84
N PRO N 244 46.67 -66.70 -8.51
CA PRO N 244 45.77 -66.13 -7.50
C PRO N 244 46.41 -66.00 -6.13
N ASN N 245 47.46 -66.78 -5.87
CA ASN N 245 48.08 -66.77 -4.55
C ASN N 245 48.70 -65.41 -4.24
N GLY N 246 49.71 -65.02 -5.01
CA GLY N 246 50.36 -63.74 -4.81
C GLY N 246 51.07 -63.68 -3.47
N VAL N 247 51.47 -62.47 -3.12
CA VAL N 247 52.19 -62.19 -1.87
C VAL N 247 51.39 -61.16 -1.09
N PRO N 248 51.03 -61.45 0.15
CA PRO N 248 50.26 -60.48 0.95
C PRO N 248 51.02 -59.19 1.14
N ASN N 249 50.30 -58.08 1.11
CA ASN N 249 50.88 -56.75 1.27
C ASN N 249 51.07 -56.53 2.77
N ASP N 250 52.05 -57.22 3.33
CA ASP N 250 52.27 -57.24 4.77
C ASP N 250 52.57 -55.87 5.37
N THR N 251 52.76 -54.84 4.55
CA THR N 251 53.17 -53.54 5.07
C THR N 251 52.36 -52.38 4.53
N GLY N 252 51.40 -52.61 3.65
CA GLY N 252 50.60 -51.51 3.14
C GLY N 252 51.36 -50.55 2.26
N THR N 253 52.50 -50.95 1.71
CA THR N 253 53.26 -50.12 0.78
C THR N 253 53.67 -50.97 -0.41
N ALA N 254 53.89 -50.31 -1.54
CA ALA N 254 54.25 -51.01 -2.76
C ALA N 254 55.50 -51.85 -2.60
N SER N 255 56.37 -51.49 -1.66
CA SER N 255 57.57 -52.25 -1.35
C SER N 255 57.31 -53.17 -0.17
N PRO N 256 58.05 -54.28 -0.06
CA PRO N 256 58.08 -55.02 1.20
C PRO N 256 59.03 -54.44 2.23
N ALA N 257 59.61 -53.27 1.98
CA ALA N 257 60.60 -52.70 2.85
C ALA N 257 60.17 -51.41 3.53
N VAL N 258 58.93 -50.97 3.31
CA VAL N 258 58.45 -49.72 3.88
C VAL N 258 57.31 -50.05 4.84
N ARG N 259 57.63 -50.12 6.12
CA ARG N 259 56.59 -50.25 7.13
C ARG N 259 55.73 -48.99 7.14
N ARG N 260 54.46 -49.16 7.48
CA ARG N 260 53.51 -48.07 7.49
C ARG N 260 52.89 -47.98 8.88
N VAL N 261 53.23 -46.95 9.63
CA VAL N 261 52.85 -46.86 11.02
C VAL N 261 51.82 -45.75 11.20
N ASN N 262 51.03 -45.88 12.26
CA ASN N 262 49.90 -44.99 12.52
C ASN N 262 50.38 -43.78 13.30
N LYS N 263 50.48 -42.64 12.62
CA LYS N 263 50.99 -41.44 13.27
C LYS N 263 49.96 -40.80 14.20
N GLY N 264 48.70 -40.77 13.77
CA GLY N 264 47.70 -39.94 14.43
C GLY N 264 47.51 -40.21 15.90
N GLY N 265 47.81 -41.43 16.36
CA GLY N 265 47.65 -41.76 17.75
C GLY N 265 46.22 -41.65 18.23
N ASN N 266 46.00 -40.83 19.25
CA ASN N 266 44.68 -40.58 19.81
C ASN N 266 44.02 -41.86 20.31
N CYS O 17 12.60 -51.05 -28.19
CA CYS O 17 12.93 -51.47 -29.55
C CYS O 17 14.37 -51.12 -29.90
N ALA O 18 15.07 -50.48 -28.97
CA ALA O 18 16.47 -50.12 -29.13
C ALA O 18 17.15 -50.11 -27.77
N SER O 19 18.41 -50.51 -27.74
CA SER O 19 19.21 -50.49 -26.53
C SER O 19 20.52 -49.76 -26.78
N ALA O 20 21.25 -49.48 -25.71
CA ALA O 20 22.53 -48.82 -25.85
C ALA O 20 23.50 -49.74 -26.57
N PRO O 21 24.09 -49.31 -27.68
CA PRO O 21 25.01 -50.20 -28.40
C PRO O 21 26.21 -50.54 -27.55
N LYS O 22 26.63 -51.79 -27.64
CA LYS O 22 27.80 -52.17 -26.88
C LYS O 22 29.06 -51.70 -27.58
N PRO O 23 30.11 -51.37 -26.82
CA PRO O 23 31.36 -50.97 -27.45
C PRO O 23 32.03 -52.14 -28.14
N LYS O 24 32.86 -51.82 -29.12
CA LYS O 24 33.47 -52.82 -29.98
C LYS O 24 34.08 -53.95 -29.18
N GLN O 25 33.71 -55.16 -29.53
CA GLN O 25 34.32 -56.33 -28.91
C GLN O 25 35.48 -56.82 -29.77
N PRO O 26 36.66 -57.03 -29.20
CA PRO O 26 37.79 -57.46 -30.01
C PRO O 26 37.68 -58.93 -30.37
N SER O 27 38.17 -59.27 -31.56
CA SER O 27 38.24 -60.66 -31.96
C SER O 27 39.29 -61.39 -31.14
N ASP O 28 39.17 -62.72 -31.09
CA ASP O 28 40.08 -63.55 -30.30
C ASP O 28 40.83 -64.58 -31.14
N PHE O 29 41.18 -64.24 -32.38
CA PHE O 29 41.88 -65.16 -33.26
C PHE O 29 43.38 -64.92 -33.31
N ASN O 30 43.80 -63.71 -33.64
CA ASN O 30 45.21 -63.38 -33.74
C ASN O 30 45.83 -63.24 -32.33
N ARG O 31 46.30 -64.37 -31.82
CA ARG O 31 46.89 -64.43 -30.50
C ARG O 31 48.40 -64.44 -30.62
N GLU O 32 49.07 -63.48 -29.99
CA GLU O 32 50.52 -63.42 -29.99
C GLU O 32 50.99 -63.11 -28.59
N PRO O 33 52.15 -63.64 -28.21
CA PRO O 33 52.78 -63.17 -26.97
C PRO O 33 53.07 -61.69 -27.07
N VAL O 34 52.81 -60.97 -25.98
CA VAL O 34 52.97 -59.52 -26.00
C VAL O 34 54.44 -59.15 -26.00
N ASN O 35 55.24 -59.83 -25.18
CA ASN O 35 56.63 -59.44 -24.97
C ASN O 35 57.51 -60.20 -25.95
N LYS O 36 57.77 -59.59 -27.10
CA LYS O 36 58.76 -60.12 -28.01
C LYS O 36 60.15 -60.13 -27.37
N THR O 37 60.52 -59.05 -26.70
CA THR O 37 61.82 -58.94 -26.06
C THR O 37 61.61 -58.80 -24.56
N VAL O 38 62.63 -59.15 -23.80
CA VAL O 38 62.58 -58.86 -22.37
C VAL O 38 62.58 -57.35 -22.17
N PRO O 39 61.70 -56.80 -21.33
CA PRO O 39 61.70 -55.35 -21.14
C PRO O 39 62.91 -54.89 -20.35
N VAL O 40 63.45 -53.75 -20.76
CA VAL O 40 64.67 -53.24 -20.13
C VAL O 40 64.44 -52.80 -18.69
N GLU O 41 63.22 -52.38 -18.33
CA GLU O 41 62.96 -51.95 -16.97
C GLU O 41 62.96 -53.12 -15.99
N ILE O 42 63.22 -54.33 -16.48
CA ILE O 42 63.36 -55.51 -15.63
C ILE O 42 64.84 -55.61 -15.28
N GLN O 43 65.63 -54.64 -15.75
CA GLN O 43 67.09 -54.74 -15.75
C GLN O 43 67.54 -55.96 -16.52
N ARG O 44 66.83 -56.24 -17.62
CA ARG O 44 67.14 -57.36 -18.49
C ARG O 44 67.20 -56.89 -19.94
N LYS P 135 77.02 22.90 32.14
CA LYS P 135 76.70 21.72 31.33
C LYS P 135 77.68 21.57 30.17
N THR P 136 78.79 20.87 30.42
CA THR P 136 79.74 20.59 29.36
C THR P 136 79.07 19.70 28.31
N PRO P 137 79.44 19.83 27.03
CA PRO P 137 78.70 19.11 25.99
C PRO P 137 78.71 17.61 26.15
N TYR P 138 79.71 17.05 26.83
CA TYR P 138 79.79 15.61 26.96
C TYR P 138 78.64 15.07 27.79
N GLU P 139 78.33 15.70 28.93
CA GLU P 139 77.23 15.20 29.74
C GLU P 139 75.89 15.48 29.08
N LEU P 140 75.79 16.57 28.30
CA LEU P 140 74.58 16.80 27.53
C LEU P 140 74.37 15.68 26.51
N ALA P 141 75.43 15.28 25.83
CA ALA P 141 75.34 14.18 24.87
C ALA P 141 74.99 12.88 25.59
N ARG P 142 75.55 12.67 26.78
CA ARG P 142 75.20 11.48 27.56
C ARG P 142 73.71 11.49 27.92
N GLU P 143 73.19 12.64 28.33
CA GLU P 143 71.77 12.73 28.65
C GLU P 143 70.91 12.42 27.43
N ARG P 144 71.23 13.05 26.29
CA ARG P 144 70.49 12.76 25.07
C ARG P 144 70.57 11.29 24.71
N MET P 145 71.75 10.70 24.89
CA MET P 145 71.98 9.34 24.45
C MET P 145 71.27 8.33 25.33
N LEU P 146 71.11 8.65 26.61
CA LEU P 146 70.30 7.78 27.48
C LEU P 146 68.82 7.97 27.22
N ARG P 147 68.35 9.22 27.05
CA ARG P 147 66.91 9.44 26.95
C ARG P 147 66.35 8.90 25.64
N SER P 148 67.21 8.73 24.65
CA SER P 148 66.75 8.55 23.27
C SER P 148 65.89 7.30 23.11
N GLY P 149 64.79 7.46 22.38
CA GLY P 149 63.97 6.35 21.99
C GLY P 149 64.54 5.61 20.79
N LEU P 150 64.04 4.39 20.58
CA LEU P 150 64.61 3.52 19.56
C LEU P 150 64.39 4.07 18.16
N THR P 151 63.16 4.45 17.83
CA THR P 151 62.84 4.96 16.51
C THR P 151 62.32 6.38 16.63
N ALA P 152 62.88 7.28 15.83
CA ALA P 152 62.41 8.66 15.81
C ALA P 152 60.96 8.68 15.35
N GLY P 153 60.09 9.16 16.23
CA GLY P 153 58.66 9.19 15.94
C GLY P 153 58.08 7.81 15.78
N GLY P 177 -1.00 28.45 -28.02
CA GLY P 177 -0.41 27.39 -27.20
C GLY P 177 0.20 26.27 -28.01
N GLY P 178 -0.20 25.05 -27.70
CA GLY P 178 0.33 23.89 -28.40
C GLY P 178 -0.73 23.12 -29.16
N GLY P 179 -1.62 23.84 -29.84
CA GLY P 179 -2.72 23.23 -30.54
C GLY P 179 -2.27 22.46 -31.77
N GLY P 180 -3.24 21.87 -32.46
CA GLY P 180 -2.95 21.00 -33.57
C GLY P 180 -2.13 19.82 -33.12
N GLY P 181 -2.58 19.18 -32.03
CA GLY P 181 -1.78 18.18 -31.35
C GLY P 181 -1.06 17.23 -32.28
N GLU P 182 -1.78 16.66 -33.24
CA GLU P 182 -1.13 15.71 -34.14
C GLU P 182 -0.17 16.43 -35.09
N LEU P 183 -0.67 17.42 -35.83
CA LEU P 183 0.19 18.09 -36.80
C LEU P 183 1.35 18.81 -36.12
N ALA P 184 1.10 19.50 -35.01
CA ALA P 184 2.20 20.18 -34.36
C ALA P 184 3.26 19.22 -33.87
N GLU P 185 2.88 17.99 -33.54
CA GLU P 185 3.87 16.99 -33.18
C GLU P 185 4.58 16.40 -34.38
N LYS P 186 3.96 16.40 -35.55
CA LYS P 186 4.71 15.88 -36.69
C LYS P 186 5.56 16.93 -37.39
N LEU P 187 5.45 18.21 -37.02
CA LEU P 187 6.38 19.22 -37.49
C LEU P 187 7.54 19.44 -36.54
N GLN P 188 7.64 18.63 -35.50
CA GLN P 188 8.73 18.79 -34.56
C GLN P 188 10.05 18.65 -35.28
N PRO P 189 10.92 19.64 -35.22
CA PRO P 189 12.18 19.56 -35.96
C PRO P 189 13.05 18.45 -35.42
N MET P 190 13.85 17.88 -36.31
CA MET P 190 14.91 16.95 -35.95
C MET P 190 16.22 17.64 -36.29
N ARG P 191 17.00 17.95 -35.27
CA ARG P 191 18.29 18.60 -35.45
C ARG P 191 19.37 17.57 -35.17
N LEU P 192 20.30 17.43 -36.09
CA LEU P 192 21.34 16.43 -35.99
C LEU P 192 22.68 17.09 -35.74
N SER P 193 23.43 16.55 -34.80
CA SER P 193 24.70 17.14 -34.40
C SER P 193 25.67 17.15 -35.57
N GLY P 194 26.44 18.23 -35.68
CA GLY P 194 27.53 18.25 -36.63
C GLY P 194 28.64 17.31 -36.19
N SER P 195 29.54 17.03 -37.12
CA SER P 195 30.65 16.14 -36.86
C SER P 195 31.94 16.73 -37.42
N SER P 196 33.06 16.30 -36.84
CA SER P 196 34.35 16.94 -37.04
C SER P 196 35.29 15.98 -37.74
N ALA P 197 36.25 16.52 -38.47
CA ALA P 197 37.24 15.69 -39.13
C ALA P 197 38.35 15.29 -38.17
N GLY P 198 38.91 14.11 -38.39
CA GLY P 198 40.01 13.60 -37.59
C GLY P 198 41.11 13.01 -38.43
N ARG P 199 42.15 12.57 -37.74
CA ARG P 199 43.33 12.02 -38.41
C ARG P 199 43.82 10.79 -37.66
N LEU P 200 44.08 9.72 -38.39
CA LEU P 200 44.66 8.54 -37.79
C LEU P 200 46.09 8.84 -37.35
N GLY P 201 46.50 8.20 -36.26
CA GLY P 201 47.82 8.47 -35.72
C GLY P 201 48.96 7.95 -36.58
N ASN P 202 49.09 6.63 -36.69
CA ASN P 202 50.21 6.02 -37.37
C ASN P 202 49.69 4.93 -38.28
N ARG P 203 49.66 5.20 -39.58
CA ARG P 203 49.12 4.27 -40.56
C ARG P 203 49.95 3.00 -40.73
N ASP P 204 51.00 2.83 -39.93
CA ASP P 204 51.82 1.64 -40.06
C ASP P 204 51.57 0.63 -38.96
N MET P 205 51.21 1.06 -37.76
CA MET P 205 50.98 0.16 -36.64
C MET P 205 49.51 0.07 -36.29
N LEU P 206 48.64 0.27 -37.28
CA LEU P 206 47.22 0.44 -37.01
C LEU P 206 46.40 -0.32 -38.04
N ILE P 207 45.39 -1.04 -37.57
CA ILE P 207 44.44 -1.72 -38.45
C ILE P 207 43.08 -1.10 -38.21
N THR P 208 42.48 -0.55 -39.27
CA THR P 208 41.21 0.13 -39.11
C THR P 208 40.06 -0.86 -39.25
N GLN P 209 38.87 -0.41 -38.87
CA GLN P 209 37.71 -1.27 -38.93
C GLN P 209 37.41 -1.64 -40.37
N GLY P 210 36.87 -2.84 -40.56
CA GLY P 210 36.54 -3.29 -41.89
C GLY P 210 37.67 -3.95 -42.64
N THR P 211 38.83 -4.08 -42.04
CA THR P 211 39.91 -4.81 -42.68
C THR P 211 39.62 -6.30 -42.60
N GLN P 212 39.36 -6.90 -43.76
CA GLN P 212 38.83 -8.24 -43.83
C GLN P 212 39.94 -9.24 -43.54
N LEU P 213 39.79 -9.98 -42.45
CA LEU P 213 40.76 -10.99 -42.05
C LEU P 213 40.27 -12.35 -42.51
N ASP P 214 41.06 -13.02 -43.33
CA ASP P 214 40.68 -14.31 -43.87
C ASP P 214 41.35 -15.41 -43.05
N CYS P 215 40.56 -16.27 -42.43
CA CYS P 215 41.09 -17.35 -41.63
C CYS P 215 40.35 -18.65 -41.94
N VAL P 216 41.01 -19.76 -41.65
CA VAL P 216 40.47 -21.09 -41.91
C VAL P 216 40.01 -21.68 -40.58
N LEU P 217 38.81 -22.25 -40.58
CA LEU P 217 38.25 -22.80 -39.37
C LEU P 217 39.00 -24.08 -39.00
N GLU P 218 39.31 -24.23 -37.71
CA GLU P 218 40.00 -25.41 -37.25
C GLU P 218 39.04 -26.49 -36.75
N THR P 219 38.08 -26.09 -35.92
CA THR P 219 37.21 -27.07 -35.28
C THR P 219 35.88 -27.17 -36.00
N ARG P 220 35.29 -28.35 -35.92
CA ARG P 220 33.96 -28.57 -36.47
C ARG P 220 32.96 -27.76 -35.66
N LEU P 221 31.90 -27.30 -36.33
CA LEU P 221 30.94 -26.39 -35.71
C LEU P 221 29.60 -27.08 -35.58
N VAL P 222 29.22 -27.38 -34.33
CA VAL P 222 27.90 -27.90 -34.00
C VAL P 222 27.31 -26.97 -32.95
N THR P 223 26.10 -26.48 -33.21
CA THR P 223 25.53 -25.42 -32.40
C THR P 223 24.53 -25.91 -31.37
N THR P 224 24.57 -27.19 -31.01
CA THR P 224 23.61 -27.69 -30.04
C THR P 224 23.87 -27.11 -28.65
N GLN P 225 25.12 -26.84 -28.33
CA GLN P 225 25.49 -26.22 -27.08
C GLN P 225 26.39 -25.03 -27.33
N PRO P 226 26.37 -24.04 -26.44
CA PRO P 226 27.31 -22.92 -26.60
C PRO P 226 28.73 -23.41 -26.40
N GLY P 227 29.60 -23.01 -27.33
CA GLY P 227 30.96 -23.48 -27.31
C GLY P 227 31.88 -22.51 -28.03
N MET P 228 33.16 -22.84 -28.03
CA MET P 228 34.19 -21.97 -28.55
C MET P 228 34.70 -22.50 -29.87
N THR P 229 35.14 -21.60 -30.74
CA THR P 229 35.69 -21.95 -32.03
C THR P 229 37.07 -21.34 -32.21
N THR P 230 37.92 -22.08 -32.92
CA THR P 230 39.29 -21.64 -33.17
C THR P 230 39.54 -21.66 -34.66
N CYS P 231 40.13 -20.59 -35.18
CA CYS P 231 40.51 -20.58 -36.58
C CYS P 231 41.94 -20.08 -36.69
N HIS P 232 42.50 -20.23 -37.89
CA HIS P 232 43.86 -19.81 -38.17
C HIS P 232 43.90 -18.90 -39.38
N LEU P 233 44.56 -17.75 -39.23
CA LEU P 233 44.73 -16.86 -40.37
C LEU P 233 45.51 -17.59 -41.45
N THR P 234 45.18 -17.30 -42.70
CA THR P 234 45.84 -17.98 -43.81
C THR P 234 46.61 -17.04 -44.70
N ARG P 235 46.54 -15.74 -44.46
CA ARG P 235 47.30 -14.77 -45.24
C ARG P 235 47.68 -13.63 -44.31
N ASP P 236 48.87 -13.08 -44.51
CA ASP P 236 49.35 -12.01 -43.65
C ASP P 236 48.48 -10.78 -43.81
N VAL P 237 48.31 -10.05 -42.72
CA VAL P 237 47.41 -8.90 -42.66
C VAL P 237 48.27 -7.64 -42.54
N TYR P 238 48.11 -6.74 -43.49
CA TYR P 238 48.98 -5.58 -43.58
C TYR P 238 48.32 -4.37 -42.96
N SER P 239 49.06 -3.27 -42.90
CA SER P 239 48.57 -2.06 -42.26
C SER P 239 47.47 -1.42 -43.11
N THR P 240 46.94 -0.31 -42.61
CA THR P 240 46.09 0.51 -43.45
C THR P 240 46.86 1.09 -44.62
N SER P 241 48.10 1.51 -44.38
CA SER P 241 48.94 2.00 -45.46
C SER P 241 49.53 0.87 -46.28
N GLY P 242 49.38 -0.37 -45.82
CA GLY P 242 49.87 -1.50 -46.59
C GLY P 242 51.37 -1.56 -46.72
N ARG P 243 52.09 -1.46 -45.61
CA ARG P 243 53.54 -1.56 -45.65
C ARG P 243 54.13 -2.53 -44.65
N VAL P 244 53.46 -2.82 -43.54
CA VAL P 244 54.02 -3.65 -42.49
C VAL P 244 53.10 -4.84 -42.26
N VAL P 245 53.67 -6.01 -42.02
CA VAL P 245 52.88 -7.16 -41.61
C VAL P 245 52.69 -7.07 -40.10
N LEU P 246 51.42 -7.03 -39.68
CA LEU P 246 51.14 -6.93 -38.25
C LEU P 246 50.68 -8.27 -37.67
N LEU P 247 49.88 -9.02 -38.41
CA LEU P 247 49.41 -10.32 -37.99
C LEU P 247 50.00 -11.36 -38.92
N ASP P 248 50.94 -12.16 -38.43
CA ASP P 248 51.55 -13.18 -39.26
C ASP P 248 50.54 -14.28 -39.57
N ARG P 249 50.58 -14.75 -40.82
CA ARG P 249 49.73 -15.87 -41.19
C ARG P 249 50.06 -17.08 -40.35
N GLY P 250 49.11 -17.99 -40.23
CA GLY P 250 49.23 -19.08 -39.29
C GLY P 250 48.90 -18.68 -37.87
N SER P 251 48.49 -17.44 -37.65
CA SER P 251 48.09 -17.00 -36.32
C SER P 251 46.79 -17.67 -35.90
N LYS P 252 46.66 -17.94 -34.61
CA LYS P 252 45.51 -18.64 -34.07
C LYS P 252 44.52 -17.65 -33.47
N VAL P 253 43.24 -17.88 -33.73
CA VAL P 253 42.16 -17.03 -33.25
C VAL P 253 41.22 -17.89 -32.40
N VAL P 254 40.79 -17.35 -31.28
CA VAL P 254 39.84 -18.02 -30.40
C VAL P 254 38.56 -17.23 -30.36
N GLY P 255 37.44 -17.90 -30.57
CA GLY P 255 36.15 -17.25 -30.49
C GLY P 255 35.04 -18.16 -30.00
N PHE P 256 33.89 -17.59 -29.70
CA PHE P 256 32.80 -18.36 -29.09
C PHE P 256 31.48 -17.87 -29.65
N TYR P 257 30.43 -18.61 -29.30
CA TYR P 257 29.07 -18.36 -29.76
C TYR P 257 28.10 -18.83 -28.71
N GLN P 258 26.87 -18.35 -28.78
CA GLN P 258 25.88 -18.76 -27.78
C GLN P 258 24.49 -18.48 -28.31
N GLY P 259 23.50 -18.97 -27.58
CA GLY P 259 22.12 -18.69 -27.84
C GLY P 259 21.42 -19.67 -28.75
N GLY P 260 22.17 -20.57 -29.38
CA GLY P 260 21.53 -21.47 -30.31
C GLY P 260 20.95 -20.70 -31.48
N LEU P 261 19.99 -21.35 -32.14
CA LEU P 261 19.32 -20.79 -33.29
C LEU P 261 17.91 -20.35 -32.92
N ARG P 262 17.17 -19.92 -33.93
CA ARG P 262 15.73 -19.79 -33.88
C ARG P 262 15.15 -20.25 -35.20
N GLN P 263 13.87 -20.61 -35.19
CA GLN P 263 13.23 -21.13 -36.38
C GLN P 263 13.40 -20.16 -37.54
N GLY P 264 13.70 -20.69 -38.71
CA GLY P 264 13.84 -19.87 -39.89
C GLY P 264 15.16 -19.15 -40.04
N GLN P 265 16.10 -19.36 -39.12
CA GLN P 265 17.43 -18.77 -39.22
C GLN P 265 18.42 -19.79 -39.75
N ALA P 266 19.25 -19.37 -40.69
CA ALA P 266 20.20 -20.27 -41.32
C ALA P 266 21.64 -19.98 -40.94
N ARG P 267 21.90 -18.89 -40.24
CA ARG P 267 23.26 -18.49 -39.94
C ARG P 267 23.36 -18.12 -38.47
N ILE P 268 24.35 -18.68 -37.78
CA ILE P 268 24.58 -18.41 -36.37
C ILE P 268 25.62 -17.31 -36.25
N PHE P 269 25.56 -16.56 -35.17
CA PHE P 269 26.45 -15.43 -34.95
C PHE P 269 27.63 -15.86 -34.11
N VAL P 270 28.84 -15.57 -34.58
CA VAL P 270 30.07 -16.02 -33.94
C VAL P 270 30.89 -14.79 -33.58
N GLN P 271 31.42 -14.77 -32.37
CA GLN P 271 32.28 -13.69 -31.90
C GLN P 271 33.70 -14.20 -31.79
N TRP P 272 34.63 -13.49 -32.44
CA TRP P 272 36.06 -13.71 -32.20
C TRP P 272 36.52 -12.72 -31.15
N SER P 273 37.38 -13.18 -30.25
CA SER P 273 37.89 -12.32 -29.18
C SER P 273 39.39 -12.10 -29.24
N ARG P 274 40.19 -13.16 -29.28
CA ARG P 274 41.62 -12.97 -29.12
C ARG P 274 42.35 -13.63 -30.28
N ILE P 275 43.25 -12.87 -30.88
CA ILE P 275 44.10 -13.34 -31.97
C ILE P 275 45.52 -13.41 -31.44
N GLU P 276 46.32 -14.32 -31.98
CA GLU P 276 47.64 -14.60 -31.46
C GLU P 276 48.60 -14.90 -32.60
N THR P 277 49.62 -14.11 -32.73
CA THR P 277 50.66 -14.39 -33.71
C THR P 277 51.56 -15.50 -33.21
N PRO P 278 52.29 -16.16 -34.11
CA PRO P 278 53.32 -17.11 -33.66
C PRO P 278 54.44 -16.43 -32.89
N SER P 279 54.61 -15.12 -33.04
CA SER P 279 55.69 -14.41 -32.39
C SER P 279 55.28 -13.82 -31.03
N GLY P 280 54.15 -14.21 -30.48
CA GLY P 280 53.77 -13.83 -29.15
C GLY P 280 52.95 -12.56 -29.02
N VAL P 281 52.54 -11.95 -30.13
CA VAL P 281 51.67 -10.79 -30.06
C VAL P 281 50.25 -11.24 -29.83
N VAL P 282 49.60 -10.63 -28.84
CA VAL P 282 48.24 -10.96 -28.45
C VAL P 282 47.44 -9.67 -28.34
N ILE P 283 46.35 -9.58 -29.09
CA ILE P 283 45.46 -8.43 -29.01
C ILE P 283 44.01 -8.88 -29.00
N ASN P 284 43.19 -8.20 -28.22
CA ASN P 284 41.77 -8.50 -28.12
C ASN P 284 41.04 -7.76 -29.23
N LEU P 285 40.68 -8.50 -30.28
CA LEU P 285 39.78 -7.97 -31.29
C LEU P 285 38.40 -8.53 -31.03
N ASP P 286 37.44 -7.65 -30.75
CA ASP P 286 36.06 -8.05 -30.52
C ASP P 286 35.32 -7.85 -31.84
N SER P 287 35.24 -8.92 -32.62
CA SER P 287 34.70 -8.75 -33.95
C SER P 287 33.80 -9.91 -34.34
N PRO P 288 32.79 -9.65 -35.17
CA PRO P 288 31.85 -10.70 -35.53
C PRO P 288 32.35 -11.50 -36.72
N GLY P 289 32.40 -12.82 -36.53
CA GLY P 289 32.74 -13.72 -37.61
C GLY P 289 31.71 -13.63 -38.71
N THR P 290 32.13 -13.95 -39.92
CA THR P 290 31.25 -13.85 -41.08
C THR P 290 31.41 -15.08 -41.94
N GLY P 291 30.84 -15.02 -43.13
CA GLY P 291 31.00 -16.06 -44.11
C GLY P 291 32.07 -15.72 -45.11
N PRO P 292 32.23 -16.59 -46.10
CA PRO P 292 33.30 -16.39 -47.08
C PRO P 292 33.26 -15.05 -47.76
N LEU P 293 32.08 -14.46 -47.95
CA LEU P 293 31.97 -13.15 -48.57
C LEU P 293 31.65 -12.06 -47.56
N GLY P 294 31.95 -12.28 -46.29
CA GLY P 294 31.67 -11.29 -45.27
C GLY P 294 30.24 -11.25 -44.82
N GLU P 295 29.39 -12.11 -45.35
CA GLU P 295 27.99 -12.15 -44.93
C GLU P 295 27.90 -12.47 -43.44
N ALA P 296 27.09 -11.70 -42.73
CA ALA P 296 27.08 -11.76 -41.27
C ALA P 296 26.74 -13.15 -40.78
N GLY P 297 27.44 -13.60 -39.76
CA GLY P 297 27.19 -14.89 -39.17
C GLY P 297 27.68 -16.03 -40.04
N LEU P 298 28.14 -17.08 -39.38
CA LEU P 298 28.63 -18.26 -40.08
C LEU P 298 27.45 -19.02 -40.67
N GLY P 299 27.66 -19.56 -41.86
CA GLY P 299 26.65 -20.36 -42.51
C GLY P 299 27.13 -21.78 -42.72
N GLY P 300 26.17 -22.70 -42.76
CA GLY P 300 26.48 -24.11 -42.96
C GLY P 300 25.26 -24.87 -43.41
N TRP P 301 25.20 -26.14 -43.06
CA TRP P 301 24.05 -26.97 -43.37
C TRP P 301 23.20 -27.16 -42.12
N ILE P 302 21.89 -27.29 -42.32
CA ILE P 302 20.92 -27.20 -41.25
C ILE P 302 20.25 -28.56 -41.06
N ASP P 303 19.96 -28.90 -39.80
CA ASP P 303 19.16 -30.06 -39.46
C ASP P 303 17.90 -29.58 -38.76
N ARG P 304 16.77 -29.65 -39.45
CA ARG P 304 15.52 -29.08 -38.95
C ARG P 304 14.77 -30.00 -38.01
N HIS P 305 15.26 -31.22 -37.78
CA HIS P 305 14.61 -32.16 -36.88
C HIS P 305 13.15 -32.37 -37.25
N PHE P 306 12.89 -32.55 -38.54
CA PHE P 306 11.52 -32.59 -39.02
C PHE P 306 10.77 -33.78 -38.41
N TRP P 307 11.34 -34.98 -38.55
CA TRP P 307 10.70 -36.12 -37.91
C TRP P 307 10.64 -35.96 -36.41
N GLU P 308 11.69 -35.39 -35.81
CA GLU P 308 11.63 -35.11 -34.39
C GLU P 308 10.42 -34.27 -34.03
N ARG P 309 10.08 -33.28 -34.86
CA ARG P 309 8.96 -32.40 -34.57
C ARG P 309 7.61 -33.01 -34.87
N PHE P 310 7.49 -33.88 -35.87
CA PHE P 310 6.17 -34.33 -36.31
C PHE P 310 5.89 -35.82 -36.13
N GLY P 311 6.81 -36.60 -35.56
CA GLY P 311 6.57 -38.01 -35.40
C GLY P 311 5.39 -38.28 -34.49
N GLY P 312 5.26 -37.51 -33.41
CA GLY P 312 4.13 -37.70 -32.53
C GLY P 312 2.80 -37.54 -33.25
N ALA P 313 2.62 -36.40 -33.92
CA ALA P 313 1.34 -36.16 -34.58
C ALA P 313 1.07 -37.20 -35.64
N ILE P 314 2.08 -37.53 -36.46
CA ILE P 314 1.84 -38.47 -37.56
C ILE P 314 1.51 -39.85 -37.00
N MET P 315 2.30 -40.33 -36.05
CA MET P 315 2.08 -41.69 -35.55
C MET P 315 0.75 -41.80 -34.84
N ILE P 316 0.39 -40.79 -34.05
CA ILE P 316 -0.90 -40.84 -33.35
C ILE P 316 -2.05 -40.82 -34.35
N SER P 317 -1.99 -39.93 -35.34
CA SER P 317 -3.08 -39.88 -36.30
C SER P 317 -3.23 -41.20 -37.04
N LEU P 318 -2.12 -41.78 -37.49
CA LEU P 318 -2.20 -43.03 -38.23
C LEU P 318 -2.71 -44.16 -37.35
N ILE P 319 -2.22 -44.26 -36.11
CA ILE P 319 -2.65 -45.38 -35.27
C ILE P 319 -4.13 -45.24 -34.93
N GLY P 320 -4.60 -44.01 -34.69
CA GLY P 320 -6.00 -43.82 -34.40
C GLY P 320 -6.90 -44.16 -35.58
N ASP P 321 -6.52 -43.69 -36.78
CA ASP P 321 -7.34 -44.00 -37.95
C ASP P 321 -7.31 -45.48 -38.25
N LEU P 322 -6.17 -46.14 -38.03
CA LEU P 322 -6.10 -47.58 -38.24
C LEU P 322 -6.98 -48.32 -37.25
N GLY P 323 -7.01 -47.86 -36.00
CA GLY P 323 -7.90 -48.47 -35.03
C GLY P 323 -9.36 -48.33 -35.41
N ASP P 324 -9.75 -47.14 -35.87
CA ASP P 324 -11.13 -46.97 -36.31
C ASP P 324 -11.44 -47.83 -37.53
N TRP P 325 -10.49 -47.96 -38.45
CA TRP P 325 -10.66 -48.85 -39.58
C TRP P 325 -10.89 -50.29 -39.11
N ALA P 326 -10.11 -50.71 -38.11
CA ALA P 326 -10.28 -52.05 -37.57
C ALA P 326 -11.65 -52.23 -36.94
N SER P 327 -12.13 -51.20 -36.24
CA SER P 327 -13.47 -51.28 -35.67
C SER P 327 -14.53 -51.41 -36.76
N ARG P 328 -14.33 -50.71 -37.88
CA ARG P 328 -15.30 -50.80 -38.97
C ARG P 328 -15.21 -52.15 -39.67
N GLN P 329 -14.02 -52.75 -39.71
CA GLN P 329 -13.76 -53.99 -40.44
C GLN P 329 -14.48 -55.21 -39.87
N GLY P 330 -14.97 -55.18 -38.63
CA GLY P 330 -15.63 -56.34 -38.08
C GLY P 330 -16.85 -56.76 -38.87
N SER P 331 -17.67 -55.79 -39.27
CA SER P 331 -18.87 -56.09 -40.06
C SER P 331 -18.51 -56.29 -41.52
N SER P 349 -7.59 -32.83 -29.49
CA SER P 349 -7.33 -34.25 -29.76
C SER P 349 -5.90 -34.63 -29.46
N ALA P 350 -5.64 -35.94 -29.45
CA ALA P 350 -4.32 -36.44 -29.08
C ALA P 350 -3.25 -35.93 -30.03
N ALA P 351 -3.52 -35.96 -31.33
CA ALA P 351 -2.53 -35.52 -32.30
C ALA P 351 -2.17 -34.06 -32.10
N ALA P 352 -3.18 -33.20 -32.01
CA ALA P 352 -2.92 -31.79 -31.79
C ALA P 352 -2.16 -31.56 -30.50
N GLU P 353 -2.50 -32.33 -29.45
CA GLU P 353 -1.79 -32.16 -28.20
C GLU P 353 -0.31 -32.51 -28.34
N ALA P 354 0.00 -33.63 -29.00
CA ALA P 354 1.38 -34.01 -29.17
C ALA P 354 2.15 -32.97 -29.97
N LEU P 355 1.54 -32.47 -31.04
CA LEU P 355 2.23 -31.49 -31.87
C LEU P 355 2.43 -30.18 -31.11
N ARG P 356 1.49 -29.83 -30.23
CA ARG P 356 1.64 -28.61 -29.46
C ARG P 356 2.86 -28.65 -28.57
N ASN P 357 3.21 -29.82 -28.05
CA ASN P 357 4.33 -29.91 -27.14
C ASN P 357 5.64 -30.22 -27.84
N SER P 358 5.59 -30.79 -29.04
CA SER P 358 6.82 -31.07 -29.78
C SER P 358 6.97 -30.22 -31.04
N ILE P 359 6.32 -29.05 -31.11
CA ILE P 359 6.51 -28.20 -32.28
C ILE P 359 7.69 -27.24 -32.10
N ASN P 360 8.04 -26.92 -30.86
CA ASN P 360 9.10 -25.94 -30.61
C ASN P 360 10.40 -26.69 -30.36
N ILE P 361 11.13 -26.93 -31.45
CA ILE P 361 12.46 -27.52 -31.42
C ILE P 361 13.37 -26.61 -32.22
N PRO P 362 14.39 -26.01 -31.63
CA PRO P 362 15.26 -25.11 -32.39
C PRO P 362 15.98 -25.87 -33.49
N PRO P 363 16.13 -25.26 -34.66
CA PRO P 363 16.90 -25.92 -35.73
C PRO P 363 18.38 -25.89 -35.42
N THR P 364 19.06 -26.96 -35.83
CA THR P 364 20.47 -27.17 -35.54
C THR P 364 21.29 -26.94 -36.79
N LEU P 365 22.45 -26.31 -36.62
CA LEU P 365 23.34 -25.93 -37.71
C LEU P 365 24.63 -26.72 -37.65
N TYR P 366 25.03 -27.27 -38.80
CA TYR P 366 26.25 -28.05 -38.91
C TYR P 366 27.18 -27.34 -39.88
N LYS P 367 28.47 -27.26 -39.54
CA LYS P 367 29.49 -26.74 -40.43
C LYS P 367 30.69 -27.68 -40.41
N ASN P 368 31.20 -27.99 -41.59
CA ASN P 368 32.36 -28.87 -41.69
C ASN P 368 33.63 -28.10 -41.35
N GLN P 369 34.61 -28.81 -40.82
CA GLN P 369 35.88 -28.19 -40.52
C GLN P 369 36.61 -27.81 -41.79
N GLY P 370 37.51 -26.83 -41.68
CA GLY P 370 38.30 -26.40 -42.80
C GLY P 370 37.58 -25.57 -43.83
N GLU P 371 36.38 -25.10 -43.54
CA GLU P 371 35.73 -24.17 -44.45
C GLU P 371 36.28 -22.77 -44.26
N ARG P 372 36.32 -22.01 -45.35
CA ARG P 372 36.82 -20.65 -45.28
C ARG P 372 35.91 -19.78 -44.44
N VAL P 373 36.51 -19.00 -43.55
CA VAL P 373 35.79 -18.07 -42.69
C VAL P 373 36.47 -16.72 -42.82
N ASN P 374 35.71 -15.66 -42.56
CA ASN P 374 36.22 -14.32 -42.67
C ASN P 374 35.93 -13.57 -41.38
N ILE P 375 36.83 -12.66 -41.02
CA ILE P 375 36.72 -11.87 -39.81
C ILE P 375 36.64 -10.41 -40.24
N LEU P 376 35.76 -9.66 -39.58
CA LEU P 376 35.63 -8.24 -39.88
C LEU P 376 35.99 -7.44 -38.65
N VAL P 377 37.21 -6.91 -38.61
CA VAL P 377 37.70 -6.20 -37.44
C VAL P 377 36.81 -4.99 -37.20
N ALA P 378 36.11 -4.98 -36.08
CA ALA P 378 35.13 -3.95 -35.81
C ALA P 378 35.71 -2.74 -35.08
N ARG P 379 36.94 -2.83 -34.58
CA ARG P 379 37.49 -1.74 -33.79
C ARG P 379 38.94 -1.52 -34.20
N ASP P 380 39.42 -0.30 -34.00
CA ASP P 380 40.80 0.02 -34.36
C ASP P 380 41.77 -0.80 -33.53
N LEU P 381 42.72 -1.44 -34.19
CA LEU P 381 43.79 -2.17 -33.53
C LEU P 381 45.08 -1.39 -33.65
N ASP P 382 45.67 -1.02 -32.53
CA ASP P 382 46.90 -0.25 -32.50
C ASP P 382 48.04 -1.14 -32.06
N PHE P 383 49.13 -1.12 -32.82
CA PHE P 383 50.27 -2.01 -32.58
C PHE P 383 51.54 -1.25 -32.25
N SER P 384 51.44 0.05 -31.98
CA SER P 384 52.65 0.85 -31.83
C SER P 384 53.50 0.39 -30.64
N ASP P 385 52.93 -0.41 -29.74
CA ASP P 385 53.61 -0.74 -28.50
C ASP P 385 54.30 -2.09 -28.52
N VAL P 386 54.30 -2.80 -29.64
CA VAL P 386 55.06 -4.04 -29.75
C VAL P 386 55.95 -4.09 -30.98
N TYR P 387 55.64 -3.35 -32.03
CA TYR P 387 56.37 -3.43 -33.29
C TYR P 387 57.02 -2.09 -33.57
N SER P 388 58.18 -2.15 -34.21
CA SER P 388 58.86 -0.94 -34.65
C SER P 388 59.71 -1.28 -35.86
N LEU P 389 59.99 -0.25 -36.65
CA LEU P 389 60.64 -0.43 -37.94
C LEU P 389 62.08 0.06 -37.84
N GLU P 390 63.01 -0.75 -38.33
CA GLU P 390 64.40 -0.34 -38.42
C GLU P 390 64.94 -0.73 -39.78
N SER P 391 65.64 0.20 -40.43
CA SER P 391 66.10 -0.02 -41.79
C SER P 391 67.29 -0.97 -41.82
N ILE P 392 67.15 -2.02 -42.63
CA ILE P 392 68.28 -2.92 -42.88
C ILE P 392 69.25 -2.18 -43.80
N PRO P 393 70.54 -2.16 -43.48
CA PRO P 393 71.50 -1.48 -44.36
C PRO P 393 71.54 -2.14 -45.73
N THR P 394 71.78 -1.33 -46.75
CA THR P 394 71.85 -1.84 -48.11
C THR P 394 73.02 -2.79 -48.29
N LYS P 395 72.82 -3.81 -49.11
CA LYS P 395 73.85 -4.82 -49.40
C LYS P 395 74.40 -5.46 -48.13
N LEU Q 21 84.52 -3.10 10.25
CA LEU Q 21 84.42 -1.80 9.62
C LEU Q 21 84.79 -1.85 8.14
N ASP Q 22 83.81 -1.55 7.28
CA ASP Q 22 84.09 -1.34 5.87
C ASP Q 22 84.07 0.16 5.56
N VAL Q 23 85.24 0.72 5.29
CA VAL Q 23 85.35 2.09 4.83
C VAL Q 23 85.06 2.09 3.32
N PRO Q 24 84.07 2.83 2.86
CA PRO Q 24 83.74 2.82 1.43
C PRO Q 24 84.85 3.41 0.59
N SER Q 25 84.94 2.94 -0.65
CA SER Q 25 85.95 3.38 -1.61
C SER Q 25 85.40 4.53 -2.42
N SER Q 26 86.16 5.63 -2.49
CA SER Q 26 85.69 6.84 -3.12
C SER Q 26 85.72 6.71 -4.64
N SER Q 27 84.77 7.39 -5.28
CA SER Q 27 84.73 7.46 -6.73
C SER Q 27 85.87 8.31 -7.25
N ARG Q 28 86.37 7.95 -8.43
CA ARG Q 28 87.45 8.69 -9.05
C ARG Q 28 87.04 10.08 -9.49
N TYR Q 29 85.75 10.39 -9.47
CA TYR Q 29 85.28 11.72 -9.86
C TYR Q 29 85.30 12.67 -8.66
N ASP Q 30 84.95 12.18 -7.48
CA ASP Q 30 85.03 12.95 -6.26
C ASP Q 30 85.12 12.02 -5.06
N HIS Q 31 85.84 12.47 -4.04
CA HIS Q 31 85.96 11.72 -2.80
C HIS Q 31 84.70 11.77 -1.94
N ARG Q 32 83.83 12.75 -2.16
CA ARG Q 32 82.55 12.80 -1.46
C ARG Q 32 81.59 11.71 -1.91
N ILE Q 33 81.82 11.14 -3.09
CA ILE Q 33 80.99 10.08 -3.64
C ILE Q 33 81.77 8.79 -3.57
N ARG Q 34 81.25 7.83 -2.81
CA ARG Q 34 81.97 6.63 -2.46
C ARG Q 34 81.08 5.40 -2.63
N TYR Q 35 81.71 4.25 -2.84
CA TYR Q 35 81.01 2.99 -3.00
C TYR Q 35 81.48 2.00 -1.94
N VAL Q 36 80.59 1.08 -1.58
CA VAL Q 36 80.92 0.03 -0.62
C VAL Q 36 80.20 -1.25 -1.05
N THR Q 37 80.89 -2.38 -0.91
CA THR Q 37 80.32 -3.68 -1.22
C THR Q 37 79.68 -4.25 0.04
N TYR Q 38 78.54 -4.92 -0.12
CA TYR Q 38 77.87 -5.51 1.03
C TYR Q 38 78.69 -6.67 1.59
N ASN Q 39 78.50 -6.94 2.88
CA ASN Q 39 79.07 -8.11 3.53
C ASN Q 39 78.23 -8.39 4.77
N PRO Q 40 77.73 -9.62 4.94
CA PRO Q 40 76.85 -9.90 6.09
C PRO Q 40 77.53 -9.74 7.44
N ALA Q 41 78.86 -9.85 7.51
CA ALA Q 41 79.56 -9.94 8.78
C ALA Q 41 80.39 -8.70 9.09
N ASP Q 42 80.00 -7.55 8.57
CA ASP Q 42 80.76 -6.34 8.85
C ASP Q 42 79.82 -5.13 8.85
N VAL Q 43 80.29 -4.06 9.47
CA VAL Q 43 79.56 -2.80 9.55
C VAL Q 43 80.21 -1.80 8.60
N VAL Q 44 79.55 -0.66 8.46
CA VAL Q 44 80.01 0.40 7.56
C VAL Q 44 80.27 1.66 8.36
N GLN Q 45 81.43 2.27 8.14
CA GLN Q 45 81.81 3.51 8.81
C GLN Q 45 81.18 4.69 8.07
N VAL Q 46 80.24 5.37 8.73
CA VAL Q 46 79.54 6.51 8.15
C VAL Q 46 80.04 7.76 8.85
N ASP Q 47 80.85 8.53 8.15
CA ASP Q 47 81.38 9.80 8.67
C ASP Q 47 80.59 10.94 8.04
N THR Q 48 79.55 11.38 8.73
CA THR Q 48 78.75 12.52 8.32
C THR Q 48 79.36 13.78 8.88
N VAL Q 49 79.28 14.87 8.12
CA VAL Q 49 79.55 16.18 8.65
C VAL Q 49 78.22 16.88 8.86
N LEU Q 50 78.24 17.97 9.61
CA LEU Q 50 77.03 18.67 9.94
C LEU Q 50 76.49 19.38 8.71
N GLY Q 51 75.17 19.52 8.64
CA GLY Q 51 74.57 20.30 7.59
C GLY Q 51 74.51 19.64 6.25
N VAL Q 52 74.78 18.34 6.17
CA VAL Q 52 74.66 17.59 4.92
C VAL Q 52 73.76 16.40 5.17
N ALA Q 53 72.98 16.05 4.15
CA ALA Q 53 72.11 14.89 4.21
C ALA Q 53 72.76 13.76 3.44
N THR Q 54 72.99 12.64 4.13
CA THR Q 54 73.71 11.51 3.56
C THR Q 54 72.74 10.65 2.77
N HIS Q 55 73.10 10.35 1.52
CA HIS Q 55 72.19 9.70 0.59
C HIS Q 55 72.49 8.21 0.54
N ILE Q 56 71.45 7.39 0.62
CA ILE Q 56 71.57 5.95 0.53
C ILE Q 56 70.64 5.46 -0.56
N MET Q 57 71.13 4.52 -1.38
CA MET Q 57 70.30 3.64 -2.18
C MET Q 57 70.41 2.22 -1.65
N LEU Q 58 69.28 1.63 -1.28
CA LEU Q 58 69.19 0.20 -1.15
C LEU Q 58 68.99 -0.40 -2.54
N GLU Q 59 69.15 -1.72 -2.64
CA GLU Q 59 69.09 -2.33 -3.96
C GLU Q 59 67.64 -2.48 -4.40
N GLU Q 60 67.49 -2.66 -5.71
CA GLU Q 60 66.18 -2.62 -6.35
C GLU Q 60 65.25 -3.65 -5.74
N GLY Q 61 64.04 -3.22 -5.41
CA GLY Q 61 63.00 -4.16 -5.03
C GLY Q 61 63.10 -4.77 -3.65
N GLU Q 62 64.01 -4.29 -2.80
CA GLU Q 62 64.10 -4.78 -1.43
C GLU Q 62 63.13 -4.03 -0.54
N GLN Q 63 62.48 -4.74 0.38
CA GLN Q 63 61.38 -4.20 1.16
C GLN Q 63 61.85 -3.90 2.58
N TYR Q 64 61.59 -2.69 3.04
CA TYR Q 64 62.03 -2.26 4.36
C TYR Q 64 61.19 -2.91 5.46
N LEU Q 65 61.84 -3.33 6.54
CA LEU Q 65 61.10 -3.83 7.69
C LEU Q 65 61.17 -2.87 8.87
N THR Q 66 62.38 -2.56 9.34
CA THR Q 66 62.57 -1.74 10.53
C THR Q 66 63.97 -1.16 10.48
N HIS Q 67 64.15 -0.05 11.18
CA HIS Q 67 65.45 0.53 11.40
C HIS Q 67 65.58 0.85 12.88
N ALA Q 68 66.79 1.20 13.28
CA ALA Q 68 67.05 1.48 14.70
C ALA Q 68 68.25 2.39 14.81
N PHE Q 69 68.13 3.46 15.59
CA PHE Q 69 69.23 4.37 15.84
C PHE Q 69 69.74 4.18 17.25
N GLY Q 70 70.97 4.66 17.47
CA GLY Q 70 71.44 4.80 18.85
C GLY Q 70 70.79 5.98 19.54
N ASP Q 71 70.83 7.15 18.91
CA ASP Q 71 70.05 8.30 19.34
C ASP Q 71 69.14 8.71 18.20
N SER Q 72 67.86 8.35 18.29
CA SER Q 72 66.91 8.77 17.28
C SER Q 72 66.90 10.27 17.11
N GLU Q 73 67.23 11.01 18.17
CA GLU Q 73 67.30 12.47 18.11
C GLU Q 73 68.62 12.97 17.57
N ALA Q 74 69.60 12.09 17.37
CA ALA Q 74 70.86 12.53 16.78
C ALA Q 74 70.74 12.74 15.28
N TYR Q 75 69.96 11.90 14.61
CA TYR Q 75 69.88 11.91 13.16
C TYR Q 75 68.43 11.97 12.71
N ALA Q 76 68.24 12.35 11.46
CA ALA Q 76 66.92 12.39 10.84
C ALA Q 76 66.87 11.40 9.69
N PHE Q 77 65.81 10.60 9.64
CA PHE Q 77 65.72 9.42 8.80
C PHE Q 77 64.55 9.58 7.83
N ALA Q 78 64.84 9.52 6.53
CA ALA Q 78 63.81 9.63 5.50
C ALA Q 78 63.84 8.40 4.61
N ARG Q 79 62.71 7.71 4.53
CA ARG Q 79 62.62 6.53 3.69
C ARG Q 79 61.49 6.67 2.70
N LYS Q 80 61.80 6.49 1.42
CA LYS Q 80 60.83 6.51 0.34
C LYS Q 80 61.14 5.28 -0.51
N GLY Q 81 60.54 4.15 -0.15
CA GLY Q 81 60.85 2.90 -0.83
C GLY Q 81 62.25 2.43 -0.53
N ARG Q 82 63.13 2.49 -1.53
CA ARG Q 82 64.52 2.07 -1.38
C ARG Q 82 65.45 3.25 -1.21
N HIS Q 83 64.93 4.40 -0.79
CA HIS Q 83 65.74 5.60 -0.59
C HIS Q 83 65.89 5.85 0.89
N ILE Q 84 67.08 6.25 1.32
CA ILE Q 84 67.33 6.61 2.71
C ILE Q 84 68.11 7.92 2.71
N PHE Q 85 67.71 8.84 3.57
CA PHE Q 85 68.44 10.07 3.83
C PHE Q 85 68.68 10.17 5.32
N ILE Q 86 69.93 10.44 5.71
CA ILE Q 86 70.25 10.66 7.12
C ILE Q 86 71.12 11.90 7.23
N LYS Q 87 70.87 12.65 8.29
CA LYS Q 87 71.67 13.82 8.62
C LYS Q 87 71.77 13.94 10.14
N PRO Q 88 72.92 14.32 10.66
CA PRO Q 88 72.99 14.65 12.08
C PRO Q 88 72.13 15.86 12.38
N GLN Q 89 71.49 15.85 13.55
CA GLN Q 89 70.73 17.00 14.01
C GLN Q 89 71.05 17.35 15.45
N ALA Q 90 71.96 16.61 16.07
CA ALA Q 90 72.39 16.92 17.43
C ALA Q 90 73.90 16.83 17.49
N GLU Q 91 74.50 17.73 18.26
CA GLU Q 91 75.94 17.77 18.37
C GLU Q 91 76.47 16.47 18.98
N LEU Q 92 77.63 16.03 18.49
CA LEU Q 92 78.32 14.86 19.01
C LEU Q 92 77.45 13.61 18.89
N ALA Q 93 77.16 13.23 17.65
CA ALA Q 93 76.36 12.04 17.36
C ALA Q 93 77.29 10.90 16.95
N ASN Q 94 77.44 9.95 17.86
CA ASN Q 94 78.25 8.75 17.64
C ASN Q 94 77.44 7.54 18.07
N THR Q 95 76.65 7.00 17.15
CA THR Q 95 75.77 5.87 17.45
C THR Q 95 75.91 4.87 16.32
N ASN Q 96 75.00 3.90 16.28
CA ASN Q 96 74.98 2.89 15.24
C ASN Q 96 73.62 2.86 14.57
N LEU Q 97 73.60 2.49 13.30
CA LEU Q 97 72.38 2.41 12.52
C LEU Q 97 72.26 1.00 11.96
N ILE Q 98 71.08 0.41 12.10
CA ILE Q 98 70.77 -0.90 11.53
C ILE Q 98 69.41 -0.80 10.85
N VAL Q 99 69.40 -0.88 9.54
CA VAL Q 99 68.17 -0.99 8.76
C VAL Q 99 68.04 -2.43 8.29
N VAL Q 100 66.89 -3.04 8.55
CA VAL Q 100 66.67 -4.45 8.25
C VAL Q 100 65.61 -4.56 7.15
N THR Q 101 65.87 -5.45 6.20
CA THR Q 101 64.95 -5.70 5.11
C THR Q 101 64.71 -7.19 5.01
N ASP Q 102 63.85 -7.57 4.07
CA ASP Q 102 63.49 -8.98 3.92
C ASP Q 102 64.69 -9.83 3.56
N ARG Q 103 65.55 -9.36 2.66
CA ARG Q 103 66.64 -10.19 2.15
C ARG Q 103 67.87 -10.19 3.05
N ARG Q 104 68.12 -9.12 3.79
CA ARG Q 104 69.30 -9.08 4.64
C ARG Q 104 69.11 -8.06 5.75
N SER Q 105 70.20 -7.80 6.48
CA SER Q 105 70.24 -6.85 7.58
C SER Q 105 71.50 -6.00 7.45
N TYR Q 106 71.35 -4.68 7.56
CA TYR Q 106 72.43 -3.76 7.27
C TYR Q 106 72.98 -3.18 8.57
N LYS Q 107 74.24 -2.76 8.54
CA LYS Q 107 74.95 -2.29 9.72
C LYS Q 107 75.73 -1.03 9.38
N PHE Q 108 75.63 -0.03 10.24
CA PHE Q 108 76.40 1.19 10.10
C PHE Q 108 76.91 1.65 11.45
N ARG Q 109 78.06 2.33 11.44
CA ARG Q 109 78.60 2.96 12.63
C ARG Q 109 78.59 4.46 12.39
N LEU Q 110 77.61 5.14 12.99
CA LEU Q 110 77.40 6.56 12.75
C LEU Q 110 78.41 7.36 13.57
N GLN Q 111 79.19 8.19 12.89
CA GLN Q 111 80.22 9.01 13.53
C GLN Q 111 80.24 10.37 12.86
N MET Q 112 79.98 11.42 13.63
CA MET Q 112 79.97 12.77 13.10
C MET Q 112 81.40 13.30 12.97
N ARG Q 113 81.69 13.95 11.84
CA ARG Q 113 83.01 14.51 11.57
C ARG Q 113 83.02 16.00 11.91
N ASN Q 114 83.92 16.38 12.81
CA ASN Q 114 83.83 17.67 13.50
C ASN Q 114 84.32 18.85 12.67
N ASP Q 115 85.04 18.61 11.58
CA ASP Q 115 85.61 19.71 10.81
C ASP Q 115 84.80 20.09 9.57
N ARG Q 116 83.65 19.45 9.35
CA ARG Q 116 82.79 19.74 8.20
C ARG Q 116 83.54 19.62 6.88
N ASN Q 117 84.27 18.51 6.69
CA ASN Q 117 84.90 18.21 5.42
C ASN Q 117 84.95 16.72 5.21
N GLY Q 118 85.14 16.32 3.96
CA GLY Q 118 85.20 14.91 3.60
C GLY Q 118 83.90 14.19 3.86
N ALA Q 119 82.79 14.81 3.50
CA ALA Q 119 81.48 14.23 3.76
C ALA Q 119 81.17 13.10 2.79
N MET Q 120 80.19 12.30 3.16
CA MET Q 120 79.68 11.21 2.33
C MET Q 120 78.34 11.63 1.76
N TYR Q 121 78.37 12.27 0.58
CA TYR Q 121 77.12 12.69 -0.04
C TYR Q 121 76.18 11.53 -0.32
N GLU Q 122 76.69 10.41 -0.83
CA GLU Q 122 75.84 9.26 -1.09
C GLU Q 122 76.65 8.00 -0.92
N LEU Q 123 75.97 6.89 -0.63
CA LEU Q 123 76.60 5.58 -0.59
C LEU Q 123 75.84 4.65 -1.52
N ALA Q 124 76.57 3.82 -2.26
CA ALA Q 124 75.97 2.83 -3.14
C ALA Q 124 76.53 1.46 -2.80
N PHE Q 125 75.65 0.48 -2.69
CA PHE Q 125 76.04 -0.88 -2.37
C PHE Q 125 76.32 -1.67 -3.63
N ARG Q 126 77.34 -2.52 -3.58
CA ARG Q 126 77.59 -3.53 -4.61
C ARG Q 126 77.38 -4.88 -3.95
N TYR Q 127 76.59 -5.71 -4.58
CA TYR Q 127 76.22 -7.01 -4.02
C TYR Q 127 76.88 -8.12 -4.83
N PRO Q 128 77.76 -8.91 -4.22
CA PRO Q 128 78.34 -10.04 -4.95
C PRO Q 128 77.28 -11.08 -5.29
N ASP Q 129 76.45 -11.43 -4.31
CA ASP Q 129 75.55 -12.57 -4.46
C ASP Q 129 74.55 -12.33 -5.59
N THR Q 130 73.83 -11.22 -5.54
CA THR Q 130 72.77 -11.01 -6.52
C THR Q 130 73.34 -10.70 -7.89
N GLN Q 131 74.45 -9.98 -7.95
CA GLN Q 131 75.10 -9.75 -9.23
C GLN Q 131 75.53 -11.07 -9.87
N ALA Q 132 76.12 -11.96 -9.08
CA ALA Q 132 76.50 -13.26 -9.60
C ALA Q 132 75.28 -14.05 -10.06
N ARG Q 133 74.23 -14.09 -9.24
CA ARG Q 133 73.04 -14.85 -9.61
C ARG Q 133 72.46 -14.35 -10.92
N GLN Q 134 72.34 -13.03 -11.05
CA GLN Q 134 71.91 -12.46 -12.32
C GLN Q 134 72.84 -12.89 -13.46
N THR Q 135 74.15 -12.91 -13.20
CA THR Q 135 75.09 -13.41 -14.21
C THR Q 135 74.88 -14.90 -14.46
N ARG Q 136 74.66 -15.68 -13.41
CA ARG Q 136 74.48 -17.12 -13.58
C ARG Q 136 73.21 -17.43 -14.35
N GLU Q 137 72.12 -16.73 -14.05
CA GLU Q 137 70.87 -16.99 -14.75
C GLU Q 137 70.99 -16.66 -16.23
N ALA Q 138 71.67 -15.56 -16.56
CA ALA Q 138 71.91 -15.24 -17.96
C ALA Q 138 72.76 -16.32 -18.62
N ASN Q 139 73.76 -16.83 -17.90
CA ASN Q 139 74.55 -17.95 -18.40
C ASN Q 139 73.66 -19.13 -18.76
N ALA Q 140 72.82 -19.56 -17.83
CA ALA Q 140 71.96 -20.71 -18.08
C ALA Q 140 71.01 -20.44 -19.23
N ARG Q 141 70.47 -19.23 -19.30
CA ARG Q 141 69.53 -18.89 -20.38
C ARG Q 141 70.22 -18.97 -21.73
N ALA Q 142 71.43 -18.41 -21.82
CA ALA Q 142 72.15 -18.48 -23.08
C ALA Q 142 72.47 -19.92 -23.46
N ALA Q 143 72.85 -20.73 -22.47
CA ALA Q 143 73.14 -22.13 -22.75
C ALA Q 143 71.90 -22.85 -23.27
N VAL Q 144 70.74 -22.56 -22.68
CA VAL Q 144 69.50 -23.18 -23.12
C VAL Q 144 69.17 -22.76 -24.54
N GLU Q 145 69.32 -21.47 -24.83
CA GLU Q 145 69.04 -20.99 -26.18
C GLU Q 145 69.94 -21.67 -27.21
N ALA Q 146 71.24 -21.73 -26.92
CA ALA Q 146 72.16 -22.37 -27.85
C ALA Q 146 71.86 -23.84 -28.00
N ALA Q 147 71.51 -24.52 -26.90
CA ALA Q 147 71.20 -25.94 -26.98
C ALA Q 147 69.97 -26.18 -27.85
N PHE Q 148 68.95 -25.33 -27.70
CA PHE Q 148 67.78 -25.47 -28.56
C PHE Q 148 68.13 -25.23 -30.02
N GLU Q 149 68.94 -24.20 -30.28
CA GLU Q 149 69.25 -23.86 -31.66
C GLU Q 149 70.05 -24.96 -32.34
N GLN Q 150 71.05 -25.52 -31.65
CA GLN Q 150 72.02 -26.39 -32.31
C GLN Q 150 71.35 -27.61 -32.91
N ARG Q 151 70.29 -28.09 -32.28
CA ARG Q 151 69.39 -29.08 -32.88
C ARG Q 151 70.15 -30.34 -33.33
N VAL Q 152 71.14 -30.71 -32.53
CA VAL Q 152 71.92 -31.90 -32.83
C VAL Q 152 71.12 -33.12 -32.39
N GLY Q 153 71.54 -34.30 -32.82
CA GLY Q 153 70.79 -35.50 -32.54
C GLY Q 153 69.48 -35.59 -33.30
N ALA Q 154 69.52 -35.37 -34.60
CA ALA Q 154 68.32 -35.32 -35.42
C ALA Q 154 68.39 -36.37 -36.52
N TYR Q 155 67.29 -37.09 -36.70
CA TYR Q 155 67.11 -37.98 -37.85
C TYR Q 155 65.85 -37.57 -38.59
N TYR Q 156 65.98 -37.42 -39.91
CA TYR Q 156 64.92 -36.86 -40.73
C TYR Q 156 64.39 -37.92 -41.68
N ASN Q 157 63.07 -38.01 -41.78
CA ASN Q 157 62.40 -38.97 -42.64
C ASN Q 157 61.63 -38.22 -43.71
N LEU Q 158 61.70 -38.72 -44.95
CA LEU Q 158 61.20 -37.98 -46.10
C LEU Q 158 60.22 -38.77 -46.94
N LYS Q 159 59.97 -40.03 -46.64
CA LYS Q 159 59.15 -40.88 -47.51
C LYS Q 159 57.70 -40.48 -47.34
N TYR Q 160 57.32 -39.35 -47.93
CA TYR Q 160 55.96 -38.84 -47.85
C TYR Q 160 55.39 -38.63 -49.24
N MET Q 161 54.26 -39.27 -49.52
CA MET Q 161 53.52 -38.99 -50.74
C MET Q 161 52.15 -38.40 -50.43
N MET Q 162 51.62 -37.71 -51.43
CA MET Q 162 50.38 -36.96 -51.29
C MET Q 162 49.39 -37.41 -52.35
N SER Q 163 48.12 -37.23 -52.06
CA SER Q 163 47.03 -37.62 -52.95
C SER Q 163 45.85 -36.69 -52.74
N GLY Q 164 45.28 -36.21 -53.82
CA GLY Q 164 44.14 -35.32 -53.74
C GLY Q 164 44.33 -34.02 -54.50
N ASP Q 165 43.89 -32.91 -53.93
CA ASP Q 165 43.94 -31.61 -54.60
C ASP Q 165 45.34 -31.02 -54.44
N LYS Q 166 46.05 -30.88 -55.55
CA LYS Q 166 47.41 -30.37 -55.52
C LYS Q 166 47.49 -28.89 -55.23
N ASP Q 167 46.36 -28.17 -55.25
CA ASP Q 167 46.40 -26.73 -55.10
C ASP Q 167 46.95 -26.28 -53.76
N ILE Q 168 46.63 -26.99 -52.68
CA ILE Q 168 47.10 -26.62 -51.36
C ILE Q 168 48.14 -27.60 -50.85
N ALA Q 169 48.77 -28.33 -51.76
CA ALA Q 169 49.81 -29.26 -51.37
C ALA Q 169 51.03 -28.51 -50.83
N PRO Q 170 51.64 -29.01 -49.78
CA PRO Q 170 52.89 -28.43 -49.31
C PRO Q 170 54.02 -28.68 -50.31
N VAL Q 171 54.92 -27.70 -50.40
CA VAL Q 171 56.05 -27.86 -51.29
C VAL Q 171 57.13 -28.73 -50.67
N ASN Q 172 57.03 -29.01 -49.37
CA ASN Q 172 57.96 -29.92 -48.70
C ASN Q 172 57.33 -30.43 -47.42
N ALA Q 173 57.72 -31.63 -47.01
CA ALA Q 173 57.17 -32.26 -45.82
C ALA Q 173 58.15 -33.28 -45.28
N TRP Q 174 58.30 -33.32 -43.96
CA TRP Q 174 59.19 -34.28 -43.32
C TRP Q 174 58.91 -34.27 -41.83
N ASP Q 175 59.59 -35.17 -41.12
CA ASP Q 175 59.47 -35.26 -39.68
C ASP Q 175 60.81 -35.62 -39.09
N ASP Q 176 60.98 -35.35 -37.79
CA ASP Q 176 62.21 -35.65 -37.10
C ASP Q 176 62.06 -36.74 -36.05
N GLY Q 177 60.99 -37.52 -36.13
CA GLY Q 177 60.72 -38.55 -35.17
C GLY Q 177 60.04 -38.06 -33.91
N ARG Q 178 60.02 -36.75 -33.70
CA ARG Q 178 59.28 -36.14 -32.59
C ARG Q 178 58.20 -35.18 -33.07
N PHE Q 179 58.53 -34.32 -34.02
CA PHE Q 179 57.56 -33.43 -34.63
C PHE Q 179 57.44 -33.74 -36.11
N THR Q 180 56.30 -33.39 -36.69
CA THR Q 180 56.08 -33.47 -38.12
C THR Q 180 55.94 -32.07 -38.68
N TYR Q 181 56.71 -31.75 -39.72
CA TYR Q 181 56.75 -30.42 -40.29
C TYR Q 181 56.04 -30.41 -41.64
N PHE Q 182 55.61 -29.23 -42.07
CA PHE Q 182 55.11 -29.00 -43.41
C PHE Q 182 55.58 -27.61 -43.85
N LYS Q 183 55.79 -27.45 -45.15
CA LYS Q 183 56.18 -26.16 -45.69
C LYS Q 183 55.27 -25.79 -46.85
N PHE Q 184 54.83 -24.53 -46.87
CA PHE Q 184 54.06 -24.01 -47.98
C PHE Q 184 54.75 -22.77 -48.52
N SER Q 185 54.56 -22.51 -49.81
CA SER Q 185 55.21 -21.36 -50.41
C SER Q 185 54.53 -20.07 -49.93
N ALA Q 186 55.13 -18.95 -50.31
CA ALA Q 186 54.66 -17.67 -49.81
C ALA Q 186 53.37 -17.23 -50.49
N ASN Q 187 52.99 -17.90 -51.57
CA ASN Q 187 51.81 -17.50 -52.33
C ASN Q 187 50.58 -18.33 -52.03
N ALA Q 188 50.68 -19.33 -51.15
CA ALA Q 188 49.54 -20.17 -50.84
C ALA Q 188 49.03 -19.89 -49.43
N ASP Q 189 47.71 -19.82 -49.30
CA ASP Q 189 47.11 -19.73 -47.98
C ASP Q 189 47.46 -20.97 -47.17
N LEU Q 190 47.78 -20.76 -45.91
CA LEU Q 190 48.11 -21.88 -45.03
C LEU Q 190 46.84 -22.67 -44.75
N PRO Q 191 46.76 -23.92 -45.14
CA PRO Q 191 45.58 -24.70 -44.82
C PRO Q 191 45.62 -25.26 -43.42
N SER Q 192 44.67 -26.11 -43.07
CA SER Q 192 44.65 -26.75 -41.77
C SER Q 192 45.33 -28.12 -41.86
N ILE Q 193 45.58 -28.72 -40.71
CA ILE Q 193 46.26 -30.00 -40.62
C ILE Q 193 45.37 -30.92 -39.78
N TYR Q 194 45.20 -32.16 -40.21
CA TYR Q 194 44.34 -33.06 -39.46
C TYR Q 194 44.96 -34.44 -39.31
N PHE Q 195 44.96 -34.92 -38.07
CA PHE Q 195 45.46 -36.24 -37.73
C PHE Q 195 44.40 -37.27 -38.04
N VAL Q 196 44.75 -38.25 -38.87
CA VAL Q 196 43.82 -39.29 -39.30
C VAL Q 196 44.10 -40.54 -38.48
N ASP Q 197 43.04 -41.13 -37.92
CA ASP Q 197 43.17 -42.32 -37.10
C ASP Q 197 43.29 -43.56 -37.99
N ALA Q 198 43.33 -44.74 -37.37
CA ALA Q 198 43.39 -45.97 -38.14
C ALA Q 198 42.12 -46.17 -38.96
N GLU Q 199 40.96 -45.89 -38.38
CA GLU Q 199 39.70 -46.13 -39.04
C GLU Q 199 39.43 -45.18 -40.19
N GLY Q 200 39.92 -43.95 -40.12
CA GLY Q 200 39.63 -42.94 -41.11
C GLY Q 200 38.86 -41.74 -40.59
N ASN Q 201 38.88 -41.50 -39.28
CA ASN Q 201 38.17 -40.37 -38.71
C ASN Q 201 39.16 -39.28 -38.32
N GLU Q 202 38.94 -38.08 -38.83
CA GLU Q 202 39.82 -36.97 -38.52
C GLU Q 202 39.72 -36.59 -37.06
N SER Q 203 40.68 -35.79 -36.61
CA SER Q 203 40.70 -35.29 -35.24
C SER Q 203 41.71 -34.15 -35.16
N LEU Q 204 41.82 -33.57 -33.98
CA LEU Q 204 42.70 -32.41 -33.83
C LEU Q 204 44.04 -32.79 -33.23
N VAL Q 205 45.08 -32.10 -33.70
CA VAL Q 205 46.38 -32.09 -33.05
C VAL Q 205 46.88 -30.66 -33.06
N PRO Q 206 47.62 -30.23 -32.04
CA PRO Q 206 48.09 -28.85 -32.01
C PRO Q 206 49.09 -28.60 -33.13
N ARG Q 207 49.11 -27.36 -33.60
CA ARG Q 207 50.04 -26.94 -34.63
C ARG Q 207 50.72 -25.66 -34.22
N THR Q 208 52.02 -25.61 -34.41
CA THR Q 208 52.81 -24.42 -34.09
C THR Q 208 53.52 -23.95 -35.35
N THR Q 209 53.35 -22.66 -35.65
CA THR Q 209 53.98 -22.05 -36.81
C THR Q 209 55.41 -21.68 -36.45
N VAL Q 210 56.34 -22.07 -37.30
CA VAL Q 210 57.75 -21.70 -37.12
C VAL Q 210 58.30 -21.29 -38.48
N GLY Q 211 59.58 -20.97 -38.52
CA GLY Q 211 60.24 -20.66 -39.77
C GLY Q 211 60.54 -19.18 -39.92
N SER Q 212 61.38 -18.89 -40.91
CA SER Q 212 61.82 -17.51 -41.14
C SER Q 212 60.66 -16.62 -41.56
N SER Q 213 59.81 -17.12 -42.47
CA SER Q 213 58.71 -16.33 -43.01
C SER Q 213 57.36 -16.84 -42.55
N ASN Q 214 57.34 -17.64 -41.47
CA ASN Q 214 56.13 -18.30 -41.02
C ASN Q 214 55.50 -19.08 -42.16
N ASN Q 215 56.32 -19.84 -42.88
CA ASN Q 215 55.86 -20.73 -43.92
C ASN Q 215 56.02 -22.19 -43.55
N ILE Q 216 56.21 -22.47 -42.26
CA ILE Q 216 56.37 -23.84 -41.77
C ILE Q 216 55.28 -24.10 -40.77
N ILE Q 217 54.48 -25.13 -41.00
CA ILE Q 217 53.49 -25.59 -40.04
C ILE Q 217 53.98 -26.91 -39.48
N ALA Q 218 54.16 -26.96 -38.17
CA ALA Q 218 54.70 -28.12 -37.49
C ALA Q 218 53.64 -28.66 -36.53
N VAL Q 219 53.36 -29.94 -36.64
CA VAL Q 219 52.39 -30.58 -35.77
C VAL Q 219 53.14 -31.53 -34.85
N HIS Q 220 52.52 -31.82 -33.70
CA HIS Q 220 53.22 -32.43 -32.57
C HIS Q 220 53.00 -33.93 -32.49
N LYS Q 221 52.92 -34.60 -33.63
CA LYS Q 221 52.77 -36.05 -33.62
C LYS Q 221 53.43 -36.62 -34.87
N VAL Q 222 53.62 -37.94 -34.86
CA VAL Q 222 54.12 -38.67 -36.01
C VAL Q 222 53.07 -39.71 -36.38
N ASN Q 223 52.45 -39.57 -37.54
CA ASN Q 223 51.36 -40.45 -37.92
C ASN Q 223 51.58 -40.97 -39.32
N PRO Q 224 51.13 -42.20 -39.60
CA PRO Q 224 51.23 -42.69 -40.99
C PRO Q 224 50.46 -41.86 -41.98
N LYS Q 225 49.32 -41.29 -41.58
CA LYS Q 225 48.50 -40.53 -42.51
C LYS Q 225 48.25 -39.14 -41.94
N TRP Q 226 47.97 -38.20 -42.83
CA TRP Q 226 47.60 -36.84 -42.47
C TRP Q 226 46.65 -36.30 -43.53
N MET Q 227 45.78 -35.39 -43.11
CA MET Q 227 44.74 -34.85 -43.98
C MET Q 227 44.90 -33.34 -44.05
N ILE Q 228 44.64 -32.77 -45.23
CA ILE Q 228 44.87 -31.36 -45.49
C ILE Q 228 43.61 -30.79 -46.11
N ARG Q 229 43.09 -29.71 -45.54
CA ARG Q 229 41.85 -29.13 -46.06
C ARG Q 229 41.94 -27.62 -46.15
N LEU Q 230 41.29 -27.08 -47.17
CA LEU Q 230 40.96 -25.66 -47.27
C LEU Q 230 39.72 -25.56 -48.15
N GLY Q 231 38.69 -24.88 -47.67
CA GLY Q 231 37.43 -24.82 -48.39
C GLY Q 231 36.85 -26.20 -48.63
N ASN Q 232 36.47 -26.47 -49.87
CA ASN Q 232 35.97 -27.79 -50.26
C ASN Q 232 36.99 -28.56 -51.07
N ARG Q 233 38.27 -28.26 -50.87
CA ARG Q 233 39.36 -29.03 -51.44
C ARG Q 233 40.10 -29.73 -50.32
N ALA Q 234 40.46 -31.00 -50.54
CA ALA Q 234 41.07 -31.81 -49.51
C ALA Q 234 42.30 -32.50 -50.07
N LEU Q 235 43.15 -32.96 -49.15
CA LEU Q 235 44.41 -33.58 -49.54
C LEU Q 235 44.84 -34.56 -48.46
N ALA Q 236 45.45 -35.66 -48.88
CA ALA Q 236 45.97 -36.67 -47.94
C ALA Q 236 47.48 -36.70 -48.02
N ILE Q 237 48.11 -37.10 -46.91
CA ILE Q 237 49.55 -37.28 -46.84
C ILE Q 237 49.82 -38.65 -46.22
N PHE Q 238 50.72 -39.41 -46.84
CA PHE Q 238 51.03 -40.77 -46.40
C PHE Q 238 52.48 -40.84 -45.95
N ASN Q 239 52.72 -41.41 -44.77
CA ASN Q 239 54.06 -41.66 -44.28
C ASN Q 239 54.44 -43.10 -44.56
N GLU Q 240 55.55 -43.31 -45.25
CA GLU Q 240 55.99 -44.65 -45.59
C GLU Q 240 57.11 -45.16 -44.72
N ALA Q 241 57.79 -44.28 -43.99
CA ALA Q 241 58.78 -44.70 -43.02
C ALA Q 241 58.30 -44.35 -41.63
N TYR Q 242 56.99 -44.55 -41.41
CA TYR Q 242 56.42 -44.41 -40.09
C TYR Q 242 57.09 -45.38 -39.13
N ASP Q 243 57.91 -44.85 -38.22
CA ASP Q 243 58.55 -45.69 -37.23
C ASP Q 243 57.69 -45.70 -35.99
N PRO Q 244 57.05 -46.83 -35.66
CA PRO Q 244 56.29 -46.87 -34.40
C PRO Q 244 57.14 -46.61 -33.19
N ASN Q 245 58.40 -47.04 -33.21
CA ASN Q 245 59.25 -46.93 -32.02
C ASN Q 245 59.56 -45.49 -31.69
N GLY Q 246 59.97 -44.70 -32.68
CA GLY Q 246 60.35 -43.33 -32.40
C GLY Q 246 61.55 -43.26 -31.48
N VAL Q 247 61.64 -42.15 -30.76
CA VAL Q 247 62.68 -41.93 -29.76
C VAL Q 247 62.00 -41.50 -28.46
N PRO Q 248 62.28 -42.16 -27.34
CA PRO Q 248 61.68 -41.74 -26.07
C PRO Q 248 62.13 -40.35 -25.68
N ASN Q 249 61.24 -39.63 -25.01
CA ASN Q 249 61.50 -38.26 -24.57
C ASN Q 249 61.90 -38.30 -23.11
N ASP Q 250 63.16 -38.68 -22.86
CA ASP Q 250 63.67 -38.75 -21.50
C ASP Q 250 63.78 -37.41 -20.81
N THR Q 251 63.66 -36.32 -21.56
CA THR Q 251 63.90 -34.99 -21.01
C THR Q 251 62.64 -34.15 -20.87
N GLY Q 252 61.58 -34.48 -21.58
CA GLY Q 252 60.38 -33.69 -21.51
C GLY Q 252 60.48 -32.33 -22.18
N THR Q 253 61.37 -32.17 -23.15
CA THR Q 253 61.42 -30.96 -23.95
C THR Q 253 61.40 -31.35 -25.42
N ALA Q 254 61.45 -30.34 -26.28
CA ALA Q 254 61.48 -30.60 -27.71
C ALA Q 254 62.79 -31.24 -28.16
N SER Q 255 63.85 -31.13 -27.36
CA SER Q 255 65.17 -31.58 -27.76
C SER Q 255 65.80 -32.47 -26.69
N PRO Q 256 66.69 -33.37 -27.07
CA PRO Q 256 67.41 -34.18 -26.08
C PRO Q 256 68.58 -33.47 -25.43
N ALA Q 257 68.67 -32.15 -25.54
CA ALA Q 257 69.76 -31.39 -24.93
C ALA Q 257 69.31 -30.51 -23.78
N VAL Q 258 68.02 -30.48 -23.47
CA VAL Q 258 67.49 -29.58 -22.45
C VAL Q 258 66.74 -30.40 -21.41
N ARG Q 259 67.18 -30.30 -20.16
CA ARG Q 259 66.47 -30.92 -19.06
C ARG Q 259 65.33 -30.02 -18.60
N ARG Q 260 64.29 -30.65 -18.05
CA ARG Q 260 63.13 -29.96 -17.51
C ARG Q 260 62.94 -30.44 -16.07
N VAL Q 261 63.14 -29.54 -15.11
CA VAL Q 261 63.16 -29.93 -13.71
C VAL Q 261 62.06 -29.21 -12.96
N ASN Q 262 61.67 -29.81 -11.84
CA ASN Q 262 60.57 -29.31 -11.02
C ASN Q 262 61.11 -28.28 -10.04
N LYS Q 263 61.03 -27.00 -10.41
CA LYS Q 263 61.52 -25.96 -9.52
C LYS Q 263 60.55 -25.73 -8.37
N GLY Q 264 59.30 -26.15 -8.53
CA GLY Q 264 58.31 -25.97 -7.49
C GLY Q 264 58.69 -26.62 -6.18
N GLY Q 265 59.35 -27.78 -6.23
CA GLY Q 265 59.82 -28.47 -5.05
C GLY Q 265 58.73 -28.71 -4.04
N ASN Q 266 58.81 -27.99 -2.91
CA ASN Q 266 57.76 -27.99 -1.90
C ASN Q 266 57.48 -29.39 -1.35
N CYS R 17 15.26 -39.07 -42.77
CA CYS R 17 16.01 -39.45 -43.96
C CYS R 17 17.02 -38.39 -44.34
N ALA R 18 17.34 -37.51 -43.38
CA ALA R 18 18.30 -36.44 -43.58
C ALA R 18 19.40 -36.56 -42.54
N SER R 19 20.66 -36.45 -42.97
CA SER R 19 21.79 -36.57 -42.08
C SER R 19 22.82 -35.49 -42.39
N ALA R 20 23.82 -35.40 -41.53
CA ALA R 20 24.88 -34.41 -41.72
C ALA R 20 25.74 -34.79 -42.91
N PRO R 21 25.98 -33.89 -43.87
CA PRO R 21 26.87 -34.21 -44.97
C PRO R 21 28.31 -34.26 -44.49
N LYS R 22 29.03 -35.25 -44.97
CA LYS R 22 30.42 -35.36 -44.58
C LYS R 22 31.29 -34.51 -45.49
N PRO R 23 32.44 -34.04 -45.00
CA PRO R 23 33.34 -33.28 -45.85
C PRO R 23 33.97 -34.15 -46.92
N LYS R 24 34.40 -33.50 -48.00
CA LYS R 24 34.89 -34.22 -49.17
C LYS R 24 36.04 -35.15 -48.80
N GLN R 25 35.98 -36.36 -49.28
CA GLN R 25 37.09 -37.28 -49.07
C GLN R 25 38.09 -37.16 -50.21
N PRO R 26 39.38 -37.10 -49.93
CA PRO R 26 40.36 -36.95 -51.00
C PRO R 26 40.41 -38.18 -51.88
N SER R 27 40.69 -37.95 -53.16
CA SER R 27 40.87 -39.05 -54.08
C SER R 27 42.13 -39.84 -53.72
N ASP R 28 42.10 -41.14 -54.02
CA ASP R 28 43.21 -42.04 -53.70
C ASP R 28 43.76 -42.69 -54.95
N PHE R 29 43.96 -41.91 -56.01
CA PHE R 29 44.52 -42.43 -57.25
C PHE R 29 45.89 -41.84 -57.56
N ASN R 30 46.01 -40.51 -57.51
CA ASN R 30 47.25 -39.84 -57.86
C ASN R 30 48.13 -39.68 -56.61
N ARG R 31 48.97 -40.67 -56.41
CA ARG R 31 49.94 -40.64 -55.32
C ARG R 31 51.33 -40.36 -55.89
N GLU R 32 51.96 -39.30 -55.40
CA GLU R 32 53.24 -38.84 -55.91
C GLU R 32 54.08 -38.33 -54.75
N PRO R 33 55.40 -38.36 -54.87
CA PRO R 33 56.25 -37.83 -53.81
C PRO R 33 55.98 -36.35 -53.58
N VAL R 34 56.11 -35.93 -52.32
CA VAL R 34 55.81 -34.55 -51.98
C VAL R 34 57.05 -33.69 -52.12
N ASN R 35 58.22 -34.26 -51.86
CA ASN R 35 59.47 -33.49 -51.86
C ASN R 35 60.08 -33.58 -53.25
N LYS R 36 59.77 -32.59 -54.09
CA LYS R 36 60.44 -32.49 -55.38
C LYS R 36 61.93 -32.25 -55.22
N THR R 37 62.34 -31.67 -54.10
CA THR R 37 63.75 -31.46 -53.79
C THR R 37 63.92 -31.55 -52.27
N VAL R 38 65.17 -31.76 -51.86
CA VAL R 38 65.44 -31.79 -50.43
C VAL R 38 65.31 -30.38 -49.86
N PRO R 39 64.48 -30.17 -48.85
CA PRO R 39 64.36 -28.83 -48.25
C PRO R 39 65.66 -28.38 -47.62
N VAL R 40 66.01 -27.11 -47.85
CA VAL R 40 67.28 -26.59 -47.34
C VAL R 40 67.28 -26.45 -45.82
N GLU R 41 66.11 -26.37 -45.19
CA GLU R 41 66.06 -26.19 -43.75
C GLU R 41 66.52 -27.43 -43.01
N ILE R 42 66.73 -28.53 -43.74
CA ILE R 42 67.30 -29.74 -43.16
C ILE R 42 68.81 -29.58 -43.16
N GLN R 43 69.28 -28.40 -43.53
CA GLN R 43 70.71 -28.13 -43.74
C GLN R 43 71.26 -29.05 -44.83
N ARG R 44 70.40 -29.38 -45.79
CA ARG R 44 70.77 -30.24 -46.91
C ARG R 44 70.16 -29.71 -48.20
N LYS S 135 76.57 36.46 20.22
CA LYS S 135 76.13 35.42 19.30
C LYS S 135 76.41 35.77 17.84
N THR S 136 77.64 35.53 17.41
CA THR S 136 77.97 35.74 16.01
C THR S 136 77.19 34.73 15.16
N PRO S 137 76.82 35.10 13.93
CA PRO S 137 75.93 34.21 13.15
C PRO S 137 76.51 32.87 12.80
N TYR S 138 77.73 32.53 13.24
CA TYR S 138 78.26 31.22 12.88
C TYR S 138 77.59 30.11 13.69
N GLU S 139 77.59 30.23 15.02
CA GLU S 139 76.87 29.23 15.81
C GLU S 139 75.37 29.36 15.59
N LEU S 140 74.90 30.54 15.19
CA LEU S 140 73.51 30.67 14.78
C LEU S 140 73.23 29.81 13.56
N ALA S 141 74.14 29.84 12.58
CA ALA S 141 74.02 28.98 11.41
C ALA S 141 74.10 27.52 11.80
N ARG S 142 75.03 27.18 12.70
CA ARG S 142 75.14 25.81 13.17
C ARG S 142 73.85 25.33 13.83
N GLU S 143 73.20 26.22 14.59
CA GLU S 143 71.97 25.83 15.27
C GLU S 143 70.82 25.66 14.30
N ARG S 144 70.60 26.63 13.42
CA ARG S 144 69.55 26.49 12.41
C ARG S 144 69.86 25.32 11.50
N MET S 145 71.13 24.95 11.46
CA MET S 145 71.59 23.83 10.66
C MET S 145 71.18 22.50 11.26
N LEU S 146 71.49 22.30 12.54
CA LEU S 146 71.18 21.02 13.17
C LEU S 146 69.68 20.90 13.47
N ARG S 147 69.03 22.01 13.79
CA ARG S 147 67.60 21.92 14.13
C ARG S 147 66.77 21.50 12.93
N SER S 148 66.96 22.14 11.79
CA SER S 148 66.17 21.83 10.61
C SER S 148 66.49 20.42 10.11
N GLY S 149 65.44 19.68 9.79
CA GLY S 149 65.58 18.30 9.38
C GLY S 149 65.63 18.10 7.88
N LEU S 150 65.17 16.92 7.48
CA LEU S 150 65.19 16.53 6.07
C LEU S 150 64.28 17.41 5.23
N THR S 151 63.02 17.54 5.63
CA THR S 151 61.99 18.08 4.76
C THR S 151 61.35 19.30 5.39
N ALA S 152 61.32 20.39 4.63
CA ALA S 152 60.51 21.55 5.00
C ALA S 152 59.11 21.37 4.46
N GLY S 153 58.28 20.62 5.19
CA GLY S 153 56.94 20.31 4.73
C GLY S 153 56.91 19.42 3.51
N GLY S 177 -16.10 32.94 -19.63
CA GLY S 177 -15.81 31.56 -19.26
C GLY S 177 -15.05 30.80 -20.32
N GLY S 178 -14.50 29.65 -19.95
CA GLY S 178 -13.74 28.83 -20.87
C GLY S 178 -14.54 27.66 -21.41
N GLY S 179 -15.86 27.75 -21.32
CA GLY S 179 -16.72 26.66 -21.72
C GLY S 179 -16.74 26.43 -23.22
N GLY S 180 -17.44 25.38 -23.62
CA GLY S 180 -17.49 24.98 -25.00
C GLY S 180 -16.26 24.20 -25.41
N GLY S 181 -16.05 23.05 -24.77
CA GLY S 181 -14.80 22.32 -24.98
C GLY S 181 -14.54 21.99 -26.43
N GLU S 182 -15.54 21.48 -27.13
CA GLU S 182 -15.32 21.04 -28.51
C GLU S 182 -14.89 22.19 -29.40
N LEU S 183 -15.75 23.18 -29.57
CA LEU S 183 -15.45 24.22 -30.55
C LEU S 183 -14.28 25.08 -30.11
N ALA S 184 -13.97 25.09 -28.81
CA ALA S 184 -12.78 25.81 -28.38
C ALA S 184 -11.52 25.02 -28.67
N GLU S 185 -11.42 23.79 -28.15
CA GLU S 185 -10.25 22.98 -28.39
C GLU S 185 -9.95 22.82 -29.87
N LYS S 186 -10.95 22.65 -30.71
CA LYS S 186 -10.65 22.61 -32.13
C LYS S 186 -10.30 23.97 -32.71
N LEU S 187 -10.48 25.05 -31.95
CA LEU S 187 -10.12 26.38 -32.41
C LEU S 187 -8.88 26.94 -31.72
N GLN S 188 -8.20 26.15 -30.91
CA GLN S 188 -6.97 26.64 -30.30
C GLN S 188 -5.97 27.00 -31.38
N PRO S 189 -5.30 28.13 -31.29
CA PRO S 189 -4.27 28.45 -32.27
C PRO S 189 -3.08 27.52 -32.12
N MET S 190 -2.39 27.32 -33.22
CA MET S 190 -1.12 26.61 -33.24
C MET S 190 -0.07 27.57 -33.75
N ARG S 191 0.78 28.05 -32.84
CA ARG S 191 1.77 29.08 -33.14
C ARG S 191 3.13 28.40 -33.31
N LEU S 192 3.74 28.60 -34.47
CA LEU S 192 5.06 28.08 -34.73
C LEU S 192 6.05 29.24 -34.77
N SER S 193 7.18 29.07 -34.09
CA SER S 193 8.17 30.14 -34.02
C SER S 193 8.73 30.42 -35.40
N GLY S 194 9.16 31.66 -35.60
CA GLY S 194 9.86 32.01 -36.81
C GLY S 194 11.27 31.45 -36.80
N SER S 195 11.96 31.63 -37.93
CA SER S 195 13.32 31.18 -38.05
C SER S 195 14.11 32.13 -38.95
N SER S 196 15.42 32.19 -38.70
CA SER S 196 16.28 33.19 -39.29
C SER S 196 17.36 32.52 -40.13
N ALA S 197 17.85 33.22 -41.14
CA ALA S 197 18.87 32.67 -42.00
C ALA S 197 20.25 32.83 -41.37
N GLY S 198 20.94 31.71 -41.18
CA GLY S 198 22.33 31.71 -40.80
C GLY S 198 23.24 31.86 -42.01
N ARG S 199 24.44 31.31 -41.89
CA ARG S 199 25.34 31.22 -43.01
C ARG S 199 26.36 30.12 -42.76
N LEU S 200 26.97 29.64 -43.85
CA LEU S 200 27.94 28.56 -43.74
C LEU S 200 29.33 29.11 -43.47
N GLY S 201 30.13 28.34 -42.74
CA GLY S 201 31.45 28.81 -42.35
C GLY S 201 32.44 28.90 -43.48
N ASN S 202 32.85 27.76 -44.04
CA ASN S 202 33.76 27.70 -45.17
C ASN S 202 33.26 26.64 -46.12
N ARG S 203 32.71 27.06 -47.25
CA ARG S 203 32.17 26.11 -48.21
C ARG S 203 33.25 25.25 -48.84
N ASP S 204 34.53 25.58 -48.64
CA ASP S 204 35.60 24.83 -49.26
C ASP S 204 36.05 23.63 -48.45
N MET S 205 35.60 23.49 -47.22
CA MET S 205 35.95 22.33 -46.39
C MET S 205 34.71 21.72 -45.73
N LEU S 206 33.54 21.94 -46.31
CA LEU S 206 32.30 21.61 -45.62
C LEU S 206 31.38 20.82 -46.54
N ILE S 207 30.81 19.75 -46.00
CA ILE S 207 29.84 18.91 -46.72
C ILE S 207 28.50 19.06 -46.03
N THR S 208 27.55 19.69 -46.71
CA THR S 208 26.24 19.90 -46.14
C THR S 208 25.49 18.59 -46.00
N GLN S 209 24.36 18.64 -45.32
CA GLN S 209 23.46 17.49 -45.32
C GLN S 209 22.98 17.26 -46.74
N GLY S 210 22.65 16.01 -47.04
CA GLY S 210 22.05 15.71 -48.32
C GLY S 210 23.01 15.58 -49.49
N THR S 211 24.32 15.62 -49.24
CA THR S 211 25.27 15.30 -50.30
C THR S 211 25.24 13.80 -50.54
N GLN S 212 25.40 13.40 -51.80
CA GLN S 212 25.15 12.03 -52.21
C GLN S 212 26.47 11.32 -52.49
N LEU S 213 26.80 10.35 -51.66
CA LEU S 213 28.04 9.58 -51.79
C LEU S 213 27.75 8.24 -52.43
N ASP S 214 28.43 7.94 -53.53
CA ASP S 214 28.18 6.74 -54.29
C ASP S 214 29.27 5.72 -53.97
N CYS S 215 28.91 4.67 -53.25
CA CYS S 215 29.86 3.64 -52.86
C CYS S 215 29.34 2.28 -53.27
N VAL S 216 30.27 1.35 -53.49
CA VAL S 216 29.96 -0.02 -53.91
C VAL S 216 30.10 -0.96 -52.74
N LEU S 217 29.05 -1.73 -52.48
CA LEU S 217 29.02 -2.64 -51.35
C LEU S 217 30.08 -3.72 -51.51
N GLU S 218 30.82 -4.00 -50.44
CA GLU S 218 31.83 -5.02 -50.50
C GLU S 218 31.30 -6.39 -50.10
N THR S 219 30.77 -6.52 -48.89
CA THR S 219 30.34 -7.81 -48.41
C THR S 219 28.93 -8.14 -48.86
N ARG S 220 28.71 -9.42 -49.16
CA ARG S 220 27.39 -9.92 -49.46
C ARG S 220 26.51 -9.79 -48.22
N LEU S 221 25.28 -9.34 -48.42
CA LEU S 221 24.42 -8.92 -47.33
C LEU S 221 23.38 -9.99 -47.04
N VAL S 222 23.39 -10.52 -45.83
CA VAL S 222 22.38 -11.47 -45.36
C VAL S 222 21.92 -10.99 -44.00
N THR S 223 20.62 -10.81 -43.85
CA THR S 223 20.06 -10.16 -42.67
C THR S 223 19.74 -11.12 -41.55
N THR S 224 20.07 -12.40 -41.71
CA THR S 224 19.69 -13.38 -40.70
C THR S 224 20.34 -13.08 -39.36
N GLN S 225 21.48 -12.42 -39.38
CA GLN S 225 22.04 -12.01 -38.12
C GLN S 225 22.46 -10.55 -38.16
N PRO S 226 22.43 -9.86 -37.03
CA PRO S 226 22.90 -8.48 -37.00
C PRO S 226 24.41 -8.44 -37.17
N GLY S 227 24.85 -7.80 -38.24
CA GLY S 227 26.26 -7.82 -38.58
C GLY S 227 26.74 -6.46 -39.03
N MET S 228 27.85 -6.46 -39.75
CA MET S 228 28.55 -5.24 -40.10
C MET S 228 28.83 -5.26 -41.60
N THR S 229 28.87 -4.08 -42.21
CA THR S 229 29.01 -3.98 -43.65
C THR S 229 30.29 -3.24 -44.02
N THR S 230 30.45 -3.01 -45.32
CA THR S 230 31.64 -2.34 -45.84
C THR S 230 31.39 -1.93 -47.29
N CYS S 231 31.62 -0.66 -47.59
CA CYS S 231 31.67 -0.27 -49.00
C CYS S 231 32.81 0.70 -49.20
N HIS S 232 33.27 0.78 -50.45
CA HIS S 232 34.30 1.72 -50.85
C HIS S 232 33.69 2.76 -51.78
N LEU S 233 34.02 4.02 -51.54
CA LEU S 233 33.58 5.07 -52.45
C LEU S 233 34.09 4.77 -53.84
N THR S 234 33.38 5.26 -54.85
CA THR S 234 33.76 4.98 -56.23
C THR S 234 34.15 6.22 -56.98
N ARG S 235 33.84 7.40 -56.44
CA ARG S 235 34.11 8.64 -57.13
C ARG S 235 34.57 9.66 -56.10
N ASP S 236 35.33 10.63 -56.57
CA ASP S 236 35.73 11.73 -55.72
C ASP S 236 34.51 12.54 -55.28
N VAL S 237 34.55 13.01 -54.04
CA VAL S 237 33.43 13.73 -53.43
C VAL S 237 33.90 15.12 -53.08
N TYR S 238 33.23 16.12 -53.63
CA TYR S 238 33.72 17.48 -53.50
C TYR S 238 33.00 18.22 -52.38
N SER S 239 33.53 19.39 -52.03
CA SER S 239 32.85 20.27 -51.11
C SER S 239 31.64 20.88 -51.81
N THR S 240 30.68 21.32 -51.01
CA THR S 240 29.49 21.94 -51.58
C THR S 240 29.85 23.13 -52.45
N SER S 241 30.98 23.77 -52.17
CA SER S 241 31.51 24.77 -53.08
C SER S 241 31.96 24.15 -54.39
N GLY S 242 32.24 22.84 -54.40
CA GLY S 242 32.73 22.21 -55.60
C GLY S 242 34.10 22.67 -56.03
N ARG S 243 35.03 22.78 -55.09
CA ARG S 243 36.38 23.21 -55.42
C ARG S 243 37.48 22.40 -54.75
N VAL S 244 37.16 21.50 -53.83
CA VAL S 244 38.16 20.70 -53.15
C VAL S 244 37.68 19.25 -53.13
N VAL S 245 38.61 18.32 -53.30
CA VAL S 245 38.28 16.90 -53.22
C VAL S 245 38.42 16.50 -51.76
N LEU S 246 37.30 16.32 -51.07
CA LEU S 246 37.40 16.09 -49.64
C LEU S 246 37.52 14.61 -49.28
N LEU S 247 36.87 13.74 -50.04
CA LEU S 247 36.97 12.31 -49.82
C LEU S 247 37.56 11.67 -51.06
N ASP S 248 38.81 11.24 -50.97
CA ASP S 248 39.48 10.64 -52.10
C ASP S 248 38.74 9.40 -52.55
N ARG S 249 38.54 9.29 -53.86
CA ARG S 249 37.82 8.14 -54.40
C ARG S 249 38.55 6.85 -54.05
N GLY S 250 37.77 5.84 -53.70
CA GLY S 250 38.33 4.61 -53.19
C GLY S 250 38.41 4.52 -51.69
N SER S 251 37.96 5.54 -50.98
CA SER S 251 37.97 5.51 -49.52
C SER S 251 37.09 4.40 -49.01
N LYS S 252 37.34 3.96 -47.78
CA LYS S 252 36.62 2.84 -47.19
C LYS S 252 35.56 3.35 -46.23
N VAL S 253 34.38 2.71 -46.26
CA VAL S 253 33.25 3.12 -45.44
C VAL S 253 32.72 1.90 -44.70
N VAL S 254 32.51 2.05 -43.40
CA VAL S 254 32.08 0.96 -42.55
C VAL S 254 30.78 1.34 -41.88
N GLY S 255 29.81 0.42 -41.88
CA GLY S 255 28.54 0.64 -41.23
C GLY S 255 27.87 -0.66 -40.83
N PHE S 256 26.66 -0.59 -40.29
CA PHE S 256 26.03 -1.79 -39.78
C PHE S 256 24.52 -1.65 -39.83
N TYR S 257 23.86 -2.72 -39.38
CA TYR S 257 22.41 -2.80 -39.30
C TYR S 257 22.03 -3.64 -38.10
N GLN S 258 20.73 -3.76 -37.86
CA GLN S 258 20.24 -4.66 -36.84
C GLN S 258 18.73 -4.82 -37.00
N GLY S 259 18.22 -5.88 -36.37
CA GLY S 259 16.79 -6.06 -36.23
C GLY S 259 16.16 -6.98 -37.24
N GLY S 260 16.79 -7.23 -38.36
CA GLY S 260 16.13 -8.05 -39.35
C GLY S 260 14.92 -7.32 -39.92
N LEU S 261 14.08 -8.10 -40.59
CA LEU S 261 12.92 -7.56 -41.25
C LEU S 261 11.64 -7.92 -40.50
N ARG S 262 10.54 -7.39 -41.01
CA ARG S 262 9.20 -7.74 -40.57
C ARG S 262 8.37 -8.13 -41.79
N GLN S 263 7.28 -8.85 -41.54
CA GLN S 263 6.48 -9.39 -42.63
C GLN S 263 6.18 -8.32 -43.67
N GLY S 264 6.36 -8.66 -44.93
CA GLY S 264 6.07 -7.76 -46.02
C GLY S 264 7.12 -6.71 -46.30
N GLN S 265 7.90 -6.30 -45.32
CA GLN S 265 8.95 -5.31 -45.53
C GLN S 265 9.94 -5.83 -46.56
N ALA S 266 10.42 -4.94 -47.42
CA ALA S 266 11.26 -5.34 -48.53
C ALA S 266 12.67 -4.75 -48.47
N ARG S 267 13.00 -3.97 -47.45
CA ARG S 267 14.30 -3.32 -47.39
C ARG S 267 14.76 -3.27 -45.95
N ILE S 268 16.07 -3.45 -45.74
CA ILE S 268 16.68 -3.42 -44.41
C ILE S 268 17.42 -2.11 -44.27
N PHE S 269 17.43 -1.57 -43.05
CA PHE S 269 17.94 -0.23 -42.80
C PHE S 269 19.33 -0.29 -42.18
N VAL S 270 20.33 0.11 -42.95
CA VAL S 270 21.72 0.11 -42.52
C VAL S 270 22.14 1.55 -42.31
N GLN S 271 23.03 1.77 -41.35
CA GLN S 271 23.66 3.07 -41.14
C GLN S 271 25.15 2.91 -41.27
N TRP S 272 25.81 3.93 -41.80
CA TRP S 272 27.26 3.91 -41.97
C TRP S 272 27.92 4.66 -40.83
N SER S 273 28.82 3.98 -40.11
CA SER S 273 29.47 4.60 -38.96
C SER S 273 30.64 5.48 -39.33
N ARG S 274 31.71 4.91 -39.91
CA ARG S 274 32.95 5.66 -39.99
C ARG S 274 33.59 5.43 -41.35
N ILE S 275 34.12 6.51 -41.90
CA ILE S 275 34.74 6.51 -43.21
C ILE S 275 36.24 6.67 -43.02
N GLU S 276 37.01 6.29 -44.02
CA GLU S 276 38.47 6.44 -43.98
C GLU S 276 38.97 6.82 -45.36
N THR S 277 39.63 7.95 -45.44
CA THR S 277 40.33 8.33 -46.65
C THR S 277 41.72 7.68 -46.65
N PRO S 278 42.16 7.16 -47.79
CA PRO S 278 43.48 6.49 -47.83
C PRO S 278 44.62 7.35 -47.34
N SER S 279 44.43 8.66 -47.22
CA SER S 279 45.49 9.52 -46.72
C SER S 279 45.44 9.70 -45.21
N GLY S 280 44.54 9.02 -44.52
CA GLY S 280 44.49 9.05 -43.07
C GLY S 280 43.35 9.82 -42.47
N VAL S 281 42.43 10.34 -43.27
CA VAL S 281 41.33 11.13 -42.75
C VAL S 281 40.23 10.20 -42.25
N VAL S 282 39.72 10.49 -41.06
CA VAL S 282 38.62 9.75 -40.48
C VAL S 282 37.61 10.73 -39.92
N ILE S 283 36.34 10.60 -40.33
CA ILE S 283 35.27 11.42 -39.79
C ILE S 283 34.11 10.50 -39.45
N ASN S 284 33.31 10.91 -38.47
CA ASN S 284 32.15 10.12 -38.06
C ASN S 284 30.91 10.68 -38.75
N LEU S 285 30.62 10.14 -39.93
CA LEU S 285 29.36 10.46 -40.60
C LEU S 285 28.36 9.38 -40.20
N ASP S 286 27.15 9.78 -39.85
CA ASP S 286 26.11 8.85 -39.45
C ASP S 286 24.93 9.09 -40.38
N SER S 287 24.74 8.18 -41.32
CA SER S 287 23.76 8.41 -42.36
C SER S 287 23.06 7.11 -42.73
N PRO S 288 21.88 7.20 -43.31
CA PRO S 288 21.14 5.99 -43.65
C PRO S 288 21.55 5.44 -45.01
N GLY S 289 21.83 4.14 -45.03
CA GLY S 289 22.17 3.47 -46.27
C GLY S 289 20.97 3.43 -47.20
N THR S 290 21.24 3.57 -48.49
CA THR S 290 20.18 3.67 -49.48
C THR S 290 20.48 2.75 -50.65
N GLY S 291 19.50 2.63 -51.54
CA GLY S 291 19.70 1.90 -52.76
C GLY S 291 20.34 2.76 -53.82
N PRO S 292 20.44 2.21 -55.03
CA PRO S 292 21.12 2.94 -56.11
C PRO S 292 20.50 4.29 -56.39
N LEU S 293 19.19 4.43 -56.23
CA LEU S 293 18.53 5.71 -56.44
C LEU S 293 18.19 6.42 -55.15
N GLY S 294 18.63 5.90 -54.02
CA GLY S 294 18.51 6.62 -52.77
C GLY S 294 17.29 6.32 -51.95
N GLU S 295 16.51 5.31 -52.29
CA GLU S 295 15.41 4.91 -51.42
C GLU S 295 15.96 4.42 -50.10
N ALA S 296 15.20 4.62 -49.04
CA ALA S 296 15.67 4.26 -47.71
C ALA S 296 15.98 2.77 -47.66
N GLY S 297 17.06 2.43 -46.96
CA GLY S 297 17.41 1.05 -46.74
C GLY S 297 18.09 0.40 -47.93
N LEU S 298 18.33 -0.90 -47.79
CA LEU S 298 18.93 -1.70 -48.85
C LEU S 298 17.94 -2.76 -49.32
N GLY S 299 17.90 -3.00 -50.62
CA GLY S 299 16.93 -3.92 -51.18
C GLY S 299 17.57 -4.87 -52.19
N GLY S 300 17.13 -6.12 -52.13
CA GLY S 300 17.60 -7.15 -53.04
C GLY S 300 16.57 -8.21 -53.20
N TRP S 301 17.01 -9.46 -53.18
CA TRP S 301 16.11 -10.60 -53.26
C TRP S 301 15.73 -11.07 -51.87
N ILE S 302 14.50 -11.56 -51.73
CA ILE S 302 13.90 -11.83 -50.43
C ILE S 302 13.48 -13.28 -50.37
N ASP S 303 13.79 -13.95 -49.27
CA ASP S 303 13.35 -15.31 -49.03
C ASP S 303 12.30 -15.29 -47.94
N ARG S 304 11.11 -15.81 -48.24
CA ARG S 304 10.01 -15.79 -47.28
C ARG S 304 9.81 -17.11 -46.56
N HIS S 305 10.66 -18.11 -46.83
CA HIS S 305 10.59 -19.39 -46.13
C HIS S 305 9.19 -19.99 -46.21
N PHE S 306 8.62 -19.99 -47.42
CA PHE S 306 7.24 -20.40 -47.58
C PHE S 306 7.01 -21.80 -47.02
N TRP S 307 7.87 -22.75 -47.40
CA TRP S 307 7.74 -24.08 -46.80
C TRP S 307 7.95 -24.02 -45.29
N GLU S 308 9.05 -23.43 -44.83
CA GLU S 308 9.29 -23.43 -43.40
C GLU S 308 8.17 -22.76 -42.63
N ARG S 309 7.23 -22.10 -43.31
CA ARG S 309 6.04 -21.58 -42.67
C ARG S 309 4.83 -22.50 -42.77
N PHE S 310 4.48 -22.96 -43.97
CA PHE S 310 3.23 -23.70 -44.14
C PHE S 310 3.39 -25.21 -44.24
N GLY S 311 4.61 -25.74 -44.12
CA GLY S 311 4.81 -27.15 -44.37
C GLY S 311 4.14 -28.04 -43.34
N GLY S 312 4.21 -27.66 -42.07
CA GLY S 312 3.55 -28.44 -41.05
C GLY S 312 2.06 -28.56 -41.32
N ALA S 313 1.41 -27.43 -41.60
CA ALA S 313 -0.02 -27.44 -41.84
C ALA S 313 -0.37 -28.28 -43.07
N ILE S 314 0.31 -28.02 -44.19
CA ILE S 314 -0.01 -28.75 -45.41
C ILE S 314 0.18 -30.24 -45.21
N MET S 315 1.34 -30.64 -44.68
CA MET S 315 1.64 -32.05 -44.55
C MET S 315 0.66 -32.73 -43.59
N ILE S 316 0.36 -32.08 -42.46
CA ILE S 316 -0.51 -32.71 -41.48
C ILE S 316 -1.93 -32.86 -42.03
N SER S 317 -2.42 -31.85 -42.75
CA SER S 317 -3.75 -31.95 -43.32
C SER S 317 -3.81 -33.03 -44.39
N LEU S 318 -2.76 -33.12 -45.22
CA LEU S 318 -2.73 -34.16 -46.23
C LEU S 318 -2.74 -35.55 -45.62
N ILE S 319 -1.91 -35.80 -44.62
CA ILE S 319 -1.92 -37.15 -44.06
C ILE S 319 -3.20 -37.43 -43.29
N GLY S 320 -3.79 -36.41 -42.68
CA GLY S 320 -5.09 -36.62 -42.06
C GLY S 320 -6.15 -37.02 -43.06
N ASP S 321 -6.21 -36.31 -44.19
CA ASP S 321 -7.20 -36.64 -45.22
C ASP S 321 -6.94 -38.02 -45.81
N LEU S 322 -5.67 -38.35 -46.07
CA LEU S 322 -5.38 -39.65 -46.64
C LEU S 322 -5.65 -40.77 -45.65
N GLY S 323 -5.46 -40.51 -44.36
CA GLY S 323 -5.83 -41.49 -43.35
C GLY S 323 -7.33 -41.72 -43.31
N ASP S 324 -8.11 -40.64 -43.36
CA ASP S 324 -9.56 -40.81 -43.41
C ASP S 324 -9.98 -41.58 -44.65
N TRP S 325 -9.34 -41.29 -45.79
CA TRP S 325 -9.66 -41.99 -47.03
C TRP S 325 -9.35 -43.49 -46.91
N ALA S 326 -8.13 -43.83 -46.49
CA ALA S 326 -7.76 -45.23 -46.37
C ALA S 326 -8.65 -45.95 -45.37
N SER S 327 -9.06 -45.27 -44.30
CA SER S 327 -10.00 -45.86 -43.37
C SER S 327 -11.35 -46.11 -44.03
N ARG S 328 -11.85 -45.16 -44.81
CA ARG S 328 -13.13 -45.33 -45.47
C ARG S 328 -13.05 -46.37 -46.57
N GLN S 329 -11.85 -46.77 -46.94
CA GLN S 329 -11.76 -47.91 -47.85
C GLN S 329 -11.76 -49.25 -47.12
N GLY S 330 -12.29 -49.29 -45.90
CA GLY S 330 -12.37 -50.55 -45.18
C GLY S 330 -13.32 -51.54 -45.80
N SER S 331 -14.42 -51.04 -46.37
CA SER S 331 -15.45 -51.92 -46.94
C SER S 331 -15.32 -52.00 -48.46
N SER S 349 -7.69 -28.17 -33.75
CA SER S 349 -7.18 -29.10 -34.74
C SER S 349 -5.65 -29.03 -34.86
N ALA S 350 -5.05 -30.17 -35.21
CA ALA S 350 -3.60 -30.25 -35.30
C ALA S 350 -3.05 -29.30 -36.36
N ALA S 351 -3.74 -29.19 -37.49
CA ALA S 351 -3.28 -28.28 -38.54
C ALA S 351 -3.22 -26.85 -38.05
N ALA S 352 -4.30 -26.39 -37.41
CA ALA S 352 -4.31 -25.03 -36.89
C ALA S 352 -3.24 -24.84 -35.83
N GLU S 353 -3.07 -25.84 -34.95
CA GLU S 353 -2.03 -25.73 -33.93
C GLU S 353 -0.66 -25.56 -34.55
N ALA S 354 -0.34 -26.38 -35.55
CA ALA S 354 0.98 -26.29 -36.18
C ALA S 354 1.17 -24.96 -36.87
N LEU S 355 0.16 -24.50 -37.60
CA LEU S 355 0.32 -23.27 -38.36
C LEU S 355 0.41 -22.07 -37.43
N ARG S 356 -0.18 -22.17 -36.24
CA ARG S 356 -0.09 -21.08 -35.28
C ARG S 356 1.35 -20.79 -34.89
N ASN S 357 2.16 -21.83 -34.72
CA ASN S 357 3.54 -21.64 -34.33
C ASN S 357 4.47 -21.46 -35.51
N SER S 358 4.16 -22.04 -36.65
CA SER S 358 5.04 -21.93 -37.82
C SER S 358 4.66 -20.78 -38.74
N ILE S 359 3.69 -19.94 -38.37
CA ILE S 359 3.29 -18.88 -39.28
C ILE S 359 4.18 -17.65 -39.16
N ASN S 360 4.73 -17.39 -37.98
CA ASN S 360 5.44 -16.13 -37.72
C ASN S 360 6.94 -16.37 -37.82
N ILE S 361 7.45 -16.21 -39.03
CA ILE S 361 8.87 -16.31 -39.34
C ILE S 361 9.23 -15.08 -40.18
N PRO S 362 10.02 -14.15 -39.66
CA PRO S 362 10.31 -12.94 -40.44
C PRO S 362 11.04 -13.30 -41.73
N PRO S 363 10.76 -12.59 -42.81
CA PRO S 363 11.48 -12.84 -44.05
C PRO S 363 12.91 -12.34 -43.97
N THR S 364 13.75 -12.88 -44.84
CA THR S 364 15.18 -12.62 -44.84
C THR S 364 15.58 -12.00 -46.17
N LEU S 365 16.51 -11.05 -46.14
CA LEU S 365 16.95 -10.36 -47.33
C LEU S 365 18.34 -10.81 -47.73
N TYR S 366 18.50 -11.18 -49.00
CA TYR S 366 19.79 -11.54 -49.57
C TYR S 366 20.16 -10.48 -50.61
N LYS S 367 21.38 -9.98 -50.52
CA LYS S 367 21.87 -8.98 -51.46
C LYS S 367 23.21 -9.46 -52.02
N ASN S 368 23.26 -9.68 -53.33
CA ASN S 368 24.52 -10.08 -53.93
C ASN S 368 25.54 -8.98 -53.81
N GLN S 369 26.78 -9.39 -53.56
CA GLN S 369 27.87 -8.46 -53.34
C GLN S 369 28.13 -7.62 -54.58
N GLY S 370 28.65 -6.42 -54.36
CA GLY S 370 29.10 -5.60 -55.46
C GLY S 370 28.03 -4.82 -56.20
N GLU S 371 26.82 -4.72 -55.67
CA GLU S 371 25.86 -3.82 -56.29
C GLU S 371 26.04 -2.41 -55.73
N ARG S 372 25.73 -1.44 -56.58
CA ARG S 372 25.91 -0.03 -56.22
C ARG S 372 24.93 0.37 -55.15
N VAL S 373 25.41 1.12 -54.16
CA VAL S 373 24.55 1.73 -53.15
C VAL S 373 24.90 3.20 -53.05
N ASN S 374 24.25 3.89 -52.12
CA ASN S 374 24.40 5.33 -51.99
C ASN S 374 24.25 5.74 -50.53
N ILE S 375 25.09 6.67 -50.11
CA ILE S 375 25.13 7.17 -48.74
C ILE S 375 24.52 8.55 -48.75
N LEU S 376 23.71 8.84 -47.73
CA LEU S 376 22.93 10.06 -47.68
C LEU S 376 23.39 10.91 -46.50
N VAL S 377 24.34 11.82 -46.74
CA VAL S 377 24.98 12.53 -45.64
C VAL S 377 23.93 13.26 -44.82
N ALA S 378 23.79 12.85 -43.56
CA ALA S 378 22.72 13.34 -42.71
C ALA S 378 23.15 14.46 -41.78
N ARG S 379 24.44 14.71 -41.64
CA ARG S 379 24.91 15.74 -40.73
C ARG S 379 26.08 16.46 -41.37
N ASP S 380 26.28 17.71 -40.95
CA ASP S 380 27.31 18.54 -41.54
C ASP S 380 28.69 17.99 -41.23
N LEU S 381 29.45 17.71 -42.28
CA LEU S 381 30.84 17.26 -42.17
C LEU S 381 31.75 18.41 -42.53
N ASP S 382 32.67 18.74 -41.63
CA ASP S 382 33.62 19.82 -41.85
C ASP S 382 35.04 19.27 -41.88
N PHE S 383 35.85 19.81 -42.79
CA PHE S 383 37.26 19.45 -42.88
C PHE S 383 38.17 20.65 -42.75
N SER S 384 37.82 21.61 -41.88
CA SER S 384 38.71 22.73 -41.65
C SER S 384 39.89 22.33 -40.78
N ASP S 385 39.89 21.10 -40.26
CA ASP S 385 40.87 20.70 -39.27
C ASP S 385 41.91 19.72 -39.80
N VAL S 386 41.79 19.28 -41.04
CA VAL S 386 42.78 18.35 -41.59
C VAL S 386 43.26 18.74 -42.97
N TYR S 387 42.71 19.78 -43.60
CA TYR S 387 43.09 20.14 -44.95
C TYR S 387 43.35 21.63 -45.05
N SER S 388 44.15 22.01 -46.04
CA SER S 388 44.43 23.41 -46.30
C SER S 388 44.82 23.55 -47.76
N LEU S 389 44.63 24.76 -48.28
CA LEU S 389 44.78 25.03 -49.71
C LEU S 389 45.94 25.97 -49.94
N GLU S 390 46.78 25.63 -50.93
CA GLU S 390 47.98 26.40 -51.22
C GLU S 390 48.12 26.57 -52.72
N SER S 391 48.42 27.78 -53.14
CA SER S 391 48.63 28.05 -54.55
C SER S 391 49.93 27.43 -55.03
N ILE S 392 49.87 26.73 -56.16
CA ILE S 392 51.06 26.13 -56.74
C ILE S 392 51.59 27.10 -57.79
N PRO S 393 52.91 27.31 -57.87
CA PRO S 393 53.44 28.23 -58.87
C PRO S 393 53.18 27.71 -60.29
N THR S 394 52.99 28.65 -61.21
CA THR S 394 52.88 28.29 -62.62
C THR S 394 54.24 27.89 -63.17
N LYS S 395 54.24 26.92 -64.08
CA LYS S 395 55.45 26.41 -64.72
C LYS S 395 56.46 25.93 -63.68
N LEU T 21 83.77 17.48 -8.68
CA LEU T 21 83.13 18.79 -8.59
C LEU T 21 82.97 19.42 -9.97
N ASP T 22 81.78 19.31 -10.53
CA ASP T 22 81.52 19.84 -11.85
C ASP T 22 81.05 21.29 -11.76
N VAL T 23 81.86 22.21 -12.28
CA VAL T 23 81.46 23.61 -12.43
C VAL T 23 80.67 23.72 -13.73
N PRO T 24 79.49 24.32 -13.72
CA PRO T 24 78.71 24.44 -14.96
C PRO T 24 79.40 25.34 -15.98
N SER T 25 79.15 25.05 -17.25
CA SER T 25 79.68 25.84 -18.34
C SER T 25 78.70 26.96 -18.66
N SER T 26 79.21 28.19 -18.73
CA SER T 26 78.36 29.33 -19.02
C SER T 26 77.98 29.37 -20.49
N SER T 27 76.85 30.02 -20.77
CA SER T 27 76.49 30.31 -22.14
C SER T 27 77.30 31.49 -22.66
N ARG T 28 77.33 31.63 -23.98
CA ARG T 28 78.14 32.66 -24.61
C ARG T 28 77.44 34.01 -24.64
N TYR T 29 76.20 34.09 -24.16
CA TYR T 29 75.47 35.36 -24.20
C TYR T 29 75.54 36.06 -22.84
N ASP T 30 75.25 35.34 -21.77
CA ASP T 30 75.38 35.85 -20.41
C ASP T 30 75.51 34.67 -19.44
N HIS T 31 76.34 34.84 -18.43
CA HIS T 31 76.70 33.75 -17.53
C HIS T 31 75.53 33.27 -16.68
N ARG T 32 74.44 34.02 -16.63
CA ARG T 32 73.30 33.67 -15.79
C ARG T 32 72.63 32.39 -16.25
N ILE T 33 72.89 31.94 -17.47
CA ILE T 33 72.39 30.65 -17.96
C ILE T 33 73.61 29.75 -18.10
N ARG T 34 73.58 28.60 -17.41
CA ARG T 34 74.73 27.72 -17.38
C ARG T 34 74.32 26.30 -17.77
N TYR T 35 75.17 25.68 -18.57
CA TYR T 35 74.98 24.30 -19.02
C TYR T 35 76.03 23.42 -18.37
N VAL T 36 75.62 22.22 -18.01
CA VAL T 36 76.54 21.19 -17.54
C VAL T 36 75.95 19.83 -17.86
N THR T 37 76.78 18.95 -18.41
CA THR T 37 76.34 17.61 -18.80
C THR T 37 76.25 16.75 -17.55
N TYR T 38 75.28 15.83 -17.54
CA TYR T 38 75.09 14.99 -16.37
C TYR T 38 76.30 14.11 -16.12
N ASN T 39 76.50 13.72 -14.87
CA ASN T 39 77.53 12.75 -14.50
C ASN T 39 76.97 11.95 -13.34
N PRO T 40 77.15 10.63 -13.32
CA PRO T 40 76.51 9.81 -12.28
C PRO T 40 77.24 9.83 -10.95
N ALA T 41 78.55 10.03 -10.94
CA ALA T 41 79.34 9.95 -9.72
C ALA T 41 80.02 11.27 -9.37
N ASP T 42 79.35 12.38 -9.61
CA ASP T 42 79.91 13.68 -9.27
C ASP T 42 78.77 14.62 -8.84
N VAL T 43 79.17 15.71 -8.19
CA VAL T 43 78.24 16.69 -7.69
C VAL T 43 78.39 17.96 -8.51
N VAL T 44 77.35 18.80 -8.45
CA VAL T 44 77.31 20.05 -9.20
C VAL T 44 77.47 21.21 -8.22
N GLN T 45 78.41 22.10 -8.52
CA GLN T 45 78.67 23.27 -7.69
C GLN T 45 77.69 24.36 -8.10
N VAL T 46 76.68 24.59 -7.26
CA VAL T 46 75.67 25.62 -7.51
C VAL T 46 76.03 26.84 -6.66
N ASP T 47 76.18 27.98 -7.31
CA ASP T 47 76.55 29.22 -6.66
C ASP T 47 75.32 30.10 -6.59
N THR T 48 74.79 30.31 -5.39
CA THR T 48 73.61 31.12 -5.17
C THR T 48 73.98 32.42 -4.51
N VAL T 49 73.52 33.54 -5.06
CA VAL T 49 73.59 34.81 -4.38
C VAL T 49 72.22 35.11 -3.78
N LEU T 50 72.18 36.03 -2.84
CA LEU T 50 70.92 36.40 -2.22
C LEU T 50 70.04 37.12 -3.24
N GLY T 51 68.73 36.89 -3.16
CA GLY T 51 67.80 37.60 -4.01
C GLY T 51 67.69 37.07 -5.43
N VAL T 52 68.10 35.82 -5.68
CA VAL T 52 67.92 35.22 -6.99
C VAL T 52 67.30 33.85 -6.83
N ALA T 53 66.62 33.41 -7.89
CA ALA T 53 66.01 32.09 -7.95
C ALA T 53 66.73 31.28 -9.02
N THR T 54 67.15 30.07 -8.65
CA THR T 54 67.88 29.19 -9.56
C THR T 54 66.92 28.19 -10.17
N HIS T 55 66.84 28.18 -11.50
CA HIS T 55 65.92 27.32 -12.21
C HIS T 55 66.64 26.03 -12.60
N ILE T 56 66.25 24.93 -11.97
CA ILE T 56 66.69 23.61 -12.37
C ILE T 56 65.58 23.00 -13.19
N MET T 57 65.89 22.64 -14.44
CA MET T 57 64.90 22.14 -15.38
C MET T 57 65.15 20.65 -15.56
N LEU T 58 64.23 19.83 -15.05
CA LEU T 58 64.39 18.39 -15.06
C LEU T 58 64.13 17.82 -16.45
N GLU T 59 64.35 16.51 -16.59
CA GLU T 59 64.16 15.88 -17.88
C GLU T 59 62.68 15.91 -18.26
N GLU T 60 62.44 16.23 -19.53
CA GLU T 60 61.10 16.06 -20.08
C GLU T 60 60.64 14.62 -19.88
N GLY T 61 59.50 14.47 -19.20
CA GLY T 61 59.01 13.15 -18.91
C GLY T 61 59.66 12.45 -17.74
N GLU T 62 60.29 13.19 -16.83
CA GLU T 62 60.86 12.61 -15.62
C GLU T 62 59.80 12.62 -14.52
N GLN T 63 59.85 11.62 -13.65
CA GLN T 63 58.94 11.53 -12.51
C GLN T 63 59.72 11.84 -11.23
N TYR T 64 59.41 12.97 -10.61
CA TYR T 64 60.08 13.34 -9.37
C TYR T 64 59.59 12.46 -8.23
N LEU T 65 60.50 12.11 -7.33
CA LEU T 65 60.11 11.32 -6.17
C LEU T 65 60.25 12.08 -4.85
N THR T 66 61.46 12.55 -4.55
CA THR T 66 61.77 13.01 -3.20
C THR T 66 62.97 13.95 -3.30
N HIS T 67 63.13 14.79 -2.28
CA HIS T 67 64.31 15.63 -2.15
C HIS T 67 64.82 15.51 -0.72
N ALA T 68 65.95 16.16 -0.46
CA ALA T 68 66.50 16.19 0.89
C ALA T 68 67.54 17.30 0.96
N PHE T 69 67.43 18.18 1.95
CA PHE T 69 68.45 19.17 2.20
C PHE T 69 69.29 18.78 3.39
N GLY T 70 70.47 19.39 3.50
CA GLY T 70 71.19 19.36 4.76
C GLY T 70 70.47 20.17 5.82
N ASP T 71 69.96 21.34 5.45
CA ASP T 71 69.13 22.16 6.32
C ASP T 71 67.87 22.53 5.57
N SER T 72 66.72 22.10 6.09
CA SER T 72 65.47 22.49 5.45
C SER T 72 65.21 23.98 5.55
N GLU T 73 65.79 24.65 6.54
CA GLU T 73 65.64 26.08 6.68
C GLU T 73 66.67 26.87 5.87
N ALA T 74 67.67 26.19 5.30
CA ALA T 74 68.72 26.89 4.58
C ALA T 74 68.20 27.58 3.32
N TYR T 75 67.45 26.88 2.50
CA TYR T 75 67.04 27.38 1.20
C TYR T 75 65.53 27.25 1.03
N ALA T 76 64.99 28.00 0.08
CA ALA T 76 63.59 27.95 -0.27
C ALA T 76 63.42 27.10 -1.53
N PHE T 77 62.56 26.09 -1.47
CA PHE T 77 62.40 25.13 -2.55
C PHE T 77 60.93 25.03 -2.94
N ALA T 78 60.68 25.06 -4.25
CA ALA T 78 59.35 24.82 -4.81
C ALA T 78 59.51 24.02 -6.10
N ARG T 79 58.53 23.15 -6.36
CA ARG T 79 58.59 22.24 -7.49
C ARG T 79 57.25 22.20 -8.21
N LYS T 80 57.30 22.21 -9.54
CA LYS T 80 56.11 22.06 -10.39
C LYS T 80 56.48 21.08 -11.50
N GLY T 81 56.09 19.82 -11.32
CA GLY T 81 56.38 18.81 -12.31
C GLY T 81 57.87 18.58 -12.48
N ARG T 82 58.41 19.03 -13.62
CA ARG T 82 59.81 18.84 -13.95
C ARG T 82 60.63 20.10 -13.75
N HIS T 83 60.26 20.95 -12.80
CA HIS T 83 60.97 22.21 -12.56
C HIS T 83 61.30 22.34 -11.08
N ILE T 84 62.50 22.84 -10.79
CA ILE T 84 63.01 22.97 -9.43
C ILE T 84 63.38 24.43 -9.21
N PHE T 85 62.92 24.99 -8.10
CA PHE T 85 63.09 26.40 -7.78
C PHE T 85 63.79 26.51 -6.44
N ILE T 86 64.91 27.23 -6.40
CA ILE T 86 65.71 27.33 -5.19
C ILE T 86 66.07 28.79 -4.94
N LYS T 87 66.02 29.17 -3.66
CA LYS T 87 66.43 30.50 -3.24
C LYS T 87 66.94 30.46 -1.80
N PRO T 88 68.03 31.15 -1.49
CA PRO T 88 68.57 31.12 -0.12
C PRO T 88 67.80 32.05 0.79
N GLN T 89 67.36 31.51 1.93
CA GLN T 89 66.60 32.29 2.90
C GLN T 89 67.32 32.40 4.24
N ALA T 90 68.58 31.99 4.32
CA ALA T 90 69.32 32.07 5.57
C ALA T 90 70.77 32.40 5.27
N GLU T 91 71.37 33.17 6.16
CA GLU T 91 72.78 33.48 6.04
C GLU T 91 73.62 32.25 6.36
N LEU T 92 74.86 32.25 5.85
CA LEU T 92 75.75 31.09 5.93
C LEU T 92 75.07 29.86 5.35
N ALA T 93 74.48 30.02 4.18
CA ALA T 93 73.69 28.98 3.53
C ALA T 93 74.64 28.02 2.81
N ASN T 94 75.22 27.11 3.58
CA ASN T 94 76.10 26.09 3.04
C ASN T 94 75.50 24.72 3.36
N THR T 95 74.88 24.11 2.36
CA THR T 95 74.25 22.80 2.51
C THR T 95 74.48 22.04 1.21
N ASN T 96 73.74 20.95 1.03
CA ASN T 96 73.68 20.25 -0.24
C ASN T 96 72.22 19.92 -0.52
N LEU T 97 71.92 19.73 -1.80
CA LEU T 97 70.60 19.28 -2.21
C LEU T 97 70.74 18.05 -3.08
N ILE T 98 69.99 17.01 -2.73
CA ILE T 98 70.05 15.72 -3.42
C ILE T 98 68.62 15.34 -3.81
N VAL T 99 68.22 15.75 -5.01
CA VAL T 99 66.89 15.44 -5.53
C VAL T 99 66.99 14.14 -6.31
N VAL T 100 66.04 13.24 -6.06
CA VAL T 100 66.07 11.91 -6.65
C VAL T 100 64.78 11.70 -7.43
N THR T 101 64.92 11.08 -8.59
CA THR T 101 63.80 10.66 -9.42
C THR T 101 63.96 9.17 -9.69
N ASP T 102 63.06 8.62 -10.51
CA ASP T 102 63.13 7.19 -10.80
C ASP T 102 64.42 6.85 -11.54
N ARG T 103 64.76 7.61 -12.57
CA ARG T 103 65.95 7.28 -13.36
C ARG T 103 67.25 7.47 -12.59
N ARG T 104 67.44 8.63 -11.96
CA ARG T 104 68.72 8.93 -11.34
C ARG T 104 68.50 9.82 -10.13
N SER T 105 69.61 10.14 -9.46
CA SER T 105 69.63 11.07 -8.35
C SER T 105 70.58 12.21 -8.69
N TYR T 106 70.08 13.44 -8.64
CA TYR T 106 70.88 14.61 -8.97
C TYR T 106 71.62 15.08 -7.72
N LYS T 107 72.87 15.51 -7.91
CA LYS T 107 73.75 15.89 -6.81
C LYS T 107 74.10 17.36 -6.93
N PHE T 108 74.10 18.06 -5.79
CA PHE T 108 74.43 19.47 -5.74
C PHE T 108 75.29 19.76 -4.52
N ARG T 109 76.10 20.81 -4.61
CA ARG T 109 76.89 21.30 -3.48
C ARG T 109 76.56 22.79 -3.35
N LEU T 110 75.84 23.14 -2.28
CA LEU T 110 75.32 24.49 -2.14
C LEU T 110 76.26 25.32 -1.28
N GLN T 111 76.91 26.29 -1.90
CA GLN T 111 77.73 27.30 -1.23
C GLN T 111 77.31 28.65 -1.80
N MET T 112 76.88 29.56 -0.93
CA MET T 112 76.39 30.84 -1.42
C MET T 112 77.55 31.71 -1.84
N ARG T 113 77.27 32.73 -2.64
CA ARG T 113 78.25 33.71 -3.07
C ARG T 113 78.02 35.02 -2.33
N ASN T 114 79.07 35.54 -1.72
CA ASN T 114 78.94 36.66 -0.80
C ASN T 114 78.88 38.01 -1.48
N ASP T 115 79.39 38.14 -2.70
CA ASP T 115 79.51 39.43 -3.37
C ASP T 115 78.24 39.87 -4.06
N ARG T 116 77.22 39.02 -4.11
CA ARG T 116 76.03 39.26 -4.96
C ARG T 116 76.46 39.56 -6.39
N ASN T 117 77.45 38.81 -6.87
CA ASN T 117 77.89 38.89 -8.25
C ASN T 117 78.14 37.49 -8.77
N GLY T 118 78.09 37.34 -10.08
CA GLY T 118 78.20 36.03 -10.68
C GLY T 118 77.03 35.13 -10.30
N ALA T 119 75.83 35.68 -10.36
CA ALA T 119 74.64 34.91 -10.08
C ALA T 119 74.39 33.89 -11.18
N MET T 120 73.80 32.76 -10.79
CA MET T 120 73.45 31.69 -11.73
C MET T 120 71.94 31.56 -11.73
N TYR T 121 71.31 32.08 -12.78
CA TYR T 121 69.86 32.14 -12.86
C TYR T 121 69.22 30.79 -13.14
N GLU T 122 69.82 29.99 -14.01
CA GLU T 122 69.23 28.73 -14.44
C GLU T 122 70.34 27.74 -14.76
N LEU T 123 70.13 26.49 -14.41
CA LEU T 123 71.09 25.43 -14.68
C LEU T 123 70.44 24.37 -15.55
N ALA T 124 71.07 24.04 -16.67
CA ALA T 124 70.54 23.09 -17.63
C ALA T 124 71.47 21.90 -17.73
N PHE T 125 70.91 20.75 -18.09
CA PHE T 125 71.66 19.50 -18.17
C PHE T 125 71.65 18.96 -19.59
N ARG T 126 72.83 18.62 -20.10
CA ARG T 126 72.94 17.84 -21.32
C ARG T 126 72.99 16.37 -20.94
N TYR T 127 72.24 15.54 -21.66
CA TYR T 127 72.01 14.17 -21.22
C TYR T 127 72.58 13.22 -22.26
N PRO T 128 73.85 12.82 -22.16
CA PRO T 128 74.45 12.07 -23.27
C PRO T 128 73.74 10.78 -23.61
N ASP T 129 73.23 10.06 -22.61
CA ASP T 129 72.58 8.78 -22.88
C ASP T 129 71.34 8.96 -23.74
N THR T 130 70.36 9.72 -23.25
CA THR T 130 69.15 9.90 -24.03
C THR T 130 69.40 10.75 -25.26
N GLN T 131 70.45 11.58 -25.24
CA GLN T 131 70.82 12.30 -26.45
C GLN T 131 71.18 11.32 -27.56
N ALA T 132 72.08 10.39 -27.27
CA ALA T 132 72.45 9.39 -28.25
C ALA T 132 71.25 8.54 -28.66
N ARG T 133 70.44 8.12 -27.69
CA ARG T 133 69.32 7.24 -28.02
C ARG T 133 68.30 7.95 -28.90
N GLN T 134 68.01 9.22 -28.61
CA GLN T 134 67.07 9.96 -29.44
C GLN T 134 67.64 10.22 -30.83
N THR T 135 68.94 10.47 -30.92
CA THR T 135 69.54 10.70 -32.24
C THR T 135 69.32 9.50 -33.15
N ARG T 136 69.66 8.30 -32.69
CA ARG T 136 69.66 7.15 -33.58
C ARG T 136 68.26 6.83 -34.09
N GLU T 137 67.24 7.13 -33.29
CA GLU T 137 65.89 6.72 -33.68
C GLU T 137 65.35 7.59 -34.81
N ALA T 138 65.63 8.89 -34.77
CA ALA T 138 65.25 9.76 -35.88
C ALA T 138 65.96 9.35 -37.16
N ASN T 139 67.27 9.06 -37.06
CA ASN T 139 68.01 8.60 -38.22
C ASN T 139 67.42 7.32 -38.77
N ALA T 140 67.09 6.38 -37.89
CA ALA T 140 66.53 5.11 -38.34
C ALA T 140 65.19 5.32 -39.03
N ARG T 141 64.34 6.18 -38.48
CA ARG T 141 63.04 6.43 -39.11
C ARG T 141 63.21 7.06 -40.49
N ALA T 142 64.15 8.01 -40.61
CA ALA T 142 64.41 8.60 -41.92
C ALA T 142 64.91 7.56 -42.91
N ALA T 143 65.81 6.68 -42.46
CA ALA T 143 66.33 5.63 -43.34
C ALA T 143 65.22 4.68 -43.75
N VAL T 144 64.29 4.38 -42.84
CA VAL T 144 63.17 3.51 -43.17
C VAL T 144 62.28 4.16 -44.23
N GLU T 145 62.01 5.46 -44.07
CA GLU T 145 61.23 6.15 -45.09
C GLU T 145 61.93 6.07 -46.44
N ALA T 146 63.23 6.32 -46.47
CA ALA T 146 63.96 6.27 -47.72
C ALA T 146 63.95 4.86 -48.30
N ALA T 147 64.06 3.84 -47.45
CA ALA T 147 64.03 2.46 -47.94
C ALA T 147 62.67 2.12 -48.54
N PHE T 148 61.59 2.56 -47.91
CA PHE T 148 60.28 2.33 -48.49
C PHE T 148 60.16 3.01 -49.84
N GLU T 149 60.64 4.25 -49.93
CA GLU T 149 60.53 5.00 -51.18
C GLU T 149 61.44 4.47 -52.28
N GLN T 150 62.56 3.83 -51.94
CA GLN T 150 63.59 3.55 -52.93
C GLN T 150 63.29 2.35 -53.80
N ARG T 151 62.51 1.39 -53.29
CA ARG T 151 61.83 0.34 -54.08
C ARG T 151 62.70 -0.20 -55.23
N VAL T 152 63.77 -0.89 -54.84
CA VAL T 152 64.74 -1.41 -55.80
C VAL T 152 64.50 -2.91 -55.93
N GLY T 153 65.15 -3.50 -56.93
CA GLY T 153 65.06 -4.94 -57.16
C GLY T 153 63.66 -5.39 -57.48
N ALA T 154 62.96 -4.65 -58.33
CA ALA T 154 61.56 -4.88 -58.62
C ALA T 154 61.40 -5.80 -59.82
N TYR T 155 60.76 -6.94 -59.61
CA TYR T 155 60.38 -7.83 -60.69
C TYR T 155 58.88 -7.74 -60.91
N TYR T 156 58.48 -7.40 -62.13
CA TYR T 156 57.10 -7.13 -62.44
C TYR T 156 56.57 -8.19 -63.40
N ASN T 157 55.33 -8.62 -63.17
CA ASN T 157 54.65 -9.57 -64.02
C ASN T 157 53.49 -8.87 -64.68
N LEU T 158 53.38 -9.01 -66.01
CA LEU T 158 52.41 -8.25 -66.78
C LEU T 158 51.39 -9.14 -67.48
N LYS T 159 51.56 -10.45 -67.44
CA LYS T 159 50.70 -11.37 -68.18
C LYS T 159 49.36 -11.48 -67.47
N TYR T 160 48.49 -10.50 -67.71
CA TYR T 160 47.16 -10.49 -67.13
C TYR T 160 46.11 -10.51 -68.22
N MET T 161 45.20 -11.47 -68.14
CA MET T 161 44.17 -11.69 -69.14
C MET T 161 42.82 -11.31 -68.55
N MET T 162 41.96 -10.71 -69.38
CA MET T 162 40.63 -10.33 -68.91
C MET T 162 39.59 -10.84 -69.89
N SER T 163 38.38 -11.02 -69.38
CA SER T 163 37.23 -11.42 -70.18
C SER T 163 35.97 -10.98 -69.47
N GLY T 164 35.01 -10.47 -70.24
CA GLY T 164 33.76 -10.02 -69.68
C GLY T 164 33.38 -8.61 -70.06
N ASP T 165 32.95 -7.82 -69.07
CA ASP T 165 32.47 -6.46 -69.31
C ASP T 165 33.67 -5.53 -69.43
N LYS T 166 33.94 -5.07 -70.64
CA LYS T 166 35.08 -4.19 -70.88
C LYS T 166 34.88 -2.78 -70.34
N ASP T 167 33.64 -2.37 -70.08
CA ASP T 167 33.39 -0.98 -69.74
C ASP T 167 33.97 -0.58 -68.39
N ILE T 168 34.13 -1.53 -67.48
CA ILE T 168 34.73 -1.25 -66.18
C ILE T 168 36.14 -1.83 -66.10
N ALA T 169 36.70 -2.24 -67.23
CA ALA T 169 38.00 -2.87 -67.22
C ALA T 169 39.09 -1.89 -66.81
N PRO T 170 40.03 -2.33 -65.98
CA PRO T 170 41.16 -1.47 -65.64
C PRO T 170 42.06 -1.27 -66.84
N VAL T 171 42.68 -0.09 -66.89
CA VAL T 171 43.55 0.21 -68.01
C VAL T 171 44.91 -0.45 -67.86
N ASN T 172 45.26 -0.92 -66.66
CA ASN T 172 46.54 -1.56 -66.43
C ASN T 172 46.47 -2.37 -65.15
N ALA T 173 47.23 -3.47 -65.12
CA ALA T 173 47.28 -4.33 -63.95
C ALA T 173 48.54 -5.17 -64.00
N TRP T 174 49.11 -5.43 -62.83
CA TRP T 174 50.33 -6.22 -62.72
C TRP T 174 50.50 -6.66 -61.28
N ASP T 175 51.60 -7.35 -61.01
CA ASP T 175 51.97 -7.71 -59.65
C ASP T 175 53.47 -7.80 -59.54
N ASP T 176 53.98 -7.47 -58.36
CA ASP T 176 55.41 -7.51 -58.08
C ASP T 176 55.82 -8.78 -57.36
N GLY T 177 54.98 -9.79 -57.38
CA GLY T 177 55.24 -11.03 -56.67
C GLY T 177 54.60 -11.09 -55.30
N ARG T 178 54.33 -9.94 -54.68
CA ARG T 178 53.65 -9.92 -53.40
C ARG T 178 52.33 -9.15 -53.45
N PHE T 179 52.34 -7.92 -53.91
CA PHE T 179 51.13 -7.13 -54.04
C PHE T 179 50.72 -7.09 -55.50
N THR T 180 49.43 -7.22 -55.74
CA THR T 180 48.88 -7.22 -57.09
C THR T 180 48.14 -5.91 -57.31
N TYR T 181 48.45 -5.22 -58.40
CA TYR T 181 47.97 -3.88 -58.64
C TYR T 181 46.91 -3.89 -59.74
N PHE T 182 46.01 -2.93 -59.69
CA PHE T 182 45.11 -2.62 -60.79
C PHE T 182 45.09 -1.11 -60.94
N LYS T 183 45.11 -0.64 -62.17
CA LYS T 183 45.09 0.80 -62.44
C LYS T 183 43.88 1.13 -63.30
N PHE T 184 43.15 2.16 -62.88
CA PHE T 184 41.96 2.61 -63.59
C PHE T 184 42.16 4.05 -64.07
N SER T 185 41.52 4.38 -65.18
CA SER T 185 41.64 5.73 -65.71
C SER T 185 40.99 6.73 -64.75
N ALA T 186 41.11 8.00 -65.09
CA ALA T 186 40.64 9.05 -64.20
C ALA T 186 39.12 8.97 -64.00
N ASN T 187 38.37 8.84 -65.08
CA ASN T 187 36.92 9.00 -65.04
C ASN T 187 36.20 7.83 -64.41
N ALA T 188 36.59 6.60 -64.72
CA ALA T 188 35.79 5.43 -64.37
C ALA T 188 35.71 5.25 -62.87
N ASP T 189 34.63 4.61 -62.42
CA ASP T 189 34.49 4.31 -61.01
C ASP T 189 35.41 3.17 -60.63
N LEU T 190 35.89 3.18 -59.39
CA LEU T 190 36.76 2.12 -58.92
C LEU T 190 35.92 0.94 -58.43
N PRO T 191 35.88 -0.14 -59.16
CA PRO T 191 35.03 -1.27 -58.76
C PRO T 191 35.62 -2.07 -57.63
N SER T 192 34.97 -3.17 -57.29
CA SER T 192 35.44 -4.05 -56.22
C SER T 192 36.34 -5.14 -56.81
N ILE T 193 37.15 -5.75 -55.95
CA ILE T 193 38.13 -6.75 -56.35
C ILE T 193 37.98 -7.97 -55.47
N TYR T 194 37.81 -9.13 -56.08
CA TYR T 194 37.44 -10.36 -55.37
C TYR T 194 38.42 -11.49 -55.66
N PHE T 195 38.85 -12.14 -54.59
CA PHE T 195 39.81 -13.22 -54.64
C PHE T 195 39.08 -14.51 -55.02
N VAL T 196 39.32 -14.98 -56.23
CA VAL T 196 38.64 -16.16 -56.76
C VAL T 196 39.47 -17.38 -56.45
N ASP T 197 38.89 -18.31 -55.71
CA ASP T 197 39.60 -19.53 -55.33
C ASP T 197 39.63 -20.47 -56.52
N ALA T 198 40.14 -21.69 -56.30
CA ALA T 198 40.25 -22.66 -57.39
C ALA T 198 38.87 -23.09 -57.88
N GLU T 199 37.95 -23.36 -56.96
CA GLU T 199 36.63 -23.86 -57.35
C GLU T 199 35.75 -22.80 -57.98
N GLY T 200 36.09 -21.52 -57.84
CA GLY T 200 35.26 -20.44 -58.34
C GLY T 200 34.46 -19.71 -57.29
N ASN T 201 34.62 -20.06 -56.02
CA ASN T 201 33.93 -19.35 -54.94
C ASN T 201 34.63 -18.03 -54.67
N GLU T 202 33.92 -16.94 -54.92
CA GLU T 202 34.46 -15.61 -54.71
C GLU T 202 34.57 -15.35 -53.22
N SER T 203 35.58 -14.57 -52.83
CA SER T 203 35.81 -14.31 -51.42
C SER T 203 36.61 -13.02 -51.28
N LEU T 204 36.57 -12.47 -50.06
CA LEU T 204 37.20 -11.18 -49.82
C LEU T 204 38.70 -11.29 -49.71
N VAL T 205 39.37 -10.22 -50.15
CA VAL T 205 40.80 -10.04 -49.96
C VAL T 205 41.02 -8.57 -49.64
N PRO T 206 41.83 -8.23 -48.65
CA PRO T 206 42.01 -6.83 -48.30
C PRO T 206 42.56 -6.04 -49.48
N ARG T 207 42.14 -4.79 -49.57
CA ARG T 207 42.61 -3.91 -50.62
C ARG T 207 43.01 -2.59 -50.01
N THR T 208 43.98 -1.94 -50.65
CA THR T 208 44.42 -0.61 -50.27
C THR T 208 44.55 0.23 -51.53
N THR T 209 44.38 1.54 -51.38
CA THR T 209 44.48 2.47 -52.49
C THR T 209 45.81 3.18 -52.41
N VAL T 210 46.48 3.32 -53.55
CA VAL T 210 47.77 3.99 -53.64
C VAL T 210 47.75 4.89 -54.86
N GLY T 211 48.89 5.50 -55.16
CA GLY T 211 49.01 6.32 -56.35
C GLY T 211 48.71 7.78 -56.08
N SER T 212 49.24 8.63 -56.94
CA SER T 212 49.09 10.07 -56.75
C SER T 212 47.63 10.49 -56.79
N SER T 213 46.86 9.95 -57.73
CA SER T 213 45.46 10.30 -57.88
C SER T 213 44.53 9.19 -57.39
N ASN T 214 45.05 8.31 -56.54
CA ASN T 214 44.26 7.25 -55.92
C ASN T 214 43.62 6.33 -56.96
N ASN T 215 44.25 6.24 -58.13
CA ASN T 215 43.74 5.43 -59.22
C ASN T 215 44.46 4.09 -59.37
N ILE T 216 44.98 3.54 -58.29
CA ILE T 216 45.55 2.19 -58.29
C ILE T 216 45.06 1.45 -57.05
N ILE T 217 44.16 0.50 -57.24
CA ILE T 217 43.74 -0.41 -56.18
C ILE T 217 44.77 -1.51 -56.10
N ALA T 218 45.38 -1.66 -54.92
CA ALA T 218 46.40 -2.67 -54.70
C ALA T 218 45.85 -3.69 -53.70
N VAL T 219 45.81 -4.94 -54.11
CA VAL T 219 45.37 -6.02 -53.24
C VAL T 219 46.60 -6.72 -52.71
N HIS T 220 46.40 -7.57 -51.70
CA HIS T 220 47.51 -8.13 -50.95
C HIS T 220 47.69 -9.63 -51.16
N LYS T 221 47.56 -10.10 -52.40
CA LYS T 221 47.76 -11.51 -52.68
C LYS T 221 48.03 -11.65 -54.18
N VAL T 222 48.69 -12.74 -54.55
CA VAL T 222 48.96 -13.08 -55.94
C VAL T 222 48.22 -14.36 -56.28
N ASN T 223 47.34 -14.30 -57.28
CA ASN T 223 46.39 -15.36 -57.53
C ASN T 223 46.25 -15.58 -59.03
N PRO T 224 45.83 -16.78 -59.46
CA PRO T 224 45.59 -16.97 -60.89
C PRO T 224 44.46 -16.14 -61.43
N LYS T 225 43.41 -15.92 -60.64
CA LYS T 225 42.20 -15.29 -61.13
C LYS T 225 41.78 -14.17 -60.20
N TRP T 226 41.11 -13.17 -60.75
CA TRP T 226 40.52 -12.09 -59.98
C TRP T 226 39.16 -11.75 -60.55
N MET T 227 38.26 -11.32 -59.69
CA MET T 227 36.90 -10.97 -60.05
C MET T 227 36.66 -9.49 -59.81
N ILE T 228 36.08 -8.83 -60.80
CA ILE T 228 35.75 -7.41 -60.71
C ILE T 228 34.27 -7.25 -60.95
N ARG T 229 33.58 -6.63 -59.99
CA ARG T 229 32.16 -6.39 -60.06
C ARG T 229 31.87 -4.91 -59.89
N LEU T 230 30.79 -4.45 -60.52
CA LEU T 230 30.31 -3.09 -60.37
C LEU T 230 28.83 -3.11 -60.70
N GLY T 231 27.99 -3.08 -59.67
CA GLY T 231 26.57 -3.22 -59.90
C GLY T 231 26.24 -4.60 -60.43
N ASN T 232 25.73 -4.66 -61.65
CA ASN T 232 25.41 -5.94 -62.27
C ASN T 232 26.27 -6.14 -63.52
N ARG T 233 27.53 -5.78 -63.42
CA ARG T 233 28.52 -6.06 -64.46
C ARG T 233 29.71 -6.77 -63.83
N ALA T 234 30.19 -7.81 -64.48
CA ALA T 234 31.25 -8.62 -63.93
C ALA T 234 32.40 -8.72 -64.93
N LEU T 235 33.60 -8.94 -64.41
CA LEU T 235 34.79 -9.02 -65.23
C LEU T 235 35.78 -9.96 -64.56
N ALA T 236 36.35 -10.87 -65.36
CA ALA T 236 37.30 -11.84 -64.84
C ALA T 236 38.71 -11.47 -65.28
N ILE T 237 39.62 -11.46 -64.31
CA ILE T 237 41.04 -11.16 -64.56
C ILE T 237 41.84 -12.43 -64.37
N PHE T 238 42.44 -12.91 -65.44
CA PHE T 238 43.24 -14.13 -65.43
C PHE T 238 44.71 -13.74 -65.30
N ASN T 239 45.43 -14.44 -64.45
CA ASN T 239 46.87 -14.26 -64.35
C ASN T 239 47.55 -15.54 -64.82
N GLU T 240 47.91 -15.57 -66.10
CA GLU T 240 48.51 -16.76 -66.71
C GLU T 240 49.87 -17.10 -66.13
N ALA T 241 50.53 -16.17 -65.45
CA ALA T 241 51.92 -16.34 -65.05
C ALA T 241 52.01 -16.48 -63.53
N TYR T 242 51.09 -17.22 -62.95
CA TYR T 242 51.14 -17.50 -61.52
C TYR T 242 52.46 -18.15 -61.16
N ASP T 243 53.08 -17.66 -60.09
CA ASP T 243 54.33 -18.22 -59.59
C ASP T 243 54.06 -18.97 -58.30
N PRO T 244 54.14 -20.30 -58.29
CA PRO T 244 53.79 -21.04 -57.07
C PRO T 244 54.62 -20.67 -55.86
N ASN T 245 55.91 -20.36 -56.05
CA ASN T 245 56.76 -20.12 -54.89
C ASN T 245 56.78 -18.64 -54.52
N GLY T 246 57.20 -17.79 -55.44
CA GLY T 246 57.30 -16.39 -55.09
C GLY T 246 58.43 -16.14 -54.10
N VAL T 247 58.48 -14.92 -53.60
CA VAL T 247 59.51 -14.48 -52.67
C VAL T 247 58.98 -14.60 -51.25
N PRO T 248 59.63 -15.34 -50.37
CA PRO T 248 59.21 -15.36 -48.97
C PRO T 248 59.48 -14.04 -48.30
N ASN T 249 58.84 -13.83 -47.16
CA ASN T 249 58.99 -12.58 -46.42
C ASN T 249 59.79 -12.84 -45.14
N ASP T 250 61.10 -12.70 -45.25
CA ASP T 250 61.95 -12.64 -44.08
C ASP T 250 61.83 -11.32 -43.35
N THR T 251 61.74 -10.21 -44.09
CA THR T 251 61.69 -8.87 -43.51
C THR T 251 60.38 -8.57 -42.79
N GLY T 252 59.34 -9.36 -43.03
CA GLY T 252 58.07 -9.12 -42.38
C GLY T 252 57.39 -7.83 -42.74
N THR T 253 57.74 -7.22 -43.87
CA THR T 253 57.09 -5.98 -44.29
C THR T 253 57.03 -5.92 -45.81
N ALA T 254 56.34 -4.91 -46.32
CA ALA T 254 56.09 -4.80 -47.75
C ALA T 254 57.34 -4.55 -48.57
N SER T 255 58.51 -4.49 -47.95
CA SER T 255 59.73 -4.34 -48.73
C SER T 255 60.80 -5.29 -48.20
N PRO T 256 61.76 -5.68 -49.04
CA PRO T 256 62.95 -6.38 -48.54
C PRO T 256 63.97 -5.47 -47.87
N ALA T 257 63.61 -4.23 -47.60
CA ALA T 257 64.56 -3.23 -47.13
C ALA T 257 64.31 -2.75 -45.72
N VAL T 258 63.31 -3.29 -45.02
CA VAL T 258 63.01 -2.87 -43.65
C VAL T 258 62.71 -4.11 -42.83
N ARG T 259 63.26 -4.17 -41.62
CA ARG T 259 62.97 -5.29 -40.72
C ARG T 259 62.01 -4.86 -39.63
N ARG T 260 61.02 -5.70 -39.37
CA ARG T 260 60.09 -5.53 -38.28
C ARG T 260 60.69 -6.20 -37.04
N VAL T 261 60.74 -5.46 -35.93
CA VAL T 261 61.46 -5.92 -34.74
C VAL T 261 60.54 -5.84 -33.54
N ASN T 262 60.83 -6.67 -32.54
CA ASN T 262 60.01 -6.78 -31.33
C ASN T 262 60.39 -5.67 -30.37
N LYS T 263 59.63 -4.57 -30.39
CA LYS T 263 59.92 -3.44 -29.52
C LYS T 263 59.53 -3.72 -28.07
N GLY T 264 58.38 -4.35 -27.87
CA GLY T 264 57.79 -4.42 -26.53
C GLY T 264 58.60 -5.20 -25.51
N GLY T 265 59.58 -5.98 -25.97
CA GLY T 265 60.40 -6.76 -25.05
C GLY T 265 59.62 -7.80 -24.30
N ASN T 266 59.65 -7.73 -22.97
CA ASN T 266 58.98 -8.69 -22.09
C ASN T 266 59.35 -10.12 -22.43
N CYS U 17 11.73 -23.56 -51.96
CA CYS U 17 11.72 -24.06 -53.33
C CYS U 17 12.45 -23.09 -54.26
N ALA U 18 13.24 -22.20 -53.65
CA ALA U 18 14.05 -21.25 -54.40
C ALA U 18 15.26 -20.86 -53.55
N SER U 19 16.32 -20.42 -54.20
CA SER U 19 17.54 -20.01 -53.51
C SER U 19 17.96 -18.62 -53.98
N ALA U 20 18.94 -18.07 -53.30
CA ALA U 20 19.43 -16.74 -53.65
C ALA U 20 20.09 -16.80 -55.01
N PRO U 21 19.70 -15.93 -55.94
CA PRO U 21 20.34 -15.93 -57.26
C PRO U 21 21.79 -15.52 -57.16
N LYS U 22 22.64 -16.24 -57.88
CA LYS U 22 24.04 -15.85 -57.91
C LYS U 22 24.21 -14.61 -58.77
N PRO U 23 25.24 -13.81 -58.52
CA PRO U 23 25.47 -12.63 -59.36
C PRO U 23 25.86 -13.04 -60.77
N LYS U 24 25.85 -12.07 -61.67
CA LYS U 24 26.15 -12.34 -63.06
C LYS U 24 27.53 -12.96 -63.20
N GLN U 25 27.59 -14.12 -63.85
CA GLN U 25 28.87 -14.77 -64.09
C GLN U 25 29.43 -14.32 -65.43
N PRO U 26 30.66 -13.81 -65.45
CA PRO U 26 31.18 -13.22 -66.68
C PRO U 26 31.36 -14.25 -67.79
N SER U 27 31.24 -13.76 -69.02
CA SER U 27 31.48 -14.62 -70.18
C SER U 27 32.96 -14.96 -70.30
N ASP U 28 33.25 -16.09 -70.92
CA ASP U 28 34.62 -16.56 -71.08
C ASP U 28 35.00 -16.72 -72.54
N PHE U 29 34.50 -15.84 -73.41
CA PHE U 29 34.70 -15.99 -74.85
C PHE U 29 35.77 -15.07 -75.38
N ASN U 30 35.62 -13.77 -75.19
CA ASN U 30 36.55 -12.80 -75.77
C ASN U 30 37.58 -12.37 -74.72
N ARG U 31 38.59 -13.23 -74.57
CA ARG U 31 39.70 -12.97 -73.67
C ARG U 31 40.72 -12.10 -74.39
N GLU U 32 41.31 -11.15 -73.68
CA GLU U 32 42.12 -10.11 -74.30
C GLU U 32 43.03 -9.49 -73.24
N PRO U 33 44.32 -9.34 -73.55
CA PRO U 33 45.27 -8.88 -72.53
C PRO U 33 44.98 -7.46 -72.08
N VAL U 34 45.09 -7.23 -70.77
CA VAL U 34 44.70 -5.93 -70.21
C VAL U 34 45.67 -4.84 -70.63
N ASN U 35 46.97 -5.09 -70.52
CA ASN U 35 47.96 -4.02 -70.64
C ASN U 35 48.26 -3.77 -72.11
N LYS U 36 47.60 -2.75 -72.66
CA LYS U 36 47.94 -2.33 -74.01
C LYS U 36 49.20 -1.47 -74.03
N THR U 37 49.59 -0.92 -72.89
CA THR U 37 50.85 -0.21 -72.77
C THR U 37 51.37 -0.41 -71.36
N VAL U 38 52.69 -0.37 -71.23
CA VAL U 38 53.30 -0.58 -69.92
C VAL U 38 53.02 0.64 -69.03
N PRO U 39 52.49 0.45 -67.83
CA PRO U 39 52.17 1.60 -66.97
C PRO U 39 53.42 2.39 -66.60
N VAL U 40 53.28 3.71 -66.58
CA VAL U 40 54.41 4.58 -66.28
C VAL U 40 54.86 4.47 -64.84
N GLU U 41 54.05 3.90 -63.95
CA GLU U 41 54.49 3.70 -62.57
C GLU U 41 55.60 2.68 -62.49
N ILE U 42 55.77 1.87 -63.53
CA ILE U 42 56.81 0.86 -63.57
C ILE U 42 58.10 1.51 -64.07
N GLN U 43 58.05 2.80 -64.36
CA GLN U 43 59.14 3.50 -65.02
C GLN U 43 59.47 2.84 -66.36
N ARG U 44 58.44 2.30 -67.00
CA ARG U 44 58.59 1.62 -68.27
C ARG U 44 57.40 1.90 -69.18
N LYS V 135 57.15 64.56 7.45
CA LYS V 135 56.10 63.97 6.64
C LYS V 135 55.80 64.84 5.43
N THR V 136 56.79 65.03 4.57
CA THR V 136 56.57 65.78 3.36
C THR V 136 55.63 65.00 2.44
N PRO V 137 54.79 65.70 1.66
CA PRO V 137 53.87 64.97 0.78
C PRO V 137 54.58 64.10 -0.23
N TYR V 138 55.84 64.38 -0.53
CA TYR V 138 56.56 63.58 -1.51
C TYR V 138 56.84 62.17 -0.99
N GLU V 139 57.28 62.06 0.27
CA GLU V 139 57.50 60.73 0.82
C GLU V 139 56.18 60.04 1.14
N LEU V 140 55.14 60.80 1.44
CA LEU V 140 53.81 60.22 1.53
C LEU V 140 53.40 59.62 0.20
N ALA V 141 53.69 60.33 -0.89
CA ALA V 141 53.45 59.79 -2.23
C ALA V 141 54.26 58.53 -2.46
N ARG V 142 55.52 58.52 -2.00
CA ARG V 142 56.33 57.32 -2.11
C ARG V 142 55.68 56.14 -1.38
N GLU V 143 55.22 56.36 -0.15
CA GLU V 143 54.62 55.26 0.60
C GLU V 143 53.35 54.76 -0.07
N ARG V 144 52.47 55.68 -0.48
CA ARG V 144 51.29 55.29 -1.24
C ARG V 144 51.67 54.49 -2.48
N MET V 145 52.65 55.00 -3.22
CA MET V 145 53.00 54.50 -4.53
C MET V 145 53.69 53.15 -4.44
N LEU V 146 54.24 52.84 -3.26
CA LEU V 146 54.81 51.52 -3.05
C LEU V 146 53.78 50.53 -2.53
N ARG V 147 52.90 50.96 -1.62
CA ARG V 147 52.04 49.98 -0.95
C ARG V 147 51.00 49.40 -1.92
N SER V 148 50.52 50.20 -2.86
CA SER V 148 49.35 49.83 -3.63
C SER V 148 49.63 48.63 -4.53
N GLY V 149 48.65 47.72 -4.59
CA GLY V 149 48.69 46.63 -5.54
C GLY V 149 48.45 47.10 -6.95
N LEU V 150 48.10 46.14 -7.81
CA LEU V 150 47.86 46.48 -9.21
C LEU V 150 46.39 46.81 -9.47
N THR V 151 45.49 45.86 -9.23
CA THR V 151 44.08 46.06 -9.48
C THR V 151 43.38 46.36 -8.16
N ALA V 152 42.57 47.41 -8.15
CA ALA V 152 41.85 47.81 -6.95
C ALA V 152 40.85 46.72 -6.59
N GLY V 153 41.14 45.99 -5.52
CA GLY V 153 40.27 44.91 -5.07
C GLY V 153 40.26 43.72 -6.02
N GLY V 177 -28.72 29.05 -6.88
CA GLY V 177 -28.04 27.80 -7.17
C GLY V 177 -27.67 27.64 -8.63
N GLY V 178 -27.07 26.49 -8.95
CA GLY V 178 -26.67 26.21 -10.32
C GLY V 178 -27.19 24.87 -10.80
N GLY V 179 -28.21 24.35 -10.14
CA GLY V 179 -28.77 23.06 -10.46
C GLY V 179 -29.47 23.04 -11.81
N GLY V 180 -30.26 22.00 -12.02
CA GLY V 180 -30.87 21.78 -13.31
C GLY V 180 -29.81 21.61 -14.37
N GLY V 181 -28.84 20.72 -14.07
CA GLY V 181 -27.53 20.80 -14.71
C GLY V 181 -27.57 21.03 -16.21
N GLU V 182 -28.04 20.03 -16.95
CA GLU V 182 -27.69 19.94 -18.37
C GLU V 182 -27.89 21.25 -19.10
N LEU V 183 -29.00 21.95 -18.85
CA LEU V 183 -29.19 23.19 -19.57
C LEU V 183 -28.29 24.29 -19.03
N ALA V 184 -27.79 24.17 -17.80
CA ALA V 184 -26.79 25.13 -17.36
C ALA V 184 -25.52 25.00 -18.17
N GLU V 185 -24.88 23.83 -18.16
CA GLU V 185 -23.67 23.64 -18.93
C GLU V 185 -23.86 23.89 -20.42
N LYS V 186 -25.01 23.53 -20.99
CA LYS V 186 -25.22 23.91 -22.37
C LYS V 186 -25.42 25.40 -22.54
N LEU V 187 -25.41 26.17 -21.46
CA LEU V 187 -25.50 27.62 -21.55
C LEU V 187 -24.22 28.33 -21.12
N GLN V 188 -23.20 27.62 -20.69
CA GLN V 188 -21.95 28.28 -20.36
C GLN V 188 -21.37 28.91 -21.61
N PRO V 189 -21.06 30.20 -21.60
CA PRO V 189 -20.76 30.89 -22.86
C PRO V 189 -19.38 30.55 -23.37
N MET V 190 -19.08 31.09 -24.55
CA MET V 190 -17.73 31.08 -25.10
C MET V 190 -17.28 32.52 -25.25
N ARG V 191 -16.25 32.91 -24.53
CA ARG V 191 -15.62 34.20 -24.69
C ARG V 191 -14.30 33.98 -25.41
N LEU V 192 -14.22 34.44 -26.64
CA LEU V 192 -13.02 34.29 -27.45
C LEU V 192 -12.24 35.58 -27.44
N SER V 193 -10.95 35.48 -27.16
CA SER V 193 -10.11 36.67 -27.02
C SER V 193 -10.02 37.42 -28.33
N GLY V 194 -9.96 38.73 -28.25
CA GLY V 194 -9.76 39.54 -29.43
C GLY V 194 -8.33 39.49 -29.91
N SER V 195 -8.07 40.26 -30.96
CA SER V 195 -6.75 40.32 -31.56
C SER V 195 -6.52 41.67 -32.21
N SER V 196 -5.27 42.12 -32.20
CA SER V 196 -4.90 43.40 -32.75
C SER V 196 -3.89 43.20 -33.87
N ALA V 197 -4.10 43.88 -34.99
CA ALA V 197 -3.25 43.68 -36.14
C ALA V 197 -1.93 44.43 -36.00
N GLY V 198 -0.83 43.70 -36.12
CA GLY V 198 0.48 44.29 -36.17
C GLY V 198 0.87 44.68 -37.59
N ARG V 199 2.18 44.69 -37.82
CA ARG V 199 2.70 44.97 -39.15
C ARG V 199 3.99 44.19 -39.37
N LEU V 200 4.32 43.96 -40.63
CA LEU V 200 5.52 43.20 -40.96
C LEU V 200 6.76 44.08 -40.85
N GLY V 201 7.85 43.48 -40.38
CA GLY V 201 9.07 44.23 -40.16
C GLY V 201 9.66 44.84 -41.42
N ASN V 202 10.16 43.98 -42.32
CA ASN V 202 10.73 44.43 -43.59
C ASN V 202 10.34 43.42 -44.65
N ARG V 203 9.41 43.80 -45.52
CA ARG V 203 8.82 42.87 -46.46
C ARG V 203 9.82 42.33 -47.48
N ASP V 204 10.90 43.07 -47.75
CA ASP V 204 11.84 42.64 -48.77
C ASP V 204 12.70 41.47 -48.33
N MET V 205 12.85 41.24 -47.03
CA MET V 205 13.60 40.10 -46.51
C MET V 205 12.70 39.20 -45.68
N LEU V 206 11.50 38.90 -46.17
CA LEU V 206 10.58 38.06 -45.43
C LEU V 206 10.00 36.98 -46.33
N ILE V 207 9.79 35.81 -45.76
CA ILE V 207 9.05 34.73 -46.39
C ILE V 207 7.90 34.37 -45.44
N THR V 208 6.71 34.84 -45.77
CA THR V 208 5.53 34.61 -44.95
C THR V 208 5.05 33.17 -45.11
N GLN V 209 4.21 32.75 -44.18
CA GLN V 209 3.56 31.46 -44.31
C GLN V 209 2.73 31.43 -45.57
N GLY V 210 2.59 30.24 -46.15
CA GLY V 210 1.75 30.09 -47.31
C GLY V 210 2.44 30.30 -48.64
N THR V 211 3.69 30.72 -48.65
CA THR V 211 4.44 30.75 -49.89
C THR V 211 4.75 29.31 -50.30
N GLN V 212 4.81 29.08 -51.60
CA GLN V 212 4.91 27.73 -52.13
C GLN V 212 6.30 27.50 -52.69
N LEU V 213 7.00 26.51 -52.13
CA LEU V 213 8.35 26.15 -52.54
C LEU V 213 8.25 24.87 -53.36
N ASP V 214 8.25 25.01 -54.68
CA ASP V 214 8.01 23.88 -55.57
C ASP V 214 9.33 23.34 -56.09
N CYS V 215 9.87 22.34 -55.41
CA CYS V 215 11.13 21.71 -55.77
C CYS V 215 10.85 20.39 -56.47
N VAL V 216 11.80 19.93 -57.28
CA VAL V 216 11.71 18.64 -57.95
C VAL V 216 12.45 17.61 -57.12
N LEU V 217 11.81 16.48 -56.88
CA LEU V 217 12.39 15.46 -56.03
C LEU V 217 13.66 14.93 -56.67
N GLU V 218 14.65 14.62 -55.83
CA GLU V 218 15.87 13.98 -56.32
C GLU V 218 15.85 12.47 -56.11
N THR V 219 15.57 12.03 -54.90
CA THR V 219 15.62 10.61 -54.61
C THR V 219 14.26 9.94 -54.78
N ARG V 220 14.25 8.87 -55.56
CA ARG V 220 13.09 8.00 -55.63
C ARG V 220 12.82 7.46 -54.22
N LEU V 221 11.54 7.37 -53.87
CA LEU V 221 11.15 7.19 -52.48
C LEU V 221 10.41 5.88 -52.28
N VAL V 222 10.81 5.13 -51.26
CA VAL V 222 10.10 3.95 -50.81
C VAL V 222 9.93 4.07 -49.30
N THR V 223 8.70 3.92 -48.84
CA THR V 223 8.37 4.16 -47.44
C THR V 223 8.45 2.91 -46.59
N THR V 224 9.12 1.86 -47.07
CA THR V 224 9.18 0.65 -46.27
C THR V 224 9.99 0.87 -45.01
N GLN V 225 11.04 1.66 -45.10
CA GLN V 225 11.87 1.98 -43.95
C GLN V 225 12.03 3.48 -43.81
N PRO V 226 12.13 3.99 -42.59
CA PRO V 226 12.36 5.42 -42.41
C PRO V 226 13.66 5.85 -43.05
N GLY V 227 13.63 7.01 -43.69
CA GLY V 227 14.80 7.47 -44.41
C GLY V 227 14.83 8.98 -44.47
N MET V 228 15.54 9.49 -45.46
CA MET V 228 15.66 10.91 -45.69
C MET V 228 15.53 11.18 -47.18
N THR V 229 15.24 12.42 -47.53
CA THR V 229 15.03 12.80 -48.92
C THR V 229 15.77 14.09 -49.24
N THR V 230 15.77 14.44 -50.51
CA THR V 230 16.35 15.68 -50.98
C THR V 230 15.51 16.20 -52.13
N CYS V 231 15.62 17.48 -52.43
CA CYS V 231 15.06 18.03 -53.65
C CYS V 231 15.70 19.37 -53.93
N HIS V 232 15.53 19.84 -55.16
CA HIS V 232 16.14 21.08 -55.61
C HIS V 232 15.07 22.01 -56.13
N LEU V 233 15.08 23.26 -55.66
CA LEU V 233 14.07 24.20 -56.09
C LEU V 233 14.17 24.41 -57.59
N THR V 234 13.02 24.34 -58.26
CA THR V 234 13.01 24.53 -59.70
C THR V 234 12.82 25.98 -60.09
N ARG V 235 12.52 26.85 -59.14
CA ARG V 235 12.13 28.22 -59.44
C ARG V 235 12.70 29.14 -58.39
N ASP V 236 13.27 30.24 -58.84
CA ASP V 236 13.67 31.27 -57.90
C ASP V 236 12.48 31.76 -57.10
N VAL V 237 12.66 31.89 -55.80
CA VAL V 237 11.58 32.16 -54.87
C VAL V 237 11.69 33.59 -54.38
N TYR V 238 10.84 34.46 -54.91
CA TYR V 238 10.96 35.86 -54.61
C TYR V 238 10.48 36.15 -53.19
N SER V 239 10.75 37.35 -52.71
CA SER V 239 10.33 37.76 -51.40
C SER V 239 8.86 38.14 -51.40
N THR V 240 8.26 38.15 -50.21
CA THR V 240 6.84 38.43 -50.11
C THR V 240 6.49 39.79 -50.71
N SER V 241 7.43 40.71 -50.68
CA SER V 241 7.19 41.97 -51.38
C SER V 241 7.24 41.80 -52.89
N GLY V 242 7.73 40.66 -53.37
CA GLY V 242 7.84 40.44 -54.80
C GLY V 242 8.86 41.34 -55.47
N ARG V 243 10.01 41.56 -54.85
CA ARG V 243 11.06 42.36 -55.44
C ARG V 243 12.45 41.77 -55.34
N VAL V 244 12.72 40.88 -54.41
CA VAL V 244 14.07 40.37 -54.17
C VAL V 244 14.02 38.86 -54.23
N VAL V 245 15.03 38.26 -54.87
CA VAL V 245 15.13 36.81 -54.92
C VAL V 245 15.82 36.34 -53.66
N LEU V 246 15.19 35.43 -52.92
CA LEU V 246 15.76 35.04 -51.64
C LEU V 246 16.25 33.61 -51.63
N LEU V 247 15.77 32.78 -52.54
CA LEU V 247 16.25 31.42 -52.67
C LEU V 247 16.47 31.14 -54.15
N ASP V 248 17.72 31.09 -54.57
CA ASP V 248 18.02 30.89 -55.97
C ASP V 248 17.65 29.47 -56.39
N ARG V 249 17.24 29.35 -57.64
CA ARG V 249 16.89 28.04 -58.17
C ARG V 249 18.08 27.11 -58.07
N GLY V 250 17.79 25.83 -57.89
CA GLY V 250 18.82 24.86 -57.69
C GLY V 250 19.27 24.70 -56.26
N SER V 251 18.75 25.50 -55.35
CA SER V 251 19.10 25.32 -53.94
C SER V 251 18.67 23.93 -53.50
N LYS V 252 19.42 23.35 -52.57
CA LYS V 252 19.18 21.99 -52.14
C LYS V 252 18.37 21.99 -50.87
N VAL V 253 17.52 20.98 -50.70
CA VAL V 253 16.60 20.87 -49.58
C VAL V 253 16.72 19.48 -49.00
N VAL V 254 16.75 19.38 -47.68
CA VAL V 254 16.88 18.10 -47.00
C VAL V 254 15.68 17.93 -46.09
N GLY V 255 15.03 16.78 -46.20
CA GLY V 255 13.89 16.50 -45.35
C GLY V 255 13.71 15.03 -45.11
N PHE V 256 12.86 14.67 -44.15
CA PHE V 256 12.75 13.28 -43.76
C PHE V 256 11.31 12.95 -43.42
N TYR V 257 11.09 11.67 -43.11
CA TYR V 257 9.78 11.16 -42.75
C TYR V 257 9.97 9.90 -41.92
N GLN V 258 8.90 9.47 -41.25
CA GLN V 258 9.02 8.24 -40.48
C GLN V 258 7.64 7.63 -40.33
N GLY V 259 7.58 6.54 -39.55
CA GLY V 259 6.34 5.93 -39.19
C GLY V 259 5.71 5.05 -40.25
N GLY V 260 5.93 5.34 -41.52
CA GLY V 260 5.29 4.55 -42.54
C GLY V 260 3.81 4.92 -42.69
N LEU V 261 3.08 4.01 -43.31
CA LEU V 261 1.68 4.24 -43.64
C LEU V 261 0.77 3.41 -42.76
N ARG V 262 -0.51 3.71 -42.87
CA ARG V 262 -1.59 2.94 -42.26
C ARG V 262 -2.61 2.61 -43.33
N GLN V 263 -3.35 1.52 -43.11
CA GLN V 263 -4.18 0.96 -44.17
C GLN V 263 -5.11 2.00 -44.75
N GLY V 264 -5.28 1.96 -46.07
CA GLY V 264 -6.11 2.91 -46.77
C GLY V 264 -5.43 4.20 -47.14
N GLN V 265 -4.43 4.63 -46.39
CA GLN V 265 -3.73 5.87 -46.69
C GLN V 265 -2.91 5.71 -47.96
N ALA V 266 -3.04 6.67 -48.87
CA ALA V 266 -2.26 6.66 -50.09
C ALA V 266 -1.30 7.84 -50.17
N ARG V 267 -1.01 8.49 -49.05
CA ARG V 267 -0.02 9.56 -49.02
C ARG V 267 0.78 9.44 -47.74
N ILE V 268 2.03 9.90 -47.77
CA ILE V 268 2.90 9.86 -46.61
C ILE V 268 3.29 11.29 -46.27
N PHE V 269 3.35 11.59 -44.97
CA PHE V 269 3.62 12.94 -44.50
C PHE V 269 5.12 13.13 -44.34
N VAL V 270 5.70 14.01 -45.14
CA VAL V 270 7.14 14.21 -45.16
C VAL V 270 7.44 15.64 -44.73
N GLN V 271 8.49 15.79 -43.94
CA GLN V 271 8.91 17.07 -43.40
C GLN V 271 10.11 17.54 -44.18
N TRP V 272 10.35 18.85 -44.20
CA TRP V 272 11.64 19.36 -44.64
C TRP V 272 12.33 20.05 -43.48
N SER V 273 13.65 19.99 -43.46
CA SER V 273 14.42 20.54 -42.35
C SER V 273 15.28 21.73 -42.74
N ARG V 274 16.13 21.60 -43.74
CA ARG V 274 17.06 22.68 -44.04
C ARG V 274 17.13 22.86 -45.55
N ILE V 275 17.53 24.05 -45.95
CA ILE V 275 17.83 24.34 -47.34
C ILE V 275 19.16 25.07 -47.41
N GLU V 276 19.84 24.97 -48.54
CA GLU V 276 21.11 25.67 -48.75
C GLU V 276 21.08 26.34 -50.11
N THR V 277 21.22 27.63 -50.11
CA THR V 277 21.42 28.32 -51.37
C THR V 277 22.78 27.94 -51.94
N PRO V 278 22.96 28.04 -53.25
CA PRO V 278 24.28 27.78 -53.82
C PRO V 278 25.34 28.73 -53.30
N SER V 279 24.98 29.96 -52.96
CA SER V 279 25.95 30.91 -52.42
C SER V 279 26.21 30.71 -50.94
N GLY V 280 25.45 29.85 -50.27
CA GLY V 280 25.75 29.48 -48.91
C GLY V 280 24.85 30.05 -47.84
N VAL V 281 23.55 30.20 -48.10
CA VAL V 281 22.61 30.64 -47.07
C VAL V 281 21.83 29.44 -46.57
N VAL V 282 21.70 29.31 -45.26
CA VAL V 282 21.08 28.15 -44.64
C VAL V 282 19.93 28.61 -43.75
N ILE V 283 18.78 27.93 -43.88
CA ILE V 283 17.59 28.25 -43.11
C ILE V 283 16.99 26.97 -42.56
N ASN V 284 16.59 27.01 -41.29
CA ASN V 284 15.84 25.91 -40.70
C ASN V 284 14.36 26.15 -40.94
N LEU V 285 13.89 25.82 -42.13
CA LEU V 285 12.45 25.84 -42.40
C LEU V 285 11.90 24.45 -42.12
N ASP V 286 10.81 24.37 -41.36
CA ASP V 286 10.21 23.11 -40.98
C ASP V 286 8.77 23.13 -41.49
N SER V 287 8.57 22.56 -42.67
CA SER V 287 7.28 22.65 -43.29
C SER V 287 6.81 21.28 -43.74
N PRO V 288 5.53 21.13 -44.07
CA PRO V 288 5.06 19.84 -44.57
C PRO V 288 5.30 19.70 -46.06
N GLY V 289 5.67 18.49 -46.46
CA GLY V 289 5.81 18.18 -47.87
C GLY V 289 4.43 18.03 -48.49
N THR V 290 4.34 18.30 -49.77
CA THR V 290 3.06 18.33 -50.45
C THR V 290 3.18 17.64 -51.80
N GLY V 291 2.03 17.39 -52.41
CA GLY V 291 1.99 16.99 -53.79
C GLY V 291 2.13 18.17 -54.71
N PRO V 292 1.90 17.93 -56.00
CA PRO V 292 2.09 18.99 -56.99
C PRO V 292 1.19 20.19 -56.79
N LEU V 293 0.07 20.04 -56.07
CA LEU V 293 -0.88 21.12 -55.89
C LEU V 293 -1.06 21.50 -54.42
N GLY V 294 -0.20 21.02 -53.54
CA GLY V 294 -0.32 21.35 -52.13
C GLY V 294 -1.03 20.33 -51.29
N GLU V 295 -1.38 19.18 -51.85
CA GLU V 295 -1.99 18.11 -51.08
C GLU V 295 -1.14 17.77 -49.87
N ALA V 296 -1.76 17.24 -48.83
CA ALA V 296 -1.01 16.83 -47.67
C ALA V 296 -0.07 15.69 -48.03
N GLY V 297 1.21 15.86 -47.72
CA GLY V 297 2.17 14.78 -47.81
C GLY V 297 2.58 14.45 -49.24
N LEU V 298 3.30 13.34 -49.37
CA LEU V 298 3.67 12.81 -50.67
C LEU V 298 2.93 11.50 -50.90
N GLY V 299 2.65 11.22 -52.17
CA GLY V 299 2.00 9.98 -52.54
C GLY V 299 2.12 9.70 -54.02
N GLY V 300 2.00 8.43 -54.36
CA GLY V 300 2.12 7.99 -55.74
C GLY V 300 1.49 6.63 -55.91
N TRP V 301 2.14 5.77 -56.67
CA TRP V 301 1.70 4.39 -56.81
C TRP V 301 1.82 3.67 -55.47
N ILE V 302 0.93 2.71 -55.22
CA ILE V 302 0.87 2.02 -53.94
C ILE V 302 1.02 0.53 -54.17
N ASP V 303 1.53 -0.18 -53.17
CA ASP V 303 1.47 -1.62 -53.10
C ASP V 303 0.63 -1.96 -51.88
N ARG V 304 -0.39 -2.79 -52.06
CA ARG V 304 -1.24 -3.17 -50.95
C ARG V 304 -0.94 -4.57 -50.44
N HIS V 305 0.07 -5.23 -50.97
CA HIS V 305 0.49 -6.54 -50.49
C HIS V 305 -0.69 -7.50 -50.36
N PHE V 306 -1.46 -7.62 -51.43
CA PHE V 306 -2.62 -8.50 -51.38
C PHE V 306 -2.17 -9.94 -51.19
N TRP V 307 -1.20 -10.38 -51.98
CA TRP V 307 -0.79 -11.78 -51.91
C TRP V 307 -0.18 -12.10 -50.55
N GLU V 308 0.79 -11.32 -50.08
CA GLU V 308 1.44 -11.64 -48.83
C GLU V 308 0.46 -11.66 -47.66
N ARG V 309 -0.72 -11.08 -47.83
CA ARG V 309 -1.72 -11.13 -46.78
C ARG V 309 -2.68 -12.30 -46.91
N PHE V 310 -3.32 -12.49 -48.06
CA PHE V 310 -4.35 -13.52 -48.17
C PHE V 310 -3.91 -14.83 -48.78
N GLY V 311 -2.67 -14.93 -49.26
CA GLY V 311 -2.26 -16.13 -49.96
C GLY V 311 -2.23 -17.34 -49.05
N GLY V 312 -1.79 -17.15 -47.80
CA GLY V 312 -1.76 -18.26 -46.87
C GLY V 312 -3.14 -18.86 -46.66
N ALA V 313 -4.12 -18.00 -46.40
CA ALA V 313 -5.47 -18.50 -46.18
C ALA V 313 -6.04 -19.13 -47.45
N ILE V 314 -5.84 -18.48 -48.60
CA ILE V 314 -6.36 -19.05 -49.84
C ILE V 314 -5.76 -20.41 -50.10
N MET V 315 -4.44 -20.52 -49.93
CA MET V 315 -3.77 -21.79 -50.18
C MET V 315 -4.26 -22.86 -49.22
N ILE V 316 -4.37 -22.54 -47.92
CA ILE V 316 -4.82 -23.54 -46.97
C ILE V 316 -6.22 -24.01 -47.31
N SER V 317 -7.11 -23.07 -47.64
CA SER V 317 -8.48 -23.46 -47.96
C SER V 317 -8.53 -24.33 -49.21
N LEU V 318 -7.79 -23.95 -50.26
CA LEU V 318 -7.84 -24.72 -51.49
C LEU V 318 -7.22 -26.09 -51.30
N ILE V 319 -6.14 -26.19 -50.54
CA ILE V 319 -5.51 -27.49 -50.34
C ILE V 319 -6.40 -28.39 -49.50
N GLY V 320 -7.03 -27.85 -48.45
CA GLY V 320 -8.00 -28.62 -47.71
C GLY V 320 -9.15 -29.08 -48.60
N ASP V 321 -9.59 -28.21 -49.50
CA ASP V 321 -10.70 -28.57 -50.38
C ASP V 321 -10.32 -29.69 -51.33
N LEU V 322 -9.10 -29.63 -51.89
CA LEU V 322 -8.69 -30.68 -52.81
C LEU V 322 -8.43 -31.99 -52.06
N GLY V 323 -7.94 -31.91 -50.82
CA GLY V 323 -7.88 -33.09 -50.00
C GLY V 323 -9.25 -33.68 -49.74
N ASP V 324 -10.24 -32.82 -49.54
CA ASP V 324 -11.62 -33.30 -49.39
C ASP V 324 -12.10 -33.97 -50.66
N TRP V 325 -11.74 -33.40 -51.81
CA TRP V 325 -12.04 -34.03 -53.09
C TRP V 325 -11.48 -35.45 -53.14
N ALA V 326 -10.21 -35.60 -52.81
CA ALA V 326 -9.59 -36.91 -52.84
C ALA V 326 -10.26 -37.87 -51.86
N SER V 327 -10.54 -37.39 -50.65
CA SER V 327 -11.17 -38.26 -49.65
C SER V 327 -12.55 -38.72 -50.11
N ARG V 328 -13.34 -37.80 -50.66
CA ARG V 328 -14.66 -38.17 -51.16
C ARG V 328 -14.54 -39.06 -52.39
N GLN V 329 -13.38 -39.07 -53.03
CA GLN V 329 -13.20 -39.94 -54.18
C GLN V 329 -12.97 -41.41 -53.76
N GLY V 330 -13.23 -41.74 -52.50
CA GLY V 330 -13.01 -43.10 -52.04
C GLY V 330 -13.90 -44.12 -52.70
N SER V 331 -15.18 -43.82 -52.83
CA SER V 331 -16.15 -44.77 -53.37
C SER V 331 -15.79 -45.23 -54.78
N SER V 349 -10.36 -22.65 -37.37
CA SER V 349 -9.84 -23.39 -38.52
C SER V 349 -8.49 -22.83 -38.97
N ALA V 350 -7.77 -23.64 -39.74
CA ALA V 350 -6.40 -23.28 -40.12
C ALA V 350 -6.38 -22.03 -41.00
N ALA V 351 -7.31 -21.92 -41.94
CA ALA V 351 -7.33 -20.75 -42.81
C ALA V 351 -7.55 -19.49 -42.00
N ALA V 352 -8.50 -19.53 -41.06
CA ALA V 352 -8.74 -18.38 -40.21
C ALA V 352 -7.51 -18.05 -39.38
N GLU V 353 -6.85 -19.07 -38.84
CA GLU V 353 -5.67 -18.82 -38.03
C GLU V 353 -4.58 -18.14 -38.85
N ALA V 354 -4.36 -18.60 -40.07
CA ALA V 354 -3.35 -17.99 -40.92
C ALA V 354 -3.70 -16.54 -41.24
N LEU V 355 -4.96 -16.29 -41.58
CA LEU V 355 -5.31 -14.94 -42.02
C LEU V 355 -5.27 -13.96 -40.85
N ARG V 356 -5.59 -14.44 -39.64
CA ARG V 356 -5.55 -13.54 -38.49
C ARG V 356 -4.15 -13.02 -38.22
N ASN V 357 -3.13 -13.80 -38.56
CA ASN V 357 -1.76 -13.38 -38.30
C ASN V 357 -1.13 -12.68 -39.49
N SER V 358 -1.58 -12.97 -40.70
CA SER V 358 -1.03 -12.33 -41.88
C SER V 358 -1.90 -11.21 -42.42
N ILE V 359 -2.90 -10.76 -41.68
CA ILE V 359 -3.84 -9.79 -42.24
C ILE V 359 -3.31 -8.36 -42.14
N ASN V 360 -2.48 -8.07 -41.15
CA ASN V 360 -2.07 -6.69 -40.88
C ASN V 360 -0.67 -6.44 -41.43
N ILE V 361 -0.62 -6.17 -42.74
CA ILE V 361 0.59 -5.76 -43.42
C ILE V 361 0.36 -4.34 -43.93
N PRO V 362 0.91 -3.32 -43.28
CA PRO V 362 0.69 -1.96 -43.75
C PRO V 362 1.21 -1.79 -45.16
N PRO V 363 0.48 -1.11 -46.03
CA PRO V 363 0.94 -0.91 -47.40
C PRO V 363 2.20 -0.05 -47.43
N THR V 364 2.84 -0.04 -48.59
CA THR V 364 4.09 0.68 -48.79
C THR V 364 3.95 1.57 -50.00
N LEU V 365 4.63 2.71 -49.98
CA LEU V 365 4.51 3.70 -51.04
C LEU V 365 5.73 3.64 -51.95
N TYR V 366 5.52 3.89 -53.24
CA TYR V 366 6.60 3.97 -54.22
C TYR V 366 6.40 5.23 -55.03
N LYS V 367 7.29 6.21 -54.85
CA LYS V 367 7.24 7.43 -55.63
C LYS V 367 8.44 7.49 -56.54
N ASN V 368 8.21 7.57 -57.84
CA ASN V 368 9.30 7.63 -58.79
C ASN V 368 10.07 8.94 -58.67
N GLN V 369 11.37 8.84 -58.86
CA GLN V 369 12.22 10.03 -58.78
C GLN V 369 11.88 10.98 -59.91
N GLY V 370 12.14 12.26 -59.66
CA GLY V 370 11.85 13.29 -60.63
C GLY V 370 10.46 13.86 -60.56
N GLU V 371 9.54 13.20 -59.85
CA GLU V 371 8.20 13.73 -59.70
C GLU V 371 8.23 15.10 -59.03
N ARG V 372 7.50 16.04 -59.62
CA ARG V 372 7.45 17.38 -59.08
C ARG V 372 6.74 17.37 -57.73
N VAL V 373 7.25 18.14 -56.78
CA VAL V 373 6.62 18.28 -55.48
C VAL V 373 6.65 19.74 -55.10
N ASN V 374 6.11 20.03 -53.92
CA ASN V 374 6.01 21.40 -53.45
C ASN V 374 6.18 21.43 -51.93
N ILE V 375 6.86 22.47 -51.47
CA ILE V 375 7.08 22.70 -50.04
C ILE V 375 6.24 23.92 -49.67
N LEU V 376 5.49 23.80 -48.59
CA LEU V 376 4.57 24.85 -48.19
C LEU V 376 5.05 25.45 -46.87
N VAL V 377 5.63 26.65 -46.94
CA VAL V 377 6.33 27.23 -45.81
C VAL V 377 5.37 27.37 -44.64
N ALA V 378 5.76 26.81 -43.49
CA ALA V 378 4.87 26.76 -42.34
C ALA V 378 5.28 27.66 -41.20
N ARG V 379 6.35 28.45 -41.36
CA ARG V 379 6.78 29.37 -40.32
C ARG V 379 7.47 30.54 -40.99
N ASP V 380 7.53 31.66 -40.28
CA ASP V 380 8.04 32.88 -40.89
C ASP V 380 9.56 32.79 -41.08
N LEU V 381 10.02 33.16 -42.27
CA LEU V 381 11.43 33.16 -42.62
C LEU V 381 11.85 34.59 -42.93
N ASP V 382 12.95 35.02 -42.33
CA ASP V 382 13.46 36.37 -42.52
C ASP V 382 14.91 36.35 -42.96
N PHE V 383 15.30 37.33 -43.76
CA PHE V 383 16.64 37.40 -44.31
C PHE V 383 17.33 38.72 -43.98
N SER V 384 16.91 39.41 -42.93
CA SER V 384 17.55 40.69 -42.64
C SER V 384 18.98 40.48 -42.15
N ASP V 385 19.34 39.26 -41.77
CA ASP V 385 20.65 38.98 -41.22
C ASP V 385 21.68 38.62 -42.29
N VAL V 386 21.27 38.34 -43.53
CA VAL V 386 22.19 37.80 -44.51
C VAL V 386 22.14 38.53 -45.85
N TYR V 387 21.40 39.62 -45.98
CA TYR V 387 21.29 40.31 -47.26
C TYR V 387 21.08 41.79 -47.06
N SER V 388 21.34 42.54 -48.14
CA SER V 388 21.01 43.95 -48.20
C SER V 388 21.01 44.36 -49.66
N LEU V 389 20.51 45.55 -49.93
CA LEU V 389 20.34 46.02 -51.30
C LEU V 389 21.03 47.36 -51.49
N GLU V 390 21.56 47.56 -52.69
CA GLU V 390 22.27 48.79 -53.04
C GLU V 390 21.89 49.20 -54.44
N SER V 391 21.79 50.51 -54.66
CA SER V 391 21.53 51.02 -55.99
C SER V 391 22.81 50.97 -56.81
N ILE V 392 22.76 50.23 -57.91
CA ILE V 392 23.88 50.15 -58.82
C ILE V 392 23.93 51.46 -59.61
N PRO V 393 25.10 52.08 -59.75
CA PRO V 393 25.18 53.32 -60.53
C PRO V 393 24.70 53.09 -61.95
N THR V 394 24.11 54.13 -62.53
CA THR V 394 23.61 54.04 -63.90
C THR V 394 24.73 53.66 -64.85
N LYS V 395 24.45 52.65 -65.68
CA LYS V 395 25.41 52.15 -66.66
C LYS V 395 26.73 51.76 -66.00
N LEU W 21 55.08 60.10 -27.04
CA LEU W 21 53.86 60.33 -26.29
C LEU W 21 52.78 60.90 -27.20
N ASP W 22 51.56 60.40 -27.04
CA ASP W 22 50.44 60.91 -27.84
C ASP W 22 49.67 61.94 -27.04
N VAL W 23 49.71 63.19 -27.49
CA VAL W 23 48.91 64.27 -26.91
C VAL W 23 47.65 64.41 -27.75
N PRO W 24 46.47 64.12 -27.22
CA PRO W 24 45.26 64.23 -28.02
C PRO W 24 44.98 65.66 -28.43
N SER W 25 44.34 65.82 -29.58
CA SER W 25 44.08 67.13 -30.15
C SER W 25 42.72 67.63 -29.69
N SER W 26 42.68 68.88 -29.21
CA SER W 26 41.46 69.47 -28.71
C SER W 26 40.43 69.61 -29.83
N SER W 27 39.18 69.37 -29.47
CA SER W 27 38.09 69.51 -30.43
C SER W 27 37.80 70.97 -30.68
N ARG W 28 37.07 71.24 -31.76
CA ARG W 28 36.81 72.61 -32.17
C ARG W 28 35.94 73.38 -31.20
N TYR W 29 34.98 72.71 -30.54
CA TYR W 29 34.04 73.43 -29.69
C TYR W 29 34.62 73.70 -28.31
N ASP W 30 35.27 72.71 -27.70
CA ASP W 30 35.87 72.87 -26.39
C ASP W 30 37.06 71.94 -26.21
N HIS W 31 37.95 72.33 -25.31
CA HIS W 31 39.16 71.60 -24.99
C HIS W 31 38.93 70.46 -23.99
N ARG W 32 37.77 70.38 -23.36
CA ARG W 32 37.48 69.29 -22.45
C ARG W 32 37.15 68.00 -23.19
N ILE W 33 37.08 68.05 -24.51
CA ILE W 33 36.98 66.87 -25.36
C ILE W 33 38.11 66.93 -26.38
N ARG W 34 38.91 65.87 -26.42
CA ARG W 34 40.03 65.78 -27.33
C ARG W 34 39.98 64.48 -28.11
N TYR W 35 40.65 64.48 -29.25
CA TYR W 35 40.67 63.34 -30.16
C TYR W 35 42.09 62.82 -30.31
N VAL W 36 42.24 61.50 -30.22
CA VAL W 36 43.52 60.84 -30.44
C VAL W 36 43.30 59.62 -31.33
N THR W 37 44.18 59.44 -32.30
CA THR W 37 44.16 58.25 -33.15
C THR W 37 45.08 57.21 -32.52
N TYR W 38 44.55 56.02 -32.29
CA TYR W 38 45.27 55.01 -31.52
C TYR W 38 46.54 54.59 -32.23
N ASN W 39 47.56 54.25 -31.45
CA ASN W 39 48.81 53.70 -31.96
C ASN W 39 49.29 52.61 -31.01
N PRO W 40 49.67 51.44 -31.52
CA PRO W 40 50.20 50.40 -30.62
C PRO W 40 51.60 50.70 -30.12
N ALA W 41 52.32 51.62 -30.74
CA ALA W 41 53.72 51.86 -30.43
C ALA W 41 53.95 53.16 -29.69
N ASP W 42 52.92 53.67 -29.02
CA ASP W 42 53.05 54.90 -28.26
C ASP W 42 52.04 54.91 -27.12
N VAL W 43 52.29 55.76 -26.13
CA VAL W 43 51.41 55.92 -25.00
C VAL W 43 50.57 57.18 -25.22
N VAL W 44 49.48 57.27 -24.49
CA VAL W 44 48.55 58.39 -24.60
C VAL W 44 48.69 59.27 -23.36
N GLN W 45 49.11 60.51 -23.56
CA GLN W 45 49.28 61.45 -22.46
C GLN W 45 47.94 62.01 -22.07
N VAL W 46 47.56 61.84 -20.80
CA VAL W 46 46.29 62.31 -20.28
C VAL W 46 46.56 63.25 -19.11
N ASP W 47 45.88 64.38 -19.08
CA ASP W 47 46.07 65.40 -18.05
C ASP W 47 44.77 65.48 -17.25
N THR W 48 44.83 65.09 -15.98
CA THR W 48 43.66 65.03 -15.11
C THR W 48 43.82 66.06 -14.00
N VAL W 49 42.73 66.73 -13.64
CA VAL W 49 42.73 67.67 -12.55
C VAL W 49 42.00 67.04 -11.36
N LEU W 50 42.07 67.70 -10.21
CA LEU W 50 41.32 67.23 -9.05
C LEU W 50 39.86 67.61 -9.18
N GLY W 51 38.98 66.62 -8.97
CA GLY W 51 37.57 66.90 -8.88
C GLY W 51 36.76 66.65 -10.13
N VAL W 52 37.36 66.11 -11.19
CA VAL W 52 36.61 65.76 -12.39
C VAL W 52 36.74 64.26 -12.62
N ALA W 53 35.76 63.72 -13.32
CA ALA W 53 35.77 62.32 -13.73
C ALA W 53 36.01 62.26 -15.23
N THR W 54 36.93 61.42 -15.65
CA THR W 54 37.33 61.34 -17.05
C THR W 54 36.75 60.08 -17.67
N HIS W 55 36.11 60.25 -18.83
CA HIS W 55 35.40 59.17 -19.50
C HIS W 55 36.25 58.66 -20.65
N ILE W 56 36.41 57.34 -20.73
CA ILE W 56 37.14 56.70 -21.81
C ILE W 56 36.23 55.69 -22.46
N MET W 57 36.09 55.78 -23.78
CA MET W 57 35.22 54.88 -24.55
C MET W 57 36.09 53.93 -25.35
N LEU W 58 35.78 52.65 -25.26
CA LEU W 58 36.50 51.64 -26.02
C LEU W 58 35.92 51.54 -27.44
N GLU W 59 36.50 50.65 -28.22
CA GLU W 59 36.00 50.37 -29.55
C GLU W 59 34.76 49.49 -29.48
N GLU W 60 33.85 49.71 -30.41
CA GLU W 60 32.66 48.88 -30.51
C GLU W 60 33.05 47.41 -30.66
N GLY W 61 32.36 46.56 -29.91
CA GLY W 61 32.65 45.14 -29.97
C GLY W 61 33.88 44.71 -29.21
N GLU W 62 34.53 45.62 -28.49
CA GLU W 62 35.74 45.29 -27.76
C GLU W 62 35.38 44.97 -26.31
N GLN W 63 35.85 43.83 -25.82
CA GLN W 63 35.52 43.36 -24.48
C GLN W 63 36.76 43.54 -23.59
N TYR W 64 36.56 44.15 -22.43
CA TYR W 64 37.65 44.46 -21.53
C TYR W 64 38.22 43.18 -20.90
N LEU W 65 39.54 43.05 -20.93
CA LEU W 65 40.17 41.89 -20.29
C LEU W 65 40.66 42.20 -18.89
N THR W 66 41.58 43.15 -18.76
CA THR W 66 42.18 43.47 -17.47
C THR W 66 42.83 44.84 -17.57
N HIS W 67 42.74 45.59 -16.49
CA HIS W 67 43.39 46.88 -16.39
C HIS W 67 44.47 46.80 -15.33
N ALA W 68 45.29 47.84 -15.25
CA ALA W 68 46.42 47.84 -14.31
C ALA W 68 46.83 49.27 -14.04
N PHE W 69 46.69 49.69 -12.79
CA PHE W 69 47.05 51.04 -12.38
C PHE W 69 48.48 51.09 -11.86
N GLY W 70 49.14 52.21 -12.15
CA GLY W 70 50.46 52.44 -11.58
C GLY W 70 50.43 52.54 -10.08
N ASP W 71 49.36 53.11 -9.53
CA ASP W 71 49.18 53.25 -8.10
C ASP W 71 47.70 53.03 -7.81
N SER W 72 47.36 51.85 -7.29
CA SER W 72 45.97 51.41 -7.23
C SER W 72 45.07 52.39 -6.51
N GLU W 73 45.52 52.95 -5.40
CA GLU W 73 44.69 53.90 -4.68
C GLU W 73 44.68 55.29 -5.30
N ALA W 74 45.69 55.62 -6.11
CA ALA W 74 45.76 56.97 -6.67
C ALA W 74 44.61 57.27 -7.61
N TYR W 75 44.00 56.24 -8.19
CA TYR W 75 42.94 56.45 -9.15
C TYR W 75 41.83 55.43 -8.94
N ALA W 76 40.64 55.79 -9.40
CA ALA W 76 39.46 54.94 -9.27
C ALA W 76 38.98 54.53 -10.65
N PHE W 77 38.59 53.27 -10.79
CA PHE W 77 38.25 52.65 -12.06
C PHE W 77 36.79 52.25 -12.04
N ALA W 78 36.01 52.80 -12.96
CA ALA W 78 34.59 52.47 -13.05
C ALA W 78 34.26 52.12 -14.49
N ARG W 79 33.87 50.87 -14.70
CA ARG W 79 33.72 50.32 -16.04
C ARG W 79 32.34 49.72 -16.22
N LYS W 80 31.74 50.01 -17.37
CA LYS W 80 30.45 49.42 -17.75
C LYS W 80 30.49 49.17 -19.26
N GLY W 81 30.54 47.90 -19.64
CA GLY W 81 30.63 47.56 -21.04
C GLY W 81 31.94 48.01 -21.64
N ARG W 82 31.89 49.05 -22.47
CA ARG W 82 33.09 49.59 -23.11
C ARG W 82 33.37 51.03 -22.69
N HIS W 83 33.10 51.38 -21.44
CA HIS W 83 33.35 52.74 -20.95
C HIS W 83 34.23 52.68 -19.72
N ILE W 84 35.13 53.65 -19.60
CA ILE W 84 36.12 53.69 -18.53
C ILE W 84 36.03 55.03 -17.83
N PHE W 85 36.04 55.01 -16.51
CA PHE W 85 35.96 56.20 -15.70
C PHE W 85 37.15 56.24 -14.74
N ILE W 86 37.92 57.33 -14.79
CA ILE W 86 39.10 57.48 -13.96
C ILE W 86 39.06 58.83 -13.26
N LYS W 87 39.74 58.90 -12.12
CA LYS W 87 39.65 60.04 -11.22
C LYS W 87 40.78 60.02 -10.19
N PRO W 88 41.35 61.16 -9.82
CA PRO W 88 42.36 61.18 -8.76
C PRO W 88 41.69 61.15 -7.38
N GLN W 89 42.29 60.40 -6.47
CA GLN W 89 41.87 60.38 -5.07
C GLN W 89 43.01 60.66 -4.11
N ALA W 90 44.06 61.35 -4.55
CA ALA W 90 45.14 61.76 -3.66
C ALA W 90 45.91 62.88 -4.33
N GLU W 91 46.95 63.33 -3.63
CA GLU W 91 47.80 64.37 -4.19
C GLU W 91 48.99 63.75 -4.92
N LEU W 92 49.46 64.47 -5.95
CA LEU W 92 50.59 64.04 -6.74
C LEU W 92 50.33 62.65 -7.35
N ALA W 93 49.23 62.55 -8.09
CA ALA W 93 48.84 61.29 -8.73
C ALA W 93 49.40 61.26 -10.15
N ASN W 94 50.60 60.70 -10.28
CA ASN W 94 51.29 60.58 -11.56
C ASN W 94 51.81 59.16 -11.71
N THR W 95 50.98 58.29 -12.29
CA THR W 95 51.33 56.91 -12.57
C THR W 95 50.75 56.57 -13.94
N ASN W 96 50.68 55.29 -14.27
CA ASN W 96 50.19 54.87 -15.57
C ASN W 96 49.08 53.84 -15.41
N LEU W 97 48.19 53.82 -16.39
CA LEU W 97 47.13 52.81 -16.50
C LEU W 97 47.33 52.03 -17.78
N ILE W 98 47.27 50.70 -17.66
CA ILE W 98 47.42 49.80 -18.80
C ILE W 98 46.20 48.89 -18.81
N VAL W 99 45.31 49.11 -19.77
CA VAL W 99 44.13 48.28 -19.96
C VAL W 99 44.31 47.49 -21.24
N VAL W 100 44.03 46.19 -21.17
CA VAL W 100 44.19 45.28 -22.29
C VAL W 100 42.84 44.66 -22.59
N THR W 101 42.60 44.39 -23.87
CA THR W 101 41.35 43.80 -24.34
C THR W 101 41.66 42.71 -25.35
N ASP W 102 40.60 42.26 -26.04
CA ASP W 102 40.76 41.22 -27.04
C ASP W 102 41.73 41.64 -28.15
N ARG W 103 41.56 42.85 -28.69
CA ARG W 103 42.25 43.17 -29.92
C ARG W 103 43.54 43.95 -29.71
N ARG W 104 43.59 44.82 -28.70
CA ARG W 104 44.77 45.67 -28.54
C ARG W 104 45.00 45.97 -27.07
N SER W 105 46.08 46.71 -26.82
CA SER W 105 46.46 47.12 -25.48
C SER W 105 46.63 48.63 -25.46
N TYR W 106 46.01 49.27 -24.47
CA TYR W 106 46.04 50.72 -24.35
C TYR W 106 47.10 51.14 -23.36
N LYS W 107 47.70 52.30 -23.59
CA LYS W 107 48.80 52.80 -22.77
C LYS W 107 48.48 54.22 -22.34
N PHE W 108 48.41 54.45 -21.03
CA PHE W 108 48.08 55.75 -20.49
C PHE W 108 49.23 56.31 -19.67
N ARG W 109 49.40 57.62 -19.75
CA ARG W 109 50.36 58.34 -18.90
C ARG W 109 49.54 59.31 -18.05
N LEU W 110 49.15 58.84 -16.86
CA LEU W 110 48.30 59.63 -15.98
C LEU W 110 49.13 60.73 -15.34
N GLN W 111 48.78 61.98 -15.61
CA GLN W 111 49.53 63.13 -15.12
C GLN W 111 48.56 64.10 -14.48
N MET W 112 48.54 64.12 -13.15
CA MET W 112 47.67 65.03 -12.42
C MET W 112 48.05 66.47 -12.72
N ARG W 113 47.04 67.30 -12.99
CA ARG W 113 47.24 68.71 -13.25
C ARG W 113 46.95 69.52 -11.99
N ASN W 114 47.91 70.37 -11.62
CA ASN W 114 47.89 71.03 -10.33
C ASN W 114 46.83 72.12 -10.18
N ASP W 115 46.60 72.91 -11.23
CA ASP W 115 45.83 74.14 -11.09
C ASP W 115 44.34 73.98 -11.35
N ARG W 116 43.88 72.77 -11.68
CA ARG W 116 42.45 72.50 -11.88
C ARG W 116 41.88 73.35 -13.01
N ASN W 117 42.43 73.21 -14.21
CA ASN W 117 41.97 73.92 -15.40
C ASN W 117 42.19 73.06 -16.63
N GLY W 118 41.24 73.14 -17.56
CA GLY W 118 41.38 72.44 -18.83
C GLY W 118 41.45 70.93 -18.71
N ALA W 119 40.55 70.33 -17.96
CA ALA W 119 40.59 68.90 -17.71
C ALA W 119 40.14 68.12 -18.93
N MET W 120 40.15 66.80 -18.80
CA MET W 120 39.69 65.87 -19.82
C MET W 120 38.40 65.24 -19.34
N TYR W 121 37.33 65.41 -20.12
CA TYR W 121 36.08 64.74 -19.80
C TYR W 121 35.94 63.41 -20.54
N GLU W 122 36.02 63.40 -21.87
CA GLU W 122 36.10 62.15 -22.61
C GLU W 122 37.28 62.21 -23.55
N LEU W 123 37.86 61.05 -23.84
CA LEU W 123 38.84 60.91 -24.91
C LEU W 123 38.32 59.89 -25.90
N ALA W 124 38.50 60.18 -27.19
CA ALA W 124 37.98 59.33 -28.26
C ALA W 124 39.13 58.76 -29.06
N PHE W 125 38.95 57.55 -29.56
CA PHE W 125 39.95 56.87 -30.38
C PHE W 125 39.42 56.67 -31.80
N ARG W 126 40.32 56.71 -32.77
CA ARG W 126 40.03 56.30 -34.15
C ARG W 126 41.10 55.31 -34.55
N TYR W 127 40.68 54.15 -35.03
CA TYR W 127 41.65 53.08 -35.28
C TYR W 127 41.91 52.93 -36.77
N PRO W 128 43.15 53.13 -37.21
CA PRO W 128 43.52 52.75 -38.58
C PRO W 128 43.95 51.30 -38.65
N ASP W 129 44.28 50.72 -37.48
CA ASP W 129 44.75 49.35 -37.44
C ASP W 129 43.66 48.37 -37.83
N THR W 130 42.41 48.67 -37.47
CA THR W 130 41.32 47.80 -37.89
C THR W 130 41.18 47.77 -39.40
N GLN W 131 41.28 48.93 -40.05
CA GLN W 131 41.26 48.97 -41.50
C GLN W 131 42.42 48.19 -42.08
N ALA W 132 43.62 48.39 -41.52
CA ALA W 132 44.80 47.71 -42.04
C ALA W 132 44.66 46.20 -41.93
N ARG W 133 44.13 45.71 -40.81
CA ARG W 133 43.89 44.29 -40.68
C ARG W 133 42.85 43.81 -41.68
N GLN W 134 41.72 44.53 -41.78
CA GLN W 134 40.65 44.06 -42.65
C GLN W 134 41.09 44.01 -44.10
N THR W 135 42.07 44.83 -44.48
CA THR W 135 42.63 44.71 -45.81
C THR W 135 43.32 43.36 -46.00
N ARG W 136 43.98 42.86 -44.97
CA ARG W 136 44.87 41.70 -45.12
C ARG W 136 44.11 40.42 -45.43
N GLU W 137 43.04 40.14 -44.67
CA GLU W 137 42.27 38.93 -44.93
C GLU W 137 41.66 38.96 -46.32
N ALA W 138 41.21 40.13 -46.75
CA ALA W 138 40.72 40.28 -48.12
C ALA W 138 41.82 39.94 -49.12
N ASN W 139 43.07 40.29 -48.80
CA ASN W 139 44.17 40.01 -49.71
C ASN W 139 44.43 38.51 -49.81
N ALA W 140 44.41 37.80 -48.67
CA ALA W 140 44.61 36.35 -48.72
C ALA W 140 43.46 35.65 -49.45
N ARG W 141 42.23 36.06 -49.15
CA ARG W 141 41.07 35.52 -49.85
C ARG W 141 41.19 35.75 -51.35
N ALA W 142 41.54 36.97 -51.76
CA ALA W 142 41.67 37.27 -53.18
C ALA W 142 42.79 36.44 -53.82
N ALA W 143 43.87 36.21 -53.08
CA ALA W 143 44.94 35.36 -53.59
C ALA W 143 44.41 33.97 -53.94
N VAL W 144 43.73 33.34 -52.99
CA VAL W 144 43.22 31.99 -53.24
C VAL W 144 42.19 31.99 -54.37
N GLU W 145 41.31 32.99 -54.38
CA GLU W 145 40.24 32.99 -55.37
C GLU W 145 40.77 33.29 -56.77
N ALA W 146 41.76 34.16 -56.89
CA ALA W 146 42.41 34.36 -58.18
C ALA W 146 43.12 33.10 -58.62
N ALA W 147 43.73 32.38 -57.68
CA ALA W 147 44.32 31.10 -58.01
C ALA W 147 43.30 30.17 -58.64
N PHE W 148 42.13 30.04 -58.01
CA PHE W 148 41.09 29.17 -58.55
C PHE W 148 40.54 29.70 -59.87
N GLU W 149 40.43 31.01 -60.00
CA GLU W 149 39.89 31.62 -61.21
C GLU W 149 40.85 31.46 -62.38
N GLN W 150 42.13 31.23 -62.10
CA GLN W 150 43.16 31.30 -63.14
C GLN W 150 43.00 30.17 -64.17
N ARG W 151 41.88 29.44 -64.13
CA ARG W 151 41.62 28.34 -65.06
C ARG W 151 42.03 28.68 -66.49
N VAL W 152 42.89 27.85 -67.06
CA VAL W 152 43.35 28.05 -68.44
C VAL W 152 44.02 26.76 -68.91
N GLY W 153 44.05 26.56 -70.22
CA GLY W 153 44.63 25.35 -70.77
C GLY W 153 43.85 24.09 -70.49
N ALA W 154 42.53 24.15 -70.58
CA ALA W 154 41.67 22.97 -70.49
C ALA W 154 40.89 22.84 -71.79
N TYR W 155 40.61 21.61 -72.19
CA TYR W 155 39.89 21.37 -73.43
C TYR W 155 38.42 21.20 -73.13
N TYR W 156 37.57 21.64 -74.05
CA TYR W 156 36.13 21.61 -73.86
C TYR W 156 35.50 20.72 -74.93
N ASN W 157 34.73 19.75 -74.47
CA ASN W 157 34.02 18.81 -75.33
C ASN W 157 32.59 19.29 -75.49
N LEU W 158 32.07 19.22 -76.71
CA LEU W 158 30.76 19.76 -77.01
C LEU W 158 29.86 18.78 -77.74
N LYS W 159 30.39 17.65 -78.19
CA LYS W 159 29.63 16.72 -79.02
C LYS W 159 28.65 15.99 -78.11
N TYR W 160 27.46 16.59 -77.96
CA TYR W 160 26.44 16.07 -77.07
C TYR W 160 25.12 15.97 -77.83
N MET W 161 24.52 14.79 -77.80
CA MET W 161 23.25 14.56 -78.47
C MET W 161 22.14 14.41 -77.44
N MET W 162 20.93 14.75 -77.86
CA MET W 162 19.75 14.72 -77.03
C MET W 162 18.63 13.97 -77.74
N SER W 163 17.71 13.43 -76.95
CA SER W 163 16.56 12.73 -77.52
C SER W 163 15.43 12.75 -76.50
N GLY W 164 14.23 13.13 -76.96
CA GLY W 164 13.05 13.05 -76.13
C GLY W 164 12.31 14.37 -75.92
N ASP W 165 12.11 14.73 -74.66
CA ASP W 165 11.27 15.85 -74.28
C ASP W 165 12.07 17.14 -74.43
N LYS W 166 12.07 17.69 -75.65
CA LYS W 166 12.89 18.85 -75.95
C LYS W 166 12.38 20.13 -75.32
N ASP W 167 11.19 20.10 -74.72
CA ASP W 167 10.69 21.25 -73.97
C ASP W 167 11.54 21.56 -72.75
N ILE W 168 12.00 20.55 -72.05
CA ILE W 168 12.75 20.70 -70.82
C ILE W 168 14.25 20.69 -71.09
N ALA W 169 14.62 20.86 -72.33
CA ALA W 169 16.01 20.71 -72.75
C ALA W 169 16.84 21.92 -72.34
N PRO W 170 18.12 21.71 -72.03
CA PRO W 170 19.05 22.82 -71.87
C PRO W 170 19.41 23.41 -73.22
N VAL W 171 20.05 24.58 -73.18
CA VAL W 171 20.49 25.19 -74.43
C VAL W 171 21.98 24.99 -74.67
N ASN W 172 22.75 24.62 -73.65
CA ASN W 172 24.18 24.41 -73.84
C ASN W 172 24.68 23.41 -72.81
N ALA W 173 25.42 22.42 -73.27
CA ALA W 173 25.97 21.39 -72.41
C ALA W 173 27.35 20.99 -72.91
N TRP W 174 28.28 20.86 -71.97
CA TRP W 174 29.67 20.57 -72.32
C TRP W 174 30.38 19.99 -71.12
N ASP W 175 31.65 19.69 -71.29
CA ASP W 175 32.45 19.11 -70.23
C ASP W 175 33.90 19.58 -70.35
N ASP W 176 34.59 19.59 -69.21
CA ASP W 176 36.00 19.95 -69.17
C ASP W 176 36.89 18.77 -68.83
N GLY W 177 36.37 17.55 -68.89
CA GLY W 177 37.10 16.36 -68.51
C GLY W 177 36.86 15.91 -67.09
N ARG W 178 36.68 16.84 -66.16
CA ARG W 178 36.39 16.50 -64.78
C ARG W 178 34.96 16.83 -64.40
N PHE W 179 34.35 17.81 -65.07
CA PHE W 179 32.98 18.22 -64.85
C PHE W 179 32.20 18.15 -66.16
N THR W 180 30.88 18.07 -66.04
CA THR W 180 29.98 18.22 -67.16
C THR W 180 28.97 19.30 -66.82
N TYR W 181 28.74 20.22 -67.74
CA TYR W 181 27.94 21.41 -67.48
C TYR W 181 26.65 21.35 -68.29
N PHE W 182 25.62 22.03 -67.82
CA PHE W 182 24.41 22.27 -68.57
C PHE W 182 24.00 23.72 -68.36
N LYS W 183 23.43 24.33 -69.39
CA LYS W 183 22.94 25.71 -69.29
C LYS W 183 21.47 25.76 -69.69
N PHE W 184 20.65 26.31 -68.80
CA PHE W 184 19.23 26.48 -69.05
C PHE W 184 18.93 27.97 -69.14
N SER W 185 17.99 28.32 -70.01
CA SER W 185 17.60 29.71 -70.12
C SER W 185 16.93 30.17 -68.83
N ALA W 186 16.64 31.48 -68.77
CA ALA W 186 16.13 32.05 -67.53
C ALA W 186 14.75 31.53 -67.19
N ASN W 187 13.96 31.19 -68.20
CA ASN W 187 12.54 30.91 -68.01
C ASN W 187 12.24 29.45 -67.68
N ALA W 188 13.23 28.57 -67.70
CA ALA W 188 12.97 27.14 -67.56
C ALA W 188 13.26 26.68 -66.15
N ASP W 189 12.57 25.62 -65.74
CA ASP W 189 12.81 25.04 -64.43
C ASP W 189 14.09 24.22 -64.47
N LEU W 190 14.71 24.03 -63.31
CA LEU W 190 15.90 23.20 -63.24
C LEU W 190 15.51 21.76 -62.99
N PRO W 191 15.78 20.86 -63.92
CA PRO W 191 15.39 19.46 -63.74
C PRO W 191 16.30 18.74 -62.75
N SER W 192 16.11 17.44 -62.62
CA SER W 192 16.95 16.61 -61.79
C SER W 192 17.77 15.68 -62.67
N ILE W 193 19.09 15.74 -62.53
CA ILE W 193 20.03 15.07 -63.43
C ILE W 193 20.43 13.75 -62.81
N TYR W 194 20.37 12.68 -63.61
CA TYR W 194 20.67 11.35 -63.12
C TYR W 194 21.72 10.68 -63.97
N PHE W 195 22.55 9.87 -63.33
CA PHE W 195 23.71 9.26 -63.96
C PHE W 195 23.34 7.84 -64.40
N VAL W 196 23.76 7.48 -65.60
CA VAL W 196 23.35 6.25 -66.25
C VAL W 196 24.57 5.36 -66.44
N ASP W 197 24.43 4.09 -66.08
CA ASP W 197 25.48 3.12 -66.34
C ASP W 197 25.24 2.45 -67.70
N ALA W 198 25.95 1.37 -67.98
CA ALA W 198 25.85 0.74 -69.28
C ALA W 198 24.47 0.13 -69.50
N GLU W 199 23.94 -0.59 -68.52
CA GLU W 199 22.70 -1.32 -68.70
C GLU W 199 21.49 -0.42 -68.93
N GLY W 200 21.59 0.87 -68.66
CA GLY W 200 20.45 1.75 -68.70
C GLY W 200 19.84 2.08 -67.36
N ASN W 201 20.45 1.63 -66.27
CA ASN W 201 19.96 1.98 -64.94
C ASN W 201 20.25 3.44 -64.65
N GLU W 202 19.59 3.96 -63.63
CA GLU W 202 19.76 5.34 -63.23
C GLU W 202 20.37 5.39 -61.83
N SER W 203 21.07 6.47 -61.54
CA SER W 203 21.69 6.62 -60.24
C SER W 203 22.06 8.07 -59.98
N LEU W 204 22.21 8.40 -58.71
CA LEU W 204 22.44 9.77 -58.31
C LEU W 204 23.87 10.21 -58.61
N VAL W 205 24.07 11.52 -58.57
CA VAL W 205 25.40 12.11 -58.70
C VAL W 205 25.37 13.43 -57.94
N PRO W 206 26.43 13.77 -57.20
CA PRO W 206 26.47 15.09 -56.59
C PRO W 206 26.36 16.16 -57.66
N ARG W 207 25.63 17.23 -57.33
CA ARG W 207 25.42 18.33 -58.26
C ARG W 207 25.62 19.64 -57.54
N THR W 208 25.99 20.65 -58.30
CA THR W 208 26.21 21.99 -57.77
C THR W 208 25.91 23.01 -58.85
N THR W 209 25.14 24.02 -58.50
CA THR W 209 24.73 25.06 -59.43
C THR W 209 25.74 26.19 -59.38
N VAL W 210 26.24 26.60 -60.53
CA VAL W 210 27.24 27.65 -60.59
C VAL W 210 26.85 28.61 -61.71
N GLY W 211 27.67 29.63 -61.92
CA GLY W 211 27.38 30.62 -62.94
C GLY W 211 26.82 31.90 -62.35
N SER W 212 26.68 32.90 -63.22
CA SER W 212 26.25 34.21 -62.75
C SER W 212 24.86 34.16 -62.14
N SER W 213 23.92 33.48 -62.80
CA SER W 213 22.53 33.49 -62.39
C SER W 213 22.00 32.09 -62.13
N ASN W 214 22.87 31.18 -61.70
CA ASN W 214 22.47 29.80 -61.40
C ASN W 214 21.83 29.12 -62.60
N ASN W 215 22.10 29.65 -63.80
CA ASN W 215 21.63 29.02 -65.01
C ASN W 215 22.60 27.99 -65.55
N ILE W 216 23.51 27.50 -64.72
CA ILE W 216 24.45 26.45 -65.09
C ILE W 216 24.53 25.45 -63.96
N ILE W 217 24.10 24.22 -64.22
CA ILE W 217 24.16 23.15 -63.25
C ILE W 217 25.36 22.28 -63.60
N ALA W 218 26.15 21.93 -62.58
CA ALA W 218 27.41 21.23 -62.78
C ALA W 218 27.31 19.85 -62.17
N VAL W 219 27.93 18.88 -62.82
CA VAL W 219 27.91 17.49 -62.37
C VAL W 219 29.35 17.01 -62.25
N HIS W 220 29.57 16.05 -61.35
CA HIS W 220 30.92 15.67 -60.93
C HIS W 220 31.42 14.40 -61.60
N LYS W 221 31.05 14.15 -62.86
CA LYS W 221 31.71 13.11 -63.64
C LYS W 221 31.36 13.33 -65.10
N VAL W 222 32.19 12.80 -65.97
CA VAL W 222 31.92 12.73 -67.40
C VAL W 222 31.39 11.34 -67.69
N ASN W 223 30.34 11.26 -68.50
CA ASN W 223 29.74 9.97 -68.81
C ASN W 223 29.14 10.01 -70.21
N PRO W 224 29.07 8.87 -70.89
CA PRO W 224 28.39 8.85 -72.20
C PRO W 224 26.93 9.21 -72.13
N LYS W 225 26.22 8.83 -71.07
CA LYS W 225 24.77 8.88 -71.03
C LYS W 225 24.29 9.66 -69.82
N TRP W 226 23.53 10.71 -70.06
CA TRP W 226 22.89 11.48 -69.01
C TRP W 226 21.38 11.43 -69.17
N MET W 227 20.70 11.47 -68.03
CA MET W 227 19.23 11.45 -67.99
C MET W 227 18.73 12.76 -67.39
N ILE W 228 17.71 13.33 -68.01
CA ILE W 228 17.10 14.57 -67.55
C ILE W 228 15.63 14.29 -67.29
N ARG W 229 15.20 14.47 -66.04
CA ARG W 229 13.81 14.22 -65.66
C ARG W 229 13.23 15.45 -64.99
N LEU W 230 11.94 15.68 -65.22
CA LEU W 230 11.17 16.67 -64.47
C LEU W 230 9.73 16.18 -64.41
N GLY W 231 9.32 15.71 -63.25
CA GLY W 231 7.99 15.16 -63.11
C GLY W 231 7.79 13.94 -63.99
N ASN W 232 6.98 14.09 -65.02
CA ASN W 232 6.66 13.01 -65.94
C ASN W 232 7.25 13.26 -67.32
N ARG W 233 8.09 14.27 -67.45
CA ARG W 233 8.77 14.58 -68.70
C ARG W 233 10.24 14.23 -68.56
N ALA W 234 10.70 13.32 -69.42
CA ALA W 234 12.04 12.77 -69.30
C ALA W 234 12.82 13.00 -70.58
N LEU W 235 14.10 13.32 -70.42
CA LEU W 235 14.99 13.57 -71.54
C LEU W 235 16.31 12.86 -71.29
N ALA W 236 16.92 12.39 -72.37
CA ALA W 236 18.21 11.70 -72.28
C ALA W 236 19.27 12.50 -73.02
N ILE W 237 20.41 12.69 -72.37
CA ILE W 237 21.56 13.37 -72.95
C ILE W 237 22.60 12.33 -73.35
N PHE W 238 23.01 12.38 -74.61
CA PHE W 238 23.99 11.45 -75.17
C PHE W 238 25.31 12.18 -75.33
N ASN W 239 26.40 11.53 -74.92
CA ASN W 239 27.73 12.06 -75.15
C ASN W 239 28.44 11.12 -76.13
N GLU W 240 28.87 11.64 -77.27
CA GLU W 240 29.52 10.82 -78.28
C GLU W 240 31.02 10.98 -78.34
N ALA W 241 31.64 11.60 -77.34
CA ALA W 241 33.09 11.73 -77.30
C ALA W 241 33.60 11.39 -75.91
N TYR W 242 32.94 10.43 -75.28
CA TYR W 242 33.33 10.00 -73.94
C TYR W 242 34.75 9.46 -73.96
N ASP W 243 35.65 10.12 -73.25
CA ASP W 243 37.04 9.73 -73.26
C ASP W 243 37.35 8.95 -72.00
N PRO W 244 37.59 7.63 -72.09
CA PRO W 244 37.81 6.86 -70.87
C PRO W 244 38.98 7.33 -70.04
N ASN W 245 40.08 7.73 -70.68
CA ASN W 245 41.28 8.07 -69.93
C ASN W 245 41.08 9.32 -69.07
N GLY W 246 40.48 10.36 -69.66
CA GLY W 246 40.29 11.61 -68.94
C GLY W 246 41.62 12.22 -68.50
N VAL W 247 41.50 13.25 -67.67
CA VAL W 247 42.65 13.92 -67.07
C VAL W 247 42.77 13.46 -65.63
N PRO W 248 43.91 12.90 -65.23
CA PRO W 248 44.05 12.43 -63.84
C PRO W 248 44.02 13.60 -62.87
N ASN W 249 43.60 13.30 -61.65
CA ASN W 249 43.45 14.30 -60.60
C ASN W 249 44.67 14.21 -59.68
N ASP W 250 45.76 14.81 -60.12
CA ASP W 250 47.00 14.76 -59.36
C ASP W 250 47.02 15.71 -58.17
N THR W 251 46.24 16.80 -58.22
CA THR W 251 46.33 17.85 -57.22
C THR W 251 45.39 17.66 -56.04
N GLY W 252 44.24 17.04 -56.24
CA GLY W 252 43.25 16.91 -55.19
C GLY W 252 42.29 18.07 -55.09
N THR W 253 42.20 18.93 -56.10
CA THR W 253 41.26 20.04 -56.12
C THR W 253 40.55 20.08 -57.45
N ALA W 254 39.63 21.03 -57.57
CA ALA W 254 38.93 21.23 -58.83
C ALA W 254 39.76 21.97 -59.85
N SER W 255 40.94 22.46 -59.47
CA SER W 255 41.79 23.15 -60.40
C SER W 255 43.22 22.62 -60.31
N PRO W 256 43.99 22.67 -61.40
CA PRO W 256 45.39 22.24 -61.35
C PRO W 256 46.32 23.23 -60.68
N ALA W 257 45.80 24.33 -60.13
CA ALA W 257 46.62 25.40 -59.59
C ALA W 257 46.72 25.38 -58.08
N VAL W 258 46.07 24.43 -57.40
CA VAL W 258 46.07 24.36 -55.95
C VAL W 258 46.25 22.92 -55.52
N ARG W 259 47.09 22.69 -54.51
CA ARG W 259 47.19 21.37 -53.91
C ARG W 259 46.32 21.28 -52.67
N ARG W 260 46.33 20.11 -52.05
CA ARG W 260 45.56 19.84 -50.85
C ARG W 260 46.44 19.05 -49.88
N VAL W 261 47.04 19.74 -48.92
CA VAL W 261 48.01 19.11 -48.03
C VAL W 261 47.39 18.94 -46.65
N ASN W 262 47.87 17.94 -45.92
CA ASN W 262 47.29 17.57 -44.64
C ASN W 262 47.74 18.55 -43.57
N LYS W 263 46.87 19.47 -43.20
CA LYS W 263 47.15 20.40 -42.12
C LYS W 263 47.21 19.70 -40.77
N GLY W 264 46.37 18.69 -40.57
CA GLY W 264 46.22 18.09 -39.26
C GLY W 264 47.47 17.41 -38.75
N GLY W 265 48.35 16.97 -39.63
CA GLY W 265 49.54 16.26 -39.21
C GLY W 265 49.25 15.02 -38.40
N ASN W 266 49.90 14.91 -37.24
CA ASN W 266 49.76 13.77 -36.32
C ASN W 266 50.29 12.47 -36.91
N CYS X 17 2.94 -10.75 -58.51
CA CYS X 17 2.05 -10.70 -59.67
C CYS X 17 1.87 -9.28 -60.17
N ALA X 18 2.08 -8.30 -59.28
CA ALA X 18 1.98 -6.89 -59.62
C ALA X 18 3.25 -6.20 -59.13
N SER X 19 3.81 -5.32 -59.97
CA SER X 19 5.11 -4.73 -59.71
C SER X 19 5.06 -3.23 -59.96
N ALA X 20 5.97 -2.52 -59.29
CA ALA X 20 5.95 -1.06 -59.31
C ALA X 20 6.19 -0.55 -60.72
N PRO X 21 5.55 0.55 -61.11
CA PRO X 21 5.77 1.08 -62.46
C PRO X 21 7.16 1.68 -62.59
N LYS X 22 7.66 1.65 -63.80
CA LYS X 22 8.93 2.30 -64.10
C LYS X 22 8.67 3.73 -64.56
N PRO X 23 9.60 4.64 -64.28
CA PRO X 23 9.47 6.00 -64.82
C PRO X 23 9.56 5.98 -66.33
N LYS X 24 9.03 7.04 -66.94
CA LYS X 24 8.95 7.08 -68.40
C LYS X 24 10.34 6.99 -69.01
N GLN X 25 10.47 6.14 -70.02
CA GLN X 25 11.70 6.01 -70.78
C GLN X 25 11.65 6.92 -71.98
N PRO X 26 12.63 7.79 -72.16
CA PRO X 26 12.54 8.82 -73.20
C PRO X 26 12.55 8.21 -74.58
N SER X 27 11.94 8.93 -75.53
CA SER X 27 11.93 8.50 -76.91
C SER X 27 13.33 8.55 -77.49
N ASP X 28 13.69 7.53 -78.26
CA ASP X 28 15.02 7.39 -78.84
C ASP X 28 14.99 7.57 -80.35
N PHE X 29 14.05 8.35 -80.86
CA PHE X 29 13.90 8.52 -82.31
C PHE X 29 14.50 9.80 -82.84
N ASN X 30 14.06 10.95 -82.33
CA ASN X 30 14.44 12.24 -82.90
C ASN X 30 15.63 12.84 -82.16
N ARG X 31 16.79 12.27 -82.42
CA ARG X 31 18.05 12.69 -81.79
C ARG X 31 18.62 13.86 -82.58
N GLU X 32 18.94 14.95 -81.88
CA GLU X 32 19.47 16.15 -82.51
C GLU X 32 20.57 16.72 -81.63
N PRO X 33 21.43 17.57 -82.18
CA PRO X 33 22.49 18.17 -81.37
C PRO X 33 21.93 19.07 -80.29
N VAL X 34 22.65 19.10 -79.16
CA VAL X 34 22.24 19.98 -78.06
C VAL X 34 22.73 21.40 -78.30
N ASN X 35 24.05 21.58 -78.36
CA ASN X 35 24.65 22.91 -78.42
C ASN X 35 24.48 23.45 -79.83
N LYS X 36 23.38 24.15 -80.08
CA LYS X 36 23.16 24.76 -81.38
C LYS X 36 24.27 25.76 -81.71
N THR X 37 24.76 26.49 -80.71
CA THR X 37 25.85 27.43 -80.90
C THR X 37 26.68 27.42 -79.62
N VAL X 38 27.96 27.75 -79.77
CA VAL X 38 28.94 27.58 -78.69
C VAL X 38 28.52 28.44 -77.49
N PRO X 39 28.71 27.95 -76.27
CA PRO X 39 28.30 28.74 -75.09
C PRO X 39 29.20 29.94 -74.88
N VAL X 40 28.65 30.94 -74.19
CA VAL X 40 29.40 32.15 -73.91
C VAL X 40 30.45 31.96 -72.83
N GLU X 41 30.15 31.18 -71.79
CA GLU X 41 31.09 31.03 -70.67
C GLU X 41 32.40 30.39 -71.12
N ILE X 42 32.42 29.76 -72.28
CA ILE X 42 33.63 29.15 -72.82
C ILE X 42 34.44 30.25 -73.52
N GLN X 43 34.00 31.50 -73.34
CA GLN X 43 34.66 32.66 -73.94
C GLN X 43 34.62 32.57 -75.46
N ARG X 44 33.55 31.96 -75.97
CA ARG X 44 33.36 31.83 -77.41
C ARG X 44 31.90 32.11 -77.75
N LYS Y 135 41.25 74.49 9.09
CA LYS Y 135 40.62 73.78 7.99
C LYS Y 135 39.71 74.71 7.20
N THR Y 136 40.27 75.43 6.25
CA THR Y 136 39.47 76.33 5.42
C THR Y 136 38.50 75.51 4.57
N PRO Y 137 37.38 76.11 4.15
CA PRO Y 137 36.41 75.37 3.34
C PRO Y 137 37.02 74.78 2.08
N TYR Y 138 37.97 75.48 1.46
CA TYR Y 138 38.59 74.96 0.25
C TYR Y 138 39.33 73.67 0.53
N GLU Y 139 40.02 73.59 1.67
CA GLU Y 139 40.67 72.35 2.07
C GLU Y 139 39.63 71.24 2.23
N LEU Y 140 38.48 71.58 2.83
CA LEU Y 140 37.41 70.60 2.98
C LEU Y 140 36.98 70.06 1.62
N ALA Y 141 36.80 70.95 0.65
CA ALA Y 141 36.40 70.52 -0.68
C ALA Y 141 37.46 69.63 -1.31
N ARG Y 142 38.73 70.04 -1.21
CA ARG Y 142 39.78 69.25 -1.83
C ARG Y 142 39.84 67.85 -1.23
N GLU Y 143 39.81 67.74 0.10
CA GLU Y 143 39.86 66.43 0.71
C GLU Y 143 38.61 65.62 0.39
N ARG Y 144 37.48 66.30 0.17
CA ARG Y 144 36.26 65.58 -0.21
C ARG Y 144 36.41 64.96 -1.59
N MET Y 145 36.85 65.75 -2.58
CA MET Y 145 37.09 65.16 -3.89
C MET Y 145 38.17 64.08 -3.82
N LEU Y 146 39.09 64.20 -2.88
CA LEU Y 146 40.03 63.10 -2.65
C LEU Y 146 39.32 61.85 -2.14
N ARG Y 147 38.31 62.03 -1.29
CA ARG Y 147 37.63 60.85 -0.74
C ARG Y 147 36.53 60.36 -1.66
N SER Y 148 36.15 61.17 -2.64
CA SER Y 148 34.92 60.92 -3.39
C SER Y 148 35.00 59.61 -4.17
N GLY Y 149 33.85 58.93 -4.24
CA GLY Y 149 33.69 57.81 -5.15
C GLY Y 149 33.19 58.27 -6.50
N LEU Y 150 32.98 57.29 -7.38
CA LEU Y 150 32.42 57.59 -8.69
C LEU Y 150 30.92 57.35 -8.73
N THR Y 151 30.47 56.21 -8.22
CA THR Y 151 29.06 55.87 -8.15
C THR Y 151 28.60 56.05 -6.72
N ALA Y 152 27.68 57.00 -6.51
CA ALA Y 152 27.21 57.30 -5.17
C ALA Y 152 26.05 56.39 -4.80
N GLY Y 153 26.29 55.46 -3.89
CA GLY Y 153 25.26 54.53 -3.44
C GLY Y 153 24.75 53.61 -4.54
N GLY Y 177 -36.42 20.42 7.10
CA GLY Y 177 -35.16 19.96 6.56
C GLY Y 177 -35.03 20.19 5.07
N GLY Y 178 -34.46 19.22 4.36
CA GLY Y 178 -34.28 19.33 2.93
C GLY Y 178 -34.51 18.02 2.20
N GLY Y 179 -35.20 17.09 2.86
CA GLY Y 179 -35.39 15.76 2.31
C GLY Y 179 -36.28 15.75 1.08
N GLY Y 180 -36.79 14.55 0.77
CA GLY Y 180 -37.54 14.38 -0.45
C GLY Y 180 -36.67 14.63 -1.66
N GLY Y 181 -35.47 14.03 -1.64
CA GLY Y 181 -34.40 14.47 -2.52
C GLY Y 181 -34.80 14.56 -3.97
N GLU Y 182 -35.60 13.60 -4.44
CA GLU Y 182 -35.95 13.59 -5.86
C GLU Y 182 -36.69 14.87 -6.25
N LEU Y 183 -37.88 15.08 -5.68
CA LEU Y 183 -38.58 16.31 -6.00
C LEU Y 183 -37.87 17.52 -5.42
N ALA Y 184 -37.10 17.33 -4.36
CA ALA Y 184 -36.28 18.45 -3.88
C ALA Y 184 -35.31 18.91 -4.94
N GLU Y 185 -34.50 18.00 -5.47
CA GLU Y 185 -33.51 18.40 -6.47
C GLU Y 185 -34.14 18.86 -7.77
N LYS Y 186 -35.24 18.25 -8.20
CA LYS Y 186 -35.84 18.71 -9.44
C LYS Y 186 -36.37 20.12 -9.35
N LEU Y 187 -36.53 20.65 -8.15
CA LEU Y 187 -37.03 22.01 -7.97
C LEU Y 187 -35.93 23.01 -7.68
N GLN Y 188 -34.66 22.60 -7.74
CA GLN Y 188 -33.58 23.55 -7.53
C GLN Y 188 -33.63 24.64 -8.58
N PRO Y 189 -33.57 25.90 -8.20
CA PRO Y 189 -33.70 26.97 -9.19
C PRO Y 189 -32.47 27.06 -10.07
N MET Y 190 -32.69 27.58 -11.27
CA MET Y 190 -31.61 27.95 -12.19
C MET Y 190 -31.57 29.47 -12.26
N ARG Y 191 -30.50 30.04 -11.74
CA ARG Y 191 -30.35 31.50 -11.73
C ARG Y 191 -29.27 31.86 -12.73
N LEU Y 192 -29.63 32.67 -13.71
CA LEU Y 192 -28.70 33.12 -14.73
C LEU Y 192 -28.47 34.60 -14.57
N SER Y 193 -27.21 34.98 -14.40
CA SER Y 193 -26.88 36.37 -14.15
C SER Y 193 -27.27 37.24 -15.33
N GLY Y 194 -27.60 38.49 -15.04
CA GLY Y 194 -27.90 39.44 -16.08
C GLY Y 194 -26.65 39.85 -16.82
N SER Y 195 -26.86 40.53 -17.94
CA SER Y 195 -25.76 41.01 -18.76
C SER Y 195 -26.01 42.47 -19.12
N SER Y 196 -24.92 43.22 -19.23
CA SER Y 196 -24.99 44.65 -19.45
C SER Y 196 -24.40 44.96 -20.81
N ALA Y 197 -24.98 45.94 -21.49
CA ALA Y 197 -24.55 46.24 -22.84
C ALA Y 197 -23.49 47.33 -22.84
N GLY Y 198 -22.32 47.00 -23.38
CA GLY Y 198 -21.28 47.96 -23.65
C GLY Y 198 -21.36 48.46 -25.09
N ARG Y 199 -20.39 49.28 -25.44
CA ARG Y 199 -20.34 49.84 -26.78
C ARG Y 199 -19.00 49.51 -27.41
N LEU Y 200 -19.00 49.29 -28.72
CA LEU Y 200 -17.77 49.09 -29.45
C LEU Y 200 -16.98 50.38 -29.50
N GLY Y 201 -15.66 50.28 -29.43
CA GLY Y 201 -14.82 51.45 -29.35
C GLY Y 201 -14.87 52.33 -30.59
N ASN Y 202 -14.33 51.83 -31.70
CA ASN Y 202 -14.30 52.57 -32.95
C ASN Y 202 -14.68 51.60 -34.05
N ARG Y 203 -15.90 51.70 -34.55
CA ARG Y 203 -16.42 50.77 -35.54
C ARG Y 203 -15.66 50.81 -36.85
N ASP Y 204 -15.03 51.95 -37.19
CA ASP Y 204 -14.30 52.03 -38.44
C ASP Y 204 -13.12 51.10 -38.49
N MET Y 205 -12.31 51.03 -37.45
CA MET Y 205 -11.08 50.26 -37.45
C MET Y 205 -11.29 48.92 -36.77
N LEU Y 206 -12.50 48.39 -36.85
CA LEU Y 206 -12.85 47.18 -36.12
C LEU Y 206 -13.57 46.22 -37.05
N ILE Y 207 -13.36 44.93 -36.81
CA ILE Y 207 -14.09 43.86 -37.49
C ILE Y 207 -14.65 42.94 -36.41
N THR Y 208 -15.96 42.72 -36.43
CA THR Y 208 -16.63 42.01 -35.36
C THR Y 208 -16.91 40.57 -35.77
N GLN Y 209 -17.37 39.78 -34.79
CA GLN Y 209 -17.69 38.39 -35.05
C GLN Y 209 -18.71 38.28 -36.16
N GLY Y 210 -18.72 37.14 -36.83
CA GLY Y 210 -19.76 36.87 -37.81
C GLY Y 210 -19.63 37.63 -39.10
N THR Y 211 -18.60 38.46 -39.26
CA THR Y 211 -18.33 39.04 -40.57
C THR Y 211 -17.84 37.92 -41.48
N GLN Y 212 -18.10 38.04 -42.77
CA GLN Y 212 -17.88 36.92 -43.68
C GLN Y 212 -16.69 37.19 -44.60
N LEU Y 213 -15.60 36.48 -44.35
CA LEU Y 213 -14.44 36.49 -45.22
C LEU Y 213 -14.63 35.38 -46.25
N ASP Y 214 -14.56 35.74 -47.52
CA ASP Y 214 -14.95 34.86 -48.60
C ASP Y 214 -13.81 34.69 -49.60
N CYS Y 215 -13.00 33.65 -49.39
CA CYS Y 215 -11.75 33.45 -50.10
C CYS Y 215 -11.85 32.22 -51.00
N VAL Y 216 -11.03 32.22 -52.05
CA VAL Y 216 -10.93 31.13 -53.00
C VAL Y 216 -9.69 30.31 -52.67
N LEU Y 217 -9.83 28.99 -52.66
CA LEU Y 217 -8.80 28.12 -52.14
C LEU Y 217 -7.68 27.97 -53.17
N GLU Y 218 -6.42 27.99 -52.71
CA GLU Y 218 -5.35 27.57 -53.60
C GLU Y 218 -5.21 26.07 -53.65
N THR Y 219 -4.84 25.47 -52.52
CA THR Y 219 -4.39 24.09 -52.54
C THR Y 219 -5.57 23.13 -52.58
N ARG Y 220 -5.52 22.22 -53.53
CA ARG Y 220 -6.36 21.04 -53.48
C ARG Y 220 -6.15 20.36 -52.14
N LEU Y 221 -7.19 19.75 -51.61
CA LEU Y 221 -7.16 19.26 -50.25
C LEU Y 221 -7.41 17.75 -50.27
N VAL Y 222 -6.54 17.01 -49.62
CA VAL Y 222 -6.74 15.59 -49.37
C VAL Y 222 -6.39 15.36 -47.92
N THR Y 223 -7.36 14.85 -47.15
CA THR Y 223 -7.21 14.80 -45.70
C THR Y 223 -6.60 13.50 -45.22
N THR Y 224 -5.89 12.77 -46.08
CA THR Y 224 -5.30 11.51 -45.64
C THR Y 224 -4.26 11.76 -44.56
N GLN Y 225 -3.53 12.85 -44.67
CA GLN Y 225 -2.53 13.25 -43.69
C GLN Y 225 -2.80 14.66 -43.21
N PRO Y 226 -2.44 14.99 -41.97
CA PRO Y 226 -2.53 16.38 -41.55
C PRO Y 226 -1.63 17.26 -42.40
N GLY Y 227 -2.12 18.45 -42.74
CA GLY Y 227 -1.37 19.34 -43.59
C GLY Y 227 -1.74 20.77 -43.30
N MET Y 228 -1.57 21.61 -44.31
CA MET Y 228 -2.04 23.00 -44.25
C MET Y 228 -2.75 23.36 -45.52
N THR Y 229 -3.36 24.53 -45.53
CA THR Y 229 -4.06 25.04 -46.69
C THR Y 229 -3.67 26.50 -46.93
N THR Y 230 -4.34 27.10 -47.90
CA THR Y 230 -4.05 28.48 -48.25
C THR Y 230 -5.14 28.97 -49.19
N CYS Y 231 -5.62 30.19 -48.96
CA CYS Y 231 -6.64 30.76 -49.82
C CYS Y 231 -6.46 32.26 -49.90
N HIS Y 232 -7.02 32.85 -50.94
CA HIS Y 232 -6.94 34.28 -51.17
C HIS Y 232 -8.32 34.91 -51.09
N LEU Y 233 -8.44 35.96 -50.29
CA LEU Y 233 -9.70 36.66 -50.17
C LEU Y 233 -10.09 37.24 -51.53
N THR Y 234 -11.13 36.67 -52.13
CA THR Y 234 -11.53 37.06 -53.46
C THR Y 234 -12.02 38.48 -53.54
N ARG Y 235 -12.35 39.09 -52.41
CA ARG Y 235 -12.99 40.39 -52.37
C ARG Y 235 -12.37 41.23 -51.28
N ASP Y 236 -12.42 42.54 -51.49
CA ASP Y 236 -12.15 43.46 -50.40
C ASP Y 236 -13.18 43.27 -49.31
N VAL Y 237 -12.74 43.35 -48.06
CA VAL Y 237 -13.60 43.17 -46.90
C VAL Y 237 -13.65 44.47 -46.13
N TYR Y 238 -14.82 45.09 -46.10
CA TYR Y 238 -14.94 46.39 -45.47
C TYR Y 238 -15.10 46.25 -43.96
N SER Y 239 -15.20 47.39 -43.30
CA SER Y 239 -15.38 47.44 -41.86
C SER Y 239 -16.85 47.24 -41.49
N THR Y 240 -17.09 47.00 -40.20
CA THR Y 240 -18.47 46.96 -39.73
C THR Y 240 -19.19 48.26 -40.05
N SER Y 241 -18.48 49.38 -39.91
CA SER Y 241 -19.06 50.65 -40.32
C SER Y 241 -19.23 50.72 -41.83
N GLY Y 242 -18.66 49.79 -42.56
CA GLY Y 242 -18.82 49.79 -44.00
C GLY Y 242 -18.25 51.02 -44.66
N ARG Y 243 -17.10 51.49 -44.19
CA ARG Y 243 -16.49 52.65 -44.79
C ARG Y 243 -15.03 52.45 -45.18
N VAL Y 244 -14.25 51.70 -44.42
CA VAL Y 244 -12.83 51.55 -44.66
C VAL Y 244 -12.56 50.12 -45.11
N VAL Y 245 -11.67 49.95 -46.08
CA VAL Y 245 -11.27 48.63 -46.52
C VAL Y 245 -10.18 48.14 -45.59
N LEU Y 246 -10.43 47.04 -44.89
CA LEU Y 246 -9.47 46.62 -43.88
C LEU Y 246 -8.56 45.50 -44.36
N LEU Y 247 -9.05 44.64 -45.25
CA LEU Y 247 -8.25 43.55 -45.81
C LEU Y 247 -8.39 43.60 -47.32
N ASP Y 248 -7.38 44.12 -48.00
CA ASP Y 248 -7.46 44.29 -49.43
C ASP Y 248 -7.59 42.95 -50.13
N ARG Y 249 -8.29 42.95 -51.25
CA ARG Y 249 -8.56 41.72 -51.96
C ARG Y 249 -7.27 41.07 -52.42
N GLY Y 250 -7.29 39.75 -52.51
CA GLY Y 250 -6.10 39.01 -52.83
C GLY Y 250 -5.18 38.78 -51.66
N SER Y 251 -5.61 39.11 -50.45
CA SER Y 251 -4.80 38.83 -49.28
C SER Y 251 -4.66 37.33 -49.07
N LYS Y 252 -3.52 36.92 -48.55
CA LYS Y 252 -3.22 35.51 -48.36
C LYS Y 252 -3.76 35.08 -47.01
N VAL Y 253 -4.01 33.78 -46.86
CA VAL Y 253 -4.40 33.17 -45.61
C VAL Y 253 -3.54 31.93 -45.41
N VAL Y 254 -3.49 31.43 -44.18
CA VAL Y 254 -2.91 30.14 -43.89
C VAL Y 254 -3.79 29.46 -42.87
N GLY Y 255 -4.00 28.16 -43.05
CA GLY Y 255 -4.81 27.44 -42.10
C GLY Y 255 -4.54 25.96 -42.13
N PHE Y 256 -4.66 25.30 -40.99
CA PHE Y 256 -4.35 23.88 -40.95
C PHE Y 256 -5.56 23.11 -40.48
N TYR Y 257 -5.53 21.82 -40.74
CA TYR Y 257 -6.50 20.87 -40.23
C TYR Y 257 -5.75 19.63 -39.80
N GLN Y 258 -6.47 18.66 -39.27
CA GLN Y 258 -5.84 17.44 -38.80
C GLN Y 258 -6.93 16.47 -38.32
N GLY Y 259 -6.49 15.27 -37.99
CA GLY Y 259 -7.33 14.27 -37.40
C GLY Y 259 -8.11 13.42 -38.37
N GLY Y 260 -8.19 13.81 -39.63
CA GLY Y 260 -8.94 13.04 -40.58
C GLY Y 260 -10.43 13.07 -40.26
N LEU Y 261 -11.09 11.99 -40.65
CA LEU Y 261 -12.52 11.86 -40.46
C LEU Y 261 -12.85 10.70 -39.54
N ARG Y 262 -14.14 10.45 -39.39
CA ARG Y 262 -14.66 9.20 -38.87
C ARG Y 262 -15.80 8.75 -39.76
N GLN Y 263 -16.00 7.44 -39.82
CA GLN Y 263 -16.92 6.88 -40.80
C GLN Y 263 -18.29 7.51 -40.68
N GLY Y 264 -18.84 7.90 -41.82
CA GLY Y 264 -20.10 8.61 -41.85
C GLY Y 264 -19.97 10.10 -42.08
N GLN Y 265 -18.98 10.75 -41.50
CA GLN Y 265 -18.80 12.18 -41.65
C GLN Y 265 -18.49 12.50 -43.10
N ALA Y 266 -18.75 13.74 -43.51
CA ALA Y 266 -18.53 14.14 -44.89
C ALA Y 266 -17.91 15.53 -45.00
N ARG Y 267 -17.46 16.11 -43.90
CA ARG Y 267 -16.81 17.41 -43.93
C ARG Y 267 -15.67 17.41 -42.93
N ILE Y 268 -14.73 18.33 -43.11
CA ILE Y 268 -13.54 18.41 -42.28
C ILE Y 268 -13.42 19.80 -41.69
N PHE Y 269 -13.04 19.86 -40.42
CA PHE Y 269 -13.01 21.11 -39.68
C PHE Y 269 -11.64 21.76 -39.81
N VAL Y 270 -11.56 22.84 -40.58
CA VAL Y 270 -10.33 23.56 -40.82
C VAL Y 270 -10.43 24.92 -40.16
N GLN Y 271 -9.38 25.32 -39.46
CA GLN Y 271 -9.30 26.65 -38.89
C GLN Y 271 -8.30 27.43 -39.72
N TRP Y 272 -8.44 28.74 -39.73
CA TRP Y 272 -7.39 29.60 -40.28
C TRP Y 272 -6.61 30.19 -39.11
N SER Y 273 -5.40 30.61 -39.37
CA SER Y 273 -4.57 31.18 -38.32
C SER Y 273 -4.16 32.61 -38.60
N ARG Y 274 -3.63 32.89 -39.78
CA ARG Y 274 -3.14 34.23 -40.05
C ARG Y 274 -3.55 34.62 -41.45
N ILE Y 275 -3.71 35.91 -41.66
CA ILE Y 275 -3.84 36.47 -42.99
C ILE Y 275 -2.90 37.65 -43.11
N GLU Y 276 -2.42 37.92 -44.31
CA GLU Y 276 -1.49 39.00 -44.56
C GLU Y 276 -1.98 39.85 -45.71
N THR Y 277 -2.20 41.09 -45.45
CA THR Y 277 -2.50 42.07 -46.48
C THR Y 277 -1.32 42.14 -47.45
N PRO Y 278 -1.58 42.40 -48.73
CA PRO Y 278 -0.46 42.71 -49.62
C PRO Y 278 0.40 43.86 -49.13
N SER Y 279 -0.19 44.87 -48.52
CA SER Y 279 0.59 45.98 -47.99
C SER Y 279 1.34 45.60 -46.72
N GLY Y 280 1.05 44.46 -46.12
CA GLY Y 280 1.84 43.96 -45.02
C GLY Y 280 1.18 43.98 -43.66
N VAL Y 281 -0.12 43.80 -43.58
CA VAL Y 281 -0.81 43.77 -42.29
C VAL Y 281 -1.04 42.33 -41.87
N VAL Y 282 -0.73 42.02 -40.62
CA VAL Y 282 -0.82 40.66 -40.09
C VAL Y 282 -1.79 40.65 -38.92
N ILE Y 283 -2.69 39.68 -38.91
CA ILE Y 283 -3.69 39.54 -37.85
C ILE Y 283 -3.99 38.07 -37.63
N ASN Y 284 -4.12 37.70 -36.36
CA ASN Y 284 -4.27 36.29 -35.98
C ASN Y 284 -5.74 35.97 -35.76
N LEU Y 285 -6.51 35.88 -36.83
CA LEU Y 285 -7.89 35.43 -36.72
C LEU Y 285 -7.89 33.92 -36.71
N ASP Y 286 -8.54 33.34 -35.70
CA ASP Y 286 -8.61 31.89 -35.58
C ASP Y 286 -10.06 31.48 -35.74
N SER Y 287 -10.49 31.33 -36.97
CA SER Y 287 -11.90 31.11 -37.22
C SER Y 287 -12.11 29.88 -38.08
N PRO Y 288 -13.19 29.15 -37.84
CA PRO Y 288 -13.47 27.96 -38.65
C PRO Y 288 -13.81 28.33 -40.07
N GLY Y 289 -13.49 27.41 -40.98
CA GLY Y 289 -13.79 27.59 -42.39
C GLY Y 289 -15.07 26.86 -42.75
N THR Y 290 -15.63 27.23 -43.88
CA THR Y 290 -16.97 26.81 -44.26
C THR Y 290 -17.07 26.68 -45.77
N GLY Y 291 -18.05 25.90 -46.22
CA GLY Y 291 -18.42 25.89 -47.61
C GLY Y 291 -18.96 27.23 -48.06
N PRO Y 292 -19.50 27.26 -49.27
CA PRO Y 292 -19.98 28.54 -49.81
C PRO Y 292 -21.13 29.13 -49.02
N LEU Y 293 -21.84 28.31 -48.23
CA LEU Y 293 -23.02 28.77 -47.51
C LEU Y 293 -22.84 28.72 -46.01
N GLY Y 294 -21.62 28.71 -45.51
CA GLY Y 294 -21.39 28.83 -44.09
C GLY Y 294 -21.50 27.55 -43.31
N GLU Y 295 -21.84 26.44 -43.95
CA GLU Y 295 -21.89 25.18 -43.24
C GLU Y 295 -20.52 24.84 -42.67
N ALA Y 296 -20.51 24.37 -41.44
CA ALA Y 296 -19.25 24.19 -40.73
C ALA Y 296 -18.39 23.14 -41.40
N GLY Y 297 -17.09 23.42 -41.49
CA GLY Y 297 -16.14 22.50 -42.07
C GLY Y 297 -15.97 22.70 -43.56
N LEU Y 298 -15.08 21.89 -44.13
CA LEU Y 298 -14.91 21.83 -45.57
C LEU Y 298 -15.25 20.45 -46.08
N GLY Y 299 -15.88 20.40 -47.24
CA GLY Y 299 -16.33 19.15 -47.81
C GLY Y 299 -16.41 19.21 -49.32
N GLY Y 300 -16.29 18.04 -49.93
CA GLY Y 300 -16.37 17.89 -51.37
C GLY Y 300 -16.63 16.45 -51.68
N TRP Y 301 -16.05 15.97 -52.77
CA TRP Y 301 -16.15 14.56 -53.11
C TRP Y 301 -15.55 13.73 -52.00
N ILE Y 302 -16.10 12.54 -51.78
CA ILE Y 302 -15.69 11.68 -50.69
C ILE Y 302 -15.42 10.28 -51.24
N ASP Y 303 -14.49 9.58 -50.62
CA ASP Y 303 -14.24 8.18 -50.87
C ASP Y 303 -14.57 7.42 -49.60
N ARG Y 304 -15.18 6.24 -49.75
CA ARG Y 304 -15.47 5.40 -48.60
C ARG Y 304 -14.62 4.15 -48.56
N HIS Y 305 -13.75 3.95 -49.56
CA HIS Y 305 -12.89 2.79 -49.64
C HIS Y 305 -13.69 1.50 -49.49
N PHE Y 306 -14.79 1.43 -50.25
CA PHE Y 306 -15.66 0.26 -50.16
C PHE Y 306 -14.91 -1.02 -50.50
N TRP Y 307 -14.17 -1.00 -51.61
CA TRP Y 307 -13.42 -2.18 -52.00
C TRP Y 307 -12.36 -2.53 -50.97
N GLU Y 308 -11.52 -1.57 -50.59
CA GLU Y 308 -10.44 -1.87 -49.66
C GLU Y 308 -10.95 -2.34 -48.31
N ARG Y 309 -12.24 -2.14 -48.02
CA ARG Y 309 -12.82 -2.61 -46.77
C ARG Y 309 -13.49 -3.96 -46.87
N PHE Y 310 -14.23 -4.23 -47.95
CA PHE Y 310 -15.00 -5.46 -48.03
C PHE Y 310 -14.39 -6.54 -48.93
N GLY Y 311 -13.33 -6.23 -49.67
CA GLY Y 311 -12.77 -7.20 -50.59
C GLY Y 311 -12.27 -8.44 -49.90
N GLY Y 312 -11.72 -8.29 -48.69
CA GLY Y 312 -11.25 -9.46 -47.97
C GLY Y 312 -12.35 -10.48 -47.77
N ALA Y 313 -13.45 -10.06 -47.16
CA ALA Y 313 -14.55 -10.98 -46.89
C ALA Y 313 -15.14 -11.50 -48.19
N ILE Y 314 -15.32 -10.63 -49.18
CA ILE Y 314 -15.91 -11.07 -50.44
C ILE Y 314 -15.07 -12.16 -51.08
N MET Y 315 -13.75 -11.92 -51.19
CA MET Y 315 -12.88 -12.86 -51.86
C MET Y 315 -12.79 -14.17 -51.10
N ILE Y 316 -12.63 -14.11 -49.78
CA ILE Y 316 -12.51 -15.35 -49.02
C ILE Y 316 -13.78 -16.18 -49.15
N SER Y 317 -14.94 -15.55 -49.01
CA SER Y 317 -16.19 -16.28 -49.11
C SER Y 317 -16.37 -16.89 -50.50
N LEU Y 318 -16.09 -16.09 -51.54
CA LEU Y 318 -16.28 -16.58 -52.89
C LEU Y 318 -15.37 -17.77 -53.16
N ILE Y 319 -14.09 -17.68 -52.79
CA ILE Y 319 -13.17 -18.78 -53.02
C ILE Y 319 -13.59 -20.02 -52.24
N GLY Y 320 -13.96 -19.85 -50.97
CA GLY Y 320 -14.37 -21.00 -50.19
C GLY Y 320 -15.56 -21.72 -50.81
N ASP Y 321 -16.57 -20.96 -51.23
CA ASP Y 321 -17.75 -21.59 -51.81
C ASP Y 321 -17.43 -22.21 -53.17
N LEU Y 322 -16.59 -21.55 -53.97
CA LEU Y 322 -16.19 -22.11 -55.25
C LEU Y 322 -15.49 -23.45 -55.05
N GLY Y 323 -14.58 -23.51 -54.08
CA GLY Y 323 -13.91 -24.76 -53.79
C GLY Y 323 -14.86 -25.82 -53.28
N ASP Y 324 -15.83 -25.43 -52.47
CA ASP Y 324 -16.81 -26.40 -51.99
C ASP Y 324 -17.59 -26.98 -53.16
N TRP Y 325 -17.97 -26.13 -54.12
CA TRP Y 325 -18.66 -26.60 -55.30
C TRP Y 325 -17.80 -27.57 -56.10
N ALA Y 326 -16.53 -27.22 -56.28
CA ALA Y 326 -15.62 -28.11 -57.01
C ALA Y 326 -15.51 -29.45 -56.31
N SER Y 327 -15.38 -29.45 -54.99
CA SER Y 327 -15.29 -30.69 -54.24
C SER Y 327 -16.57 -31.52 -54.40
N ARG Y 328 -17.73 -30.87 -54.31
CA ARG Y 328 -18.98 -31.60 -54.49
C ARG Y 328 -19.10 -32.17 -55.89
N GLN Y 329 -18.44 -31.55 -56.86
CA GLN Y 329 -18.46 -32.11 -58.21
C GLN Y 329 -17.49 -33.33 -58.35
N GLY Y 330 -17.01 -33.85 -57.22
CA GLY Y 330 -16.01 -34.91 -57.28
C GLY Y 330 -16.51 -36.19 -57.94
N SER Y 331 -17.81 -36.44 -57.84
CA SER Y 331 -18.39 -37.66 -58.39
C SER Y 331 -18.25 -37.74 -59.91
N SER Y 349 -14.37 -17.71 -38.01
CA SER Y 349 -14.46 -18.00 -39.43
C SER Y 349 -13.65 -17.01 -40.26
N ALA Y 350 -13.30 -17.44 -41.47
CA ALA Y 350 -12.33 -16.69 -42.27
C ALA Y 350 -12.86 -15.33 -42.68
N ALA Y 351 -14.06 -15.28 -43.27
CA ALA Y 351 -14.59 -14.00 -43.72
C ALA Y 351 -14.79 -13.05 -42.55
N ALA Y 352 -15.27 -13.57 -41.43
CA ALA Y 352 -15.41 -12.73 -40.24
C ALA Y 352 -14.07 -12.17 -39.83
N GLU Y 353 -13.02 -13.00 -39.84
CA GLU Y 353 -11.71 -12.54 -39.44
C GLU Y 353 -11.20 -11.45 -40.37
N ALA Y 354 -11.43 -11.61 -41.67
CA ALA Y 354 -11.00 -10.59 -42.62
C ALA Y 354 -11.73 -9.28 -42.37
N LEU Y 355 -13.05 -9.34 -42.24
CA LEU Y 355 -13.84 -8.12 -42.18
C LEU Y 355 -13.63 -7.40 -40.85
N ARG Y 356 -13.35 -8.16 -39.78
CA ARG Y 356 -13.09 -7.52 -38.50
C ARG Y 356 -11.87 -6.63 -38.55
N ASN Y 357 -10.81 -7.07 -39.21
CA ASN Y 357 -9.60 -6.27 -39.31
C ASN Y 357 -9.67 -5.22 -40.39
N SER Y 358 -10.48 -5.42 -41.43
CA SER Y 358 -10.53 -4.47 -42.53
C SER Y 358 -11.84 -3.72 -42.63
N ILE Y 359 -12.60 -3.60 -41.55
CA ILE Y 359 -13.91 -2.94 -41.65
C ILE Y 359 -13.83 -1.46 -41.33
N ASN Y 360 -13.01 -1.07 -40.35
CA ASN Y 360 -13.02 0.30 -39.85
C ASN Y 360 -11.87 1.11 -40.43
N ILE Y 361 -12.07 1.54 -41.67
CA ILE Y 361 -11.09 2.32 -42.41
C ILE Y 361 -11.70 3.70 -42.64
N PRO Y 362 -11.25 4.74 -41.93
CA PRO Y 362 -11.90 6.04 -42.05
C PRO Y 362 -11.84 6.55 -43.48
N PRO Y 363 -12.92 7.17 -43.95
CA PRO Y 363 -12.91 7.74 -45.30
C PRO Y 363 -11.97 8.94 -45.39
N THR Y 364 -11.71 9.36 -46.62
CA THR Y 364 -10.75 10.41 -46.91
C THR Y 364 -11.35 11.43 -47.86
N LEU Y 365 -11.52 12.65 -47.37
CA LEU Y 365 -12.08 13.75 -48.16
C LEU Y 365 -11.16 14.11 -49.31
N TYR Y 366 -11.77 14.53 -50.42
CA TYR Y 366 -11.07 15.15 -51.53
C TYR Y 366 -11.80 16.43 -51.89
N LYS Y 367 -11.07 17.52 -52.05
CA LYS Y 367 -11.66 18.77 -52.50
C LYS Y 367 -10.83 19.33 -53.64
N ASN Y 368 -11.44 19.42 -54.81
CA ASN Y 368 -10.73 19.99 -55.95
C ASN Y 368 -10.34 21.43 -55.65
N GLN Y 369 -9.16 21.82 -56.13
CA GLN Y 369 -8.69 23.16 -55.92
C GLN Y 369 -9.54 24.17 -56.69
N GLY Y 370 -9.49 25.41 -56.26
CA GLY Y 370 -10.20 26.47 -56.96
C GLY Y 370 -11.64 26.67 -56.54
N GLU Y 371 -12.17 25.86 -55.64
CA GLU Y 371 -13.51 26.07 -55.14
C GLU Y 371 -13.56 27.31 -54.27
N ARG Y 372 -14.76 27.74 -53.93
CA ARG Y 372 -14.94 28.85 -53.02
C ARG Y 372 -15.13 28.33 -51.61
N VAL Y 373 -14.66 29.09 -50.63
CA VAL Y 373 -14.92 28.80 -49.22
C VAL Y 373 -15.17 30.13 -48.52
N ASN Y 374 -15.66 30.05 -47.29
CA ASN Y 374 -15.91 31.22 -46.49
C ASN Y 374 -15.27 31.08 -45.12
N ILE Y 375 -14.71 32.19 -44.64
CA ILE Y 375 -14.10 32.26 -43.33
C ILE Y 375 -15.09 32.97 -42.43
N LEU Y 376 -15.37 32.38 -41.29
CA LEU Y 376 -16.40 32.88 -40.38
C LEU Y 376 -15.72 33.49 -39.17
N VAL Y 377 -15.37 34.76 -39.26
CA VAL Y 377 -14.51 35.42 -38.27
C VAL Y 377 -15.09 35.19 -36.88
N ALA Y 378 -14.30 34.57 -36.02
CA ALA Y 378 -14.82 34.12 -34.73
C ALA Y 378 -14.31 34.93 -33.55
N ARG Y 379 -13.59 36.03 -33.78
CA ARG Y 379 -13.15 36.87 -32.68
C ARG Y 379 -13.02 38.29 -33.18
N ASP Y 380 -13.07 39.24 -32.25
CA ASP Y 380 -13.02 40.64 -32.60
C ASP Y 380 -11.63 41.01 -33.10
N LEU Y 381 -11.56 41.57 -34.30
CA LEU Y 381 -10.31 41.97 -34.91
C LEU Y 381 -10.15 43.47 -34.82
N ASP Y 382 -9.06 43.91 -34.20
CA ASP Y 382 -8.79 45.32 -33.99
C ASP Y 382 -7.81 45.81 -35.05
N PHE Y 383 -8.10 46.95 -35.65
CA PHE Y 383 -7.25 47.53 -36.68
C PHE Y 383 -6.93 48.98 -36.39
N SER Y 384 -6.96 49.38 -35.12
CA SER Y 384 -6.65 50.77 -34.81
C SER Y 384 -5.16 51.01 -34.69
N ASP Y 385 -4.36 49.95 -34.65
CA ASP Y 385 -2.93 50.09 -34.42
C ASP Y 385 -2.11 50.21 -35.70
N VAL Y 386 -2.71 50.05 -36.87
CA VAL Y 386 -1.95 50.09 -38.10
C VAL Y 386 -2.48 51.09 -39.13
N TYR Y 387 -3.76 51.43 -39.12
CA TYR Y 387 -4.30 52.37 -40.08
C TYR Y 387 -4.69 53.66 -39.37
N SER Y 388 -5.02 54.66 -40.20
CA SER Y 388 -5.68 55.87 -39.75
C SER Y 388 -6.25 56.55 -40.98
N LEU Y 389 -7.17 57.47 -40.78
CA LEU Y 389 -7.84 58.14 -41.88
C LEU Y 389 -7.36 59.57 -41.99
N GLU Y 390 -7.45 60.12 -43.20
CA GLU Y 390 -7.22 61.54 -43.42
C GLU Y 390 -8.21 62.07 -44.44
N SER Y 391 -8.54 63.34 -44.31
CA SER Y 391 -9.33 64.02 -45.32
C SER Y 391 -8.50 64.24 -46.58
N ILE Y 392 -9.18 64.57 -47.66
CA ILE Y 392 -8.52 64.82 -48.94
C ILE Y 392 -8.88 66.21 -49.43
N PRO Y 393 -7.93 66.96 -49.98
CA PRO Y 393 -8.28 68.24 -50.61
C PRO Y 393 -9.22 68.03 -51.78
N THR Y 394 -10.08 69.01 -52.02
CA THR Y 394 -11.04 68.92 -53.12
C THR Y 394 -10.33 69.06 -54.46
N LYS Y 395 -10.90 68.42 -55.48
CA LYS Y 395 -10.37 68.48 -56.85
C LYS Y 395 -8.91 68.04 -56.90
N LEU Z 21 31.75 75.12 -24.12
CA LEU Z 21 30.90 75.50 -22.99
C LEU Z 21 29.58 76.05 -23.50
N ASP Z 22 28.54 75.22 -23.44
CA ASP Z 22 27.22 75.64 -23.91
C ASP Z 22 26.38 76.14 -22.74
N VAL Z 23 25.85 77.35 -22.87
CA VAL Z 23 24.96 77.94 -21.88
C VAL Z 23 23.53 77.71 -22.36
N PRO Z 24 22.64 77.20 -21.52
CA PRO Z 24 21.25 77.00 -21.95
C PRO Z 24 20.56 78.32 -22.22
N SER Z 25 19.65 78.31 -23.18
CA SER Z 25 18.91 79.49 -23.58
C SER Z 25 17.61 79.56 -22.80
N SER Z 26 17.45 80.62 -22.01
CA SER Z 26 16.30 80.73 -21.12
C SER Z 26 15.02 80.93 -21.90
N SER Z 27 13.93 80.44 -21.33
CA SER Z 27 12.61 80.67 -21.89
C SER Z 27 12.20 82.12 -21.68
N ARG Z 28 11.36 82.62 -22.57
CA ARG Z 28 10.82 83.97 -22.45
C ARG Z 28 9.77 84.06 -21.35
N TYR Z 29 9.36 82.94 -20.76
CA TYR Z 29 8.33 82.97 -19.73
C TYR Z 29 8.93 83.12 -18.35
N ASP Z 30 9.79 82.18 -17.97
CA ASP Z 30 10.56 82.27 -16.73
C ASP Z 30 11.98 81.77 -16.98
N HIS Z 31 12.94 82.49 -16.41
CA HIS Z 31 14.35 82.15 -16.59
C HIS Z 31 14.72 80.80 -16.00
N ARG Z 32 13.91 80.24 -15.13
CA ARG Z 32 14.24 78.99 -14.45
C ARG Z 32 14.16 77.78 -15.37
N ILE Z 33 13.56 77.92 -16.54
CA ILE Z 33 13.51 76.85 -17.53
C ILE Z 33 14.27 77.33 -18.76
N ARG Z 34 15.33 76.60 -19.12
CA ARG Z 34 16.22 77.02 -20.19
C ARG Z 34 16.42 75.89 -21.18
N TYR Z 35 16.72 76.27 -22.42
CA TYR Z 35 16.81 75.35 -23.55
C TYR Z 35 18.24 75.29 -24.06
N VAL Z 36 18.67 74.10 -24.46
CA VAL Z 36 19.99 73.90 -25.05
C VAL Z 36 19.96 72.66 -25.93
N THR Z 37 20.65 72.75 -27.07
CA THR Z 37 20.67 71.65 -28.04
C THR Z 37 21.94 70.85 -27.86
N TYR Z 38 21.82 69.53 -27.86
CA TYR Z 38 22.97 68.66 -27.61
C TYR Z 38 24.00 68.79 -28.71
N ASN Z 39 25.27 68.67 -28.33
CA ASN Z 39 26.37 68.64 -29.28
C ASN Z 39 27.19 67.40 -28.98
N PRO Z 40 27.68 66.68 -29.99
CA PRO Z 40 28.51 65.50 -29.71
C PRO Z 40 29.81 65.83 -29.00
N ALA Z 41 30.42 66.98 -29.27
CA ALA Z 41 31.73 67.32 -28.71
C ALA Z 41 31.77 68.73 -28.11
N ASP Z 42 30.72 69.10 -27.36
CA ASP Z 42 30.78 70.30 -26.55
C ASP Z 42 30.01 70.05 -25.26
N VAL Z 43 30.45 70.70 -24.20
CA VAL Z 43 29.91 70.48 -22.86
C VAL Z 43 28.95 71.62 -22.51
N VAL Z 44 27.95 71.29 -21.69
CA VAL Z 44 26.90 72.22 -21.30
C VAL Z 44 27.27 72.81 -19.95
N GLN Z 45 27.24 74.13 -19.86
CA GLN Z 45 27.45 74.85 -18.61
C GLN Z 45 26.12 74.93 -17.88
N VAL Z 46 26.04 74.27 -16.72
CA VAL Z 46 24.85 74.29 -15.88
C VAL Z 46 25.19 75.02 -14.59
N ASP Z 47 24.25 75.84 -14.11
CA ASP Z 47 24.49 76.69 -12.94
C ASP Z 47 23.54 76.27 -11.83
N THR Z 48 23.96 75.29 -11.04
CA THR Z 48 23.17 74.82 -9.91
C THR Z 48 23.35 75.77 -8.73
N VAL Z 49 22.28 75.97 -7.97
CA VAL Z 49 22.35 76.72 -6.73
C VAL Z 49 21.91 75.81 -5.59
N LEU Z 50 22.14 76.26 -4.37
CA LEU Z 50 21.91 75.41 -3.22
C LEU Z 50 20.42 75.16 -3.00
N GLY Z 51 20.07 73.89 -2.84
CA GLY Z 51 18.73 73.53 -2.40
C GLY Z 51 17.64 73.67 -3.42
N VAL Z 52 17.96 73.71 -4.70
CA VAL Z 52 16.95 73.59 -5.75
C VAL Z 52 17.22 72.30 -6.50
N ALA Z 53 16.19 71.77 -7.12
CA ALA Z 53 16.28 70.54 -7.87
C ALA Z 53 16.19 70.87 -9.35
N THR Z 54 17.11 70.32 -10.13
CA THR Z 54 17.15 70.54 -11.57
C THR Z 54 16.66 69.29 -12.27
N HIS Z 55 15.78 69.46 -13.25
CA HIS Z 55 15.16 68.34 -13.95
C HIS Z 55 15.89 68.12 -15.26
N ILE Z 56 16.37 66.90 -15.48
CA ILE Z 56 17.08 66.54 -16.70
C ILE Z 56 16.21 65.56 -17.48
N MET Z 57 15.86 65.94 -18.71
CA MET Z 57 15.05 65.10 -19.58
C MET Z 57 15.92 64.55 -20.71
N LEU Z 58 15.84 63.24 -20.90
CA LEU Z 58 16.49 62.60 -22.02
C LEU Z 58 15.51 62.58 -23.19
N GLU Z 59 15.96 62.07 -24.34
CA GLU Z 59 15.01 61.82 -25.39
C GLU Z 59 14.42 60.42 -25.22
N GLU Z 60 13.28 60.20 -25.87
CA GLU Z 60 12.51 59.00 -25.65
C GLU Z 60 13.28 57.76 -26.06
N GLY Z 61 13.13 56.69 -25.29
CA GLY Z 61 13.75 55.43 -25.61
C GLY Z 61 15.21 55.29 -25.23
N GLU Z 62 15.79 56.29 -24.55
CA GLU Z 62 17.19 56.22 -24.17
C GLU Z 62 17.34 55.36 -22.93
N GLN Z 63 18.19 54.34 -23.01
CA GLN Z 63 18.52 53.52 -21.87
C GLN Z 63 19.74 54.10 -21.17
N TYR Z 64 19.60 54.41 -19.90
CA TYR Z 64 20.72 54.86 -19.09
C TYR Z 64 21.72 53.73 -18.92
N LEU Z 65 22.98 54.00 -19.25
CA LEU Z 65 24.04 53.01 -19.03
C LEU Z 65 24.74 53.26 -17.70
N THR Z 66 25.35 54.43 -17.55
CA THR Z 66 26.07 54.76 -16.32
C THR Z 66 26.17 56.28 -16.23
N HIS Z 67 26.41 56.76 -15.01
CA HIS Z 67 26.72 58.15 -14.77
C HIS Z 67 28.07 58.23 -14.08
N ALA Z 68 28.62 59.44 -14.00
CA ALA Z 68 29.94 59.61 -13.40
C ALA Z 68 30.01 60.98 -12.74
N PHE Z 69 30.46 61.02 -11.49
CA PHE Z 69 30.54 62.26 -10.73
C PHE Z 69 31.97 62.73 -10.61
N GLY Z 70 32.15 64.04 -10.78
CA GLY Z 70 33.41 64.66 -10.40
C GLY Z 70 33.60 64.69 -8.90
N ASP Z 71 32.51 64.61 -8.15
CA ASP Z 71 32.53 64.39 -6.71
C ASP Z 71 31.19 63.78 -6.32
N SER Z 72 31.18 62.46 -6.09
CA SER Z 72 29.92 61.80 -5.75
C SER Z 72 29.35 62.33 -4.44
N GLU Z 73 30.15 63.03 -3.65
CA GLU Z 73 29.65 63.62 -2.42
C GLU Z 73 29.23 65.07 -2.57
N ALA Z 74 29.52 65.69 -3.72
CA ALA Z 74 29.06 67.05 -3.95
C ALA Z 74 27.59 67.09 -4.34
N TYR Z 75 27.05 65.99 -4.85
CA TYR Z 75 25.68 65.93 -5.29
C TYR Z 75 25.09 64.56 -5.02
N ALA Z 76 23.78 64.47 -5.05
CA ALA Z 76 23.07 63.19 -5.00
C ALA Z 76 22.37 63.00 -6.34
N PHE Z 77 22.30 61.75 -6.78
CA PHE Z 77 21.81 61.43 -8.12
C PHE Z 77 20.47 60.71 -8.00
N ALA Z 78 19.45 61.26 -8.65
CA ALA Z 78 18.12 60.67 -8.63
C ALA Z 78 17.63 60.50 -10.06
N ARG Z 79 17.34 59.26 -10.43
CA ARG Z 79 16.94 58.90 -11.77
C ARG Z 79 15.60 58.18 -11.71
N LYS Z 80 14.74 58.45 -12.69
CA LYS Z 80 13.54 57.63 -12.92
C LYS Z 80 13.33 57.50 -14.43
N GLY Z 81 13.54 56.29 -14.95
CA GLY Z 81 13.40 56.04 -16.35
C GLY Z 81 14.31 56.94 -17.17
N ARG Z 82 13.72 57.91 -17.86
CA ARG Z 82 14.48 58.93 -18.56
C ARG Z 82 14.43 60.26 -17.84
N HIS Z 83 14.21 60.25 -16.53
CA HIS Z 83 14.18 61.46 -15.71
C HIS Z 83 15.39 61.44 -14.78
N ILE Z 84 16.00 62.60 -14.59
CA ILE Z 84 17.17 62.74 -13.75
C ILE Z 84 16.99 63.94 -12.83
N PHE Z 85 17.25 63.74 -11.54
CA PHE Z 85 17.17 64.79 -10.54
C PHE Z 85 18.48 64.83 -9.75
N ILE Z 86 19.03 66.03 -9.60
CA ILE Z 86 20.30 66.22 -8.90
C ILE Z 86 20.19 67.45 -8.01
N LYS Z 87 21.01 67.46 -6.96
CA LYS Z 87 21.01 68.56 -6.00
C LYS Z 87 22.39 68.71 -5.37
N PRO Z 88 22.87 69.93 -5.15
CA PRO Z 88 24.09 70.11 -4.35
C PRO Z 88 23.91 69.62 -2.92
N GLN Z 89 24.95 69.00 -2.38
CA GLN Z 89 25.00 68.62 -0.98
C GLN Z 89 26.33 68.99 -0.31
N ALA Z 90 27.15 69.80 -0.98
CA ALA Z 90 28.43 70.15 -0.40
C ALA Z 90 28.73 71.60 -0.69
N GLU Z 91 29.47 72.22 0.21
CA GLU Z 91 29.91 73.59 0.00
C GLU Z 91 30.97 73.63 -1.09
N LEU Z 92 30.82 74.59 -2.00
CA LEU Z 92 31.73 74.74 -3.13
C LEU Z 92 31.76 73.48 -3.99
N ALA Z 93 30.59 73.14 -4.56
CA ALA Z 93 30.46 71.97 -5.42
C ALA Z 93 30.60 72.41 -6.87
N ASN Z 94 31.75 72.09 -7.45
CA ASN Z 94 32.04 72.40 -8.85
C ASN Z 94 32.72 71.18 -9.47
N THR Z 95 31.92 70.28 -10.02
CA THR Z 95 32.42 69.03 -10.57
C THR Z 95 31.71 68.79 -11.90
N ASN Z 96 31.86 67.58 -12.45
CA ASN Z 96 31.34 67.29 -13.77
C ASN Z 96 30.59 65.96 -13.76
N LEU Z 97 29.58 65.87 -14.63
CA LEU Z 97 28.76 64.68 -14.77
C LEU Z 97 28.91 64.09 -16.15
N ILE Z 98 29.16 62.79 -16.20
CA ILE Z 98 29.28 62.04 -17.45
C ILE Z 98 28.20 60.96 -17.39
N VAL Z 99 27.07 61.19 -18.05
CA VAL Z 99 26.00 60.21 -18.14
C VAL Z 99 26.02 59.62 -19.54
N VAL Z 100 26.02 58.30 -19.62
CA VAL Z 100 26.15 57.59 -20.89
C VAL Z 100 24.88 56.79 -21.15
N THR Z 101 24.46 56.78 -22.41
CA THR Z 101 23.29 56.04 -22.86
C THR Z 101 23.64 55.27 -24.12
N ASP Z 102 22.69 54.47 -24.58
CA ASP Z 102 22.94 53.63 -25.75
C ASP Z 102 23.22 54.47 -26.99
N ARG Z 103 22.46 55.54 -27.21
CA ARG Z 103 22.60 56.30 -28.44
C ARG Z 103 23.62 57.42 -28.32
N ARG Z 104 23.76 58.02 -27.14
CA ARG Z 104 24.80 59.01 -26.94
C ARG Z 104 25.19 59.04 -25.48
N SER Z 105 26.01 60.03 -25.13
CA SER Z 105 26.41 60.28 -23.76
C SER Z 105 26.50 61.79 -23.55
N TYR Z 106 25.83 62.28 -22.51
CA TYR Z 106 25.85 63.69 -22.16
C TYR Z 106 27.01 63.97 -21.22
N LYS Z 107 27.50 65.19 -21.25
CA LYS Z 107 28.58 65.64 -20.38
C LYS Z 107 28.24 67.01 -19.83
N PHE Z 108 28.33 67.16 -18.51
CA PHE Z 108 27.88 68.35 -17.80
C PHE Z 108 29.00 68.94 -16.96
N ARG Z 109 28.95 70.26 -16.82
CA ARG Z 109 29.91 71.04 -16.03
C ARG Z 109 29.10 71.83 -14.99
N LEU Z 110 29.10 71.31 -13.77
CA LEU Z 110 28.30 71.89 -12.70
C LEU Z 110 29.11 72.95 -11.96
N GLN Z 111 28.65 74.19 -11.99
CA GLN Z 111 29.28 75.28 -11.26
C GLN Z 111 28.26 75.86 -10.29
N MET Z 112 28.61 75.87 -9.01
CA MET Z 112 27.68 76.30 -7.98
C MET Z 112 27.63 77.82 -7.92
N ARG Z 113 26.42 78.37 -7.88
CA ARG Z 113 26.21 79.81 -7.83
C ARG Z 113 25.79 80.22 -6.43
N ASN Z 114 26.56 81.13 -5.84
CA ASN Z 114 26.50 81.35 -4.40
C ASN Z 114 25.47 82.38 -3.97
N ASP Z 115 24.84 83.10 -4.89
CA ASP Z 115 23.87 84.12 -4.53
C ASP Z 115 22.44 83.60 -4.53
N ARG Z 116 22.23 82.31 -4.80
CA ARG Z 116 20.89 81.72 -4.88
C ARG Z 116 20.01 82.52 -5.84
N ASN Z 117 20.52 82.77 -7.04
CA ASN Z 117 19.82 83.52 -8.06
C ASN Z 117 19.95 82.81 -9.40
N GLY Z 118 18.97 83.02 -10.26
CA GLY Z 118 18.99 82.43 -11.58
C GLY Z 118 19.06 80.91 -11.52
N ALA Z 119 18.23 80.31 -10.69
CA ALA Z 119 18.29 78.89 -10.44
C ALA Z 119 17.96 78.10 -11.71
N MET Z 120 18.34 76.82 -11.69
CA MET Z 120 18.08 75.89 -12.78
C MET Z 120 17.01 74.91 -12.32
N TYR Z 121 15.96 74.76 -13.12
CA TYR Z 121 14.88 73.85 -12.76
C TYR Z 121 14.75 72.68 -13.71
N GLU Z 122 14.77 72.92 -15.01
CA GLU Z 122 14.57 71.86 -15.98
C GLU Z 122 15.41 72.16 -17.21
N LEU Z 123 15.94 71.11 -17.82
CA LEU Z 123 16.71 71.22 -19.06
C LEU Z 123 15.99 70.46 -20.16
N ALA Z 124 15.92 71.05 -21.34
CA ALA Z 124 15.29 70.43 -22.49
C ALA Z 124 16.25 70.52 -23.67
N PHE Z 125 16.20 69.50 -24.53
CA PHE Z 125 17.18 69.36 -25.61
C PHE Z 125 16.49 69.38 -26.96
N ARG Z 126 17.21 69.89 -27.97
CA ARG Z 126 16.80 69.81 -29.37
C ARG Z 126 17.90 69.08 -30.14
N TYR Z 127 17.79 67.76 -30.18
CA TYR Z 127 18.81 66.92 -30.78
C TYR Z 127 18.80 67.08 -32.29
N PRO Z 128 19.89 67.50 -32.91
CA PRO Z 128 19.95 67.47 -34.37
C PRO Z 128 20.50 66.14 -34.86
N ASP Z 129 21.18 65.40 -33.97
CA ASP Z 129 21.82 64.15 -34.38
C ASP Z 129 20.78 63.10 -34.75
N THR Z 130 19.76 62.91 -33.92
CA THR Z 130 18.74 61.91 -34.21
C THR Z 130 17.94 62.31 -35.45
N GLN Z 131 17.65 63.60 -35.59
CA GLN Z 131 16.94 64.06 -36.79
C GLN Z 131 17.75 63.78 -38.04
N ALA Z 132 19.04 64.10 -38.02
CA ALA Z 132 19.88 63.81 -39.18
C ALA Z 132 19.94 62.31 -39.44
N ARG Z 133 20.02 61.51 -38.38
CA ARG Z 133 20.09 60.06 -38.57
C ARG Z 133 18.82 59.53 -39.21
N GLN Z 134 17.66 60.06 -38.80
CA GLN Z 134 16.41 59.70 -39.45
C GLN Z 134 16.43 60.10 -40.92
N THR Z 135 16.92 61.30 -41.23
CA THR Z 135 16.94 61.74 -42.61
C THR Z 135 17.82 60.83 -43.46
N ARG Z 136 18.93 60.35 -42.90
CA ARG Z 136 19.82 59.46 -43.63
C ARG Z 136 19.12 58.18 -44.05
N GLU Z 137 18.49 57.50 -43.08
CA GLU Z 137 17.81 56.25 -43.38
C GLU Z 137 16.68 56.46 -44.37
N ALA Z 138 15.92 57.53 -44.19
CA ALA Z 138 14.85 57.83 -45.14
C ALA Z 138 15.40 58.03 -46.54
N ASN Z 139 16.52 58.75 -46.66
CA ASN Z 139 17.12 58.97 -47.97
C ASN Z 139 17.58 57.65 -48.58
N ALA Z 140 18.16 56.76 -47.77
CA ALA Z 140 18.61 55.47 -48.28
C ALA Z 140 17.42 54.67 -48.82
N ARG Z 141 16.35 54.59 -48.02
CA ARG Z 141 15.19 53.83 -48.46
C ARG Z 141 14.57 54.46 -49.70
N ALA Z 142 14.51 55.78 -49.75
CA ALA Z 142 13.95 56.46 -50.92
C ALA Z 142 14.79 56.18 -52.16
N ALA Z 143 16.12 56.18 -52.02
CA ALA Z 143 16.97 55.84 -53.15
C ALA Z 143 16.69 54.42 -53.62
N VAL Z 144 16.58 53.48 -52.69
CA VAL Z 144 16.30 52.09 -53.07
C VAL Z 144 14.98 52.00 -53.82
N GLU Z 145 13.94 52.64 -53.30
CA GLU Z 145 12.66 52.58 -53.97
C GLU Z 145 12.75 53.20 -55.36
N ALA Z 146 13.26 54.43 -55.46
CA ALA Z 146 13.40 55.07 -56.77
C ALA Z 146 14.14 54.15 -57.74
N ALA Z 147 15.13 53.42 -57.25
CA ALA Z 147 15.80 52.43 -58.09
C ALA Z 147 14.83 51.36 -58.55
N PHE Z 148 13.95 50.91 -57.66
CA PHE Z 148 12.98 49.90 -58.05
C PHE Z 148 12.03 50.41 -59.11
N GLU Z 149 11.33 51.50 -58.82
CA GLU Z 149 10.24 51.93 -59.68
C GLU Z 149 10.72 52.77 -60.86
N GLN Z 150 12.03 52.99 -60.97
CA GLN Z 150 12.53 53.72 -62.13
C GLN Z 150 12.48 52.86 -63.39
N ARG Z 151 11.81 51.71 -63.31
CA ARG Z 151 11.81 50.66 -64.33
C ARG Z 151 11.78 51.21 -65.74
N VAL Z 152 12.77 50.81 -66.54
CA VAL Z 152 12.91 51.27 -67.92
C VAL Z 152 13.82 50.28 -68.63
N GLY Z 153 13.75 50.27 -69.95
CA GLY Z 153 14.40 49.21 -70.70
C GLY Z 153 13.74 47.87 -70.51
N ALA Z 154 12.41 47.85 -70.52
CA ALA Z 154 11.63 46.63 -70.36
C ALA Z 154 10.97 46.27 -71.68
N TYR Z 155 10.89 44.98 -71.96
CA TYR Z 155 10.12 44.48 -73.09
C TYR Z 155 8.79 43.95 -72.55
N TYR Z 156 7.70 44.48 -73.08
CA TYR Z 156 6.36 44.10 -72.68
C TYR Z 156 5.71 43.29 -73.80
N ASN Z 157 5.35 42.06 -73.49
CA ASN Z 157 4.79 41.13 -74.45
C ASN Z 157 3.29 41.01 -74.18
N LEU Z 158 2.48 41.09 -75.24
CA LEU Z 158 1.04 41.21 -75.09
C LEU Z 158 0.25 40.09 -75.78
N LYS Z 159 0.89 39.28 -76.62
CA LYS Z 159 0.13 38.34 -77.45
C LYS Z 159 -0.44 37.28 -76.52
N TYR Z 160 -1.71 37.44 -76.17
CA TYR Z 160 -2.40 36.53 -75.28
C TYR Z 160 -3.83 36.36 -75.76
N MET Z 161 -4.34 35.14 -75.63
CA MET Z 161 -5.74 34.86 -75.89
C MET Z 161 -6.25 33.78 -74.94
N MET Z 162 -7.57 33.76 -74.74
CA MET Z 162 -8.19 32.92 -73.73
C MET Z 162 -9.10 31.91 -74.39
N SER Z 163 -9.53 30.94 -73.61
CA SER Z 163 -10.60 30.04 -73.98
C SER Z 163 -11.26 29.52 -72.71
N GLY Z 164 -12.58 29.41 -72.74
CA GLY Z 164 -13.31 28.92 -71.59
C GLY Z 164 -14.38 29.87 -71.07
N ASP Z 165 -14.40 30.08 -69.75
CA ASP Z 165 -15.43 30.88 -69.09
C ASP Z 165 -14.98 32.33 -69.06
N LYS Z 166 -15.48 33.14 -69.99
CA LYS Z 166 -15.03 34.52 -70.10
C LYS Z 166 -15.53 35.42 -68.98
N ASP Z 167 -16.34 34.91 -68.06
CA ASP Z 167 -16.79 35.74 -66.95
C ASP Z 167 -15.67 36.04 -65.97
N ILE Z 168 -14.71 35.14 -65.81
CA ILE Z 168 -13.59 35.35 -64.90
C ILE Z 168 -12.39 35.92 -65.65
N ALA Z 169 -12.59 36.32 -66.88
CA ALA Z 169 -11.49 36.77 -67.72
C ALA Z 169 -10.98 38.13 -67.27
N PRO Z 170 -9.70 38.23 -66.92
CA PRO Z 170 -9.12 39.52 -66.57
C PRO Z 170 -9.13 40.45 -67.77
N VAL Z 171 -9.25 41.74 -67.47
CA VAL Z 171 -9.37 42.71 -68.54
C VAL Z 171 -8.03 42.95 -69.24
N ASN Z 172 -6.91 42.65 -68.59
CA ASN Z 172 -5.61 42.84 -69.21
C ASN Z 172 -4.64 41.80 -68.70
N ALA Z 173 -3.92 41.18 -69.63
CA ALA Z 173 -2.91 40.17 -69.29
C ALA Z 173 -1.65 40.45 -70.11
N TRP Z 174 -0.51 40.45 -69.44
CA TRP Z 174 0.75 40.72 -70.12
C TRP Z 174 1.90 40.24 -69.25
N ASP Z 175 3.10 40.31 -69.80
CA ASP Z 175 4.30 39.91 -69.09
C ASP Z 175 5.45 40.83 -69.48
N ASP Z 176 6.46 40.89 -68.61
CA ASP Z 176 7.61 41.76 -68.80
C ASP Z 176 8.87 40.99 -69.15
N GLY Z 177 8.77 39.69 -69.37
CA GLY Z 177 9.92 38.84 -69.54
C GLY Z 177 10.35 38.13 -68.28
N ARG Z 178 9.98 38.65 -67.12
CA ARG Z 178 10.28 38.02 -65.84
C ARG Z 178 9.02 37.66 -65.07
N PHE Z 179 8.05 38.56 -65.02
CA PHE Z 179 6.78 38.32 -64.36
C PHE Z 179 5.65 38.39 -65.37
N THR Z 180 4.51 37.80 -65.00
CA THR Z 180 3.29 37.88 -65.78
C THR Z 180 2.23 38.58 -64.96
N TYR Z 181 1.57 39.57 -65.57
CA TYR Z 181 0.60 40.40 -64.87
C TYR Z 181 -0.80 40.14 -65.41
N PHE Z 182 -1.77 40.09 -64.52
CA PHE Z 182 -3.18 40.04 -64.86
C PHE Z 182 -3.89 41.18 -64.15
N LYS Z 183 -4.60 42.01 -64.89
CA LYS Z 183 -5.36 43.09 -64.30
C LYS Z 183 -6.84 42.77 -64.38
N PHE Z 184 -7.53 42.87 -63.24
CA PHE Z 184 -8.95 42.61 -63.15
C PHE Z 184 -9.70 43.92 -62.94
N SER Z 185 -10.93 43.95 -63.45
CA SER Z 185 -11.80 45.08 -63.17
C SER Z 185 -12.23 45.05 -61.71
N ALA Z 186 -12.79 46.16 -61.25
CA ALA Z 186 -13.10 46.30 -59.83
C ALA Z 186 -14.15 45.30 -59.37
N ASN Z 187 -15.16 45.04 -60.19
CA ASN Z 187 -16.31 44.25 -59.76
C ASN Z 187 -16.01 42.76 -59.67
N ALA Z 188 -14.91 42.29 -60.26
CA ALA Z 188 -14.66 40.87 -60.37
C ALA Z 188 -13.87 40.37 -59.18
N ASP Z 189 -14.20 39.16 -58.73
CA ASP Z 189 -13.44 38.53 -57.67
C ASP Z 189 -12.07 38.13 -58.18
N LEU Z 190 -11.09 38.08 -57.30
CA LEU Z 190 -9.76 37.64 -57.70
C LEU Z 190 -9.70 36.12 -57.69
N PRO Z 191 -9.53 35.48 -58.82
CA PRO Z 191 -9.51 34.02 -58.85
C PRO Z 191 -8.21 33.44 -58.36
N SER Z 192 -8.06 32.13 -58.46
CA SER Z 192 -6.80 31.46 -58.19
C SER Z 192 -6.18 31.03 -59.51
N ILE Z 193 -4.90 31.38 -59.71
CA ILE Z 193 -4.22 31.22 -60.97
C ILE Z 193 -3.25 30.05 -60.86
N TYR Z 194 -3.25 29.17 -61.85
CA TYR Z 194 -2.50 27.94 -61.78
C TYR Z 194 -1.56 27.80 -62.96
N PHE Z 195 -0.41 27.21 -62.68
CA PHE Z 195 0.65 27.00 -63.65
C PHE Z 195 0.50 25.62 -64.27
N VAL Z 196 0.47 25.58 -65.60
CA VAL Z 196 0.24 24.34 -66.34
C VAL Z 196 1.49 24.03 -67.13
N ASP Z 197 2.05 22.83 -66.90
CA ASP Z 197 3.19 22.36 -67.66
C ASP Z 197 2.73 21.89 -69.03
N ALA Z 198 3.67 21.42 -69.86
CA ALA Z 198 3.31 21.05 -71.22
C ALA Z 198 2.38 19.85 -71.24
N GLU Z 199 2.54 18.92 -70.31
CA GLU Z 199 1.71 17.72 -70.30
C GLU Z 199 0.25 18.01 -69.99
N GLY Z 200 -0.06 19.17 -69.43
CA GLY Z 200 -1.43 19.54 -69.14
C GLY Z 200 -1.84 19.55 -67.68
N ASN Z 201 -0.95 19.13 -66.78
CA ASN Z 201 -1.27 19.16 -65.35
C ASN Z 201 -1.15 20.57 -64.82
N GLU Z 202 -1.70 20.78 -63.62
CA GLU Z 202 -1.67 22.08 -62.98
C GLU Z 202 -0.85 22.00 -61.69
N SER Z 203 -0.14 23.08 -61.39
CA SER Z 203 0.65 23.10 -60.17
C SER Z 203 0.74 24.53 -59.65
N LEU Z 204 0.99 24.63 -58.34
CA LEU Z 204 0.97 25.92 -57.67
C LEU Z 204 2.08 26.81 -58.15
N VAL Z 205 1.78 28.10 -58.30
CA VAL Z 205 2.79 29.08 -58.63
C VAL Z 205 2.68 30.21 -57.62
N PRO Z 206 3.77 30.67 -57.02
CA PRO Z 206 3.69 31.77 -56.07
C PRO Z 206 3.09 33.00 -56.73
N ARG Z 207 2.24 33.70 -55.99
CA ARG Z 207 1.62 34.90 -56.48
C ARG Z 207 1.72 35.99 -55.42
N THR Z 208 1.75 37.23 -55.88
CA THR Z 208 1.65 38.38 -55.02
C THR Z 208 0.93 39.48 -55.78
N THR Z 209 0.10 40.23 -55.06
CA THR Z 209 -0.78 41.22 -55.67
C THR Z 209 -0.12 42.58 -55.60
N VAL Z 210 -0.16 43.31 -56.71
CA VAL Z 210 0.44 44.64 -56.77
C VAL Z 210 -0.51 45.56 -57.51
N GLY Z 211 -0.13 46.81 -57.62
CA GLY Z 211 -0.98 47.80 -58.25
C GLY Z 211 -1.54 48.79 -57.24
N SER Z 212 -2.05 49.90 -57.76
CA SER Z 212 -2.57 50.95 -56.89
C SER Z 212 -3.79 50.47 -56.10
N SER Z 213 -4.66 49.71 -56.75
CA SER Z 213 -5.92 49.30 -56.16
C SER Z 213 -6.00 47.79 -55.96
N ASN Z 214 -4.86 47.11 -55.97
CA ASN Z 214 -4.81 45.66 -55.77
C ASN Z 214 -5.65 44.93 -56.81
N ASN Z 215 -5.74 45.51 -58.00
CA ASN Z 215 -6.47 44.90 -59.10
C ASN Z 215 -5.56 44.16 -60.07
N ILE Z 216 -4.27 44.07 -59.78
CA ILE Z 216 -3.32 43.37 -60.63
C ILE Z 216 -2.68 42.26 -59.82
N ILE Z 217 -2.99 41.02 -60.19
CA ILE Z 217 -2.37 39.84 -59.63
C ILE Z 217 -1.12 39.54 -60.45
N ALA Z 218 -0.01 39.27 -59.76
CA ALA Z 218 1.27 39.05 -60.40
C ALA Z 218 1.79 37.67 -60.01
N VAL Z 219 2.35 36.96 -60.98
CA VAL Z 219 2.92 35.64 -60.76
C VAL Z 219 4.39 35.67 -61.16
N HIS Z 220 5.11 34.62 -60.77
CA HIS Z 220 6.57 34.60 -60.82
C HIS Z 220 7.12 33.76 -61.96
N LYS Z 221 6.50 33.79 -63.14
CA LYS Z 221 7.05 33.09 -64.30
C LYS Z 221 6.40 33.60 -65.56
N VAL Z 222 7.03 33.31 -66.69
CA VAL Z 222 6.40 33.38 -68.00
C VAL Z 222 6.28 31.96 -68.51
N ASN Z 223 5.08 31.57 -68.91
CA ASN Z 223 4.81 30.19 -69.27
C ASN Z 223 3.87 30.14 -70.46
N PRO Z 224 3.88 29.06 -71.24
CA PRO Z 224 2.94 28.95 -72.36
C PRO Z 224 1.48 28.85 -71.94
N LYS Z 225 1.17 28.15 -70.86
CA LYS Z 225 -0.21 27.79 -70.55
C LYS Z 225 -0.58 28.17 -69.14
N TRP Z 226 -1.48 29.15 -69.01
CA TRP Z 226 -1.99 29.57 -67.72
C TRP Z 226 -3.41 29.07 -67.53
N MET Z 227 -3.69 28.61 -66.32
CA MET Z 227 -5.01 28.11 -65.95
C MET Z 227 -5.58 29.02 -64.87
N ILE Z 228 -6.85 29.41 -65.03
CA ILE Z 228 -7.51 30.29 -64.08
C ILE Z 228 -8.75 29.57 -63.57
N ARG Z 229 -8.79 29.31 -62.26
CA ARG Z 229 -9.91 28.61 -61.66
C ARG Z 229 -10.54 29.48 -60.59
N LEU Z 230 -11.86 29.35 -60.44
CA LEU Z 230 -12.64 30.09 -59.45
C LEU Z 230 -13.95 29.35 -59.23
N GLY Z 231 -14.14 28.79 -58.04
CA GLY Z 231 -15.36 28.06 -57.79
C GLY Z 231 -15.40 26.79 -58.63
N ASN Z 232 -16.25 26.80 -59.65
CA ASN Z 232 -16.36 25.67 -60.56
C ASN Z 232 -16.33 26.12 -62.02
N ARG Z 233 -16.00 27.38 -62.23
CA ARG Z 233 -15.80 27.91 -63.59
C ARG Z 233 -14.31 28.11 -63.81
N ALA Z 234 -13.84 27.75 -64.99
CA ALA Z 234 -12.41 27.81 -65.27
C ALA Z 234 -12.16 28.49 -66.61
N LEU Z 235 -11.00 29.11 -66.72
CA LEU Z 235 -10.55 29.74 -67.95
C LEU Z 235 -9.12 29.32 -68.20
N ALA Z 236 -8.78 29.09 -69.47
CA ALA Z 236 -7.43 28.76 -69.87
C ALA Z 236 -6.83 29.92 -70.66
N ILE Z 237 -5.58 30.23 -70.37
CA ILE Z 237 -4.87 31.35 -70.99
C ILE Z 237 -3.76 30.79 -71.87
N PHE Z 238 -3.74 31.23 -73.13
CA PHE Z 238 -2.70 30.82 -74.07
C PHE Z 238 -1.67 31.93 -74.16
N ASN Z 239 -0.39 31.54 -74.15
CA ASN Z 239 0.71 32.48 -74.30
C ASN Z 239 1.28 32.34 -75.70
N GLU Z 240 1.07 33.34 -76.54
CA GLU Z 240 1.39 33.21 -77.95
C GLU Z 240 2.72 33.83 -78.33
N ALA Z 241 3.47 34.37 -77.38
CA ALA Z 241 4.82 34.86 -77.64
C ALA Z 241 5.74 34.38 -76.54
N TYR Z 242 5.64 33.10 -76.21
CA TYR Z 242 6.46 32.52 -75.15
C TYR Z 242 7.92 32.59 -75.55
N ASP Z 243 8.71 33.31 -74.75
CA ASP Z 243 10.10 33.54 -75.10
C ASP Z 243 10.97 32.61 -74.26
N PRO Z 244 11.51 31.54 -74.83
CA PRO Z 244 12.28 30.59 -74.02
C PRO Z 244 13.51 31.21 -73.38
N ASN Z 245 14.18 32.11 -74.09
CA ASN Z 245 15.42 32.69 -73.58
C ASN Z 245 15.16 33.56 -72.37
N GLY Z 246 14.21 34.49 -72.47
CA GLY Z 246 14.01 35.43 -71.40
C GLY Z 246 15.19 36.37 -71.28
N VAL Z 247 15.29 37.00 -70.11
CA VAL Z 247 16.41 37.86 -69.76
C VAL Z 247 17.11 37.24 -68.56
N PRO Z 248 18.42 37.05 -68.59
CA PRO Z 248 19.11 36.46 -67.44
C PRO Z 248 18.95 37.33 -66.20
N ASN Z 249 18.78 36.66 -65.07
CA ASN Z 249 18.55 37.34 -63.80
C ASN Z 249 19.88 37.39 -63.05
N ASP Z 250 20.71 38.36 -63.42
CA ASP Z 250 22.06 38.47 -62.88
C ASP Z 250 22.13 39.28 -61.60
N THR Z 251 21.04 39.92 -61.18
CA THR Z 251 21.10 40.86 -60.06
C THR Z 251 20.46 40.34 -58.78
N GLY Z 252 19.57 39.36 -58.87
CA GLY Z 252 18.90 38.86 -57.69
C GLY Z 252 17.67 39.64 -57.28
N THR Z 253 17.30 40.68 -58.02
CA THR Z 253 16.12 41.47 -57.71
C THR Z 253 15.17 41.44 -58.88
N ALA Z 254 13.94 41.89 -58.62
CA ALA Z 254 12.96 42.03 -59.68
C ALA Z 254 13.34 43.10 -60.68
N SER Z 255 14.34 43.93 -60.37
CA SER Z 255 14.81 44.90 -61.32
C SER Z 255 16.31 44.72 -61.55
N PRO Z 256 16.80 44.98 -62.75
CA PRO Z 256 18.24 44.88 -63.02
C PRO Z 256 19.05 46.05 -62.50
N ALA Z 257 18.48 46.90 -61.65
CA ALA Z 257 19.17 48.08 -61.15
C ALA Z 257 19.51 48.01 -59.68
N VAL Z 258 19.35 46.86 -59.04
CA VAL Z 258 19.72 46.67 -57.64
C VAL Z 258 20.42 45.33 -57.50
N ARG Z 259 21.57 45.33 -56.82
CA ARG Z 259 22.25 44.09 -56.51
C ARG Z 259 21.93 43.67 -55.08
N ARG Z 260 22.18 42.40 -54.79
CA ARG Z 260 21.91 41.85 -53.47
C ARG Z 260 23.21 41.28 -52.92
N VAL Z 261 23.88 42.05 -52.06
CA VAL Z 261 25.20 41.68 -51.59
C VAL Z 261 25.07 40.84 -50.33
N ASN Z 262 25.95 39.85 -50.21
CA ASN Z 262 25.95 38.94 -49.07
C ASN Z 262 26.47 39.70 -47.86
N LYS Z 263 25.57 40.30 -47.09
CA LYS Z 263 25.99 41.07 -45.93
C LYS Z 263 26.46 40.15 -44.80
N GLY Z 264 26.07 38.88 -44.84
CA GLY Z 264 26.44 37.96 -43.79
C GLY Z 264 27.93 37.72 -43.68
N GLY Z 265 28.68 38.00 -44.74
CA GLY Z 265 30.12 37.78 -44.72
C GLY Z 265 30.48 36.35 -44.42
N ASN Z 266 31.39 36.16 -43.45
CA ASN Z 266 31.67 34.85 -42.90
C ASN Z 266 32.12 33.84 -43.96
N CYS AA 17 -12.56 1.20 -59.24
CA CYS AA 17 -13.56 1.58 -60.23
C CYS AA 17 -13.89 3.07 -60.16
N ALA AA 18 -13.85 3.61 -58.95
CA ALA AA 18 -14.19 5.01 -58.71
C ALA AA 18 -12.95 5.77 -58.31
N SER AA 19 -12.66 6.85 -59.04
CA SER AA 19 -11.51 7.70 -58.78
C SER AA 19 -11.98 9.12 -58.51
N ALA AA 20 -11.13 9.88 -57.84
CA ALA AA 20 -11.50 11.24 -57.46
C ALA AA 20 -11.78 12.07 -58.69
N PRO AA 21 -12.92 12.75 -58.76
CA PRO AA 21 -13.26 13.50 -59.96
C PRO AA 21 -12.27 14.62 -60.20
N LYS AA 22 -12.11 14.96 -61.45
CA LYS AA 22 -11.13 15.94 -61.88
C LYS AA 22 -11.83 17.23 -62.33
N PRO AA 23 -11.34 18.37 -61.88
CA PRO AA 23 -12.07 19.63 -62.11
C PRO AA 23 -12.27 19.93 -63.58
N LYS AA 24 -13.16 20.87 -63.83
CA LYS AA 24 -13.60 21.14 -65.20
C LYS AA 24 -12.43 21.59 -66.06
N GLN AA 25 -12.30 20.96 -67.21
CA GLN AA 25 -11.35 21.37 -68.22
C GLN AA 25 -12.05 22.29 -69.22
N PRO AA 26 -11.64 23.55 -69.31
CA PRO AA 26 -12.38 24.49 -70.15
C PRO AA 26 -12.36 24.09 -71.61
N SER AA 27 -13.47 24.38 -72.28
CA SER AA 27 -13.54 24.18 -73.73
C SER AA 27 -12.64 25.18 -74.43
N ASP AA 28 -12.12 24.80 -75.59
CA ASP AA 28 -11.14 25.60 -76.32
C ASP AA 28 -11.67 26.11 -77.64
N PHE AA 29 -12.97 26.31 -77.77
CA PHE AA 29 -13.56 26.67 -79.05
C PHE AA 29 -13.41 28.14 -79.38
N ASN AA 30 -14.02 29.01 -78.59
CA ASN AA 30 -14.03 30.44 -78.90
C ASN AA 30 -12.80 31.11 -78.29
N ARG AA 31 -11.68 30.92 -78.99
CA ARG AA 31 -10.41 31.52 -78.61
C ARG AA 31 -10.37 32.95 -79.11
N GLU AA 32 -10.23 33.89 -78.19
CA GLU AA 32 -10.20 35.31 -78.53
C GLU AA 32 -9.08 36.00 -77.76
N PRO AA 33 -8.51 37.06 -78.32
CA PRO AA 33 -7.40 37.74 -77.64
C PRO AA 33 -7.85 38.34 -76.31
N VAL AA 34 -6.93 38.34 -75.35
CA VAL AA 34 -7.24 38.88 -74.03
C VAL AA 34 -7.21 40.39 -74.04
N ASN AA 35 -6.06 40.97 -74.35
CA ASN AA 35 -5.88 42.41 -74.23
C ASN AA 35 -6.56 43.08 -75.39
N LYS AA 36 -7.85 43.39 -75.22
CA LYS AA 36 -8.57 44.17 -76.22
C LYS AA 36 -7.90 45.51 -76.48
N THR AA 37 -7.35 46.13 -75.44
CA THR AA 37 -6.65 47.39 -75.58
C THR AA 37 -5.37 47.33 -74.75
N VAL AA 38 -4.44 48.22 -75.07
CA VAL AA 38 -3.21 48.30 -74.27
C VAL AA 38 -3.55 48.73 -72.85
N PRO AA 39 -3.01 48.07 -71.83
CA PRO AA 39 -3.36 48.42 -70.46
C PRO AA 39 -2.80 49.78 -70.07
N VAL AA 40 -3.14 50.21 -68.85
CA VAL AA 40 -2.67 51.49 -68.36
C VAL AA 40 -1.29 51.41 -67.73
N GLU AA 41 -0.99 50.31 -67.02
CA GLU AA 41 0.29 50.20 -66.33
C GLU AA 41 1.45 50.25 -67.32
N ILE AA 42 1.17 50.02 -68.60
CA ILE AA 42 2.19 50.08 -69.65
C ILE AA 42 2.58 51.53 -69.83
N GLN AA 43 1.82 52.44 -69.23
CA GLN AA 43 1.87 53.87 -69.53
C GLN AA 43 1.52 54.13 -70.99
N ARG AA 44 0.56 53.35 -71.47
CA ARG AA 44 0.01 53.54 -72.81
C ARG AA 44 -1.51 53.43 -72.77
N LYS BA 135 24.26 80.00 16.44
CA LYS BA 135 23.56 79.26 15.41
C LYS BA 135 22.33 80.02 14.95
N THR BA 136 22.51 80.95 14.02
CA THR BA 136 21.38 81.71 13.50
C THR BA 136 20.47 80.77 12.71
N PRO BA 137 19.17 81.08 12.63
CA PRO BA 137 18.29 80.25 11.79
C PRO BA 137 18.74 80.16 10.35
N TYR BA 138 19.44 81.18 9.85
CA TYR BA 138 19.92 81.13 8.48
C TYR BA 138 20.89 79.97 8.29
N GLU BA 139 21.88 79.84 9.17
CA GLU BA 139 22.87 78.77 8.99
C GLU BA 139 22.24 77.41 9.23
N LEU BA 140 21.28 77.33 10.16
CA LEU BA 140 20.57 76.06 10.35
C LEU BA 140 19.81 75.68 9.10
N ALA BA 141 19.13 76.64 8.48
CA ALA BA 141 18.43 76.39 7.24
C ALA BA 141 19.41 75.95 6.16
N ARG BA 142 20.56 76.60 6.08
CA ARG BA 142 21.55 76.24 5.07
C ARG BA 142 22.03 74.80 5.26
N GLU BA 143 22.40 74.44 6.48
CA GLU BA 143 22.89 73.08 6.70
C GLU BA 143 21.80 72.05 6.42
N ARG BA 144 20.55 72.38 6.75
CA ARG BA 144 19.45 71.49 6.37
C ARG BA 144 19.37 71.35 4.86
N MET BA 145 19.46 72.47 4.14
CA MET BA 145 19.42 72.47 2.69
C MET BA 145 20.54 71.61 2.12
N LEU BA 146 21.67 71.55 2.83
CA LEU BA 146 22.75 70.66 2.44
C LEU BA 146 22.41 69.18 2.69
N ARG BA 147 21.92 68.86 3.89
CA ARG BA 147 21.94 67.46 4.29
C ARG BA 147 20.82 66.65 3.62
N SER BA 148 19.69 67.30 3.32
CA SER BA 148 18.53 66.56 2.85
C SER BA 148 18.79 65.91 1.50
N GLY BA 149 18.12 64.78 1.28
CA GLY BA 149 18.17 64.10 0.00
C GLY BA 149 17.20 64.70 -1.01
N LEU BA 150 16.74 63.85 -1.92
CA LEU BA 150 15.77 64.30 -2.91
C LEU BA 150 14.37 63.77 -2.61
N THR BA 151 14.27 62.60 -2.01
CA THR BA 151 12.99 62.05 -1.55
C THR BA 151 13.17 61.50 -0.14
N ALA BA 152 12.27 61.88 0.76
CA ALA BA 152 12.33 61.40 2.13
C ALA BA 152 11.21 60.39 2.38
N GLY BA 153 11.59 59.18 2.75
CA GLY BA 153 10.62 58.13 3.02
C GLY BA 153 9.80 57.73 1.81
N GLY BA 177 -35.39 7.88 20.03
CA GLY BA 177 -35.65 6.74 19.17
C GLY BA 177 -35.45 7.05 17.70
N GLY BA 178 -34.93 6.07 16.96
CA GLY BA 178 -34.71 6.24 15.54
C GLY BA 178 -35.11 5.01 14.75
N GLY BA 179 -35.80 4.09 15.40
CA GLY BA 179 -36.26 2.87 14.76
C GLY BA 179 -37.35 3.14 13.75
N GLY BA 180 -37.67 2.11 12.98
CA GLY BA 180 -38.63 2.26 11.90
C GLY BA 180 -38.14 3.24 10.86
N GLY BA 181 -36.87 3.12 10.48
CA GLY BA 181 -36.25 4.11 9.62
C GLY BA 181 -36.99 4.27 8.29
N GLU BA 182 -37.45 3.16 7.72
CA GLU BA 182 -38.04 3.21 6.39
C GLU BA 182 -39.21 4.19 6.33
N LEU BA 183 -40.27 3.91 7.09
CA LEU BA 183 -41.38 4.85 7.13
C LEU BA 183 -40.95 6.21 7.65
N ALA BA 184 -40.16 6.23 8.73
CA ALA BA 184 -39.72 7.50 9.28
C ALA BA 184 -39.00 8.33 8.24
N GLU BA 185 -38.15 7.72 7.43
CA GLU BA 185 -37.51 8.45 6.35
C GLU BA 185 -38.49 8.90 5.30
N LYS BA 186 -39.41 8.03 4.87
CA LYS BA 186 -40.40 8.47 3.90
C LYS BA 186 -41.26 9.61 4.44
N LEU BA 187 -41.38 9.74 5.75
CA LEU BA 187 -42.09 10.84 6.36
C LEU BA 187 -41.20 12.05 6.59
N GLN BA 188 -40.08 12.15 5.90
CA GLN BA 188 -39.22 13.31 6.06
C GLN BA 188 -39.91 14.54 5.52
N PRO BA 189 -40.04 15.60 6.30
CA PRO BA 189 -40.61 16.83 5.78
C PRO BA 189 -39.75 17.39 4.66
N MET BA 190 -40.41 18.01 3.70
CA MET BA 190 -39.71 18.65 2.59
C MET BA 190 -40.11 20.12 2.62
N ARG BA 191 -39.39 20.89 3.44
CA ARG BA 191 -39.70 22.30 3.66
C ARG BA 191 -39.04 23.09 2.54
N LEU BA 192 -39.81 23.96 1.91
CA LEU BA 192 -39.30 24.82 0.85
C LEU BA 192 -39.16 26.24 1.36
N SER BA 193 -38.00 26.85 1.13
CA SER BA 193 -37.79 28.22 1.54
C SER BA 193 -38.73 29.13 0.77
N GLY BA 194 -39.21 30.17 1.44
CA GLY BA 194 -40.13 31.09 0.81
C GLY BA 194 -39.47 31.92 -0.27
N SER BA 195 -40.20 32.92 -0.72
CA SER BA 195 -39.72 33.85 -1.73
C SER BA 195 -40.35 35.20 -1.49
N SER BA 196 -39.75 36.24 -2.07
CA SER BA 196 -40.23 37.60 -1.91
C SER BA 196 -40.21 38.30 -3.26
N ALA BA 197 -40.98 39.37 -3.37
CA ALA BA 197 -41.10 40.06 -4.64
C ALA BA 197 -40.16 41.24 -4.71
N GLY BA 198 -39.80 41.62 -5.95
CA GLY BA 198 -39.03 42.80 -6.21
C GLY BA 198 -39.53 43.53 -7.45
N ARG BA 199 -38.93 44.67 -7.71
CA ARG BA 199 -39.36 45.50 -8.82
C ARG BA 199 -38.19 45.79 -9.74
N LEU BA 200 -38.47 45.87 -11.04
CA LEU BA 200 -37.42 46.11 -12.02
C LEU BA 200 -36.93 47.55 -11.94
N GLY BA 201 -35.65 47.75 -12.19
CA GLY BA 201 -35.06 49.06 -12.07
C GLY BA 201 -35.67 50.10 -12.99
N ASN BA 202 -35.45 49.95 -14.30
CA ASN BA 202 -36.05 50.82 -15.29
C ASN BA 202 -36.61 49.94 -16.39
N ARG BA 203 -37.91 50.04 -16.63
CA ARG BA 203 -38.55 49.19 -17.62
C ARG BA 203 -38.44 49.76 -19.03
N ASP BA 204 -38.03 51.00 -19.19
CA ASP BA 204 -37.82 51.54 -20.52
C ASP BA 204 -36.49 51.13 -21.12
N MET BA 205 -35.51 50.78 -20.29
CA MET BA 205 -34.16 50.42 -20.72
C MET BA 205 -33.87 48.95 -20.42
N LEU BA 206 -34.82 48.06 -20.69
CA LEU BA 206 -34.66 46.68 -20.29
C LEU BA 206 -35.28 45.73 -21.28
N ILE BA 207 -34.69 44.54 -21.38
CA ILE BA 207 -35.29 43.39 -22.03
C ILE BA 207 -35.32 42.27 -21.03
N THR BA 208 -36.51 41.84 -20.65
CA THR BA 208 -36.63 40.81 -19.63
C THR BA 208 -36.56 39.43 -20.27
N GLN BA 209 -36.13 38.46 -19.48
CA GLN BA 209 -35.99 37.11 -19.98
C GLN BA 209 -37.33 36.58 -20.45
N GLY BA 210 -37.30 35.85 -21.55
CA GLY BA 210 -38.51 35.33 -22.14
C GLY BA 210 -39.05 36.12 -23.31
N THR BA 211 -38.49 37.29 -23.61
CA THR BA 211 -38.89 38.00 -24.81
C THR BA 211 -38.32 37.30 -26.02
N GLN BA 212 -39.12 37.20 -27.08
CA GLN BA 212 -38.78 36.37 -28.23
C GLN BA 212 -38.25 37.26 -29.35
N LEU BA 213 -37.01 37.05 -29.74
CA LEU BA 213 -36.41 37.75 -30.87
C LEU BA 213 -36.58 36.87 -32.09
N ASP BA 214 -36.75 37.48 -33.25
CA ASP BA 214 -37.03 36.76 -34.47
C ASP BA 214 -36.04 37.15 -35.56
N CYS BA 215 -35.13 36.24 -35.90
CA CYS BA 215 -34.08 36.56 -36.85
C CYS BA 215 -34.03 35.52 -37.96
N VAL BA 216 -33.62 35.98 -39.14
CA VAL BA 216 -33.49 35.15 -40.32
C VAL BA 216 -32.07 34.61 -40.39
N LEU BA 217 -31.96 33.31 -40.60
CA LEU BA 217 -30.66 32.65 -40.60
C LEU BA 217 -29.99 32.85 -41.95
N GLU BA 218 -28.78 33.39 -41.95
CA GLU BA 218 -28.02 33.40 -43.20
C GLU BA 218 -27.31 32.09 -43.48
N THR BA 219 -26.59 31.57 -42.50
CA THR BA 219 -25.68 30.47 -42.73
C THR BA 219 -26.41 29.14 -42.70
N ARG BA 220 -26.48 28.48 -43.85
CA ARG BA 220 -26.91 27.10 -43.94
C ARG BA 220 -26.20 26.29 -42.87
N LEU BA 221 -26.86 25.27 -42.36
CA LEU BA 221 -26.35 24.57 -41.19
C LEU BA 221 -26.20 23.09 -41.49
N VAL BA 222 -25.05 22.53 -41.15
CA VAL BA 222 -24.81 21.10 -41.20
C VAL BA 222 -24.07 20.75 -39.92
N THR BA 223 -24.47 19.66 -39.28
CA THR BA 223 -23.98 19.34 -37.94
C THR BA 223 -22.87 18.32 -37.93
N THR BA 224 -22.21 18.08 -39.06
CA THR BA 224 -21.19 17.05 -39.09
C THR BA 224 -19.98 17.47 -38.27
N GLN BA 225 -19.53 18.70 -38.43
CA GLN BA 225 -18.45 19.23 -37.61
C GLN BA 225 -18.93 20.47 -36.87
N PRO BA 226 -18.62 20.59 -35.58
CA PRO BA 226 -19.08 21.76 -34.82
C PRO BA 226 -18.55 23.05 -35.43
N GLY BA 227 -19.40 24.06 -35.46
CA GLY BA 227 -19.06 25.33 -36.07
C GLY BA 227 -20.02 26.40 -35.60
N MET BA 228 -19.89 27.59 -36.18
CA MET BA 228 -20.65 28.74 -35.71
C MET BA 228 -21.71 29.12 -36.72
N THR BA 229 -22.69 29.90 -36.26
CA THR BA 229 -23.88 30.27 -37.02
C THR BA 229 -24.14 31.76 -36.90
N THR BA 230 -24.97 32.29 -37.80
CA THR BA 230 -25.17 33.72 -37.87
C THR BA 230 -26.56 34.04 -38.40
N CYS BA 231 -27.25 34.95 -37.71
CA CYS BA 231 -28.57 35.40 -38.15
C CYS BA 231 -28.70 36.89 -37.94
N HIS BA 232 -29.71 37.46 -38.59
CA HIS BA 232 -30.02 38.88 -38.52
C HIS BA 232 -31.43 39.08 -38.01
N LEU BA 233 -31.58 39.93 -37.00
CA LEU BA 233 -32.90 40.24 -36.47
C LEU BA 233 -33.76 40.84 -37.56
N THR BA 234 -34.97 40.32 -37.70
CA THR BA 234 -35.86 40.70 -38.78
C THR BA 234 -36.85 41.79 -38.41
N ARG BA 235 -37.03 42.03 -37.10
CA ARG BA 235 -37.93 43.06 -36.61
C ARG BA 235 -37.26 43.81 -35.49
N ASP BA 236 -37.70 45.04 -35.28
CA ASP BA 236 -37.29 45.78 -34.10
C ASP BA 236 -37.67 44.98 -32.87
N VAL BA 237 -36.91 45.14 -31.81
CA VAL BA 237 -37.22 44.56 -30.51
C VAL BA 237 -37.45 45.70 -29.54
N TYR BA 238 -38.64 45.77 -28.98
CA TYR BA 238 -38.96 46.88 -28.10
C TYR BA 238 -38.68 46.50 -26.66
N SER BA 239 -38.38 47.51 -25.85
CA SER BA 239 -38.12 47.29 -24.44
C SER BA 239 -39.36 46.75 -23.75
N THR BA 240 -39.14 46.11 -22.60
CA THR BA 240 -40.25 45.46 -21.91
C THR BA 240 -41.41 46.40 -21.68
N SER BA 241 -41.13 47.68 -21.45
CA SER BA 241 -42.21 48.65 -21.35
C SER BA 241 -42.92 48.86 -22.69
N GLY BA 242 -42.35 48.34 -23.77
CA GLY BA 242 -42.96 48.54 -25.06
C GLY BA 242 -42.94 49.95 -25.54
N ARG BA 243 -41.86 50.68 -25.26
CA ARG BA 243 -41.76 52.07 -25.70
C ARG BA 243 -40.45 52.42 -26.39
N VAL BA 244 -39.35 51.74 -26.08
CA VAL BA 244 -38.04 52.15 -26.54
C VAL BA 244 -37.44 51.03 -27.39
N VAL BA 245 -36.97 51.39 -28.58
CA VAL BA 245 -36.32 50.43 -29.47
C VAL BA 245 -34.92 50.15 -28.92
N LEU BA 246 -34.61 48.90 -28.66
CA LEU BA 246 -33.31 48.58 -28.10
C LEU BA 246 -32.37 47.93 -29.11
N LEU BA 247 -32.81 46.86 -29.77
CA LEU BA 247 -31.99 46.18 -30.76
C LEU BA 247 -32.60 46.44 -32.12
N ASP BA 248 -31.98 47.32 -32.89
CA ASP BA 248 -32.53 47.70 -34.18
C ASP BA 248 -32.58 46.50 -35.11
N ARG BA 249 -33.59 46.50 -35.98
CA ARG BA 249 -33.68 45.45 -36.97
C ARG BA 249 -32.51 45.54 -37.93
N GLY BA 250 -32.13 44.41 -38.50
CA GLY BA 250 -30.91 44.34 -39.27
C GLY BA 250 -29.67 44.11 -38.42
N SER BA 251 -29.84 43.86 -37.13
CA SER BA 251 -28.71 43.55 -36.28
C SER BA 251 -28.06 42.23 -36.69
N LYS BA 252 -26.96 41.91 -36.03
CA LYS BA 252 -26.26 40.65 -36.27
C LYS BA 252 -26.20 39.87 -34.96
N VAL BA 253 -26.28 38.55 -35.06
CA VAL BA 253 -26.16 37.67 -33.91
C VAL BA 253 -25.23 36.53 -34.27
N VAL BA 254 -24.27 36.27 -33.39
CA VAL BA 254 -23.28 35.22 -33.60
C VAL BA 254 -23.51 34.13 -32.58
N GLY BA 255 -23.67 32.90 -33.06
CA GLY BA 255 -23.92 31.80 -32.14
C GLY BA 255 -23.38 30.48 -32.63
N PHE BA 256 -23.05 29.60 -31.69
CA PHE BA 256 -22.36 28.37 -32.03
C PHE BA 256 -23.10 27.18 -31.46
N TYR BA 257 -22.67 26.01 -31.87
CA TYR BA 257 -23.16 24.76 -31.32
C TYR BA 257 -22.03 23.76 -31.26
N GLN BA 258 -22.32 22.57 -30.77
CA GLN BA 258 -21.33 21.51 -30.72
C GLN BA 258 -22.01 20.21 -30.33
N GLY BA 259 -21.20 19.18 -30.16
CA GLY BA 259 -21.63 17.94 -29.56
C GLY BA 259 -22.27 16.96 -30.50
N GLY BA 260 -22.64 17.38 -31.70
CA GLY BA 260 -23.33 16.48 -32.59
C GLY BA 260 -24.66 16.03 -32.01
N LEU BA 261 -25.23 15.02 -32.65
CA LEU BA 261 -26.48 14.44 -32.23
C LEU BA 261 -26.21 13.09 -31.55
N ARG BA 262 -27.28 12.46 -31.10
CA ARG BA 262 -27.26 11.07 -30.72
C ARG BA 262 -28.30 10.33 -31.52
N GLN BA 263 -28.24 9.01 -31.46
CA GLN BA 263 -29.14 8.21 -32.27
C GLN BA 263 -30.58 8.46 -31.85
N GLY BA 264 -31.41 8.88 -32.80
CA GLY BA 264 -32.81 9.11 -32.55
C GLY BA 264 -33.23 10.57 -32.47
N GLN BA 265 -32.43 11.42 -31.87
CA GLN BA 265 -32.77 12.83 -31.72
C GLN BA 265 -32.94 13.46 -33.10
N ALA BA 266 -33.58 14.62 -33.14
CA ALA BA 266 -33.87 15.26 -34.42
C ALA BA 266 -33.66 16.77 -34.41
N ARG BA 267 -33.14 17.33 -33.33
CA ARG BA 267 -32.94 18.78 -33.25
C ARG BA 267 -31.65 19.04 -32.52
N ILE BA 268 -30.89 20.03 -33.00
CA ILE BA 268 -29.57 20.32 -32.44
C ILE BA 268 -29.66 21.61 -31.64
N PHE BA 269 -29.01 21.61 -30.48
CA PHE BA 269 -29.13 22.72 -29.55
C PHE BA 269 -28.13 23.82 -29.90
N VAL BA 270 -28.64 24.97 -30.28
CA VAL BA 270 -27.82 26.11 -30.69
C VAL BA 270 -27.84 27.14 -29.58
N GLN BA 271 -26.67 27.57 -29.14
CA GLN BA 271 -26.52 28.61 -28.13
C GLN BA 271 -26.07 29.90 -28.81
N TRP BA 272 -27.01 30.78 -29.10
CA TRP BA 272 -26.65 32.09 -29.61
C TRP BA 272 -25.95 32.82 -28.48
N SER BA 273 -24.92 33.59 -28.79
CA SER BA 273 -23.99 34.03 -27.75
C SER BA 273 -23.67 35.51 -27.77
N ARG BA 274 -23.87 36.22 -28.88
CA ARG BA 274 -23.58 37.64 -28.85
C ARG BA 274 -24.36 38.33 -29.95
N ILE BA 275 -24.52 39.64 -29.82
CA ILE BA 275 -25.39 40.41 -30.69
C ILE BA 275 -24.79 41.79 -30.89
N GLU BA 276 -25.00 42.35 -32.08
CA GLU BA 276 -24.47 43.66 -32.43
C GLU BA 276 -25.56 44.49 -33.09
N THR BA 277 -25.76 45.68 -32.58
CA THR BA 277 -26.67 46.60 -33.24
C THR BA 277 -26.00 47.22 -34.45
N PRO BA 278 -26.78 47.72 -35.40
CA PRO BA 278 -26.18 48.47 -36.50
C PRO BA 278 -25.43 49.69 -36.05
N SER BA 279 -25.81 50.30 -34.92
CA SER BA 279 -25.14 51.49 -34.44
C SER BA 279 -24.08 51.20 -33.38
N GLY BA 280 -23.72 49.94 -33.18
CA GLY BA 280 -22.55 49.60 -32.41
C GLY BA 280 -22.79 49.04 -31.02
N VAL BA 281 -24.02 48.97 -30.56
CA VAL BA 281 -24.27 48.42 -29.23
C VAL BA 281 -24.09 46.91 -29.28
N VAL BA 282 -23.46 46.37 -28.23
CA VAL BA 282 -23.19 44.95 -28.15
C VAL BA 282 -23.51 44.50 -26.73
N ILE BA 283 -24.08 43.30 -26.60
CA ILE BA 283 -24.33 42.70 -25.30
C ILE BA 283 -24.24 41.19 -25.42
N ASN BA 284 -23.77 40.55 -24.36
CA ASN BA 284 -23.45 39.12 -24.39
C ASN BA 284 -24.61 38.32 -23.84
N LEU BA 285 -25.70 38.27 -24.59
CA LEU BA 285 -26.82 37.41 -24.24
C LEU BA 285 -26.38 35.98 -24.43
N ASP BA 286 -26.80 35.09 -23.54
CA ASP BA 286 -26.51 33.66 -23.65
C ASP BA 286 -27.82 32.92 -23.65
N SER BA 287 -28.37 32.73 -24.85
CA SER BA 287 -29.74 32.30 -24.95
C SER BA 287 -29.85 31.08 -25.84
N PRO BA 288 -30.68 30.11 -25.47
CA PRO BA 288 -30.92 28.97 -26.35
C PRO BA 288 -31.64 29.39 -27.61
N GLY BA 289 -31.42 28.63 -28.67
CA GLY BA 289 -32.04 28.93 -29.95
C GLY BA 289 -33.30 28.10 -30.12
N THR BA 290 -34.19 28.60 -30.96
CA THR BA 290 -35.50 27.98 -31.12
C THR BA 290 -35.94 28.06 -32.58
N GLY BA 291 -36.80 27.10 -32.95
CA GLY BA 291 -37.44 27.11 -34.25
C GLY BA 291 -38.45 28.22 -34.37
N PRO BA 292 -39.28 28.13 -35.42
CA PRO BA 292 -40.25 29.19 -35.67
C PRO BA 292 -41.22 29.39 -34.52
N LEU BA 293 -41.57 28.33 -33.79
CA LEU BA 293 -42.50 28.44 -32.68
C LEU BA 293 -41.86 28.13 -31.34
N GLY BA 294 -40.57 28.34 -31.21
CA GLY BA 294 -39.94 28.34 -29.90
C GLY BA 294 -39.50 27.00 -29.35
N GLU BA 295 -39.60 25.92 -30.12
CA GLU BA 295 -39.20 24.62 -29.60
C GLU BA 295 -37.71 24.59 -29.33
N ALA BA 296 -37.25 23.50 -28.71
CA ALA BA 296 -35.86 23.40 -28.30
C ALA BA 296 -34.93 23.21 -29.48
N GLY BA 297 -34.12 24.22 -29.75
CA GLY BA 297 -33.06 24.10 -30.72
C GLY BA 297 -33.53 24.06 -32.15
N LEU BA 298 -32.59 24.28 -33.06
CA LEU BA 298 -32.88 24.29 -34.48
C LEU BA 298 -33.20 22.90 -35.00
N GLY BA 299 -34.02 22.85 -36.04
CA GLY BA 299 -34.36 21.60 -36.67
C GLY BA 299 -34.68 21.82 -38.14
N GLY BA 300 -34.61 20.73 -38.89
CA GLY BA 300 -34.92 20.76 -40.31
C GLY BA 300 -34.86 19.37 -40.88
N TRP BA 301 -34.56 19.28 -42.17
CA TRP BA 301 -34.42 17.99 -42.82
C TRP BA 301 -33.29 17.22 -42.16
N ILE BA 302 -33.42 15.89 -42.16
CA ILE BA 302 -32.48 15.03 -41.47
C ILE BA 302 -32.07 13.91 -42.42
N ASP BA 303 -30.89 13.36 -42.20
CA ASP BA 303 -30.43 12.15 -42.87
C ASP BA 303 -30.07 11.13 -41.81
N ARG BA 304 -30.55 9.91 -41.98
CA ARG BA 304 -30.25 8.85 -41.03
C ARG BA 304 -29.09 7.97 -41.46
N HIS BA 305 -28.50 8.25 -42.62
CA HIS BA 305 -27.43 7.42 -43.17
C HIS BA 305 -27.82 5.94 -43.14
N PHE BA 306 -28.86 5.58 -43.88
CA PHE BA 306 -29.28 4.19 -43.88
C PHE BA 306 -28.23 3.31 -44.55
N TRP BA 307 -27.79 3.67 -45.75
CA TRP BA 307 -26.89 2.80 -46.49
C TRP BA 307 -25.57 2.62 -45.75
N GLU BA 308 -24.92 3.72 -45.37
CA GLU BA 308 -23.63 3.61 -44.70
C GLU BA 308 -23.71 2.81 -43.42
N ARG BA 309 -24.91 2.43 -42.99
CA ARG BA 309 -25.09 1.64 -41.78
C ARG BA 309 -25.48 0.20 -42.04
N PHE BA 310 -26.29 -0.06 -43.06
CA PHE BA 310 -26.78 -1.41 -43.29
C PHE BA 310 -26.27 -2.06 -44.58
N GLY BA 311 -25.60 -1.30 -45.43
CA GLY BA 311 -25.10 -1.86 -46.68
C GLY BA 311 -24.13 -2.99 -46.45
N GLY BA 312 -23.23 -2.82 -45.47
CA GLY BA 312 -22.33 -3.90 -45.14
C GLY BA 312 -23.07 -5.22 -44.97
N ALA BA 313 -24.04 -5.25 -44.08
CA ALA BA 313 -24.76 -6.48 -43.81
C ALA BA 313 -25.51 -6.96 -45.05
N ILE BA 314 -26.21 -6.06 -45.74
CA ILE BA 314 -27.06 -6.53 -46.82
C ILE BA 314 -26.23 -7.11 -47.95
N MET BA 315 -25.20 -6.40 -48.40
CA MET BA 315 -24.37 -6.96 -49.47
C MET BA 315 -23.65 -8.23 -49.03
N ILE BA 316 -23.11 -8.26 -47.81
CA ILE BA 316 -22.34 -9.44 -47.43
C ILE BA 316 -23.24 -10.66 -47.36
N SER BA 317 -24.44 -10.51 -46.80
CA SER BA 317 -25.32 -11.66 -46.67
C SER BA 317 -25.84 -12.09 -48.04
N LEU BA 318 -26.14 -11.14 -48.91
CA LEU BA 318 -26.60 -11.50 -50.24
C LEU BA 318 -25.50 -12.21 -51.03
N ILE BA 319 -24.25 -11.77 -50.89
CA ILE BA 319 -23.15 -12.43 -51.56
C ILE BA 319 -22.96 -13.84 -51.03
N GLY BA 320 -23.02 -14.00 -49.70
CA GLY BA 320 -22.91 -15.34 -49.14
C GLY BA 320 -23.99 -16.27 -49.64
N ASP BA 321 -25.22 -15.79 -49.68
CA ASP BA 321 -26.31 -16.64 -50.17
C ASP BA 321 -26.17 -16.93 -51.65
N LEU BA 322 -25.71 -15.95 -52.43
CA LEU BA 322 -25.45 -16.18 -53.85
C LEU BA 322 -24.40 -17.26 -54.04
N GLY BA 323 -23.33 -17.21 -53.24
CA GLY BA 323 -22.33 -18.26 -53.29
C GLY BA 323 -22.92 -19.61 -52.93
N ASP BA 324 -23.80 -19.66 -51.93
CA ASP BA 324 -24.42 -20.92 -51.57
C ASP BA 324 -25.26 -21.45 -52.73
N TRP BA 325 -26.02 -20.59 -53.40
CA TRP BA 325 -26.84 -21.02 -54.52
C TRP BA 325 -25.97 -21.54 -55.65
N ALA BA 326 -24.86 -20.85 -55.94
CA ALA BA 326 -23.97 -21.30 -56.99
C ALA BA 326 -23.35 -22.65 -56.64
N SER BA 327 -23.00 -22.84 -55.37
CA SER BA 327 -22.44 -24.12 -54.94
C SER BA 327 -23.45 -25.24 -55.12
N ARG BA 328 -24.72 -24.98 -54.78
CA ARG BA 328 -25.72 -26.04 -54.85
C ARG BA 328 -26.11 -26.35 -56.29
N GLN BA 329 -26.11 -25.35 -57.16
CA GLN BA 329 -26.64 -25.55 -58.51
C GLN BA 329 -25.67 -26.26 -59.45
N GLY BA 330 -24.60 -26.89 -58.97
CA GLY BA 330 -23.66 -27.53 -59.88
C GLY BA 330 -24.13 -28.88 -60.39
N SER BA 331 -24.80 -29.65 -59.52
CA SER BA 331 -25.22 -31.01 -59.85
C SER BA 331 -26.19 -31.06 -61.03
N SER BA 349 -22.01 -14.13 -37.09
CA SER BA 349 -21.49 -14.29 -38.44
C SER BA 349 -20.91 -13.00 -38.97
N ALA BA 350 -20.47 -13.05 -40.23
CA ALA BA 350 -19.80 -11.91 -40.84
C ALA BA 350 -20.74 -10.72 -40.95
N ALA BA 351 -22.00 -10.96 -41.30
CA ALA BA 351 -22.95 -9.86 -41.39
C ALA BA 351 -23.10 -9.15 -40.05
N ALA BA 352 -23.21 -9.92 -38.96
CA ALA BA 352 -23.28 -9.31 -37.65
C ALA BA 352 -22.01 -8.54 -37.32
N GLU BA 353 -20.86 -9.09 -37.70
CA GLU BA 353 -19.60 -8.43 -37.36
C GLU BA 353 -19.45 -7.12 -38.13
N ALA BA 354 -20.03 -7.04 -39.31
CA ALA BA 354 -20.07 -5.77 -40.03
C ALA BA 354 -21.05 -4.80 -39.38
N LEU BA 355 -22.22 -5.29 -39.01
CA LEU BA 355 -23.24 -4.44 -38.42
C LEU BA 355 -22.74 -3.78 -37.14
N ARG BA 356 -22.08 -4.56 -36.28
CA ARG BA 356 -21.62 -4.02 -35.01
C ARG BA 356 -20.72 -2.81 -35.22
N ASN BA 357 -19.83 -2.87 -36.19
CA ASN BA 357 -18.94 -1.75 -36.46
C ASN BA 357 -19.63 -0.63 -37.21
N SER BA 358 -20.68 -0.93 -37.97
CA SER BA 358 -21.23 0.06 -38.89
C SER BA 358 -22.57 0.65 -38.43
N ILE BA 359 -23.07 0.29 -37.25
CA ILE BA 359 -24.42 0.72 -36.90
C ILE BA 359 -24.41 2.05 -36.17
N ASN BA 360 -23.33 2.38 -35.46
CA ASN BA 360 -23.31 3.58 -34.62
C ASN BA 360 -22.87 4.76 -35.46
N ILE BA 361 -23.79 5.27 -36.27
CA ILE BA 361 -23.58 6.48 -37.06
C ILE BA 361 -24.60 7.49 -36.58
N PRO BA 362 -24.21 8.47 -35.75
CA PRO BA 362 -25.15 9.51 -35.37
C PRO BA 362 -25.66 10.24 -36.61
N PRO BA 363 -26.95 10.53 -36.67
CA PRO BA 363 -27.51 11.11 -37.88
C PRO BA 363 -27.02 12.52 -38.13
N THR BA 364 -27.19 12.97 -39.36
CA THR BA 364 -26.71 14.26 -39.82
C THR BA 364 -27.90 15.15 -40.11
N LEU BA 365 -27.82 16.40 -39.67
CA LEU BA 365 -28.91 17.34 -39.78
C LEU BA 365 -28.56 18.42 -40.79
N TYR BA 366 -29.54 18.81 -41.60
CA TYR BA 366 -29.38 19.90 -42.56
C TYR BA 366 -30.49 20.90 -42.32
N LYS BA 367 -30.15 22.18 -42.41
CA LYS BA 367 -31.14 23.23 -42.38
C LYS BA 367 -30.82 24.21 -43.50
N ASN BA 368 -31.68 24.28 -44.50
CA ASN BA 368 -31.43 25.22 -45.57
C ASN BA 368 -31.34 26.64 -45.04
N GLN BA 369 -30.68 27.48 -45.81
CA GLN BA 369 -30.56 28.88 -45.46
C GLN BA 369 -31.90 29.59 -45.65
N GLY BA 370 -32.06 30.71 -44.95
CA GLY BA 370 -33.26 31.50 -45.09
C GLY BA 370 -34.38 31.15 -44.14
N GLU BA 371 -34.26 30.08 -43.36
CA GLU BA 371 -35.28 29.72 -42.39
C GLU BA 371 -35.43 30.81 -41.35
N ARG BA 372 -36.60 30.84 -40.71
CA ARG BA 372 -36.82 31.77 -39.62
C ARG BA 372 -36.41 31.11 -38.31
N VAL BA 373 -35.71 31.86 -37.47
CA VAL BA 373 -35.23 31.35 -36.19
C VAL BA 373 -35.49 32.38 -35.11
N ASN BA 374 -35.87 31.88 -33.94
CA ASN BA 374 -36.27 32.74 -32.84
C ASN BA 374 -35.30 32.62 -31.68
N ILE BA 375 -34.89 33.78 -31.17
CA ILE BA 375 -33.94 33.87 -30.07
C ILE BA 375 -34.73 34.06 -28.79
N LEU BA 376 -34.59 33.12 -27.86
CA LEU BA 376 -35.31 33.18 -26.59
C LEU BA 376 -34.38 33.73 -25.52
N VAL BA 377 -34.44 35.03 -25.28
CA VAL BA 377 -33.55 35.68 -24.33
C VAL BA 377 -33.68 34.98 -22.98
N ALA BA 378 -32.57 34.49 -22.47
CA ALA BA 378 -32.60 33.74 -21.24
C ALA BA 378 -31.94 34.46 -20.07
N ARG BA 379 -31.60 35.73 -20.22
CA ARG BA 379 -31.04 36.50 -19.12
C ARG BA 379 -31.38 37.96 -19.34
N ASP BA 380 -31.47 38.69 -18.23
CA ASP BA 380 -31.82 40.10 -18.29
C ASP BA 380 -30.77 40.87 -19.07
N LEU BA 381 -31.20 41.78 -19.92
CA LEU BA 381 -30.31 42.60 -20.73
C LEU BA 381 -30.50 44.06 -20.38
N ASP BA 382 -29.61 44.60 -19.56
CA ASP BA 382 -29.68 45.99 -19.16
C ASP BA 382 -29.07 46.84 -20.26
N PHE BA 383 -29.65 48.03 -20.47
CA PHE BA 383 -29.16 48.96 -21.48
C PHE BA 383 -28.97 50.35 -20.89
N SER BA 384 -28.85 50.46 -19.57
CA SER BA 384 -28.79 51.77 -18.95
C SER BA 384 -27.55 52.55 -19.37
N ASP BA 385 -26.51 51.86 -19.83
CA ASP BA 385 -25.24 52.50 -20.07
C ASP BA 385 -25.04 52.98 -21.50
N VAL BA 386 -25.93 52.65 -22.42
CA VAL BA 386 -25.74 53.02 -23.81
C VAL BA 386 -26.80 53.97 -24.34
N TYR BA 387 -28.03 53.92 -23.84
CA TYR BA 387 -29.08 54.77 -24.34
C TYR BA 387 -29.57 55.71 -23.26
N SER BA 388 -30.15 56.83 -23.70
CA SER BA 388 -30.90 57.71 -22.83
C SER BA 388 -31.98 58.35 -23.68
N LEU BA 389 -33.07 58.76 -23.03
CA LEU BA 389 -34.23 59.26 -23.74
C LEU BA 389 -34.36 60.76 -23.52
N GLU BA 390 -34.65 61.48 -24.59
CA GLU BA 390 -34.79 62.92 -24.54
C GLU BA 390 -35.97 63.34 -25.40
N SER BA 391 -36.75 64.30 -24.90
CA SER BA 391 -37.92 64.75 -25.61
C SER BA 391 -37.54 65.57 -26.83
N ILE BA 392 -38.34 65.46 -27.89
CA ILE BA 392 -38.19 66.30 -29.07
C ILE BA 392 -38.99 67.57 -28.88
N PRO BA 393 -38.35 68.74 -28.91
CA PRO BA 393 -39.11 69.99 -28.94
C PRO BA 393 -40.06 70.00 -30.13
N THR BA 394 -41.26 70.55 -29.91
CA THR BA 394 -42.29 70.48 -30.93
C THR BA 394 -41.88 71.23 -32.18
N LYS BA 395 -42.25 70.69 -33.34
CA LYS BA 395 -41.98 71.29 -34.64
C LYS BA 395 -40.51 71.67 -34.82
N LEU CA 21 7.70 83.42 -13.33
CA LEU CA 21 6.75 83.11 -12.27
C LEU CA 21 5.31 83.25 -12.71
N ASP CA 22 4.46 82.37 -12.22
CA ASP CA 22 3.02 82.55 -12.34
C ASP CA 22 2.40 82.59 -10.96
N VAL CA 23 1.70 83.69 -10.65
CA VAL CA 23 0.95 83.81 -9.41
C VAL CA 23 -0.49 83.39 -9.69
N PRO CA 24 -0.99 82.32 -9.07
CA PRO CA 24 -2.36 81.90 -9.33
C PRO CA 24 -3.35 82.96 -8.85
N SER CA 25 -4.45 83.07 -9.57
CA SER CA 25 -5.51 84.03 -9.25
C SER CA 25 -6.49 83.39 -8.28
N SER CA 26 -6.79 84.09 -7.20
CA SER CA 26 -7.62 83.50 -6.16
C SER CA 26 -9.06 83.39 -6.60
N SER CA 27 -9.81 82.54 -5.91
CA SER CA 27 -11.23 82.42 -6.13
C SER CA 27 -11.95 83.67 -5.63
N ARG CA 28 -12.92 84.12 -6.41
CA ARG CA 28 -13.73 85.27 -6.02
C ARG CA 28 -14.43 85.07 -4.69
N TYR CA 29 -14.87 83.84 -4.40
CA TYR CA 29 -15.45 83.54 -3.10
C TYR CA 29 -14.42 83.69 -1.98
N ASP CA 30 -13.33 82.94 -2.08
CA ASP CA 30 -12.32 82.91 -1.03
C ASP CA 30 -10.93 83.01 -1.63
N HIS CA 31 -10.07 83.77 -0.96
CA HIS CA 31 -8.69 83.94 -1.38
C HIS CA 31 -7.81 82.76 -1.01
N ARG CA 32 -8.28 81.85 -0.18
CA ARG CA 32 -7.51 80.67 0.18
C ARG CA 32 -7.41 79.66 -0.95
N ILE CA 33 -8.24 79.80 -1.98
CA ILE CA 33 -8.28 78.89 -3.12
C ILE CA 33 -7.97 79.70 -4.38
N ARG CA 34 -7.02 79.22 -5.17
CA ARG CA 34 -6.55 79.95 -6.33
C ARG CA 34 -6.51 79.05 -7.56
N TYR CA 35 -6.72 79.66 -8.72
CA TYR CA 35 -6.72 78.97 -10.00
C TYR CA 35 -5.47 79.34 -10.79
N VAL CA 36 -4.96 78.40 -11.58
CA VAL CA 36 -3.78 78.62 -12.40
C VAL CA 36 -3.90 77.78 -13.66
N THR CA 37 -3.31 78.29 -14.75
CA THR CA 37 -3.27 77.59 -16.02
C THR CA 37 -1.86 77.04 -16.25
N TYR CA 38 -1.76 75.74 -16.48
CA TYR CA 38 -0.46 75.10 -16.61
C TYR CA 38 0.29 75.64 -17.82
N ASN CA 39 1.61 75.66 -17.73
CA ASN CA 39 2.48 75.93 -18.86
C ASN CA 39 3.59 74.88 -18.82
N PRO CA 40 4.13 74.46 -19.96
CA PRO CA 40 5.28 73.54 -19.91
C PRO CA 40 6.59 74.23 -19.62
N ALA CA 41 6.69 75.54 -19.88
CA ALA CA 41 7.92 76.29 -19.72
C ALA CA 41 7.80 77.40 -18.68
N ASP CA 42 7.21 77.09 -17.54
CA ASP CA 42 7.04 78.08 -16.49
C ASP CA 42 6.85 77.38 -15.16
N VAL CA 43 7.11 78.12 -14.09
CA VAL CA 43 6.98 77.60 -12.73
C VAL CA 43 5.78 78.26 -12.07
N VAL CA 44 5.27 77.60 -11.03
CA VAL CA 44 4.13 78.08 -10.27
C VAL CA 44 4.61 78.47 -8.88
N GLN CA 45 4.30 79.69 -8.46
CA GLN CA 45 4.70 80.21 -7.17
C GLN CA 45 3.62 79.87 -6.14
N VAL CA 46 3.98 79.07 -5.15
CA VAL CA 46 3.07 78.69 -4.08
C VAL CA 46 3.54 79.40 -2.81
N ASP CA 47 2.67 80.24 -2.25
CA ASP CA 47 3.02 81.05 -1.09
C ASP CA 47 2.44 80.39 0.14
N THR CA 48 3.14 79.38 0.65
CA THR CA 48 2.68 78.60 1.79
C THR CA 48 3.07 79.32 3.08
N VAL CA 49 2.23 79.21 4.10
CA VAL CA 49 2.57 79.67 5.42
C VAL CA 49 2.60 78.47 6.37
N LEU CA 50 3.11 78.68 7.57
CA LEU CA 50 3.23 77.60 8.52
C LEU CA 50 1.87 77.13 8.99
N GLY CA 51 1.72 75.82 9.10
CA GLY CA 51 0.54 75.23 9.70
C GLY CA 51 -0.63 74.99 8.78
N VAL CA 52 -0.58 75.48 7.55
CA VAL CA 52 -1.66 75.26 6.61
C VAL CA 52 -1.29 74.12 5.68
N ALA CA 53 -2.22 73.20 5.49
CA ALA CA 53 -2.03 72.07 4.60
C ALA CA 53 -2.53 72.46 3.22
N THR CA 54 -1.66 72.33 2.22
CA THR CA 54 -1.99 72.73 0.87
C THR CA 54 -2.33 71.49 0.04
N HIS CA 55 -3.52 71.52 -0.57
CA HIS CA 55 -3.98 70.43 -1.42
C HIS CA 55 -3.71 70.79 -2.87
N ILE CA 56 -3.05 69.89 -3.58
CA ILE CA 56 -2.76 70.04 -5.00
C ILE CA 56 -3.46 68.89 -5.71
N MET CA 57 -4.24 69.22 -6.74
CA MET CA 57 -5.00 68.23 -7.49
C MET CA 57 -4.56 68.26 -8.95
N LEU CA 58 -4.48 67.08 -9.57
CA LEU CA 58 -3.91 66.90 -10.89
C LEU CA 58 -5.00 66.71 -11.94
N GLU CA 59 -4.60 66.35 -13.15
CA GLU CA 59 -5.56 65.89 -14.14
C GLU CA 59 -6.13 64.54 -13.72
N GLU CA 60 -7.28 64.22 -14.29
CA GLU CA 60 -7.98 62.99 -13.91
C GLU CA 60 -7.38 61.78 -14.61
N GLY CA 61 -7.36 60.66 -13.89
CA GLY CA 61 -6.92 59.40 -14.45
C GLY CA 61 -5.45 59.34 -14.81
N GLU CA 62 -4.65 60.29 -14.35
CA GLU CA 62 -3.26 60.40 -14.77
C GLU CA 62 -2.35 59.67 -13.78
N GLN CA 63 -1.19 59.25 -14.25
CA GLN CA 63 -0.24 58.48 -13.44
C GLN CA 63 0.87 59.36 -12.92
N TYR CA 64 1.01 59.43 -11.60
CA TYR CA 64 2.13 60.10 -10.96
C TYR CA 64 3.39 59.30 -11.19
N LEU CA 65 4.46 59.97 -11.63
CA LEU CA 65 5.72 59.23 -11.79
C LEU CA 65 6.63 59.39 -10.55
N THR CA 66 7.12 60.61 -10.31
CA THR CA 66 7.94 60.89 -9.14
C THR CA 66 7.87 62.39 -8.85
N HIS CA 67 8.45 62.76 -7.71
CA HIS CA 67 8.48 64.13 -7.24
C HIS CA 67 9.91 64.50 -6.90
N ALA CA 68 10.15 65.79 -6.69
CA ALA CA 68 11.48 66.25 -6.34
C ALA CA 68 11.37 67.55 -5.56
N PHE CA 69 11.91 67.57 -4.35
CA PHE CA 69 11.97 68.78 -3.55
C PHE CA 69 13.38 69.33 -3.49
N GLY CA 70 13.48 70.66 -3.42
CA GLY CA 70 14.77 71.28 -3.18
C GLY CA 70 15.34 70.91 -1.82
N ASP CA 71 14.47 70.52 -0.88
CA ASP CA 71 14.89 70.04 0.43
C ASP CA 71 13.90 68.99 0.90
N SER CA 72 14.40 67.78 1.16
CA SER CA 72 13.52 66.67 1.50
C SER CA 72 12.99 66.76 2.93
N GLU CA 73 13.53 67.65 3.75
CA GLU CA 73 13.00 67.83 5.08
C GLU CA 73 12.34 69.19 5.29
N ALA CA 74 12.28 70.01 4.24
CA ALA CA 74 11.58 71.28 4.35
C ALA CA 74 10.07 71.13 4.29
N TYR CA 75 9.58 70.15 3.53
CA TYR CA 75 8.15 70.02 3.30
C TYR CA 75 7.75 68.56 3.36
N ALA CA 76 6.49 68.32 3.67
CA ALA CA 76 5.96 66.98 3.84
C ALA CA 76 5.08 66.65 2.65
N PHE CA 77 5.26 65.46 2.09
CA PHE CA 77 4.61 65.06 0.86
C PHE CA 77 3.76 63.82 1.13
N ALA CA 78 2.49 63.89 0.73
CA ALA CA 78 1.58 62.77 0.90
C ALA CA 78 0.66 62.74 -0.31
N ARG CA 79 0.73 61.64 -1.05
CA ARG CA 79 -0.01 61.49 -2.29
C ARG CA 79 -1.01 60.36 -2.15
N LYS CA 80 -2.22 60.60 -2.64
CA LYS CA 80 -3.23 59.55 -2.81
C LYS CA 80 -3.92 59.86 -4.13
N GLY CA 81 -3.72 58.99 -5.11
CA GLY CA 81 -4.25 59.21 -6.44
C GLY CA 81 -3.65 60.43 -7.09
N ARG CA 82 -4.50 61.29 -7.66
CA ARG CA 82 -4.07 62.51 -8.32
C ARG CA 82 -4.08 63.71 -7.39
N HIS CA 83 -4.05 63.48 -6.08
CA HIS CA 83 -4.14 64.55 -5.10
C HIS CA 83 -2.82 64.66 -4.34
N ILE CA 84 -2.35 65.88 -4.17
CA ILE CA 84 -1.05 66.14 -3.56
C ILE CA 84 -1.24 67.03 -2.35
N PHE CA 85 -0.66 66.60 -1.23
CA PHE CA 85 -0.74 67.31 0.03
C PHE CA 85 0.67 67.70 0.45
N ILE CA 86 0.86 68.96 0.82
CA ILE CA 86 2.16 69.44 1.27
C ILE CA 86 2.01 70.25 2.55
N LYS CA 87 3.05 70.19 3.37
CA LYS CA 87 3.15 71.01 4.56
C LYS CA 87 4.60 71.26 4.92
N PRO CA 88 4.97 72.51 5.21
CA PRO CA 88 6.36 72.80 5.60
C PRO CA 88 6.69 72.21 6.97
N GLN CA 89 7.90 71.66 7.09
CA GLN CA 89 8.47 71.30 8.39
C GLN CA 89 9.72 72.11 8.70
N ALA CA 90 9.88 73.27 8.08
CA ALA CA 90 11.10 74.03 8.32
C ALA CA 90 10.78 75.51 8.21
N GLU CA 91 11.63 76.31 8.83
CA GLU CA 91 11.51 77.76 8.70
C GLU CA 91 12.44 78.26 7.60
N LEU CA 92 12.00 79.31 6.92
CA LEU CA 92 12.72 79.88 5.78
C LEU CA 92 12.87 78.83 4.68
N ALA CA 93 11.91 77.92 4.63
CA ALA CA 93 11.97 76.79 3.70
C ALA CA 93 11.58 77.28 2.31
N ASN CA 94 12.57 77.83 1.60
CA ASN CA 94 12.38 78.31 0.23
C ASN CA 94 13.10 77.34 -0.69
N THR CA 95 12.35 76.47 -1.34
CA THR CA 95 12.91 75.48 -2.25
C THR CA 95 12.03 75.45 -3.49
N ASN CA 96 12.22 74.44 -4.33
CA ASN CA 96 11.37 74.26 -5.50
C ASN CA 96 10.93 72.81 -5.55
N LEU CA 97 9.72 72.61 -6.06
CA LEU CA 97 9.12 71.29 -6.16
C LEU CA 97 8.92 70.95 -7.63
N ILE CA 98 9.41 69.79 -8.03
CA ILE CA 98 9.23 69.28 -9.40
C ILE CA 98 8.57 67.91 -9.27
N VAL CA 99 7.43 67.74 -9.92
CA VAL CA 99 6.74 66.48 -9.99
C VAL CA 99 6.55 66.13 -11.46
N VAL CA 100 6.83 64.87 -11.81
CA VAL CA 100 6.76 64.40 -13.19
C VAL CA 100 5.62 63.41 -13.30
N THR CA 101 4.88 63.50 -14.41
CA THR CA 101 3.77 62.62 -14.71
C THR CA 101 3.84 62.24 -16.19
N ASP CA 102 2.99 61.30 -16.59
CA ASP CA 102 3.03 60.83 -17.98
C ASP CA 102 2.71 61.95 -18.96
N ARG CA 103 1.65 62.71 -18.70
CA ARG CA 103 1.24 63.74 -19.64
C ARG CA 103 2.13 64.97 -19.59
N ARG CA 104 2.64 65.31 -18.40
CA ARG CA 104 3.51 66.46 -18.27
C ARG CA 104 4.23 66.38 -16.93
N SER CA 105 4.97 67.45 -16.61
CA SER CA 105 5.60 67.61 -15.31
C SER CA 105 5.33 69.02 -14.81
N TYR CA 106 5.03 69.15 -13.52
CA TYR CA 106 4.60 70.41 -12.95
C TYR CA 106 5.75 71.07 -12.20
N LYS CA 107 5.82 72.40 -12.26
CA LYS CA 107 6.97 73.15 -11.82
C LYS CA 107 6.55 74.10 -10.70
N PHE CA 108 7.06 73.87 -9.50
CA PHE CA 108 6.70 74.69 -8.35
C PHE CA 108 7.94 75.20 -7.63
N ARG CA 109 7.82 76.39 -7.07
CA ARG CA 109 8.85 77.00 -6.22
C ARG CA 109 8.20 77.33 -4.88
N LEU CA 110 8.32 76.41 -3.93
CA LEU CA 110 7.79 76.63 -2.60
C LEU CA 110 8.48 77.83 -1.98
N GLN CA 111 7.68 78.77 -1.47
CA GLN CA 111 8.21 79.96 -0.80
C GLN CA 111 7.39 80.14 0.48
N MET CA 112 8.01 79.84 1.62
CA MET CA 112 7.28 79.89 2.89
C MET CA 112 7.11 81.33 3.32
N ARG CA 113 5.86 81.74 3.51
CA ARG CA 113 5.54 83.10 3.90
C ARG CA 113 5.47 83.21 5.41
N ASN CA 114 6.15 84.20 5.96
CA ASN CA 114 6.42 84.30 7.39
C ASN CA 114 5.22 84.73 8.21
N ASP CA 115 4.30 85.52 7.66
CA ASP CA 115 3.29 86.20 8.46
C ASP CA 115 2.00 85.41 8.64
N ARG CA 116 1.86 84.25 7.97
CA ARG CA 116 0.70 83.38 8.16
C ARG CA 116 -0.59 84.10 7.75
N ASN CA 117 -0.58 84.69 6.55
CA ASN CA 117 -1.72 85.43 6.03
C ASN CA 117 -1.88 85.15 4.55
N GLY CA 118 -3.14 85.00 4.12
CA GLY CA 118 -3.44 84.74 2.72
C GLY CA 118 -2.84 83.45 2.19
N ALA CA 119 -3.03 82.36 2.92
CA ALA CA 119 -2.38 81.11 2.61
C ALA CA 119 -3.00 80.43 1.39
N MET CA 120 -2.55 79.21 1.13
CA MET CA 120 -2.99 78.41 -0.01
C MET CA 120 -3.68 77.15 0.50
N TYR CA 121 -5.00 77.14 0.46
CA TYR CA 121 -5.75 75.95 0.83
C TYR CA 121 -5.98 75.01 -0.34
N GLU CA 122 -6.02 75.53 -1.56
CA GLU CA 122 -6.39 74.73 -2.72
C GLU CA 122 -5.90 75.44 -3.98
N LEU CA 123 -5.16 74.72 -4.81
CA LEU CA 123 -4.67 75.24 -6.07
C LEU CA 123 -5.22 74.39 -7.20
N ALA CA 124 -5.83 75.05 -8.18
CA ALA CA 124 -6.50 74.36 -9.26
C ALA CA 124 -5.77 74.60 -10.57
N PHE CA 125 -5.58 73.53 -11.33
CA PHE CA 125 -4.94 73.59 -12.62
C PHE CA 125 -5.97 73.53 -13.74
N ARG CA 126 -5.87 74.46 -14.67
CA ARG CA 126 -6.71 74.50 -15.85
C ARG CA 126 -5.80 74.30 -17.05
N TYR CA 127 -5.96 73.17 -17.74
CA TYR CA 127 -4.98 72.71 -18.69
C TYR CA 127 -5.38 73.12 -20.09
N PRO CA 128 -4.73 74.10 -20.72
CA PRO CA 128 -5.07 74.45 -22.10
C PRO CA 128 -4.41 73.53 -23.09
N ASP CA 129 -3.39 72.78 -22.64
CA ASP CA 129 -2.69 71.89 -23.53
C ASP CA 129 -3.61 70.79 -24.06
N THR CA 130 -4.29 70.09 -23.16
CA THR CA 130 -5.20 69.04 -23.60
C THR CA 130 -6.41 69.61 -24.30
N GLN CA 131 -6.80 70.84 -23.96
CA GLN CA 131 -7.86 71.49 -24.72
C GLN CA 131 -7.45 71.65 -26.17
N ALA CA 132 -6.26 72.21 -26.41
CA ALA CA 132 -5.78 72.39 -27.77
C ALA CA 132 -5.60 71.06 -28.47
N ARG CA 133 -5.13 70.05 -27.74
CA ARG CA 133 -5.02 68.71 -28.32
C ARG CA 133 -6.39 68.21 -28.74
N GLN CA 134 -7.36 68.24 -27.83
CA GLN CA 134 -8.72 67.81 -28.12
C GLN CA 134 -9.27 68.48 -29.36
N THR CA 135 -8.99 69.78 -29.51
CA THR CA 135 -9.46 70.50 -30.69
C THR CA 135 -9.00 69.82 -31.96
N ARG CA 136 -7.84 69.17 -31.93
CA ARG CA 136 -7.32 68.52 -33.13
C ARG CA 136 -8.14 67.29 -33.50
N GLU CA 137 -8.49 66.45 -32.53
CA GLU CA 137 -9.33 65.31 -32.85
C GLU CA 137 -10.71 65.75 -33.29
N ALA CA 138 -11.23 66.81 -32.69
CA ALA CA 138 -12.53 67.34 -33.13
C ALA CA 138 -12.48 67.74 -34.60
N ASN CA 139 -11.45 68.49 -34.99
CA ASN CA 139 -11.32 68.90 -36.38
C ASN CA 139 -11.13 67.71 -37.30
N ALA CA 140 -10.34 66.73 -36.87
CA ALA CA 140 -10.11 65.55 -37.69
C ALA CA 140 -11.41 64.79 -37.92
N ARG CA 141 -12.15 64.53 -36.85
CA ARG CA 141 -13.43 63.83 -36.99
C ARG CA 141 -14.38 64.61 -37.87
N ALA CA 142 -14.47 65.92 -37.67
CA ALA CA 142 -15.40 66.73 -38.46
C ALA CA 142 -15.03 66.69 -39.93
N ALA CA 143 -13.74 66.84 -40.24
CA ALA CA 143 -13.31 66.80 -41.63
C ALA CA 143 -13.59 65.45 -42.25
N VAL CA 144 -13.31 64.36 -41.53
CA VAL CA 144 -13.55 63.04 -42.07
C VAL CA 144 -15.02 62.83 -42.36
N GLU CA 145 -15.88 63.21 -41.41
CA GLU CA 145 -17.30 62.99 -41.59
C GLU CA 145 -17.86 63.86 -42.71
N ALA CA 146 -17.37 65.09 -42.83
CA ALA CA 146 -17.78 65.94 -43.93
C ALA CA 146 -17.36 65.34 -45.27
N ALA CA 147 -16.17 64.76 -45.32
CA ALA CA 147 -15.72 64.11 -46.54
C ALA CA 147 -16.60 62.91 -46.89
N PHE CA 148 -16.97 62.13 -45.88
CA PHE CA 148 -17.83 60.98 -46.13
C PHE CA 148 -19.19 61.42 -46.64
N GLU CA 149 -19.80 62.41 -46.00
CA GLU CA 149 -21.18 62.76 -46.31
C GLU CA 149 -21.30 63.71 -47.49
N GLN CA 150 -20.18 64.32 -47.92
CA GLN CA 150 -20.28 65.24 -49.04
C GLN CA 150 -20.76 64.52 -50.30
N ARG CA 151 -20.19 63.34 -50.56
CA ARG CA 151 -20.73 62.37 -51.50
C ARG CA 151 -21.15 63.01 -52.82
N VAL CA 152 -20.19 63.52 -53.57
CA VAL CA 152 -20.42 64.04 -54.91
C VAL CA 152 -19.63 63.18 -55.88
N GLY CA 153 -20.05 63.18 -57.14
CA GLY CA 153 -19.39 62.37 -58.14
C GLY CA 153 -19.55 60.88 -57.94
N ALA CA 154 -20.71 60.45 -57.47
CA ALA CA 154 -21.04 59.04 -57.34
C ALA CA 154 -22.15 58.71 -58.32
N TYR CA 155 -21.98 57.61 -59.05
CA TYR CA 155 -22.91 57.23 -60.11
C TYR CA 155 -23.96 56.26 -59.56
N TYR CA 156 -25.22 56.58 -59.81
CA TYR CA 156 -26.34 55.78 -59.32
C TYR CA 156 -27.02 55.07 -60.49
N ASN CA 157 -27.22 53.77 -60.34
CA ASN CA 157 -27.93 52.95 -61.33
C ASN CA 157 -29.21 52.44 -60.70
N LEU CA 158 -30.31 52.53 -61.46
CA LEU CA 158 -31.63 52.19 -60.94
C LEU CA 158 -32.29 51.04 -61.68
N LYS CA 159 -31.72 50.58 -62.80
CA LYS CA 159 -32.32 49.50 -63.57
C LYS CA 159 -32.19 48.21 -62.77
N TYR CA 160 -33.31 47.74 -62.24
CA TYR CA 160 -33.35 46.49 -61.50
C TYR CA 160 -34.66 45.77 -61.78
N MET CA 161 -34.60 44.45 -61.84
CA MET CA 161 -35.77 43.64 -62.14
C MET CA 161 -35.92 42.60 -61.04
N MET CA 162 -37.14 42.07 -60.89
CA MET CA 162 -37.36 41.02 -59.93
C MET CA 162 -38.47 40.10 -60.42
N SER CA 163 -38.46 38.87 -59.93
CA SER CA 163 -39.51 37.91 -60.21
C SER CA 163 -39.48 36.84 -59.15
N GLY CA 164 -40.66 36.34 -58.78
CA GLY CA 164 -40.77 35.40 -57.69
C GLY CA 164 -41.79 35.85 -56.66
N ASP CA 165 -41.56 35.47 -55.41
CA ASP CA 165 -42.51 35.75 -54.33
C ASP CA 165 -42.40 37.24 -53.98
N LYS CA 166 -43.14 38.07 -54.70
CA LYS CA 166 -43.03 39.52 -54.58
C LYS CA 166 -43.49 40.07 -53.25
N ASP CA 167 -43.94 39.22 -52.32
CA ASP CA 167 -44.46 39.73 -51.06
C ASP CA 167 -43.42 40.48 -50.24
N ILE CA 168 -42.19 39.97 -50.16
CA ILE CA 168 -41.15 40.57 -49.35
C ILE CA 168 -40.27 41.50 -50.18
N ALA CA 169 -40.73 41.87 -51.36
CA ALA CA 169 -39.93 42.68 -52.26
C ALA CA 169 -39.61 44.04 -51.64
N PRO CA 170 -38.40 44.53 -51.86
CA PRO CA 170 -38.07 45.88 -51.41
C PRO CA 170 -38.83 46.92 -52.21
N VAL CA 171 -39.05 48.07 -51.57
CA VAL CA 171 -39.74 49.15 -52.28
C VAL CA 171 -38.81 49.87 -53.24
N ASN CA 172 -37.50 49.83 -53.00
CA ASN CA 172 -36.53 50.46 -53.88
C ASN CA 172 -35.21 49.71 -53.80
N ALA CA 173 -34.54 49.62 -54.95
CA ALA CA 173 -33.22 49.02 -55.03
C ALA CA 173 -32.37 49.88 -55.97
N TRP CA 174 -31.11 50.10 -55.58
CA TRP CA 174 -30.23 50.96 -56.37
C TRP CA 174 -28.80 50.64 -55.99
N ASP CA 175 -27.88 51.06 -56.85
CA ASP CA 175 -26.46 50.80 -56.64
C ASP CA 175 -25.67 52.06 -56.95
N ASP CA 176 -24.51 52.18 -56.31
CA ASP CA 176 -23.68 53.36 -56.46
C ASP CA 176 -22.40 53.07 -57.22
N GLY CA 177 -22.29 51.91 -57.85
CA GLY CA 177 -21.06 51.45 -58.45
C GLY CA 177 -20.18 50.68 -57.51
N ARG CA 178 -20.19 51.01 -56.22
CA ARG CA 178 -19.44 50.26 -55.22
C ARG CA 178 -20.32 49.29 -54.47
N PHE CA 179 -21.53 49.69 -54.12
CA PHE CA 179 -22.43 48.89 -53.29
C PHE CA 179 -23.78 48.73 -53.96
N THR CA 180 -24.48 47.66 -53.60
CA THR CA 180 -25.86 47.46 -53.94
C THR CA 180 -26.71 47.74 -52.72
N TYR CA 181 -27.64 48.69 -52.84
CA TYR CA 181 -28.48 49.12 -51.73
C TYR CA 181 -29.90 48.63 -51.93
N PHE CA 182 -30.50 48.15 -50.86
CA PHE CA 182 -31.90 47.74 -50.84
C PHE CA 182 -32.64 48.54 -49.79
N LYS CA 183 -33.79 49.10 -50.18
CA LYS CA 183 -34.67 49.79 -49.25
C LYS CA 183 -35.98 49.03 -49.15
N PHE CA 184 -36.38 48.70 -47.92
CA PHE CA 184 -37.63 48.01 -47.67
C PHE CA 184 -38.64 48.96 -47.05
N SER CA 185 -39.90 48.54 -47.06
CA SER CA 185 -40.90 49.27 -46.31
C SER CA 185 -40.67 49.10 -44.82
N ALA CA 186 -41.24 50.01 -44.03
CA ALA CA 186 -41.05 49.95 -42.58
C ALA CA 186 -41.61 48.66 -42.01
N ASN CA 187 -42.80 48.25 -42.46
CA ASN CA 187 -43.50 47.11 -41.90
C ASN CA 187 -42.78 45.79 -42.14
N ALA CA 188 -42.27 45.55 -43.34
CA ALA CA 188 -41.81 44.24 -43.75
C ALA CA 188 -40.58 43.82 -42.95
N ASP CA 189 -40.45 42.51 -42.73
CA ASP CA 189 -39.27 41.99 -42.06
C ASP CA 189 -38.03 42.29 -42.90
N LEU CA 190 -36.87 42.15 -42.29
CA LEU CA 190 -35.63 42.27 -43.05
C LEU CA 190 -35.15 40.89 -43.47
N PRO CA 191 -35.18 40.56 -44.74
CA PRO CA 191 -34.86 39.21 -45.15
C PRO CA 191 -33.37 38.98 -45.18
N SER CA 192 -32.93 37.81 -45.64
CA SER CA 192 -31.53 37.50 -45.84
C SER CA 192 -31.23 37.52 -47.32
N ILE CA 193 -30.14 38.20 -47.69
CA ILE CA 193 -29.75 38.37 -49.08
C ILE CA 193 -28.63 37.39 -49.38
N TYR CA 194 -28.57 36.91 -50.62
CA TYR CA 194 -27.53 35.97 -51.02
C TYR CA 194 -26.96 36.35 -52.38
N PHE CA 195 -25.72 35.93 -52.60
CA PHE CA 195 -24.97 36.26 -53.80
C PHE CA 195 -24.97 35.07 -54.73
N VAL CA 196 -25.33 35.30 -55.98
CA VAL CA 196 -25.50 34.22 -56.96
C VAL CA 196 -24.47 34.38 -58.06
N ASP CA 197 -23.70 33.32 -58.29
CA ASP CA 197 -22.74 33.25 -59.38
C ASP CA 197 -23.44 32.69 -60.62
N ALA CA 198 -22.77 32.72 -61.77
CA ALA CA 198 -23.43 32.39 -63.01
C ALA CA 198 -23.94 30.95 -63.03
N GLU CA 199 -23.27 30.04 -62.32
CA GLU CA 199 -23.75 28.67 -62.27
C GLU CA 199 -25.01 28.52 -61.44
N GLY CA 200 -25.42 29.55 -60.70
CA GLY CA 200 -26.58 29.44 -59.85
C GLY CA 200 -26.34 28.83 -58.49
N ASN CA 201 -25.17 29.05 -57.90
CA ASN CA 201 -24.93 28.60 -56.54
C ASN CA 201 -24.98 29.77 -55.59
N GLU CA 202 -25.77 29.64 -54.54
CA GLU CA 202 -25.91 30.72 -53.57
C GLU CA 202 -24.71 30.77 -52.65
N SER CA 203 -24.30 31.99 -52.29
CA SER CA 203 -23.15 32.21 -51.45
C SER CA 203 -23.39 33.46 -50.62
N LEU CA 204 -22.76 33.49 -49.44
CA LEU CA 204 -22.93 34.64 -48.56
C LEU CA 204 -22.32 35.88 -49.17
N VAL CA 205 -22.67 37.02 -48.59
CA VAL CA 205 -22.00 38.28 -48.89
C VAL CA 205 -22.28 39.21 -47.71
N PRO CA 206 -21.25 39.78 -47.10
CA PRO CA 206 -21.47 40.57 -45.89
C PRO CA 206 -22.39 41.74 -46.16
N ARG CA 207 -23.23 42.04 -45.17
CA ARG CA 207 -24.23 43.08 -45.27
C ARG CA 207 -24.08 44.03 -44.09
N THR CA 208 -24.30 45.31 -44.35
CA THR CA 208 -24.30 46.31 -43.31
C THR CA 208 -25.50 47.20 -43.50
N THR CA 209 -26.31 47.31 -42.45
CA THR CA 209 -27.57 48.04 -42.49
C THR CA 209 -27.31 49.50 -42.18
N VAL CA 210 -27.81 50.38 -43.03
CA VAL CA 210 -27.63 51.81 -42.84
C VAL CA 210 -28.98 52.49 -42.98
N GLY CA 211 -29.00 53.80 -42.86
CA GLY CA 211 -30.22 54.56 -43.09
C GLY CA 211 -30.71 55.24 -41.82
N SER CA 212 -31.72 56.08 -42.02
CA SER CA 212 -32.32 56.78 -40.88
C SER CA 212 -32.93 55.80 -39.89
N SER CA 213 -33.65 54.81 -40.40
CA SER CA 213 -34.50 53.96 -39.57
C SER CA 213 -34.19 52.47 -39.75
N ASN CA 214 -32.96 52.15 -40.17
CA ASN CA 214 -32.58 50.78 -40.46
C ASN CA 214 -33.49 50.17 -41.52
N ASN CA 215 -33.93 51.00 -42.46
CA ASN CA 215 -34.79 50.58 -43.55
C ASN CA 215 -34.04 50.34 -44.84
N ILE CA 216 -32.71 50.46 -44.83
CA ILE CA 216 -31.89 50.19 -45.98
C ILE CA 216 -30.81 49.18 -45.60
N ILE CA 217 -30.81 48.04 -46.28
CA ILE CA 217 -29.78 47.03 -46.09
C ILE CA 217 -28.81 47.14 -47.26
N ALA CA 218 -27.52 47.15 -46.96
CA ALA CA 218 -26.48 47.38 -47.96
C ALA CA 218 -25.55 46.19 -47.98
N VAL CA 219 -25.22 45.73 -49.18
CA VAL CA 219 -24.25 44.66 -49.38
C VAL CA 219 -23.01 45.26 -50.03
N HIS CA 220 -21.94 44.46 -50.10
CA HIS CA 220 -20.62 44.96 -50.45
C HIS CA 220 -20.14 44.49 -51.81
N LYS CA 221 -21.02 44.37 -52.80
CA LYS CA 221 -20.59 44.08 -54.15
C LYS CA 221 -21.55 44.72 -55.13
N VAL CA 222 -21.27 44.52 -56.41
CA VAL CA 222 -22.25 44.66 -57.47
C VAL CA 222 -22.31 43.31 -58.16
N ASN CA 223 -23.49 42.95 -58.68
CA ASN CA 223 -23.64 41.65 -59.31
C ASN CA 223 -24.84 41.68 -60.24
N PRO CA 224 -24.89 40.79 -61.23
CA PRO CA 224 -26.08 40.71 -62.06
C PRO CA 224 -27.28 40.11 -61.35
N LYS CA 225 -27.10 39.06 -60.54
CA LYS CA 225 -28.24 38.35 -59.98
C LYS CA 225 -28.15 38.29 -58.47
N TRP CA 226 -29.21 38.73 -57.80
CA TRP CA 226 -29.34 38.65 -56.35
C TRP CA 226 -30.55 37.80 -55.98
N MET CA 227 -30.36 36.95 -54.98
CA MET CA 227 -31.42 36.08 -54.46
C MET CA 227 -31.74 36.47 -53.04
N ILE CA 228 -33.03 36.61 -52.73
CA ILE CA 228 -33.49 37.01 -51.41
C ILE CA 228 -34.37 35.90 -50.85
N ARG CA 229 -34.00 35.36 -49.69
CA ARG CA 229 -34.72 34.29 -49.07
C ARG CA 229 -35.16 34.69 -47.67
N LEU CA 230 -36.42 34.40 -47.35
CA LEU CA 230 -36.98 34.60 -46.01
C LEU CA 230 -37.89 33.44 -45.70
N GLY CA 231 -37.62 32.74 -44.60
CA GLY CA 231 -38.42 31.60 -44.23
C GLY CA 231 -38.43 30.54 -45.31
N ASN CA 232 -39.58 30.33 -45.94
CA ASN CA 232 -39.70 29.39 -47.03
C ASN CA 232 -40.18 30.07 -48.30
N ARG CA 233 -39.85 31.33 -48.46
CA ARG CA 233 -40.20 32.12 -49.63
C ARG CA 233 -38.93 32.68 -50.24
N ALA CA 234 -38.93 32.87 -51.56
CA ALA CA 234 -37.76 33.32 -52.25
C ALA CA 234 -38.12 34.36 -53.29
N LEU CA 235 -37.17 35.25 -53.54
CA LEU CA 235 -37.31 36.26 -54.59
C LEU CA 235 -35.94 36.55 -55.15
N ALA CA 236 -35.85 36.63 -56.48
CA ALA CA 236 -34.60 36.91 -57.16
C ALA CA 236 -34.62 38.33 -57.71
N ILE CA 237 -33.45 38.93 -57.81
CA ILE CA 237 -33.29 40.26 -58.38
C ILE CA 237 -32.25 40.21 -59.47
N PHE CA 238 -32.61 40.68 -60.66
CA PHE CA 238 -31.72 40.71 -61.81
C PHE CA 238 -31.23 42.13 -62.01
N ASN CA 239 -29.97 42.28 -62.35
CA ASN CA 239 -29.44 43.57 -62.76
C ASN CA 239 -29.58 43.67 -64.27
N GLU CA 240 -29.80 44.88 -64.78
CA GLU CA 240 -29.97 45.10 -66.20
C GLU CA 240 -28.85 45.91 -66.82
N ALA CA 241 -27.96 46.48 -66.02
CA ALA CA 241 -26.84 47.27 -66.54
C ALA CA 241 -25.57 46.92 -65.78
N TYR CA 242 -25.35 45.62 -65.59
CA TYR CA 242 -24.15 45.17 -64.89
C TYR CA 242 -22.91 45.59 -65.64
N ASP CA 243 -22.17 46.54 -65.07
CA ASP CA 243 -20.92 46.98 -65.68
C ASP CA 243 -19.78 46.32 -64.92
N PRO CA 244 -19.11 45.32 -65.48
CA PRO CA 244 -18.02 44.67 -64.74
C PRO CA 244 -16.86 45.59 -64.47
N ASN CA 245 -16.70 46.66 -65.25
CA ASN CA 245 -15.54 47.53 -65.10
C ASN CA 245 -15.49 48.16 -63.72
N GLY CA 246 -16.62 48.66 -63.25
CA GLY CA 246 -16.63 49.32 -61.96
C GLY CA 246 -15.82 50.59 -61.98
N VAL CA 247 -15.56 51.13 -60.79
CA VAL CA 247 -14.69 52.27 -60.59
C VAL CA 247 -13.64 51.86 -59.57
N PRO CA 248 -12.36 52.09 -59.84
CA PRO CA 248 -11.33 51.57 -58.94
C PRO CA 248 -11.45 52.14 -57.54
N ASN CA 249 -11.21 51.29 -56.56
CA ASN CA 249 -11.30 51.65 -55.15
C ASN CA 249 -9.90 51.97 -54.66
N ASP CA 250 -9.29 52.99 -55.25
CA ASP CA 250 -7.90 53.31 -54.97
C ASP CA 250 -7.67 53.85 -53.57
N THR CA 251 -8.57 54.68 -53.04
CA THR CA 251 -8.36 55.29 -51.75
C THR CA 251 -8.42 54.31 -50.59
N GLY CA 252 -8.83 53.07 -50.83
CA GLY CA 252 -8.90 52.10 -49.76
C GLY CA 252 -10.08 52.27 -48.82
N THR CA 253 -11.06 53.08 -49.19
CA THR CA 253 -12.23 53.29 -48.36
C THR CA 253 -13.45 53.49 -49.23
N ALA CA 254 -14.60 53.68 -48.59
CA ALA CA 254 -15.86 53.80 -49.31
C ALA CA 254 -15.95 55.08 -50.14
N SER CA 255 -15.04 56.03 -49.95
CA SER CA 255 -15.22 57.28 -50.66
C SER CA 255 -13.95 57.70 -51.38
N PRO CA 256 -14.07 58.43 -52.48
CA PRO CA 256 -12.89 59.01 -53.14
C PRO CA 256 -12.33 60.24 -52.44
N ALA CA 257 -12.75 60.54 -51.23
CA ALA CA 257 -12.30 61.73 -50.51
C ALA CA 257 -11.64 61.41 -49.19
N VAL CA 258 -11.40 60.14 -48.87
CA VAL CA 258 -10.66 59.75 -47.70
C VAL CA 258 -9.59 58.76 -48.13
N ARG CA 259 -8.32 59.13 -48.00
CA ARG CA 259 -7.30 58.12 -48.20
C ARG CA 259 -7.06 57.36 -46.91
N ARG CA 260 -6.80 56.07 -47.07
CA ARG CA 260 -6.37 55.21 -45.99
C ARG CA 260 -4.85 55.21 -45.99
N VAL CA 261 -4.24 55.40 -44.84
CA VAL CA 261 -2.80 55.50 -44.75
C VAL CA 261 -2.29 54.51 -43.71
N ASN CA 262 -1.07 54.05 -43.91
CA ASN CA 262 -0.47 53.06 -43.03
C ASN CA 262 0.13 53.79 -41.84
N LYS CA 263 -0.28 53.41 -40.64
CA LYS CA 263 0.15 54.11 -39.44
C LYS CA 263 1.27 53.35 -38.73
N GLY CA 264 1.36 52.05 -38.93
CA GLY CA 264 2.31 51.24 -38.19
C GLY CA 264 3.76 51.56 -38.51
N GLY CA 265 4.01 52.30 -39.57
CA GLY CA 265 5.37 52.56 -40.01
C GLY CA 265 6.07 51.26 -40.40
N ASN CA 266 7.21 50.98 -39.76
CA ASN CA 266 7.87 49.68 -39.87
C ASN CA 266 8.17 49.29 -41.32
N CYS DA 17 -30.22 7.58 -53.25
CA CYS DA 17 -31.67 7.56 -53.32
C CYS DA 17 -32.24 8.62 -52.37
N ALA DA 18 -31.36 9.20 -51.55
CA ALA DA 18 -31.73 10.25 -50.62
C ALA DA 18 -30.66 11.34 -50.65
N SER DA 19 -31.09 12.59 -50.58
CA SER DA 19 -30.18 13.72 -50.57
C SER DA 19 -30.81 14.88 -49.80
N ALA DA 20 -30.00 15.91 -49.56
CA ALA DA 20 -30.49 17.08 -48.85
C ALA DA 20 -31.37 17.91 -49.78
N PRO DA 21 -32.61 18.16 -49.42
CA PRO DA 21 -33.49 18.94 -50.31
C PRO DA 21 -33.00 20.37 -50.46
N LYS DA 22 -33.22 20.91 -51.63
CA LYS DA 22 -32.78 22.26 -51.93
C LYS DA 22 -33.70 23.28 -51.28
N PRO DA 23 -33.24 24.50 -51.08
CA PRO DA 23 -34.16 25.60 -50.81
C PRO DA 23 -34.98 25.92 -52.04
N LYS DA 24 -36.17 26.48 -51.80
CA LYS DA 24 -37.12 26.71 -52.88
C LYS DA 24 -36.51 27.60 -53.96
N GLN DA 25 -36.79 27.27 -55.19
CA GLN DA 25 -36.29 27.97 -56.35
C GLN DA 25 -37.32 28.96 -56.86
N PRO DA 26 -37.01 30.25 -56.91
CA PRO DA 26 -38.02 31.23 -57.34
C PRO DA 26 -38.44 31.03 -58.79
N SER DA 27 -39.71 31.30 -59.04
CA SER DA 27 -40.23 31.26 -60.40
C SER DA 27 -39.63 32.39 -61.23
N ASP DA 28 -39.68 32.24 -62.54
CA ASP DA 28 -39.14 33.23 -63.47
C ASP DA 28 -40.17 33.66 -64.50
N PHE DA 29 -41.38 33.99 -64.07
CA PHE DA 29 -42.44 34.40 -64.98
C PHE DA 29 -42.78 35.88 -64.84
N ASN DA 30 -42.93 36.35 -63.59
CA ASN DA 30 -43.44 37.68 -63.30
C ASN DA 30 -42.30 38.67 -63.06
N ARG DA 31 -41.61 38.99 -64.15
CA ARG DA 31 -40.46 39.89 -64.10
C ARG DA 31 -40.95 41.33 -64.30
N GLU DA 32 -40.78 42.17 -63.28
CA GLU DA 32 -41.16 43.57 -63.34
C GLU DA 32 -40.11 44.41 -62.65
N PRO DA 33 -40.04 45.70 -62.97
CA PRO DA 33 -39.06 46.58 -62.31
C PRO DA 33 -39.31 46.66 -60.82
N VAL DA 34 -38.23 46.91 -60.07
CA VAL DA 34 -38.34 47.10 -58.64
C VAL DA 34 -38.57 48.56 -58.30
N ASN DA 35 -37.92 49.46 -59.04
CA ASN DA 35 -38.01 50.89 -58.76
C ASN DA 35 -39.23 51.45 -59.49
N LYS DA 36 -40.38 51.35 -58.84
CA LYS DA 36 -41.56 52.07 -59.33
C LYS DA 36 -41.34 53.57 -59.35
N THR DA 37 -40.48 54.06 -58.46
CA THR DA 37 -40.26 55.50 -58.32
C THR DA 37 -38.83 55.75 -57.86
N VAL DA 38 -38.40 56.99 -58.04
CA VAL DA 38 -37.05 57.39 -57.61
C VAL DA 38 -36.99 57.38 -56.09
N PRO DA 39 -36.06 56.63 -55.50
CA PRO DA 39 -35.93 56.67 -54.03
C PRO DA 39 -35.44 58.04 -53.58
N VAL DA 40 -35.79 58.39 -52.33
CA VAL DA 40 -35.46 59.71 -51.82
C VAL DA 40 -33.97 59.91 -51.59
N GLU DA 41 -33.25 58.87 -51.14
CA GLU DA 41 -31.84 59.03 -50.79
C GLU DA 41 -30.99 59.34 -52.01
N ILE DA 42 -31.53 59.16 -53.21
CA ILE DA 42 -30.85 59.54 -54.44
C ILE DA 42 -31.04 61.04 -54.63
N GLN DA 43 -31.63 61.69 -53.62
CA GLN DA 43 -31.89 63.13 -53.63
C GLN DA 43 -32.81 63.50 -54.80
N ARG DA 44 -33.80 62.65 -55.03
CA ARG DA 44 -34.80 62.89 -56.06
C ARG DA 44 -36.02 62.02 -55.81
N LYS EA 135 10.20 79.77 26.77
CA LYS EA 135 9.25 78.84 26.19
C LYS EA 135 7.83 79.35 26.29
N THR EA 136 7.55 80.45 25.60
CA THR EA 136 6.18 80.96 25.54
C THR EA 136 5.30 79.94 24.82
N PRO EA 137 4.04 79.81 25.23
CA PRO EA 137 3.18 78.79 24.60
C PRO EA 137 3.05 78.94 23.11
N TYR EA 138 3.15 80.16 22.58
CA TYR EA 138 3.16 80.34 21.14
C TYR EA 138 4.37 79.66 20.52
N GLU EA 139 5.52 79.73 21.19
CA GLU EA 139 6.72 79.08 20.68
C GLU EA 139 6.56 77.56 20.67
N LEU EA 140 6.01 77.00 21.74
CA LEU EA 140 5.76 75.56 21.78
C LEU EA 140 4.78 75.16 20.68
N ALA EA 141 3.74 75.96 20.49
CA ALA EA 141 2.77 75.67 19.44
C ALA EA 141 3.44 75.70 18.07
N ARG EA 142 4.33 76.68 17.85
CA ARG EA 142 5.04 76.72 16.57
C ARG EA 142 5.91 75.48 16.38
N GLU EA 143 6.62 75.07 17.42
CA GLU EA 143 7.43 73.86 17.30
C GLU EA 143 6.57 72.67 16.95
N ARG EA 144 5.43 72.52 17.63
CA ARG EA 144 4.51 71.43 17.33
C ARG EA 144 4.01 71.51 15.90
N MET EA 145 3.71 72.74 15.44
CA MET EA 145 3.36 72.97 14.05
C MET EA 145 4.41 72.37 13.13
N LEU EA 146 5.68 72.64 13.42
CA LEU EA 146 6.75 72.18 12.54
C LEU EA 146 6.88 70.66 12.57
N ARG EA 147 6.86 70.06 13.76
CA ARG EA 147 7.21 68.64 13.85
C ARG EA 147 6.09 67.75 13.31
N SER EA 148 4.84 68.17 13.43
CA SER EA 148 3.73 67.31 13.05
C SER EA 148 3.64 67.12 11.54
N GLY EA 149 3.19 65.94 11.14
CA GLY EA 149 3.01 65.62 9.74
C GLY EA 149 1.56 65.72 9.29
N LEU EA 150 1.32 65.23 8.07
CA LEU EA 150 -0.03 65.31 7.52
C LEU EA 150 -0.99 64.35 8.21
N THR EA 151 -0.59 63.10 8.39
CA THR EA 151 -1.48 62.10 8.98
C THR EA 151 -0.88 61.60 10.27
N ALA EA 152 -1.69 61.55 11.33
CA ALA EA 152 -1.24 61.01 12.60
C ALA EA 152 -1.16 59.49 12.52
N GLY EA 153 -0.03 58.93 12.96
CA GLY EA 153 0.17 57.50 12.94
C GLY EA 153 0.23 56.93 11.53
N GLY EA 177 -28.10 -7.56 28.94
CA GLY EA 177 -29.00 -8.16 27.98
C GLY EA 177 -29.32 -7.26 26.80
N GLY EA 178 -28.89 -7.67 25.62
CA GLY EA 178 -29.17 -6.95 24.40
C GLY EA 178 -29.52 -7.88 23.26
N GLY EA 179 -29.69 -9.15 23.59
CA GLY EA 179 -29.96 -10.17 22.59
C GLY EA 179 -31.38 -10.12 22.09
N GLY EA 180 -31.73 -11.13 21.32
CA GLY EA 180 -33.03 -11.16 20.66
C GLY EA 180 -33.17 -10.00 19.70
N GLY EA 181 -32.13 -9.76 18.91
CA GLY EA 181 -32.09 -8.56 18.10
C GLY EA 181 -33.28 -8.43 17.18
N GLU EA 182 -33.60 -9.50 16.46
CA GLU EA 182 -34.59 -9.41 15.39
C GLU EA 182 -35.91 -8.86 15.91
N LEU EA 183 -36.46 -9.48 16.95
CA LEU EA 183 -37.65 -8.92 17.57
C LEU EA 183 -37.40 -7.53 18.10
N ALA EA 184 -36.33 -7.35 18.86
CA ALA EA 184 -36.01 -6.04 19.41
C ALA EA 184 -35.80 -5.01 18.31
N GLU EA 185 -35.07 -5.38 17.26
CA GLU EA 185 -34.91 -4.48 16.13
C GLU EA 185 -36.24 -4.13 15.49
N LYS EA 186 -37.23 -5.00 15.56
CA LYS EA 186 -38.54 -4.61 15.09
C LYS EA 186 -39.27 -3.68 16.05
N LEU EA 187 -38.73 -3.44 17.25
CA LEU EA 187 -39.49 -2.77 18.29
C LEU EA 187 -38.90 -1.45 18.77
N GLN EA 188 -37.87 -0.92 18.13
CA GLN EA 188 -37.48 0.43 18.47
C GLN EA 188 -38.57 1.38 18.01
N PRO EA 189 -39.12 2.20 18.89
CA PRO EA 189 -40.23 3.06 18.49
C PRO EA 189 -39.80 4.11 17.50
N MET EA 190 -40.77 4.66 16.80
CA MET EA 190 -40.56 5.81 15.94
C MET EA 190 -41.40 6.96 16.48
N ARG EA 191 -40.72 7.96 17.04
CA ARG EA 191 -41.37 9.09 17.69
C ARG EA 191 -41.28 10.28 16.75
N LEU EA 192 -42.38 10.99 16.58
CA LEU EA 192 -42.42 12.19 15.78
C LEU EA 192 -42.65 13.38 16.67
N SER EA 193 -41.87 14.43 16.47
CA SER EA 193 -42.03 15.64 17.25
C SER EA 193 -43.39 16.26 16.94
N GLY EA 194 -43.99 16.86 17.96
CA GLY EA 194 -45.21 17.61 17.75
C GLY EA 194 -44.94 18.87 16.96
N SER EA 195 -46.03 19.56 16.62
CA SER EA 195 -45.94 20.81 15.90
C SER EA 195 -46.88 21.82 16.54
N SER EA 196 -46.58 23.10 16.35
CA SER EA 196 -47.38 24.18 16.90
C SER EA 196 -47.82 25.08 15.75
N ALA EA 197 -49.09 25.45 15.77
CA ALA EA 197 -49.64 26.25 14.69
C ALA EA 197 -49.02 27.64 14.67
N GLY EA 198 -49.00 28.23 13.48
CA GLY EA 198 -48.60 29.61 13.31
C GLY EA 198 -49.65 30.42 12.59
N ARG EA 199 -49.35 31.68 12.39
CA ARG EA 199 -50.28 32.58 11.74
C ARG EA 199 -49.58 33.34 10.63
N LEU EA 200 -50.19 33.31 9.45
CA LEU EA 200 -49.61 34.01 8.31
C LEU EA 200 -49.56 35.50 8.60
N GLY EA 201 -48.51 36.15 8.09
CA GLY EA 201 -48.29 37.54 8.41
C GLY EA 201 -49.39 38.46 7.95
N ASN EA 202 -49.54 38.60 6.63
CA ASN EA 202 -50.49 39.54 6.07
C ASN EA 202 -51.17 38.85 4.91
N ARG EA 203 -52.36 38.31 5.14
CA ARG EA 203 -53.08 37.56 4.13
C ARG EA 203 -53.52 38.42 2.95
N ASP EA 204 -53.46 39.75 3.08
CA ASP EA 204 -53.79 40.61 1.96
C ASP EA 204 -52.72 40.64 0.90
N MET EA 205 -51.45 40.46 1.28
CA MET EA 205 -50.31 40.58 0.38
C MET EA 205 -49.55 39.26 0.30
N LEU EA 206 -50.25 38.14 0.13
CA LEU EA 206 -49.58 36.85 0.19
C LEU EA 206 -50.27 35.82 -0.71
N ILE EA 207 -49.46 35.00 -1.36
CA ILE EA 207 -49.92 33.81 -2.07
C ILE EA 207 -49.27 32.62 -1.39
N THR EA 208 -50.02 31.54 -1.22
CA THR EA 208 -49.48 30.41 -0.49
C THR EA 208 -49.43 29.17 -1.37
N GLN EA 209 -48.84 28.12 -0.83
CA GLN EA 209 -48.72 26.87 -1.55
C GLN EA 209 -50.08 26.37 -1.97
N GLY EA 210 -50.16 25.83 -3.17
CA GLY EA 210 -51.40 25.28 -3.68
C GLY EA 210 -52.24 26.21 -4.53
N THR EA 211 -51.94 27.50 -4.55
CA THR EA 211 -52.68 28.40 -5.40
C THR EA 211 -52.37 28.09 -6.86
N GLN EA 212 -53.41 27.78 -7.62
CA GLN EA 212 -53.26 27.28 -8.97
C GLN EA 212 -53.29 28.44 -9.95
N LEU EA 213 -52.31 28.50 -10.83
CA LEU EA 213 -52.19 29.57 -11.81
C LEU EA 213 -52.45 29.00 -13.19
N ASP EA 214 -53.44 29.56 -13.88
CA ASP EA 214 -53.90 29.00 -15.14
C ASP EA 214 -53.41 29.84 -16.31
N CYS EA 215 -52.31 29.42 -16.93
CA CYS EA 215 -51.68 30.20 -17.98
C CYS EA 215 -51.67 29.41 -19.29
N VAL EA 216 -51.74 30.16 -20.39
CA VAL EA 216 -51.73 29.60 -21.74
C VAL EA 216 -50.28 29.53 -22.20
N LEU EA 217 -49.93 28.43 -22.84
CA LEU EA 217 -48.54 28.17 -23.18
C LEU EA 217 -48.18 28.80 -24.51
N GLU EA 218 -47.17 29.68 -24.48
CA GLU EA 218 -46.75 30.39 -25.68
C GLU EA 218 -45.95 29.50 -26.64
N THR EA 219 -44.84 28.94 -26.17
CA THR EA 219 -43.94 28.23 -27.04
C THR EA 219 -44.35 26.77 -27.23
N ARG EA 220 -44.40 26.37 -28.49
CA ARG EA 220 -44.53 24.96 -28.82
C ARG EA 220 -43.38 24.20 -28.18
N LEU EA 221 -43.68 23.06 -27.59
CA LEU EA 221 -42.71 22.35 -26.76
C LEU EA 221 -42.37 21.01 -27.37
N VAL EA 222 -41.09 20.83 -27.72
CA VAL EA 222 -40.56 19.57 -28.22
C VAL EA 222 -39.38 19.19 -27.34
N THR EA 223 -39.39 17.99 -26.80
CA THR EA 223 -38.50 17.63 -25.71
C THR EA 223 -37.31 16.78 -26.13
N THR EA 224 -36.80 16.95 -27.34
CA THR EA 224 -35.58 16.23 -27.71
C THR EA 224 -34.38 16.79 -26.96
N GLN EA 225 -34.17 18.08 -27.04
CA GLN EA 225 -33.09 18.76 -26.35
C GLN EA 225 -33.66 19.64 -25.23
N PRO EA 226 -32.89 19.89 -24.18
CA PRO EA 226 -33.35 20.82 -23.15
C PRO EA 226 -33.58 22.21 -23.74
N GLY EA 227 -34.55 22.92 -23.18
CA GLY EA 227 -34.90 24.24 -23.68
C GLY EA 227 -35.75 24.98 -22.67
N MET EA 228 -36.06 26.23 -23.00
CA MET EA 228 -36.82 27.11 -22.13
C MET EA 228 -38.23 27.31 -22.67
N THR EA 229 -39.14 27.71 -21.81
CA THR EA 229 -40.56 27.82 -22.13
C THR EA 229 -41.15 29.11 -21.60
N THR EA 230 -42.38 29.39 -22.04
CA THR EA 230 -43.01 30.66 -21.74
C THR EA 230 -44.52 30.51 -21.76
N CYS EA 231 -45.17 30.95 -20.68
CA CYS EA 231 -46.63 30.99 -20.65
C CYS EA 231 -47.08 32.33 -20.10
N HIS EA 232 -48.31 32.69 -20.42
CA HIS EA 232 -48.92 33.94 -20.01
C HIS EA 232 -50.13 33.66 -19.13
N LEU EA 233 -50.17 34.28 -17.96
CA LEU EA 233 -51.33 34.13 -17.09
C LEU EA 233 -52.56 34.67 -17.79
N THR EA 234 -53.63 33.88 -17.78
CA THR EA 234 -54.88 34.28 -18.41
C THR EA 234 -55.78 35.08 -17.49
N ARG EA 235 -55.71 34.81 -16.18
CA ARG EA 235 -56.62 35.41 -15.22
C ARG EA 235 -55.79 36.11 -14.14
N ASP EA 236 -56.31 37.22 -13.64
CA ASP EA 236 -55.75 37.79 -12.43
C ASP EA 236 -55.83 36.77 -11.31
N VAL EA 237 -54.75 36.63 -10.56
CA VAL EA 237 -54.71 35.72 -9.42
C VAL EA 237 -54.76 36.57 -8.16
N TYR EA 238 -55.83 36.44 -7.41
CA TYR EA 238 -56.02 37.25 -6.23
C TYR EA 238 -55.21 36.69 -5.07
N SER EA 239 -54.99 37.54 -4.07
CA SER EA 239 -54.27 37.14 -2.87
C SER EA 239 -55.04 36.04 -2.14
N THR EA 240 -54.38 35.44 -1.15
CA THR EA 240 -55.04 34.40 -0.37
C THR EA 240 -56.29 34.93 0.31
N SER EA 241 -56.22 36.14 0.88
CA SER EA 241 -57.41 36.74 1.46
C SER EA 241 -58.46 37.04 0.40
N GLY EA 242 -58.10 36.97 -0.86
CA GLY EA 242 -59.06 37.23 -1.91
C GLY EA 242 -59.55 38.64 -1.95
N ARG EA 243 -58.67 39.62 -1.80
CA ARG EA 243 -59.07 41.01 -1.87
C ARG EA 243 -58.24 41.85 -2.82
N VAL EA 244 -57.01 41.46 -3.14
CA VAL EA 244 -56.10 42.28 -3.93
C VAL EA 244 -55.64 41.46 -5.13
N VAL EA 245 -55.55 42.10 -6.29
CA VAL EA 245 -54.97 41.48 -7.48
C VAL EA 245 -53.46 41.58 -7.35
N LEU EA 246 -52.79 40.43 -7.18
CA LEU EA 246 -51.35 40.46 -6.99
C LEU EA 246 -50.58 40.18 -8.28
N LEU EA 247 -51.07 39.30 -9.13
CA LEU EA 247 -50.39 38.95 -10.37
C LEU EA 247 -51.34 39.24 -11.52
N ASP EA 248 -51.13 40.38 -12.18
CA ASP EA 248 -52.06 40.84 -13.19
C ASP EA 248 -52.14 39.85 -14.34
N ARG EA 249 -53.34 39.71 -14.89
CA ARG EA 249 -53.51 38.88 -16.08
C ARG EA 249 -52.77 39.52 -17.24
N GLY EA 250 -52.36 38.69 -18.19
CA GLY EA 250 -51.48 39.16 -19.24
C GLY EA 250 -50.03 39.20 -18.84
N SER EA 251 -49.67 38.59 -17.71
CA SER EA 251 -48.29 38.56 -17.29
C SER EA 251 -47.51 37.55 -18.11
N LYS EA 252 -46.22 37.45 -17.84
CA LYS EA 252 -45.32 36.55 -18.56
C LYS EA 252 -44.55 35.71 -17.55
N VAL EA 253 -44.28 34.46 -17.91
CA VAL EA 253 -43.55 33.54 -17.05
C VAL EA 253 -42.39 32.97 -17.87
N VAL EA 254 -41.37 32.48 -17.18
CA VAL EA 254 -40.25 31.82 -17.83
C VAL EA 254 -39.92 30.56 -17.04
N GLY EA 255 -39.77 29.45 -17.76
CA GLY EA 255 -39.39 28.21 -17.12
C GLY EA 255 -38.81 27.24 -18.11
N PHE EA 256 -38.21 26.16 -17.61
CA PHE EA 256 -37.49 25.26 -18.49
C PHE EA 256 -37.73 23.82 -18.07
N TYR EA 257 -37.09 22.91 -18.79
CA TYR EA 257 -37.19 21.48 -18.59
C TYR EA 257 -35.92 20.84 -19.12
N GLN EA 258 -35.59 19.67 -18.60
CA GLN EA 258 -34.35 19.04 -19.03
C GLN EA 258 -34.41 17.57 -18.69
N GLY EA 259 -33.47 16.82 -19.26
CA GLY EA 259 -33.29 15.42 -18.97
C GLY EA 259 -34.00 14.48 -19.92
N GLY EA 260 -34.91 14.98 -20.74
CA GLY EA 260 -35.64 14.10 -21.61
C GLY EA 260 -36.54 13.16 -20.82
N LEU EA 261 -36.96 12.11 -21.50
CA LEU EA 261 -37.91 11.15 -20.94
C LEU EA 261 -37.23 9.81 -20.71
N ARG EA 262 -38.02 8.85 -20.30
CA ARG EA 262 -37.64 7.44 -20.28
C ARG EA 262 -38.79 6.62 -20.83
N GLN EA 263 -38.45 5.47 -21.40
CA GLN EA 263 -39.44 4.66 -22.09
C GLN EA 263 -40.60 4.31 -21.16
N GLY EA 264 -41.81 4.46 -21.66
CA GLY EA 264 -43.01 4.20 -20.88
C GLY EA 264 -43.60 5.41 -20.21
N GLN EA 265 -42.90 6.54 -20.18
CA GLN EA 265 -43.45 7.77 -19.63
C GLN EA 265 -44.22 8.50 -20.71
N ALA EA 266 -45.08 9.42 -20.28
CA ALA EA 266 -45.86 10.22 -21.22
C ALA EA 266 -45.92 11.68 -20.80
N ARG EA 267 -45.36 12.03 -19.66
CA ARG EA 267 -45.40 13.39 -19.16
C ARG EA 267 -44.00 13.83 -18.78
N ILE EA 268 -43.63 15.03 -19.19
CA ILE EA 268 -42.30 15.57 -18.91
C ILE EA 268 -42.41 16.63 -17.84
N PHE EA 269 -41.45 16.66 -16.93
CA PHE EA 269 -41.43 17.65 -15.86
C PHE EA 269 -41.12 19.02 -16.46
N VAL EA 270 -41.68 20.06 -15.87
CA VAL EA 270 -41.34 21.44 -16.20
C VAL EA 270 -41.20 22.18 -14.88
N GLN EA 271 -40.29 23.13 -14.83
CA GLN EA 271 -40.05 23.92 -13.64
C GLN EA 271 -40.13 25.40 -13.99
N TRP EA 272 -41.30 26.00 -13.80
CA TRP EA 272 -41.45 27.43 -13.98
C TRP EA 272 -40.60 28.11 -12.92
N SER EA 273 -39.94 29.21 -13.29
CA SER EA 273 -38.91 29.75 -12.42
C SER EA 273 -39.10 31.22 -12.07
N ARG EA 274 -39.56 32.04 -12.99
CA ARG EA 274 -39.72 33.45 -12.67
C ARG EA 274 -40.87 34.02 -13.47
N ILE EA 275 -41.41 35.12 -12.98
CA ILE EA 275 -42.62 35.72 -13.56
C ILE EA 275 -42.43 37.23 -13.62
N GLU EA 276 -43.08 37.86 -14.58
CA GLU EA 276 -43.03 39.31 -14.73
C GLU EA 276 -44.45 39.86 -14.76
N THR EA 277 -44.73 40.77 -13.87
CA THR EA 277 -45.98 41.52 -13.94
C THR EA 277 -45.94 42.50 -15.09
N PRO EA 278 -47.05 42.69 -15.79
CA PRO EA 278 -47.09 43.74 -16.81
C PRO EA 278 -46.75 45.11 -16.28
N SER EA 279 -46.95 45.35 -14.99
CA SER EA 279 -46.59 46.61 -14.37
C SER EA 279 -45.16 46.63 -13.86
N GLY EA 280 -44.44 45.51 -13.95
CA GLY EA 280 -43.03 45.49 -13.64
C GLY EA 280 -42.62 44.74 -12.40
N VAL EA 281 -43.52 44.02 -11.76
CA VAL EA 281 -43.16 43.25 -10.57
C VAL EA 281 -42.67 41.88 -11.00
N VAL EA 282 -41.67 41.36 -10.30
CA VAL EA 282 -41.12 40.04 -10.57
C VAL EA 282 -40.95 39.30 -9.25
N ILE EA 283 -40.96 37.98 -9.31
CA ILE EA 283 -40.75 37.16 -8.11
C ILE EA 283 -40.32 35.77 -8.55
N ASN EA 284 -39.54 35.11 -7.71
CA ASN EA 284 -38.95 33.82 -8.05
C ASN EA 284 -39.79 32.72 -7.42
N LEU EA 285 -40.59 32.05 -8.24
CA LEU EA 285 -41.38 30.92 -7.80
C LEU EA 285 -40.85 29.66 -8.47
N ASP EA 286 -40.67 28.61 -7.70
CA ASP EA 286 -40.10 27.37 -8.21
C ASP EA 286 -41.18 26.30 -8.16
N SER EA 287 -41.97 26.23 -9.20
CA SER EA 287 -43.07 25.31 -9.00
C SER EA 287 -43.27 24.41 -10.20
N PRO EA 288 -43.53 23.14 -9.97
CA PRO EA 288 -43.73 22.21 -11.08
C PRO EA 288 -44.99 22.53 -11.86
N GLY EA 289 -44.83 22.69 -13.17
CA GLY EA 289 -45.97 22.91 -14.03
C GLY EA 289 -46.80 21.65 -14.13
N THR EA 290 -48.08 21.82 -14.48
CA THR EA 290 -49.02 20.73 -14.49
C THR EA 290 -50.03 20.92 -15.61
N GLY EA 291 -50.76 19.85 -15.91
CA GLY EA 291 -51.84 19.91 -16.87
C GLY EA 291 -53.06 20.58 -16.30
N PRO EA 292 -54.06 20.76 -17.16
CA PRO EA 292 -55.21 21.58 -16.76
C PRO EA 292 -55.88 21.09 -15.49
N LEU EA 293 -55.76 19.81 -15.17
CA LEU EA 293 -56.29 19.29 -13.92
C LEU EA 293 -55.19 19.02 -12.90
N GLY EA 294 -54.02 19.61 -13.09
CA GLY EA 294 -53.00 19.63 -12.07
C GLY EA 294 -52.06 18.44 -12.03
N GLU EA 295 -52.17 17.50 -12.96
CA GLU EA 295 -51.28 16.35 -12.93
C GLU EA 295 -49.85 16.79 -13.19
N ALA EA 296 -48.92 16.22 -12.43
CA ALA EA 296 -47.54 16.68 -12.45
C ALA EA 296 -46.96 16.56 -13.85
N GLY EA 297 -46.28 17.61 -14.30
CA GLY EA 297 -45.62 17.59 -15.58
C GLY EA 297 -46.56 17.75 -16.75
N LEU EA 298 -46.10 18.48 -17.75
CA LEU EA 298 -46.87 18.71 -18.96
C LEU EA 298 -47.08 17.41 -19.69
N GLY EA 299 -47.93 17.43 -20.70
CA GLY EA 299 -48.18 16.26 -21.52
C GLY EA 299 -48.79 16.64 -22.85
N GLY EA 300 -48.54 15.82 -23.85
CA GLY EA 300 -49.07 16.03 -25.18
C GLY EA 300 -49.00 14.77 -25.99
N TRP EA 301 -48.77 14.90 -27.29
CA TRP EA 301 -48.62 13.75 -28.16
C TRP EA 301 -47.26 13.10 -27.92
N ILE EA 302 -47.22 11.78 -28.02
CA ILE EA 302 -45.99 11.03 -27.84
C ILE EA 302 -45.63 10.39 -29.17
N ASP EA 303 -44.33 10.39 -29.47
CA ASP EA 303 -43.76 9.55 -30.52
C ASP EA 303 -42.91 8.51 -29.79
N ARG EA 304 -42.93 7.28 -30.29
CA ARG EA 304 -42.07 6.25 -29.73
C ARG EA 304 -40.94 5.85 -30.66
N HIS EA 305 -40.93 6.39 -31.88
CA HIS EA 305 -39.91 6.05 -32.87
C HIS EA 305 -39.86 4.56 -33.12
N PHE EA 306 -41.03 3.94 -33.32
CA PHE EA 306 -41.06 2.50 -33.54
C PHE EA 306 -40.28 2.13 -34.79
N TRP EA 307 -40.46 2.87 -35.88
CA TRP EA 307 -39.69 2.60 -37.08
C TRP EA 307 -38.20 2.76 -36.82
N GLU EA 308 -37.78 3.90 -36.28
CA GLU EA 308 -36.36 4.12 -36.10
C GLU EA 308 -35.76 3.15 -35.10
N ARG EA 309 -36.59 2.49 -34.28
CA ARG EA 309 -36.09 1.51 -33.33
C ARG EA 309 -36.05 0.10 -33.89
N PHE EA 310 -36.94 -0.25 -34.82
CA PHE EA 310 -37.08 -1.65 -35.22
C PHE EA 310 -36.83 -1.92 -36.69
N GLY EA 311 -36.68 -0.88 -37.53
CA GLY EA 311 -36.49 -1.12 -38.95
C GLY EA 311 -35.23 -1.90 -39.22
N GLY EA 312 -34.20 -1.70 -38.42
CA GLY EA 312 -32.99 -2.49 -38.56
C GLY EA 312 -33.28 -3.97 -38.54
N ALA EA 313 -33.83 -4.46 -37.43
CA ALA EA 313 -34.09 -5.89 -37.30
C ALA EA 313 -35.07 -6.37 -38.35
N ILE EA 314 -36.08 -5.56 -38.69
CA ILE EA 314 -37.06 -5.99 -39.68
C ILE EA 314 -36.39 -6.20 -41.02
N MET EA 315 -35.63 -5.21 -41.49
CA MET EA 315 -34.93 -5.36 -42.76
C MET EA 315 -33.98 -6.54 -42.74
N ILE EA 316 -33.22 -6.70 -41.66
CA ILE EA 316 -32.24 -7.78 -41.62
C ILE EA 316 -32.93 -9.13 -41.73
N SER EA 317 -33.96 -9.36 -40.91
CA SER EA 317 -34.59 -10.67 -40.94
C SER EA 317 -35.30 -10.92 -42.27
N LEU EA 318 -35.97 -9.90 -42.80
CA LEU EA 318 -36.65 -10.08 -44.09
C LEU EA 318 -35.67 -10.38 -45.20
N ILE EA 319 -34.54 -9.65 -45.25
CA ILE EA 319 -33.55 -9.89 -46.29
C ILE EA 319 -32.94 -11.27 -46.12
N GLY EA 320 -32.63 -11.66 -44.88
CA GLY EA 320 -32.05 -12.98 -44.65
C GLY EA 320 -32.95 -14.10 -45.13
N ASP EA 321 -34.25 -14.02 -44.81
CA ASP EA 321 -35.14 -15.11 -45.22
C ASP EA 321 -35.45 -15.02 -46.71
N LEU EA 322 -35.45 -13.82 -47.29
CA LEU EA 322 -35.56 -13.74 -48.75
C LEU EA 322 -34.39 -14.43 -49.42
N GLY EA 323 -33.18 -14.19 -48.94
CA GLY EA 323 -32.02 -14.85 -49.50
C GLY EA 323 -32.09 -16.36 -49.33
N ASP EA 324 -32.55 -16.81 -48.17
CA ASP EA 324 -32.68 -18.24 -47.95
C ASP EA 324 -33.68 -18.84 -48.94
N TRP EA 325 -34.79 -18.13 -49.17
CA TRP EA 325 -35.78 -18.61 -50.15
C TRP EA 325 -35.18 -18.67 -51.54
N ALA EA 326 -34.37 -17.67 -51.91
CA ALA EA 326 -33.71 -17.69 -53.21
C ALA EA 326 -32.77 -18.89 -53.32
N SER EA 327 -32.01 -19.17 -52.26
CA SER EA 327 -31.10 -20.31 -52.28
C SER EA 327 -31.87 -21.62 -52.38
N ARG EA 328 -33.04 -21.69 -51.76
CA ARG EA 328 -33.85 -22.90 -51.86
C ARG EA 328 -34.51 -23.00 -53.23
N GLN EA 329 -34.62 -21.88 -53.94
CA GLN EA 329 -35.21 -21.98 -55.27
C GLN EA 329 -34.22 -22.45 -56.32
N GLY EA 330 -33.05 -22.94 -55.90
CA GLY EA 330 -32.10 -23.48 -56.86
C GLY EA 330 -32.61 -24.72 -57.56
N SER EA 331 -33.37 -25.54 -56.86
CA SER EA 331 -33.94 -26.75 -57.44
C SER EA 331 -35.21 -26.44 -58.23
N SER EA 349 -26.69 -13.34 -34.04
CA SER EA 349 -27.44 -13.06 -35.25
C SER EA 349 -27.51 -11.57 -35.54
N ALA EA 350 -27.55 -11.23 -36.83
CA ALA EA 350 -27.48 -9.84 -37.24
C ALA EA 350 -28.67 -9.05 -36.75
N ALA EA 351 -29.87 -9.64 -36.81
CA ALA EA 351 -31.05 -8.93 -36.33
C ALA EA 351 -30.92 -8.54 -34.87
N ALA EA 352 -30.53 -9.50 -34.03
CA ALA EA 352 -30.35 -9.19 -32.62
C ALA EA 352 -29.27 -8.15 -32.41
N GLU EA 353 -28.17 -8.25 -33.18
CA GLU EA 353 -27.08 -7.31 -33.00
C GLU EA 353 -27.51 -5.89 -33.32
N ALA EA 354 -28.30 -5.71 -34.38
CA ALA EA 354 -28.76 -4.38 -34.73
C ALA EA 354 -29.81 -3.88 -33.75
N LEU EA 355 -30.67 -4.78 -33.28
CA LEU EA 355 -31.69 -4.39 -32.31
C LEU EA 355 -31.05 -3.89 -31.03
N ARG EA 356 -30.03 -4.58 -30.55
CA ARG EA 356 -29.42 -4.22 -29.27
C ARG EA 356 -28.84 -2.82 -29.32
N ASN EA 357 -28.53 -2.31 -30.50
CA ASN EA 357 -27.96 -0.98 -30.61
C ASN EA 357 -28.98 0.07 -31.03
N SER EA 358 -30.11 -0.35 -31.57
CA SER EA 358 -31.15 0.60 -31.95
C SER EA 358 -32.44 0.45 -31.14
N ILE EA 359 -32.38 -0.15 -29.96
CA ILE EA 359 -33.61 -0.32 -29.19
C ILE EA 359 -33.78 0.78 -28.15
N ASN EA 360 -32.73 1.13 -27.41
CA ASN EA 360 -32.87 2.04 -26.29
C ASN EA 360 -32.86 3.48 -26.82
N ILE EA 361 -33.98 3.86 -27.40
CA ILE EA 361 -34.22 5.23 -27.86
C ILE EA 361 -35.20 5.87 -26.88
N PRO EA 362 -34.85 7.00 -26.26
CA PRO EA 362 -35.82 7.68 -25.42
C PRO EA 362 -36.97 8.20 -26.24
N PRO EA 363 -38.20 8.00 -25.80
CA PRO EA 363 -39.35 8.53 -26.53
C PRO EA 363 -39.36 10.04 -26.53
N THR EA 364 -40.26 10.60 -27.32
CA THR EA 364 -40.31 12.04 -27.57
C THR EA 364 -41.72 12.54 -27.36
N LEU EA 365 -41.83 13.75 -26.80
CA LEU EA 365 -43.12 14.35 -26.45
C LEU EA 365 -43.30 15.66 -27.19
N TYR EA 366 -44.47 15.85 -27.76
CA TYR EA 366 -44.80 17.05 -28.52
C TYR EA 366 -45.98 17.74 -27.85
N LYS EA 367 -45.90 19.07 -27.73
CA LYS EA 367 -46.96 19.86 -27.14
C LYS EA 367 -47.30 21.00 -28.08
N ASN EA 368 -48.53 21.02 -28.57
CA ASN EA 368 -48.93 22.09 -29.48
C ASN EA 368 -48.89 23.43 -28.76
N GLN EA 369 -48.88 24.49 -29.54
CA GLN EA 369 -48.89 25.82 -28.96
C GLN EA 369 -50.31 26.24 -28.60
N GLY EA 370 -50.41 27.07 -27.58
CA GLY EA 370 -51.70 27.59 -27.17
C GLY EA 370 -52.49 26.71 -26.22
N GLU EA 371 -51.85 25.75 -25.57
CA GLU EA 371 -52.56 24.88 -24.64
C GLU EA 371 -52.79 25.58 -23.31
N ARG EA 372 -53.49 24.88 -22.41
CA ARG EA 372 -53.72 25.39 -21.08
C ARG EA 372 -52.95 24.56 -20.07
N VAL EA 373 -52.06 25.23 -19.33
CA VAL EA 373 -51.24 24.54 -18.33
C VAL EA 373 -51.33 25.31 -17.02
N ASN EA 374 -51.14 24.57 -15.93
CA ASN EA 374 -51.30 25.11 -14.58
C ASN EA 374 -49.97 25.12 -13.86
N ILE EA 375 -49.75 26.18 -13.09
CA ILE EA 375 -48.57 26.34 -12.27
C ILE EA 375 -49.01 26.18 -10.83
N LEU EA 376 -48.44 25.21 -10.13
CA LEU EA 376 -48.88 24.88 -8.79
C LEU EA 376 -47.89 25.45 -7.79
N VAL EA 377 -48.10 26.69 -7.38
CA VAL EA 377 -47.10 27.46 -6.62
C VAL EA 377 -46.65 26.65 -5.42
N ALA EA 378 -45.35 26.40 -5.34
CA ALA EA 378 -44.79 25.51 -4.34
C ALA EA 378 -44.27 26.23 -3.11
N ARG EA 379 -44.13 27.55 -3.15
CA ARG EA 379 -43.51 28.27 -2.06
C ARG EA 379 -44.25 29.57 -1.82
N ASP EA 380 -44.28 29.99 -0.56
CA ASP EA 380 -44.98 31.21 -0.18
C ASP EA 380 -44.41 32.40 -0.94
N LEU EA 381 -45.29 33.25 -1.45
CA LEU EA 381 -44.88 34.43 -2.20
C LEU EA 381 -45.34 35.69 -1.47
N ASP EA 382 -44.40 36.41 -0.89
CA ASP EA 382 -44.66 37.70 -0.27
C ASP EA 382 -44.74 38.77 -1.33
N PHE EA 383 -45.52 39.81 -1.05
CA PHE EA 383 -45.54 41.02 -1.88
C PHE EA 383 -45.48 42.27 -1.02
N SER EA 384 -45.10 42.13 0.25
CA SER EA 384 -45.14 43.26 1.17
C SER EA 384 -44.22 44.39 0.72
N ASP EA 385 -43.22 44.08 -0.09
CA ASP EA 385 -42.22 45.07 -0.46
C ASP EA 385 -42.56 45.83 -1.73
N VAL EA 386 -43.63 45.47 -2.43
CA VAL EA 386 -43.92 46.07 -3.72
C VAL EA 386 -45.27 46.74 -3.79
N TYR EA 387 -46.23 46.37 -2.93
CA TYR EA 387 -47.60 46.83 -3.05
C TYR EA 387 -48.04 47.47 -1.74
N SER EA 388 -48.98 48.39 -1.85
CA SER EA 388 -49.61 48.98 -0.67
C SER EA 388 -51.03 49.36 -1.03
N LEU EA 389 -51.90 49.29 -0.03
CA LEU EA 389 -53.31 49.58 -0.19
C LEU EA 389 -53.62 51.00 0.25
N GLU EA 390 -54.41 51.70 -0.55
CA GLU EA 390 -54.76 53.08 -0.26
C GLU EA 390 -56.18 53.30 -0.75
N SER EA 391 -57.06 53.71 0.16
CA SER EA 391 -58.47 53.80 -0.16
C SER EA 391 -58.75 54.98 -1.08
N ILE EA 392 -59.86 54.91 -1.80
CA ILE EA 392 -60.28 56.01 -2.67
C ILE EA 392 -61.35 56.84 -1.99
N PRO EA 393 -61.25 58.16 -2.03
CA PRO EA 393 -62.36 59.00 -1.58
C PRO EA 393 -63.59 58.74 -2.42
N THR EA 394 -64.76 58.77 -1.79
CA THR EA 394 -66.01 58.55 -2.49
C THR EA 394 -66.32 59.73 -3.40
N LYS EA 395 -67.08 59.46 -4.46
CA LYS EA 395 -67.51 60.48 -5.42
C LYS EA 395 -66.34 61.27 -6.00
N LEU FA 21 -14.97 82.51 2.82
CA LEU FA 21 -15.08 81.92 4.14
C LEU FA 21 -16.53 81.70 4.52
N ASP FA 22 -16.96 80.44 4.57
CA ASP FA 22 -18.34 80.14 4.89
C ASP FA 22 -18.51 79.97 6.39
N VAL FA 23 -19.51 80.63 6.95
CA VAL FA 23 -19.79 80.59 8.39
C VAL FA 23 -20.96 79.63 8.60
N PRO FA 24 -20.91 78.75 9.61
CA PRO FA 24 -22.05 77.87 9.87
C PRO FA 24 -23.25 78.65 10.35
N SER FA 25 -24.44 78.13 10.06
CA SER FA 25 -25.70 78.75 10.45
C SER FA 25 -26.44 77.83 11.41
N SER FA 26 -26.79 78.36 12.57
CA SER FA 26 -27.31 77.55 13.66
C SER FA 26 -28.75 77.09 13.38
N SER FA 27 -29.14 76.02 14.07
CA SER FA 27 -30.51 75.55 14.04
C SER FA 27 -31.42 76.53 14.79
N ARG FA 28 -32.73 76.30 14.67
CA ARG FA 28 -33.66 77.16 15.38
C ARG FA 28 -33.93 76.69 16.79
N TYR FA 29 -33.48 75.48 17.15
CA TYR FA 29 -33.62 75.00 18.51
C TYR FA 29 -32.37 75.32 19.33
N ASP FA 30 -31.21 74.92 18.83
CA ASP FA 30 -29.96 75.09 19.55
C ASP FA 30 -28.89 75.67 18.62
N HIS FA 31 -28.06 76.53 19.20
CA HIS FA 31 -26.90 77.09 18.51
C HIS FA 31 -25.78 76.09 18.29
N ARG FA 32 -25.65 75.10 19.17
CA ARG FA 32 -24.55 74.14 19.10
C ARG FA 32 -24.57 73.31 17.82
N ILE FA 33 -25.71 73.16 17.18
CA ILE FA 33 -25.81 72.49 15.89
C ILE FA 33 -26.00 73.56 14.84
N ARG FA 34 -25.14 73.55 13.83
CA ARG FA 34 -25.18 74.57 12.78
C ARG FA 34 -25.11 73.91 11.42
N TYR FA 35 -25.75 74.54 10.44
CA TYR FA 35 -25.83 74.04 9.07
C TYR FA 35 -25.14 75.02 8.14
N VAL FA 36 -24.61 74.50 7.03
CA VAL FA 36 -23.87 75.32 6.09
C VAL FA 36 -24.05 74.75 4.69
N THR FA 37 -24.15 75.65 3.70
CA THR FA 37 -24.28 75.28 2.30
C THR FA 37 -22.91 74.95 1.75
N TYR FA 38 -22.76 73.76 1.20
CA TYR FA 38 -21.49 73.38 0.58
C TYR FA 38 -21.22 74.25 -0.63
N ASN FA 39 -19.94 74.51 -0.89
CA ASN FA 39 -19.50 75.20 -2.09
C ASN FA 39 -18.13 74.64 -2.45
N PRO FA 40 -17.94 74.14 -3.67
CA PRO FA 40 -16.61 73.63 -4.04
C PRO FA 40 -15.53 74.69 -3.98
N ALA FA 41 -15.86 75.96 -4.23
CA ALA FA 41 -14.89 77.04 -4.30
C ALA FA 41 -14.90 77.91 -3.05
N ASP FA 42 -15.08 77.30 -1.88
CA ASP FA 42 -15.06 78.04 -0.63
C ASP FA 42 -14.68 77.10 0.50
N VAL FA 43 -14.27 77.68 1.63
CA VAL FA 43 -13.83 76.94 2.78
C VAL FA 43 -14.84 77.13 3.92
N VAL FA 44 -14.87 76.16 4.82
CA VAL FA 44 -15.80 76.15 5.95
C VAL FA 44 -15.03 76.54 7.21
N GLN FA 45 -15.48 77.58 7.88
CA GLN FA 45 -14.95 77.95 9.19
C GLN FA 45 -15.69 77.14 10.24
N VAL FA 46 -14.95 76.50 11.13
CA VAL FA 46 -15.53 75.76 12.25
C VAL FA 46 -14.88 76.26 13.53
N ASP FA 47 -15.68 76.39 14.57
CA ASP FA 47 -15.20 76.83 15.89
C ASP FA 47 -15.24 75.62 16.80
N THR FA 48 -14.06 75.07 17.09
CA THR FA 48 -13.94 73.89 17.94
C THR FA 48 -13.28 74.29 19.25
N VAL FA 49 -13.92 73.97 20.36
CA VAL FA 49 -13.42 74.34 21.66
C VAL FA 49 -12.93 73.09 22.38
N LEU FA 50 -12.30 73.30 23.53
CA LEU FA 50 -11.66 72.21 24.24
C LEU FA 50 -12.69 71.25 24.81
N GLY FA 51 -12.39 69.96 24.77
CA GLY FA 51 -13.20 68.96 25.42
C GLY FA 51 -14.54 68.68 24.76
N VAL FA 52 -14.72 69.11 23.51
CA VAL FA 52 -15.93 68.78 22.78
C VAL FA 52 -15.55 67.95 21.56
N ALA FA 53 -16.47 67.11 21.14
CA ALA FA 53 -16.28 66.29 19.95
C ALA FA 53 -17.17 66.83 18.84
N THR FA 54 -16.54 67.42 17.83
CA THR FA 54 -17.25 67.99 16.71
C THR FA 54 -17.43 66.92 15.65
N HIS FA 55 -18.68 66.60 15.36
CA HIS FA 55 -19.02 65.43 14.55
C HIS FA 55 -19.58 65.93 13.23
N ILE FA 56 -19.18 65.31 12.12
CA ILE FA 56 -19.45 65.81 10.78
C ILE FA 56 -20.17 64.75 9.97
N MET FA 57 -21.22 65.18 9.26
CA MET FA 57 -21.87 64.38 8.23
C MET FA 57 -21.23 64.61 6.87
N LEU FA 58 -20.82 63.53 6.22
CA LEU FA 58 -20.72 63.51 4.77
C LEU FA 58 -22.06 63.05 4.23
N GLU FA 59 -22.35 63.38 2.98
CA GLU FA 59 -23.59 62.91 2.38
C GLU FA 59 -23.52 61.41 2.12
N GLU FA 60 -24.69 60.81 1.94
CA GLU FA 60 -24.80 59.35 1.89
C GLU FA 60 -23.98 58.76 0.74
N GLY FA 61 -23.30 57.66 1.02
CA GLY FA 61 -22.54 56.98 0.00
C GLY FA 61 -21.39 57.78 -0.58
N GLU FA 62 -20.75 58.64 0.21
CA GLU FA 62 -19.53 59.31 -0.20
C GLU FA 62 -18.34 58.59 0.41
N GLN FA 63 -17.71 57.71 -0.36
CA GLN FA 63 -16.60 56.90 0.13
C GLN FA 63 -15.41 57.81 0.39
N TYR FA 64 -14.73 57.58 1.50
CA TYR FA 64 -13.64 58.45 1.93
C TYR FA 64 -12.34 58.12 1.22
N LEU FA 65 -11.63 59.15 0.75
CA LEU FA 65 -10.32 58.93 0.15
C LEU FA 65 -9.18 59.31 1.08
N THR FA 66 -9.11 60.58 1.50
CA THR FA 66 -7.97 61.07 2.26
C THR FA 66 -8.37 62.36 2.95
N HIS FA 67 -7.76 62.59 4.12
CA HIS FA 67 -7.88 63.88 4.78
C HIS FA 67 -6.51 64.54 4.80
N ALA FA 68 -6.48 65.81 5.18
CA ALA FA 68 -5.23 66.57 5.21
C ALA FA 68 -5.29 67.53 6.37
N PHE FA 69 -4.40 67.35 7.35
CA PHE FA 69 -4.33 68.21 8.51
C PHE FA 69 -3.24 69.25 8.37
N GLY FA 70 -3.49 70.41 8.98
CA GLY FA 70 -2.38 71.31 9.27
C GLY FA 70 -1.45 70.72 10.31
N ASP FA 71 -2.02 70.14 11.37
CA ASP FA 71 -1.26 69.39 12.37
C ASP FA 71 -1.89 68.02 12.53
N SER FA 72 -1.07 66.98 12.52
CA SER FA 72 -1.57 65.66 12.88
C SER FA 72 -1.85 65.54 14.36
N GLU FA 73 -1.30 66.43 15.18
CA GLU FA 73 -1.43 66.29 16.62
C GLU FA 73 -2.33 67.33 17.25
N ALA FA 74 -2.54 68.48 16.60
CA ALA FA 74 -3.38 69.52 17.19
C ALA FA 74 -4.81 69.03 17.38
N TYR FA 75 -5.28 68.12 16.55
CA TYR FA 75 -6.64 67.62 16.61
C TYR FA 75 -6.65 66.10 16.59
N ALA FA 76 -7.65 65.53 17.23
CA ALA FA 76 -7.87 64.08 17.23
C ALA FA 76 -8.87 63.76 16.14
N PHE FA 77 -8.54 62.80 15.30
CA PHE FA 77 -9.34 62.49 14.13
C PHE FA 77 -9.68 61.01 14.10
N ALA FA 78 -10.91 60.70 13.72
CA ALA FA 78 -11.36 59.34 13.52
C ALA FA 78 -12.44 59.32 12.44
N ARG FA 79 -12.69 58.15 11.88
CA ARG FA 79 -13.72 58.00 10.86
C ARG FA 79 -14.14 56.55 10.79
N LYS FA 80 -15.44 56.33 10.56
CA LYS FA 80 -15.97 55.00 10.26
C LYS FA 80 -17.25 55.23 9.47
N GLY FA 81 -17.20 54.92 8.18
CA GLY FA 81 -18.27 55.27 7.29
C GLY FA 81 -18.20 56.74 6.92
N ARG FA 82 -19.34 57.39 6.77
CA ARG FA 82 -19.39 58.82 6.48
C ARG FA 82 -19.50 59.65 7.76
N HIS FA 83 -18.88 59.19 8.85
CA HIS FA 83 -18.95 59.87 10.13
C HIS FA 83 -17.55 60.35 10.51
N ILE FA 84 -17.46 61.59 10.96
CA ILE FA 84 -16.19 62.24 11.25
C ILE FA 84 -16.27 62.79 12.66
N PHE FA 85 -15.26 62.47 13.48
CA PHE FA 85 -15.14 63.03 14.82
C PHE FA 85 -13.77 63.70 14.96
N ILE FA 86 -13.79 64.97 15.32
CA ILE FA 86 -12.56 65.74 15.50
C ILE FA 86 -12.57 66.36 16.89
N LYS FA 87 -11.39 66.49 17.45
CA LYS FA 87 -11.24 67.00 18.81
C LYS FA 87 -9.84 67.56 19.01
N PRO FA 88 -9.72 68.80 19.47
CA PRO FA 88 -8.39 69.37 19.71
C PRO FA 88 -7.68 68.65 20.85
N GLN FA 89 -6.47 68.18 20.57
CA GLN FA 89 -5.60 67.63 21.61
C GLN FA 89 -4.44 68.56 21.94
N ALA FA 90 -4.51 69.82 21.52
CA ALA FA 90 -3.40 70.72 21.79
C ALA FA 90 -3.92 72.14 21.83
N GLU FA 91 -3.23 72.98 22.59
CA GLU FA 91 -3.57 74.40 22.65
C GLU FA 91 -3.20 75.10 21.36
N LEU FA 92 -3.87 76.22 21.11
CA LEU FA 92 -3.57 77.10 19.97
C LEU FA 92 -3.66 76.34 18.65
N ALA FA 93 -4.56 75.35 18.62
CA ALA FA 93 -4.71 74.48 17.45
C ALA FA 93 -5.43 75.28 16.36
N ASN FA 94 -4.64 76.06 15.63
CA ASN FA 94 -5.15 76.87 14.53
C ASN FA 94 -4.58 76.32 13.23
N THR FA 95 -5.23 75.31 12.69
CA THR FA 95 -4.81 74.68 11.43
C THR FA 95 -6.05 74.53 10.57
N ASN FA 96 -5.90 73.80 9.46
CA ASN FA 96 -7.03 73.57 8.58
C ASN FA 96 -7.06 72.10 8.18
N LEU FA 97 -8.27 71.62 7.88
CA LEU FA 97 -8.48 70.24 7.47
C LEU FA 97 -8.99 70.25 6.03
N ILE FA 98 -8.42 69.38 5.22
CA ILE FA 98 -8.86 69.16 3.85
C ILE FA 98 -9.14 67.66 3.74
N VAL FA 99 -10.36 67.30 3.36
CA VAL FA 99 -10.75 65.91 3.19
C VAL FA 99 -11.23 65.72 1.75
N VAL FA 100 -10.73 64.67 1.10
CA VAL FA 100 -11.07 64.37 -0.28
C VAL FA 100 -11.83 63.07 -0.32
N THR FA 101 -12.86 63.01 -1.16
CA THR FA 101 -13.63 61.80 -1.42
C THR FA 101 -13.75 61.61 -2.92
N ASP FA 102 -14.38 60.50 -3.31
CA ASP FA 102 -14.50 60.18 -4.73
C ASP FA 102 -15.28 61.26 -5.47
N ARG FA 103 -16.33 61.79 -4.87
CA ARG FA 103 -17.17 62.77 -5.57
C ARG FA 103 -16.60 64.18 -5.48
N ARG FA 104 -16.06 64.57 -4.33
CA ARG FA 104 -15.54 65.92 -4.17
C ARG FA 104 -14.52 65.95 -3.03
N SER FA 105 -14.18 67.16 -2.62
CA SER FA 105 -13.25 67.42 -1.54
C SER FA 105 -13.74 68.61 -0.73
N TYR FA 106 -13.87 68.44 0.59
CA TYR FA 106 -14.30 69.50 1.48
C TYR FA 106 -13.08 70.20 2.06
N LYS FA 107 -13.26 71.47 2.43
CA LYS FA 107 -12.17 72.31 2.92
C LYS FA 107 -12.62 72.99 4.20
N PHE FA 108 -11.89 72.77 5.28
CA PHE FA 108 -12.21 73.32 6.58
C PHE FA 108 -11.08 74.21 7.08
N ARG FA 109 -11.43 75.19 7.92
CA ARG FA 109 -10.48 76.06 8.59
C ARG FA 109 -10.76 75.99 10.09
N LEU FA 110 -10.15 75.02 10.76
CA LEU FA 110 -10.36 74.84 12.19
C LEU FA 110 -9.75 76.01 12.94
N GLN FA 111 -10.55 76.66 13.78
CA GLN FA 111 -10.10 77.79 14.58
C GLN FA 111 -10.48 77.53 16.03
N MET FA 112 -9.48 77.32 16.88
CA MET FA 112 -9.73 77.10 18.30
C MET FA 112 -10.30 78.35 18.95
N ARG FA 113 -11.31 78.15 19.79
CA ARG FA 113 -11.88 79.23 20.59
C ARG FA 113 -11.42 79.08 22.03
N ASN FA 114 -11.40 80.20 22.75
CA ASN FA 114 -10.72 80.25 24.04
C ASN FA 114 -11.64 80.11 25.24
N ASP FA 115 -12.92 80.49 25.11
CA ASP FA 115 -13.80 80.64 26.27
C ASP FA 115 -14.73 79.46 26.49
N ARG FA 116 -14.54 78.34 25.80
CA ARG FA 116 -15.40 77.17 25.96
C ARG FA 116 -16.88 77.53 25.81
N ASN FA 117 -17.20 78.23 24.73
CA ASN FA 117 -18.57 78.67 24.48
C ASN FA 117 -18.90 78.47 23.00
N GLY FA 118 -20.17 78.19 22.74
CA GLY FA 118 -20.66 78.08 21.38
C GLY FA 118 -19.98 77.01 20.55
N ALA FA 119 -19.89 75.80 21.11
CA ALA FA 119 -19.17 74.72 20.46
C ALA FA 119 -19.90 74.25 19.20
N MET FA 120 -19.28 73.28 18.52
CA MET FA 120 -19.81 72.68 17.30
C MET FA 120 -20.09 71.22 17.58
N TYR FA 121 -21.26 70.92 18.12
CA TYR FA 121 -21.60 69.53 18.38
C TYR FA 121 -21.88 68.75 17.10
N GLU FA 122 -22.29 69.43 16.03
CA GLU FA 122 -22.57 68.78 14.77
C GLU FA 122 -22.62 69.82 13.66
N LEU FA 123 -21.99 69.51 12.53
CA LEU FA 123 -22.07 70.31 11.33
C LEU FA 123 -22.57 69.45 10.19
N ALA FA 124 -23.63 69.90 9.53
CA ALA FA 124 -24.24 69.18 8.43
C ALA FA 124 -24.25 70.07 7.20
N PHE FA 125 -24.52 69.48 6.04
CA PHE FA 125 -24.39 70.18 4.78
C PHE FA 125 -25.66 70.09 3.97
N ARG FA 126 -25.92 71.10 3.15
CA ARG FA 126 -26.92 71.03 2.10
C ARG FA 126 -26.21 71.32 0.78
N TYR FA 127 -26.22 70.34 -0.12
CA TYR FA 127 -25.42 70.41 -1.33
C TYR FA 127 -26.24 70.99 -2.46
N PRO FA 128 -25.90 72.14 -2.99
CA PRO FA 128 -26.64 72.65 -4.15
C PRO FA 128 -26.29 71.88 -5.40
N ASP FA 129 -25.05 71.39 -5.48
CA ASP FA 129 -24.62 70.66 -6.67
C ASP FA 129 -25.42 69.37 -6.83
N THR FA 130 -25.57 68.59 -5.76
CA THR FA 130 -26.25 67.31 -5.89
C THR FA 130 -27.73 67.50 -6.20
N GLN FA 131 -28.38 68.45 -5.53
CA GLN FA 131 -29.80 68.68 -5.80
C GLN FA 131 -30.02 69.22 -7.21
N ALA FA 132 -29.13 70.11 -7.67
CA ALA FA 132 -29.26 70.60 -9.04
C ALA FA 132 -29.01 69.49 -10.05
N ARG FA 133 -28.05 68.62 -9.75
CA ARG FA 133 -27.79 67.47 -10.62
C ARG FA 133 -28.99 66.53 -10.67
N GLN FA 134 -29.60 66.25 -9.52
CA GLN FA 134 -30.73 65.34 -9.52
C GLN FA 134 -31.94 66.01 -10.15
N THR FA 135 -32.01 67.33 -10.09
CA THR FA 135 -32.98 68.09 -10.84
C THR FA 135 -32.54 68.14 -12.31
N ARG FA 136 -33.47 68.55 -13.17
CA ARG FA 136 -33.34 68.66 -14.61
C ARG FA 136 -33.43 67.31 -15.29
N GLU FA 137 -33.29 66.20 -14.56
CA GLU FA 137 -33.69 64.94 -15.17
C GLU FA 137 -34.97 64.44 -14.56
N ALA FA 138 -35.29 64.84 -13.34
CA ALA FA 138 -36.69 64.83 -12.95
C ALA FA 138 -37.51 65.62 -13.94
N ASN FA 139 -37.05 66.83 -14.28
CA ASN FA 139 -37.70 67.63 -15.31
C ASN FA 139 -37.68 66.92 -16.66
N ALA FA 140 -36.52 66.37 -17.04
CA ALA FA 140 -36.43 65.69 -18.33
C ALA FA 140 -37.40 64.51 -18.40
N ARG FA 141 -37.48 63.72 -17.34
CA ARG FA 141 -38.33 62.54 -17.35
C ARG FA 141 -39.80 62.93 -17.33
N ALA FA 142 -40.13 64.01 -16.64
CA ALA FA 142 -41.49 64.53 -16.73
C ALA FA 142 -41.82 64.90 -18.16
N ALA FA 143 -40.89 65.58 -18.84
CA ALA FA 143 -41.12 65.94 -20.24
C ALA FA 143 -41.24 64.69 -21.11
N VAL FA 144 -40.44 63.68 -20.82
CA VAL FA 144 -40.52 62.42 -21.56
C VAL FA 144 -41.89 61.80 -21.43
N GLU FA 145 -42.39 61.69 -20.20
CA GLU FA 145 -43.70 61.10 -19.99
C GLU FA 145 -44.80 61.94 -20.65
N ALA FA 146 -44.67 63.26 -20.57
CA ALA FA 146 -45.63 64.13 -21.24
C ALA FA 146 -45.64 63.87 -22.74
N ALA FA 147 -44.46 63.76 -23.34
CA ALA FA 147 -44.38 63.50 -24.78
C ALA FA 147 -44.98 62.14 -25.12
N PHE FA 148 -44.68 61.12 -24.31
CA PHE FA 148 -45.25 59.80 -24.55
C PHE FA 148 -46.77 59.83 -24.52
N GLU FA 149 -47.34 60.35 -23.45
CA GLU FA 149 -48.79 60.31 -23.32
C GLU FA 149 -49.47 61.32 -24.23
N GLN FA 150 -48.71 62.28 -24.78
CA GLN FA 150 -49.30 63.24 -25.70
C GLN FA 150 -49.92 62.55 -26.90
N ARG FA 151 -49.18 61.62 -27.52
CA ARG FA 151 -49.71 60.71 -28.52
C ARG FA 151 -50.48 61.48 -29.61
N VAL FA 152 -49.70 62.26 -30.35
CA VAL FA 152 -50.23 63.13 -31.39
C VAL FA 152 -49.87 62.53 -32.76
N GLY FA 153 -50.62 62.95 -33.77
CA GLY FA 153 -50.35 62.54 -35.13
C GLY FA 153 -50.41 61.04 -35.36
N ALA FA 154 -51.34 60.36 -34.69
CA ALA FA 154 -51.51 58.92 -34.83
C ALA FA 154 -52.81 58.63 -35.55
N TYR FA 155 -52.74 57.83 -36.61
CA TYR FA 155 -53.91 57.40 -37.34
C TYR FA 155 -54.27 55.98 -36.93
N TYR FA 156 -55.55 55.75 -36.70
CA TYR FA 156 -56.04 54.47 -36.22
C TYR FA 156 -56.81 53.76 -37.33
N ASN FA 157 -56.47 52.50 -37.57
CA ASN FA 157 -57.15 51.69 -38.56
C ASN FA 157 -57.93 50.60 -37.86
N LEU FA 158 -59.16 50.34 -38.34
CA LEU FA 158 -60.10 49.48 -37.65
C LEU FA 158 -60.49 48.24 -38.44
N LYS FA 159 -60.31 48.25 -39.75
CA LYS FA 159 -60.94 47.24 -40.60
C LYS FA 159 -60.28 45.90 -40.30
N TYR FA 160 -60.97 45.10 -39.48
CA TYR FA 160 -60.49 43.79 -39.11
C TYR FA 160 -61.63 42.80 -39.14
N MET FA 161 -61.42 41.68 -39.80
CA MET FA 161 -62.38 40.58 -39.83
C MET FA 161 -61.90 39.48 -38.90
N MET FA 162 -62.83 38.67 -38.42
CA MET FA 162 -62.44 37.47 -37.70
C MET FA 162 -63.18 36.29 -38.30
N SER FA 163 -62.74 35.09 -37.94
CA SER FA 163 -63.43 33.86 -38.31
C SER FA 163 -62.85 32.73 -37.49
N GLY FA 164 -63.72 31.85 -37.01
CA GLY FA 164 -63.28 30.75 -36.17
C GLY FA 164 -64.15 30.55 -34.95
N ASP FA 165 -63.53 30.45 -33.77
CA ASP FA 165 -64.25 30.26 -32.53
C ASP FA 165 -64.46 31.61 -31.86
N LYS FA 166 -65.66 32.18 -32.04
CA LYS FA 166 -65.91 33.52 -31.54
C LYS FA 166 -65.98 33.60 -30.03
N ASP FA 167 -66.01 32.47 -29.33
CA ASP FA 167 -66.08 32.49 -27.88
C ASP FA 167 -64.83 33.07 -27.23
N ILE FA 168 -63.71 33.10 -27.94
CA ILE FA 168 -62.48 33.69 -27.41
C ILE FA 168 -62.23 35.06 -28.03
N ALA FA 169 -63.09 35.47 -28.93
CA ALA FA 169 -62.85 36.65 -29.75
C ALA FA 169 -62.64 37.89 -28.91
N PRO FA 170 -61.67 38.72 -29.27
CA PRO FA 170 -61.52 40.01 -28.61
C PRO FA 170 -62.71 40.89 -28.91
N VAL FA 171 -63.05 41.74 -27.93
CA VAL FA 171 -64.15 42.65 -28.15
C VAL FA 171 -63.78 43.77 -29.09
N ASN FA 172 -62.49 44.09 -29.21
CA ASN FA 172 -62.04 45.15 -30.09
C ASN FA 172 -60.62 44.88 -30.53
N ALA FA 173 -60.28 45.34 -31.73
CA ALA FA 173 -58.94 45.21 -32.28
C ALA FA 173 -58.67 46.35 -33.22
N TRP FA 174 -57.52 46.99 -33.05
CA TRP FA 174 -57.16 48.13 -33.88
C TRP FA 174 -55.66 48.34 -33.81
N ASP FA 175 -55.16 49.22 -34.67
CA ASP FA 175 -53.73 49.39 -34.88
C ASP FA 175 -53.41 50.87 -35.03
N ASP FA 176 -52.17 51.22 -34.71
CA ASP FA 176 -51.71 52.60 -34.80
C ASP FA 176 -50.72 52.80 -35.94
N GLY FA 177 -50.51 51.79 -36.78
CA GLY FA 177 -49.50 51.82 -37.79
C GLY FA 177 -48.16 51.27 -37.35
N ARG FA 178 -47.97 51.09 -36.04
CA ARG FA 178 -46.76 50.45 -35.51
C ARG FA 178 -47.10 49.25 -34.65
N PHE FA 179 -48.13 49.35 -33.83
CA PHE FA 179 -48.56 48.26 -32.97
C PHE FA 179 -50.00 47.92 -33.30
N THR FA 180 -50.41 46.70 -32.96
CA THR FA 180 -51.80 46.28 -33.08
C THR FA 180 -52.27 45.77 -31.73
N TYR FA 181 -53.46 46.20 -31.33
CA TYR FA 181 -54.01 45.86 -30.02
C TYR FA 181 -55.26 45.02 -30.21
N PHE FA 182 -55.52 44.15 -29.25
CA PHE FA 182 -56.78 43.45 -29.15
C PHE FA 182 -57.35 43.70 -27.76
N LYS FA 183 -58.58 44.19 -27.70
CA LYS FA 183 -59.23 44.45 -26.43
C LYS FA 183 -60.07 43.24 -26.05
N PHE FA 184 -59.93 42.79 -24.81
CA PHE FA 184 -60.62 41.62 -24.32
C PHE FA 184 -61.58 41.97 -23.19
N SER FA 185 -62.74 41.33 -23.23
CA SER FA 185 -63.72 41.49 -22.17
C SER FA 185 -63.14 41.02 -20.84
N ALA FA 186 -63.53 41.71 -19.77
CA ALA FA 186 -62.90 41.48 -18.48
C ALA FA 186 -63.13 40.06 -17.98
N ASN FA 187 -64.11 39.36 -18.54
CA ASN FA 187 -64.35 37.98 -18.17
C ASN FA 187 -63.66 36.99 -19.10
N ALA FA 188 -62.92 37.46 -20.09
CA ALA FA 188 -62.29 36.58 -21.05
C ALA FA 188 -60.86 36.27 -20.63
N ASP FA 189 -60.55 34.99 -20.50
CA ASP FA 189 -59.17 34.59 -20.25
C ASP FA 189 -58.30 35.08 -21.38
N LEU FA 190 -57.16 35.67 -21.05
CA LEU FA 190 -56.31 36.22 -22.10
C LEU FA 190 -55.65 35.09 -22.88
N PRO FA 191 -55.90 34.98 -24.17
CA PRO FA 191 -55.34 33.88 -24.94
C PRO FA 191 -53.92 34.17 -25.36
N SER FA 192 -53.30 33.26 -26.10
CA SER FA 192 -51.99 33.51 -26.68
C SER FA 192 -52.16 33.88 -28.14
N ILE FA 193 -51.34 34.81 -28.60
CA ILE FA 193 -51.44 35.36 -29.95
C ILE FA 193 -50.22 34.94 -30.74
N TYR FA 194 -50.42 34.53 -31.99
CA TYR FA 194 -49.33 34.09 -32.83
C TYR FA 194 -49.34 34.84 -34.14
N PHE FA 195 -48.15 35.02 -34.70
CA PHE FA 195 -47.98 35.71 -35.97
C PHE FA 195 -48.06 34.70 -37.10
N VAL FA 196 -48.78 35.05 -38.16
CA VAL FA 196 -48.93 34.18 -39.32
C VAL FA 196 -48.30 34.88 -40.51
N ASP FA 197 -47.49 34.15 -41.26
CA ASP FA 197 -46.84 34.68 -42.44
C ASP FA 197 -47.82 34.70 -43.60
N ALA FA 198 -47.38 35.22 -44.75
CA ALA FA 198 -48.25 35.22 -45.93
C ALA FA 198 -48.52 33.81 -46.42
N GLU FA 199 -47.68 32.86 -46.04
CA GLU FA 199 -47.85 31.49 -46.52
C GLU FA 199 -48.76 30.67 -45.63
N GLY FA 200 -48.83 30.96 -44.34
CA GLY FA 200 -49.67 30.22 -43.42
C GLY FA 200 -48.96 29.38 -42.40
N ASN FA 201 -47.81 29.83 -41.89
CA ASN FA 201 -47.18 29.17 -40.76
C ASN FA 201 -47.03 30.15 -39.60
N GLU FA 202 -47.30 29.65 -38.40
CA GLU FA 202 -47.40 30.49 -37.23
C GLU FA 202 -46.03 30.70 -36.59
N SER FA 203 -45.81 31.92 -36.08
CA SER FA 203 -44.55 32.28 -35.46
C SER FA 203 -44.82 33.19 -34.28
N LEU FA 204 -43.91 33.18 -33.32
CA LEU FA 204 -44.10 33.99 -32.13
C LEU FA 204 -43.99 35.47 -32.47
N VAL FA 205 -44.42 36.30 -31.53
CA VAL FA 205 -44.31 37.75 -31.65
C VAL FA 205 -44.24 38.33 -30.25
N PRO FA 206 -43.37 39.29 -29.99
CA PRO FA 206 -43.37 39.93 -28.66
C PRO FA 206 -44.69 40.62 -28.40
N ARG FA 207 -45.15 40.51 -27.15
CA ARG FA 207 -46.42 41.08 -26.74
C ARG FA 207 -46.24 41.85 -25.45
N THR FA 208 -47.04 42.90 -25.29
CA THR FA 208 -47.07 43.68 -24.07
C THR FA 208 -48.50 43.89 -23.64
N THR FA 209 -48.75 43.74 -22.35
CA THR FA 209 -50.09 43.92 -21.79
C THR FA 209 -50.21 45.35 -21.28
N VAL FA 210 -50.99 46.16 -21.99
CA VAL FA 210 -51.11 47.57 -21.64
C VAL FA 210 -52.57 47.88 -21.38
N GLY FA 211 -52.87 49.13 -21.09
CA GLY FA 211 -54.23 49.55 -20.84
C GLY FA 211 -54.48 49.84 -19.37
N SER FA 212 -55.69 50.31 -19.09
CA SER FA 212 -56.05 50.70 -17.74
C SER FA 212 -56.00 49.51 -16.78
N SER FA 213 -56.51 48.36 -17.20
CA SER FA 213 -56.71 47.24 -16.31
C SER FA 213 -56.29 45.92 -16.94
N ASN FA 214 -55.20 45.92 -17.69
CA ASN FA 214 -54.72 44.73 -18.39
C ASN FA 214 -55.84 44.15 -19.27
N ASN FA 215 -56.62 45.02 -19.87
CA ASN FA 215 -57.64 44.62 -20.82
C ASN FA 215 -57.21 44.81 -22.27
N ILE FA 216 -55.96 45.18 -22.50
CA ILE FA 216 -55.42 45.34 -23.84
C ILE FA 216 -54.20 44.46 -23.97
N ILE FA 217 -54.18 43.63 -25.00
CA ILE FA 217 -52.99 42.90 -25.41
C ILE FA 217 -52.43 43.61 -26.63
N ALA FA 218 -51.12 43.84 -26.65
CA ALA FA 218 -50.48 44.63 -27.69
C ALA FA 218 -49.39 43.81 -28.35
N VAL FA 219 -49.38 43.80 -29.68
CA VAL FA 219 -48.39 43.09 -30.46
C VAL FA 219 -47.56 44.09 -31.24
N HIS FA 220 -46.38 43.66 -31.69
CA HIS FA 220 -45.38 44.57 -32.24
C HIS FA 220 -45.20 44.44 -33.74
N LYS FA 221 -46.28 44.25 -34.49
CA LYS FA 221 -46.21 44.22 -35.94
C LYS FA 221 -47.59 44.35 -36.55
N VAL FA 222 -47.74 45.31 -37.44
CA VAL FA 222 -48.90 45.39 -38.31
C VAL FA 222 -48.77 44.28 -39.33
N ASN FA 223 -49.78 43.41 -39.39
CA ASN FA 223 -49.70 42.24 -40.24
C ASN FA 223 -51.05 41.96 -40.87
N PRO FA 224 -51.07 41.41 -42.08
CA PRO FA 224 -52.37 41.05 -42.69
C PRO FA 224 -53.16 40.03 -41.90
N LYS FA 225 -52.51 39.05 -41.29
CA LYS FA 225 -53.24 37.93 -40.71
C LYS FA 225 -52.69 37.58 -39.34
N TRP FA 226 -53.59 37.26 -38.41
CA TRP FA 226 -53.26 36.83 -37.07
C TRP FA 226 -54.07 35.61 -36.69
N MET FA 227 -53.46 34.73 -35.91
CA MET FA 227 -54.11 33.54 -35.40
C MET FA 227 -54.09 33.58 -33.89
N ILE FA 228 -55.25 33.37 -33.27
CA ILE FA 228 -55.41 33.44 -31.83
C ILE FA 228 -55.81 32.06 -31.34
N ARG FA 229 -55.01 31.50 -30.45
CA ARG FA 229 -55.22 30.14 -29.99
C ARG FA 229 -55.39 30.12 -28.48
N LEU FA 230 -56.10 29.11 -28.00
CA LEU FA 230 -56.35 28.92 -26.58
C LEU FA 230 -56.99 27.55 -26.39
N GLY FA 231 -56.52 26.80 -25.40
CA GLY FA 231 -57.11 25.52 -25.10
C GLY FA 231 -57.04 24.60 -26.29
N ASN FA 232 -58.20 24.36 -26.90
CA ASN FA 232 -58.29 23.62 -28.16
C ASN FA 232 -59.17 24.35 -29.15
N ARG FA 233 -59.24 25.68 -29.03
CA ARG FA 233 -60.06 26.50 -29.89
C ARG FA 233 -59.18 27.56 -30.54
N ALA FA 234 -59.57 28.01 -31.72
CA ALA FA 234 -58.76 28.94 -32.48
C ALA FA 234 -59.63 30.04 -33.05
N LEU FA 235 -58.99 31.18 -33.32
CA LEU FA 235 -59.63 32.29 -33.99
C LEU FA 235 -58.62 32.94 -34.93
N ALA FA 236 -59.03 33.22 -36.14
CA ALA FA 236 -58.19 33.89 -37.12
C ALA FA 236 -58.60 35.36 -37.22
N ILE FA 237 -57.62 36.21 -37.49
CA ILE FA 237 -57.84 37.65 -37.62
C ILE FA 237 -57.29 38.08 -38.96
N PHE FA 238 -58.05 38.88 -39.69
CA PHE FA 238 -57.65 39.37 -41.01
C PHE FA 238 -57.56 40.88 -40.97
N ASN FA 239 -56.76 41.45 -41.86
CA ASN FA 239 -56.69 42.89 -42.02
C ASN FA 239 -56.97 43.25 -43.47
N GLU FA 240 -57.95 44.11 -43.70
CA GLU FA 240 -58.29 44.58 -45.03
C GLU FA 240 -57.94 46.05 -45.25
N ALA FA 241 -57.14 46.64 -44.38
CA ALA FA 241 -56.54 47.94 -44.62
C ALA FA 241 -55.04 47.85 -44.38
N TYR FA 242 -54.47 46.71 -44.74
CA TYR FA 242 -53.05 46.50 -44.53
C TYR FA 242 -52.23 47.34 -45.49
N ASP FA 243 -51.42 48.23 -44.94
CA ASP FA 243 -50.55 49.07 -45.75
C ASP FA 243 -49.12 48.59 -45.57
N PRO FA 244 -48.51 47.98 -46.59
CA PRO FA 244 -47.14 47.48 -46.43
C PRO FA 244 -46.14 48.56 -46.06
N ASN FA 245 -46.33 49.78 -46.56
CA ASN FA 245 -45.35 50.83 -46.35
C ASN FA 245 -45.21 51.17 -44.87
N GLY FA 246 -46.33 51.35 -44.19
CA GLY FA 246 -46.22 51.75 -42.80
C GLY FA 246 -45.64 53.16 -42.68
N VAL FA 247 -45.02 53.41 -41.54
CA VAL FA 247 -44.41 54.69 -41.23
C VAL FA 247 -43.02 54.42 -40.65
N PRO FA 248 -41.99 55.11 -41.10
CA PRO FA 248 -40.63 54.82 -40.62
C PRO FA 248 -40.46 55.18 -39.15
N ASN FA 249 -39.52 54.50 -38.52
CA ASN FA 249 -39.17 54.73 -37.12
C ASN FA 249 -37.93 55.63 -37.09
N ASP FA 250 -38.14 56.91 -37.35
CA ASP FA 250 -37.03 57.85 -37.40
C ASP FA 250 -36.51 58.24 -36.02
N THR FA 251 -37.18 57.82 -34.95
CA THR FA 251 -36.82 58.28 -33.62
C THR FA 251 -36.37 57.16 -32.69
N GLY FA 252 -36.46 55.91 -33.11
CA GLY FA 252 -35.97 54.83 -32.29
C GLY FA 252 -36.77 54.54 -31.04
N THR FA 253 -38.03 54.97 -30.98
CA THR FA 253 -38.89 54.66 -29.86
C THR FA 253 -40.35 54.71 -30.32
N ALA FA 254 -41.23 54.22 -29.46
CA ALA FA 254 -42.65 54.14 -29.80
C ALA FA 254 -43.27 55.51 -30.03
N SER FA 255 -42.52 56.59 -29.85
CA SER FA 255 -43.02 57.93 -30.05
C SER FA 255 -42.33 58.60 -31.23
N PRO FA 256 -43.01 59.52 -31.92
CA PRO FA 256 -42.34 60.40 -32.87
C PRO FA 256 -41.70 61.63 -32.22
N ALA FA 257 -41.78 61.77 -30.91
CA ALA FA 257 -41.28 62.96 -30.23
C ALA FA 257 -40.28 62.65 -29.13
N VAL FA 258 -39.72 61.45 -29.09
CA VAL FA 258 -38.73 61.06 -28.10
C VAL FA 258 -37.52 60.47 -28.84
N ARG FA 259 -36.54 61.31 -29.15
CA ARG FA 259 -35.34 60.80 -29.78
C ARG FA 259 -34.55 59.96 -28.80
N ARG FA 260 -34.10 58.81 -29.27
CA ARG FA 260 -33.22 57.92 -28.52
C ARG FA 260 -31.79 58.26 -28.86
N VAL FA 261 -31.03 58.75 -27.90
CA VAL FA 261 -29.66 59.19 -28.13
C VAL FA 261 -28.71 58.19 -27.47
N ASN FA 262 -27.51 58.11 -28.02
CA ASN FA 262 -26.48 57.20 -27.53
C ASN FA 262 -25.78 57.86 -26.35
N LYS FA 263 -25.79 57.19 -25.20
CA LYS FA 263 -25.17 57.75 -24.01
C LYS FA 263 -23.72 57.31 -23.86
N GLY FA 264 -23.43 56.07 -24.26
CA GLY FA 264 -22.13 55.48 -23.97
C GLY FA 264 -20.95 56.25 -24.53
N GLY FA 265 -21.18 57.06 -25.56
CA GLY FA 265 -20.12 57.89 -26.12
C GLY FA 265 -18.96 57.09 -26.68
N ASN FA 266 -17.75 57.41 -26.22
CA ASN FA 266 -16.53 56.75 -26.68
C ASN FA 266 -16.36 56.91 -28.19
N CYS GA 17 -44.70 7.21 -40.69
CA CYS GA 17 -46.10 6.88 -40.84
C CYS GA 17 -46.97 7.73 -39.92
N ALA GA 18 -46.39 8.21 -38.83
CA ALA GA 18 -47.08 9.06 -37.87
C ALA GA 18 -46.28 10.34 -37.68
N SER GA 19 -46.97 11.48 -37.76
CA SER GA 19 -46.33 12.78 -37.63
C SER GA 19 -46.95 13.54 -36.47
N ALA GA 20 -46.38 14.69 -36.17
CA ALA GA 20 -46.89 15.51 -35.09
C ALA GA 20 -48.24 16.11 -35.47
N PRO GA 21 -49.30 15.82 -34.74
CA PRO GA 21 -50.61 16.37 -35.09
C PRO GA 21 -50.61 17.88 -35.05
N LYS GA 22 -51.18 18.47 -36.07
CA LYS GA 22 -51.24 19.91 -36.13
C LYS GA 22 -52.35 20.42 -35.24
N PRO GA 23 -52.19 21.60 -34.65
CA PRO GA 23 -53.25 22.15 -33.80
C PRO GA 23 -54.45 22.56 -34.63
N LYS GA 24 -55.61 22.59 -33.97
CA LYS GA 24 -56.87 22.79 -34.65
C LYS GA 24 -56.82 24.02 -35.54
N GLN GA 25 -57.09 23.83 -36.80
CA GLN GA 25 -57.17 24.96 -37.72
C GLN GA 25 -58.56 25.55 -37.69
N PRO GA 26 -58.70 26.87 -37.67
CA PRO GA 26 -60.03 27.46 -37.70
C PRO GA 26 -60.68 27.31 -39.06
N SER GA 27 -62.01 27.29 -39.06
CA SER GA 27 -62.76 27.33 -40.31
C SER GA 27 -62.79 28.75 -40.84
N ASP GA 28 -63.21 28.90 -42.10
CA ASP GA 28 -63.35 30.21 -42.73
C ASP GA 28 -64.75 30.42 -43.26
N PHE GA 29 -65.76 30.04 -42.49
CA PHE GA 29 -67.15 30.31 -42.83
C PHE GA 29 -67.67 31.60 -42.19
N ASN GA 30 -67.51 31.70 -40.87
CA ASN GA 30 -68.07 32.79 -40.09
C ASN GA 30 -67.14 34.01 -40.05
N ARG GA 31 -67.05 34.66 -41.19
CA ARG GA 31 -66.22 35.87 -41.33
C ARG GA 31 -67.09 37.10 -41.12
N GLU GA 32 -66.87 37.80 -40.01
CA GLU GA 32 -67.65 38.98 -39.66
C GLU GA 32 -66.71 40.04 -39.11
N PRO GA 33 -67.16 41.29 -39.04
CA PRO GA 33 -66.31 42.36 -38.48
C PRO GA 33 -65.93 42.08 -37.04
N VAL GA 34 -64.73 42.54 -36.67
CA VAL GA 34 -64.25 42.38 -35.31
C VAL GA 34 -64.78 43.48 -34.41
N ASN GA 35 -64.54 44.73 -34.79
CA ASN GA 35 -64.98 45.87 -33.99
C ASN GA 35 -66.42 46.15 -34.34
N LYS GA 36 -67.35 45.67 -33.52
CA LYS GA 36 -68.74 46.11 -33.65
C LYS GA 36 -68.87 47.60 -33.38
N THR GA 37 -68.17 48.09 -32.36
CA THR GA 37 -68.28 49.47 -31.93
C THR GA 37 -66.89 50.10 -31.90
N VAL GA 38 -66.84 51.40 -32.13
CA VAL GA 38 -65.56 52.11 -32.05
C VAL GA 38 -65.13 52.19 -30.59
N PRO GA 39 -64.00 51.63 -30.22
CA PRO GA 39 -63.61 51.60 -28.81
C PRO GA 39 -63.26 52.98 -28.29
N VAL GA 40 -63.35 53.14 -26.97
CA VAL GA 40 -63.09 54.41 -26.32
C VAL GA 40 -61.61 54.77 -26.29
N GLU GA 41 -60.72 53.80 -26.44
CA GLU GA 41 -59.29 54.07 -26.35
C GLU GA 41 -58.77 54.86 -27.53
N ILE GA 42 -59.58 54.97 -28.59
CA ILE GA 42 -59.26 55.83 -29.73
C ILE GA 42 -59.74 57.23 -29.38
N GLN GA 43 -60.29 57.37 -28.18
CA GLN GA 43 -61.00 58.59 -27.77
C GLN GA 43 -62.12 58.91 -28.74
N ARG GA 44 -62.78 57.85 -29.20
CA ARG GA 44 -63.92 57.94 -30.09
C ARG GA 44 -65.02 57.00 -29.62
N LYS HA 135 -0.84 72.55 41.68
CA LYS HA 135 -1.63 72.18 40.50
C LYS HA 135 -3.11 72.04 40.81
N THR HA 136 -3.80 73.17 40.88
CA THR HA 136 -5.23 73.16 41.13
C THR HA 136 -5.94 72.41 40.00
N PRO HA 137 -7.03 71.71 40.30
CA PRO HA 137 -7.59 70.77 39.30
C PRO HA 137 -8.08 71.43 38.02
N TYR HA 138 -8.11 72.76 37.92
CA TYR HA 138 -8.62 73.36 36.69
C TYR HA 138 -7.71 73.07 35.50
N GLU HA 139 -6.44 73.49 35.57
CA GLU HA 139 -5.54 73.20 34.46
C GLU HA 139 -5.25 71.70 34.36
N LEU HA 140 -5.33 70.99 35.49
CA LEU HA 140 -5.24 69.54 35.45
C LEU HA 140 -6.31 68.96 34.54
N ALA HA 141 -7.55 69.40 34.71
CA ALA HA 141 -8.62 68.93 33.84
C ALA HA 141 -8.44 69.44 32.42
N ARG HA 142 -7.90 70.65 32.27
CA ARG HA 142 -7.64 71.18 30.94
C ARG HA 142 -6.70 70.27 30.16
N GLU HA 143 -5.58 69.88 30.77
CA GLU HA 143 -4.65 68.99 30.09
C GLU HA 143 -5.22 67.59 29.99
N ARG HA 144 -6.13 67.23 30.90
CA ARG HA 144 -6.84 65.96 30.75
C ARG HA 144 -7.65 65.95 29.47
N MET HA 145 -8.40 67.02 29.21
CA MET HA 145 -9.14 67.13 27.96
C MET HA 145 -8.18 67.11 26.77
N LEU HA 146 -7.06 67.83 26.89
CA LEU HA 146 -6.09 67.86 25.81
C LEU HA 146 -5.59 66.46 25.49
N ARG HA 147 -5.10 65.73 26.49
CA ARG HA 147 -4.52 64.42 26.26
C ARG HA 147 -5.57 63.40 25.85
N SER HA 148 -6.81 63.63 26.27
CA SER HA 148 -7.86 62.62 26.19
C SER HA 148 -8.00 62.07 24.79
N GLY HA 149 -8.11 60.75 24.70
CA GLY HA 149 -8.37 60.09 23.44
C GLY HA 149 -9.75 60.42 22.93
N LEU HA 150 -9.98 60.08 21.66
CA LEU HA 150 -11.27 60.38 21.05
C LEU HA 150 -12.27 59.27 21.34
N THR HA 151 -11.83 58.02 21.32
CA THR HA 151 -12.67 56.89 21.69
C THR HA 151 -11.97 56.09 22.77
N ALA HA 152 -12.65 55.92 23.90
CA ALA HA 152 -12.05 55.18 25.01
C ALA HA 152 -11.91 53.71 24.64
N GLY HA 153 -10.78 53.12 25.00
CA GLY HA 153 -10.52 51.73 24.71
C GLY HA 153 -10.29 51.45 23.23
N GLY HA 177 -17.09 -19.95 32.30
CA GLY HA 177 -16.66 -20.40 30.99
C GLY HA 177 -17.28 -19.62 29.84
N GLY HA 178 -17.19 -20.17 28.64
CA GLY HA 178 -17.76 -19.52 27.47
C GLY HA 178 -18.38 -20.48 26.50
N GLY HA 179 -18.46 -21.76 26.86
CA GLY HA 179 -18.94 -22.80 25.98
C GLY HA 179 -20.41 -22.63 25.63
N GLY HA 180 -20.90 -23.60 24.86
CA GLY HA 180 -22.27 -23.53 24.37
C GLY HA 180 -22.48 -22.34 23.46
N GLY HA 181 -21.52 -22.13 22.56
CA GLY HA 181 -21.51 -20.90 21.78
C GLY HA 181 -22.75 -20.69 20.94
N GLU HA 182 -23.56 -21.74 20.79
CA GLU HA 182 -24.84 -21.58 20.11
C GLU HA 182 -25.98 -21.41 21.11
N LEU HA 183 -26.18 -22.39 21.98
CA LEU HA 183 -27.31 -22.31 22.90
C LEU HA 183 -27.19 -21.08 23.78
N ALA HA 184 -26.01 -20.83 24.35
CA ALA HA 184 -25.87 -19.73 25.29
C ALA HA 184 -26.04 -18.38 24.62
N GLU HA 185 -25.79 -18.27 23.31
CA GLU HA 185 -26.08 -17.00 22.66
C GLU HA 185 -27.51 -16.93 22.16
N LYS HA 186 -28.20 -18.06 22.11
CA LYS HA 186 -29.62 -17.99 21.78
C LYS HA 186 -30.48 -17.72 23.00
N LEU HA 187 -29.91 -17.77 24.21
CA LEU HA 187 -30.63 -17.46 25.43
C LEU HA 187 -30.30 -16.08 25.98
N GLN HA 188 -29.87 -15.17 25.14
CA GLN HA 188 -29.66 -13.80 25.61
C GLN HA 188 -30.99 -13.19 26.01
N PRO HA 189 -31.10 -12.60 27.18
CA PRO HA 189 -32.35 -11.95 27.57
C PRO HA 189 -32.66 -10.77 26.67
N MET HA 190 -33.95 -10.53 26.48
CA MET HA 190 -34.41 -9.28 25.88
C MET HA 190 -35.12 -8.50 26.96
N ARG HA 191 -34.41 -7.56 27.58
CA ARG HA 191 -34.97 -6.69 28.59
C ARG HA 191 -35.37 -5.40 27.92
N LEU HA 192 -36.67 -5.15 27.85
CA LEU HA 192 -37.18 -3.89 27.32
C LEU HA 192 -37.59 -3.00 28.48
N SER HA 193 -37.21 -1.74 28.40
CA SER HA 193 -37.45 -0.82 29.51
C SER HA 193 -38.93 -0.46 29.57
N GLY HA 194 -39.44 -0.38 30.80
CA GLY HA 194 -40.82 -0.01 31.01
C GLY HA 194 -41.10 1.43 30.59
N SER HA 195 -42.33 1.85 30.84
CA SER HA 195 -42.76 3.20 30.48
C SER HA 195 -43.67 3.75 31.57
N SER HA 196 -43.76 5.07 31.61
CA SER HA 196 -44.61 5.77 32.57
C SER HA 196 -45.58 6.66 31.80
N ALA HA 197 -46.83 6.68 32.21
CA ALA HA 197 -47.84 7.45 31.51
C ALA HA 197 -47.68 8.94 31.81
N GLY HA 198 -48.12 9.76 30.86
CA GLY HA 198 -48.18 11.19 31.05
C GLY HA 198 -49.61 11.71 30.99
N ARG HA 199 -49.72 12.97 30.61
CA ARG HA 199 -51.02 13.58 30.38
C ARG HA 199 -50.89 14.71 29.39
N LEU HA 200 -51.85 14.79 28.47
CA LEU HA 200 -51.80 15.82 27.45
C LEU HA 200 -51.94 17.19 28.07
N GLY HA 201 -51.39 18.20 27.41
CA GLY HA 201 -51.38 19.53 27.99
C GLY HA 201 -52.75 20.17 28.06
N ASN HA 202 -53.31 20.50 26.90
CA ASN HA 202 -54.60 21.17 26.83
C ASN HA 202 -55.44 20.45 25.79
N ARG HA 203 -56.25 19.51 26.25
CA ARG HA 203 -57.02 18.66 25.34
C ARG HA 203 -58.02 19.44 24.50
N ASP HA 204 -58.32 20.68 24.87
CA ASP HA 204 -59.20 21.50 24.05
C ASP HA 204 -58.51 22.09 22.83
N MET HA 205 -57.18 22.22 22.87
CA MET HA 205 -56.43 22.89 21.81
C MET HA 205 -55.52 21.91 21.06
N LEU HA 206 -55.82 20.63 21.12
CA LEU HA 206 -54.87 19.63 20.64
C LEU HA 206 -55.56 18.64 19.71
N ILE HA 207 -54.89 18.30 18.63
CA ILE HA 207 -55.33 17.27 17.69
C ILE HA 207 -54.29 16.16 17.73
N THR HA 208 -54.66 15.01 18.29
CA THR HA 208 -53.64 14.01 18.55
C THR HA 208 -53.48 13.05 17.37
N GLN HA 209 -52.50 12.17 17.51
CA GLN HA 209 -52.17 11.24 16.45
C GLN HA 209 -53.35 10.33 16.15
N GLY HA 210 -53.54 10.02 14.87
CA GLY HA 210 -54.59 9.10 14.48
C GLY HA 210 -55.95 9.71 14.24
N THR HA 211 -56.09 11.02 14.30
CA THR HA 211 -57.36 11.66 14.01
C THR HA 211 -57.51 11.87 12.52
N GLN HA 212 -58.27 11.01 11.86
CA GLN HA 212 -58.38 10.99 10.41
C GLN HA 212 -59.09 12.25 9.92
N LEU HA 213 -58.33 13.15 9.33
CA LEU HA 213 -58.86 14.30 8.63
C LEU HA 213 -59.37 13.84 7.27
N ASP HA 214 -60.54 14.33 6.88
CA ASP HA 214 -61.09 14.00 5.57
C ASP HA 214 -61.01 15.21 4.65
N CYS HA 215 -60.44 15.01 3.46
CA CYS HA 215 -60.42 16.07 2.46
C CYS HA 215 -60.77 15.48 1.10
N VAL HA 216 -61.18 16.36 0.20
CA VAL HA 216 -61.53 15.98 -1.17
C VAL HA 216 -60.42 16.47 -2.09
N LEU HA 217 -59.95 15.60 -2.97
CA LEU HA 217 -58.78 15.89 -3.77
C LEU HA 217 -59.13 16.89 -4.86
N GLU HA 218 -58.37 17.97 -4.95
CA GLU HA 218 -58.66 18.97 -5.96
C GLU HA 218 -57.95 18.67 -7.28
N THR HA 219 -56.70 18.23 -7.22
CA THR HA 219 -55.91 18.04 -8.41
C THR HA 219 -55.95 16.59 -8.88
N ARG HA 220 -55.89 16.42 -10.20
CA ARG HA 220 -55.82 15.09 -10.80
C ARG HA 220 -54.42 14.54 -10.65
N LEU HA 221 -54.31 13.33 -10.14
CA LEU HA 221 -53.03 12.77 -9.73
C LEU HA 221 -52.54 11.79 -10.80
N VAL HA 222 -51.32 12.00 -11.27
CA VAL HA 222 -50.64 11.10 -12.20
C VAL HA 222 -49.22 10.89 -11.70
N THR HA 223 -48.75 9.66 -11.73
CA THR HA 223 -47.56 9.28 -10.98
C THR HA 223 -46.32 9.11 -11.83
N THR HA 224 -46.31 9.60 -13.07
CA THR HA 224 -45.09 9.51 -13.85
C THR HA 224 -44.02 10.44 -13.29
N GLN HA 225 -44.28 11.73 -13.32
CA GLN HA 225 -43.35 12.69 -12.79
C GLN HA 225 -43.76 13.10 -11.39
N PRO HA 226 -42.81 13.26 -10.47
CA PRO HA 226 -43.17 13.76 -9.15
C PRO HA 226 -43.72 15.18 -9.24
N GLY HA 227 -44.68 15.46 -8.37
CA GLY HA 227 -45.29 16.77 -8.26
C GLY HA 227 -45.94 16.89 -6.91
N MET HA 228 -46.66 17.98 -6.70
CA MET HA 228 -47.38 18.17 -5.45
C MET HA 228 -48.88 18.26 -5.71
N THR HA 229 -49.65 17.86 -4.70
CA THR HA 229 -51.10 17.72 -4.81
C THR HA 229 -51.80 18.60 -3.78
N THR HA 230 -53.12 18.73 -3.94
CA THR HA 230 -53.90 19.67 -3.16
C THR HA 230 -55.29 19.10 -2.89
N CYS HA 231 -55.70 19.11 -1.62
CA CYS HA 231 -57.07 18.76 -1.29
C CYS HA 231 -57.62 19.76 -0.29
N HIS HA 232 -58.94 19.91 -0.30
CA HIS HA 232 -59.65 20.77 0.62
C HIS HA 232 -60.41 19.93 1.63
N LEU HA 233 -60.39 20.35 2.89
CA LEU HA 233 -61.13 19.64 3.92
C LEU HA 233 -62.62 19.69 3.61
N THR HA 234 -63.34 18.62 3.93
CA THR HA 234 -64.78 18.61 3.73
C THR HA 234 -65.55 18.75 5.02
N ARG HA 235 -64.88 18.61 6.16
CA ARG HA 235 -65.53 18.65 7.46
C ARG HA 235 -64.63 19.37 8.43
N ASP HA 236 -65.23 20.09 9.37
CA ASP HA 236 -64.45 20.69 10.43
C ASP HA 236 -63.84 19.60 11.29
N VAL HA 237 -62.67 19.88 11.87
CA VAL HA 237 -61.94 18.92 12.67
C VAL HA 237 -61.90 19.42 14.09
N TYR HA 238 -62.42 18.61 15.02
CA TYR HA 238 -62.51 18.98 16.41
C TYR HA 238 -61.37 18.36 17.20
N SER HA 239 -60.92 19.08 18.23
CA SER HA 239 -59.89 18.56 19.11
C SER HA 239 -60.37 17.28 19.79
N THR HA 240 -59.43 16.56 20.41
CA THR HA 240 -59.79 15.30 21.04
C THR HA 240 -60.86 15.50 22.11
N SER HA 241 -60.84 16.63 22.81
CA SER HA 241 -61.91 16.91 23.75
C SER HA 241 -63.24 17.10 23.03
N GLY HA 242 -63.21 17.27 21.72
CA GLY HA 242 -64.44 17.40 20.97
C GLY HA 242 -65.25 18.62 21.34
N ARG HA 243 -64.61 19.76 21.50
CA ARG HA 243 -65.33 20.97 21.89
C ARG HA 243 -64.96 22.21 21.09
N VAL HA 244 -63.86 22.21 20.37
CA VAL HA 244 -63.43 23.37 19.61
C VAL HA 244 -63.23 22.98 18.15
N VAL HA 245 -63.66 23.84 17.24
CA VAL HA 245 -63.34 23.68 15.83
C VAL HA 245 -62.00 24.34 15.58
N LEU HA 246 -61.00 23.54 15.22
CA LEU HA 246 -59.67 24.08 14.99
C LEU HA 246 -59.38 24.29 13.51
N LEU HA 247 -59.53 23.25 12.71
CA LEU HA 247 -59.22 23.30 11.29
C LEU HA 247 -60.53 23.44 10.53
N ASP HA 248 -60.81 24.65 10.06
CA ASP HA 248 -62.09 24.93 9.44
C ASP HA 248 -62.23 24.16 8.13
N ARG HA 249 -63.46 23.73 7.86
CA ARG HA 249 -63.76 23.13 6.57
C ARG HA 249 -63.54 24.15 5.47
N GLY HA 250 -63.23 23.65 4.28
CA GLY HA 250 -62.78 24.53 3.24
C GLY HA 250 -61.32 24.87 3.32
N SER HA 251 -60.59 24.29 4.26
CA SER HA 251 -59.15 24.51 4.36
C SER HA 251 -58.45 23.98 3.12
N LYS HA 252 -57.15 24.26 3.03
CA LYS HA 252 -56.33 23.80 1.92
C LYS HA 252 -55.14 23.03 2.45
N VAL HA 253 -54.83 21.92 1.80
CA VAL HA 253 -53.67 21.10 2.13
C VAL HA 253 -52.82 20.97 0.88
N VAL HA 254 -51.50 21.07 1.05
CA VAL HA 254 -50.56 20.84 -0.04
C VAL HA 254 -49.66 19.69 0.36
N GLY HA 255 -49.50 18.74 -0.56
CA GLY HA 255 -48.63 17.63 -0.31
C GLY HA 255 -47.97 17.13 -1.57
N PHE HA 256 -46.87 16.40 -1.43
CA PHE HA 256 -46.10 15.96 -2.56
C PHE HA 256 -46.06 14.44 -2.59
N TYR HA 257 -45.42 13.90 -3.62
CA TYR HA 257 -45.26 12.47 -3.79
C TYR HA 257 -44.13 12.23 -4.77
N GLN HA 258 -43.36 11.18 -4.52
CA GLN HA 258 -42.16 10.94 -5.30
C GLN HA 258 -41.83 9.45 -5.28
N GLY HA 259 -40.97 9.05 -6.20
CA GLY HA 259 -40.46 7.71 -6.25
C GLY HA 259 -41.13 6.80 -7.25
N GLY HA 260 -42.27 7.19 -7.78
CA GLY HA 260 -42.97 6.34 -8.71
C GLY HA 260 -43.40 5.03 -8.08
N LEU HA 261 -44.12 4.24 -8.87
CA LEU HA 261 -44.58 2.95 -8.40
C LEU HA 261 -43.50 1.91 -8.57
N ARG HA 262 -43.89 0.66 -8.37
CA ARG HA 262 -43.07 -0.49 -8.64
C ARG HA 262 -43.95 -1.60 -9.19
N GLN HA 263 -43.36 -2.49 -9.97
CA GLN HA 263 -44.09 -3.66 -10.44
C GLN HA 263 -44.69 -4.39 -9.25
N GLY HA 264 -45.98 -4.68 -9.35
CA GLY HA 264 -46.68 -5.36 -8.28
C GLY HA 264 -47.30 -4.45 -7.24
N GLN HA 265 -47.09 -3.15 -7.32
CA GLN HA 265 -47.75 -2.20 -6.44
C GLN HA 265 -48.96 -1.62 -7.13
N ALA HA 266 -49.88 -1.07 -6.34
CA ALA HA 266 -51.03 -0.36 -6.88
C ALA HA 266 -51.37 0.89 -6.08
N ARG HA 267 -50.52 1.28 -5.13
CA ARG HA 267 -50.81 2.40 -4.26
C ARG HA 267 -49.57 3.24 -4.07
N ILE HA 268 -49.64 4.50 -4.44
CA ILE HA 268 -48.52 5.43 -4.32
C ILE HA 268 -48.61 6.13 -2.98
N PHE HA 269 -47.45 6.40 -2.38
CA PHE HA 269 -47.40 7.05 -1.08
C PHE HA 269 -47.48 8.55 -1.27
N VAL HA 270 -48.42 9.19 -0.59
CA VAL HA 270 -48.58 10.65 -0.66
C VAL HA 270 -48.32 11.20 0.72
N GLN HA 271 -47.48 12.24 0.78
CA GLN HA 271 -47.15 12.90 2.03
C GLN HA 271 -47.72 14.31 2.00
N TRP HA 272 -48.63 14.61 2.93
CA TRP HA 272 -49.13 15.96 3.09
C TRP HA 272 -48.19 16.71 4.01
N SER HA 273 -47.97 17.99 3.73
CA SER HA 273 -46.99 18.75 4.48
C SER HA 273 -47.56 19.93 5.24
N ARG HA 274 -48.35 20.78 4.58
CA ARG HA 274 -48.79 22.00 5.23
C ARG HA 274 -50.29 22.17 4.98
N ILE HA 275 -50.94 22.86 5.91
CA ILE HA 275 -52.38 23.05 5.88
C ILE HA 275 -52.69 24.50 6.20
N GLU HA 276 -53.69 25.04 5.51
CA GLU HA 276 -54.08 26.44 5.67
C GLU HA 276 -55.57 26.52 5.85
N THR HA 277 -56.00 27.15 6.92
CA THR HA 277 -57.42 27.41 7.11
C THR HA 277 -57.76 28.83 6.63
N PRO HA 278 -59.00 29.06 6.20
CA PRO HA 278 -59.33 30.36 5.63
C PRO HA 278 -59.06 31.52 6.56
N SER HA 279 -59.12 31.31 7.86
CA SER HA 279 -58.81 32.37 8.81
C SER HA 279 -57.32 32.68 8.86
N GLY HA 280 -56.48 31.87 8.23
CA GLY HA 280 -55.06 32.12 8.17
C GLY HA 280 -54.20 31.26 9.07
N VAL HA 281 -54.78 30.34 9.81
CA VAL HA 281 -53.98 29.43 10.64
C VAL HA 281 -53.19 28.50 9.72
N VAL HA 282 -51.95 28.26 10.08
CA VAL HA 282 -51.06 27.36 9.33
C VAL HA 282 -50.32 26.48 10.32
N ILE HA 283 -50.22 25.20 10.03
CA ILE HA 283 -49.39 24.28 10.80
C ILE HA 283 -48.85 23.22 9.86
N ASN HA 284 -47.63 22.76 10.15
CA ASN HA 284 -46.95 21.78 9.31
C ASN HA 284 -47.25 20.39 9.81
N LEU HA 285 -48.26 19.75 9.23
CA LEU HA 285 -48.58 18.38 9.56
C LEU HA 285 -47.89 17.48 8.54
N ASP HA 286 -47.05 16.58 9.02
CA ASP HA 286 -46.29 15.68 8.15
C ASP HA 286 -46.86 14.29 8.37
N SER HA 287 -47.87 13.94 7.59
CA SER HA 287 -48.55 12.69 7.84
C SER HA 287 -48.93 11.99 6.55
N PRO HA 288 -48.95 10.67 6.55
CA PRO HA 288 -49.21 9.92 5.32
C PRO HA 288 -50.67 9.95 4.95
N GLY HA 289 -50.96 10.36 3.71
CA GLY HA 289 -52.30 10.32 3.18
C GLY HA 289 -52.74 8.88 3.01
N THR HA 290 -54.06 8.68 3.03
CA THR HA 290 -54.65 7.35 2.89
C THR HA 290 -55.89 7.43 2.05
N GLY HA 291 -56.55 6.28 1.89
CA GLY HA 291 -57.77 6.22 1.12
C GLY HA 291 -58.99 6.45 1.98
N PRO HA 292 -60.16 6.28 1.36
CA PRO HA 292 -61.41 6.52 2.10
C PRO HA 292 -61.54 5.67 3.35
N LEU HA 293 -61.09 4.42 3.31
CA LEU HA 293 -61.11 3.58 4.49
C LEU HA 293 -59.76 3.57 5.20
N GLY HA 294 -58.92 4.56 4.92
CA GLY HA 294 -57.70 4.77 5.67
C GLY HA 294 -56.55 3.86 5.32
N GLU HA 295 -56.69 3.02 4.31
CA GLU HA 295 -55.58 2.16 3.91
C GLU HA 295 -54.43 3.03 3.42
N ALA HA 296 -53.21 2.60 3.74
CA ALA HA 296 -52.03 3.42 3.47
C ALA HA 296 -51.86 3.67 1.98
N GLY HA 297 -51.59 4.90 1.62
CA GLY HA 297 -51.24 5.23 0.27
C GLY HA 297 -52.45 5.31 -0.66
N LEU HA 298 -52.43 6.31 -1.53
CA LEU HA 298 -53.50 6.53 -2.47
C LEU HA 298 -53.49 5.48 -3.56
N GLY HA 299 -54.68 5.03 -3.95
CA GLY HA 299 -54.82 4.11 -5.04
C GLY HA 299 -55.79 4.66 -6.07
N GLY HA 300 -55.76 4.07 -7.25
CA GLY HA 300 -56.62 4.48 -8.35
C GLY HA 300 -56.63 3.47 -9.43
N TRP HA 301 -56.69 3.93 -10.67
CA TRP HA 301 -56.61 3.04 -11.81
C TRP HA 301 -55.15 2.79 -12.18
N ILE HA 302 -54.79 1.52 -12.29
CA ILE HA 302 -53.43 1.12 -12.61
C ILE HA 302 -53.34 0.88 -14.11
N ASP HA 303 -52.32 1.46 -14.72
CA ASP HA 303 -51.97 1.19 -16.11
C ASP HA 303 -50.62 0.46 -16.07
N ARG HA 304 -50.54 -0.67 -16.76
CA ARG HA 304 -49.33 -1.47 -16.73
C ARG HA 304 -48.56 -1.42 -18.03
N HIS HA 305 -49.07 -0.74 -19.05
CA HIS HA 305 -48.40 -0.63 -20.34
C HIS HA 305 -47.99 -2.00 -20.87
N PHE HA 306 -48.97 -2.89 -21.00
CA PHE HA 306 -48.68 -4.22 -21.51
C PHE HA 306 -48.10 -4.17 -22.92
N TRP HA 307 -48.72 -3.36 -23.78
CA TRP HA 307 -48.19 -3.25 -25.13
C TRP HA 307 -46.80 -2.67 -25.13
N GLU HA 308 -46.58 -1.58 -24.39
CA GLU HA 308 -45.25 -0.99 -24.33
C GLU HA 308 -44.20 -1.99 -23.86
N ARG HA 309 -44.59 -2.98 -23.06
CA ARG HA 309 -43.64 -3.94 -22.53
C ARG HA 309 -43.41 -5.14 -23.43
N PHE HA 310 -44.43 -5.62 -24.14
CA PHE HA 310 -44.29 -6.88 -24.88
C PHE HA 310 -44.49 -6.77 -26.39
N GLY HA 311 -44.85 -5.60 -26.91
CA GLY HA 311 -45.07 -5.49 -28.34
C GLY HA 311 -43.82 -5.75 -29.14
N GLY HA 312 -42.67 -5.34 -28.61
CA GLY HA 312 -41.43 -5.63 -29.31
C GLY HA 312 -41.23 -7.12 -29.51
N ALA HA 313 -41.33 -7.89 -28.43
CA ALA HA 313 -41.14 -9.33 -28.52
C ALA HA 313 -42.17 -9.96 -29.44
N ILE HA 314 -43.43 -9.55 -29.32
CA ILE HA 314 -44.48 -10.18 -30.12
C ILE HA 314 -44.28 -9.87 -31.61
N MET HA 315 -44.02 -8.61 -31.93
CA MET HA 315 -43.83 -8.23 -33.32
C MET HA 315 -42.63 -8.96 -33.92
N ILE HA 316 -41.54 -9.04 -33.16
CA ILE HA 316 -40.36 -9.73 -33.68
C ILE HA 316 -40.65 -11.20 -33.93
N SER HA 317 -41.31 -11.86 -32.97
CA SER HA 317 -41.60 -13.28 -33.16
C SER HA 317 -42.49 -13.50 -34.37
N LEU HA 318 -43.52 -12.67 -34.53
CA LEU HA 318 -44.43 -12.86 -35.65
C LEU HA 318 -43.74 -12.61 -36.99
N ILE HA 319 -42.93 -11.55 -37.08
CA ILE HA 319 -42.23 -11.28 -38.33
C ILE HA 319 -41.27 -12.42 -38.67
N GLY HA 320 -40.50 -12.87 -37.68
CA GLY HA 320 -39.55 -13.95 -37.93
C GLY HA 320 -40.24 -15.21 -38.42
N ASP HA 321 -41.31 -15.62 -37.74
CA ASP HA 321 -41.92 -16.89 -38.11
C ASP HA 321 -42.73 -16.76 -39.40
N LEU HA 322 -43.27 -15.57 -39.69
CA LEU HA 322 -43.90 -15.38 -41.00
C LEU HA 322 -42.87 -15.48 -42.11
N GLY HA 323 -41.69 -14.89 -41.90
CA GLY HA 323 -40.63 -15.06 -42.88
C GLY HA 323 -40.23 -16.51 -43.05
N ASP HA 324 -40.17 -17.25 -41.96
CA ASP HA 324 -39.83 -18.67 -42.05
C ASP HA 324 -40.89 -19.42 -42.87
N TRP HA 325 -42.17 -19.13 -42.62
CA TRP HA 325 -43.23 -19.74 -43.41
C TRP HA 325 -43.06 -19.42 -44.89
N ALA HA 326 -42.79 -18.16 -45.21
CA ALA HA 326 -42.59 -17.79 -46.61
C ALA HA 326 -41.42 -18.53 -47.22
N SER HA 327 -40.33 -18.67 -46.46
CA SER HA 327 -39.17 -19.40 -46.97
C SER HA 327 -39.52 -20.84 -47.30
N ARG HA 328 -40.21 -21.53 -46.38
CA ARG HA 328 -40.58 -22.91 -46.65
C ARG HA 328 -41.58 -23.00 -47.80
N GLN HA 329 -42.34 -21.94 -48.03
CA GLN HA 329 -43.39 -21.94 -49.06
C GLN HA 329 -42.84 -21.86 -50.50
N GLY HA 330 -41.55 -21.59 -50.71
CA GLY HA 330 -41.07 -21.27 -52.03
C GLY HA 330 -41.24 -22.39 -53.05
N SER HA 331 -40.89 -23.61 -52.67
CA SER HA 331 -40.98 -24.73 -53.60
C SER HA 331 -42.42 -25.17 -53.80
N SER HA 349 -31.90 -14.61 -29.21
CA SER HA 349 -32.88 -14.27 -30.24
C SER HA 349 -33.37 -12.85 -30.08
N ALA HA 350 -33.74 -12.23 -31.20
CA ALA HA 350 -34.13 -10.82 -31.18
C ALA HA 350 -35.32 -10.58 -30.27
N ALA HA 351 -36.26 -11.52 -30.23
CA ALA HA 351 -37.41 -11.36 -29.35
C ALA HA 351 -36.98 -11.26 -27.90
N ALA HA 352 -36.16 -12.22 -27.45
CA ALA HA 352 -35.67 -12.18 -26.07
C ALA HA 352 -34.87 -10.91 -25.83
N GLU HA 353 -34.17 -10.42 -26.85
CA GLU HA 353 -33.40 -9.20 -26.66
C GLU HA 353 -34.30 -8.00 -26.41
N ALA HA 354 -35.36 -7.85 -27.23
CA ALA HA 354 -36.27 -6.73 -27.03
C ALA HA 354 -36.96 -6.82 -25.67
N LEU HA 355 -37.37 -8.03 -25.29
CA LEU HA 355 -38.01 -8.21 -24.00
C LEU HA 355 -37.08 -7.84 -22.86
N ARG HA 356 -35.81 -8.26 -22.94
CA ARG HA 356 -34.86 -8.04 -21.85
C ARG HA 356 -34.61 -6.56 -21.64
N ASN HA 357 -34.87 -5.73 -22.64
CA ASN HA 357 -34.71 -4.29 -22.48
C ASN HA 357 -36.00 -3.60 -22.05
N SER HA 358 -37.14 -3.98 -22.61
CA SER HA 358 -38.37 -3.26 -22.33
C SER HA 358 -39.34 -4.04 -21.44
N ILE HA 359 -38.84 -4.93 -20.57
CA ILE HA 359 -39.76 -5.61 -19.67
C ILE HA 359 -39.89 -4.88 -18.34
N ASN HA 360 -38.88 -4.13 -17.92
CA ASN HA 360 -38.96 -3.40 -16.67
C ASN HA 360 -39.29 -1.94 -16.94
N ILE HA 361 -40.58 -1.67 -17.09
CA ILE HA 361 -41.12 -0.32 -17.14
C ILE HA 361 -42.04 -0.16 -15.94
N PRO HA 362 -41.86 0.86 -15.11
CA PRO HA 362 -42.72 0.99 -13.94
C PRO HA 362 -44.16 1.23 -14.36
N PRO HA 363 -45.12 0.64 -13.65
CA PRO HA 363 -46.53 0.92 -13.95
C PRO HA 363 -46.89 2.33 -13.53
N THR HA 364 -47.91 2.86 -14.20
CA THR HA 364 -48.35 4.24 -14.04
C THR HA 364 -49.73 4.27 -13.42
N LEU HA 365 -49.90 5.14 -12.41
CA LEU HA 365 -51.13 5.24 -11.65
C LEU HA 365 -51.88 6.52 -11.95
N TYR HA 366 -53.16 6.39 -12.26
CA TYR HA 366 -54.05 7.53 -12.50
C TYR HA 366 -55.10 7.55 -11.40
N LYS HA 367 -55.45 8.74 -10.94
CA LYS HA 367 -56.55 8.93 -10.01
C LYS HA 367 -57.37 10.13 -10.48
N ASN HA 368 -58.66 9.91 -10.70
CA ASN HA 368 -59.52 11.01 -11.10
C ASN HA 368 -59.53 12.10 -10.03
N GLN HA 369 -59.97 13.29 -10.44
CA GLN HA 369 -60.08 14.39 -9.50
C GLN HA 369 -61.37 14.28 -8.70
N GLY HA 370 -61.40 14.94 -7.56
CA GLY HA 370 -62.57 14.92 -6.72
C GLY HA 370 -62.80 13.65 -5.94
N GLU HA 371 -61.77 12.89 -5.63
CA GLU HA 371 -61.94 11.68 -4.84
C GLU HA 371 -61.73 11.99 -3.37
N ARG HA 372 -62.31 11.15 -2.51
CA ARG HA 372 -62.18 11.32 -1.08
C ARG HA 372 -60.92 10.63 -0.58
N VAL HA 373 -60.09 11.39 0.16
CA VAL HA 373 -58.87 10.87 0.74
C VAL HA 373 -58.78 11.34 2.17
N ASN HA 374 -57.97 10.64 2.96
CA ASN HA 374 -57.84 10.89 4.38
C ASN HA 374 -56.42 11.27 4.73
N ILE HA 375 -56.25 11.95 5.85
CA ILE HA 375 -54.94 12.39 6.33
C ILE HA 375 -54.81 11.92 7.76
N LEU HA 376 -54.21 10.75 7.95
CA LEU HA 376 -54.04 10.20 9.27
C LEU HA 376 -52.92 10.98 9.98
N VAL HA 377 -53.30 12.04 10.68
CA VAL HA 377 -52.31 12.94 11.28
C VAL HA 377 -51.37 12.12 12.15
N ALA HA 378 -50.07 12.30 11.93
CA ALA HA 378 -49.07 11.44 12.55
C ALA HA 378 -48.29 12.12 13.66
N ARG HA 379 -48.53 13.40 13.91
CA ARG HA 379 -47.84 14.08 14.99
C ARG HA 379 -48.82 15.00 15.70
N ASP HA 380 -48.68 15.08 17.01
CA ASP HA 380 -49.57 15.89 17.82
C ASP HA 380 -49.49 17.34 17.37
N LEU HA 381 -50.62 17.89 16.92
CA LEU HA 381 -50.68 19.27 16.50
C LEU HA 381 -51.31 20.11 17.60
N ASP HA 382 -50.59 21.12 18.05
CA ASP HA 382 -51.05 21.97 19.15
C ASP HA 382 -51.38 23.34 18.58
N PHE HA 383 -52.39 23.98 19.16
CA PHE HA 383 -52.88 25.27 18.69
C PHE HA 383 -52.93 26.30 19.80
N SER HA 384 -52.23 26.06 20.90
CA SER HA 384 -52.28 26.96 22.04
C SER HA 384 -51.83 28.36 21.68
N ASP HA 385 -51.07 28.51 20.59
CA ASP HA 385 -50.44 29.78 20.29
C ASP HA 385 -51.20 30.59 19.25
N VAL HA 386 -52.41 30.17 18.86
CA VAL HA 386 -53.20 30.96 17.93
C VAL HA 386 -54.63 31.19 18.41
N TYR HA 387 -55.17 30.35 19.28
CA TYR HA 387 -56.58 30.41 19.64
C TYR HA 387 -56.76 30.56 21.13
N SER HA 388 -57.91 31.14 21.49
CA SER HA 388 -58.35 31.18 22.88
C SER HA 388 -59.86 31.20 22.89
N LEU HA 389 -60.43 30.83 24.03
CA LEU HA 389 -61.87 30.69 24.17
C LEU HA 389 -62.42 31.78 25.06
N GLU HA 390 -63.52 32.39 24.63
CA GLU HA 390 -64.18 33.43 25.40
C GLU HA 390 -65.68 33.18 25.38
N SER HA 391 -66.31 33.34 26.55
CA SER HA 391 -67.73 33.11 26.66
C SER HA 391 -68.51 34.20 25.95
N ILE HA 392 -69.66 33.81 25.41
CA ILE HA 392 -70.60 34.77 24.83
C ILE HA 392 -71.57 35.21 25.92
N PRO HA 393 -71.75 36.51 26.14
CA PRO HA 393 -72.80 36.95 27.07
C PRO HA 393 -74.16 36.51 26.58
N THR HA 394 -75.03 36.13 27.51
CA THR HA 394 -76.37 35.70 27.16
C THR HA 394 -77.16 36.86 26.58
N LYS HA 395 -78.04 36.53 25.63
CA LYS HA 395 -78.87 37.51 24.92
C LYS HA 395 -78.01 38.57 24.24
N LEU IA 21 -30.93 72.97 23.65
CA LEU IA 21 -30.88 72.32 24.95
C LEU IA 21 -32.23 71.78 25.40
N ASP IA 22 -32.42 70.49 25.24
CA ASP IA 22 -33.60 69.83 25.78
C ASP IA 22 -33.34 69.45 27.23
N VAL IA 23 -34.39 69.47 28.05
CA VAL IA 23 -34.30 69.09 29.45
C VAL IA 23 -35.09 67.79 29.63
N PRO IA 24 -34.62 66.86 30.45
CA PRO IA 24 -35.39 65.65 30.70
C PRO IA 24 -36.46 65.89 31.75
N SER IA 25 -37.66 65.40 31.45
CA SER IA 25 -38.79 65.56 32.36
C SER IA 25 -38.94 64.29 33.20
N SER IA 26 -39.01 64.47 34.51
CA SER IA 26 -39.01 63.33 35.42
C SER IA 26 -40.31 62.55 35.32
N SER IA 27 -40.26 61.29 35.74
CA SER IA 27 -41.44 60.47 35.85
C SER IA 27 -42.32 60.97 36.99
N ARG IA 28 -43.62 60.78 36.84
CA ARG IA 28 -44.57 61.20 37.86
C ARG IA 28 -44.33 60.52 39.19
N TYR IA 29 -43.67 59.36 39.20
CA TYR IA 29 -43.42 58.64 40.45
C TYR IA 29 -42.11 59.08 41.07
N ASP IA 30 -41.04 59.05 40.29
CA ASP IA 30 -39.71 59.39 40.79
C ASP IA 30 -39.04 60.39 39.86
N HIS IA 31 -38.21 61.25 40.44
CA HIS IA 31 -37.44 62.23 39.69
C HIS IA 31 -36.24 61.63 38.98
N ARG IA 32 -35.65 60.57 39.53
CA ARG IA 32 -34.43 59.99 39.00
C ARG IA 32 -34.61 59.30 37.65
N ILE IA 33 -35.86 59.05 37.24
CA ILE IA 33 -36.16 58.50 35.92
C ILE IA 33 -36.82 59.60 35.11
N ARG IA 34 -36.32 59.83 33.90
CA ARG IA 34 -36.79 60.94 33.09
C ARG IA 34 -37.00 60.48 31.66
N TYR IA 35 -37.84 61.20 30.93
CA TYR IA 35 -38.13 60.93 29.54
C TYR IA 35 -37.82 62.18 28.71
N VAL IA 36 -37.33 61.96 27.49
CA VAL IA 36 -37.00 63.05 26.58
C VAL IA 36 -37.60 62.75 25.22
N THR IA 37 -38.18 63.77 24.60
CA THR IA 37 -38.61 63.68 23.22
C THR IA 37 -37.41 63.90 22.32
N TYR IA 38 -37.11 62.92 21.48
CA TYR IA 38 -36.02 63.06 20.54
C TYR IA 38 -36.30 64.22 19.60
N ASN IA 39 -35.24 64.89 19.15
CA ASN IA 39 -35.34 65.94 18.15
C ASN IA 39 -34.12 65.82 17.26
N PRO IA 40 -34.28 65.90 15.92
CA PRO IA 40 -33.11 65.78 15.05
C PRO IA 40 -32.08 66.87 15.27
N ALA IA 41 -32.48 68.08 15.61
CA ALA IA 41 -31.58 69.23 15.64
C ALA IA 41 -31.49 69.88 17.02
N ASP IA 42 -31.34 69.07 18.06
CA ASP IA 42 -31.04 69.60 19.38
C ASP IA 42 -30.40 68.51 20.23
N VAL IA 43 -29.70 68.93 21.27
CA VAL IA 43 -29.06 68.01 22.20
C VAL IA 43 -29.89 67.97 23.47
N VAL IA 44 -29.55 67.00 24.33
CA VAL IA 44 -30.24 66.81 25.60
C VAL IA 44 -29.25 67.05 26.72
N GLN IA 45 -29.71 67.73 27.77
CA GLN IA 45 -28.89 68.00 28.95
C GLN IA 45 -29.06 66.84 29.93
N VAL IA 46 -27.98 66.14 30.20
CA VAL IA 46 -27.99 65.02 31.15
C VAL IA 46 -27.20 65.44 32.37
N ASP IA 47 -27.89 65.58 33.49
CA ASP IA 47 -27.26 65.98 34.75
C ASP IA 47 -26.84 64.72 35.49
N THR IA 48 -25.54 64.60 35.75
CA THR IA 48 -24.99 63.41 36.39
C THR IA 48 -24.35 63.82 37.72
N VAL IA 49 -24.40 62.91 38.68
CA VAL IA 49 -23.73 63.10 39.95
C VAL IA 49 -22.68 62.01 40.12
N LEU IA 50 -21.99 62.05 41.26
CA LEU IA 50 -20.87 61.16 41.47
C LEU IA 50 -21.31 59.71 41.50
N GLY IA 51 -20.60 58.85 40.78
CA GLY IA 51 -20.74 57.42 40.93
C GLY IA 51 -22.14 56.88 40.71
N VAL IA 52 -22.85 57.39 39.73
CA VAL IA 52 -24.16 56.84 39.38
C VAL IA 52 -24.11 56.37 37.93
N ALA IA 53 -24.50 55.12 37.72
CA ALA IA 53 -24.52 54.53 36.40
C ALA IA 53 -25.80 54.94 35.70
N THR IA 54 -25.68 55.78 34.68
CA THR IA 54 -26.84 56.26 33.94
C THR IA 54 -27.21 55.26 32.86
N HIS IA 55 -28.45 54.79 32.91
CA HIS IA 55 -28.94 53.80 31.95
C HIS IA 55 -29.54 54.55 30.76
N ILE IA 56 -28.76 54.66 29.68
CA ILE IA 56 -29.23 55.24 28.43
C ILE IA 56 -29.65 54.09 27.53
N MET IA 57 -30.91 54.10 27.13
CA MET IA 57 -31.49 52.99 26.37
C MET IA 57 -31.97 53.53 25.04
N LEU IA 58 -31.69 52.80 23.97
CA LEU IA 58 -32.14 53.19 22.65
C LEU IA 58 -33.33 52.33 22.22
N GLU IA 59 -33.73 52.46 20.96
CA GLU IA 59 -34.90 51.74 20.49
C GLU IA 59 -34.57 50.25 20.39
N GLU IA 60 -35.57 49.48 19.97
CA GLU IA 60 -35.31 48.12 19.54
C GLU IA 60 -34.87 48.13 18.08
N GLY IA 61 -33.73 47.49 17.80
CA GLY IA 61 -33.34 47.28 16.42
C GLY IA 61 -32.37 48.27 15.82
N GLU IA 62 -31.76 49.14 16.63
CA GLU IA 62 -30.69 50.01 16.14
C GLU IA 62 -29.35 49.38 16.46
N GLN IA 63 -28.41 49.50 15.53
CA GLN IA 63 -27.08 48.94 15.70
C GLN IA 63 -26.11 50.06 16.00
N TYR IA 64 -25.35 49.91 17.09
CA TYR IA 64 -24.38 50.92 17.48
C TYR IA 64 -23.26 51.02 16.46
N LEU IA 65 -23.03 52.23 15.96
CA LEU IA 65 -21.87 52.46 15.10
C LEU IA 65 -20.68 53.00 15.87
N THR IA 66 -20.83 54.19 16.45
CA THR IA 66 -19.69 54.89 17.03
C THR IA 66 -20.17 55.68 18.23
N HIS IA 67 -19.22 56.01 19.11
CA HIS IA 67 -19.42 57.08 20.07
C HIS IA 67 -18.08 57.74 20.31
N ALA IA 68 -18.13 59.02 20.67
CA ALA IA 68 -16.91 59.80 20.84
C ALA IA 68 -17.14 60.83 21.92
N PHE IA 69 -16.50 60.65 23.06
CA PHE IA 69 -16.71 61.53 24.19
C PHE IA 69 -16.06 62.88 23.95
N GLY IA 70 -16.37 63.83 24.83
CA GLY IA 70 -15.54 65.02 24.93
C GLY IA 70 -14.15 64.68 25.44
N ASP IA 71 -14.08 63.86 26.49
CA ASP IA 71 -12.83 63.30 27.00
C ASP IA 71 -13.03 61.81 27.20
N SER IA 72 -12.27 60.99 26.48
CA SER IA 72 -12.39 59.55 26.66
C SER IA 72 -11.93 59.12 28.05
N GLU IA 73 -11.27 59.99 28.79
CA GLU IA 73 -10.91 59.72 30.18
C GLU IA 73 -11.92 60.25 31.18
N ALA IA 74 -12.72 61.24 30.78
CA ALA IA 74 -13.66 61.85 31.71
C ALA IA 74 -14.71 60.85 32.20
N TYR IA 75 -15.19 59.98 31.31
CA TYR IA 75 -16.30 59.09 31.62
C TYR IA 75 -15.93 57.66 31.24
N ALA IA 76 -16.42 56.71 32.02
CA ALA IA 76 -16.30 55.30 31.71
C ALA IA 76 -17.51 54.89 30.88
N PHE IA 77 -17.27 54.12 29.82
CA PHE IA 77 -18.33 53.73 28.90
C PHE IA 77 -18.40 52.22 28.80
N ALA IA 78 -19.62 51.71 28.73
CA ALA IA 78 -19.89 50.32 28.38
C ALA IA 78 -21.10 50.28 27.48
N ARG IA 79 -21.23 49.22 26.69
CA ARG IA 79 -22.38 49.05 25.84
C ARG IA 79 -22.66 47.57 25.64
N LYS IA 80 -23.91 47.18 25.81
CA LYS IA 80 -24.36 45.81 25.55
C LYS IA 80 -25.59 45.90 24.66
N GLY IA 81 -25.38 45.71 23.36
CA GLY IA 81 -26.49 45.74 22.43
C GLY IA 81 -27.11 47.12 22.34
N ARG IA 82 -28.30 47.27 22.91
CA ARG IA 82 -29.04 48.53 22.85
C ARG IA 82 -29.12 49.23 24.19
N HIS IA 83 -28.56 48.63 25.23
CA HIS IA 83 -28.44 49.28 26.54
C HIS IA 83 -27.07 49.92 26.63
N ILE IA 84 -27.02 51.12 27.22
CA ILE IA 84 -25.78 51.87 27.39
C ILE IA 84 -25.74 52.40 28.82
N PHE IA 85 -24.60 52.24 29.47
CA PHE IA 85 -24.31 52.90 30.74
C PHE IA 85 -23.23 53.95 30.53
N ILE IA 86 -23.30 55.03 31.29
CA ILE IA 86 -22.22 56.00 31.38
C ILE IA 86 -21.99 56.32 32.85
N LYS IA 87 -20.81 56.84 33.15
CA LYS IA 87 -20.47 57.19 34.51
C LYS IA 87 -19.27 58.12 34.54
N PRO IA 88 -19.34 59.24 35.24
CA PRO IA 88 -18.16 60.08 35.44
C PRO IA 88 -17.11 59.36 36.28
N GLN IA 89 -15.84 59.58 35.94
CA GLN IA 89 -14.73 59.02 36.70
C GLN IA 89 -13.69 60.07 37.04
N ALA IA 90 -13.99 61.34 36.81
CA ALA IA 90 -13.07 62.41 37.14
C ALA IA 90 -13.87 63.68 37.36
N GLU IA 91 -13.32 64.57 38.20
CA GLU IA 91 -13.99 65.81 38.54
C GLU IA 91 -14.01 66.74 37.34
N LEU IA 92 -14.87 67.76 37.42
CA LEU IA 92 -15.04 68.74 36.35
C LEU IA 92 -15.33 68.03 35.02
N ALA IA 93 -16.17 67.01 35.10
CA ALA IA 93 -16.47 66.18 33.92
C ALA IA 93 -17.50 66.89 33.06
N ASN IA 94 -17.08 68.02 32.50
CA ASN IA 94 -17.91 68.78 31.57
C ASN IA 94 -17.47 68.44 30.16
N THR IA 95 -18.22 67.54 29.52
CA THR IA 95 -17.91 67.07 28.17
C THR IA 95 -19.22 66.91 27.42
N ASN IA 96 -19.16 66.23 26.28
CA ASN IA 96 -20.37 65.82 25.59
C ASN IA 96 -20.12 64.47 24.92
N LEU IA 97 -21.20 63.69 24.77
CA LEU IA 97 -21.15 62.39 24.15
C LEU IA 97 -21.93 62.46 22.85
N ILE IA 98 -21.36 61.89 21.79
CA ILE IA 98 -22.02 61.80 20.50
C ILE IA 98 -22.08 60.31 20.15
N VAL IA 99 -23.27 59.76 20.13
CA VAL IA 99 -23.48 58.38 19.70
C VAL IA 99 -24.43 58.39 18.50
N VAL IA 100 -24.07 57.68 17.45
CA VAL IA 100 -24.89 57.60 16.24
C VAL IA 100 -25.11 56.15 15.90
N THR IA 101 -26.28 55.86 15.35
CA THR IA 101 -26.62 54.55 14.85
C THR IA 101 -27.13 54.69 13.42
N ASP IA 102 -27.42 53.55 12.79
CA ASP IA 102 -27.80 53.57 11.39
C ASP IA 102 -29.06 54.38 11.14
N ARG IA 103 -29.93 54.48 12.14
CA ARG IA 103 -31.19 55.19 11.92
C ARG IA 103 -31.07 56.69 12.15
N ARG IA 104 -30.33 57.11 13.17
CA ARG IA 104 -30.23 58.53 13.47
C ARG IA 104 -29.01 58.79 14.33
N SER IA 105 -28.92 60.01 14.85
CA SER IA 105 -27.81 60.46 15.66
C SER IA 105 -28.31 61.01 16.98
N TYR IA 106 -27.75 60.53 18.08
CA TYR IA 106 -28.09 61.03 19.41
C TYR IA 106 -26.98 61.94 19.88
N LYS IA 107 -27.35 63.07 20.47
CA LYS IA 107 -26.38 64.09 20.86
C LYS IA 107 -26.70 64.57 22.27
N PHE IA 108 -25.71 64.46 23.15
CA PHE IA 108 -25.87 64.74 24.57
C PHE IA 108 -25.08 65.98 24.94
N ARG IA 109 -25.20 66.38 26.21
CA ARG IA 109 -24.39 67.43 26.81
C ARG IA 109 -24.26 67.14 28.29
N LEU IA 110 -23.16 66.50 28.66
CA LEU IA 110 -22.89 66.22 30.07
C LEU IA 110 -22.53 67.52 30.78
N GLN IA 111 -23.07 67.69 31.99
CA GLN IA 111 -22.75 68.83 32.86
C GLN IA 111 -22.79 68.32 34.29
N MET IA 112 -21.64 68.35 34.95
CA MET IA 112 -21.50 67.66 36.22
C MET IA 112 -22.27 68.42 37.31
N ARG IA 113 -22.90 67.67 38.21
CA ARG IA 113 -23.58 68.25 39.35
C ARG IA 113 -22.77 68.01 40.61
N ASN IA 114 -22.25 69.10 41.18
CA ASN IA 114 -21.26 69.01 42.25
C ASN IA 114 -21.84 68.59 43.59
N ASP IA 115 -23.12 68.83 43.84
CA ASP IA 115 -23.69 68.65 45.17
C ASP IA 115 -24.20 67.24 45.44
N ARG IA 116 -23.99 66.30 44.51
CA ARG IA 116 -24.49 64.93 44.67
C ARG IA 116 -26.00 64.93 44.83
N ASN IA 117 -26.69 65.73 44.01
CA ASN IA 117 -28.13 65.89 44.10
C ASN IA 117 -28.72 65.92 42.70
N GLY IA 118 -30.01 65.59 42.62
CA GLY IA 118 -30.68 65.55 41.34
C GLY IA 118 -30.15 64.45 40.46
N ALA IA 119 -29.84 63.31 41.07
CA ALA IA 119 -29.37 62.16 40.32
C ALA IA 119 -30.42 61.71 39.31
N MET IA 120 -29.95 61.26 38.15
CA MET IA 120 -30.82 60.73 37.11
C MET IA 120 -30.31 59.34 36.75
N TYR IA 121 -31.17 58.34 36.90
CA TYR IA 121 -30.76 56.95 36.77
C TYR IA 121 -30.93 56.40 35.37
N GLU IA 122 -32.04 56.69 34.71
CA GLU IA 122 -32.31 56.14 33.40
C GLU IA 122 -32.98 57.23 32.58
N LEU IA 123 -32.58 57.35 31.32
CA LEU IA 123 -33.17 58.31 30.40
C LEU IA 123 -33.59 57.59 29.13
N ALA IA 124 -34.79 57.89 28.64
CA ALA IA 124 -35.35 57.20 27.49
C ALA IA 124 -35.89 58.23 26.51
N PHE IA 125 -36.12 57.81 25.27
CA PHE IA 125 -36.49 58.71 24.20
C PHE IA 125 -37.92 58.43 23.73
N ARG IA 126 -38.65 59.50 23.41
CA ARG IA 126 -39.96 59.42 22.78
C ARG IA 126 -39.85 60.13 21.44
N TYR IA 127 -40.40 59.51 20.39
CA TYR IA 127 -40.13 59.96 19.03
C TYR IA 127 -41.41 60.48 18.39
N PRO IA 128 -41.43 61.72 17.93
CA PRO IA 128 -42.63 62.21 17.24
C PRO IA 128 -42.74 61.69 15.82
N ASP IA 129 -41.59 61.47 15.17
CA ASP IA 129 -41.60 61.07 13.76
C ASP IA 129 -42.13 59.64 13.59
N THR IA 130 -41.61 58.70 14.37
CA THR IA 130 -42.07 57.32 14.25
C THR IA 130 -43.53 57.18 14.62
N GLN IA 131 -43.95 57.83 15.71
CA GLN IA 131 -45.36 57.78 16.10
C GLN IA 131 -46.24 58.42 15.04
N ALA IA 132 -45.78 59.51 14.44
CA ALA IA 132 -46.54 60.13 13.35
C ALA IA 132 -46.67 59.17 12.17
N ARG IA 133 -45.62 58.41 11.88
CA ARG IA 133 -45.71 57.42 10.82
C ARG IA 133 -46.72 56.33 11.17
N GLN IA 134 -46.67 55.82 12.40
CA GLN IA 134 -47.58 54.75 12.79
C GLN IA 134 -49.03 55.22 12.77
N THR IA 135 -49.29 56.45 13.20
CA THR IA 135 -50.64 56.98 13.17
C THR IA 135 -51.18 56.98 11.74
N ARG IA 136 -50.37 57.41 10.79
CA ARG IA 136 -50.81 57.40 9.40
C ARG IA 136 -51.07 55.98 8.91
N GLU IA 137 -50.19 55.05 9.29
CA GLU IA 137 -50.28 53.71 8.73
C GLU IA 137 -51.48 52.95 9.28
N ALA IA 138 -51.70 53.01 10.60
CA ALA IA 138 -52.85 52.35 11.19
C ALA IA 138 -54.15 52.97 10.68
N ASN IA 139 -54.16 54.30 10.55
CA ASN IA 139 -55.32 54.97 9.98
C ASN IA 139 -55.61 54.49 8.57
N ALA IA 140 -54.55 54.34 7.77
CA ALA IA 140 -54.73 53.84 6.41
C ALA IA 140 -55.31 52.42 6.42
N ARG IA 141 -54.79 51.56 7.28
CA ARG IA 141 -55.32 50.20 7.35
C ARG IA 141 -56.80 50.20 7.73
N ALA IA 142 -57.16 50.99 8.74
CA ALA IA 142 -58.56 51.03 9.15
C ALA IA 142 -59.46 51.56 8.04
N ALA IA 143 -59.00 52.60 7.35
CA ALA IA 143 -59.78 53.15 6.25
C ALA IA 143 -59.98 52.12 5.14
N VAL IA 144 -58.93 51.37 4.83
CA VAL IA 144 -59.06 50.34 3.79
C VAL IA 144 -60.01 49.24 4.22
N GLU IA 145 -59.92 48.83 5.49
CA GLU IA 145 -60.84 47.82 5.97
C GLU IA 145 -62.28 48.30 5.87
N ALA IA 146 -62.53 49.55 6.25
CA ALA IA 146 -63.88 50.10 6.14
C ALA IA 146 -64.32 50.13 4.69
N ALA IA 147 -63.42 50.51 3.79
CA ALA IA 147 -63.77 50.56 2.37
C ALA IA 147 -64.15 49.18 1.85
N PHE IA 148 -63.42 48.15 2.25
CA PHE IA 148 -63.79 46.79 1.86
C PHE IA 148 -65.16 46.43 2.40
N GLU IA 149 -65.35 46.62 3.71
CA GLU IA 149 -66.60 46.17 4.33
C GLU IA 149 -67.79 46.96 3.78
N GLN IA 150 -67.53 48.13 3.20
CA GLN IA 150 -68.61 48.91 2.59
C GLN IA 150 -69.33 48.08 1.55
N ARG IA 151 -68.58 47.52 0.60
CA ARG IA 151 -69.07 46.61 -0.44
C ARG IA 151 -70.43 47.02 -1.01
N VAL IA 152 -70.53 48.25 -1.50
CA VAL IA 152 -71.77 48.75 -2.07
C VAL IA 152 -71.57 48.95 -3.57
N GLY IA 153 -72.67 49.26 -4.26
CA GLY IA 153 -72.62 49.47 -5.70
C GLY IA 153 -72.35 48.21 -6.50
N ALA IA 154 -72.90 47.09 -6.07
CA ALA IA 154 -72.69 45.81 -6.74
C ALA IA 154 -74.01 45.25 -7.22
N TYR IA 155 -74.04 44.82 -8.48
CA TYR IA 155 -75.19 44.12 -9.04
C TYR IA 155 -75.03 42.63 -8.81
N TYR IA 156 -76.15 41.95 -8.58
CA TYR IA 156 -76.15 40.53 -8.23
C TYR IA 156 -77.00 39.76 -9.23
N ASN IA 157 -76.46 38.65 -9.72
CA ASN IA 157 -77.14 37.76 -10.65
C ASN IA 157 -77.36 36.43 -9.97
N LEU IA 158 -78.51 35.80 -10.21
CA LEU IA 158 -78.89 34.60 -9.51
C LEU IA 158 -79.37 33.49 -10.43
N LYS IA 159 -79.44 33.74 -11.74
CA LYS IA 159 -80.02 32.79 -12.67
C LYS IA 159 -79.07 31.62 -12.85
N TYR IA 160 -79.12 30.67 -11.92
CA TYR IA 160 -78.26 29.50 -11.99
C TYR IA 160 -79.11 28.25 -11.94
N MET IA 161 -78.84 27.32 -12.86
CA MET IA 161 -79.51 26.04 -12.92
C MET IA 161 -78.53 24.94 -12.50
N MET IA 162 -79.06 23.85 -11.96
CA MET IA 162 -78.22 22.69 -11.71
C MET IA 162 -78.75 21.50 -12.49
N SER IA 163 -77.93 20.47 -12.59
CA SER IA 163 -78.32 19.17 -13.09
C SER IA 163 -77.28 18.15 -12.69
N GLY IA 164 -77.73 16.97 -12.29
CA GLY IA 164 -76.83 15.94 -11.81
C GLY IA 164 -77.21 15.43 -10.44
N ASP IA 165 -76.27 14.85 -9.70
CA ASP IA 165 -76.51 14.37 -8.34
C ASP IA 165 -76.92 15.56 -7.50
N LYS IA 166 -78.18 15.58 -7.07
CA LYS IA 166 -78.69 16.71 -6.30
C LYS IA 166 -78.30 16.66 -4.84
N ASP IA 167 -77.76 15.53 -4.37
CA ASP IA 167 -77.51 15.36 -2.95
C ASP IA 167 -76.36 16.20 -2.44
N ILE IA 168 -75.50 16.72 -3.30
CA ILE IA 168 -74.43 17.60 -2.87
C ILE IA 168 -74.66 19.02 -3.36
N ALA IA 169 -75.87 19.33 -3.76
CA ALA IA 169 -76.18 20.60 -4.38
C ALA IA 169 -75.89 21.75 -3.43
N PRO IA 170 -75.51 22.90 -3.97
CA PRO IA 170 -75.47 24.12 -3.17
C PRO IA 170 -76.87 24.52 -2.74
N VAL IA 171 -76.95 25.17 -1.58
CA VAL IA 171 -78.24 25.67 -1.13
C VAL IA 171 -78.54 27.04 -1.71
N ASN IA 172 -77.53 27.71 -2.27
CA ASN IA 172 -77.67 29.00 -2.91
C ASN IA 172 -76.51 29.20 -3.86
N ALA IA 173 -76.73 29.96 -4.93
CA ALA IA 173 -75.67 30.26 -5.86
C ALA IA 173 -75.94 31.59 -6.54
N TRP IA 174 -74.93 32.45 -6.54
CA TRP IA 174 -75.08 33.76 -7.15
C TRP IA 174 -73.69 34.32 -7.43
N ASP IA 175 -73.64 35.35 -8.25
CA ASP IA 175 -72.38 35.98 -8.62
C ASP IA 175 -72.52 37.48 -8.47
N ASP IA 176 -71.39 38.14 -8.26
CA ASP IA 176 -71.36 39.58 -8.04
C ASP IA 176 -70.82 40.35 -9.24
N GLY IA 177 -70.67 39.69 -10.38
CA GLY IA 177 -70.06 40.31 -11.54
C GLY IA 177 -68.56 40.13 -11.61
N ARG IA 178 -67.92 39.78 -10.51
CA ARG IA 178 -66.51 39.45 -10.49
C ARG IA 178 -66.25 38.07 -9.91
N PHE IA 179 -66.97 37.70 -8.86
CA PHE IA 179 -66.83 36.40 -8.21
C PHE IA 179 -68.14 35.66 -8.30
N THR IA 180 -68.06 34.34 -8.30
CA THR IA 180 -69.24 33.49 -8.23
C THR IA 180 -69.23 32.75 -6.90
N TYR IA 181 -70.33 32.81 -6.17
CA TYR IA 181 -70.43 32.21 -4.85
C TYR IA 181 -71.30 30.98 -4.91
N PHE IA 182 -70.89 29.94 -4.19
CA PHE IA 182 -71.72 28.76 -3.96
C PHE IA 182 -71.88 28.61 -2.45
N LYS IA 183 -73.13 28.51 -2.00
CA LYS IA 183 -73.45 28.41 -0.59
C LYS IA 183 -73.96 27.00 -0.31
N PHE IA 184 -73.43 26.38 0.74
CA PHE IA 184 -73.73 25.00 1.07
C PHE IA 184 -74.31 24.89 2.46
N SER IA 185 -75.09 23.84 2.68
CA SER IA 185 -75.69 23.60 3.97
C SER IA 185 -74.61 23.26 5.00
N ALA IA 186 -74.92 23.54 6.27
CA ALA IA 186 -73.95 23.32 7.33
C ALA IA 186 -73.68 21.83 7.52
N ASN IA 187 -74.49 20.96 6.92
CA ASN IA 187 -74.28 19.54 7.06
C ASN IA 187 -73.69 18.89 5.83
N ALA IA 188 -73.78 19.50 4.66
CA ALA IA 188 -73.22 18.91 3.45
C ALA IA 188 -71.70 19.09 3.44
N ASP IA 189 -70.99 18.01 3.18
CA ASP IA 189 -69.55 18.10 3.01
C ASP IA 189 -69.22 19.05 1.87
N LEU IA 190 -68.24 19.91 2.09
CA LEU IA 190 -67.87 20.87 1.07
C LEU IA 190 -67.26 20.14 -0.11
N PRO IA 191 -67.85 20.20 -1.29
CA PRO IA 191 -67.28 19.48 -2.43
C PRO IA 191 -66.16 20.27 -3.08
N SER IA 192 -65.66 19.79 -4.21
CA SER IA 192 -64.69 20.53 -5.00
C SER IA 192 -65.40 21.23 -6.14
N ILE IA 193 -64.78 22.28 -6.64
CA ILE IA 193 -65.33 23.07 -7.74
C ILE IA 193 -64.38 22.94 -8.91
N TYR IA 194 -64.92 22.98 -10.13
CA TYR IA 194 -64.10 22.88 -11.32
C TYR IA 194 -64.65 23.77 -12.41
N PHE IA 195 -63.74 24.23 -13.26
CA PHE IA 195 -64.03 25.17 -14.33
C PHE IA 195 -64.14 24.42 -15.65
N VAL IA 196 -65.27 24.62 -16.35
CA VAL IA 196 -65.54 23.92 -17.60
C VAL IA 196 -65.46 24.91 -18.74
N ASP IA 197 -64.64 24.60 -19.73
CA ASP IA 197 -64.48 25.44 -20.91
C ASP IA 197 -65.62 25.17 -21.89
N ALA IA 198 -65.49 25.69 -23.10
CA ALA IA 198 -66.53 25.46 -24.10
C ALA IA 198 -66.61 23.99 -24.48
N GLU IA 199 -65.48 23.32 -24.63
CA GLU IA 199 -65.46 21.97 -25.16
C GLU IA 199 -65.61 20.90 -24.09
N GLY IA 200 -65.80 21.27 -22.84
CA GLY IA 200 -66.03 20.29 -21.79
C GLY IA 200 -64.81 19.82 -21.05
N ASN IA 201 -63.69 20.49 -21.18
CA ASN IA 201 -62.51 20.13 -20.40
C ASN IA 201 -62.52 20.85 -19.07
N GLU IA 202 -62.39 20.08 -18.00
CA GLU IA 202 -62.41 20.63 -16.66
C GLU IA 202 -61.02 21.13 -16.29
N SER IA 203 -60.98 22.25 -15.59
CA SER IA 203 -59.71 22.86 -15.21
C SER IA 203 -59.86 23.51 -13.84
N LEU IA 204 -58.75 23.55 -13.11
CA LEU IA 204 -58.77 24.10 -11.76
C LEU IA 204 -58.98 25.60 -11.79
N VAL IA 205 -59.45 26.14 -10.67
CA VAL IA 205 -59.72 27.55 -10.53
C VAL IA 205 -59.53 27.94 -9.06
N PRO IA 206 -58.92 29.08 -8.78
CA PRO IA 206 -58.67 29.43 -7.37
C PRO IA 206 -59.95 29.72 -6.61
N ARG IA 207 -60.07 29.09 -5.44
CA ARG IA 207 -61.25 29.24 -4.61
C ARG IA 207 -60.84 29.78 -3.25
N THR IA 208 -61.71 30.60 -2.67
CA THR IA 208 -61.51 31.12 -1.33
C THR IA 208 -62.76 30.89 -0.51
N THR IA 209 -62.58 30.36 0.69
CA THR IA 209 -63.70 30.04 1.58
C THR IA 209 -64.01 31.25 2.44
N VAL IA 210 -65.11 31.93 2.13
CA VAL IA 210 -65.53 33.09 2.90
C VAL IA 210 -66.88 32.80 3.53
N GLY IA 211 -67.42 33.75 4.27
CA GLY IA 211 -68.66 33.56 4.98
C GLY IA 211 -68.43 33.32 6.47
N SER IA 212 -69.42 33.73 7.25
CA SER IA 212 -69.28 33.69 8.70
C SER IA 212 -69.00 32.28 9.21
N SER IA 213 -69.58 31.27 8.56
CA SER IA 213 -69.49 29.90 9.05
C SER IA 213 -68.74 28.99 8.08
N ASN IA 214 -67.94 29.55 7.18
CA ASN IA 214 -67.25 28.77 6.16
C ASN IA 214 -68.23 27.92 5.37
N ASN IA 215 -69.36 28.51 5.01
CA ASN IA 215 -70.38 27.84 4.23
C ASN IA 215 -70.53 28.41 2.83
N ILE IA 216 -69.63 29.30 2.42
CA ILE IA 216 -69.65 29.88 1.10
C ILE IA 216 -68.28 29.68 0.45
N ILE IA 217 -68.27 29.09 -0.72
CA ILE IA 217 -67.05 28.95 -1.52
C ILE IA 217 -67.14 29.95 -2.66
N ALA IA 218 -66.13 30.79 -2.78
CA ALA IA 218 -66.08 31.84 -3.80
C ALA IA 218 -65.02 31.47 -4.82
N VAL IA 219 -65.40 31.46 -6.08
CA VAL IA 219 -64.47 31.19 -7.16
C VAL IA 219 -64.21 32.49 -7.90
N HIS IA 220 -63.01 32.59 -8.47
CA HIS IA 220 -62.51 33.85 -8.98
C HIS IA 220 -62.81 34.06 -10.45
N LYS IA 221 -63.91 33.50 -10.95
CA LYS IA 221 -64.22 33.62 -12.36
C LYS IA 221 -65.73 33.60 -12.53
N VAL IA 222 -66.21 34.32 -13.54
CA VAL IA 222 -67.62 34.32 -13.91
C VAL IA 222 -67.74 33.55 -15.21
N ASN IA 223 -68.42 32.41 -15.17
CA ASN IA 223 -68.40 31.50 -16.30
C ASN IA 223 -69.80 31.03 -16.64
N PRO IA 224 -70.07 30.74 -17.91
CA PRO IA 224 -71.37 30.15 -18.25
C PRO IA 224 -71.62 28.81 -17.59
N LYS IA 225 -70.60 27.99 -17.38
CA LYS IA 225 -70.80 26.64 -16.88
C LYS IA 225 -69.84 26.37 -15.73
N TRP IA 226 -70.21 25.42 -14.87
CA TRP IA 226 -69.40 25.00 -13.75
C TRP IA 226 -69.70 23.55 -13.43
N MET IA 227 -68.74 22.89 -12.79
CA MET IA 227 -68.86 21.49 -12.44
C MET IA 227 -68.54 21.31 -10.96
N ILE IA 228 -69.31 20.46 -10.28
CA ILE IA 228 -69.11 20.19 -8.87
C ILE IA 228 -68.95 18.70 -8.70
N ARG IA 229 -67.94 18.28 -7.93
CA ARG IA 229 -67.62 16.87 -7.78
C ARG IA 229 -67.36 16.54 -6.33
N LEU IA 230 -67.55 15.26 -5.99
CA LEU IA 230 -67.24 14.72 -4.68
C LEU IA 230 -67.36 13.21 -4.76
N GLY IA 231 -66.46 12.50 -4.10
CA GLY IA 231 -66.54 11.06 -4.06
C GLY IA 231 -66.51 10.48 -5.44
N ASN IA 232 -67.65 9.98 -5.90
CA ASN IA 232 -67.84 9.57 -7.28
C ASN IA 232 -69.07 10.21 -7.89
N ARG IA 233 -69.66 11.16 -7.16
CA ARG IA 233 -70.88 11.84 -7.60
C ARG IA 233 -70.50 13.21 -8.13
N ALA IA 234 -71.30 13.72 -9.07
CA ALA IA 234 -71.00 14.98 -9.70
C ALA IA 234 -72.26 15.83 -9.77
N LEU IA 235 -72.06 17.12 -9.99
CA LEU IA 235 -73.17 18.04 -10.20
C LEU IA 235 -72.74 19.11 -11.19
N ALA IA 236 -73.59 19.39 -12.17
CA ALA IA 236 -73.30 20.38 -13.18
C ALA IA 236 -74.16 21.62 -12.95
N ILE IA 237 -73.53 22.79 -13.03
CA ILE IA 237 -74.22 24.07 -12.89
C ILE IA 237 -74.26 24.71 -14.26
N PHE IA 238 -75.24 25.59 -14.47
CA PHE IA 238 -75.33 26.37 -15.69
C PHE IA 238 -75.66 27.81 -15.32
N ASN IA 239 -74.95 28.75 -15.93
CA ASN IA 239 -75.32 30.16 -15.86
C ASN IA 239 -76.17 30.47 -17.08
N GLU IA 240 -77.39 30.95 -16.85
CA GLU IA 240 -78.27 31.30 -17.96
C GLU IA 240 -78.29 32.79 -18.26
N ALA IA 241 -77.49 33.58 -17.56
CA ALA IA 241 -77.37 35.01 -17.82
C ALA IA 241 -75.91 35.43 -17.79
N TYR IA 242 -75.07 34.65 -18.48
CA TYR IA 242 -73.65 34.94 -18.51
C TYR IA 242 -73.37 36.27 -19.19
N ASP IA 243 -72.87 37.24 -18.43
CA ASP IA 243 -72.58 38.54 -18.97
C ASP IA 243 -71.14 38.54 -19.48
N PRO IA 244 -70.90 38.63 -20.78
CA PRO IA 244 -69.53 38.53 -21.27
C PRO IA 244 -68.63 39.66 -20.81
N ASN IA 245 -69.13 40.90 -20.83
CA ASN IA 245 -68.26 42.05 -20.59
C ASN IA 245 -67.79 42.11 -19.14
N GLY IA 246 -68.72 41.99 -18.20
CA GLY IA 246 -68.33 42.15 -16.81
C GLY IA 246 -67.95 43.59 -16.51
N VAL IA 247 -67.33 43.76 -15.34
CA VAL IA 247 -66.92 45.07 -14.85
C VAL IA 247 -65.40 45.14 -14.85
N PRO IA 248 -64.80 46.12 -15.51
CA PRO IA 248 -63.33 46.21 -15.51
C PRO IA 248 -62.80 46.51 -14.12
N ASN IA 249 -61.61 45.99 -13.84
CA ASN IA 249 -60.98 46.16 -12.54
C ASN IA 249 -59.92 47.26 -12.67
N ASP IA 250 -60.38 48.50 -12.72
CA ASP IA 250 -59.46 49.64 -12.70
C ASP IA 250 -58.76 49.80 -11.37
N THR IA 251 -59.21 49.08 -10.34
CA THR IA 251 -58.69 49.27 -8.99
C THR IA 251 -57.65 48.24 -8.59
N GLY IA 252 -57.46 47.18 -9.38
CA GLY IA 252 -56.48 46.19 -9.06
C GLY IA 252 -56.74 45.45 -7.76
N THR IA 253 -57.95 45.48 -7.25
CA THR IA 253 -58.30 44.78 -6.03
C THR IA 253 -59.79 44.48 -6.03
N ALA IA 254 -60.20 43.64 -5.09
CA ALA IA 254 -61.56 43.09 -5.12
C ALA IA 254 -62.64 44.16 -5.10
N SER IA 255 -62.36 45.35 -4.57
CA SER IA 255 -63.38 46.36 -4.47
C SER IA 255 -63.10 47.53 -5.39
N PRO IA 256 -64.12 48.25 -5.84
CA PRO IA 256 -63.90 49.52 -6.52
C PRO IA 256 -63.60 50.69 -5.59
N ALA IA 257 -63.34 50.42 -4.32
CA ALA IA 257 -63.09 51.48 -3.34
C ALA IA 257 -61.66 51.51 -2.85
N VAL IA 258 -60.79 50.64 -3.35
CA VAL IA 258 -59.41 50.55 -2.89
C VAL IA 258 -58.51 50.59 -4.11
N ARG IA 259 -57.49 51.44 -4.07
CA ARG IA 259 -56.46 51.39 -5.09
C ARG IA 259 -55.23 50.66 -4.59
N ARG IA 260 -54.51 50.04 -5.50
CA ARG IA 260 -53.26 49.38 -5.22
C ARG IA 260 -52.15 50.14 -5.93
N VAL IA 261 -51.17 50.63 -5.17
CA VAL IA 261 -50.13 51.49 -5.72
C VAL IA 261 -48.78 50.83 -5.54
N ASN IA 262 -47.87 51.16 -6.44
CA ASN IA 262 -46.55 50.53 -6.49
C ASN IA 262 -45.71 51.02 -5.33
N LYS IA 263 -45.73 50.28 -4.22
CA LYS IA 263 -44.96 50.70 -3.06
C LYS IA 263 -43.46 50.65 -3.34
N GLY IA 264 -43.02 49.62 -4.06
CA GLY IA 264 -41.60 49.48 -4.36
C GLY IA 264 -41.03 50.62 -5.16
N GLY IA 265 -41.85 51.23 -6.03
CA GLY IA 265 -41.43 52.40 -6.79
C GLY IA 265 -40.22 52.15 -7.66
N ASN IA 266 -39.09 52.75 -7.28
CA ASN IA 266 -37.81 52.54 -7.94
C ASN IA 266 -37.87 52.93 -9.41
N CYS JA 17 -54.86 -0.35 -25.90
CA CYS JA 17 -56.10 -1.11 -25.73
C CYS JA 17 -56.95 -0.53 -24.62
N ALA JA 18 -56.30 -0.05 -23.57
CA ALA JA 18 -56.96 0.52 -22.40
C ALA JA 18 -56.46 1.93 -22.18
N SER JA 19 -57.39 2.83 -21.85
CA SER JA 19 -57.05 4.22 -21.57
C SER JA 19 -57.61 4.63 -20.22
N ALA JA 20 -57.42 5.89 -19.88
CA ALA JA 20 -57.80 6.37 -18.56
C ALA JA 20 -59.31 6.42 -18.44
N PRO JA 21 -59.90 5.74 -17.44
CA PRO JA 21 -61.33 5.91 -17.19
C PRO JA 21 -61.66 7.34 -16.81
N LYS JA 22 -62.75 7.83 -17.35
CA LYS JA 22 -63.13 9.21 -17.13
C LYS JA 22 -63.95 9.36 -15.85
N PRO JA 23 -63.92 10.52 -15.22
CA PRO JA 23 -64.82 10.79 -14.10
C PRO JA 23 -66.26 10.82 -14.57
N LYS JA 24 -67.16 10.51 -13.65
CA LYS JA 24 -68.57 10.41 -13.99
C LYS JA 24 -69.08 11.69 -14.60
N GLN JA 25 -69.79 11.57 -15.69
CA GLN JA 25 -70.34 12.71 -16.39
C GLN JA 25 -71.81 12.88 -16.01
N PRO JA 26 -72.18 14.00 -15.39
CA PRO JA 26 -73.55 14.14 -14.89
C PRO JA 26 -74.58 14.14 -16.01
N SER JA 27 -75.75 13.62 -15.69
CA SER JA 27 -76.87 13.65 -16.63
C SER JA 27 -77.39 15.06 -16.80
N ASP JA 28 -78.04 15.32 -17.94
CA ASP JA 28 -78.57 16.64 -18.27
C ASP JA 28 -80.08 16.66 -18.39
N PHE JA 29 -80.78 15.84 -17.59
CA PHE JA 29 -82.23 15.80 -17.63
C PHE JA 29 -82.88 16.64 -16.54
N ASN JA 30 -82.54 16.38 -15.28
CA ASN JA 30 -83.20 17.03 -14.15
C ASN JA 30 -82.64 18.43 -13.92
N ARG JA 31 -82.82 19.27 -14.94
CA ARG JA 31 -82.38 20.66 -14.88
C ARG JA 31 -83.39 21.45 -14.07
N GLU JA 32 -82.99 21.90 -12.88
CA GLU JA 32 -83.87 22.62 -11.98
C GLU JA 32 -83.14 23.86 -11.49
N PRO JA 33 -83.89 24.86 -11.03
CA PRO JA 33 -83.24 26.07 -10.51
C PRO JA 33 -82.42 25.77 -9.27
N VAL JA 34 -81.39 26.59 -9.06
CA VAL JA 34 -80.57 26.47 -7.86
C VAL JA 34 -81.12 27.33 -6.75
N ASN JA 35 -81.38 28.61 -7.04
CA ASN JA 35 -81.85 29.54 -6.02
C ASN JA 35 -83.33 29.30 -5.81
N LYS JA 36 -83.66 28.39 -4.88
CA LYS JA 36 -85.04 28.27 -4.43
C LYS JA 36 -85.44 29.45 -3.57
N THR JA 37 -84.48 30.01 -2.84
CA THR JA 37 -84.73 31.12 -1.92
C THR JA 37 -83.72 32.22 -2.19
N VAL JA 38 -84.09 33.44 -1.84
CA VAL JA 38 -83.13 34.54 -1.93
C VAL JA 38 -82.05 34.35 -0.87
N PRO JA 39 -80.79 34.25 -1.25
CA PRO JA 39 -79.73 34.07 -0.25
C PRO JA 39 -79.54 35.32 0.59
N VAL JA 40 -79.38 35.11 1.90
CA VAL JA 40 -79.37 36.22 2.84
C VAL JA 40 -78.16 37.13 2.67
N GLU JA 41 -77.11 36.68 1.99
CA GLU JA 41 -75.94 37.52 1.81
C GLU JA 41 -76.22 38.67 0.85
N ILE JA 42 -77.38 38.67 0.20
CA ILE JA 42 -77.73 39.68 -0.78
C ILE JA 42 -78.35 40.86 -0.03
N GLN JA 43 -78.26 40.84 1.30
CA GLN JA 43 -78.95 41.79 2.16
C GLN JA 43 -80.47 41.70 1.95
N ARG JA 44 -80.93 40.49 1.64
CA ARG JA 44 -82.34 40.25 1.39
C ARG JA 44 -82.67 38.77 1.50
N LYS KA 135 -6.49 63.35 54.86
CA LYS KA 135 -7.05 62.15 54.23
C LYS KA 135 -8.34 61.73 54.93
N THR KA 136 -9.34 62.62 54.90
CA THR KA 136 -10.60 62.32 55.54
C THR KA 136 -11.34 61.24 54.75
N PRO KA 137 -11.95 60.27 55.44
CA PRO KA 137 -12.51 59.11 54.72
C PRO KA 137 -13.62 59.46 53.75
N TYR KA 138 -14.24 60.63 53.90
CA TYR KA 138 -15.20 61.08 52.89
C TYR KA 138 -14.55 61.20 51.51
N GLU KA 139 -13.39 61.86 51.44
CA GLU KA 139 -12.77 62.04 50.13
C GLU KA 139 -12.03 60.78 49.70
N LEU KA 140 -11.65 59.91 50.64
CA LEU KA 140 -11.24 58.57 50.24
C LEU KA 140 -12.38 57.83 49.54
N ALA KA 141 -13.59 57.92 50.08
CA ALA KA 141 -14.74 57.33 49.42
C ALA KA 141 -14.95 57.97 48.05
N ARG KA 142 -14.80 59.28 47.96
CA ARG KA 142 -14.94 59.97 46.68
C ARG KA 142 -13.96 59.42 45.65
N GLU KA 143 -12.67 59.40 45.98
CA GLU KA 143 -11.67 58.92 45.02
C GLU KA 143 -11.87 57.45 44.67
N ARG KA 144 -12.24 56.62 45.66
CA ARG KA 144 -12.58 55.23 45.35
C ARG KA 144 -13.70 55.16 44.35
N MET KA 145 -14.74 55.96 44.56
CA MET KA 145 -15.89 55.98 43.68
C MET KA 145 -15.50 56.44 42.29
N LEU KA 146 -14.56 57.39 42.20
CA LEU KA 146 -14.12 57.89 40.91
C LEU KA 146 -13.35 56.82 40.12
N ARG KA 147 -12.38 56.14 40.75
CA ARG KA 147 -11.53 55.27 39.93
C ARG KA 147 -12.28 54.06 39.43
N SER KA 148 -13.34 53.65 40.12
CA SER KA 148 -13.94 52.34 39.88
C SER KA 148 -14.51 52.24 38.46
N GLY KA 149 -14.57 51.01 37.97
CA GLY KA 149 -15.19 50.74 36.70
C GLY KA 149 -16.69 50.60 36.84
N LEU KA 150 -17.32 50.24 35.73
CA LEU KA 150 -18.77 50.08 35.74
C LEU KA 150 -19.18 48.78 36.42
N THR KA 151 -18.45 47.69 36.17
CA THR KA 151 -18.75 46.41 36.80
C THR KA 151 -17.46 45.73 37.22
N ALA KA 152 -17.56 44.84 38.20
CA ALA KA 152 -16.46 43.96 38.52
C ALA KA 152 -16.37 42.86 37.47
N GLY KA 153 -15.14 42.42 37.18
CA GLY KA 153 -14.94 41.37 36.20
C GLY KA 153 -15.14 41.83 34.77
N GLY KA 177 -0.93 -28.60 27.96
CA GLY KA 177 -1.26 -27.47 27.13
C GLY KA 177 -2.73 -27.43 26.73
N GLY KA 178 -2.98 -27.43 25.43
CA GLY KA 178 -4.34 -27.40 24.93
C GLY KA 178 -4.61 -28.44 23.87
N GLY KA 179 -3.89 -29.56 23.95
CA GLY KA 179 -4.01 -30.62 22.97
C GLY KA 179 -5.36 -31.30 23.03
N GLY KA 180 -5.66 -32.04 21.97
CA GLY KA 180 -6.95 -32.68 21.85
C GLY KA 180 -8.06 -31.65 21.81
N GLY KA 181 -7.92 -30.66 20.93
CA GLY KA 181 -8.81 -29.52 20.95
C GLY KA 181 -10.27 -29.89 20.83
N GLU KA 182 -10.59 -30.79 19.91
CA GLU KA 182 -11.99 -31.05 19.58
C GLU KA 182 -12.78 -31.50 20.80
N LEU KA 183 -12.38 -32.61 21.41
CA LEU KA 183 -13.07 -33.04 22.62
C LEU KA 183 -13.01 -31.96 23.69
N ALA KA 184 -11.84 -31.36 23.89
CA ALA KA 184 -11.72 -30.31 24.90
C ALA KA 184 -12.57 -29.10 24.54
N GLU KA 185 -12.68 -28.77 23.25
CA GLU KA 185 -13.53 -27.66 22.85
C GLU KA 185 -14.99 -27.91 23.13
N LYS KA 186 -15.52 -29.08 22.79
CA LYS KA 186 -16.91 -29.33 23.11
C LYS KA 186 -17.20 -29.40 24.59
N LEU KA 187 -16.32 -30.03 25.38
CA LEU KA 187 -16.54 -30.14 26.81
C LEU KA 187 -16.39 -28.82 27.54
N GLN KA 188 -16.22 -27.73 26.82
CA GLN KA 188 -16.20 -26.43 27.47
C GLN KA 188 -17.61 -26.08 27.93
N PRO KA 189 -17.82 -25.84 29.22
CA PRO KA 189 -19.18 -25.59 29.71
C PRO KA 189 -19.61 -24.18 29.41
N MET KA 190 -20.91 -23.94 29.55
CA MET KA 190 -21.44 -22.59 29.71
C MET KA 190 -21.87 -22.49 31.16
N ARG KA 191 -21.53 -21.39 31.81
CA ARG KA 191 -21.97 -21.13 33.16
C ARG KA 191 -22.98 -19.99 33.07
N LEU KA 192 -24.20 -20.24 33.54
CA LEU KA 192 -25.27 -19.27 33.48
C LEU KA 192 -25.52 -18.70 34.87
N SER KA 193 -25.55 -17.38 34.97
CA SER KA 193 -25.74 -16.74 36.25
C SER KA 193 -27.18 -16.90 36.73
N GLY KA 194 -27.32 -17.27 37.99
CA GLY KA 194 -28.64 -17.35 38.58
C GLY KA 194 -29.29 -15.98 38.68
N SER KA 195 -30.55 -15.98 39.08
CA SER KA 195 -31.31 -14.75 39.21
C SER KA 195 -32.05 -14.73 40.53
N SER KA 196 -32.32 -13.52 41.01
CA SER KA 196 -32.96 -13.30 42.29
C SER KA 196 -34.33 -12.69 42.06
N ALA KA 197 -35.32 -13.14 42.83
CA ALA KA 197 -36.67 -12.65 42.65
C ALA KA 197 -36.81 -11.22 43.15
N GLY KA 198 -37.69 -10.47 42.50
CA GLY KA 198 -38.06 -9.15 42.94
C GLY KA 198 -39.53 -9.07 43.33
N ARG KA 199 -40.01 -7.85 43.45
CA ARG KA 199 -41.42 -7.62 43.75
C ARG KA 199 -41.86 -6.31 43.10
N LEU KA 200 -43.02 -6.37 42.44
CA LEU KA 200 -43.52 -5.19 41.74
C LEU KA 200 -43.76 -4.07 42.73
N GLY KA 201 -43.68 -2.83 42.24
CA GLY KA 201 -43.82 -1.68 43.10
C GLY KA 201 -45.22 -1.43 43.62
N ASN KA 202 -46.14 -1.06 42.74
CA ASN KA 202 -47.50 -0.70 43.11
C ASN KA 202 -48.46 -1.43 42.19
N ARG KA 203 -48.89 -2.61 42.60
CA ARG KA 203 -49.69 -3.48 41.75
C ARG KA 203 -51.00 -2.85 41.31
N ASP KA 204 -51.46 -1.80 41.97
CA ASP KA 204 -52.73 -1.19 41.65
C ASP KA 204 -52.63 -0.08 40.60
N MET KA 205 -51.44 0.19 40.09
CA MET KA 205 -51.25 1.19 39.05
C MET KA 205 -50.28 0.71 37.99
N LEU KA 206 -50.25 -0.60 37.75
CA LEU KA 206 -49.22 -1.19 36.90
C LEU KA 206 -49.82 -2.31 36.06
N ILE KA 207 -49.66 -2.20 34.74
CA ILE KA 207 -50.07 -3.25 33.82
C ILE KA 207 -48.83 -4.04 33.46
N THR KA 208 -48.79 -5.29 33.88
CA THR KA 208 -47.62 -6.11 33.61
C THR KA 208 -47.54 -6.45 32.12
N GLN KA 209 -46.37 -6.91 31.72
CA GLN KA 209 -46.15 -7.26 30.33
C GLN KA 209 -46.91 -8.54 29.98
N GLY KA 210 -47.51 -8.54 28.80
CA GLY KA 210 -48.24 -9.70 28.34
C GLY KA 210 -49.73 -9.65 28.51
N THR KA 211 -50.29 -8.55 29.03
CA THR KA 211 -51.72 -8.46 29.21
C THR KA 211 -52.38 -8.07 27.90
N GLN KA 212 -53.11 -9.01 27.31
CA GLN KA 212 -53.67 -8.84 25.98
C GLN KA 212 -54.69 -7.71 25.99
N LEU KA 213 -54.31 -6.57 25.43
CA LEU KA 213 -55.21 -5.48 25.15
C LEU KA 213 -55.99 -5.83 23.90
N ASP KA 214 -57.30 -5.92 23.99
CA ASP KA 214 -58.12 -6.27 22.84
C ASP KA 214 -58.74 -4.99 22.30
N CYS KA 215 -58.63 -4.79 21.00
CA CYS KA 215 -59.14 -3.61 20.35
C CYS KA 215 -59.70 -3.97 18.99
N VAL KA 216 -60.53 -3.08 18.44
CA VAL KA 216 -61.16 -3.29 17.14
C VAL KA 216 -60.47 -2.38 16.13
N LEU KA 217 -60.10 -2.97 15.00
CA LEU KA 217 -59.31 -2.25 14.02
C LEU KA 217 -60.18 -1.20 13.32
N GLU KA 218 -59.75 0.05 13.37
CA GLU KA 218 -60.55 1.12 12.80
C GLU KA 218 -60.31 1.27 11.31
N THR KA 219 -59.06 1.35 10.89
CA THR KA 219 -58.76 1.56 9.48
C THR KA 219 -58.55 0.25 8.75
N ARG KA 220 -58.80 0.28 7.44
CA ARG KA 220 -58.56 -0.86 6.59
C ARG KA 220 -57.07 -0.98 6.28
N LEU KA 221 -56.60 -2.19 6.08
CA LEU KA 221 -55.18 -2.48 6.00
C LEU KA 221 -54.80 -2.98 4.61
N VAL KA 222 -53.87 -2.28 3.97
CA VAL KA 222 -53.30 -2.69 2.69
C VAL KA 222 -51.79 -2.57 2.80
N THR KA 223 -51.09 -3.70 2.75
CA THR KA 223 -49.66 -3.73 3.01
C THR KA 223 -48.83 -3.30 1.83
N THR KA 224 -49.44 -2.73 0.79
CA THR KA 224 -48.65 -2.30 -0.37
C THR KA 224 -47.63 -1.26 0.03
N GLN KA 225 -48.03 -0.33 0.85
CA GLN KA 225 -47.06 0.66 1.23
C GLN KA 225 -47.05 0.84 2.75
N PRO KA 226 -45.94 1.29 3.32
CA PRO KA 226 -45.92 1.50 4.76
C PRO KA 226 -46.81 2.66 5.15
N GLY KA 227 -47.56 2.46 6.22
CA GLY KA 227 -48.48 3.47 6.71
C GLY KA 227 -48.79 3.23 8.17
N MET KA 228 -49.76 3.97 8.68
CA MET KA 228 -50.14 3.88 10.07
C MET KA 228 -51.52 3.26 10.19
N THR KA 229 -51.78 2.60 11.30
CA THR KA 229 -53.09 2.02 11.59
C THR KA 229 -53.70 2.66 12.83
N THR KA 230 -54.91 2.22 13.14
CA THR KA 230 -55.66 2.80 14.25
C THR KA 230 -56.68 1.80 14.72
N CYS KA 231 -56.74 1.58 16.02
CA CYS KA 231 -57.77 0.74 16.59
C CYS KA 231 -58.22 1.32 17.92
N HIS KA 232 -59.41 0.93 18.35
CA HIS KA 232 -59.98 1.41 19.59
C HIS KA 232 -60.26 0.26 20.52
N LEU KA 233 -59.85 0.41 21.78
CA LEU KA 233 -60.09 -0.62 22.78
C LEU KA 233 -61.59 -0.91 22.86
N THR KA 234 -61.94 -2.19 22.85
CA THR KA 234 -63.33 -2.57 23.01
C THR KA 234 -63.69 -2.85 24.45
N ARG KA 235 -62.71 -2.87 25.34
CA ARG KA 235 -62.95 -3.21 26.74
C ARG KA 235 -62.03 -2.38 27.61
N ASP KA 236 -62.50 -2.07 28.80
CA ASP KA 236 -61.61 -1.47 29.78
C ASP KA 236 -60.54 -2.47 30.17
N VAL KA 237 -59.35 -1.99 30.49
CA VAL KA 237 -58.22 -2.84 30.83
C VAL KA 237 -57.80 -2.54 32.26
N TYR KA 238 -57.80 -3.55 33.09
CA TYR KA 238 -57.56 -3.39 34.52
C TYR KA 238 -56.07 -3.45 34.83
N SER KA 239 -55.76 -3.34 36.12
CA SER KA 239 -54.40 -3.59 36.55
C SER KA 239 -54.14 -5.08 36.64
N THR KA 240 -52.91 -5.43 37.00
CA THR KA 240 -52.64 -6.84 37.31
C THR KA 240 -53.39 -7.26 38.57
N SER KA 241 -53.62 -6.33 39.49
CA SER KA 241 -54.38 -6.64 40.68
C SER KA 241 -55.86 -6.81 40.36
N GLY KA 242 -56.31 -6.29 39.23
CA GLY KA 242 -57.71 -6.39 38.89
C GLY KA 242 -58.64 -5.61 39.78
N ARG KA 243 -58.25 -4.40 40.17
CA ARG KA 243 -59.10 -3.55 40.99
C ARG KA 243 -59.30 -2.15 40.44
N VAL KA 244 -58.47 -1.70 39.51
CA VAL KA 244 -58.55 -0.33 38.99
C VAL KA 244 -58.71 -0.41 37.48
N VAL KA 245 -59.53 0.47 36.93
CA VAL KA 245 -59.54 0.69 35.48
C VAL KA 245 -58.37 1.61 35.18
N LEU KA 246 -57.48 1.17 34.29
CA LEU KA 246 -56.34 2.01 33.93
C LEU KA 246 -56.48 2.56 32.53
N LEU KA 247 -56.82 1.71 31.56
CA LEU KA 247 -56.99 2.12 30.18
C LEU KA 247 -58.47 2.03 29.84
N ASP KA 248 -59.11 3.17 29.65
CA ASP KA 248 -60.53 3.23 29.40
C ASP KA 248 -60.86 2.67 28.02
N ARG KA 249 -61.91 1.87 27.96
CA ARG KA 249 -62.40 1.41 26.68
C ARG KA 249 -62.81 2.60 25.83
N GLY KA 250 -62.77 2.41 24.52
CA GLY KA 250 -62.99 3.51 23.62
C GLY KA 250 -61.78 4.38 23.40
N SER KA 251 -60.66 4.06 24.03
CA SER KA 251 -59.42 4.80 23.80
C SER KA 251 -58.95 4.58 22.37
N LYS KA 252 -57.97 5.37 21.94
CA LYS KA 252 -57.48 5.32 20.58
C LYS KA 252 -56.02 4.92 20.56
N VAL KA 253 -55.67 3.97 19.71
CA VAL KA 253 -54.32 3.46 19.57
C VAL KA 253 -53.83 3.75 18.17
N VAL KA 254 -52.60 4.26 18.07
CA VAL KA 254 -51.98 4.54 16.79
C VAL KA 254 -50.82 3.59 16.61
N GLY KA 255 -50.77 2.90 15.48
CA GLY KA 255 -49.69 1.99 15.20
C GLY KA 255 -49.27 2.01 13.75
N PHE KA 256 -48.13 1.41 13.43
CA PHE KA 256 -47.60 1.49 12.08
C PHE KA 256 -46.94 0.16 11.73
N TYR KA 257 -46.62 0.03 10.45
CA TYR KA 257 -46.01 -1.16 9.91
C TYR KA 257 -45.13 -0.77 8.74
N GLN KA 258 -44.16 -1.61 8.41
CA GLN KA 258 -43.28 -1.32 7.30
C GLN KA 258 -42.65 -2.61 6.81
N GLY KA 259 -42.06 -2.53 5.61
CA GLY KA 259 -41.29 -3.61 5.06
C GLY KA 259 -42.01 -4.46 4.06
N GLY KA 260 -43.33 -4.42 4.02
CA GLY KA 260 -44.02 -5.29 3.11
C GLY KA 260 -43.83 -6.75 3.49
N LEU KA 261 -44.19 -7.61 2.55
CA LEU KA 261 -44.15 -9.05 2.76
C LEU KA 261 -42.89 -9.65 2.17
N ARG KA 262 -42.72 -10.94 2.42
CA ARG KA 262 -41.83 -11.79 1.66
C ARG KA 262 -42.62 -12.98 1.15
N GLN KA 263 -42.14 -13.59 0.08
CA GLN KA 263 -42.86 -14.68 -0.54
C GLN KA 263 -43.16 -15.77 0.48
N GLY KA 264 -44.40 -16.24 0.49
CA GLY KA 264 -44.80 -17.31 1.36
C GLY KA 264 -45.18 -16.89 2.76
N GLN KA 265 -45.07 -15.61 3.10
CA GLN KA 265 -45.55 -15.12 4.38
C GLN KA 265 -47.06 -14.96 4.35
N ALA KA 266 -47.69 -15.06 5.52
CA ALA KA 266 -49.12 -14.87 5.62
C ALA KA 266 -49.51 -13.73 6.55
N ARG KA 267 -48.55 -13.11 7.23
CA ARG KA 267 -48.86 -12.12 8.26
C ARG KA 267 -47.83 -11.00 8.21
N ILE KA 268 -48.31 -9.77 8.30
CA ILE KA 268 -47.45 -8.59 8.37
C ILE KA 268 -47.32 -8.18 9.83
N PHE KA 269 -46.16 -7.67 10.19
CA PHE KA 269 -45.88 -7.29 11.58
C PHE KA 269 -46.20 -5.81 11.77
N VAL KA 270 -47.04 -5.51 12.74
CA VAL KA 270 -47.44 -4.13 13.04
C VAL KA 270 -46.98 -3.79 14.45
N GLN KA 271 -46.67 -2.53 14.66
CA GLN KA 271 -46.22 -2.01 15.93
C GLN KA 271 -47.24 -1.00 16.42
N TRP KA 272 -47.73 -1.17 17.64
CA TRP KA 272 -48.56 -0.16 18.27
C TRP KA 272 -47.67 0.78 19.06
N SER KA 273 -47.91 2.08 18.91
CA SER KA 273 -46.98 3.07 19.42
C SER KA 273 -47.52 3.90 20.57
N ARG KA 274 -48.66 4.55 20.40
CA ARG KA 274 -49.13 5.45 21.45
C ARG KA 274 -50.63 5.29 21.61
N ILE KA 275 -51.06 5.22 22.86
CA ILE KA 275 -52.45 4.99 23.21
C ILE KA 275 -52.97 6.21 23.96
N GLU KA 276 -54.20 6.61 23.63
CA GLU KA 276 -54.78 7.84 24.16
C GLU KA 276 -56.13 7.54 24.78
N THR KA 277 -56.21 7.66 26.09
CA THR KA 277 -57.48 7.46 26.76
C THR KA 277 -58.41 8.62 26.47
N PRO KA 278 -59.72 8.44 26.67
CA PRO KA 278 -60.64 9.59 26.52
C PRO KA 278 -60.34 10.72 27.47
N SER KA 279 -59.84 10.43 28.67
CA SER KA 279 -59.57 11.46 29.65
C SER KA 279 -58.25 12.17 29.42
N GLY KA 280 -57.46 11.73 28.46
CA GLY KA 280 -56.21 12.38 28.13
C GLY KA 280 -54.95 11.71 28.63
N VAL KA 281 -55.05 10.53 29.23
CA VAL KA 281 -53.85 9.79 29.59
C VAL KA 281 -53.20 9.27 28.33
N VAL KA 282 -51.90 9.51 28.21
CA VAL KA 282 -51.13 9.08 27.05
C VAL KA 282 -49.91 8.32 27.56
N ILE KA 283 -49.82 7.05 27.22
CA ILE KA 283 -48.69 6.23 27.61
C ILE KA 283 -48.14 5.54 26.37
N ASN KA 284 -46.82 5.44 26.31
CA ASN KA 284 -46.14 4.98 25.10
C ASN KA 284 -45.85 3.49 25.22
N LEU KA 285 -46.83 2.68 24.91
CA LEU KA 285 -46.65 1.23 24.85
C LEU KA 285 -46.02 0.92 23.51
N ASP KA 286 -45.11 -0.05 23.49
CA ASP KA 286 -44.47 -0.46 22.26
C ASP KA 286 -44.52 -1.98 22.22
N SER KA 287 -45.52 -2.50 21.53
CA SER KA 287 -45.78 -3.93 21.59
C SER KA 287 -46.27 -4.45 20.26
N PRO KA 288 -46.08 -5.74 20.00
CA PRO KA 288 -46.41 -6.28 18.69
C PRO KA 288 -47.90 -6.55 18.54
N GLY KA 289 -48.45 -6.13 17.40
CA GLY KA 289 -49.83 -6.43 17.08
C GLY KA 289 -49.98 -7.93 16.86
N THR KA 290 -51.18 -8.43 17.07
CA THR KA 290 -51.44 -9.86 16.96
C THR KA 290 -52.75 -10.07 16.24
N GLY KA 291 -53.16 -11.34 16.16
CA GLY KA 291 -54.43 -11.68 15.60
C GLY KA 291 -55.48 -11.87 16.67
N PRO KA 292 -56.69 -12.20 16.22
CA PRO KA 292 -57.79 -12.38 17.19
C PRO KA 292 -57.47 -13.37 18.28
N LEU KA 293 -56.77 -14.46 17.96
CA LEU KA 293 -56.31 -15.39 18.98
C LEU KA 293 -54.93 -15.01 19.49
N GLY KA 294 -54.35 -13.93 18.98
CA GLY KA 294 -53.13 -13.41 19.53
C GLY KA 294 -51.84 -13.85 18.84
N GLU KA 295 -51.92 -14.55 17.73
CA GLU KA 295 -50.71 -14.94 17.03
C GLU KA 295 -50.04 -13.71 16.45
N ALA KA 296 -48.71 -13.71 16.42
CA ALA KA 296 -47.95 -12.53 16.01
C ALA KA 296 -48.31 -12.13 14.59
N GLY KA 297 -48.43 -10.83 14.36
CA GLY KA 297 -48.65 -10.32 13.03
C GLY KA 297 -50.10 -10.46 12.59
N LEU KA 298 -50.59 -9.41 11.92
CA LEU KA 298 -51.94 -9.38 11.41
C LEU KA 298 -52.11 -10.39 10.29
N GLY KA 299 -53.26 -11.06 10.26
CA GLY KA 299 -53.57 -12.01 9.23
C GLY KA 299 -54.88 -11.69 8.56
N GLY KA 300 -54.81 -11.48 7.25
CA GLY KA 300 -55.98 -11.12 6.46
C GLY KA 300 -56.05 -11.93 5.20
N TRP KA 301 -56.37 -11.28 4.10
CA TRP KA 301 -56.42 -11.95 2.81
C TRP KA 301 -55.18 -11.63 2.01
N ILE KA 302 -54.66 -12.64 1.30
CA ILE KA 302 -53.38 -12.55 0.62
C ILE KA 302 -53.61 -12.56 -0.87
N ASP KA 303 -52.99 -11.62 -1.58
CA ASP KA 303 -52.97 -11.61 -3.04
C ASP KA 303 -51.56 -11.98 -3.48
N ARG KA 304 -51.44 -13.04 -4.25
CA ARG KA 304 -50.13 -13.52 -4.68
C ARG KA 304 -49.76 -13.06 -6.09
N HIS KA 305 -50.62 -12.29 -6.75
CA HIS KA 305 -50.32 -11.72 -8.05
C HIS KA 305 -49.91 -12.78 -9.07
N PHE KA 306 -50.65 -13.89 -9.08
CA PHE KA 306 -50.32 -14.97 -10.01
C PHE KA 306 -50.21 -14.46 -11.43
N TRP KA 307 -51.19 -13.67 -11.87
CA TRP KA 307 -51.14 -13.17 -13.23
C TRP KA 307 -49.96 -12.24 -13.44
N GLU KA 308 -49.76 -11.27 -12.56
CA GLU KA 308 -48.64 -10.36 -12.74
C GLU KA 308 -47.31 -11.08 -12.64
N ARG KA 309 -47.29 -12.31 -12.13
CA ARG KA 309 -46.05 -13.06 -12.02
C ARG KA 309 -45.81 -14.02 -13.18
N PHE KA 310 -46.85 -14.54 -13.83
CA PHE KA 310 -46.65 -15.51 -14.89
C PHE KA 310 -47.24 -15.13 -16.24
N GLY KA 311 -47.85 -13.95 -16.37
CA GLY KA 311 -48.49 -13.61 -17.62
C GLY KA 311 -47.50 -13.46 -18.75
N GLY KA 312 -46.36 -12.83 -18.49
CA GLY KA 312 -45.34 -12.72 -19.51
C GLY KA 312 -44.96 -14.08 -20.07
N ALA KA 313 -44.61 -15.01 -19.18
CA ALA KA 313 -44.18 -16.32 -19.64
C ALA KA 313 -45.30 -17.04 -20.39
N ILE KA 314 -46.50 -17.04 -19.84
CA ILE KA 314 -47.59 -17.79 -20.48
C ILE KA 314 -47.86 -17.23 -21.87
N MET KA 315 -48.04 -15.91 -21.95
CA MET KA 315 -48.40 -15.32 -23.23
C MET KA 315 -47.29 -15.48 -24.25
N ILE KA 316 -46.04 -15.32 -23.83
CA ILE KA 316 -44.92 -15.47 -24.75
C ILE KA 316 -44.87 -16.88 -25.29
N SER KA 317 -44.95 -17.88 -24.40
CA SER KA 317 -44.91 -19.26 -24.87
C SER KA 317 -46.05 -19.55 -25.81
N LEU KA 318 -47.24 -19.01 -25.52
CA LEU KA 318 -48.38 -19.35 -26.35
C LEU KA 318 -48.29 -18.71 -27.73
N ILE KA 319 -47.87 -17.44 -27.83
CA ILE KA 319 -47.71 -16.88 -29.16
C ILE KA 319 -46.55 -17.52 -29.90
N GLY KA 320 -45.48 -17.89 -29.19
CA GLY KA 320 -44.43 -18.66 -29.84
C GLY KA 320 -44.94 -19.96 -30.43
N ASP KA 321 -45.80 -20.66 -29.69
CA ASP KA 321 -46.29 -21.95 -30.17
C ASP KA 321 -47.31 -21.78 -31.28
N LEU KA 322 -48.11 -20.71 -31.25
CA LEU KA 322 -48.99 -20.44 -32.39
C LEU KA 322 -48.20 -20.04 -33.63
N GLY KA 323 -47.10 -19.32 -33.45
CA GLY KA 323 -46.23 -19.06 -34.58
C GLY KA 323 -45.66 -20.33 -35.16
N ASP KA 324 -45.20 -21.23 -34.28
CA ASP KA 324 -44.73 -22.54 -34.74
C ASP KA 324 -45.83 -23.29 -35.48
N TRP KA 325 -47.04 -23.27 -34.93
CA TRP KA 325 -48.16 -23.98 -35.55
C TRP KA 325 -48.46 -23.42 -36.93
N ALA KA 326 -48.50 -22.09 -37.05
CA ALA KA 326 -48.78 -21.47 -38.33
C ALA KA 326 -47.68 -21.79 -39.34
N SER KA 327 -46.42 -21.74 -38.91
CA SER KA 327 -45.32 -22.06 -39.82
C SER KA 327 -45.44 -23.50 -40.30
N ARG KA 328 -45.77 -24.42 -39.41
CA ARG KA 328 -45.94 -25.81 -39.82
C ARG KA 328 -47.20 -25.98 -40.64
N GLN KA 329 -48.11 -25.01 -40.58
CA GLN KA 329 -49.39 -25.09 -41.27
C GLN KA 329 -49.28 -24.77 -42.74
N GLY KA 330 -48.09 -24.37 -43.19
CA GLY KA 330 -47.90 -24.11 -44.60
C GLY KA 330 -48.11 -25.34 -45.46
N SER KA 331 -47.63 -26.49 -44.99
CA SER KA 331 -47.81 -27.74 -45.70
C SER KA 331 -49.22 -28.27 -45.54
N SER KA 349 -34.34 -18.60 -23.43
CA SER KA 349 -35.51 -18.28 -24.25
C SER KA 349 -36.20 -17.00 -23.79
N ALA KA 350 -37.01 -16.44 -24.68
CA ALA KA 350 -37.71 -15.20 -24.37
C ALA KA 350 -38.63 -15.38 -23.17
N ALA KA 351 -39.36 -16.49 -23.12
CA ALA KA 351 -40.25 -16.73 -22.00
C ALA KA 351 -39.48 -16.82 -20.68
N ALA KA 352 -38.33 -17.52 -20.71
CA ALA KA 352 -37.54 -17.62 -19.49
C ALA KA 352 -37.03 -16.26 -19.05
N GLU KA 353 -36.62 -15.41 -20.00
CA GLU KA 353 -36.21 -14.07 -19.62
C GLU KA 353 -37.36 -13.29 -19.01
N ALA KA 354 -38.56 -13.43 -19.57
CA ALA KA 354 -39.71 -12.73 -19.00
C ALA KA 354 -39.95 -13.18 -17.57
N LEU KA 355 -39.92 -14.49 -17.33
CA LEU KA 355 -40.18 -15.01 -16.00
C LEU KA 355 -39.13 -14.55 -15.02
N ARG KA 356 -37.86 -14.53 -15.43
CA ARG KA 356 -36.80 -14.14 -14.50
C ARG KA 356 -36.97 -12.71 -14.03
N ASN KA 357 -37.55 -11.84 -14.86
CA ASN KA 357 -37.75 -10.45 -14.46
C ASN KA 357 -39.07 -10.23 -13.76
N SER KA 358 -40.08 -11.06 -13.99
CA SER KA 358 -41.38 -10.86 -13.38
C SER KA 358 -41.75 -11.93 -12.38
N ILE KA 359 -40.78 -12.63 -11.79
CA ILE KA 359 -41.15 -13.62 -10.79
C ILE KA 359 -41.06 -13.02 -9.39
N ASN KA 360 -40.17 -12.06 -9.17
CA ASN KA 360 -39.99 -11.47 -7.85
C ASN KA 360 -40.97 -10.30 -7.70
N ILE KA 361 -42.14 -10.63 -7.19
CA ILE KA 361 -43.16 -9.65 -6.83
C ILE KA 361 -43.71 -10.03 -5.46
N PRO KA 362 -43.41 -9.29 -4.41
CA PRO KA 362 -43.84 -9.70 -3.09
C PRO KA 362 -45.35 -9.72 -2.99
N PRO KA 363 -45.92 -10.67 -2.26
CA PRO KA 363 -47.38 -10.74 -2.13
C PRO KA 363 -47.92 -9.58 -1.32
N THR KA 364 -49.20 -9.30 -1.53
CA THR KA 364 -49.88 -8.15 -0.93
C THR KA 364 -50.97 -8.64 0.01
N LEU KA 365 -51.10 -8.00 1.17
CA LEU KA 365 -52.03 -8.41 2.20
C LEU KA 365 -53.16 -7.39 2.34
N TYR KA 366 -54.39 -7.90 2.35
CA TYR KA 366 -55.58 -7.07 2.56
C TYR KA 366 -56.27 -7.55 3.82
N LYS KA 367 -56.71 -6.60 4.64
CA LYS KA 367 -57.46 -6.88 5.86
C LYS KA 367 -58.64 -5.91 5.95
N ASN KA 368 -59.85 -6.46 5.94
CA ASN KA 368 -61.03 -5.62 6.04
C ASN KA 368 -61.06 -4.90 7.38
N GLN KA 369 -61.75 -3.77 7.40
CA GLN KA 369 -61.84 -3.00 8.62
C GLN KA 369 -62.75 -3.68 9.63
N GLY KA 370 -62.52 -3.39 10.90
CA GLY KA 370 -63.41 -3.84 11.94
C GLY KA 370 -63.20 -5.23 12.46
N GLU KA 371 -62.16 -5.93 12.03
CA GLU KA 371 -61.86 -7.20 12.67
C GLU KA 371 -61.16 -6.99 13.98
N ARG KA 372 -61.32 -7.96 14.88
CA ARG KA 372 -60.77 -7.85 16.22
C ARG KA 372 -59.28 -8.12 16.21
N VAL KA 373 -58.51 -7.11 16.63
CA VAL KA 373 -57.05 -7.20 16.67
C VAL KA 373 -56.55 -7.00 18.09
N ASN KA 374 -55.72 -7.95 18.53
CA ASN KA 374 -55.25 -8.01 19.89
C ASN KA 374 -53.84 -7.45 19.99
N ILE KA 375 -53.53 -6.83 21.12
CA ILE KA 375 -52.21 -6.28 21.41
C ILE KA 375 -51.65 -7.06 22.58
N LEU KA 376 -50.35 -7.28 22.59
CA LEU KA 376 -49.70 -7.98 23.67
C LEU KA 376 -48.66 -7.07 24.31
N VAL KA 377 -49.04 -6.41 25.41
CA VAL KA 377 -48.18 -5.41 26.02
C VAL KA 377 -46.86 -6.05 26.45
N ALA KA 378 -45.75 -5.48 26.00
CA ALA KA 378 -44.43 -6.05 26.24
C ALA KA 378 -43.66 -5.34 27.34
N ARG KA 379 -43.87 -4.04 27.52
CA ARG KA 379 -43.15 -3.28 28.52
C ARG KA 379 -44.12 -2.91 29.63
N ASP KA 380 -43.66 -3.02 30.87
CA ASP KA 380 -44.51 -2.74 32.01
C ASP KA 380 -44.96 -1.29 32.00
N LEU KA 381 -46.26 -1.07 32.10
CA LEU KA 381 -46.85 0.27 32.04
C LEU KA 381 -47.16 0.73 33.44
N ASP KA 382 -46.52 1.83 33.85
CA ASP KA 382 -46.70 2.40 35.17
C ASP KA 382 -47.50 3.69 35.03
N PHE KA 383 -48.51 3.86 35.89
CA PHE KA 383 -49.45 4.96 35.79
C PHE KA 383 -49.43 5.86 37.01
N SER KA 384 -48.51 5.62 37.95
CA SER KA 384 -48.58 6.29 39.24
C SER KA 384 -48.36 7.80 39.15
N ASP KA 385 -48.13 8.32 37.95
CA ASP KA 385 -47.96 9.76 37.81
C ASP KA 385 -49.23 10.49 37.43
N VAL KA 386 -50.33 9.79 37.18
CA VAL KA 386 -51.55 10.46 36.72
C VAL KA 386 -52.80 10.02 37.46
N TYR KA 387 -52.77 8.93 38.21
CA TYR KA 387 -53.99 8.35 38.74
C TYR KA 387 -53.92 8.26 40.26
N SER KA 388 -55.09 8.21 40.88
CA SER KA 388 -55.20 8.22 42.33
C SER KA 388 -56.50 7.56 42.75
N LEU KA 389 -56.56 7.18 44.01
CA LEU KA 389 -57.73 6.52 44.58
C LEU KA 389 -58.17 7.24 45.85
N GLU KA 390 -59.47 7.22 46.11
CA GLU KA 390 -60.00 7.63 47.40
C GLU KA 390 -61.34 6.94 47.62
N SER KA 391 -61.77 6.86 48.86
CA SER KA 391 -63.02 6.20 49.19
C SER KA 391 -64.19 7.15 49.00
N ILE KA 392 -65.34 6.56 48.68
CA ILE KA 392 -66.57 7.33 48.46
C ILE KA 392 -67.41 7.27 49.73
N PRO KA 393 -67.99 8.39 50.18
CA PRO KA 393 -68.87 8.33 51.34
C PRO KA 393 -70.05 7.40 51.10
N THR KA 394 -70.35 6.59 52.10
CA THR KA 394 -71.43 5.61 51.98
C THR KA 394 -72.79 6.27 52.21
N LYS KA 395 -73.81 5.71 51.56
CA LYS KA 395 -75.19 6.19 51.69
C LYS KA 395 -75.32 7.68 51.37
N LEU LA 21 -39.03 56.28 44.05
CA LEU LA 21 -38.40 55.96 45.32
C LEU LA 21 -39.28 54.99 46.09
N ASP LA 22 -38.96 53.70 46.01
CA ASP LA 22 -39.79 52.68 46.63
C ASP LA 22 -39.15 52.20 47.92
N VAL LA 23 -39.93 52.17 48.99
CA VAL LA 23 -39.49 51.60 50.27
C VAL LA 23 -39.94 50.14 50.29
N PRO LA 24 -39.06 49.20 50.65
CA PRO LA 24 -39.48 47.80 50.75
C PRO LA 24 -40.47 47.63 51.89
N SER LA 25 -41.37 46.66 51.72
CA SER LA 25 -42.32 46.29 52.76
C SER LA 25 -42.01 44.87 53.23
N SER LA 26 -41.75 44.72 54.52
CA SER LA 26 -41.30 43.44 55.04
C SER LA 26 -42.47 42.47 55.14
N SER LA 27 -42.13 41.19 55.38
CA SER LA 27 -43.12 40.23 55.78
C SER LA 27 -43.27 40.23 57.30
N ARG LA 28 -44.46 39.84 57.76
CA ARG LA 28 -44.83 39.97 59.16
C ARG LA 28 -43.92 39.19 60.10
N TYR LA 29 -43.25 38.15 59.61
CA TYR LA 29 -42.43 37.32 60.50
C TYR LA 29 -41.11 38.00 60.82
N ASP LA 30 -40.52 38.68 59.84
CA ASP LA 30 -39.21 39.32 60.02
C ASP LA 30 -39.08 40.53 59.10
N HIS LA 31 -38.49 41.59 59.65
CA HIS LA 31 -38.16 42.77 58.85
C HIS LA 31 -36.99 42.53 57.91
N ARG LA 32 -36.16 41.53 58.20
CA ARG LA 32 -34.99 41.25 57.39
C ARG LA 32 -35.34 40.73 56.00
N ILE LA 33 -36.56 40.24 55.81
CA ILE LA 33 -37.06 39.85 54.50
C ILE LA 33 -38.08 40.90 54.09
N ARG LA 34 -37.87 41.51 52.93
CA ARG LA 34 -38.67 42.64 52.50
C ARG LA 34 -39.20 42.43 51.09
N TYR LA 35 -40.45 42.84 50.89
CA TYR LA 35 -41.14 42.69 49.63
C TYR LA 35 -41.40 44.07 49.05
N VAL LA 36 -41.15 44.23 47.76
CA VAL LA 36 -41.46 45.47 47.06
C VAL LA 36 -42.04 45.11 45.69
N THR LA 37 -43.13 45.78 45.34
CA THR LA 37 -43.81 45.52 44.08
C THR LA 37 -43.11 46.30 42.97
N TYR LA 38 -42.82 45.61 41.87
CA TYR LA 38 -42.09 46.24 40.78
C TYR LA 38 -42.88 47.40 40.19
N ASN LA 39 -42.17 48.42 39.74
CA ASN LA 39 -42.75 49.52 38.98
C ASN LA 39 -41.77 49.90 37.88
N PRO LA 40 -42.16 49.87 36.62
CA PRO LA 40 -41.22 50.18 35.54
C PRO LA 40 -40.65 51.58 35.61
N ALA LA 41 -41.35 52.53 36.23
CA ALA LA 41 -40.92 53.92 36.26
C ALA LA 41 -40.58 54.38 37.67
N ASP LA 42 -39.90 53.53 38.45
CA ASP LA 42 -39.49 53.91 39.78
C ASP LA 42 -38.31 53.04 40.21
N VAL LA 43 -37.59 53.51 41.23
CA VAL LA 43 -36.44 52.81 41.76
C VAL LA 43 -36.77 52.30 43.16
N VAL LA 44 -35.87 51.47 43.69
CA VAL LA 44 -36.08 50.74 44.93
C VAL LA 44 -35.02 51.13 45.94
N GLN LA 45 -35.44 51.51 47.15
CA GLN LA 45 -34.54 51.86 48.23
C GLN LA 45 -34.04 50.58 48.88
N VAL LA 46 -32.84 50.14 48.50
CA VAL LA 46 -32.23 48.98 49.13
C VAL LA 46 -31.28 49.48 50.20
N ASP LA 47 -31.53 49.07 51.44
CA ASP LA 47 -30.77 49.53 52.59
C ASP LA 47 -29.89 48.37 53.07
N THR LA 48 -28.61 48.44 52.76
CA THR LA 48 -27.66 47.39 53.11
C THR LA 48 -26.94 47.78 54.38
N VAL LA 49 -26.76 46.82 55.28
CA VAL LA 49 -25.90 47.00 56.42
C VAL LA 49 -24.68 46.11 56.24
N LEU LA 50 -23.63 46.40 57.00
CA LEU LA 50 -22.34 45.77 56.77
C LEU LA 50 -22.41 44.30 57.12
N GLY LA 51 -21.74 43.47 56.31
CA GLY LA 51 -21.62 42.05 56.60
C GLY LA 51 -22.86 41.23 56.39
N VAL LA 52 -23.85 41.73 55.66
CA VAL LA 52 -25.05 40.98 55.36
C VAL LA 52 -25.20 40.87 53.85
N ALA LA 53 -25.75 39.74 53.41
CA ALA LA 53 -25.92 39.45 52.00
C ALA LA 53 -27.37 39.67 51.61
N THR LA 54 -27.59 40.50 50.60
CA THR LA 54 -28.93 40.79 50.10
C THR LA 54 -29.17 40.01 48.83
N HIS LA 55 -29.90 38.91 48.95
CA HIS LA 55 -30.21 38.05 47.81
C HIS LA 55 -31.38 38.65 47.06
N ILE LA 56 -31.10 39.37 45.97
CA ILE LA 56 -32.12 39.80 45.04
C ILE LA 56 -32.52 38.57 44.23
N MET LA 57 -33.82 38.30 44.18
CA MET LA 57 -34.38 37.12 43.54
C MET LA 57 -35.21 37.58 42.36
N LEU LA 58 -34.93 37.05 41.18
CA LEU LA 58 -35.60 37.50 39.98
C LEU LA 58 -36.68 36.51 39.55
N GLU LA 59 -37.32 36.82 38.42
CA GLU LA 59 -38.35 35.95 37.88
C GLU LA 59 -37.74 34.73 37.21
N GLU LA 60 -38.46 33.62 37.31
CA GLU LA 60 -38.17 32.48 36.45
C GLU LA 60 -38.40 32.87 34.99
N GLY LA 61 -37.71 32.18 34.09
CA GLY LA 61 -37.86 32.49 32.68
C GLY LA 61 -37.19 33.77 32.25
N GLU LA 62 -36.28 34.31 33.04
CA GLU LA 62 -35.53 35.50 32.65
C GLU LA 62 -34.05 35.17 32.56
N GLN LA 63 -33.34 35.89 31.69
CA GLN LA 63 -31.90 35.76 31.56
C GLN LA 63 -31.26 37.11 31.88
N TYR LA 64 -30.19 37.08 32.68
CA TYR LA 64 -29.46 38.28 33.00
C TYR LA 64 -28.67 38.75 31.79
N LEU LA 65 -28.78 40.03 31.47
CA LEU LA 65 -27.99 40.58 30.37
C LEU LA 65 -26.78 41.35 30.87
N THR LA 66 -27.02 42.40 31.65
CA THR LA 66 -25.96 43.33 32.01
C THR LA 66 -26.41 44.10 33.24
N HIS LA 67 -25.44 44.46 34.07
CA HIS LA 67 -25.68 45.29 35.24
C HIS LA 67 -24.64 46.39 35.27
N ALA LA 68 -24.74 47.28 36.24
CA ALA LA 68 -23.81 48.40 36.36
C ALA LA 68 -23.94 49.01 37.74
N PHE LA 69 -22.84 49.07 38.47
CA PHE LA 69 -22.83 49.76 39.74
C PHE LA 69 -22.36 51.20 39.57
N GLY LA 70 -22.47 51.97 40.65
CA GLY LA 70 -21.74 53.22 40.72
C GLY LA 70 -20.29 53.02 41.12
N ASP LA 71 -20.06 52.20 42.15
CA ASP LA 71 -18.72 51.87 42.61
C ASP LA 71 -18.56 50.37 42.57
N SER LA 72 -17.92 49.87 41.52
CA SER LA 72 -17.70 48.44 41.40
C SER LA 72 -16.93 47.86 42.59
N GLU LA 73 -16.00 48.63 43.15
CA GLU LA 73 -15.23 48.13 44.27
C GLU LA 73 -16.01 48.13 45.58
N ALA LA 74 -16.96 49.04 45.76
CA ALA LA 74 -17.69 49.12 47.03
C ALA LA 74 -18.62 47.94 47.24
N TYR LA 75 -19.31 47.50 46.20
CA TYR LA 75 -20.29 46.43 46.30
C TYR LA 75 -19.84 45.22 45.51
N ALA LA 76 -20.04 44.04 46.09
CA ALA LA 76 -19.69 42.79 45.46
C ALA LA 76 -20.88 42.29 44.65
N PHE LA 77 -20.59 41.71 43.48
CA PHE LA 77 -21.62 41.23 42.58
C PHE LA 77 -21.28 39.81 42.13
N ALA LA 78 -21.94 38.82 42.71
CA ALA LA 78 -21.89 37.46 42.23
C ALA LA 78 -23.30 37.04 41.86
N ARG LA 79 -23.45 36.49 40.67
CA ARG LA 79 -24.76 36.14 40.15
C ARG LA 79 -24.75 34.66 39.79
N LYS LA 80 -25.86 33.99 40.10
CA LYS LA 80 -26.01 32.58 39.78
C LYS LA 80 -27.30 32.47 38.97
N GLY LA 81 -27.20 32.73 37.67
CA GLY LA 81 -28.37 32.65 36.81
C GLY LA 81 -29.44 33.65 37.20
N ARG LA 82 -30.49 33.16 37.84
CA ARG LA 82 -31.66 33.94 38.19
C ARG LA 82 -31.66 34.37 39.66
N HIS LA 83 -30.62 34.03 40.41
CA HIS LA 83 -30.41 34.55 41.75
C HIS LA 83 -29.20 35.48 41.73
N ILE LA 84 -29.28 36.58 42.49
CA ILE LA 84 -28.21 37.57 42.57
C ILE LA 84 -27.89 37.79 44.04
N PHE LA 85 -26.61 37.92 44.36
CA PHE LA 85 -26.17 38.28 45.70
C PHE LA 85 -25.44 39.62 45.65
N ILE LA 86 -25.64 40.43 46.68
CA ILE LA 86 -25.02 41.74 46.81
C ILE LA 86 -24.52 41.91 48.25
N LYS LA 87 -23.32 42.47 48.39
CA LYS LA 87 -22.87 42.91 49.70
C LYS LA 87 -21.98 44.14 49.56
N PRO LA 88 -21.95 45.01 50.57
CA PRO LA 88 -20.96 46.09 50.56
C PRO LA 88 -19.59 45.55 50.95
N GLN LA 89 -18.56 46.18 50.40
CA GLN LA 89 -17.18 45.91 50.80
C GLN LA 89 -16.33 47.18 50.88
N ALA LA 90 -16.98 48.33 51.00
CA ALA LA 90 -16.28 49.59 51.21
C ALA LA 90 -17.25 50.56 51.88
N GLU LA 91 -16.75 51.28 52.87
CA GLU LA 91 -17.58 52.16 53.66
C GLU LA 91 -18.04 53.36 52.84
N LEU LA 92 -19.13 53.98 53.26
CA LEU LA 92 -19.82 55.03 52.50
C LEU LA 92 -20.22 54.53 51.11
N ALA LA 93 -20.69 53.29 51.06
CA ALA LA 93 -21.13 52.67 49.81
C ALA LA 93 -22.50 53.22 49.44
N ASN LA 94 -22.50 54.39 48.83
CA ASN LA 94 -23.71 55.09 48.44
C ASN LA 94 -23.71 55.26 46.93
N THR LA 95 -24.19 54.24 46.22
CA THR LA 95 -24.23 54.26 44.77
C THR LA 95 -25.56 53.64 44.34
N ASN LA 96 -25.68 53.32 43.06
CA ASN LA 96 -26.88 52.73 42.52
C ASN LA 96 -26.54 51.52 41.68
N LEU LA 97 -27.51 50.64 41.50
CA LEU LA 97 -27.38 49.46 40.66
C LEU LA 97 -28.47 49.51 39.61
N ILE LA 98 -28.12 49.15 38.38
CA ILE LA 98 -29.08 48.98 37.29
C ILE LA 98 -28.71 47.70 36.56
N VAL LA 99 -29.50 46.65 36.76
CA VAL LA 99 -29.35 45.41 36.03
C VAL LA 99 -30.49 45.33 35.02
N VAL LA 100 -30.20 44.88 33.82
CA VAL LA 100 -31.17 44.79 32.74
C VAL LA 100 -31.35 43.34 32.36
N THR LA 101 -32.61 42.95 32.12
CA THR LA 101 -32.94 41.64 31.59
C THR LA 101 -33.60 41.84 30.23
N ASP LA 102 -33.97 40.73 29.60
CA ASP LA 102 -34.61 40.80 28.29
C ASP LA 102 -35.91 41.61 28.35
N ARG LA 103 -36.67 41.45 29.42
CA ARG LA 103 -37.96 42.10 29.55
C ARG LA 103 -37.86 43.54 30.03
N ARG LA 104 -37.25 43.74 31.19
CA ARG LA 104 -37.28 45.03 31.86
C ARG LA 104 -35.88 45.37 32.34
N SER LA 105 -35.80 46.44 33.13
CA SER LA 105 -34.56 46.86 33.76
C SER LA 105 -34.84 47.17 35.22
N TYR LA 106 -34.16 46.45 36.11
CA TYR LA 106 -34.29 46.68 37.54
C TYR LA 106 -33.40 47.84 37.94
N LYS LA 107 -33.93 48.74 38.76
CA LYS LA 107 -33.19 49.90 39.24
C LYS LA 107 -33.21 49.91 40.75
N PHE LA 108 -32.08 50.28 41.35
CA PHE LA 108 -31.90 50.25 42.79
C PHE LA 108 -31.16 51.50 43.26
N ARG LA 109 -31.38 51.85 44.52
CA ARG LA 109 -30.64 52.92 45.18
C ARG LA 109 -30.06 52.36 46.47
N LEU LA 110 -28.87 51.78 46.37
CA LEU LA 110 -28.23 51.20 47.53
C LEU LA 110 -27.75 52.31 48.46
N GLN LA 111 -28.17 52.25 49.72
CA GLN LA 111 -27.75 53.23 50.72
C GLN LA 111 -27.07 52.47 51.84
N MET LA 112 -25.85 52.87 52.18
CA MET LA 112 -25.10 52.22 53.23
C MET LA 112 -25.63 52.68 54.58
N ARG LA 113 -26.02 51.72 55.42
CA ARG LA 113 -26.54 52.03 56.74
C ARG LA 113 -25.45 51.91 57.80
N ASN LA 114 -25.14 53.02 58.44
CA ASN LA 114 -24.01 53.10 59.37
C ASN LA 114 -24.25 52.32 60.65
N ASP LA 115 -25.49 52.10 61.05
CA ASP LA 115 -25.81 51.58 62.38
C ASP LA 115 -25.88 50.06 62.44
N ARG LA 116 -25.69 49.36 61.32
CA ARG LA 116 -25.78 47.90 61.30
C ARG LA 116 -27.13 47.43 61.84
N ASN LA 117 -28.18 48.19 61.55
CA ASN LA 117 -29.52 47.90 62.04
C ASN LA 117 -30.51 47.97 60.88
N GLY LA 118 -31.68 47.39 61.11
CA GLY LA 118 -32.72 47.37 60.08
C GLY LA 118 -32.27 46.63 58.84
N ALA LA 119 -31.59 45.51 59.03
CA ALA LA 119 -31.03 44.76 57.92
C ALA LA 119 -32.13 44.21 57.02
N MET LA 120 -31.78 43.97 55.76
CA MET LA 120 -32.65 43.29 54.82
C MET LA 120 -31.83 42.18 54.17
N TYR LA 121 -32.27 40.94 54.34
CA TYR LA 121 -31.56 39.81 53.76
C TYR LA 121 -32.09 39.43 52.39
N GLU LA 122 -33.38 39.61 52.15
CA GLU LA 122 -34.03 39.08 50.96
C GLU LA 122 -34.91 40.15 50.35
N LEU LA 123 -34.88 40.24 49.03
CA LEU LA 123 -35.76 41.13 48.28
C LEU LA 123 -36.55 40.31 47.29
N ALA LA 124 -37.87 40.50 47.27
CA ALA LA 124 -38.75 39.77 46.36
C ALA LA 124 -39.69 40.76 45.70
N PHE LA 125 -39.98 40.54 44.42
CA PHE LA 125 -40.72 41.49 43.61
C PHE LA 125 -42.13 41.01 43.35
N ARG LA 126 -43.06 41.97 43.24
CA ARG LA 126 -44.44 41.70 42.89
C ARG LA 126 -44.73 42.41 41.58
N TYR LA 127 -45.32 41.69 40.63
CA TYR LA 127 -45.53 42.20 39.28
C TYR LA 127 -47.02 42.38 39.04
N PRO LA 128 -47.54 43.59 39.05
CA PRO LA 128 -48.99 43.79 39.00
C PRO LA 128 -49.62 43.33 37.69
N ASP LA 129 -49.12 43.80 36.57
CA ASP LA 129 -49.78 43.56 35.29
C ASP LA 129 -49.74 42.09 34.91
N THR LA 130 -48.59 41.44 35.07
CA THR LA 130 -48.49 40.03 34.70
C THR LA 130 -49.35 39.17 35.60
N GLN LA 131 -49.38 39.47 36.90
CA GLN LA 131 -50.26 38.72 37.79
C GLN LA 131 -51.72 38.93 37.44
N ALA LA 132 -52.09 40.16 37.07
CA ALA LA 132 -53.45 40.40 36.61
C ALA LA 132 -53.76 39.57 35.37
N ARG LA 133 -52.84 39.54 34.41
CA ARG LA 133 -53.07 38.76 33.20
C ARG LA 133 -53.26 37.29 33.54
N GLN LA 134 -52.44 36.79 34.47
CA GLN LA 134 -52.60 35.42 34.92
C GLN LA 134 -53.98 35.20 35.53
N THR LA 135 -54.45 36.16 36.33
CA THR LA 135 -55.72 35.97 37.02
C THR LA 135 -56.89 36.00 36.05
N ARG LA 136 -56.92 37.00 35.16
CA ARG LA 136 -58.06 37.12 34.25
C ARG LA 136 -58.20 35.88 33.38
N GLU LA 137 -57.09 35.19 33.09
CA GLU LA 137 -57.16 33.95 32.35
C GLU LA 137 -57.89 32.86 33.13
N ALA LA 138 -57.66 32.79 34.43
CA ALA LA 138 -58.39 31.80 35.24
C ALA LA 138 -59.89 32.05 35.20
N ASN LA 139 -60.28 33.32 35.32
CA ASN LA 139 -61.70 33.65 35.26
C ASN LA 139 -62.29 33.33 33.89
N ALA LA 140 -61.55 33.65 32.82
CA ALA LA 140 -62.03 33.31 31.49
C ALA LA 140 -62.20 31.80 31.33
N ARG LA 141 -61.25 31.02 31.86
CA ARG LA 141 -61.34 29.58 31.74
C ARG LA 141 -62.54 29.03 32.52
N ALA LA 142 -62.77 29.55 33.72
CA ALA LA 142 -63.96 29.13 34.46
C ALA LA 142 -65.23 29.49 33.71
N ALA LA 143 -65.26 30.68 33.12
CA ALA LA 143 -66.44 31.10 32.39
C ALA LA 143 -66.72 30.20 31.21
N VAL LA 144 -65.68 29.85 30.45
CA VAL LA 144 -65.91 29.03 29.26
C VAL LA 144 -66.26 27.60 29.66
N GLU LA 145 -65.69 27.12 30.78
CA GLU LA 145 -66.10 25.80 31.25
C GLU LA 145 -67.58 25.79 31.62
N ALA LA 146 -68.03 26.83 32.31
CA ALA LA 146 -69.45 26.93 32.64
C ALA LA 146 -70.29 27.01 31.36
N ALA LA 147 -69.82 27.78 30.38
CA ALA LA 147 -70.57 27.94 29.15
C ALA LA 147 -70.72 26.60 28.42
N PHE LA 148 -69.65 25.81 28.37
CA PHE LA 148 -69.78 24.45 27.84
C PHE LA 148 -70.80 23.67 28.63
N GLU LA 149 -70.68 23.67 29.96
CA GLU LA 149 -71.52 22.77 30.76
C GLU LA 149 -72.97 23.21 30.74
N GLN LA 150 -73.25 24.43 30.29
CA GLN LA 150 -74.64 24.85 30.16
C GLN LA 150 -75.38 24.00 29.14
N ARG LA 151 -74.84 23.88 27.93
CA ARG LA 151 -75.46 23.11 26.87
C ARG LA 151 -76.91 23.55 26.69
N VAL LA 152 -77.11 24.80 26.30
CA VAL LA 152 -78.45 25.40 26.29
C VAL LA 152 -78.88 25.60 24.85
N GLY LA 153 -80.19 25.71 24.65
CA GLY LA 153 -80.74 25.94 23.33
C GLY LA 153 -80.53 24.79 22.36
N ALA LA 154 -80.77 23.56 22.80
CA ALA LA 154 -80.50 22.38 22.01
C ALA LA 154 -81.79 21.68 21.63
N TYR LA 155 -81.84 21.17 20.40
CA TYR LA 155 -82.92 20.29 19.96
C TYR LA 155 -82.35 18.93 19.58
N TYR LA 156 -83.14 17.89 19.76
CA TYR LA 156 -82.68 16.52 19.64
C TYR LA 156 -83.56 15.76 18.66
N ASN LA 157 -82.98 14.76 18.01
CA ASN LA 157 -83.68 13.91 17.05
C ASN LA 157 -83.40 12.47 17.42
N LEU LA 158 -84.44 11.63 17.40
CA LEU LA 158 -84.33 10.25 17.85
C LEU LA 158 -84.78 9.24 16.80
N LYS LA 159 -85.09 9.68 15.59
CA LYS LA 159 -85.58 8.80 14.53
C LYS LA 159 -84.39 8.04 13.96
N TYR LA 160 -84.21 6.79 14.40
CA TYR LA 160 -83.14 5.95 13.85
C TYR LA 160 -83.59 4.50 13.80
N MET LA 161 -83.34 3.85 12.66
CA MET LA 161 -83.62 2.44 12.49
C MET LA 161 -82.30 1.66 12.50
N MET LA 162 -82.37 0.38 12.90
CA MET LA 162 -81.20 -0.47 12.75
C MET LA 162 -81.58 -1.69 11.92
N SER LA 163 -80.56 -2.34 11.36
CA SER LA 163 -80.71 -3.62 10.69
C SER LA 163 -79.38 -4.35 10.74
N GLY LA 164 -79.41 -5.63 11.08
CA GLY LA 164 -78.19 -6.41 11.18
C GLY LA 164 -78.17 -7.34 12.36
N ASP LA 165 -76.98 -7.67 12.85
CA ASP LA 165 -76.82 -8.56 14.01
C ASP LA 165 -77.05 -7.74 15.26
N LYS LA 166 -78.15 -8.03 15.96
CA LYS LA 166 -78.55 -7.27 17.13
C LYS LA 166 -77.53 -7.33 18.25
N ASP LA 167 -76.67 -8.35 18.27
CA ASP LA 167 -75.83 -8.60 19.44
C ASP LA 167 -74.87 -7.45 19.75
N ILE LA 168 -74.59 -6.58 18.79
CA ILE LA 168 -73.78 -5.41 19.04
C ILE LA 168 -74.56 -4.12 18.79
N ALA LA 169 -75.87 -4.20 18.81
CA ALA LA 169 -76.68 -3.03 18.58
C ALA LA 169 -76.55 -2.04 19.73
N PRO LA 170 -76.48 -0.76 19.44
CA PRO LA 170 -76.48 0.25 20.50
C PRO LA 170 -77.83 0.28 21.20
N VAL LA 171 -77.79 0.67 22.47
CA VAL LA 171 -79.03 0.73 23.23
C VAL LA 171 -79.81 2.00 22.95
N ASN LA 172 -79.16 3.05 22.46
CA ASN LA 172 -79.82 4.28 22.09
C ASN LA 172 -79.00 4.99 21.02
N ALA LA 173 -79.65 5.89 20.30
CA ALA LA 173 -78.98 6.69 19.29
C ALA LA 173 -79.74 7.99 19.12
N TRP LA 174 -79.01 9.10 19.13
CA TRP LA 174 -79.63 10.40 18.95
C TRP LA 174 -78.58 11.39 18.52
N ASP LA 175 -79.02 12.56 18.09
CA ASP LA 175 -78.13 13.59 17.61
C ASP LA 175 -78.71 14.95 17.95
N ASP LA 176 -77.84 15.96 18.03
CA ASP LA 176 -78.26 17.32 18.30
C ASP LA 176 -78.30 18.18 17.05
N GLY LA 177 -78.15 17.58 15.88
CA GLY LA 177 -78.05 18.32 14.65
C GLY LA 177 -76.65 18.78 14.33
N ARG LA 178 -75.73 18.70 15.29
CA ARG LA 178 -74.33 19.03 15.08
C ARG LA 178 -73.42 17.85 15.35
N PHE LA 179 -73.68 17.10 16.42
CA PHE LA 179 -73.01 15.84 16.69
C PHE LA 179 -74.03 14.72 16.73
N THR LA 180 -73.59 13.51 16.46
CA THR LA 180 -74.43 12.33 16.53
C THR LA 180 -73.88 11.39 17.58
N TYR LA 181 -74.78 10.81 18.38
CA TYR LA 181 -74.39 10.07 19.58
C TYR LA 181 -74.90 8.64 19.50
N PHE LA 182 -74.03 7.70 19.88
CA PHE LA 182 -74.38 6.29 20.03
C PHE LA 182 -74.05 5.90 21.45
N LYS LA 183 -74.97 5.22 22.12
CA LYS LA 183 -74.72 4.73 23.48
C LYS LA 183 -74.84 3.22 23.50
N PHE LA 184 -73.90 2.58 24.21
CA PHE LA 184 -73.88 1.13 24.33
C PHE LA 184 -73.99 0.73 25.78
N SER LA 185 -74.59 -0.43 26.02
CA SER LA 185 -74.77 -0.93 27.36
C SER LA 185 -73.41 -1.24 28.00
N ALA LA 186 -73.43 -1.48 29.30
CA ALA LA 186 -72.20 -1.64 30.05
C ALA LA 186 -71.41 -2.85 29.58
N ASN LA 187 -72.08 -3.85 29.05
CA ASN LA 187 -71.41 -5.10 28.69
C ASN LA 187 -71.05 -5.19 27.21
N ALA LA 188 -71.63 -4.33 26.37
CA ALA LA 188 -71.39 -4.40 24.94
C ALA LA 188 -69.96 -4.01 24.63
N ASP LA 189 -69.37 -4.67 23.64
CA ASP LA 189 -68.03 -4.32 23.21
C ASP LA 189 -68.11 -3.14 22.26
N LEU LA 190 -67.27 -2.13 22.51
CA LEU LA 190 -67.35 -0.88 21.78
C LEU LA 190 -67.00 -1.12 20.31
N PRO LA 191 -67.96 -1.09 19.40
CA PRO LA 191 -67.66 -1.35 18.00
C PRO LA 191 -67.06 -0.14 17.32
N SER LA 192 -66.90 -0.21 16.00
CA SER LA 192 -66.44 0.94 15.23
C SER LA 192 -67.64 1.61 14.56
N ILE LA 193 -67.43 2.84 14.12
CA ILE LA 193 -68.46 3.63 13.45
C ILE LA 193 -67.91 4.07 12.10
N TYR LA 194 -68.71 3.93 11.06
CA TYR LA 194 -68.26 4.26 9.72
C TYR LA 194 -69.28 5.10 8.99
N PHE LA 195 -68.81 6.17 8.38
CA PHE LA 195 -69.63 7.04 7.56
C PHE LA 195 -70.05 6.27 6.31
N VAL LA 196 -71.26 6.51 5.84
CA VAL LA 196 -71.75 5.92 4.60
C VAL LA 196 -72.29 7.03 3.72
N ASP LA 197 -71.86 7.06 2.48
CA ASP LA 197 -72.33 8.06 1.54
C ASP LA 197 -73.58 7.55 0.83
N ALA LA 198 -74.00 8.28 -0.21
CA ALA LA 198 -75.17 7.84 -0.97
C ALA LA 198 -74.91 6.53 -1.69
N GLU LA 199 -73.71 6.37 -2.25
CA GLU LA 199 -73.42 5.22 -3.09
C GLU LA 199 -73.04 3.97 -2.30
N GLY LA 200 -72.87 4.09 -0.98
CA GLY LA 200 -72.51 2.95 -0.18
C GLY LA 200 -71.03 2.81 0.12
N ASN LA 201 -70.22 3.77 -0.28
CA ASN LA 201 -68.80 3.72 0.02
C ASN LA 201 -68.55 4.14 1.46
N GLU LA 202 -68.15 3.17 2.28
CA GLU LA 202 -67.84 3.46 3.67
C GLU LA 202 -66.62 4.36 3.75
N SER LA 203 -66.54 5.14 4.83
CA SER LA 203 -65.41 6.04 5.02
C SER LA 203 -65.29 6.38 6.50
N LEU LA 204 -64.14 6.91 6.87
CA LEU LA 204 -63.86 7.19 8.27
C LEU LA 204 -64.39 8.55 8.68
N VAL LA 205 -64.77 8.66 9.96
CA VAL LA 205 -65.05 9.93 10.59
C VAL LA 205 -64.38 9.94 11.95
N PRO LA 206 -63.93 11.09 12.44
CA PRO LA 206 -63.38 11.14 13.79
C PRO LA 206 -64.44 10.78 14.81
N ARG LA 207 -64.02 10.09 15.86
CA ARG LA 207 -64.93 9.71 16.93
C ARG LA 207 -64.30 10.05 18.27
N THR LA 208 -65.14 10.41 19.21
CA THR LA 208 -64.72 10.68 20.58
C THR LA 208 -65.64 9.96 21.53
N THR LA 209 -65.12 9.64 22.71
CA THR LA 209 -65.89 8.93 23.72
C THR LA 209 -66.30 9.90 24.82
N VAL LA 210 -67.59 9.96 25.10
CA VAL LA 210 -68.12 10.83 26.14
C VAL LA 210 -69.01 9.99 27.04
N GLY LA 211 -69.51 10.58 28.12
CA GLY LA 211 -70.36 9.87 29.03
C GLY LA 211 -69.68 9.56 30.35
N SER LA 212 -70.50 9.26 31.35
CA SER LA 212 -69.98 9.06 32.70
C SER LA 212 -69.07 7.85 32.78
N SER LA 213 -69.44 6.75 32.10
CA SER LA 213 -68.67 5.53 32.12
C SER LA 213 -67.96 5.29 30.79
N ASN LA 214 -67.82 6.33 29.98
CA ASN LA 214 -67.26 6.21 28.64
C ASN LA 214 -68.06 5.20 27.81
N ASN LA 215 -69.38 5.27 27.93
CA ASN LA 215 -70.28 4.34 27.26
C ASN LA 215 -71.01 4.98 26.10
N ILE LA 216 -70.56 6.13 25.62
CA ILE LA 216 -71.21 6.82 24.51
C ILE LA 216 -70.15 7.22 23.50
N ILE LA 217 -70.29 6.72 22.28
CA ILE LA 217 -69.47 7.17 21.16
C ILE LA 217 -70.17 8.34 20.52
N ALA LA 218 -69.43 9.41 20.29
CA ALA LA 218 -69.95 10.60 19.65
C ALA LA 218 -69.17 10.84 18.37
N VAL LA 219 -69.84 10.71 17.25
CA VAL LA 219 -69.22 11.00 15.96
C VAL LA 219 -69.52 12.45 15.62
N HIS LA 220 -68.69 13.02 14.75
CA HIS LA 220 -68.75 14.45 14.49
C HIS LA 220 -69.43 14.78 13.17
N LYS LA 221 -70.51 14.06 12.85
CA LYS LA 221 -71.19 14.30 11.59
C LYS LA 221 -72.66 13.97 11.80
N VAL LA 222 -73.51 14.50 10.93
CA VAL LA 222 -74.94 14.20 10.92
C VAL LA 222 -75.28 13.67 9.53
N ASN LA 223 -75.56 12.37 9.44
CA ASN LA 223 -75.71 11.73 8.15
C ASN LA 223 -76.95 10.86 8.12
N PRO LA 224 -77.59 10.73 6.96
CA PRO LA 224 -78.74 9.83 6.87
C PRO LA 224 -78.41 8.37 7.07
N LYS LA 225 -77.14 7.98 6.97
CA LYS LA 225 -76.78 6.58 7.11
C LYS LA 225 -75.54 6.45 7.98
N TRP LA 226 -75.41 5.29 8.62
CA TRP LA 226 -74.23 4.92 9.38
C TRP LA 226 -74.04 3.43 9.32
N MET LA 227 -72.82 2.97 9.55
CA MET LA 227 -72.48 1.56 9.52
C MET LA 227 -71.76 1.19 10.80
N ILE LA 228 -72.12 0.05 11.37
CA ILE LA 228 -71.53 -0.44 12.61
C ILE LA 228 -70.95 -1.82 12.32
N ARG LA 229 -69.70 -2.02 12.71
CA ARG LA 229 -69.02 -3.29 12.50
C ARG LA 229 -68.28 -3.71 13.76
N LEU LA 230 -68.18 -5.02 13.97
CA LEU LA 230 -67.31 -5.60 14.97
C LEU LA 230 -67.01 -7.02 14.52
N GLY LA 231 -65.74 -7.32 14.29
CA GLY LA 231 -65.38 -8.62 13.77
C GLY LA 231 -66.06 -8.89 12.45
N ASN LA 232 -66.72 -10.04 12.35
CA ASN LA 232 -67.43 -10.42 11.13
C ASN LA 232 -68.94 -10.22 11.28
N ARG LA 233 -69.33 -9.17 12.00
CA ARG LA 233 -70.74 -8.84 12.20
C ARG LA 233 -70.96 -7.41 11.78
N ALA LA 234 -72.14 -7.12 11.23
CA ALA LA 234 -72.42 -5.81 10.68
C ALA LA 234 -73.81 -5.35 11.13
N LEU LA 235 -74.01 -4.04 11.08
CA LEU LA 235 -75.26 -3.43 11.48
C LEU LA 235 -75.28 -2.01 10.96
N ALA LA 236 -76.45 -1.55 10.52
CA ALA LA 236 -76.58 -0.25 9.88
C ALA LA 236 -77.57 0.62 10.63
N ILE LA 237 -77.32 1.93 10.62
CA ILE LA 237 -78.19 2.91 11.26
C ILE LA 237 -78.69 3.88 10.20
N PHE LA 238 -80.01 4.02 10.11
CA PHE LA 238 -80.65 4.92 9.17
C PHE LA 238 -81.22 6.11 9.94
N ASN LA 239 -80.91 7.31 9.51
CA ASN LA 239 -81.53 8.50 10.08
C ASN LA 239 -82.81 8.77 9.29
N GLU LA 240 -83.93 8.30 9.82
CA GLU LA 240 -85.21 8.39 9.12
C GLU LA 240 -85.69 9.83 8.95
N ALA LA 241 -85.07 10.79 9.65
CA ALA LA 241 -85.48 12.18 9.58
C ALA LA 241 -84.26 13.07 9.40
N TYR LA 242 -83.41 12.71 8.43
CA TYR LA 242 -82.21 13.47 8.17
C TYR LA 242 -82.54 14.91 7.83
N ASP LA 243 -81.82 15.85 8.45
CA ASP LA 243 -82.10 17.26 8.25
C ASP LA 243 -81.04 17.85 7.34
N PRO LA 244 -81.38 18.22 6.10
CA PRO LA 244 -80.37 18.81 5.21
C PRO LA 244 -79.88 20.16 5.66
N ASN LA 245 -80.76 20.99 6.22
CA ASN LA 245 -80.39 22.35 6.55
C ASN LA 245 -79.34 22.38 7.65
N GLY LA 246 -79.58 21.67 8.75
CA GLY LA 246 -78.67 21.72 9.86
C GLY LA 246 -78.71 23.09 10.54
N VAL LA 247 -77.88 23.23 11.57
CA VAL LA 247 -77.74 24.46 12.32
C VAL LA 247 -76.36 25.04 12.04
N PRO LA 248 -76.26 26.27 11.54
CA PRO LA 248 -74.95 26.82 11.20
C PRO LA 248 -74.04 26.90 12.41
N ASN LA 249 -72.77 26.60 12.19
CA ASN LA 249 -71.76 26.64 13.26
C ASN LA 249 -71.03 27.96 13.13
N ASP LA 250 -71.69 29.04 13.54
CA ASP LA 250 -71.15 30.38 13.41
C ASP LA 250 -70.21 30.76 14.55
N THR LA 251 -70.26 30.05 15.67
CA THR LA 251 -69.37 30.33 16.78
C THR LA 251 -68.02 29.64 16.66
N GLY LA 252 -67.88 28.70 15.75
CA GLY LA 252 -66.63 28.00 15.57
C GLY LA 252 -66.27 27.02 16.65
N THR LA 253 -67.25 26.51 17.40
CA THR LA 253 -66.99 25.50 18.41
C THR LA 253 -68.25 24.71 18.70
N ALA LA 254 -68.16 23.85 19.72
CA ALA LA 254 -69.23 22.91 20.02
C ALA LA 254 -70.49 23.57 20.54
N SER LA 255 -70.42 24.80 21.04
CA SER LA 255 -71.60 25.40 21.63
C SER LA 255 -71.87 26.77 21.05
N PRO LA 256 -73.13 27.19 20.97
CA PRO LA 256 -73.46 28.54 20.50
C PRO LA 256 -73.16 29.64 21.50
N ALA LA 257 -72.50 29.32 22.62
CA ALA LA 257 -72.25 30.29 23.68
C ALA LA 257 -70.77 30.58 23.89
N VAL LA 258 -69.89 29.91 23.14
CA VAL LA 258 -68.45 30.05 23.33
C VAL LA 258 -67.85 30.49 22.00
N ARG LA 259 -67.08 31.57 22.02
CA ARG LA 259 -66.47 32.06 20.79
C ARG LA 259 -65.05 31.55 20.64
N ARG LA 260 -64.62 31.44 19.39
CA ARG LA 260 -63.24 31.11 19.05
C ARG LA 260 -62.57 32.39 18.60
N VAL LA 261 -61.71 32.95 19.44
CA VAL LA 261 -61.09 34.24 19.15
C VAL LA 261 -59.61 34.02 18.87
N ASN LA 262 -59.10 34.82 17.93
CA ASN LA 262 -57.75 34.63 17.41
C ASN LA 262 -56.75 35.19 18.41
N LYS LA 263 -56.04 34.31 19.10
CA LYS LA 263 -55.00 34.79 20.01
C LYS LA 263 -53.79 35.28 19.24
N GLY LA 264 -53.41 34.58 18.17
CA GLY LA 264 -52.23 34.94 17.42
C GLY LA 264 -52.23 36.36 16.91
N GLY LA 265 -53.40 36.89 16.57
CA GLY LA 265 -53.50 38.26 16.09
C GLY LA 265 -52.58 38.54 14.92
N ASN LA 266 -51.53 39.31 15.19
CA ASN LA 266 -50.44 39.55 14.23
C ASN LA 266 -50.95 40.28 12.99
N CYS MA 17 -58.76 -11.82 -11.77
CA CYS MA 17 -59.90 -12.72 -11.69
C CYS MA 17 -60.42 -12.80 -10.26
N ALA MA 18 -59.54 -12.54 -9.31
CA ALA MA 18 -59.90 -12.53 -7.90
C ALA MA 18 -59.34 -11.25 -7.27
N SER MA 19 -60.17 -10.59 -6.45
CA SER MA 19 -59.79 -9.34 -5.80
C SER MA 19 -60.13 -9.43 -4.32
N ALA MA 20 -59.98 -8.30 -3.65
CA ALA MA 20 -60.22 -8.26 -2.21
C ALA MA 20 -61.67 -8.61 -1.91
N PRO MA 21 -61.93 -9.52 -0.98
CA PRO MA 21 -63.31 -9.79 -0.58
C PRO MA 21 -63.89 -8.58 0.14
N LYS MA 22 -65.17 -8.36 -0.05
CA LYS MA 22 -65.78 -7.23 0.62
C LYS MA 22 -66.27 -7.65 2.01
N PRO MA 23 -66.26 -6.73 2.96
CA PRO MA 23 -66.77 -7.05 4.30
C PRO MA 23 -68.26 -7.30 4.26
N LYS MA 24 -68.74 -8.01 5.28
CA LYS MA 24 -70.13 -8.46 5.29
C LYS MA 24 -71.08 -7.28 5.17
N GLN MA 25 -72.03 -7.40 4.28
CA GLN MA 25 -73.04 -6.37 4.06
C GLN MA 25 -74.22 -6.61 5.00
N PRO MA 26 -74.74 -5.59 5.66
CA PRO MA 26 -75.88 -5.79 6.55
C PRO MA 26 -77.15 -6.07 5.76
N SER MA 27 -77.94 -7.01 6.29
CA SER MA 27 -79.21 -7.34 5.67
C SER MA 27 -80.20 -6.20 5.87
N ASP MA 28 -81.11 -6.05 4.91
CA ASP MA 28 -82.15 -5.03 4.97
C ASP MA 28 -83.54 -5.61 5.17
N PHE MA 29 -83.64 -6.66 5.99
CA PHE MA 29 -84.93 -7.24 6.33
C PHE MA 29 -85.45 -6.79 7.68
N ASN MA 30 -84.69 -7.02 8.74
CA ASN MA 30 -85.11 -6.63 10.09
C ASN MA 30 -84.74 -5.17 10.37
N ARG MA 31 -85.70 -4.31 10.09
CA ARG MA 31 -85.56 -2.88 10.35
C ARG MA 31 -86.45 -2.48 11.51
N GLU MA 32 -85.84 -2.00 12.59
CA GLU MA 32 -86.55 -1.72 13.82
C GLU MA 32 -86.09 -0.39 14.40
N PRO MA 33 -86.92 0.26 15.21
CA PRO MA 33 -86.47 1.45 15.92
C PRO MA 33 -85.33 1.11 16.87
N VAL MA 34 -84.40 2.05 17.01
CA VAL MA 34 -83.23 1.81 17.86
C VAL MA 34 -83.52 2.25 19.28
N ASN MA 35 -84.37 3.25 19.44
CA ASN MA 35 -84.61 3.88 20.74
C ASN MA 35 -85.82 3.21 21.38
N LYS MA 36 -85.58 2.16 22.14
CA LYS MA 36 -86.66 1.55 22.90
C LYS MA 36 -87.19 2.50 23.96
N THR MA 37 -86.32 3.29 24.57
CA THR MA 37 -86.71 4.29 25.55
C THR MA 37 -86.09 5.63 25.17
N VAL MA 38 -86.67 6.69 25.69
CA VAL MA 38 -86.05 8.01 25.52
C VAL MA 38 -84.79 8.05 26.36
N PRO MA 39 -83.62 8.27 25.77
CA PRO MA 39 -82.38 8.18 26.53
C PRO MA 39 -82.27 9.30 27.55
N VAL MA 40 -81.81 8.93 28.75
CA VAL MA 40 -81.81 9.87 29.87
C VAL MA 40 -80.83 11.01 29.67
N GLU MA 41 -79.95 10.93 28.67
CA GLU MA 41 -79.00 12.01 28.44
C GLU MA 41 -79.65 13.18 27.73
N ILE MA 42 -80.92 13.05 27.35
CA ILE MA 42 -81.70 14.18 26.85
C ILE MA 42 -82.34 14.85 28.06
N GLN MA 43 -81.92 14.44 29.26
CA GLN MA 43 -82.55 14.87 30.51
C GLN MA 43 -84.03 14.51 30.53
N ARG MA 44 -84.33 13.30 30.06
CA ARG MA 44 -85.69 12.80 30.01
C ARG MA 44 -85.78 11.42 30.63
N LYS NA 135 -5.70 49.48 67.56
CA LYS NA 135 -6.29 48.44 66.73
C LYS NA 135 -7.24 47.56 67.54
N THR NA 136 -8.37 48.13 67.93
CA THR NA 136 -9.36 47.40 68.71
C THR NA 136 -9.92 46.25 67.86
N PRO NA 137 -10.26 45.12 68.48
CA PRO NA 137 -10.72 43.97 67.68
C PRO NA 137 -11.97 44.26 66.87
N TYR NA 138 -12.83 45.17 67.33
CA TYR NA 138 -13.97 45.56 66.52
C TYR NA 138 -13.50 46.22 65.22
N GLU NA 139 -12.49 47.09 65.31
CA GLU NA 139 -11.94 47.71 64.12
C GLU NA 139 -11.40 46.67 63.14
N LEU NA 140 -10.60 45.73 63.65
CA LEU NA 140 -10.01 44.72 62.77
C LEU NA 140 -11.08 43.84 62.14
N ALA NA 141 -12.09 43.46 62.94
CA ALA NA 141 -13.19 42.68 62.40
C ALA NA 141 -13.93 43.46 61.32
N ARG NA 142 -14.11 44.76 61.52
CA ARG NA 142 -14.76 45.58 60.51
C ARG NA 142 -13.95 45.64 59.23
N GLU NA 143 -12.63 45.84 59.35
CA GLU NA 143 -11.80 45.90 58.15
C GLU NA 143 -11.85 44.59 57.38
N ARG NA 144 -11.62 43.47 58.06
CA ARG NA 144 -11.69 42.17 57.40
C ARG NA 144 -13.09 41.92 56.84
N MET NA 145 -14.11 42.40 57.56
CA MET NA 145 -15.50 42.24 57.14
C MET NA 145 -15.76 42.93 55.82
N LEU NA 146 -15.22 44.14 55.66
CA LEU NA 146 -15.33 44.83 54.38
C LEU NA 146 -14.43 44.19 53.33
N ARG NA 147 -13.35 43.53 53.76
CA ARG NA 147 -12.53 42.80 52.79
C ARG NA 147 -13.27 41.60 52.23
N SER NA 148 -14.20 41.04 53.00
CA SER NA 148 -14.78 39.75 52.68
C SER NA 148 -15.48 39.76 51.33
N GLY NA 149 -15.22 38.72 50.54
CA GLY NA 149 -15.96 38.49 49.32
C GLY NA 149 -17.31 37.86 49.61
N LEU NA 150 -17.97 37.43 48.54
CA LEU NA 150 -19.30 36.84 48.68
C LEU NA 150 -19.22 35.37 49.09
N THR NA 151 -18.36 34.61 48.44
CA THR NA 151 -18.14 33.21 48.80
C THR NA 151 -16.66 32.92 48.86
N ALA NA 152 -16.27 31.98 49.72
CA ALA NA 152 -14.89 31.54 49.77
C ALA NA 152 -14.65 30.49 48.69
N GLY NA 153 -13.59 30.67 47.92
CA GLY NA 153 -13.28 29.75 46.84
C GLY NA 153 -14.27 29.81 45.70
N GLY NA 177 12.65 -33.24 20.50
CA GLY NA 177 12.45 -32.07 19.66
C GLY NA 177 11.02 -31.94 19.17
N GLY NA 178 10.83 -31.09 18.17
CA GLY NA 178 9.50 -30.88 17.62
C GLY NA 178 9.22 -31.76 16.43
N GLY NA 179 10.12 -32.69 16.16
CA GLY NA 179 9.97 -33.61 15.06
C GLY NA 179 8.84 -34.59 15.30
N GLY NA 180 8.53 -35.36 14.25
CA GLY NA 180 7.41 -36.26 14.30
C GLY NA 180 6.12 -35.51 14.56
N GLY NA 181 5.95 -34.40 13.86
CA GLY NA 181 4.88 -33.47 14.19
C GLY NA 181 3.53 -34.14 14.31
N GLU NA 182 3.18 -34.96 13.33
CA GLU NA 182 1.86 -35.58 13.34
C GLU NA 182 1.73 -36.55 14.51
N LEU NA 183 2.69 -37.45 14.67
CA LEU NA 183 2.62 -38.37 15.80
C LEU NA 183 2.84 -37.63 17.12
N ALA NA 184 3.53 -36.50 17.08
CA ALA NA 184 3.65 -35.72 18.31
C ALA NA 184 2.36 -34.97 18.60
N GLU NA 185 1.86 -34.19 17.64
CA GLU NA 185 0.65 -33.42 17.84
C GLU NA 185 -0.54 -34.27 18.24
N LYS NA 186 -0.74 -35.43 17.62
CA LYS NA 186 -1.80 -36.30 18.07
C LYS NA 186 -1.55 -36.88 19.45
N LEU NA 187 -0.35 -36.75 19.99
CA LEU NA 187 -0.05 -37.25 21.33
C LEU NA 187 0.08 -36.14 22.35
N GLN NA 188 -0.33 -34.92 22.01
CA GLN NA 188 -0.39 -33.87 23.01
C GLN NA 188 -1.42 -34.24 24.07
N PRO NA 189 -1.11 -34.10 25.35
CA PRO NA 189 -2.08 -34.48 26.37
C PRO NA 189 -3.25 -33.51 26.39
N MET NA 190 -4.36 -33.99 26.90
CA MET NA 190 -5.51 -33.16 27.20
C MET NA 190 -5.69 -33.17 28.71
N ARG NA 191 -5.35 -32.06 29.35
CA ARG NA 191 -5.38 -31.96 30.81
C ARG NA 191 -6.62 -31.16 31.19
N LEU NA 192 -7.48 -31.77 31.99
CA LEU NA 192 -8.77 -31.21 32.36
C LEU NA 192 -8.75 -30.80 33.82
N SER NA 193 -9.16 -29.57 34.09
CA SER NA 193 -9.11 -29.02 35.44
C SER NA 193 -10.01 -29.81 36.37
N GLY NA 194 -9.58 -29.92 37.63
CA GLY NA 194 -10.40 -30.54 38.64
C GLY NA 194 -11.56 -29.64 39.05
N SER NA 195 -12.46 -30.22 39.83
CA SER NA 195 -13.62 -29.49 40.32
C SER NA 195 -13.92 -29.87 41.75
N SER NA 196 -14.50 -28.92 42.48
CA SER NA 196 -14.73 -29.02 43.90
C SER NA 196 -16.21 -28.87 44.20
N ALA NA 197 -16.69 -29.57 45.22
CA ALA NA 197 -18.11 -29.57 45.52
C ALA NA 197 -18.48 -28.39 46.41
N GLY NA 198 -19.33 -27.51 45.90
CA GLY NA 198 -19.94 -26.46 46.67
C GLY NA 198 -21.16 -26.95 47.43
N ARG NA 199 -22.00 -26.00 47.82
CA ARG NA 199 -23.27 -26.34 48.46
C ARG NA 199 -24.26 -25.21 48.26
N LEU NA 200 -25.53 -25.58 48.13
CA LEU NA 200 -26.58 -24.61 47.95
C LEU NA 200 -26.81 -23.83 49.23
N GLY NA 201 -27.16 -22.55 49.08
CA GLY NA 201 -27.35 -21.69 50.23
C GLY NA 201 -28.58 -22.01 51.05
N ASN NA 202 -29.76 -21.81 50.47
CA ASN NA 202 -31.03 -22.08 51.16
C ASN NA 202 -31.92 -22.87 50.21
N ARG NA 203 -32.21 -24.12 50.56
CA ARG NA 203 -32.98 -24.99 49.70
C ARG NA 203 -34.47 -24.74 49.77
N ASP NA 204 -34.91 -23.72 50.50
CA ASP NA 204 -36.34 -23.41 50.54
C ASP NA 204 -36.71 -22.22 49.67
N MET NA 205 -35.78 -21.31 49.40
CA MET NA 205 -36.03 -20.15 48.57
C MET NA 205 -35.34 -20.26 47.22
N LEU NA 206 -34.99 -21.48 46.80
CA LEU NA 206 -34.16 -21.63 45.63
C LEU NA 206 -34.68 -22.76 44.75
N ILE NA 207 -34.76 -22.51 43.45
CA ILE NA 207 -35.19 -23.48 42.47
C ILE NA 207 -33.97 -23.92 41.67
N THR NA 208 -33.60 -25.18 41.78
CA THR NA 208 -32.42 -25.69 41.10
C THR NA 208 -32.64 -25.76 39.60
N GLN NA 209 -31.53 -25.77 38.87
CA GLN NA 209 -31.57 -25.93 37.43
C GLN NA 209 -32.26 -27.23 37.05
N GLY NA 210 -33.04 -27.18 35.99
CA GLY NA 210 -33.66 -28.38 35.45
C GLY NA 210 -35.01 -28.73 36.03
N THR NA 211 -35.54 -27.94 36.96
CA THR NA 211 -36.89 -28.17 37.46
C THR NA 211 -37.89 -27.81 36.39
N GLN NA 212 -38.98 -28.56 36.32
CA GLN NA 212 -39.93 -28.47 35.22
C GLN NA 212 -41.06 -27.52 35.57
N LEU NA 213 -41.16 -26.42 34.84
CA LEU NA 213 -42.31 -25.53 34.92
C LEU NA 213 -43.28 -25.92 33.82
N ASP NA 214 -44.41 -26.50 34.23
CA ASP NA 214 -45.36 -27.07 33.29
C ASP NA 214 -46.58 -26.16 33.11
N CYS NA 215 -46.44 -25.17 32.25
CA CYS NA 215 -47.48 -24.19 32.03
C CYS NA 215 -48.33 -24.59 30.83
N VAL NA 216 -49.39 -23.82 30.58
CA VAL NA 216 -50.30 -24.06 29.46
C VAL NA 216 -50.31 -22.83 28.59
N LEU NA 217 -50.21 -23.03 27.28
CA LEU NA 217 -50.11 -21.91 26.35
C LEU NA 217 -51.41 -21.13 26.33
N GLU NA 218 -51.30 -19.81 26.21
CA GLU NA 218 -52.48 -18.98 26.03
C GLU NA 218 -52.75 -18.69 24.56
N THR NA 219 -51.79 -18.05 23.88
CA THR NA 219 -52.03 -17.59 22.52
C THR NA 219 -51.58 -18.62 21.51
N ARG NA 220 -52.35 -18.72 20.42
CA ARG NA 220 -52.01 -19.57 19.31
C ARG NA 220 -50.72 -19.07 18.69
N LEU NA 221 -49.87 -20.00 18.26
CA LEU NA 221 -48.51 -19.70 17.88
C LEU NA 221 -48.35 -19.83 16.36
N VAL NA 222 -47.98 -18.74 15.71
CA VAL NA 222 -47.67 -18.72 14.28
C VAL NA 222 -46.31 -18.10 14.11
N THR NA 223 -45.45 -18.76 13.35
CA THR NA 223 -44.05 -18.40 13.25
C THR NA 223 -43.74 -17.51 12.05
N THR NA 224 -44.76 -17.04 11.35
CA THR NA 224 -44.51 -16.25 10.14
C THR NA 224 -43.80 -14.94 10.48
N GLN NA 225 -44.17 -14.33 11.57
CA GLN NA 225 -43.49 -13.13 12.00
C GLN NA 225 -43.01 -13.28 13.44
N PRO NA 226 -41.91 -12.65 13.81
CA PRO NA 226 -41.43 -12.75 15.18
C PRO NA 226 -42.34 -11.96 16.11
N GLY NA 227 -42.75 -12.61 17.20
CA GLY NA 227 -43.64 -11.98 18.13
C GLY NA 227 -43.36 -12.45 19.54
N MET NA 228 -44.39 -12.45 20.36
CA MET NA 228 -44.27 -12.88 21.75
C MET NA 228 -45.34 -13.90 22.06
N THR NA 229 -45.12 -14.67 23.11
CA THR NA 229 -46.05 -15.69 23.57
C THR NA 229 -46.56 -15.33 24.95
N THR NA 230 -47.36 -16.23 25.51
CA THR NA 230 -47.89 -16.07 26.86
C THR NA 230 -48.42 -17.40 27.33
N CYS NA 231 -48.01 -17.84 28.52
CA CYS NA 231 -48.54 -19.06 29.07
C CYS NA 231 -48.71 -18.93 30.57
N HIS NA 232 -49.60 -19.74 31.12
CA HIS NA 232 -49.94 -19.72 32.54
C HIS NA 232 -49.66 -21.08 33.14
N LEU NA 233 -49.13 -21.09 34.36
CA LEU NA 233 -48.79 -22.35 35.00
C LEU NA 233 -50.05 -23.11 35.36
N THR NA 234 -49.88 -24.39 35.71
CA THR NA 234 -51.02 -25.21 36.08
C THR NA 234 -50.81 -25.95 37.39
N ARG NA 235 -49.61 -25.87 37.96
CA ARG NA 235 -49.33 -26.50 39.24
C ARG NA 235 -48.45 -25.59 40.06
N ASP NA 236 -48.59 -25.71 41.37
CA ASP NA 236 -47.70 -24.99 42.26
C ASP NA 236 -46.29 -25.51 42.10
N VAL NA 237 -45.33 -24.59 42.01
CA VAL NA 237 -43.93 -24.94 41.82
C VAL NA 237 -43.27 -24.95 43.19
N TYR NA 238 -42.99 -26.13 43.69
CA TYR NA 238 -42.45 -26.29 45.02
C TYR NA 238 -40.94 -26.09 45.03
N SER NA 239 -40.42 -25.70 46.19
CA SER NA 239 -38.98 -25.55 46.32
C SER NA 239 -38.30 -26.90 46.23
N THR NA 240 -37.00 -26.87 45.96
CA THR NA 240 -36.26 -28.12 45.80
C THR NA 240 -36.33 -28.96 47.06
N SER NA 241 -36.43 -28.33 48.22
CA SER NA 241 -36.69 -29.08 49.44
C SER NA 241 -38.09 -29.66 49.47
N GLY NA 242 -38.96 -29.22 48.56
CA GLY NA 242 -40.32 -29.71 48.55
C GLY NA 242 -41.12 -29.30 49.77
N ARG NA 243 -40.97 -28.05 50.21
CA ARG NA 243 -41.69 -27.58 51.39
C ARG NA 243 -42.29 -26.20 51.26
N VAL NA 244 -42.09 -25.49 50.16
CA VAL NA 244 -42.58 -24.13 50.02
C VAL NA 244 -43.17 -23.95 48.64
N VAL NA 245 -44.28 -23.23 48.55
CA VAL NA 245 -44.80 -22.78 47.25
C VAL NA 245 -43.99 -21.58 46.82
N LEU NA 246 -43.41 -21.64 45.63
CA LEU NA 246 -42.64 -20.49 45.18
C LEU NA 246 -43.32 -19.74 44.05
N LEU NA 247 -44.16 -20.41 43.29
CA LEU NA 247 -44.87 -19.77 42.19
C LEU NA 247 -46.30 -20.30 42.19
N ASP NA 248 -47.26 -19.43 42.50
CA ASP NA 248 -48.64 -19.87 42.57
C ASP NA 248 -49.14 -20.30 41.20
N ARG NA 249 -49.90 -21.38 41.19
CA ARG NA 249 -50.52 -21.81 39.94
C ARG NA 249 -51.41 -20.70 39.40
N GLY NA 250 -51.33 -20.49 38.10
CA GLY NA 250 -51.94 -19.32 37.50
C GLY NA 250 -50.97 -18.18 37.30
N SER NA 251 -49.71 -18.35 37.66
CA SER NA 251 -48.72 -17.33 37.39
C SER NA 251 -48.57 -17.12 35.89
N LYS NA 252 -48.25 -15.90 35.50
CA LYS NA 252 -48.21 -15.51 34.10
C LYS NA 252 -46.77 -15.50 33.62
N VAL NA 253 -46.54 -16.13 32.46
CA VAL NA 253 -45.21 -16.25 31.88
C VAL NA 253 -45.23 -15.63 30.50
N VAL NA 254 -44.30 -14.72 30.24
CA VAL NA 254 -44.13 -14.10 28.94
C VAL NA 254 -42.94 -14.75 28.25
N GLY NA 255 -43.03 -14.93 26.95
CA GLY NA 255 -41.91 -15.44 26.18
C GLY NA 255 -41.97 -15.02 24.73
N PHE NA 256 -40.89 -15.24 24.00
CA PHE NA 256 -40.83 -14.81 22.62
C PHE NA 256 -40.02 -15.81 21.81
N TYR NA 257 -39.97 -15.55 20.50
CA TYR NA 257 -39.29 -16.39 19.53
C TYR NA 257 -38.96 -15.53 18.33
N GLN NA 258 -38.04 -15.98 17.50
CA GLN NA 258 -37.67 -15.14 16.37
C GLN NA 258 -37.01 -16.00 15.30
N GLY NA 259 -36.98 -15.46 14.09
CA GLY NA 259 -36.20 -16.00 13.01
C GLY NA 259 -36.89 -17.02 12.14
N GLY NA 260 -37.96 -17.62 12.62
CA GLY NA 260 -38.63 -18.60 11.80
C GLY NA 260 -37.84 -19.90 11.71
N LEU NA 261 -38.29 -20.74 10.79
CA LEU NA 261 -37.75 -22.09 10.63
C LEU NA 261 -36.84 -22.15 9.42
N ARG NA 262 -35.91 -23.09 9.46
CA ARG NA 262 -35.16 -23.50 8.28
C ARG NA 262 -35.78 -24.77 7.73
N GLN NA 263 -35.60 -24.99 6.43
CA GLN NA 263 -36.25 -26.11 5.77
C GLN NA 263 -35.97 -27.40 6.52
N GLY NA 264 -36.97 -28.29 6.53
CA GLY NA 264 -36.82 -29.58 7.15
C GLY NA 264 -37.01 -29.61 8.65
N GLN NA 265 -36.83 -28.47 9.33
CA GLN NA 265 -37.04 -28.42 10.77
C GLN NA 265 -38.52 -28.58 11.06
N ALA NA 266 -38.83 -28.99 12.29
CA ALA NA 266 -40.22 -29.20 12.69
C ALA NA 266 -40.55 -28.60 14.04
N ARG NA 267 -39.65 -27.81 14.62
CA ARG NA 267 -39.88 -27.22 15.94
C ARG NA 267 -39.23 -25.85 15.99
N ILE NA 268 -39.85 -24.92 16.71
CA ILE NA 268 -39.32 -23.57 16.85
C ILE NA 268 -38.91 -23.37 18.30
N PHE NA 269 -37.87 -22.57 18.50
CA PHE NA 269 -37.26 -22.43 19.82
C PHE NA 269 -37.74 -21.14 20.47
N VAL NA 270 -38.36 -21.25 21.64
CA VAL NA 270 -38.90 -20.10 22.34
C VAL NA 270 -38.16 -19.94 23.66
N GLN NA 271 -37.83 -18.69 23.98
CA GLN NA 271 -37.20 -18.34 25.24
C GLN NA 271 -38.23 -17.68 26.13
N TRP NA 272 -38.31 -18.12 27.37
CA TRP NA 272 -39.22 -17.51 28.33
C TRP NA 272 -38.50 -16.42 29.09
N SER NA 273 -39.12 -15.24 29.16
CA SER NA 273 -38.50 -14.09 29.81
C SER NA 273 -38.83 -13.98 31.29
N ARG NA 274 -40.10 -13.90 31.65
CA ARG NA 274 -40.43 -13.49 33.01
C ARG NA 274 -41.68 -14.19 33.50
N ILE NA 275 -41.75 -14.37 34.81
CA ILE NA 275 -42.87 -15.03 35.47
C ILE NA 275 -43.38 -14.11 36.57
N GLU NA 276 -44.70 -14.11 36.78
CA GLU NA 276 -45.34 -13.20 37.71
C GLU NA 276 -46.32 -13.95 38.57
N THR NA 277 -46.00 -14.10 39.84
CA THR NA 277 -47.05 -14.63 40.69
C THR NA 277 -48.10 -13.56 40.92
N PRO NA 278 -49.38 -13.92 40.94
CA PRO NA 278 -50.43 -12.94 41.26
C PRO NA 278 -50.11 -12.10 42.47
N SER NA 279 -49.37 -12.63 43.44
CA SER NA 279 -49.00 -11.87 44.63
C SER NA 279 -47.83 -10.93 44.37
N GLY NA 280 -47.52 -10.62 43.11
CA GLY NA 280 -46.55 -9.59 42.79
C GLY NA 280 -45.11 -10.03 42.71
N VAL NA 281 -44.83 -11.32 42.79
CA VAL NA 281 -43.47 -11.81 42.66
C VAL NA 281 -43.07 -11.77 41.20
N VAL NA 282 -41.96 -11.10 40.91
CA VAL NA 282 -41.40 -11.03 39.56
C VAL NA 282 -39.95 -11.49 39.62
N ILE NA 283 -39.62 -12.49 38.80
CA ILE NA 283 -38.26 -13.00 38.70
C ILE NA 283 -37.95 -13.25 37.24
N ASN NA 284 -36.72 -12.91 36.83
CA ASN NA 284 -36.30 -13.04 35.44
C ASN NA 284 -35.63 -14.39 35.27
N LEU NA 285 -36.35 -15.34 34.68
CA LEU NA 285 -35.77 -16.63 34.33
C LEU NA 285 -35.65 -16.67 32.81
N ASP NA 286 -34.51 -17.14 32.32
CA ASP NA 286 -34.30 -17.34 30.90
C ASP NA 286 -34.09 -18.83 30.68
N SER NA 287 -35.09 -19.48 30.12
CA SER NA 287 -35.01 -20.91 29.93
C SER NA 287 -35.70 -21.29 28.63
N PRO NA 288 -35.36 -22.44 28.05
CA PRO NA 288 -35.90 -22.79 26.75
C PRO NA 288 -37.25 -23.46 26.87
N GLY NA 289 -38.18 -23.05 26.00
CA GLY NA 289 -39.47 -23.69 25.92
C GLY NA 289 -39.32 -25.12 25.41
N THR NA 290 -40.22 -25.97 25.85
CA THR NA 290 -40.16 -27.39 25.48
C THR NA 290 -41.57 -27.88 25.19
N GLY NA 291 -41.66 -29.03 24.53
CA GLY NA 291 -42.93 -29.63 24.28
C GLY NA 291 -43.51 -30.27 25.52
N PRO NA 292 -44.56 -31.06 25.34
CA PRO NA 292 -45.20 -31.71 26.49
C PRO NA 292 -44.25 -32.59 27.27
N LEU NA 293 -43.28 -33.21 26.63
CA LEU NA 293 -42.38 -34.15 27.28
C LEU NA 293 -40.97 -33.60 27.47
N GLY NA 294 -40.83 -32.29 27.47
CA GLY NA 294 -39.52 -31.69 27.66
C GLY NA 294 -38.65 -31.68 26.44
N GLU NA 295 -39.14 -32.16 25.31
CA GLU NA 295 -38.37 -32.11 24.08
C GLU NA 295 -38.18 -30.66 23.64
N ALA NA 296 -36.98 -30.35 23.18
CA ALA NA 296 -36.61 -28.97 22.93
C ALA NA 296 -37.51 -28.36 21.87
N GLY NA 297 -37.83 -27.08 22.03
CA GLY NA 297 -38.60 -26.35 21.06
C GLY NA 297 -40.06 -26.78 21.02
N LEU NA 298 -40.91 -25.85 20.59
CA LEU NA 298 -42.33 -26.12 20.44
C LEU NA 298 -42.61 -26.61 19.03
N GLY NA 299 -43.45 -27.62 18.92
CA GLY NA 299 -43.76 -28.21 17.63
C GLY NA 299 -45.20 -28.67 17.54
N GLY NA 300 -45.78 -28.43 16.37
CA GLY NA 300 -47.17 -28.83 16.10
C GLY NA 300 -47.34 -29.19 14.66
N TRP NA 301 -48.40 -28.71 14.05
CA TRP NA 301 -48.65 -28.93 12.63
C TRP NA 301 -47.92 -27.87 11.81
N ILE NA 302 -47.47 -28.26 10.63
CA ILE NA 302 -46.55 -27.45 9.84
C ILE NA 302 -47.14 -27.21 8.46
N ASP NA 303 -46.70 -26.15 7.80
CA ASP NA 303 -47.13 -25.81 6.45
C ASP NA 303 -45.90 -25.69 5.57
N ARG NA 304 -45.71 -26.64 4.67
CA ARG NA 304 -44.52 -26.65 3.81
C ARG NA 304 -44.70 -25.84 2.55
N HIS NA 305 -45.87 -25.25 2.32
CA HIS NA 305 -46.12 -24.43 1.14
C HIS NA 305 -45.78 -25.18 -0.15
N PHE NA 306 -46.11 -26.46 -0.18
CA PHE NA 306 -45.78 -27.28 -1.34
C PHE NA 306 -46.33 -26.67 -2.62
N TRP NA 307 -47.60 -26.30 -2.60
CA TRP NA 307 -48.17 -25.65 -3.77
C TRP NA 307 -47.43 -24.37 -4.11
N GLU NA 308 -47.14 -23.55 -3.10
CA GLU NA 308 -46.41 -22.32 -3.41
C GLU NA 308 -45.00 -22.60 -3.90
N ARG NA 309 -44.37 -23.66 -3.42
CA ARG NA 309 -43.01 -23.97 -3.84
C ARG NA 309 -42.91 -24.50 -5.26
N PHE NA 310 -43.86 -25.34 -5.71
CA PHE NA 310 -43.71 -25.96 -7.02
C PHE NA 310 -44.77 -25.57 -8.04
N GLY NA 311 -45.69 -24.66 -7.72
CA GLY NA 311 -46.74 -24.35 -8.65
C GLY NA 311 -46.23 -23.71 -9.92
N GLY NA 312 -45.30 -22.76 -9.80
CA GLY NA 312 -44.77 -22.13 -10.99
C GLY NA 312 -44.17 -23.14 -11.94
N ALA NA 313 -43.31 -24.02 -11.44
CA ALA NA 313 -42.67 -25.01 -12.28
C ALA NA 313 -43.69 -25.95 -12.90
N ILE NA 314 -44.58 -26.53 -12.09
CA ILE NA 314 -45.53 -27.50 -12.64
C ILE NA 314 -46.39 -26.84 -13.70
N MET NA 315 -46.97 -25.68 -13.38
CA MET NA 315 -47.90 -25.06 -14.31
C MET NA 315 -47.20 -24.66 -15.60
N ILE NA 316 -45.98 -24.11 -15.51
CA ILE NA 316 -45.31 -23.66 -16.72
C ILE NA 316 -44.91 -24.85 -17.58
N SER NA 317 -44.49 -25.95 -16.94
CA SER NA 317 -44.15 -27.15 -17.70
C SER NA 317 -45.38 -27.69 -18.42
N LEU NA 318 -46.50 -27.78 -17.73
CA LEU NA 318 -47.71 -28.28 -18.38
C LEU NA 318 -48.17 -27.38 -19.49
N ILE NA 319 -48.09 -26.06 -19.31
CA ILE NA 319 -48.57 -25.18 -20.37
C ILE NA 319 -47.65 -25.28 -21.59
N GLY NA 320 -46.35 -25.43 -21.36
CA GLY NA 320 -45.46 -25.63 -22.49
C GLY NA 320 -45.77 -26.92 -23.23
N ASP NA 321 -45.95 -28.02 -22.49
CA ASP NA 321 -46.24 -29.29 -23.14
C ASP NA 321 -47.57 -29.25 -23.87
N LEU NA 322 -48.58 -28.60 -23.30
CA LEU NA 322 -49.87 -28.50 -23.97
C LEU NA 322 -49.77 -27.64 -25.23
N GLY NA 323 -48.99 -26.57 -25.19
CA GLY NA 323 -48.76 -25.79 -26.39
C GLY NA 323 -48.09 -26.61 -27.47
N ASP NA 324 -47.10 -27.41 -27.09
CA ASP NA 324 -46.45 -28.28 -28.07
C ASP NA 324 -47.40 -29.33 -28.61
N TRP NA 325 -48.31 -29.83 -27.76
CA TRP NA 325 -49.32 -30.77 -28.20
C TRP NA 325 -50.26 -30.13 -29.22
N ALA NA 326 -50.66 -28.89 -28.97
CA ALA NA 326 -51.51 -28.19 -29.91
C ALA NA 326 -50.76 -27.93 -31.22
N SER NA 327 -49.47 -27.66 -31.14
CA SER NA 327 -48.68 -27.48 -32.36
C SER NA 327 -48.60 -28.77 -33.15
N ARG NA 328 -48.23 -29.87 -32.49
CA ARG NA 328 -48.08 -31.14 -33.19
C ARG NA 328 -49.42 -31.69 -33.65
N GLN NA 329 -50.52 -31.16 -33.11
CA GLN NA 329 -51.83 -31.48 -33.64
C GLN NA 329 -52.13 -30.75 -34.94
N GLY NA 330 -51.13 -30.07 -35.51
CA GLY NA 330 -51.32 -29.39 -36.78
C GLY NA 330 -51.70 -30.35 -37.90
N SER NA 331 -51.09 -31.52 -37.93
CA SER NA 331 -51.35 -32.52 -38.96
C SER NA 331 -52.82 -32.94 -38.98
N SER NA 349 -33.97 -23.00 -19.16
CA SER NA 349 -35.36 -23.43 -19.24
C SER NA 349 -36.25 -22.67 -18.25
N ALA NA 350 -37.43 -22.28 -18.72
CA ALA NA 350 -38.31 -21.45 -17.92
C ALA NA 350 -38.72 -22.15 -16.63
N ALA NA 351 -39.01 -23.45 -16.71
CA ALA NA 351 -39.44 -24.18 -15.53
C ALA NA 351 -38.37 -24.13 -14.45
N ALA NA 352 -37.13 -24.46 -14.80
CA ALA NA 352 -36.05 -24.42 -13.83
C ALA NA 352 -35.85 -23.01 -13.31
N GLU NA 353 -35.97 -22.01 -14.19
CA GLU NA 353 -35.80 -20.63 -13.75
C GLU NA 353 -36.83 -20.28 -12.68
N ALA NA 354 -38.08 -20.69 -12.88
CA ALA NA 354 -39.11 -20.39 -11.89
C ALA NA 354 -38.85 -21.12 -10.59
N LEU NA 355 -38.57 -22.42 -10.67
CA LEU NA 355 -38.46 -23.19 -9.44
C LEU NA 355 -37.25 -22.74 -8.63
N ARG NA 356 -36.22 -22.22 -9.30
CA ARG NA 356 -35.06 -21.70 -8.58
C ARG NA 356 -35.45 -20.62 -7.59
N ASN NA 357 -36.33 -19.71 -7.98
CA ASN NA 357 -36.71 -18.63 -7.09
C ASN NA 357 -37.90 -18.99 -6.21
N SER NA 358 -38.64 -20.05 -6.55
CA SER NA 358 -39.78 -20.44 -5.74
C SER NA 358 -39.50 -21.67 -4.88
N ILE NA 359 -38.25 -22.09 -4.75
CA ILE NA 359 -37.98 -23.29 -3.96
C ILE NA 359 -37.66 -22.96 -2.50
N ASN NA 360 -37.03 -21.83 -2.24
CA ASN NA 360 -36.47 -21.56 -0.92
C ASN NA 360 -37.42 -20.72 -0.07
N ILE NA 361 -38.62 -21.24 0.14
CA ILE NA 361 -39.61 -20.65 1.01
C ILE NA 361 -39.63 -21.45 2.31
N PRO NA 362 -39.20 -20.86 3.44
CA PRO NA 362 -39.13 -21.64 4.67
C PRO NA 362 -40.51 -22.06 5.12
N PRO NA 363 -40.62 -23.19 5.80
CA PRO NA 363 -41.94 -23.63 6.28
C PRO NA 363 -42.44 -22.75 7.41
N THR NA 364 -43.70 -22.97 7.76
CA THR NA 364 -44.38 -22.21 8.81
C THR NA 364 -44.92 -23.20 9.84
N LEU NA 365 -44.87 -22.82 11.11
CA LEU NA 365 -45.37 -23.67 12.18
C LEU NA 365 -46.65 -23.07 12.76
N TYR NA 366 -47.68 -23.91 12.86
CA TYR NA 366 -48.96 -23.54 13.45
C TYR NA 366 -49.14 -24.36 14.71
N LYS NA 367 -49.49 -23.71 15.81
CA LYS NA 367 -49.72 -24.41 17.07
C LYS NA 367 -51.05 -24.00 17.66
N ASN NA 368 -51.83 -24.98 18.10
CA ASN NA 368 -53.13 -24.73 18.66
C ASN NA 368 -53.02 -23.99 19.99
N GLN NA 369 -53.92 -23.02 20.18
CA GLN NA 369 -54.00 -22.37 21.47
C GLN NA 369 -54.48 -23.37 22.52
N GLY NA 370 -54.02 -23.17 23.74
CA GLY NA 370 -54.43 -24.03 24.83
C GLY NA 370 -53.73 -25.36 24.91
N GLU NA 371 -52.65 -25.56 24.15
CA GLU NA 371 -51.90 -26.80 24.25
C GLU NA 371 -50.88 -26.74 25.39
N ARG NA 372 -50.82 -27.84 26.14
CA ARG NA 372 -49.86 -27.97 27.21
C ARG NA 372 -48.45 -27.85 26.67
N VAL NA 373 -47.62 -27.08 27.37
CA VAL NA 373 -46.20 -27.00 27.08
C VAL NA 373 -45.44 -27.12 28.38
N ASN NA 374 -44.13 -26.99 28.31
CA ASN NA 374 -43.28 -27.19 29.47
C ASN NA 374 -42.08 -26.26 29.41
N ILE NA 375 -41.65 -25.82 30.58
CA ILE NA 375 -40.48 -24.95 30.73
C ILE NA 375 -39.45 -25.70 31.55
N LEU NA 376 -38.21 -25.66 31.10
CA LEU NA 376 -37.11 -26.30 31.80
C LEU NA 376 -36.17 -25.22 32.31
N VAL NA 377 -36.23 -24.95 33.61
CA VAL NA 377 -35.49 -23.82 34.18
C VAL NA 377 -34.01 -24.03 33.91
N ALA NA 378 -33.36 -22.99 33.40
CA ALA NA 378 -31.98 -23.11 32.95
C ALA NA 378 -30.97 -22.53 33.95
N ARG NA 379 -31.40 -21.62 34.80
CA ARG NA 379 -30.51 -21.02 35.78
C ARG NA 379 -31.09 -21.28 37.16
N ASP NA 380 -30.54 -20.58 38.15
CA ASP NA 380 -31.02 -20.78 39.51
C ASP NA 380 -31.80 -19.57 39.99
N LEU NA 381 -32.99 -19.81 40.52
CA LEU NA 381 -33.90 -18.75 40.93
C LEU NA 381 -33.82 -18.56 42.43
N ASP NA 382 -33.45 -17.36 42.85
CA ASP NA 382 -33.27 -17.02 44.25
C ASP NA 382 -34.49 -16.28 44.79
N PHE NA 383 -35.12 -16.84 45.81
CA PHE NA 383 -36.31 -16.25 46.41
C PHE NA 383 -36.09 -15.89 47.88
N SER NA 384 -34.86 -15.69 48.32
CA SER NA 384 -34.64 -15.30 49.70
C SER NA 384 -34.93 -13.82 49.91
N ASP NA 385 -35.40 -13.15 48.88
CA ASP NA 385 -35.68 -11.72 48.94
C ASP NA 385 -37.14 -11.39 49.15
N VAL NA 386 -38.07 -12.23 48.68
CA VAL NA 386 -39.47 -11.88 48.68
C VAL NA 386 -40.34 -12.79 49.54
N TYR NA 387 -39.77 -13.62 50.39
CA TYR NA 387 -40.56 -14.54 51.20
C TYR NA 387 -39.91 -14.75 52.55
N SER NA 388 -40.69 -15.33 53.46
CA SER NA 388 -40.17 -15.87 54.71
C SER NA 388 -41.23 -16.76 55.33
N LEU NA 389 -40.77 -17.82 55.98
CA LEU NA 389 -41.65 -18.77 56.63
C LEU NA 389 -41.81 -18.40 58.09
N GLU NA 390 -43.03 -18.56 58.60
CA GLU NA 390 -43.32 -18.36 60.00
C GLU NA 390 -44.37 -19.37 60.43
N SER NA 391 -44.20 -19.92 61.62
CA SER NA 391 -45.06 -21.00 62.07
C SER NA 391 -46.43 -20.47 62.46
N ILE NA 392 -47.46 -21.24 62.15
CA ILE NA 392 -48.80 -20.95 62.64
C ILE NA 392 -49.03 -21.73 63.92
N PRO NA 393 -49.29 -21.06 65.03
CA PRO NA 393 -49.59 -21.79 66.28
C PRO NA 393 -50.83 -22.65 66.11
N THR NA 394 -50.78 -23.84 66.69
CA THR NA 394 -51.95 -24.72 66.64
C THR NA 394 -53.03 -24.18 67.57
N LYS NA 395 -54.26 -24.13 67.06
CA LYS NA 395 -55.40 -23.59 67.81
C LYS NA 395 -55.12 -22.18 68.32
N LEU OA 21 -37.39 36.07 62.65
CA LEU OA 21 -36.34 35.22 63.22
C LEU OA 21 -36.91 34.06 64.01
N ASP OA 22 -36.82 32.87 63.45
CA ASP OA 22 -37.20 31.66 64.18
C ASP OA 22 -36.06 31.24 65.09
N VAL OA 23 -36.37 30.41 66.08
CA VAL OA 23 -35.35 29.81 66.94
C VAL OA 23 -35.60 28.30 66.98
N PRO OA 24 -34.59 27.47 66.75
CA PRO OA 24 -34.76 26.03 66.94
C PRO OA 24 -35.02 25.72 68.41
N SER OA 25 -35.74 24.63 68.64
CA SER OA 25 -36.12 24.20 69.98
C SER OA 25 -35.27 23.02 70.41
N SER OA 26 -34.94 22.98 71.69
CA SER OA 26 -34.13 21.91 72.24
C SER OA 26 -34.88 20.59 72.21
N SER OA 27 -34.16 19.52 71.90
CA SER OA 27 -34.70 18.18 72.00
C SER OA 27 -34.75 17.74 73.46
N ARG OA 28 -35.50 16.70 73.73
CA ARG OA 28 -35.69 16.23 75.10
C ARG OA 28 -34.54 15.40 75.63
N TYR OA 29 -33.57 15.05 74.78
CA TYR OA 29 -32.44 14.26 75.25
C TYR OA 29 -31.23 15.12 75.58
N ASP OA 30 -30.80 15.97 74.65
CA ASP OA 30 -29.64 16.81 74.88
C ASP OA 30 -29.79 18.10 74.09
N HIS OA 31 -29.48 19.22 74.74
CA HIS OA 31 -29.78 20.54 74.21
C HIS OA 31 -28.96 20.89 72.98
N ARG OA 32 -27.94 20.10 72.65
CA ARG OA 32 -27.13 20.36 71.48
C ARG OA 32 -27.78 19.88 70.19
N ILE OA 33 -28.93 19.22 70.29
CA ILE OA 33 -29.68 18.73 69.14
C ILE OA 33 -31.00 19.49 69.10
N ARG OA 34 -31.23 20.24 68.04
CA ARG OA 34 -32.39 21.13 67.96
C ARG OA 34 -33.03 21.05 66.58
N TYR OA 35 -34.35 21.29 66.57
CA TYR OA 35 -35.16 21.22 65.36
C TYR OA 35 -35.90 22.54 65.17
N VAL OA 36 -36.10 22.92 63.91
CA VAL OA 36 -36.93 24.07 63.56
C VAL OA 36 -37.57 23.81 62.21
N THR OA 37 -38.81 24.25 62.05
CA THR OA 37 -39.56 24.04 60.82
C THR OA 37 -39.16 25.10 59.81
N TYR OA 38 -38.90 24.68 58.58
CA TYR OA 38 -38.60 25.64 57.52
C TYR OA 38 -39.77 26.60 57.35
N ASN OA 39 -39.46 27.88 57.18
CA ASN OA 39 -40.48 28.90 56.97
C ASN OA 39 -39.96 29.87 55.92
N PRO OA 40 -40.57 29.92 54.74
CA PRO OA 40 -39.98 30.70 53.64
C PRO OA 40 -39.89 32.18 53.92
N ALA OA 41 -40.74 32.72 54.80
CA ALA OA 41 -40.84 34.17 54.99
C ALA OA 41 -40.16 34.64 56.27
N ASP OA 42 -39.20 33.86 56.79
CA ASP OA 42 -38.50 34.28 57.99
C ASP OA 42 -37.12 33.63 58.02
N VAL OA 43 -36.24 34.22 58.83
CA VAL OA 43 -34.88 33.76 58.98
C VAL OA 43 -34.82 32.85 60.19
N VAL OA 44 -33.74 32.07 60.26
CA VAL OA 44 -33.54 31.11 61.34
C VAL OA 44 -32.30 31.53 62.12
N GLN OA 45 -32.42 31.61 63.44
CA GLN OA 45 -31.32 31.99 64.31
C GLN OA 45 -30.41 30.79 64.49
N VAL OA 46 -29.12 30.98 64.24
CA VAL OA 46 -28.10 29.97 64.50
C VAL OA 46 -27.12 30.55 65.50
N ASP OA 47 -27.01 29.90 66.66
CA ASP OA 47 -26.16 30.36 67.75
C ASP OA 47 -25.02 29.36 67.89
N THR OA 48 -23.86 29.72 67.35
CA THR OA 48 -22.69 28.84 67.36
C THR OA 48 -21.64 29.42 68.31
N VAL OA 49 -20.98 28.54 69.04
CA VAL OA 49 -19.84 28.92 69.83
C VAL OA 49 -18.58 28.55 69.05
N LEU OA 50 -17.44 29.08 69.50
CA LEU OA 50 -16.18 28.79 68.84
C LEU OA 50 -15.80 27.33 69.08
N GLY OA 51 -15.23 26.70 68.06
CA GLY OA 51 -14.73 25.34 68.18
C GLY OA 51 -15.75 24.24 68.01
N VAL OA 52 -16.95 24.55 67.52
CA VAL OA 52 -17.96 23.53 67.25
C VAL OA 52 -18.33 23.58 65.78
N ALA OA 53 -18.45 22.39 65.19
CA ALA OA 53 -18.81 22.25 63.78
C ALA OA 53 -20.24 21.80 63.68
N THR OA 54 -21.15 22.75 63.42
CA THR OA 54 -22.58 22.47 63.37
C THR OA 54 -22.93 21.93 61.99
N HIS OA 55 -23.72 20.86 61.97
CA HIS OA 55 -24.03 20.17 60.72
C HIS OA 55 -25.49 20.43 60.35
N ILE OA 56 -25.69 21.23 59.31
CA ILE OA 56 -27.02 21.55 58.81
C ILE OA 56 -27.57 20.32 58.08
N MET OA 57 -28.83 19.98 58.34
CA MET OA 57 -29.54 19.01 57.51
C MET OA 57 -30.07 19.73 56.29
N LEU OA 58 -29.84 19.15 55.13
CA LEU OA 58 -30.59 19.53 53.96
C LEU OA 58 -31.44 18.34 53.53
N GLU OA 59 -32.68 18.60 53.16
CA GLU OA 59 -33.64 17.51 53.02
C GLU OA 59 -33.27 16.64 51.81
N GLU OA 60 -33.65 15.38 51.88
CA GLU OA 60 -33.21 14.40 50.89
C GLU OA 60 -33.58 14.81 49.48
N GLY OA 61 -32.64 14.60 48.55
CA GLY OA 61 -32.87 14.97 47.17
C GLY OA 61 -32.94 16.45 46.90
N GLU OA 62 -32.16 17.25 47.60
CA GLU OA 62 -32.10 18.69 47.35
C GLU OA 62 -30.83 19.01 46.57
N GLN OA 63 -30.95 19.92 45.60
CA GLN OA 63 -29.86 20.24 44.69
C GLN OA 63 -29.30 21.61 45.02
N TYR OA 64 -28.07 21.64 45.51
CA TYR OA 64 -27.42 22.88 45.92
C TYR OA 64 -27.04 23.68 44.68
N LEU OA 65 -27.34 24.97 44.70
CA LEU OA 65 -26.94 25.87 43.62
C LEU OA 65 -25.72 26.70 44.02
N THR OA 66 -25.86 27.51 45.05
CA THR OA 66 -24.83 28.45 45.48
C THR OA 66 -25.24 29.00 46.84
N HIS OA 67 -24.24 29.43 47.61
CA HIS OA 67 -24.48 30.06 48.89
C HIS OA 67 -23.81 31.43 48.89
N ALA OA 68 -23.99 32.16 49.98
CA ALA OA 68 -23.43 33.50 50.10
C ALA OA 68 -23.32 33.87 51.57
N PHE OA 69 -22.10 34.00 52.07
CA PHE OA 69 -21.87 34.43 53.43
C PHE OA 69 -21.82 35.94 53.52
N GLY OA 70 -22.17 36.46 54.70
CA GLY OA 70 -21.91 37.87 54.97
C GLY OA 70 -20.42 38.15 55.05
N ASP OA 71 -19.67 37.27 55.72
CA ASP OA 71 -18.22 37.31 55.74
C ASP OA 71 -17.71 35.95 55.33
N SER OA 72 -17.22 35.85 54.09
CA SER OA 72 -16.78 34.56 53.58
C SER OA 72 -15.66 33.96 54.43
N GLU OA 73 -14.91 34.79 55.14
CA GLU OA 73 -13.82 34.31 55.96
C GLU OA 73 -14.22 34.06 57.41
N ALA OA 74 -15.47 34.36 57.77
CA ALA OA 74 -15.89 34.19 59.15
C ALA OA 74 -16.14 32.73 59.50
N TYR OA 75 -16.81 31.99 58.62
CA TYR OA 75 -17.17 30.61 58.88
C TYR OA 75 -16.66 29.74 57.74
N ALA OA 76 -16.37 28.48 58.06
CA ALA OA 76 -15.85 27.53 57.10
C ALA OA 76 -16.99 26.70 56.54
N PHE OA 77 -17.21 26.81 55.23
CA PHE OA 77 -18.30 26.13 54.55
C PHE OA 77 -17.76 24.95 53.76
N ALA OA 78 -18.35 23.79 53.96
CA ALA OA 78 -18.00 22.58 53.22
C ALA OA 78 -19.25 21.78 52.94
N ARG OA 79 -19.44 21.41 51.68
CA ARG OA 79 -20.63 20.67 51.27
C ARG OA 79 -20.23 19.40 50.56
N LYS OA 80 -20.86 18.29 50.96
CA LYS OA 80 -20.69 16.99 50.32
C LYS OA 80 -22.10 16.50 49.97
N GLY OA 81 -22.60 16.95 48.82
CA GLY OA 81 -23.95 16.61 48.44
C GLY OA 81 -24.97 17.52 49.10
N ARG OA 82 -25.65 17.00 50.13
CA ARG OA 82 -26.66 17.75 50.85
C ARG OA 82 -26.28 17.98 52.31
N HIS OA 83 -25.03 17.76 52.69
CA HIS OA 83 -24.57 18.00 54.04
C HIS OA 83 -23.85 19.34 54.11
N ILE OA 84 -24.17 20.14 55.13
CA ILE OA 84 -23.60 21.47 55.29
C ILE OA 84 -23.02 21.57 56.70
N PHE OA 85 -21.73 21.87 56.79
CA PHE OA 85 -21.07 22.09 58.06
C PHE OA 85 -20.66 23.55 58.17
N ILE OA 86 -20.84 24.13 59.36
CA ILE OA 86 -20.46 25.50 59.63
C ILE OA 86 -19.61 25.54 60.89
N LYS OA 87 -18.55 26.33 60.84
CA LYS OA 87 -17.63 26.50 61.95
C LYS OA 87 -16.99 27.87 61.87
N PRO OA 88 -17.00 28.64 62.95
CA PRO OA 88 -16.35 29.96 62.92
C PRO OA 88 -14.84 29.84 62.87
N GLN OA 89 -14.21 30.74 62.12
CA GLN OA 89 -12.77 30.94 62.16
C GLN OA 89 -12.41 32.42 62.26
N ALA OA 90 -13.29 33.23 62.85
CA ALA OA 90 -13.03 34.64 63.08
C ALA OA 90 -13.70 35.06 64.37
N GLU OA 91 -13.00 35.91 65.13
CA GLU OA 91 -13.60 36.48 66.33
C GLU OA 91 -14.63 37.53 65.96
N LEU OA 92 -15.71 37.56 66.73
CA LEU OA 92 -16.81 38.50 66.52
C LEU OA 92 -17.31 38.38 65.09
N ALA OA 93 -17.84 37.20 64.76
CA ALA OA 93 -18.41 36.95 63.44
C ALA OA 93 -19.92 36.92 63.56
N ASN OA 94 -20.54 38.06 63.27
CA ASN OA 94 -21.99 38.19 63.25
C ASN OA 94 -22.40 38.46 61.81
N THR OA 95 -22.76 37.41 61.09
CA THR OA 95 -23.02 37.48 59.66
C THR OA 95 -24.27 36.66 59.36
N ASN OA 96 -24.51 36.41 58.08
CA ASN OA 96 -25.68 35.67 57.64
C ASN OA 96 -25.30 34.77 56.48
N LEU OA 97 -26.13 33.75 56.27
CA LEU OA 97 -25.97 32.82 55.16
C LEU OA 97 -27.25 32.83 54.33
N ILE OA 98 -27.10 32.83 53.02
CA ILE OA 98 -28.22 32.74 52.09
C ILE OA 98 -27.86 31.65 51.09
N VAL OA 99 -28.40 30.46 51.29
CA VAL OA 99 -28.20 29.35 50.38
C VAL OA 99 -29.45 29.18 49.53
N VAL OA 100 -29.27 29.21 48.21
CA VAL OA 100 -30.34 28.92 47.27
C VAL OA 100 -30.16 27.50 46.79
N THR OA 101 -31.23 26.74 46.83
CA THR OA 101 -31.20 25.32 46.49
C THR OA 101 -32.25 25.07 45.42
N ASP OA 102 -32.51 23.78 45.17
CA ASP OA 102 -33.49 23.38 44.17
C ASP OA 102 -34.78 24.19 44.27
N ARG OA 103 -35.39 24.21 45.45
CA ARG OA 103 -36.74 24.78 45.56
C ARG OA 103 -36.80 25.98 46.50
N ARG OA 104 -36.24 25.86 47.70
CA ARG OA 104 -36.38 26.90 48.70
C ARG OA 104 -35.04 27.58 48.92
N SER OA 105 -35.08 28.74 49.56
CA SER OA 105 -33.89 29.48 49.93
C SER OA 105 -33.88 29.68 51.43
N TYR OA 106 -32.85 29.15 52.09
CA TYR OA 106 -32.77 29.18 53.55
C TYR OA 106 -32.15 30.49 54.00
N LYS OA 107 -32.61 31.00 55.14
CA LYS OA 107 -32.16 32.27 55.70
C LYS OA 107 -31.66 32.03 57.11
N PHE OA 108 -30.36 32.26 57.33
CA PHE OA 108 -29.74 32.08 58.63
C PHE OA 108 -29.19 33.40 59.16
N ARG OA 109 -29.23 33.56 60.47
CA ARG OA 109 -28.63 34.70 61.17
C ARG OA 109 -27.65 34.13 62.18
N LEU OA 110 -26.41 33.95 61.74
CA LEU OA 110 -25.36 33.38 62.58
C LEU OA 110 -24.98 34.39 63.67
N GLN OA 111 -24.76 33.90 64.88
CA GLN OA 111 -24.36 34.74 66.01
C GLN OA 111 -23.36 33.97 66.84
N MET OA 112 -22.20 34.56 67.10
CA MET OA 112 -21.22 33.92 67.96
C MET OA 112 -21.60 34.09 69.42
N ARG OA 113 -21.43 33.02 70.18
CA ARG OA 113 -21.62 33.05 71.61
C ARG OA 113 -20.28 32.90 72.31
N ASN OA 114 -19.96 33.86 73.18
CA ASN OA 114 -18.63 33.95 73.76
C ASN OA 114 -18.45 33.14 75.03
N ASP OA 115 -19.50 32.49 75.52
CA ASP OA 115 -19.42 31.66 76.72
C ASP OA 115 -18.90 30.25 76.42
N ARG OA 116 -18.86 29.85 75.15
CA ARG OA 116 -18.58 28.46 74.79
C ARG OA 116 -19.51 27.51 75.52
N ASN OA 117 -20.80 27.88 75.59
CA ASN OA 117 -21.82 27.05 76.20
C ASN OA 117 -23.09 27.09 75.35
N GLY OA 118 -23.89 26.05 75.48
CA GLY OA 118 -25.15 25.97 74.76
C GLY OA 118 -25.00 25.93 73.26
N ALA OA 119 -24.05 25.15 72.76
CA ALA OA 119 -23.84 25.04 71.34
C ALA OA 119 -24.95 24.21 70.70
N MET OA 120 -25.05 24.30 69.37
CA MET OA 120 -25.87 23.40 68.59
C MET OA 120 -24.95 22.54 67.74
N TYR OA 121 -25.05 21.22 67.91
CA TYR OA 121 -24.27 20.30 67.11
C TYR OA 121 -24.81 20.14 65.71
N GLU OA 122 -26.12 20.29 65.51
CA GLU OA 122 -26.72 20.12 64.21
C GLU OA 122 -28.03 20.90 64.18
N LEU OA 123 -28.53 21.18 62.98
CA LEU OA 123 -29.86 21.76 62.81
C LEU OA 123 -30.63 20.92 61.81
N ALA OA 124 -31.74 20.33 62.27
CA ALA OA 124 -32.60 19.51 61.42
C ALA OA 124 -33.96 20.17 61.30
N PHE OA 125 -34.66 19.86 60.22
CA PHE OA 125 -35.82 20.63 59.81
C PHE OA 125 -37.10 19.79 59.85
N ARG OA 126 -38.22 20.49 59.91
CA ARG OA 126 -39.55 19.90 59.74
C ARG OA 126 -40.22 20.68 58.60
N TYR OA 127 -40.83 19.97 57.66
CA TYR OA 127 -41.44 20.62 56.50
C TYR OA 127 -42.95 20.45 56.54
N PRO OA 128 -43.72 21.53 56.69
CA PRO OA 128 -45.16 21.38 56.96
C PRO OA 128 -45.94 20.79 55.80
N ASP OA 129 -45.79 21.33 54.59
CA ASP OA 129 -46.58 20.85 53.46
C ASP OA 129 -46.31 19.37 53.20
N THR OA 130 -45.06 18.95 53.38
CA THR OA 130 -44.74 17.54 53.18
C THR OA 130 -45.55 16.66 54.12
N GLN OA 131 -45.50 16.96 55.42
CA GLN OA 131 -46.22 16.14 56.38
C GLN OA 131 -47.72 16.18 56.12
N ALA OA 132 -48.24 17.34 55.73
CA ALA OA 132 -49.62 17.43 55.29
C ALA OA 132 -49.89 16.47 54.14
N ARG OA 133 -48.87 16.25 53.29
CA ARG OA 133 -49.03 15.26 52.22
C ARG OA 133 -49.06 13.85 52.78
N GLN OA 134 -47.98 13.41 53.44
CA GLN OA 134 -47.90 11.99 53.80
C GLN OA 134 -49.03 11.59 54.74
N THR OA 135 -49.34 12.42 55.74
CA THR OA 135 -50.39 12.04 56.68
C THR OA 135 -51.73 11.89 55.99
N ARG OA 136 -51.99 12.71 54.98
CA ARG OA 136 -53.21 12.55 54.19
C ARG OA 136 -53.20 11.26 53.39
N GLU OA 137 -52.06 10.97 52.74
CA GLU OA 137 -52.01 9.83 51.82
C GLU OA 137 -52.17 8.51 52.56
N ALA OA 138 -51.60 8.39 53.76
CA ALA OA 138 -51.75 7.15 54.51
C ALA OA 138 -53.23 6.88 54.83
N ASN OA 139 -53.93 7.91 55.28
CA ASN OA 139 -55.37 7.76 55.53
C ASN OA 139 -56.11 7.40 54.25
N ALA OA 140 -55.76 8.06 53.14
CA ALA OA 140 -56.43 7.76 51.88
C ALA OA 140 -56.24 6.31 51.47
N ARG OA 141 -55.01 5.81 51.59
CA ARG OA 141 -54.73 4.44 51.19
C ARG OA 141 -55.45 3.44 52.10
N ALA OA 142 -55.45 3.71 53.40
CA ALA OA 142 -56.17 2.83 54.32
C ALA OA 142 -57.65 2.80 53.98
N ALA OA 143 -58.24 3.96 53.71
CA ALA OA 143 -59.64 4.03 53.34
C ALA OA 143 -59.91 3.27 52.05
N VAL OA 144 -59.02 3.42 51.07
CA VAL OA 144 -59.23 2.76 49.78
C VAL OA 144 -59.21 1.24 49.95
N GLU OA 145 -58.21 0.73 50.66
CA GLU OA 145 -58.14 -0.71 50.86
C GLU OA 145 -59.36 -1.21 51.62
N ALA OA 146 -59.78 -0.46 52.65
CA ALA OA 146 -60.97 -0.84 53.39
C ALA OA 146 -62.18 -0.89 52.48
N ALA OA 147 -62.31 0.11 51.61
CA ALA OA 147 -63.45 0.17 50.71
C ALA OA 147 -63.47 -1.04 49.77
N PHE OA 148 -62.30 -1.43 49.28
CA PHE OA 148 -62.24 -2.58 48.38
C PHE OA 148 -62.64 -3.85 49.10
N GLU OA 149 -62.16 -4.04 50.33
CA GLU OA 149 -62.45 -5.29 51.03
C GLU OA 149 -63.87 -5.32 51.58
N GLN OA 150 -64.50 -4.15 51.72
CA GLN OA 150 -65.79 -4.08 52.41
C GLN OA 150 -66.95 -4.27 51.45
N ARG OA 151 -66.70 -4.85 50.28
CA ARG OA 151 -67.64 -4.91 49.16
C ARG OA 151 -69.09 -5.11 49.60
N VAL OA 152 -69.99 -4.26 49.10
CA VAL OA 152 -71.41 -4.38 49.38
C VAL OA 152 -72.19 -3.87 48.17
N GLY OA 153 -73.45 -4.26 48.06
CA GLY OA 153 -74.28 -3.80 46.96
C GLY OA 153 -74.06 -4.57 45.68
N ALA OA 154 -73.93 -5.89 45.76
CA ALA OA 154 -73.62 -6.72 44.59
C ALA OA 154 -74.65 -7.84 44.48
N TYR OA 155 -74.89 -8.27 43.24
CA TYR OA 155 -75.72 -9.43 42.96
C TYR OA 155 -74.90 -10.43 42.18
N TYR OA 156 -75.28 -11.70 42.26
CA TYR OA 156 -74.54 -12.77 41.60
C TYR OA 156 -75.49 -13.60 40.75
N ASN OA 157 -75.03 -13.95 39.55
CA ASN OA 157 -75.75 -14.87 38.68
C ASN OA 157 -75.01 -16.20 38.70
N LEU OA 158 -75.74 -17.28 38.95
CA LEU OA 158 -75.14 -18.59 39.17
C LEU OA 158 -75.56 -19.61 38.11
N LYS OA 159 -76.24 -19.19 37.05
CA LYS OA 159 -76.76 -20.12 36.07
C LYS OA 159 -75.74 -20.31 34.96
N TYR OA 160 -74.96 -21.38 35.05
CA TYR OA 160 -73.97 -21.71 34.04
C TYR OA 160 -74.05 -23.21 33.74
N MET OA 161 -73.97 -23.55 32.46
CA MET OA 161 -73.98 -24.93 32.01
C MET OA 161 -72.57 -25.32 31.57
N MET OA 162 -72.28 -26.63 31.54
CA MET OA 162 -71.12 -27.06 30.77
C MET OA 162 -71.60 -27.89 29.60
N SER OA 163 -70.70 -28.09 28.65
CA SER OA 163 -70.83 -29.15 27.65
C SER OA 163 -69.43 -29.51 27.19
N GLY OA 164 -69.15 -30.81 27.13
CA GLY OA 164 -67.83 -31.24 26.71
C GLY OA 164 -67.12 -32.17 27.66
N ASP OA 165 -65.86 -31.88 27.96
CA ASP OA 165 -64.99 -32.79 28.72
C ASP OA 165 -65.00 -32.38 30.18
N LYS OA 166 -65.70 -33.16 31.00
CA LYS OA 166 -65.90 -32.81 32.40
C LYS OA 166 -64.69 -33.12 33.26
N ASP OA 167 -63.64 -33.73 32.69
CA ASP OA 167 -62.44 -34.00 33.44
C ASP OA 167 -61.79 -32.74 33.99
N ILE OA 168 -61.95 -31.61 33.32
CA ILE OA 168 -61.37 -30.35 33.76
C ILE OA 168 -62.45 -29.34 34.12
N ALA OA 169 -63.66 -29.80 34.37
CA ALA OA 169 -64.76 -28.89 34.68
C ALA OA 169 -64.56 -28.22 36.04
N PRO OA 170 -64.79 -26.91 36.11
CA PRO OA 170 -64.68 -26.22 37.38
C PRO OA 170 -65.78 -26.65 38.34
N VAL OA 171 -65.51 -26.49 39.63
CA VAL OA 171 -66.49 -26.88 40.63
C VAL OA 171 -67.54 -25.80 40.85
N ASN OA 172 -67.29 -24.57 40.44
CA ASN OA 172 -68.24 -23.49 40.61
C ASN OA 172 -67.98 -22.41 39.57
N ALA OA 173 -69.02 -21.66 39.23
CA ALA OA 173 -68.90 -20.58 38.28
C ALA OA 173 -70.02 -19.59 38.50
N TRP OA 174 -69.70 -18.30 38.40
CA TRP OA 174 -70.70 -17.26 38.61
C TRP OA 174 -70.19 -15.98 37.99
N ASP OA 175 -70.91 -14.89 38.27
CA ASP OA 175 -70.50 -13.57 37.82
C ASP OA 175 -71.08 -12.53 38.76
N ASP OA 176 -70.52 -11.33 38.71
CA ASP OA 176 -71.02 -10.21 39.49
C ASP OA 176 -71.30 -8.98 38.63
N GLY OA 177 -71.79 -9.18 37.41
CA GLY OA 177 -72.09 -8.09 36.52
C GLY OA 177 -70.88 -7.45 35.89
N ARG OA 178 -69.71 -7.57 36.51
CA ARG OA 178 -68.48 -7.03 35.97
C ARG OA 178 -67.42 -8.09 35.76
N PHE OA 179 -67.29 -9.03 36.70
CA PHE OA 179 -66.31 -10.08 36.63
C PHE OA 179 -66.98 -11.44 36.60
N THR OA 180 -66.43 -12.35 35.81
CA THR OA 180 -66.86 -13.74 35.78
C THR OA 180 -65.78 -14.57 36.43
N TYR OA 181 -66.18 -15.51 37.28
CA TYR OA 181 -65.25 -16.25 38.11
C TYR OA 181 -65.34 -17.73 37.79
N PHE OA 182 -64.27 -18.47 38.08
CA PHE OA 182 -64.27 -19.92 38.03
C PHE OA 182 -63.50 -20.43 39.23
N LYS OA 183 -63.87 -21.61 39.71
CA LYS OA 183 -63.21 -22.21 40.86
C LYS OA 183 -62.89 -23.66 40.56
N PHE OA 184 -61.65 -24.03 40.77
CA PHE OA 184 -61.18 -25.39 40.53
C PHE OA 184 -60.70 -26.00 41.84
N SER OA 185 -60.94 -27.31 41.98
CA SER OA 185 -60.57 -27.97 43.21
C SER OA 185 -59.05 -28.07 43.32
N ALA OA 186 -58.60 -28.68 44.42
CA ALA OA 186 -57.19 -28.63 44.76
C ALA OA 186 -56.34 -29.42 43.76
N ASN OA 187 -56.86 -30.52 43.23
CA ASN OA 187 -56.05 -31.42 42.44
C ASN OA 187 -56.22 -31.25 40.95
N ALA OA 188 -56.97 -30.25 40.51
CA ALA OA 188 -57.14 -30.00 39.09
C ALA OA 188 -56.07 -29.05 38.59
N ASP OA 189 -56.00 -28.88 37.27
CA ASP OA 189 -55.01 -28.00 36.69
C ASP OA 189 -55.68 -26.81 36.04
N LEU OA 190 -55.14 -25.63 36.30
CA LEU OA 190 -55.75 -24.40 35.82
C LEU OA 190 -55.71 -24.34 34.31
N PRO OA 191 -56.84 -24.43 33.63
CA PRO OA 191 -56.83 -24.34 32.17
C PRO OA 191 -56.75 -22.91 31.70
N SER OA 192 -56.90 -22.69 30.40
CA SER OA 192 -57.04 -21.36 29.86
C SER OA 192 -58.51 -21.07 29.59
N ILE OA 193 -58.87 -19.80 29.55
CA ILE OA 193 -60.24 -19.36 29.37
C ILE OA 193 -60.30 -18.44 28.17
N TYR OA 194 -61.24 -18.70 27.26
CA TYR OA 194 -61.26 -17.96 26.00
C TYR OA 194 -62.62 -17.31 25.77
N PHE OA 195 -62.55 -16.09 25.26
CA PHE OA 195 -63.71 -15.33 24.82
C PHE OA 195 -64.29 -16.01 23.60
N VAL OA 196 -65.61 -16.13 23.55
CA VAL OA 196 -66.31 -16.65 22.39
C VAL OA 196 -67.39 -15.66 22.01
N ASP OA 197 -67.27 -15.07 20.82
CA ASP OA 197 -68.30 -14.16 20.36
C ASP OA 197 -69.45 -14.98 19.75
N ALA OA 198 -70.47 -14.29 19.25
CA ALA OA 198 -71.67 -14.97 18.76
C ALA OA 198 -71.34 -15.88 17.58
N GLU OA 199 -70.52 -15.40 16.64
CA GLU OA 199 -70.25 -16.13 15.42
C GLU OA 199 -69.57 -17.48 15.66
N GLY OA 200 -68.74 -17.60 16.69
CA GLY OA 200 -68.05 -18.83 16.96
C GLY OA 200 -66.54 -18.74 17.00
N ASN OA 201 -65.97 -17.59 16.66
CA ASN OA 201 -64.54 -17.39 16.81
C ASN OA 201 -64.17 -17.40 18.29
N GLU OA 202 -62.94 -17.83 18.57
CA GLU OA 202 -62.41 -17.76 19.91
C GLU OA 202 -61.40 -16.62 20.00
N SER OA 203 -61.33 -15.98 21.16
CA SER OA 203 -60.38 -14.90 21.34
C SER OA 203 -60.01 -14.79 22.81
N LEU OA 204 -59.09 -13.87 23.10
CA LEU OA 204 -58.48 -13.84 24.42
C LEU OA 204 -59.06 -12.72 25.27
N VAL OA 205 -59.25 -13.01 26.55
CA VAL OA 205 -59.61 -12.01 27.53
C VAL OA 205 -58.57 -12.05 28.64
N PRO OA 206 -58.15 -10.92 29.18
CA PRO OA 206 -57.21 -10.93 30.29
C PRO OA 206 -57.81 -11.67 31.46
N ARG OA 207 -56.96 -12.36 32.21
CA ARG OA 207 -57.41 -13.08 33.39
C ARG OA 207 -56.50 -12.75 34.55
N THR OA 208 -57.10 -12.74 35.74
CA THR OA 208 -56.36 -12.61 36.98
C THR OA 208 -56.77 -13.73 37.91
N THR OA 209 -55.88 -14.09 38.81
CA THR OA 209 -56.15 -15.16 39.77
C THR OA 209 -56.27 -14.55 41.15
N VAL OA 210 -57.36 -14.89 41.84
CA VAL OA 210 -57.55 -14.46 43.22
C VAL OA 210 -57.93 -15.69 44.02
N GLY OA 211 -58.11 -15.52 45.32
CA GLY OA 211 -58.47 -16.62 46.17
C GLY OA 211 -57.38 -16.97 47.16
N SER OA 212 -57.78 -17.67 48.22
CA SER OA 212 -56.84 -18.04 49.26
C SER OA 212 -55.75 -18.96 48.74
N SER OA 213 -56.13 -19.94 47.91
CA SER OA 213 -55.19 -20.91 47.36
C SER OA 213 -54.94 -20.66 45.88
N ASN OA 214 -55.26 -19.46 45.40
CA ASN OA 214 -55.14 -19.12 43.98
C ASN OA 214 -55.94 -20.07 43.11
N ASN OA 215 -57.04 -20.59 43.64
CA ASN OA 215 -57.86 -21.55 42.92
C ASN OA 215 -59.02 -20.90 42.19
N ILE OA 216 -59.07 -19.58 42.13
CA ILE OA 216 -60.15 -18.87 41.47
C ILE OA 216 -59.57 -18.10 40.29
N ILE OA 217 -59.93 -18.53 39.08
CA ILE OA 217 -59.58 -17.80 37.87
C ILE OA 217 -60.67 -16.80 37.61
N ALA OA 218 -60.30 -15.53 37.50
CA ALA OA 218 -61.26 -14.45 37.29
C ALA OA 218 -60.93 -13.77 35.97
N VAL OA 219 -61.89 -13.76 35.08
CA VAL OA 219 -61.76 -13.04 33.82
C VAL OA 219 -62.48 -11.71 33.97
N HIS OA 220 -62.26 -10.80 33.04
CA HIS OA 220 -62.77 -9.45 33.19
C HIS OA 220 -63.93 -9.14 32.26
N LYS OA 221 -64.85 -10.08 32.04
CA LYS OA 221 -66.01 -9.81 31.21
C LYS OA 221 -67.16 -10.72 31.60
N VAL OA 222 -68.32 -10.43 31.02
CA VAL OA 222 -69.50 -11.28 31.12
C VAL OA 222 -69.94 -11.61 29.70
N ASN OA 223 -70.14 -12.91 29.43
CA ASN OA 223 -70.41 -13.35 28.07
C ASN OA 223 -71.27 -14.60 28.10
N PRO OA 224 -72.22 -14.72 27.18
CA PRO OA 224 -73.07 -15.92 27.16
C PRO OA 224 -72.30 -17.22 27.02
N LYS OA 225 -71.15 -17.24 26.36
CA LYS OA 225 -70.44 -18.50 26.13
C LYS OA 225 -68.95 -18.35 26.39
N TRP OA 226 -68.43 -19.23 27.24
CA TRP OA 226 -67.00 -19.34 27.47
C TRP OA 226 -66.49 -20.64 26.87
N MET OA 227 -65.18 -20.70 26.64
CA MET OA 227 -64.51 -21.87 26.11
C MET OA 227 -63.34 -22.22 27.01
N ILE OA 228 -63.26 -23.49 27.42
CA ILE OA 228 -62.21 -23.95 28.31
C ILE OA 228 -61.40 -25.02 27.59
N ARG OA 229 -60.08 -24.83 27.55
CA ARG OA 229 -59.18 -25.77 26.89
C ARG OA 229 -58.01 -26.09 27.80
N LEU OA 230 -57.56 -27.35 27.73
CA LEU OA 230 -56.32 -27.77 28.35
C LEU OA 230 -55.73 -28.86 27.47
N GLY OA 231 -54.76 -28.50 26.64
CA GLY OA 231 -54.20 -29.44 25.70
C GLY OA 231 -55.21 -29.86 24.66
N ASN OA 232 -55.59 -31.14 24.66
CA ASN OA 232 -56.56 -31.67 23.71
C ASN OA 232 -57.91 -31.93 24.39
N ARG OA 233 -58.10 -31.42 25.59
CA ARG OA 233 -59.34 -31.53 26.31
C ARG OA 233 -60.07 -30.20 26.25
N ALA OA 234 -61.34 -30.23 25.87
CA ALA OA 234 -62.09 -29.00 25.69
C ALA OA 234 -63.42 -29.09 26.42
N LEU OA 235 -63.90 -27.92 26.85
CA LEU OA 235 -65.17 -27.80 27.56
C LEU OA 235 -65.73 -26.42 27.28
N ALA OA 236 -67.04 -26.35 27.09
CA ALA OA 236 -67.72 -25.09 26.82
C ALA OA 236 -68.58 -24.70 28.02
N ILE OA 237 -68.66 -23.41 28.28
CA ILE OA 237 -69.46 -22.87 29.37
C ILE OA 237 -70.49 -21.90 28.79
N PHE OA 238 -71.75 -22.13 29.12
CA PHE OA 238 -72.85 -21.27 28.66
C PHE OA 238 -73.34 -20.43 29.82
N ASN OA 239 -73.60 -19.16 29.56
CA ASN OA 239 -74.20 -18.27 30.55
C ASN OA 239 -75.69 -18.17 30.24
N GLU OA 240 -76.50 -18.91 30.99
CA GLU OA 240 -77.92 -18.99 30.70
C GLU OA 240 -78.70 -17.77 31.19
N ALA OA 241 -78.03 -16.81 31.82
CA ALA OA 241 -78.67 -15.60 32.33
C ALA OA 241 -77.87 -14.37 31.93
N TYR OA 242 -77.48 -14.32 30.67
CA TYR OA 242 -76.71 -13.19 30.17
C TYR OA 242 -77.52 -11.91 30.27
N ASP OA 243 -76.88 -10.84 30.73
CA ASP OA 243 -77.54 -9.54 30.80
C ASP OA 243 -76.93 -8.61 29.77
N PRO OA 244 -77.66 -8.21 28.75
CA PRO OA 244 -77.11 -7.24 27.79
C PRO OA 244 -76.75 -5.91 28.42
N ASN OA 245 -77.50 -5.49 29.44
CA ASN OA 245 -77.33 -4.13 29.96
C ASN OA 245 -76.22 -4.05 30.99
N GLY OA 246 -76.37 -4.79 32.09
CA GLY OA 246 -75.37 -4.74 33.15
C GLY OA 246 -75.30 -3.39 33.83
N VAL OA 247 -74.46 -3.33 34.87
CA VAL OA 247 -74.29 -2.14 35.68
C VAL OA 247 -73.15 -1.32 35.08
N PRO OA 248 -73.36 -0.06 34.76
CA PRO OA 248 -72.28 0.75 34.21
C PRO OA 248 -71.16 0.94 35.21
N ASN OA 249 -69.94 1.00 34.69
CA ASN OA 249 -68.74 1.19 35.52
C ASN OA 249 -68.50 2.69 35.63
N ASP OA 250 -69.30 3.35 36.47
CA ASP OA 250 -69.19 4.79 36.62
C ASP OA 250 -68.18 5.20 37.68
N THR OA 251 -67.78 4.29 38.56
CA THR OA 251 -66.81 4.63 39.59
C THR OA 251 -65.38 4.60 39.09
N GLY OA 252 -65.13 4.09 37.90
CA GLY OA 252 -63.80 4.04 37.37
C GLY OA 252 -62.91 2.97 37.96
N THR OA 253 -63.46 2.04 38.74
CA THR OA 253 -62.67 0.97 39.32
C THR OA 253 -63.56 -0.24 39.56
N ALA OA 254 -62.93 -1.33 39.99
CA ALA OA 254 -63.62 -2.59 40.17
C ALA OA 254 -64.59 -2.59 41.33
N SER OA 255 -64.78 -1.45 41.99
CA SER OA 255 -65.72 -1.37 43.09
C SER OA 255 -66.64 -0.17 42.91
N PRO OA 256 -67.86 -0.22 43.43
CA PRO OA 256 -68.74 0.96 43.40
C PRO OA 256 -68.39 2.02 44.42
N ALA OA 257 -67.39 1.80 45.26
CA ALA OA 257 -67.12 2.67 46.40
C ALA OA 257 -65.81 3.44 46.28
N VAL OA 258 -65.13 3.40 45.14
CA VAL OA 258 -63.86 4.08 44.97
C VAL OA 258 -63.90 4.86 43.66
N ARG OA 259 -63.56 6.15 43.73
CA ARG OA 259 -63.38 6.93 42.52
C ARG OA 259 -61.99 6.70 41.95
N ARG OA 260 -61.70 7.41 40.88
CA ARG OA 260 -60.42 7.35 40.21
C ARG OA 260 -60.09 8.74 39.70
N VAL OA 261 -59.44 9.54 40.52
CA VAL OA 261 -59.27 10.95 40.20
C VAL OA 261 -57.82 11.21 39.82
N ASN OA 262 -57.63 12.31 39.10
CA ASN OA 262 -56.45 12.51 38.25
C ASN OA 262 -55.37 13.26 39.02
N LYS OA 263 -54.28 12.58 39.34
CA LYS OA 263 -53.09 13.28 39.81
C LYS OA 263 -52.45 14.10 38.69
N GLY OA 264 -52.83 13.81 37.45
CA GLY OA 264 -52.16 14.43 36.31
C GLY OA 264 -52.30 15.93 36.26
N GLY OA 265 -53.43 16.47 36.72
CA GLY OA 265 -53.65 17.90 36.66
C GLY OA 265 -53.58 18.41 35.23
N ASN OA 266 -52.48 19.10 34.90
CA ASN OA 266 -52.23 19.58 33.56
C ASN OA 266 -53.39 20.44 33.03
N CYS PA 17 -54.20 -27.76 -0.94
CA CYS PA 17 -55.31 -28.63 -0.59
C CYS PA 17 -55.24 -29.06 0.87
N ALA PA 18 -54.80 -28.14 1.74
CA ALA PA 18 -54.73 -28.39 3.17
C ALA PA 18 -54.70 -27.06 3.91
N SER PA 19 -55.10 -27.09 5.17
CA SER PA 19 -55.10 -25.89 6.02
C SER PA 19 -54.86 -26.29 7.46
N ALA PA 20 -54.72 -25.29 8.31
CA ALA PA 20 -54.35 -25.53 9.70
C ALA PA 20 -55.48 -26.27 10.43
N PRO PA 21 -55.19 -27.36 11.10
CA PRO PA 21 -56.22 -28.02 11.91
C PRO PA 21 -56.73 -27.12 13.00
N LYS PA 22 -58.02 -27.21 13.27
CA LYS PA 22 -58.68 -26.38 14.26
C LYS PA 22 -58.83 -27.18 15.55
N PRO PA 23 -58.70 -26.55 16.72
CA PRO PA 23 -58.83 -27.31 17.97
C PRO PA 23 -60.23 -27.86 18.15
N LYS PA 24 -60.28 -28.98 18.88
CA LYS PA 24 -61.52 -29.74 19.01
C LYS PA 24 -62.60 -28.90 19.67
N GLN PA 25 -63.72 -28.72 18.98
CA GLN PA 25 -64.87 -28.11 19.61
C GLN PA 25 -65.59 -29.14 20.47
N PRO PA 26 -65.84 -28.84 21.73
CA PRO PA 26 -66.56 -29.79 22.59
C PRO PA 26 -67.95 -30.06 22.07
N SER PA 27 -68.44 -31.27 22.34
CA SER PA 27 -69.77 -31.66 21.92
C SER PA 27 -70.82 -30.87 22.69
N ASP PA 28 -72.05 -30.88 22.19
CA ASP PA 28 -73.16 -30.12 22.76
C ASP PA 28 -74.32 -31.02 23.16
N PHE PA 29 -74.03 -32.14 23.84
CA PHE PA 29 -75.08 -33.10 24.15
C PHE PA 29 -75.37 -33.24 25.64
N ASN PA 30 -74.36 -33.57 26.45
CA ASN PA 30 -74.59 -33.84 27.86
C ASN PA 30 -74.44 -32.57 28.70
N ARG PA 31 -75.22 -31.56 28.33
CA ARG PA 31 -75.19 -30.27 29.00
C ARG PA 31 -75.78 -30.42 30.41
N GLU PA 32 -75.07 -29.89 31.39
CA GLU PA 32 -75.47 -30.01 32.78
C GLU PA 32 -75.06 -28.75 33.54
N PRO PA 33 -75.66 -28.50 34.71
CA PRO PA 33 -75.28 -27.33 35.49
C PRO PA 33 -73.86 -27.43 36.03
N VAL PA 34 -73.25 -26.27 36.27
CA VAL PA 34 -71.87 -26.24 36.74
C VAL PA 34 -71.81 -26.27 38.26
N ASN PA 35 -72.66 -25.48 38.90
CA ASN PA 35 -72.57 -25.27 40.34
C ASN PA 35 -73.49 -26.25 41.05
N LYS PA 36 -73.03 -27.49 41.18
CA LYS PA 36 -73.79 -28.51 41.89
C LYS PA 36 -74.12 -28.06 43.32
N THR PA 37 -73.21 -27.31 43.94
CA THR PA 37 -73.48 -26.70 45.23
C THR PA 37 -73.19 -25.20 45.13
N VAL PA 38 -73.79 -24.45 46.03
CA VAL PA 38 -73.56 -23.01 46.05
C VAL PA 38 -72.13 -22.72 46.50
N PRO PA 39 -71.43 -21.77 45.87
CA PRO PA 39 -70.04 -21.50 46.26
C PRO PA 39 -69.97 -20.90 47.66
N VAL PA 40 -68.89 -21.23 48.36
CA VAL PA 40 -68.68 -20.66 49.69
C VAL PA 40 -68.32 -19.18 49.63
N GLU PA 41 -67.48 -18.77 48.68
CA GLU PA 41 -66.97 -17.40 48.66
C GLU PA 41 -68.09 -16.38 48.54
N ILE PA 42 -69.25 -16.79 48.03
CA ILE PA 42 -70.40 -15.91 47.87
C ILE PA 42 -70.93 -15.49 49.25
N GLN PA 43 -70.33 -16.05 50.31
CA GLN PA 43 -70.83 -15.91 51.68
C GLN PA 43 -72.23 -16.51 51.79
N ARG PA 44 -72.47 -17.53 50.98
CA ARG PA 44 -73.76 -18.21 50.95
C ARG PA 44 -73.57 -19.65 50.50
N LYS QA 135 70.00 51.38 11.58
CA LYS QA 135 69.09 50.70 10.67
C LYS QA 135 69.13 51.27 9.26
N THR QA 136 70.27 51.12 8.60
CA THR QA 136 70.38 51.54 7.22
C THR QA 136 69.41 50.75 6.35
N PRO QA 137 68.74 51.41 5.39
CA PRO QA 137 67.75 50.69 4.57
C PRO QA 137 68.36 49.57 3.74
N TYR QA 138 69.67 49.58 3.55
CA TYR QA 138 70.31 48.52 2.79
C TYR QA 138 70.10 47.16 3.46
N GLU QA 139 70.35 47.08 4.77
CA GLU QA 139 70.13 45.81 5.44
C GLU QA 139 68.64 45.53 5.60
N LEU QA 140 67.81 46.58 5.58
CA LEU QA 140 66.38 46.33 5.43
C LEU QA 140 66.09 45.56 4.15
N ALA QA 141 66.71 45.97 3.05
CA ALA QA 141 66.52 45.25 1.79
C ALA QA 141 67.05 43.83 1.90
N ARG QA 142 68.20 43.66 2.56
CA ARG QA 142 68.70 42.30 2.79
C ARG QA 142 67.67 41.44 3.51
N GLU QA 143 67.18 41.88 4.66
CA GLU QA 143 66.23 41.06 5.40
C GLU QA 143 64.94 40.86 4.61
N ARG QA 144 64.56 41.85 3.81
CA ARG QA 144 63.41 41.68 2.93
C ARG QA 144 63.62 40.53 1.96
N MET QA 145 64.81 40.48 1.34
CA MET QA 145 65.13 39.36 0.47
C MET QA 145 65.14 38.05 1.25
N LEU QA 146 65.56 38.09 2.51
CA LEU QA 146 65.64 36.86 3.29
C LEU QA 146 64.26 36.30 3.64
N ARG QA 147 63.33 37.13 4.11
CA ARG QA 147 62.07 36.55 4.56
C ARG QA 147 61.19 36.12 3.40
N SER QA 148 61.31 36.78 2.25
CA SER QA 148 60.37 36.55 1.16
C SER QA 148 60.45 35.12 0.64
N GLY QA 149 59.29 34.54 0.37
CA GLY QA 149 59.21 33.24 -0.25
C GLY QA 149 59.37 33.31 -1.76
N LEU QA 150 59.06 32.21 -2.42
CA LEU QA 150 59.22 32.16 -3.86
C LEU QA 150 57.99 32.74 -4.57
N THR QA 151 56.82 32.18 -4.32
CA THR QA 151 55.59 32.63 -4.94
C THR QA 151 54.72 33.30 -3.89
N ALA QA 152 54.45 34.59 -4.06
CA ALA QA 152 53.66 35.32 -3.09
C ALA QA 152 52.17 35.11 -3.37
N GLY QA 153 51.50 34.38 -2.48
CA GLY QA 153 50.10 34.09 -2.64
C GLY QA 153 49.79 33.07 -3.72
N LEU RA 21 72.06 39.31 -20.81
CA LEU RA 21 71.46 40.62 -20.64
C LEU RA 21 71.00 41.17 -21.99
N ASP RA 22 69.75 40.92 -22.33
CA ASP RA 22 69.15 41.52 -23.50
C ASP RA 22 68.49 42.84 -23.14
N VAL RA 23 69.11 43.94 -23.56
CA VAL RA 23 68.54 45.27 -23.36
C VAL RA 23 67.53 45.51 -24.48
N PRO RA 24 66.25 45.67 -24.17
CA PRO RA 24 65.26 45.80 -25.23
C PRO RA 24 65.38 47.12 -25.96
N SER RA 25 64.94 47.11 -27.22
CA SER RA 25 64.96 48.30 -28.05
C SER RA 25 63.59 48.96 -28.02
N SER RA 26 63.58 50.27 -27.77
CA SER RA 26 62.32 51.00 -27.68
C SER RA 26 61.77 51.29 -29.08
N SER RA 27 60.53 51.76 -29.12
CA SER RA 27 59.95 52.16 -30.38
C SER RA 27 60.59 53.45 -30.88
N ARG RA 28 60.41 53.70 -32.16
CA ARG RA 28 60.79 54.98 -32.75
C ARG RA 28 59.86 56.11 -32.33
N TYR RA 29 58.72 55.78 -31.72
CA TYR RA 29 57.80 56.81 -31.24
C TYR RA 29 58.11 57.20 -29.81
N ASP RA 30 58.09 56.24 -28.90
CA ASP RA 30 58.31 56.49 -27.48
C ASP RA 30 59.24 55.44 -26.91
N HIS RA 31 60.01 55.84 -25.90
CA HIS RA 31 60.92 54.94 -25.22
C HIS RA 31 60.26 54.14 -24.11
N ARG RA 32 58.98 54.35 -23.86
CA ARG RA 32 58.29 53.63 -22.80
C ARG RA 32 57.84 52.23 -23.22
N ILE RA 33 57.86 51.93 -24.51
CA ILE RA 33 57.53 50.61 -25.03
C ILE RA 33 58.77 50.05 -25.70
N ARG RA 34 59.18 48.85 -25.29
CA ARG RA 34 60.45 48.29 -25.72
C ARG RA 34 60.23 46.96 -26.44
N TYR RA 35 61.13 46.68 -27.38
CA TYR RA 35 61.07 45.48 -28.20
C TYR RA 35 62.34 44.67 -27.99
N VAL RA 36 62.21 43.35 -28.03
CA VAL RA 36 63.33 42.46 -27.83
C VAL RA 36 63.05 41.14 -28.55
N THR RA 37 64.10 40.51 -29.05
CA THR RA 37 64.00 39.20 -29.68
C THR RA 37 64.38 38.13 -28.68
N TYR RA 38 63.50 37.16 -28.48
CA TYR RA 38 63.72 36.14 -27.48
C TYR RA 38 64.95 35.30 -27.81
N ASN RA 39 65.68 34.90 -26.79
CA ASN RA 39 66.88 34.07 -26.94
C ASN RA 39 66.97 33.19 -25.70
N PRO RA 40 66.80 31.87 -25.84
CA PRO RA 40 66.71 31.01 -24.64
C PRO RA 40 67.96 31.02 -23.78
N ALA RA 41 69.11 31.40 -24.32
CA ALA RA 41 70.37 31.30 -23.60
C ALA RA 41 70.79 32.62 -22.98
N ASP RA 42 69.88 33.58 -22.89
CA ASP RA 42 70.21 34.87 -22.33
C ASP RA 42 69.04 35.39 -21.49
N VAL RA 43 69.37 36.26 -20.54
CA VAL RA 43 68.40 36.85 -19.64
C VAL RA 43 67.98 38.21 -20.18
N VAL RA 44 66.89 38.72 -19.63
CA VAL RA 44 66.31 39.98 -20.07
C VAL RA 44 66.51 41.01 -18.96
N GLN RA 45 67.16 42.12 -19.30
CA GLN RA 45 67.32 43.26 -18.41
C GLN RA 45 66.13 44.18 -18.58
N VAL RA 46 65.28 44.27 -17.57
CA VAL RA 46 64.16 45.20 -17.56
C VAL RA 46 64.39 46.20 -16.43
N ASP RA 47 64.28 47.48 -16.75
CA ASP RA 47 64.58 48.56 -15.82
C ASP RA 47 63.26 49.09 -15.29
N THR RA 48 62.92 48.71 -14.06
CA THR RA 48 61.64 49.05 -13.45
C THR RA 48 61.80 50.33 -12.63
N VAL RA 49 60.95 51.31 -12.89
CA VAL RA 49 60.86 52.48 -12.05
C VAL RA 49 59.70 52.26 -11.09
N LEU RA 50 59.70 53.01 -9.99
CA LEU RA 50 58.68 52.85 -8.96
C LEU RA 50 57.32 53.29 -9.50
N GLY RA 51 56.26 52.62 -9.03
CA GLY RA 51 54.91 53.11 -9.21
C GLY RA 51 54.36 53.02 -10.60
N VAL RA 52 54.99 52.28 -11.50
CA VAL RA 52 54.44 52.06 -12.83
C VAL RA 52 54.30 50.57 -13.05
N ALA RA 53 53.34 50.21 -13.88
CA ALA RA 53 53.08 48.82 -14.22
C ALA RA 53 53.65 48.54 -15.60
N THR RA 54 54.52 47.56 -15.68
CA THR RA 54 55.12 47.15 -16.94
C THR RA 54 54.39 45.91 -17.43
N HIS RA 55 53.91 45.96 -18.66
CA HIS RA 55 53.09 44.88 -19.20
C HIS RA 55 53.99 43.86 -19.90
N ILE RA 56 53.81 42.59 -19.57
CA ILE RA 56 54.53 41.50 -20.20
C ILE RA 56 53.52 40.63 -20.92
N MET RA 57 53.70 40.49 -22.24
CA MET RA 57 52.88 39.60 -23.05
C MET RA 57 53.71 38.39 -23.43
N LEU RA 58 53.18 37.21 -23.19
CA LEU RA 58 53.79 36.00 -23.71
C LEU RA 58 53.31 35.76 -25.14
N GLU RA 59 53.83 34.71 -25.77
CA GLU RA 59 53.37 34.39 -27.11
C GLU RA 59 51.91 33.94 -27.06
N GLU RA 60 51.17 34.32 -28.10
CA GLU RA 60 49.76 33.96 -28.20
C GLU RA 60 49.55 32.48 -27.92
N GLY RA 61 48.79 32.18 -26.87
CA GLY RA 61 48.52 30.82 -26.53
C GLY RA 61 49.66 30.07 -25.86
N GLU RA 62 50.62 30.77 -25.26
CA GLU RA 62 51.64 30.12 -24.45
C GLU RA 62 51.08 29.87 -23.07
N GLN RA 63 50.89 28.59 -22.74
CA GLN RA 63 50.21 28.20 -21.52
C GLN RA 63 51.16 28.41 -20.34
N TYR RA 64 50.73 29.23 -19.38
CA TYR RA 64 51.56 29.56 -18.22
C TYR RA 64 51.61 28.38 -17.26
N LEU RA 65 52.80 28.10 -16.73
CA LEU RA 65 52.94 27.08 -15.69
C LEU RA 65 53.24 27.66 -14.31
N THR RA 66 54.33 28.41 -14.19
CA THR RA 66 54.84 28.78 -12.87
C THR RA 66 55.78 29.96 -13.01
N HIS RA 67 55.89 30.73 -11.92
CA HIS RA 67 56.81 31.85 -11.83
C HIS RA 67 57.49 31.81 -10.47
N ALA RA 68 58.47 32.69 -10.30
CA ALA RA 68 59.15 32.84 -9.01
C ALA RA 68 59.93 34.15 -9.04
N PHE RA 69 60.11 34.76 -7.88
CA PHE RA 69 60.88 35.99 -7.81
C PHE RA 69 62.15 35.79 -7.00
N GLY RA 70 63.07 36.72 -7.16
CA GLY RA 70 64.14 36.85 -6.19
C GLY RA 70 63.62 37.30 -4.84
N ASP RA 71 62.69 38.26 -4.85
CA ASP RA 71 62.03 38.72 -3.64
C ASP RA 71 60.53 38.81 -3.91
N SER RA 72 59.75 37.94 -3.26
CA SER RA 72 58.31 37.95 -3.47
C SER RA 72 57.68 39.26 -3.06
N GLU RA 73 58.07 39.81 -1.91
CA GLU RA 73 57.54 41.10 -1.49
C GLU RA 73 57.91 42.24 -2.42
N ALA RA 74 58.99 42.09 -3.19
CA ALA RA 74 59.49 43.22 -3.97
C ALA RA 74 58.51 43.67 -5.03
N TYR RA 75 57.69 42.76 -5.56
CA TYR RA 75 57.05 43.01 -6.85
C TYR RA 75 55.62 42.52 -6.87
N ALA RA 76 54.77 43.24 -7.61
CA ALA RA 76 53.35 42.96 -7.72
C ALA RA 76 53.08 42.16 -8.98
N PHE RA 77 52.72 40.90 -8.81
CA PHE RA 77 52.59 39.97 -9.94
C PHE RA 77 51.12 39.71 -10.21
N ALA RA 78 50.70 39.92 -11.45
CA ALA RA 78 49.33 39.65 -11.87
C ALA RA 78 49.34 39.04 -13.25
N ARG RA 79 48.73 37.86 -13.38
CA ARG RA 79 48.75 37.12 -14.63
C ARG RA 79 47.33 36.85 -15.10
N LYS RA 80 47.12 36.99 -16.41
CA LYS RA 80 45.84 36.65 -17.05
C LYS RA 80 46.17 36.22 -18.48
N GLY RA 81 46.05 34.92 -18.73
CA GLY RA 81 46.33 34.38 -20.04
C GLY RA 81 47.77 34.65 -20.45
N ARG RA 82 47.96 35.37 -21.55
CA ARG RA 82 49.29 35.71 -22.04
C ARG RA 82 49.72 37.09 -21.58
N HIS RA 83 49.27 37.54 -20.41
CA HIS RA 83 49.60 38.86 -19.91
C HIS RA 83 50.20 38.74 -18.52
N ILE RA 84 51.28 39.49 -18.28
CA ILE RA 84 51.94 39.55 -16.99
C ILE RA 84 52.12 41.01 -16.61
N PHE RA 85 51.81 41.34 -15.36
CA PHE RA 85 51.90 42.68 -14.84
C PHE RA 85 52.78 42.68 -13.61
N ILE RA 86 53.83 43.51 -13.61
CA ILE RA 86 54.76 43.57 -12.49
C ILE RA 86 54.98 45.02 -12.08
N LYS RA 87 55.12 45.21 -10.77
CA LYS RA 87 55.24 46.53 -10.15
C LYS RA 87 55.90 46.41 -8.78
N PRO RA 88 56.80 47.33 -8.42
CA PRO RA 88 57.48 47.24 -7.13
C PRO RA 88 56.58 47.65 -5.97
N GLN RA 89 56.79 47.02 -4.81
CA GLN RA 89 56.30 47.53 -3.54
C GLN RA 89 57.43 47.74 -2.53
N ALA RA 90 58.63 48.08 -2.99
CA ALA RA 90 59.71 48.24 -2.04
C ALA RA 90 60.80 49.12 -2.65
N GLU RA 91 61.66 49.62 -1.77
CA GLU RA 91 62.88 50.28 -2.22
C GLU RA 91 63.94 49.24 -2.53
N LEU RA 92 64.83 49.58 -3.46
CA LEU RA 92 65.92 48.70 -3.88
C LEU RA 92 65.36 47.37 -4.37
N ALA RA 93 64.46 47.45 -5.36
CA ALA RA 93 63.84 46.26 -5.93
C ALA RA 93 64.73 45.75 -7.05
N ASN RA 94 65.86 45.16 -6.66
CA ASN RA 94 66.83 44.61 -7.61
C ASN RA 94 66.89 43.11 -7.41
N THR RA 95 65.99 42.40 -8.08
CA THR RA 95 65.95 40.95 -8.02
C THR RA 95 65.74 40.44 -9.44
N ASN RA 96 65.47 39.13 -9.57
CA ASN RA 96 65.27 38.53 -10.87
C ASN RA 96 63.92 37.82 -10.87
N LEU RA 97 63.49 37.44 -12.08
CA LEU RA 97 62.22 36.77 -12.27
C LEU RA 97 62.43 35.68 -13.31
N ILE RA 98 61.68 34.58 -13.17
CA ILE RA 98 61.61 33.54 -14.20
C ILE RA 98 60.15 33.13 -14.32
N VAL RA 99 59.69 32.91 -15.54
CA VAL RA 99 58.38 32.33 -15.81
C VAL RA 99 58.58 31.12 -16.71
N VAL RA 100 57.98 30.01 -16.34
CA VAL RA 100 58.05 28.79 -17.14
C VAL RA 100 56.69 28.54 -17.78
N THR RA 101 56.72 28.21 -19.07
CA THR RA 101 55.54 27.83 -19.81
C THR RA 101 55.82 26.52 -20.52
N ASP RA 102 54.88 26.10 -21.36
CA ASP RA 102 55.09 24.89 -22.15
C ASP RA 102 56.25 25.08 -23.13
N ARG RA 103 56.28 26.21 -23.83
CA ARG RA 103 57.25 26.37 -24.90
C ARG RA 103 58.62 26.80 -24.39
N ARG RA 104 58.72 27.96 -23.76
CA ARG RA 104 60.02 28.52 -23.46
C ARG RA 104 60.05 29.01 -22.02
N SER RA 105 61.21 28.90 -21.40
CA SER RA 105 61.45 29.32 -20.03
C SER RA 105 61.98 30.74 -20.04
N TYR RA 106 61.27 31.65 -19.37
CA TYR RA 106 61.56 33.08 -19.42
C TYR RA 106 62.52 33.46 -18.30
N LYS RA 107 63.43 34.38 -18.60
CA LYS RA 107 64.39 34.89 -17.62
C LYS RA 107 64.36 36.40 -17.64
N PHE RA 108 64.09 37.00 -16.48
CA PHE RA 108 63.99 38.44 -16.32
C PHE RA 108 64.86 38.91 -15.16
N ARG RA 109 65.64 39.96 -15.42
CA ARG RA 109 66.47 40.62 -14.41
C ARG RA 109 65.85 41.99 -14.18
N LEU RA 110 65.48 42.26 -12.94
CA LEU RA 110 64.73 43.47 -12.62
C LEU RA 110 65.58 44.39 -11.77
N GLN RA 111 66.00 45.51 -12.36
CA GLN RA 111 66.83 46.50 -11.68
C GLN RA 111 65.99 47.75 -11.46
N MET RA 112 65.72 48.06 -10.20
CA MET RA 112 64.95 49.26 -9.90
C MET RA 112 65.73 50.50 -10.33
N ARG RA 113 65.02 51.47 -10.90
CA ARG RA 113 65.63 52.71 -11.34
C ARG RA 113 65.24 53.84 -10.40
N ASN RA 114 66.22 54.67 -10.05
CA ASN RA 114 66.08 55.60 -8.93
C ASN RA 114 65.79 57.04 -9.34
N ASP RA 115 65.55 57.32 -10.62
CA ASP RA 115 65.23 58.69 -11.03
C ASP RA 115 63.84 58.83 -11.62
N ARG RA 116 63.16 57.70 -11.91
CA ARG RA 116 61.79 57.70 -12.43
C ARG RA 116 61.69 58.43 -13.77
N ASN RA 117 62.73 58.32 -14.58
CA ASN RA 117 62.72 58.79 -15.96
C ASN RA 117 63.27 57.70 -16.86
N GLY RA 118 62.87 57.73 -18.12
CA GLY RA 118 63.16 56.64 -19.02
C GLY RA 118 62.45 55.37 -18.60
N ALA RA 119 61.18 55.50 -18.27
CA ALA RA 119 60.41 54.38 -17.75
C ALA RA 119 60.12 53.37 -18.85
N MET RA 120 59.57 52.24 -18.43
CA MET RA 120 59.24 51.11 -19.30
C MET RA 120 57.81 50.68 -19.03
N TYR RA 121 57.04 50.48 -20.09
CA TYR RA 121 55.62 50.16 -19.91
C TYR RA 121 55.24 48.81 -20.49
N GLU RA 122 55.64 48.49 -21.72
CA GLU RA 122 55.16 47.30 -22.38
C GLU RA 122 56.32 46.59 -23.06
N LEU RA 123 56.31 45.26 -23.00
CA LEU RA 123 57.34 44.44 -23.62
C LEU RA 123 56.72 43.63 -24.75
N ALA RA 124 57.51 43.41 -25.80
CA ALA RA 124 57.14 42.51 -26.87
C ALA RA 124 58.34 41.64 -27.21
N PHE RA 125 58.08 40.40 -27.58
CA PHE RA 125 59.12 39.46 -27.95
C PHE RA 125 59.03 39.13 -29.43
N ARG RA 126 60.12 39.36 -30.15
CA ARG RA 126 60.22 38.91 -31.53
C ARG RA 126 60.62 37.44 -31.53
N TYR RA 127 59.81 36.61 -32.16
CA TYR RA 127 59.99 35.17 -32.08
C TYR RA 127 60.52 34.63 -33.39
N PRO RA 128 61.71 34.00 -33.40
CA PRO RA 128 62.27 33.38 -34.59
C PRO RA 128 61.46 32.17 -35.06
N LYS SA 135 29.78 10.87 78.96
CA LYS SA 135 28.88 9.79 78.55
C LYS SA 135 29.44 8.42 78.94
N THR SA 136 28.85 7.82 79.97
CA THR SA 136 29.25 6.48 80.37
C THR SA 136 28.83 5.48 79.29
N PRO SA 137 29.54 4.35 79.19
CA PRO SA 137 29.15 3.36 78.18
C PRO SA 137 27.71 2.88 78.30
N TYR SA 138 27.18 2.80 79.53
CA TYR SA 138 25.79 2.42 79.69
C TYR SA 138 24.85 3.41 79.02
N GLU SA 139 25.11 4.70 79.22
CA GLU SA 139 24.26 5.73 78.61
C GLU SA 139 24.31 5.65 77.08
N LEU SA 140 25.51 5.46 76.53
CA LEU SA 140 25.64 5.33 75.09
C LEU SA 140 24.92 4.10 74.58
N ALA SA 141 25.00 2.99 75.32
CA ALA SA 141 24.29 1.79 74.94
C ALA SA 141 22.78 2.01 74.95
N ARG SA 142 22.29 2.74 75.95
CA ARG SA 142 20.86 3.06 75.99
C ARG SA 142 20.45 3.90 74.79
N GLU SA 143 21.26 4.90 74.45
CA GLU SA 143 20.98 5.69 73.25
C GLU SA 143 20.94 4.81 72.02
N ARG SA 144 21.90 3.90 71.89
CA ARG SA 144 21.94 2.98 70.77
C ARG SA 144 20.68 2.12 70.72
N MET SA 145 20.27 1.57 71.87
CA MET SA 145 19.11 0.68 71.89
C MET SA 145 17.84 1.43 71.51
N LEU SA 146 17.69 2.66 71.99
CA LEU SA 146 16.46 3.39 71.68
C LEU SA 146 16.43 3.89 70.25
N ARG SA 147 17.58 4.34 69.72
CA ARG SA 147 17.57 4.85 68.35
C ARG SA 147 17.49 3.71 67.35
N SER SA 148 17.70 2.48 67.80
CA SER SA 148 17.86 1.34 66.90
C SER SA 148 16.61 1.11 66.06
N GLY SA 149 16.83 0.65 64.82
CA GLY SA 149 15.75 0.21 63.98
C GLY SA 149 15.34 -1.20 64.30
N LEU SA 150 14.44 -1.73 63.46
CA LEU SA 150 13.95 -3.09 63.67
C LEU SA 150 14.85 -4.11 62.99
N THR SA 151 15.07 -3.93 61.68
CA THR SA 151 15.96 -4.79 60.92
C THR SA 151 16.99 -3.92 60.21
N ALA SA 152 18.26 -4.28 60.34
CA ALA SA 152 19.32 -3.51 59.72
C ALA SA 152 19.20 -3.58 58.21
N GLY SA 153 18.76 -2.50 57.59
CA GLY SA 153 18.58 -2.45 56.15
C GLY SA 153 17.14 -2.35 55.74
N LEU TA 21 14.55 -21.35 79.64
CA LEU TA 21 15.87 -21.01 79.13
C LEU TA 21 16.68 -22.25 78.82
N ASP TA 22 16.93 -22.48 77.53
CA ASP TA 22 17.74 -23.63 77.11
C ASP TA 22 19.20 -23.22 76.98
N VAL TA 23 20.01 -23.63 77.95
CA VAL TA 23 21.46 -23.47 77.86
C VAL TA 23 21.97 -24.50 76.85
N PRO TA 24 22.91 -24.14 75.98
CA PRO TA 24 23.37 -25.09 74.96
C PRO TA 24 24.11 -26.26 75.59
N SER TA 25 24.03 -27.40 74.94
CA SER TA 25 24.70 -28.62 75.39
C SER TA 25 25.92 -28.89 74.52
N SER TA 26 27.08 -28.94 75.14
CA SER TA 26 28.32 -29.17 74.40
C SER TA 26 28.51 -30.65 74.11
N SER TA 27 29.20 -30.92 73.01
CA SER TA 27 29.56 -32.28 72.66
C SER TA 27 30.92 -32.64 73.25
N ARG TA 28 31.30 -33.90 73.10
CA ARG TA 28 32.58 -34.38 73.62
C ARG TA 28 33.77 -33.76 72.92
N TYR TA 29 33.69 -33.52 71.61
CA TYR TA 29 34.83 -32.99 70.87
C TYR TA 29 35.33 -31.68 71.48
N ASP TA 30 34.42 -30.75 71.75
CA ASP TA 30 34.80 -29.45 72.25
C ASP TA 30 33.59 -28.73 72.85
N HIS TA 31 33.85 -27.73 73.68
CA HIS TA 31 32.78 -26.86 74.15
C HIS TA 31 32.39 -25.83 73.12
N ARG TA 32 33.24 -25.62 72.10
CA ARG TA 32 32.95 -24.67 71.04
C ARG TA 32 31.89 -25.19 70.07
N ILE TA 33 31.53 -26.46 70.20
CA ILE TA 33 30.45 -27.07 69.43
C ILE TA 33 29.34 -27.40 70.42
N ARG TA 34 28.11 -27.07 70.06
CA ARG TA 34 27.00 -27.18 70.99
C ARG TA 34 25.76 -27.74 70.32
N TYR TA 35 24.96 -28.46 71.11
CA TYR TA 35 23.67 -28.96 70.72
C TYR TA 35 22.60 -28.39 71.65
N VAL TA 36 21.38 -28.29 71.14
CA VAL TA 36 20.23 -27.93 71.96
C VAL TA 36 18.99 -28.52 71.32
N THR TA 37 18.04 -28.94 72.15
CA THR TA 37 16.76 -29.43 71.66
C THR TA 37 15.79 -28.26 71.58
N TYR TA 38 15.03 -28.20 70.49
CA TYR TA 38 14.07 -27.12 70.33
C TYR TA 38 12.85 -27.36 71.20
N ASN TA 39 12.54 -26.38 72.04
CA ASN TA 39 11.34 -26.38 72.85
C ASN TA 39 10.58 -25.11 72.46
N PRO TA 40 9.47 -25.23 71.75
CA PRO TA 40 8.88 -24.04 71.10
C PRO TA 40 8.49 -22.93 72.06
N ALA TA 41 8.11 -23.26 73.29
CA ALA TA 41 7.68 -22.26 74.26
C ALA TA 41 8.80 -21.87 75.22
N ASP TA 42 10.05 -22.02 74.79
CA ASP TA 42 11.18 -21.74 75.65
C ASP TA 42 12.30 -21.12 74.82
N VAL TA 43 13.23 -20.48 75.51
CA VAL TA 43 14.27 -19.69 74.86
C VAL TA 43 15.62 -20.39 75.03
N VAL TA 44 16.49 -20.16 74.06
CA VAL TA 44 17.83 -20.75 74.04
C VAL TA 44 18.84 -19.66 74.33
N GLN TA 45 19.73 -19.91 75.29
CA GLN TA 45 20.70 -18.93 75.74
C GLN TA 45 21.92 -18.99 74.83
N VAL TA 46 22.13 -17.94 74.04
CA VAL TA 46 23.31 -17.80 73.21
C VAL TA 46 24.25 -16.82 73.91
N ASP TA 47 25.49 -17.23 74.10
CA ASP TA 47 26.46 -16.45 74.86
C ASP TA 47 27.62 -16.11 73.94
N THR TA 48 27.48 -15.01 73.21
CA THR TA 48 28.47 -14.58 72.23
C THR TA 48 29.59 -13.84 72.94
N VAL TA 49 30.80 -13.97 72.43
CA VAL TA 49 31.91 -13.12 72.80
C VAL TA 49 32.16 -12.16 71.65
N LEU TA 50 32.91 -11.10 71.92
CA LEU TA 50 33.08 -10.05 70.92
C LEU TA 50 34.12 -10.47 69.90
N GLY TA 51 33.73 -10.44 68.62
CA GLY TA 51 34.66 -10.71 67.56
C GLY TA 51 34.66 -12.12 67.00
N VAL TA 52 33.65 -12.92 67.30
CA VAL TA 52 33.55 -14.24 66.71
C VAL TA 52 32.31 -14.29 65.84
N ALA TA 53 32.33 -15.18 64.85
CA ALA TA 53 31.21 -15.42 63.98
C ALA TA 53 30.58 -16.76 64.33
N THR TA 54 29.28 -16.76 64.58
CA THR TA 54 28.57 -17.95 65.00
C THR TA 54 27.60 -18.38 63.90
N HIS TA 55 27.51 -19.69 63.68
CA HIS TA 55 26.66 -20.23 62.64
C HIS TA 55 25.42 -20.85 63.27
N ILE TA 56 24.25 -20.52 62.72
CA ILE TA 56 23.00 -21.17 63.08
C ILE TA 56 22.43 -21.78 61.81
N MET TA 57 22.10 -23.07 61.83
CA MET TA 57 21.43 -23.71 60.71
C MET TA 57 20.04 -24.12 61.17
N LEU TA 58 19.07 -24.00 60.27
CA LEU TA 58 17.72 -24.46 60.52
C LEU TA 58 17.62 -25.92 60.09
N GLU TA 59 16.40 -26.46 60.10
CA GLU TA 59 16.22 -27.78 59.53
C GLU TA 59 15.88 -27.63 58.04
N GLU TA 60 16.24 -28.65 57.27
CA GLU TA 60 16.24 -28.54 55.82
C GLU TA 60 14.85 -28.25 55.27
N GLY TA 61 14.80 -27.47 54.21
CA GLY TA 61 13.54 -27.14 53.57
C GLY TA 61 12.73 -26.06 54.25
N GLU TA 62 13.24 -25.47 55.34
CA GLU TA 62 12.50 -24.46 56.07
C GLU TA 62 12.72 -23.11 55.42
N GLN TA 63 11.65 -22.32 55.31
CA GLN TA 63 11.70 -21.03 54.66
C GLN TA 63 11.80 -19.94 55.72
N TYR TA 64 12.86 -19.14 55.65
CA TYR TA 64 12.99 -17.98 56.53
C TYR TA 64 12.02 -16.90 56.08
N LEU TA 65 11.24 -16.38 57.02
CA LEU TA 65 10.33 -15.28 56.70
C LEU TA 65 10.93 -13.92 57.05
N THR TA 66 11.24 -13.71 58.33
CA THR TA 66 11.75 -12.42 58.76
C THR TA 66 12.43 -12.58 60.11
N HIS TA 67 13.20 -11.56 60.48
CA HIS TA 67 13.84 -11.49 61.78
C HIS TA 67 13.53 -10.13 62.38
N ALA TA 68 13.98 -9.95 63.63
CA ALA TA 68 13.91 -8.65 64.30
C ALA TA 68 14.85 -8.69 65.49
N PHE TA 69 15.78 -7.75 65.55
CA PHE TA 69 16.72 -7.71 66.66
C PHE TA 69 16.21 -6.79 67.75
N GLY TA 70 16.55 -7.13 68.99
CA GLY TA 70 16.31 -6.21 70.09
C GLY TA 70 17.08 -4.91 69.90
N ASP TA 71 18.31 -5.01 69.40
CA ASP TA 71 19.10 -3.87 68.97
C ASP TA 71 19.71 -4.22 67.62
N SER TA 72 19.23 -3.56 66.56
CA SER TA 72 19.63 -3.94 65.21
C SER TA 72 21.12 -3.79 64.98
N GLU TA 73 21.72 -2.69 65.39
CA GLU TA 73 23.14 -2.46 65.17
C GLU TA 73 24.02 -3.05 66.25
N ALA TA 74 23.44 -3.78 67.21
CA ALA TA 74 24.24 -4.49 68.19
C ALA TA 74 24.77 -5.81 67.66
N TYR TA 75 24.11 -6.39 66.65
CA TYR TA 75 24.57 -7.60 66.01
C TYR TA 75 24.37 -7.50 64.50
N ALA TA 76 25.10 -8.33 63.77
CA ALA TA 76 25.02 -8.37 62.31
C ALA TA 76 24.21 -9.59 61.90
N PHE TA 77 23.34 -9.41 60.91
CA PHE TA 77 22.47 -10.48 60.45
C PHE TA 77 22.91 -10.91 59.05
N ALA TA 78 23.23 -12.18 58.90
CA ALA TA 78 23.59 -12.77 57.62
C ALA TA 78 22.86 -14.09 57.44
N ARG TA 79 22.20 -14.23 56.30
CA ARG TA 79 21.46 -15.45 55.99
C ARG TA 79 21.62 -15.80 54.52
N LYS TA 80 21.87 -17.08 54.26
CA LYS TA 80 21.95 -17.63 52.89
C LYS TA 80 21.42 -19.05 52.96
N GLY TA 81 20.19 -19.24 52.49
CA GLY TA 81 19.53 -20.52 52.59
C GLY TA 81 19.00 -20.79 53.97
N ARG TA 82 19.44 -21.89 54.59
CA ARG TA 82 19.02 -22.26 55.92
C ARG TA 82 20.10 -21.99 56.97
N HIS TA 83 21.12 -21.21 56.63
CA HIS TA 83 22.26 -20.99 57.51
C HIS TA 83 22.29 -19.54 57.95
N ILE TA 84 22.41 -19.31 59.25
CA ILE TA 84 22.27 -17.99 59.85
C ILE TA 84 23.58 -17.63 60.51
N PHE TA 85 24.01 -16.38 60.34
CA PHE TA 85 25.26 -15.87 60.89
C PHE TA 85 24.97 -14.60 61.68
N ILE TA 86 25.49 -14.54 62.90
CA ILE TA 86 25.37 -13.34 63.73
C ILE TA 86 26.72 -13.04 64.37
N LYS TA 87 26.99 -11.76 64.55
CA LYS TA 87 28.17 -11.29 65.25
C LYS TA 87 27.92 -9.88 65.76
N PRO TA 88 28.39 -9.55 66.96
CA PRO TA 88 28.21 -8.18 67.47
C PRO TA 88 29.06 -7.20 66.67
N GLN TA 89 28.57 -5.96 66.58
CA GLN TA 89 29.38 -4.84 66.13
C GLN TA 89 29.51 -3.77 67.21
N ALA TA 90 28.90 -3.97 68.36
CA ALA TA 90 28.86 -2.95 69.38
C ALA TA 90 29.09 -3.59 70.74
N GLU TA 91 29.16 -2.73 71.76
CA GLU TA 91 29.41 -3.20 73.11
C GLU TA 91 28.10 -3.39 73.86
N LEU TA 92 28.12 -4.28 74.85
CA LEU TA 92 26.96 -4.57 75.70
C LEU TA 92 25.77 -5.01 74.87
N ALA TA 93 26.05 -5.80 73.83
CA ALA TA 93 25.01 -6.27 72.92
C ALA TA 93 24.20 -7.35 73.64
N ASN TA 94 23.29 -6.88 74.50
CA ASN TA 94 22.49 -7.74 75.35
C ASN TA 94 21.03 -7.56 74.98
N THR TA 95 20.57 -8.36 74.02
CA THR TA 95 19.25 -8.22 73.42
C THR TA 95 18.68 -9.62 73.22
N ASN TA 96 17.66 -9.73 72.38
CA ASN TA 96 17.10 -11.02 72.03
C ASN TA 96 16.87 -11.08 70.53
N LEU TA 97 17.08 -12.27 69.97
CA LEU TA 97 16.94 -12.52 68.55
C LEU TA 97 15.71 -13.34 68.26
N ILE TA 98 14.87 -12.85 67.35
CA ILE TA 98 13.67 -13.55 66.89
C ILE TA 98 13.87 -13.83 65.40
N VAL TA 99 13.75 -15.08 65.02
CA VAL TA 99 13.66 -15.48 63.62
C VAL TA 99 12.47 -16.42 63.48
N VAL TA 100 11.56 -16.09 62.57
CA VAL TA 100 10.29 -16.80 62.44
C VAL TA 100 10.19 -17.39 61.05
N THR TA 101 9.83 -18.66 60.98
CA THR TA 101 9.71 -19.37 59.73
C THR TA 101 8.30 -19.92 59.59
N ASP TA 102 8.08 -20.68 58.51
CA ASP TA 102 6.74 -21.21 58.26
C ASP TA 102 6.29 -22.14 59.38
N ARG TA 103 7.09 -23.16 59.70
CA ARG TA 103 6.61 -24.16 60.63
C ARG TA 103 6.82 -23.76 62.09
N ARG TA 104 7.75 -22.86 62.37
CA ARG TA 104 8.12 -22.57 63.75
C ARG TA 104 8.91 -21.28 63.83
N SER TA 105 9.14 -20.83 65.05
CA SER TA 105 9.90 -19.62 65.36
C SER TA 105 10.91 -19.95 66.46
N TYR TA 106 12.01 -19.22 66.50
CA TYR TA 106 13.10 -19.51 67.41
C TYR TA 106 13.20 -18.43 68.47
N LYS TA 107 13.55 -18.84 69.69
CA LYS TA 107 13.69 -17.95 70.83
C LYS TA 107 15.17 -17.87 71.21
N PHE TA 108 15.71 -16.67 71.19
CA PHE TA 108 17.10 -16.43 71.56
C PHE TA 108 17.20 -15.24 72.51
N ARG TA 109 18.09 -15.36 73.49
CA ARG TA 109 18.45 -14.24 74.36
C ARG TA 109 19.91 -13.93 74.07
N LEU TA 110 20.13 -12.83 73.37
CA LEU TA 110 21.48 -12.43 72.96
C LEU TA 110 22.19 -11.84 74.17
N GLN TA 111 23.25 -12.50 74.62
CA GLN TA 111 23.92 -12.15 75.87
C GLN TA 111 25.42 -12.24 75.68
N MET TA 112 26.11 -11.12 75.86
CA MET TA 112 27.55 -11.09 75.70
C MET TA 112 28.27 -11.69 76.89
N ARG TA 113 29.35 -12.40 76.62
CA ARG TA 113 30.38 -12.68 77.60
C ARG TA 113 31.55 -11.74 77.32
N ASN TA 114 32.31 -11.40 78.36
CA ASN TA 114 33.16 -10.22 78.30
C ASN TA 114 34.61 -10.50 77.92
N ASP TA 115 35.17 -11.66 78.26
CA ASP TA 115 36.61 -11.86 78.17
C ASP TA 115 37.06 -12.83 77.10
N ARG TA 116 36.30 -12.99 76.01
CA ARG TA 116 36.74 -13.80 74.87
C ARG TA 116 37.04 -15.24 75.27
N ASN TA 117 36.03 -15.93 75.79
CA ASN TA 117 36.12 -17.34 76.09
C ASN TA 117 34.72 -17.94 76.11
N GLY TA 118 34.65 -19.25 75.90
CA GLY TA 118 33.38 -19.95 75.86
C GLY TA 118 32.54 -19.53 74.67
N ALA TA 119 33.20 -19.33 73.53
CA ALA TA 119 32.48 -19.01 72.31
C ALA TA 119 31.81 -20.26 71.75
N MET TA 120 30.76 -20.04 70.95
CA MET TA 120 29.97 -21.11 70.35
C MET TA 120 30.03 -20.97 68.84
N TYR TA 121 30.78 -21.84 68.18
CA TYR TA 121 30.85 -21.76 66.74
C TYR TA 121 29.63 -22.34 66.03
N GLU TA 122 28.80 -23.10 66.74
CA GLU TA 122 27.64 -23.71 66.10
C GLU TA 122 26.57 -23.97 67.14
N LEU TA 123 25.31 -23.82 66.76
CA LEU TA 123 24.19 -24.39 67.48
C LEU TA 123 23.30 -25.14 66.49
N ALA TA 124 22.97 -26.38 66.82
CA ALA TA 124 22.09 -27.20 66.00
C ALA TA 124 20.93 -27.66 66.85
N PHE TA 125 19.81 -27.98 66.23
CA PHE TA 125 18.62 -28.33 66.97
C PHE TA 125 18.37 -29.84 66.92
N ARG TA 126 17.59 -30.32 67.90
CA ARG TA 126 17.35 -31.74 68.12
C ARG TA 126 15.82 -31.94 68.22
N TYR TA 127 15.15 -31.44 67.20
CA TYR TA 127 13.69 -31.47 67.10
C TYR TA 127 13.14 -32.81 67.59
N PRO TA 128 12.08 -32.81 68.39
CA PRO TA 128 11.48 -34.04 68.92
C PRO TA 128 10.85 -34.90 67.83
#